data_4AKH
#
_entry.id   4AKH
#
_cell.length_a   175.560
_cell.length_b   118.130
_cell.length_c   201.020
_cell.angle_alpha   90.00
_cell.angle_beta   90.29
_cell.angle_gamma   90.00
#
_symmetry.space_group_name_H-M   'P 1 21 1'
#
loop_
_entity.id
_entity.type
_entity.pdbx_description
1 polymer 'GLUTATHIONE S-TRANSFERASE CLASS-MU 26 KDA ISOZYME, DYNEIN HEAVY CHAIN CYTOPLASMIC'
2 non-polymer "ADENOSINE-5'-TRIPHOSPHATE"
3 non-polymer 'PHOSPHOAMINOPHOSPHONIC ACID-ADENYLATE ESTER'
4 non-polymer 'SULFATE ION'
5 non-polymer 'MAGNESIUM ION'
#
_entity_poly.entity_id   1
_entity_poly.type   'polypeptide(L)'
_entity_poly.pdbx_seq_one_letter_code
;SPILGYWKIKGLVQPTRLLLEYLEEKYEEHLYERDEGDKWRNKKFELGLEFPNLPYYIDGDVKLTQSMAIIRYIADKHNM
LGGCPKERAEISMLEGAVLDIRYGVSRIAYSKDFETLKVDFLSKLPEMLKMFEDRLCHKTYLNGDHVTHPDFMLYDALDV
VLYMDPMCLDAFPKLVCFKKRIEAIPQIDKYLKSSKYIAWPLQGWQATFGGGDHPPKSDEFVIEKSLNRIKKFWKEAQYE
VIEHSSGLKLVREWDVLEQACKEDLEELVSMKASNYYKIFEQDCLDLESKLTKLSEIQVNWVEVQFYWLDLYGILGENLD
IQNFLPLETSKFKSLTSEYKMITTRAFQLDTTIEVIHIPNFDTTLKLTIDSLKMIKSSLSTFLERQRRQFPRFYFLGNDD
LLKIIGSGKHHDQVSKFMKKMFGSIESIIFLEDFITGVRSVEGEVLNLNEKIELKDSIQAQEWLNILDTEIKLSVFTQFR
DCLGQIKDGTDIEVVVSKYIFQAILLSAQVMWTELVEKCLQTNQFSKYWKEVDMKIKGLLDKLNKSSDNVKKKIEALLVE
YLHFNNVIGQLKNCSTKEEARLLWAKVQKFYQKNDTLDDLNSVFISQSGYLLQYKFEYIGIPERLIYTPLLLIGFATLTD
SLHQKYGGCFFGPAGTGKTETVKAFGQNLGRVVVVFNCDDSFDYQVLSRLLVGITQIGAWGCFDEFNRLDEKVLSAVSAN
IQQIQNGLQVGKSHITLLEEETPLSPHTAVFITLNPGYNGRSELPENLKKSFREFSMKSPQSGTIAEMILQIMGFEDSKS
LASKIVHFLELLSSKCSSMNHYHFGLRTLKGVLRNCSPLISEFGEGEKTVVESLKRVILPSLGDTDELVFKDELSKIFDS
AGTPLNSKAIVQCLKDAGQRSGFSMSEEFLKKCMQFYYMQKTQQALILVGKAGCGKTATWKTVIDAMAIFDGHANVVYVI
DTKVLTKESLYGSMLKATLEWRDGLFTSILRRVNDDITGTFKNSRIWVVFDSDLDPEYVEAMNSVLDDNKILTLPNGERL
PIPPNFRILFETDNLDHTTPATITRCGLLWFSTDVCSISSKIDHLLNKSYEALDNKLSMFELDKLKDLISDSFDMASLTN
IFTCSNDLVHILGVRTFNKLETAVQLAVHLISSYRQWFQNLDDKSLKDVITLLIKRSLLYALAGDSTGESQRAFIQTINT
YFGHDSQELSDYSTIVIANDKLSFSSFCSEIPSVSLEAHEVMRPDIVIPTIDTIKHEKIFYDLLNSKRGIILCGPPGSGK
TMIMNNALRNSSLYDVVGINFSKDTTTEHILSALHRHTNYVTTSKGLTLLPKSDIKNLVLFCDEINLPKLDKYGSQNVVL
FLRQLMEKQGFWKTPENKWVTIERIHIVGACNPPTDPGRIPMSERFTRHAAILYLGYPSGKSLSQIYEIYYKAIFKLVPE
FRSYTEPFARASVHLYNECKARYSTGLQSHYLFSPRELTRLVRGVYTAINTGPRQTLRSLIRLWAYEAWRIFADRLVGVK
EKNSFEQLLYETVDKYLPNQDLGNISSTSLLFSGLLSLDFKEVNKTDLVNFIEERFKTFCDEELEVPMVIHESMVDHILR
IDRALKQVQGHMMLIGASRTGKTILTRFVAWLNGLKIVQPKIHRHSNLSDFDMILKKAISDCSLKESRTCLIIDESNILE
TAFLERMNTLLANADIPDLFQGEEYDKLLNNLRNKTRSLGLLLDTEQELYDWFVGEIAKNLHVVFTICDPTNNKSSAMIS
SPALFNRCIINWMGDWDTKTMSQVANNMVDVIPMEFTDFIVPEVNKELVFTEPIQTIRDAVVNILIHFDRNFYQKMKVGV
NPRSPGYFIDGLRALVKLVTAKYQDLQENQRFVNVGLEKLNESVLKVNELNKTLSISLVKSLTFEKERWLNTTKQFSKTS
QELIGNCIISSIYETYFGHLNERERADMLVILKRLLGKFAVKYDVNYRFIDYLVTLDEKMKWLECGLDKNDYFLENMSIV
MNSQDAVPFLLDPSSHMITVISNYYGNKTVLLSFLEEGFVKRLENAIRFGSVVIIQDGEFFDPIISRLISREFNHAGNRV
TVEIGDHEVDVSGDFKLFIHSCDPSGDIPIFLRSRVRLVHFVTNKESIETRIFDITLTEENAEMQRKREDLIKLNTEYKL
KLKNLEKRLLEELNNSQGNMLENDELMVTLNNLKKEAMNIEKKLSESEEFFPQFDNLVEEYSIIGKHSVKIFSMLEKFGQ
FHWFYGISIGQFLSCFKRVFIKKSRETRAARTRVDEILWLLYQEVYCQFSTALDKKFKMIMAMTMFCLYKFDIESEQYKE
AVLTMIGVLSESSDGVPKLTVDTNNDLRYLWDYVTTKSYISALNWFKNEFFVDEWNIADVVANSDNNYFTMASERDVDGT
FKLIELAKASKESLKIIPLGSIENLNYAQEEISKSKIEGGWILLQNIQMSLSWVKTYLHKHVEETKAAEEHEKFKMFMTC
HLTGDKLPAPLLQRTDRFVYEDIPGILDTVKDLWGSQFFTGKISGVWSVYCTFLLSWFHALITARTRLVPHGFSKKYYFN
DCDFQFASVYLENVLATNSTNNIPWAQVRDHIATIVYGGKIDEEKDLEVVAKLCAHVFCGSDNLQIVPGVRIPQPLLQQS
EEEERARLTAILSNTIEPADSLSSWLQLPRESILNYERLQAKEVASSTEQLLQEM
;
_entity_poly.pdbx_strand_id   A,B
#
# COMPACT_ATOMS: atom_id res chain seq x y z
N SER A 1 40.59 27.44 9.07
CA SER A 1 39.83 26.28 8.52
C SER A 1 38.34 26.37 8.90
N PRO A 2 37.47 26.70 7.91
CA PRO A 2 36.01 26.82 8.04
C PRO A 2 35.39 25.51 8.56
N ILE A 3 34.21 25.62 9.17
CA ILE A 3 33.60 24.52 9.94
C ILE A 3 32.18 24.15 9.48
N LEU A 4 32.01 22.89 9.08
CA LEU A 4 30.77 22.43 8.48
C LEU A 4 30.14 21.32 9.31
N GLY A 5 28.89 21.53 9.71
CA GLY A 5 28.10 20.49 10.37
C GLY A 5 27.08 19.82 9.46
N TYR A 6 27.13 18.49 9.37
CA TYR A 6 26.19 17.70 8.57
C TYR A 6 26.28 16.21 8.90
N TRP A 7 25.40 15.42 8.27
CA TRP A 7 25.46 13.96 8.36
C TRP A 7 26.78 13.46 7.79
N LYS A 8 27.24 12.29 8.26
CA LYS A 8 28.40 11.63 7.68
C LYS A 8 27.94 10.82 6.47
N ILE A 9 27.41 11.56 5.51
CA ILE A 9 26.87 11.02 4.28
C ILE A 9 27.05 12.10 3.22
N LYS A 10 26.83 11.74 1.96
CA LYS A 10 26.88 12.75 0.90
C LYS A 10 25.79 13.81 1.16
N GLY A 11 24.55 13.37 1.36
CA GLY A 11 23.46 14.28 1.72
C GLY A 11 23.49 15.64 1.05
N LEU A 12 23.22 16.67 1.84
CA LEU A 12 23.13 18.06 1.34
C LEU A 12 24.49 18.81 1.29
N VAL A 13 25.59 18.14 1.61
CA VAL A 13 26.90 18.80 1.70
C VAL A 13 27.90 18.43 0.58
N GLN A 14 27.62 17.35 -0.14
CA GLN A 14 28.55 16.79 -1.14
C GLN A 14 29.12 17.82 -2.12
N PRO A 15 28.23 18.53 -2.85
CA PRO A 15 28.75 19.48 -3.83
C PRO A 15 29.73 20.46 -3.17
N THR A 16 29.28 21.10 -2.09
CA THR A 16 30.11 22.00 -1.31
C THR A 16 31.48 21.38 -0.99
N ARG A 17 31.47 20.18 -0.42
CA ARG A 17 32.73 19.46 -0.13
C ARG A 17 33.65 19.43 -1.35
N LEU A 18 33.07 19.19 -2.53
CA LEU A 18 33.88 19.15 -3.75
C LEU A 18 34.48 20.52 -4.09
N LEU A 19 33.62 21.54 -4.15
CA LEU A 19 34.06 22.92 -4.38
C LEU A 19 35.26 23.24 -3.48
N LEU A 20 35.08 23.08 -2.17
CA LEU A 20 36.18 23.26 -1.23
C LEU A 20 37.44 22.53 -1.73
N GLU A 21 37.33 21.24 -2.02
CA GLU A 21 38.47 20.47 -2.52
C GLU A 21 39.00 21.01 -3.86
N TYR A 22 38.13 21.65 -4.64
CA TYR A 22 38.54 22.29 -5.88
C TYR A 22 39.48 23.47 -5.62
N LEU A 23 39.14 24.31 -4.65
CA LEU A 23 40.00 25.43 -4.22
C LEU A 23 41.08 24.96 -3.22
N GLU A 24 41.35 23.66 -3.26
CA GLU A 24 42.36 23.03 -2.41
C GLU A 24 42.29 23.49 -0.96
N GLU A 25 41.21 24.16 -0.57
CA GLU A 25 41.09 24.65 0.80
C GLU A 25 40.88 23.49 1.79
N LYS A 26 41.66 23.44 2.88
CA LYS A 26 41.39 22.48 3.96
C LYS A 26 40.24 22.99 4.86
N TYR A 27 39.53 22.09 5.54
CA TYR A 27 38.42 22.48 6.44
C TYR A 27 38.15 21.45 7.55
N GLU A 28 37.23 21.77 8.49
CA GLU A 28 36.92 20.85 9.59
C GLU A 28 35.42 20.53 9.69
N GLU A 29 35.08 19.33 10.15
CA GLU A 29 33.69 18.87 10.12
C GLU A 29 33.13 18.48 11.48
N HIS A 30 31.83 18.71 11.64
CA HIS A 30 31.07 18.15 12.75
C HIS A 30 30.13 17.12 12.11
N LEU A 31 30.60 15.89 12.08
CA LEU A 31 29.90 14.81 11.38
C LEU A 31 28.98 14.00 12.30
N TYR A 32 27.69 14.03 11.99
CA TYR A 32 26.72 13.18 12.70
C TYR A 32 26.58 11.84 11.98
N GLU A 33 27.12 10.77 12.55
CA GLU A 33 27.05 9.43 11.97
C GLU A 33 25.61 8.93 11.93
N ARG A 34 25.41 7.74 11.37
CA ARG A 34 24.09 7.08 11.31
C ARG A 34 23.44 6.93 12.70
N ASP A 35 24.21 6.50 13.68
CA ASP A 35 23.74 6.30 15.05
C ASP A 35 24.26 7.35 16.05
N GLU A 36 24.36 8.61 15.61
CA GLU A 36 24.77 9.73 16.45
C GLU A 36 23.74 10.85 16.36
N GLY A 37 22.48 10.45 16.20
CA GLY A 37 21.36 11.38 16.19
C GLY A 37 21.28 12.21 17.45
N ASP A 38 22.00 11.78 18.49
CA ASP A 38 22.07 12.53 19.75
C ASP A 38 23.00 13.73 19.62
N LYS A 39 24.27 13.46 19.31
CA LYS A 39 25.30 14.50 19.12
C LYS A 39 24.77 15.73 18.37
N TRP A 40 23.88 15.47 17.41
CA TRP A 40 23.23 16.54 16.66
C TRP A 40 22.24 17.32 17.53
N ARG A 41 21.27 16.61 18.10
CA ARG A 41 20.28 17.22 19.01
C ARG A 41 20.99 17.93 20.15
N ASN A 42 22.22 17.51 20.42
CA ASN A 42 23.05 18.14 21.44
C ASN A 42 23.52 19.53 21.02
N LYS A 43 23.73 19.72 19.73
CA LYS A 43 24.17 21.01 19.21
C LYS A 43 23.08 21.73 18.42
N LYS A 44 22.01 21.01 18.08
CA LYS A 44 20.96 21.51 17.19
C LYS A 44 20.55 22.97 17.41
N PHE A 45 20.38 23.36 18.68
CA PHE A 45 19.87 24.69 18.99
C PHE A 45 20.92 25.62 19.62
N GLU A 46 22.09 25.08 19.97
CA GLU A 46 23.04 25.85 20.76
C GLU A 46 24.24 26.32 19.93
N LEU A 47 23.99 26.64 18.66
CA LEU A 47 25.10 26.96 17.74
C LEU A 47 25.11 28.38 17.18
N GLY A 48 24.00 29.08 17.33
CA GLY A 48 23.90 30.44 16.81
C GLY A 48 23.92 30.54 15.30
N LEU A 49 23.14 29.69 14.64
CA LEU A 49 22.85 29.87 13.22
C LEU A 49 21.51 30.58 13.11
N GLU A 50 21.40 31.49 12.15
CA GLU A 50 20.16 32.25 11.93
C GLU A 50 18.98 31.40 11.46
N PHE A 51 19.28 30.22 10.90
CA PHE A 51 18.29 29.22 10.54
C PHE A 51 18.82 27.82 10.87
N PRO A 52 18.88 27.49 12.17
CA PRO A 52 19.46 26.21 12.59
C PRO A 52 18.93 25.04 11.76
N ASN A 53 19.84 24.20 11.27
CA ASN A 53 19.47 23.14 10.34
C ASN A 53 20.71 22.35 9.95
N LEU A 54 20.57 21.43 9.00
CA LEU A 54 21.72 20.75 8.43
C LEU A 54 21.73 20.85 6.90
N PRO A 55 22.90 21.19 6.33
CA PRO A 55 24.11 21.49 7.09
C PRO A 55 24.20 22.95 7.58
N TYR A 56 25.12 23.20 8.51
CA TYR A 56 25.40 24.55 8.98
C TYR A 56 26.90 24.82 8.88
N TYR A 57 27.24 25.97 8.33
CA TYR A 57 28.61 26.31 8.00
C TYR A 57 28.97 27.62 8.67
N ILE A 58 30.22 27.73 9.10
CA ILE A 58 30.69 28.90 9.86
C ILE A 58 32.17 29.20 9.59
N ASP A 59 32.47 30.39 9.10
CA ASP A 59 33.87 30.74 8.89
C ASP A 59 34.23 32.14 9.43
N GLY A 60 34.31 33.15 8.56
CA GLY A 60 34.64 34.51 8.99
C GLY A 60 33.41 35.31 9.38
N ASP A 61 32.80 34.93 10.49
CA ASP A 61 31.50 35.49 10.93
C ASP A 61 30.41 35.32 9.86
N VAL A 62 30.56 34.29 9.04
CA VAL A 62 29.54 33.93 8.07
C VAL A 62 28.86 32.73 8.69
N LYS A 63 27.71 32.98 9.31
CA LYS A 63 26.91 31.89 9.85
C LYS A 63 25.84 31.49 8.84
N LEU A 64 25.94 30.25 8.35
CA LEU A 64 25.06 29.79 7.28
C LEU A 64 24.38 28.45 7.54
N THR A 65 23.13 28.39 7.11
CA THR A 65 22.43 27.15 6.93
C THR A 65 21.72 27.35 5.59
N GLN A 66 21.25 26.25 5.01
CA GLN A 66 20.78 26.25 3.62
C GLN A 66 21.96 25.95 2.69
N SER A 67 21.96 24.72 2.17
CA SER A 67 22.97 24.29 1.22
C SER A 67 23.21 25.32 0.11
N MET A 68 22.14 25.99 -0.34
CA MET A 68 22.20 27.00 -1.39
C MET A 68 23.01 28.24 -0.98
N ALA A 69 22.64 28.83 0.16
CA ALA A 69 23.32 30.00 0.68
C ALA A 69 24.81 29.70 0.87
N ILE A 70 25.11 28.49 1.34
CA ILE A 70 26.49 28.08 1.55
C ILE A 70 27.26 28.00 0.22
N ILE A 71 26.83 27.09 -0.64
CA ILE A 71 27.50 26.89 -1.93
C ILE A 71 27.69 28.20 -2.68
N ARG A 72 26.63 29.01 -2.76
CA ARG A 72 26.70 30.30 -3.45
C ARG A 72 27.80 31.18 -2.87
N TYR A 73 27.92 31.15 -1.55
CA TYR A 73 28.96 31.91 -0.85
C TYR A 73 30.35 31.52 -1.37
N ILE A 74 30.73 30.26 -1.17
CA ILE A 74 32.01 29.77 -1.68
C ILE A 74 32.20 30.19 -3.13
N ALA A 75 31.15 30.06 -3.92
CA ALA A 75 31.19 30.43 -5.34
C ALA A 75 31.50 31.91 -5.53
N ASP A 76 30.80 32.75 -4.78
CA ASP A 76 30.94 34.21 -4.84
C ASP A 76 32.29 34.68 -4.31
N LYS A 77 32.81 33.95 -3.32
CA LYS A 77 34.12 34.27 -2.75
C LYS A 77 35.23 34.04 -3.76
N HIS A 78 34.88 33.46 -4.90
CA HIS A 78 35.85 33.22 -5.97
C HIS A 78 35.42 33.87 -7.29
N ASN A 79 34.45 34.80 -7.19
CA ASN A 79 33.87 35.46 -8.36
C ASN A 79 33.54 34.43 -9.43
N MET A 80 32.46 33.68 -9.20
CA MET A 80 32.09 32.56 -10.06
C MET A 80 30.59 32.50 -10.36
N LEU A 81 29.85 33.51 -9.89
CA LEU A 81 28.40 33.55 -10.03
C LEU A 81 27.92 34.08 -11.38
N GLY A 82 28.78 34.83 -12.06
CA GLY A 82 28.49 35.33 -13.41
C GLY A 82 28.82 36.79 -13.60
N GLY A 83 29.24 37.14 -14.83
CA GLY A 83 29.77 38.46 -15.14
C GLY A 83 28.77 39.45 -15.73
N CYS A 84 27.58 38.96 -16.04
CA CYS A 84 26.47 39.81 -16.48
C CYS A 84 25.14 39.11 -16.26
N PRO A 85 24.01 39.84 -16.42
CA PRO A 85 22.67 39.27 -16.28
C PRO A 85 22.56 37.88 -16.92
N LYS A 86 22.88 37.82 -18.21
CA LYS A 86 22.81 36.57 -19.00
C LYS A 86 23.62 35.41 -18.40
N GLU A 87 24.92 35.59 -18.22
CA GLU A 87 25.78 34.55 -17.67
C GLU A 87 25.43 34.21 -16.22
N ARG A 88 24.86 35.18 -15.50
CA ARG A 88 24.46 34.99 -14.11
C ARG A 88 23.18 34.16 -14.02
N ALA A 89 22.24 34.44 -14.92
CA ALA A 89 20.98 33.70 -14.99
C ALA A 89 21.22 32.28 -15.48
N GLU A 90 22.20 32.13 -16.36
CA GLU A 90 22.58 30.83 -16.93
C GLU A 90 23.10 29.93 -15.83
N ILE A 91 23.97 30.49 -14.98
CA ILE A 91 24.54 29.75 -13.86
C ILE A 91 23.49 29.34 -12.85
N SER A 92 22.43 30.15 -12.72
CA SER A 92 21.33 29.87 -11.79
C SER A 92 20.42 28.78 -12.34
N MET A 93 20.26 28.76 -13.67
CA MET A 93 19.46 27.74 -14.33
C MET A 93 20.13 26.39 -14.18
N LEU A 94 21.47 26.37 -14.16
CA LEU A 94 22.22 25.15 -13.89
C LEU A 94 21.92 24.68 -12.48
N GLU A 95 22.04 25.62 -11.55
CA GLU A 95 21.74 25.39 -10.16
C GLU A 95 20.39 24.70 -10.04
N GLY A 96 19.37 25.31 -10.63
CA GLY A 96 17.99 24.84 -10.59
C GLY A 96 17.82 23.41 -11.08
N ALA A 97 18.27 23.15 -12.31
CA ALA A 97 18.14 21.82 -12.91
C ALA A 97 18.91 20.74 -12.14
N VAL A 98 20.01 21.10 -11.50
CA VAL A 98 20.76 20.15 -10.67
C VAL A 98 19.95 19.78 -9.42
N LEU A 99 19.31 20.77 -8.81
CA LEU A 99 18.47 20.54 -7.64
C LEU A 99 17.21 19.75 -7.99
N ASP A 100 16.70 19.96 -9.20
CA ASP A 100 15.54 19.23 -9.68
C ASP A 100 15.87 17.76 -9.84
N ILE A 101 17.14 17.41 -9.64
CA ILE A 101 17.59 16.02 -9.65
C ILE A 101 17.90 15.58 -8.23
N ARG A 102 18.68 16.38 -7.50
CA ARG A 102 19.02 16.04 -6.11
C ARG A 102 17.77 15.96 -5.21
N TYR A 103 16.86 16.92 -5.38
CA TYR A 103 15.62 16.93 -4.60
C TYR A 103 14.63 15.85 -5.10
N GLY A 104 14.57 15.70 -6.43
CA GLY A 104 13.73 14.71 -7.05
C GLY A 104 13.99 13.35 -6.43
N VAL A 105 15.25 13.11 -6.06
CA VAL A 105 15.63 11.87 -5.37
C VAL A 105 14.88 11.75 -4.06
N SER A 106 15.05 12.72 -3.17
CA SER A 106 14.45 12.66 -1.82
C SER A 106 12.90 12.57 -1.77
N ARG A 107 12.22 13.11 -2.77
CA ARG A 107 10.76 13.02 -2.81
C ARG A 107 10.21 11.60 -3.06
N ILE A 108 10.93 10.76 -3.79
CA ILE A 108 10.48 9.38 -4.09
C ILE A 108 11.36 8.35 -3.35
N ALA A 109 12.18 8.88 -2.45
CA ALA A 109 13.03 8.09 -1.58
C ALA A 109 12.34 7.71 -0.27
N TYR A 110 11.40 8.53 0.18
CA TYR A 110 10.62 8.21 1.36
C TYR A 110 9.47 7.25 1.04
N SER A 111 9.06 7.23 -0.23
CA SER A 111 7.93 6.41 -0.68
C SER A 111 8.20 4.94 -0.46
N LYS A 112 7.16 4.26 0.01
CA LYS A 112 7.17 2.84 0.25
C LYS A 112 7.09 2.15 -1.10
N ASP A 113 6.53 2.86 -2.07
CA ASP A 113 6.57 2.40 -3.45
C ASP A 113 7.79 2.97 -4.14
N PHE A 114 8.98 2.56 -3.72
CA PHE A 114 10.19 3.01 -4.43
C PHE A 114 10.50 2.30 -5.79
N GLU A 115 10.72 0.96 -5.83
CA GLU A 115 11.10 0.22 -7.09
C GLU A 115 10.14 0.47 -8.28
N THR A 116 9.02 1.14 -8.02
CA THR A 116 8.03 1.48 -9.05
C THR A 116 7.76 3.00 -9.16
N LEU A 117 8.29 3.78 -8.22
CA LEU A 117 8.22 5.25 -8.30
C LEU A 117 9.39 5.78 -9.11
N LYS A 118 10.54 5.11 -8.99
CA LYS A 118 11.70 5.42 -9.82
C LYS A 118 11.34 5.35 -11.29
N VAL A 119 10.40 4.48 -11.63
CA VAL A 119 9.89 4.37 -13.00
C VAL A 119 9.40 5.72 -13.53
N ASP A 120 8.63 6.46 -12.73
CA ASP A 120 8.16 7.79 -13.14
C ASP A 120 9.29 8.85 -13.15
N PHE A 121 10.31 8.62 -12.34
CA PHE A 121 11.46 9.53 -12.25
C PHE A 121 12.38 9.36 -13.46
N LEU A 122 12.66 8.10 -13.77
CA LEU A 122 13.55 7.75 -14.88
C LEU A 122 12.94 8.02 -16.25
N SER A 123 11.61 8.19 -16.28
CA SER A 123 10.94 8.55 -17.53
C SER A 123 11.13 10.03 -17.79
N LYS A 124 11.15 10.83 -16.72
CA LYS A 124 11.38 12.27 -16.82
C LYS A 124 12.87 12.54 -17.02
N LEU A 125 13.71 11.74 -16.38
CA LEU A 125 15.18 11.90 -16.41
C LEU A 125 15.76 12.04 -17.82
N PRO A 126 15.24 11.24 -18.78
CA PRO A 126 15.75 11.26 -20.15
C PRO A 126 15.68 12.67 -20.72
N GLU A 127 14.49 13.26 -20.68
CA GLU A 127 14.24 14.62 -21.17
C GLU A 127 15.21 15.63 -20.57
N MET A 128 15.62 15.39 -19.32
CA MET A 128 16.55 16.26 -18.62
C MET A 128 17.97 16.04 -19.11
N LEU A 129 18.39 14.77 -19.16
CA LEU A 129 19.73 14.43 -19.63
C LEU A 129 19.95 14.88 -21.08
N LYS A 130 18.94 14.66 -21.92
CA LYS A 130 18.99 15.03 -23.33
C LYS A 130 19.44 16.48 -23.53
N MET A 131 18.74 17.39 -22.85
CA MET A 131 19.03 18.82 -22.94
C MET A 131 20.50 19.09 -22.69
N PHE A 132 21.11 18.32 -21.80
CA PHE A 132 22.53 18.45 -21.48
C PHE A 132 23.42 17.90 -22.60
N GLU A 133 22.96 16.82 -23.23
CA GLU A 133 23.69 16.26 -24.35
C GLU A 133 23.79 17.26 -25.50
N ASP A 134 22.68 17.96 -25.75
CA ASP A 134 22.62 19.01 -26.77
C ASP A 134 23.55 20.17 -26.40
N ARG A 135 23.32 20.74 -25.21
CA ARG A 135 24.15 21.83 -24.71
C ARG A 135 25.61 21.51 -24.89
N LEU A 136 25.95 20.23 -24.76
CA LEU A 136 27.33 19.77 -24.88
C LEU A 136 27.77 19.50 -26.32
N CYS A 137 26.94 19.86 -27.29
CA CYS A 137 27.33 19.84 -28.70
C CYS A 137 28.03 21.16 -29.03
N HIS A 138 29.32 21.09 -29.35
CA HIS A 138 30.15 22.27 -29.55
C HIS A 138 30.49 23.00 -28.22
N LYS A 139 30.29 22.32 -27.09
CA LYS A 139 30.78 22.80 -25.78
C LYS A 139 31.49 21.68 -24.98
N THR A 140 32.37 22.07 -24.05
CA THR A 140 33.12 21.08 -23.25
C THR A 140 32.37 20.72 -21.98
N TYR A 141 31.70 21.74 -21.43
CA TYR A 141 30.84 21.62 -20.27
C TYR A 141 29.68 22.56 -20.54
N LEU A 142 28.53 22.34 -19.90
CA LEU A 142 27.45 23.32 -20.00
C LEU A 142 28.02 24.65 -19.52
N ASN A 143 27.53 25.75 -20.07
CA ASN A 143 28.07 27.07 -19.72
C ASN A 143 29.60 27.14 -19.84
N GLY A 144 30.13 26.74 -21.01
CA GLY A 144 31.51 27.08 -21.40
C GLY A 144 32.60 26.01 -21.45
N ASP A 145 33.85 26.46 -21.44
CA ASP A 145 35.00 25.57 -21.52
C ASP A 145 35.43 25.07 -20.15
N HIS A 146 34.96 25.74 -19.10
CA HIS A 146 35.33 25.39 -17.74
C HIS A 146 34.15 24.86 -16.94
N VAL A 147 34.35 23.68 -16.33
CA VAL A 147 33.44 23.13 -15.36
C VAL A 147 33.44 24.02 -14.10
N THR A 148 32.26 24.26 -13.53
CA THR A 148 32.10 25.12 -12.34
C THR A 148 31.52 24.35 -11.13
N HIS A 149 30.99 25.06 -10.12
CA HIS A 149 30.40 24.39 -8.94
C HIS A 149 29.11 23.59 -9.25
N PRO A 150 28.27 24.08 -10.18
CA PRO A 150 27.08 23.27 -10.50
C PRO A 150 27.44 21.90 -11.07
N ASP A 151 28.65 21.78 -11.61
CA ASP A 151 29.11 20.49 -12.11
C ASP A 151 29.40 19.55 -10.96
N PHE A 152 29.73 20.10 -9.79
CA PHE A 152 29.95 19.29 -8.59
C PHE A 152 28.61 18.89 -7.94
N MET A 153 27.57 19.63 -8.29
CA MET A 153 26.22 19.30 -7.84
C MET A 153 25.69 18.12 -8.66
N LEU A 154 25.69 18.29 -9.98
CA LEU A 154 25.32 17.23 -10.92
C LEU A 154 26.13 15.94 -10.71
N TYR A 155 27.38 16.09 -10.29
CA TYR A 155 28.22 14.92 -9.98
C TYR A 155 27.71 14.14 -8.78
N ASP A 156 27.20 14.83 -7.76
CA ASP A 156 26.60 14.15 -6.60
C ASP A 156 25.35 13.41 -7.06
N ALA A 157 24.51 14.14 -7.79
CA ALA A 157 23.30 13.58 -8.38
C ALA A 157 23.65 12.33 -9.19
N LEU A 158 24.51 12.50 -10.19
CA LEU A 158 24.98 11.39 -11.03
C LEU A 158 25.36 10.21 -10.15
N ASP A 159 26.29 10.42 -9.22
CA ASP A 159 26.75 9.36 -8.30
C ASP A 159 25.59 8.59 -7.66
N VAL A 160 24.52 9.32 -7.34
CA VAL A 160 23.36 8.71 -6.72
C VAL A 160 22.42 8.00 -7.73
N VAL A 161 22.19 8.60 -8.90
CA VAL A 161 21.28 8.03 -9.89
C VAL A 161 21.85 6.80 -10.59
N LEU A 162 23.16 6.60 -10.50
CA LEU A 162 23.82 5.42 -11.11
C LEU A 162 23.47 4.14 -10.35
N TYR A 163 23.25 4.32 -9.04
CA TYR A 163 22.84 3.26 -8.13
C TYR A 163 21.41 2.86 -8.45
N MET A 164 20.57 3.85 -8.75
CA MET A 164 19.18 3.61 -9.12
C MET A 164 19.05 3.01 -10.52
N ASP A 165 19.88 3.51 -11.42
CA ASP A 165 20.06 2.96 -12.75
C ASP A 165 21.54 2.96 -13.06
N PRO A 166 22.07 1.78 -13.37
CA PRO A 166 23.39 1.63 -13.96
C PRO A 166 23.45 2.09 -15.43
N MET A 167 22.31 2.12 -16.14
CA MET A 167 22.30 2.53 -17.55
C MET A 167 21.77 3.96 -17.79
N CYS A 168 21.80 4.79 -16.75
CA CYS A 168 21.38 6.18 -16.88
C CYS A 168 22.20 6.97 -17.92
N LEU A 169 23.46 6.61 -18.10
CA LEU A 169 24.35 7.36 -19.02
C LEU A 169 24.39 6.82 -20.44
N ASP A 170 24.14 5.51 -20.57
CA ASP A 170 24.17 4.84 -21.87
C ASP A 170 23.39 5.62 -22.94
N ALA A 171 22.35 6.34 -22.53
CA ALA A 171 21.55 7.13 -23.45
C ALA A 171 22.10 8.54 -23.66
N PHE A 172 23.15 8.89 -22.90
CA PHE A 172 23.76 10.22 -23.00
C PHE A 172 25.29 10.15 -22.94
N PRO A 173 25.93 9.85 -24.09
CA PRO A 173 27.39 9.65 -24.06
C PRO A 173 28.15 10.93 -23.75
N LYS A 174 27.54 12.07 -24.07
CA LYS A 174 28.18 13.37 -23.83
C LYS A 174 28.31 13.65 -22.33
N LEU A 175 27.43 13.02 -21.55
CA LEU A 175 27.46 13.16 -20.11
C LEU A 175 28.42 12.13 -19.50
N VAL A 176 28.40 10.91 -20.04
CA VAL A 176 29.34 9.88 -19.62
C VAL A 176 30.75 10.42 -19.75
N CYS A 177 30.94 11.28 -20.73
CA CYS A 177 32.21 11.97 -20.95
C CYS A 177 32.43 12.99 -19.83
N PHE A 178 31.56 14.00 -19.82
CA PHE A 178 31.55 15.03 -18.77
C PHE A 178 31.83 14.42 -17.40
N LYS A 179 31.33 13.21 -17.14
CA LYS A 179 31.55 12.52 -15.87
C LYS A 179 32.99 12.08 -15.68
N LYS A 180 33.58 11.45 -16.70
CA LYS A 180 34.99 11.06 -16.66
C LYS A 180 35.89 12.29 -16.59
N ARG A 181 35.47 13.33 -17.32
CA ARG A 181 36.19 14.61 -17.31
C ARG A 181 36.30 15.14 -15.89
N ILE A 182 35.16 15.24 -15.19
CA ILE A 182 35.16 15.72 -13.80
C ILE A 182 36.11 14.89 -12.95
N GLU A 183 35.96 13.57 -13.00
CA GLU A 183 36.81 12.65 -12.24
C GLU A 183 38.28 12.86 -12.57
N ALA A 184 38.55 13.47 -13.73
CA ALA A 184 39.91 13.72 -14.19
C ALA A 184 40.54 14.98 -13.59
N ILE A 185 39.71 15.97 -13.27
CA ILE A 185 40.18 17.28 -12.78
C ILE A 185 41.06 17.04 -11.57
N PRO A 186 42.36 17.39 -11.68
CA PRO A 186 43.43 17.09 -10.73
C PRO A 186 43.02 17.15 -9.24
N GLN A 187 42.45 18.29 -8.83
CA GLN A 187 42.05 18.48 -7.44
C GLN A 187 41.00 17.46 -7.02
N ILE A 188 39.94 17.35 -7.81
CA ILE A 188 38.84 16.41 -7.61
C ILE A 188 39.31 14.97 -7.48
N ASP A 189 40.00 14.49 -8.53
CA ASP A 189 40.55 13.13 -8.60
C ASP A 189 41.41 12.81 -7.39
N LYS A 190 42.25 13.77 -6.98
CA LYS A 190 43.13 13.59 -5.82
C LYS A 190 42.29 13.42 -4.55
N TYR A 191 41.16 14.11 -4.52
CA TYR A 191 40.24 14.10 -3.38
C TYR A 191 39.54 12.76 -3.23
N LEU A 192 38.87 12.35 -4.31
CA LEU A 192 38.08 11.11 -4.33
C LEU A 192 38.90 9.96 -3.79
N LYS A 193 40.20 10.00 -4.11
CA LYS A 193 41.12 8.94 -3.76
C LYS A 193 41.74 9.15 -2.39
N SER A 194 41.49 10.33 -1.79
CA SER A 194 42.04 10.68 -0.48
C SER A 194 41.37 9.92 0.66
N SER A 195 42.04 9.89 1.81
CA SER A 195 41.57 9.12 2.97
C SER A 195 40.43 9.85 3.69
N LYS A 196 40.43 11.18 3.61
CA LYS A 196 39.39 11.99 4.26
C LYS A 196 38.00 11.82 3.61
N TYR A 197 37.93 11.22 2.41
CA TYR A 197 36.66 11.00 1.70
C TYR A 197 35.82 9.88 2.38
N ILE A 198 34.67 10.22 2.97
CA ILE A 198 33.76 9.20 3.51
C ILE A 198 32.67 8.96 2.47
N ALA A 199 32.76 7.83 1.78
CA ALA A 199 32.10 7.63 0.48
C ALA A 199 30.57 7.50 0.44
N TRP A 200 29.96 6.95 1.49
CA TRP A 200 28.54 6.60 1.42
C TRP A 200 27.88 6.52 2.80
N PRO A 201 26.53 6.59 2.86
CA PRO A 201 25.42 6.62 1.92
C PRO A 201 25.21 7.92 1.15
N LEU A 202 24.21 7.92 0.26
CA LEU A 202 23.87 9.08 -0.54
C LEU A 202 22.91 9.98 0.25
N GLN A 203 21.93 9.36 0.90
CA GLN A 203 20.96 10.09 1.72
C GLN A 203 21.16 9.72 3.19
N GLY A 204 20.28 10.26 4.04
CA GLY A 204 20.21 9.87 5.44
C GLY A 204 19.92 8.39 5.52
N TRP A 205 20.67 7.70 6.37
CA TRP A 205 20.59 6.23 6.50
C TRP A 205 19.17 5.70 6.44
N GLN A 206 18.23 6.49 6.99
CA GLN A 206 16.81 6.15 7.05
C GLN A 206 16.11 6.05 5.69
N ALA A 207 16.57 6.80 4.69
CA ALA A 207 15.92 6.84 3.34
C ALA A 207 15.82 5.47 2.67
N THR A 208 14.76 5.24 1.89
CA THR A 208 14.64 3.99 1.12
C THR A 208 15.72 3.99 0.05
N PHE A 209 15.70 5.00 -0.83
CA PHE A 209 16.77 5.14 -1.83
C PHE A 209 18.06 5.66 -1.20
N GLY A 210 19.19 5.14 -1.67
CA GLY A 210 20.51 5.56 -1.20
C GLY A 210 20.73 5.64 0.30
N GLY A 211 20.07 4.77 1.07
CA GLY A 211 20.31 4.66 2.53
C GLY A 211 21.31 3.56 2.85
N GLY A 212 21.50 3.22 4.13
CA GLY A 212 22.34 2.05 4.51
C GLY A 212 23.78 2.02 4.03
N ASP A 213 24.51 0.96 4.38
CA ASP A 213 25.97 0.96 4.24
C ASP A 213 26.51 0.98 2.81
N HIS A 214 25.88 0.25 1.90
CA HIS A 214 26.40 0.07 0.54
C HIS A 214 25.47 -0.79 -0.31
N PRO A 215 25.60 -0.69 -1.65
CA PRO A 215 24.81 -1.52 -2.56
C PRO A 215 25.15 -3.00 -2.43
N PRO A 216 24.13 -3.86 -2.51
CA PRO A 216 24.30 -5.30 -2.42
C PRO A 216 25.61 -5.77 -3.06
N PHE A 221 19.74 -7.94 -6.47
CA PHE A 221 20.60 -7.17 -7.37
C PHE A 221 20.02 -7.18 -8.77
N VAL A 222 20.67 -7.91 -9.68
CA VAL A 222 20.20 -8.07 -11.06
C VAL A 222 18.81 -8.69 -11.11
N ILE A 223 18.55 -9.58 -10.14
CA ILE A 223 17.32 -10.35 -10.02
C ILE A 223 16.04 -9.54 -10.31
N GLU A 224 15.89 -8.33 -9.74
CA GLU A 224 14.74 -7.42 -10.02
C GLU A 224 14.68 -6.98 -11.50
N LYS A 225 15.80 -6.47 -11.97
CA LYS A 225 15.95 -5.91 -13.31
C LYS A 225 15.65 -6.93 -14.41
N SER A 226 16.04 -8.18 -14.18
CA SER A 226 15.76 -9.30 -15.08
C SER A 226 14.29 -9.74 -15.04
N LEU A 227 13.77 -9.95 -13.83
CA LEU A 227 12.39 -10.37 -13.61
C LEU A 227 11.38 -9.36 -14.11
N ASN A 228 11.75 -8.09 -14.12
CA ASN A 228 10.93 -7.02 -14.71
C ASN A 228 10.81 -7.18 -16.20
N ARG A 229 11.92 -7.54 -16.85
CA ARG A 229 11.94 -7.77 -18.30
C ARG A 229 11.26 -9.10 -18.70
N ILE A 230 11.25 -10.06 -17.78
CA ILE A 230 10.53 -11.33 -17.98
C ILE A 230 9.01 -11.10 -17.96
N LYS A 231 8.52 -10.49 -16.89
CA LYS A 231 7.10 -10.20 -16.73
C LYS A 231 6.59 -9.29 -17.83
N LYS A 232 7.39 -8.33 -18.25
CA LYS A 232 7.05 -7.39 -19.33
C LYS A 232 6.77 -8.13 -20.65
N PHE A 233 7.63 -9.11 -20.92
CA PHE A 233 7.57 -9.91 -22.15
C PHE A 233 6.33 -10.79 -22.19
N TRP A 234 5.91 -11.31 -21.03
CA TRP A 234 4.79 -12.25 -20.97
C TRP A 234 3.41 -11.56 -20.93
N LYS A 235 3.42 -10.23 -20.80
CA LYS A 235 2.19 -9.44 -20.87
C LYS A 235 2.05 -8.76 -22.22
N GLU A 236 2.81 -9.22 -23.20
CA GLU A 236 2.64 -8.81 -24.59
C GLU A 236 2.58 -10.03 -25.55
N ALA A 237 2.53 -11.24 -24.97
CA ALA A 237 2.62 -12.49 -25.74
C ALA A 237 1.55 -12.55 -26.82
N GLN A 238 1.97 -12.80 -28.06
CA GLN A 238 1.07 -12.88 -29.20
C GLN A 238 1.34 -14.11 -30.05
N TYR A 239 0.27 -14.74 -30.50
CA TYR A 239 0.36 -15.86 -31.44
C TYR A 239 -0.21 -15.45 -32.78
N GLU A 240 0.58 -15.56 -33.84
CA GLU A 240 -0.02 -15.49 -35.17
C GLU A 240 -1.20 -16.48 -35.21
N VAL A 241 -2.40 -15.97 -35.49
CA VAL A 241 -3.58 -16.83 -35.59
C VAL A 241 -4.08 -16.80 -37.03
N ILE A 242 -4.36 -17.98 -37.58
CA ILE A 242 -4.76 -18.12 -38.98
C ILE A 242 -5.89 -19.15 -39.12
N GLU A 243 -7.09 -18.71 -39.49
CA GLU A 243 -8.21 -19.62 -39.72
C GLU A 243 -8.10 -20.27 -41.11
N HIS A 244 -8.25 -21.59 -41.16
CA HIS A 244 -8.04 -22.37 -42.39
C HIS A 244 -9.35 -22.58 -43.13
N SER A 245 -9.30 -23.37 -44.21
CA SER A 245 -10.45 -23.56 -45.08
C SER A 245 -11.76 -23.74 -44.30
N SER A 246 -11.71 -24.48 -43.20
CA SER A 246 -12.91 -24.68 -42.38
C SER A 246 -12.84 -24.07 -40.99
N GLY A 247 -14.00 -23.70 -40.48
CA GLY A 247 -14.18 -23.14 -39.14
C GLY A 247 -12.97 -22.70 -38.35
N LEU A 248 -12.27 -23.68 -37.76
CA LEU A 248 -11.29 -23.46 -36.69
C LEU A 248 -10.12 -22.59 -37.08
N LYS A 249 -9.64 -21.81 -36.10
CA LYS A 249 -8.46 -20.95 -36.25
C LYS A 249 -7.20 -21.60 -35.68
N LEU A 250 -6.13 -21.59 -36.47
CA LEU A 250 -4.86 -22.29 -36.18
C LEU A 250 -3.76 -21.33 -35.68
N VAL A 251 -2.87 -21.83 -34.84
CA VAL A 251 -1.79 -20.98 -34.28
C VAL A 251 -0.45 -21.15 -34.98
N ARG A 252 -0.09 -20.16 -35.79
CA ARG A 252 1.12 -20.23 -36.59
C ARG A 252 2.31 -19.69 -35.83
N GLU A 253 3.49 -20.24 -36.15
CA GLU A 253 4.78 -19.85 -35.58
C GLU A 253 4.94 -20.14 -34.06
N TRP A 254 4.73 -21.41 -33.71
CA TRP A 254 4.86 -21.92 -32.35
C TRP A 254 6.19 -21.61 -31.70
N ASP A 255 7.26 -21.87 -32.44
CA ASP A 255 8.60 -22.02 -31.90
C ASP A 255 9.09 -20.89 -31.02
N VAL A 256 8.82 -19.67 -31.45
CA VAL A 256 9.30 -18.46 -30.78
C VAL A 256 8.96 -18.41 -29.28
N LEU A 257 7.67 -18.52 -28.98
CA LEU A 257 7.16 -18.54 -27.62
C LEU A 257 7.61 -19.83 -26.94
N GLU A 258 7.57 -20.91 -27.69
CA GLU A 258 7.96 -22.23 -27.24
C GLU A 258 9.39 -22.20 -26.72
N GLN A 259 10.26 -21.49 -27.45
CA GLN A 259 11.68 -21.32 -27.12
C GLN A 259 11.85 -20.44 -25.89
N ALA A 260 11.22 -19.28 -25.95
CA ALA A 260 11.33 -18.27 -24.92
C ALA A 260 10.98 -18.82 -23.55
N CYS A 261 9.90 -19.58 -23.50
CA CYS A 261 9.44 -20.18 -22.26
C CYS A 261 10.50 -21.08 -21.62
N LYS A 262 11.09 -21.98 -22.41
CA LYS A 262 12.13 -22.89 -21.92
C LYS A 262 13.34 -22.14 -21.39
N GLU A 263 13.74 -21.10 -22.13
CA GLU A 263 14.86 -20.22 -21.79
C GLU A 263 14.61 -19.44 -20.50
N ASP A 264 13.45 -18.78 -20.45
CA ASP A 264 13.04 -17.98 -19.31
C ASP A 264 12.82 -18.84 -18.07
N LEU A 265 12.56 -20.14 -18.28
CA LEU A 265 12.39 -21.09 -17.18
C LEU A 265 13.74 -21.48 -16.63
N GLU A 266 14.71 -21.60 -17.53
CA GLU A 266 16.09 -21.93 -17.18
C GLU A 266 16.75 -20.78 -16.45
N GLU A 267 16.31 -19.55 -16.76
CA GLU A 267 16.83 -18.33 -16.15
C GLU A 267 16.53 -18.31 -14.65
N LEU A 268 15.32 -18.74 -14.32
CA LEU A 268 14.84 -18.73 -12.94
C LEU A 268 15.50 -19.83 -12.13
N VAL A 269 15.87 -20.92 -12.80
CA VAL A 269 16.55 -21.99 -12.10
C VAL A 269 18.03 -21.61 -11.82
N SER A 270 18.65 -20.88 -12.75
CA SER A 270 20.00 -20.31 -12.50
C SER A 270 20.02 -19.19 -11.43
N MET A 271 18.84 -18.62 -11.14
CA MET A 271 18.64 -17.62 -10.07
C MET A 271 18.78 -18.25 -8.69
N LYS A 272 18.60 -19.57 -8.62
CA LYS A 272 18.71 -20.32 -7.36
C LYS A 272 20.16 -20.48 -6.89
N ALA A 273 21.09 -20.43 -7.84
CA ALA A 273 22.54 -20.42 -7.54
C ALA A 273 23.03 -19.16 -6.80
N SER A 274 22.33 -18.05 -7.01
CA SER A 274 22.68 -16.76 -6.44
C SER A 274 22.46 -16.71 -4.93
N ASN A 275 23.33 -15.96 -4.26
CA ASN A 275 23.24 -15.73 -2.82
C ASN A 275 22.09 -14.85 -2.39
N TYR A 276 21.79 -13.85 -3.23
CA TYR A 276 20.98 -12.71 -2.84
C TYR A 276 19.48 -12.87 -3.16
N TYR A 277 19.09 -14.06 -3.59
CA TYR A 277 17.75 -14.25 -4.11
C TYR A 277 16.75 -14.80 -3.11
N LYS A 278 17.19 -15.05 -1.87
CA LYS A 278 16.39 -15.88 -0.97
C LYS A 278 14.99 -15.35 -0.58
N ILE A 279 14.90 -14.06 -0.32
CA ILE A 279 13.62 -13.45 0.05
C ILE A 279 12.89 -12.98 -1.21
N PHE A 280 13.63 -12.30 -2.08
CA PHE A 280 13.16 -11.92 -3.39
C PHE A 280 12.75 -13.18 -4.13
N GLU A 281 13.36 -14.30 -3.70
CA GLU A 281 13.16 -15.62 -4.33
C GLU A 281 11.72 -16.10 -4.36
N GLN A 282 10.95 -15.85 -3.29
CA GLN A 282 9.59 -16.44 -3.23
C GLN A 282 8.70 -16.04 -4.42
N ASP A 283 8.74 -14.76 -4.79
CA ASP A 283 8.04 -14.25 -5.96
C ASP A 283 8.44 -15.00 -7.24
N CYS A 284 9.73 -15.26 -7.41
CA CYS A 284 10.23 -15.98 -8.60
C CYS A 284 9.67 -17.40 -8.67
N LEU A 285 9.50 -18.05 -7.50
CA LEU A 285 8.90 -19.37 -7.40
C LEU A 285 7.44 -19.39 -7.89
N ASP A 286 6.77 -18.26 -7.72
CA ASP A 286 5.41 -18.09 -8.22
C ASP A 286 5.41 -17.94 -9.74
N LEU A 287 6.42 -17.23 -10.25
CA LEU A 287 6.60 -17.10 -11.70
C LEU A 287 7.09 -18.41 -12.33
N GLU A 288 7.77 -19.24 -11.53
CA GLU A 288 8.21 -20.57 -11.94
C GLU A 288 7.02 -21.51 -12.11
N SER A 289 6.09 -21.47 -11.16
CA SER A 289 4.89 -22.32 -11.20
C SER A 289 3.97 -21.92 -12.34
N LYS A 290 3.99 -20.63 -12.69
CA LYS A 290 3.16 -20.06 -13.78
C LYS A 290 3.64 -20.53 -15.16
N LEU A 291 4.95 -20.49 -15.38
CA LEU A 291 5.53 -20.89 -16.65
C LEU A 291 5.68 -22.40 -16.79
N THR A 292 5.96 -23.11 -15.70
CA THR A 292 6.07 -24.55 -15.78
C THR A 292 4.71 -25.15 -16.14
N LYS A 293 3.65 -24.41 -15.81
CA LYS A 293 2.29 -24.79 -16.17
C LYS A 293 2.01 -24.40 -17.63
N LEU A 294 2.61 -23.28 -18.08
CA LEU A 294 2.49 -22.85 -19.46
C LEU A 294 3.22 -23.79 -20.47
N SER A 295 4.33 -24.40 -20.04
CA SER A 295 5.05 -25.39 -20.88
C SER A 295 4.36 -26.75 -20.89
N GLU A 296 3.70 -27.08 -19.77
CA GLU A 296 2.86 -28.27 -19.64
C GLU A 296 1.77 -28.29 -20.70
N ILE A 297 1.12 -27.13 -20.90
CA ILE A 297 0.04 -26.95 -21.86
C ILE A 297 0.57 -26.56 -23.24
N GLN A 298 1.82 -26.13 -23.32
CA GLN A 298 2.48 -25.82 -24.59
C GLN A 298 2.83 -27.11 -25.35
N VAL A 299 3.30 -28.10 -24.60
CA VAL A 299 3.70 -29.39 -25.14
C VAL A 299 2.49 -30.09 -25.76
N ASN A 300 1.39 -30.13 -25.01
CA ASN A 300 0.20 -30.84 -25.44
C ASN A 300 -0.54 -30.16 -26.57
N TRP A 301 -0.49 -28.84 -26.57
CA TRP A 301 -1.28 -28.08 -27.52
C TRP A 301 -0.70 -28.15 -28.93
N VAL A 302 0.63 -28.17 -29.06
CA VAL A 302 1.25 -28.35 -30.38
C VAL A 302 0.98 -29.77 -30.93
N GLU A 303 0.96 -30.76 -30.04
CA GLU A 303 0.60 -32.15 -30.38
C GLU A 303 -0.81 -32.21 -30.95
N VAL A 304 -1.76 -31.63 -30.24
CA VAL A 304 -3.15 -31.63 -30.67
C VAL A 304 -3.28 -30.93 -32.02
N GLN A 305 -2.69 -29.74 -32.12
CA GLN A 305 -2.74 -28.88 -33.30
C GLN A 305 -2.26 -29.63 -34.54
N PHE A 306 -1.22 -30.42 -34.33
CA PHE A 306 -0.57 -31.15 -35.40
C PHE A 306 -1.38 -32.37 -35.78
N TYR A 307 -1.72 -33.20 -34.78
CA TYR A 307 -2.49 -34.43 -35.02
C TYR A 307 -3.90 -34.24 -35.56
N TRP A 308 -4.55 -33.16 -35.14
CA TRP A 308 -5.83 -32.77 -35.71
C TRP A 308 -5.70 -32.40 -37.21
N LEU A 309 -4.76 -31.52 -37.50
CA LEU A 309 -4.54 -31.02 -38.85
C LEU A 309 -4.21 -32.10 -39.87
N ASP A 310 -3.43 -33.10 -39.43
CA ASP A 310 -3.11 -34.30 -40.23
C ASP A 310 -4.37 -35.13 -40.49
N LEU A 311 -5.10 -35.45 -39.42
CA LEU A 311 -6.34 -36.20 -39.52
C LEU A 311 -7.44 -35.49 -40.29
N TYR A 312 -7.37 -34.15 -40.37
CA TYR A 312 -8.32 -33.37 -41.16
C TYR A 312 -8.14 -33.59 -42.66
N GLY A 313 -6.89 -33.73 -43.09
CA GLY A 313 -6.59 -34.15 -44.44
C GLY A 313 -7.29 -35.47 -44.74
N ILE A 314 -7.20 -36.41 -43.81
CA ILE A 314 -7.72 -37.76 -43.98
C ILE A 314 -9.25 -37.91 -43.95
N LEU A 315 -9.93 -37.28 -43.00
CA LEU A 315 -11.38 -37.51 -42.79
C LEU A 315 -12.26 -36.27 -42.87
N GLY A 316 -11.70 -35.13 -42.53
CA GLY A 316 -12.46 -33.88 -42.52
C GLY A 316 -13.12 -33.44 -43.83
N GLU A 317 -12.57 -33.86 -44.96
CA GLU A 317 -13.02 -33.37 -46.28
C GLU A 317 -13.94 -34.33 -47.04
N ASN A 318 -13.50 -35.57 -47.23
CA ASN A 318 -14.21 -36.54 -48.09
C ASN A 318 -15.50 -37.10 -47.48
N LEU A 319 -16.44 -37.47 -48.35
CA LEU A 319 -17.64 -38.17 -47.94
C LEU A 319 -17.40 -39.66 -48.00
N ASP A 320 -16.59 -40.10 -48.95
CA ASP A 320 -16.37 -41.52 -49.18
C ASP A 320 -15.56 -42.12 -48.04
N ILE A 321 -14.56 -41.40 -47.56
CA ILE A 321 -13.75 -41.86 -46.45
C ILE A 321 -14.54 -41.92 -45.12
N GLN A 322 -15.38 -40.92 -44.87
CA GLN A 322 -16.18 -40.91 -43.64
C GLN A 322 -17.34 -41.90 -43.70
N ASN A 323 -17.71 -42.27 -44.92
CA ASN A 323 -18.69 -43.30 -45.22
C ASN A 323 -18.17 -44.68 -44.80
N PHE A 324 -16.90 -44.94 -45.12
CA PHE A 324 -16.22 -46.21 -44.79
C PHE A 324 -15.91 -46.34 -43.30
N LEU A 325 -15.58 -45.21 -42.67
CA LEU A 325 -15.26 -45.15 -41.25
C LEU A 325 -16.28 -44.30 -40.49
N PRO A 326 -17.37 -44.93 -40.03
CA PRO A 326 -18.41 -44.18 -39.34
C PRO A 326 -18.05 -43.90 -37.91
N LEU A 327 -17.51 -44.89 -37.20
CA LEU A 327 -17.20 -44.69 -35.80
C LEU A 327 -16.00 -43.76 -35.61
N GLU A 328 -15.12 -43.72 -36.62
CA GLU A 328 -13.95 -42.83 -36.67
C GLU A 328 -14.28 -41.35 -36.90
N THR A 329 -15.20 -41.06 -37.83
CA THR A 329 -15.56 -39.67 -38.13
C THR A 329 -16.56 -39.09 -37.11
N SER A 330 -17.38 -39.94 -36.50
CA SER A 330 -18.28 -39.52 -35.43
C SER A 330 -17.50 -39.11 -34.17
N LYS A 331 -16.33 -39.71 -33.99
CA LYS A 331 -15.46 -39.41 -32.84
C LYS A 331 -14.49 -38.26 -33.10
N PHE A 332 -14.13 -38.06 -34.37
CA PHE A 332 -13.30 -36.94 -34.81
C PHE A 332 -14.07 -35.62 -34.67
N LYS A 333 -15.29 -35.60 -35.18
CA LYS A 333 -16.14 -34.39 -35.19
C LYS A 333 -16.55 -33.94 -33.78
N SER A 334 -16.71 -34.89 -32.87
CA SER A 334 -16.99 -34.62 -31.44
C SER A 334 -15.83 -33.88 -30.73
N LEU A 335 -14.60 -34.24 -31.07
CA LEU A 335 -13.42 -33.56 -30.56
C LEU A 335 -13.20 -32.25 -31.27
N THR A 336 -13.60 -32.19 -32.54
CA THR A 336 -13.47 -30.99 -33.37
C THR A 336 -14.34 -29.86 -32.79
N SER A 337 -15.46 -30.23 -32.19
CA SER A 337 -16.33 -29.26 -31.52
C SER A 337 -15.63 -28.67 -30.31
N GLU A 338 -15.15 -29.55 -29.41
CA GLU A 338 -14.49 -29.17 -28.15
C GLU A 338 -13.30 -28.22 -28.36
N TYR A 339 -12.39 -28.61 -29.26
CA TYR A 339 -11.18 -27.85 -29.59
C TYR A 339 -11.50 -26.49 -30.24
N LYS A 340 -12.61 -26.43 -30.99
CA LYS A 340 -13.08 -25.17 -31.62
C LYS A 340 -13.47 -24.12 -30.57
N MET A 341 -14.06 -24.59 -29.46
CA MET A 341 -14.47 -23.75 -28.33
C MET A 341 -13.29 -23.40 -27.44
N ILE A 342 -12.37 -24.35 -27.28
CA ILE A 342 -11.13 -24.18 -26.49
C ILE A 342 -10.20 -23.09 -27.08
N THR A 343 -10.10 -23.04 -28.40
CA THR A 343 -9.22 -22.09 -29.11
C THR A 343 -9.79 -20.68 -29.09
N THR A 344 -11.07 -20.57 -29.44
CA THR A 344 -11.74 -19.28 -29.57
C THR A 344 -11.91 -18.61 -28.20
N ARG A 345 -12.07 -19.44 -27.16
CA ARG A 345 -12.09 -18.99 -25.76
C ARG A 345 -10.72 -18.52 -25.32
N ALA A 346 -9.69 -19.25 -25.75
CA ALA A 346 -8.33 -18.94 -25.37
C ALA A 346 -7.74 -17.77 -26.16
N PHE A 347 -8.15 -17.56 -27.42
CA PHE A 347 -7.65 -16.44 -28.23
C PHE A 347 -8.16 -15.07 -27.75
N GLN A 348 -9.46 -15.03 -27.44
CA GLN A 348 -10.09 -13.80 -26.98
C GLN A 348 -9.54 -13.35 -25.61
N LEU A 349 -8.87 -14.25 -24.90
CA LEU A 349 -8.20 -13.90 -23.66
C LEU A 349 -7.13 -12.81 -23.94
N ASP A 350 -6.43 -12.94 -25.06
CA ASP A 350 -5.52 -11.88 -25.52
C ASP A 350 -4.14 -11.91 -24.86
N THR A 351 -3.90 -12.89 -24.01
CA THR A 351 -2.59 -13.09 -23.41
C THR A 351 -2.36 -14.60 -23.39
N THR A 352 -1.26 -15.04 -23.97
CA THR A 352 -0.98 -16.47 -24.00
C THR A 352 -0.84 -16.96 -22.58
N ILE A 353 -0.17 -16.18 -21.75
CA ILE A 353 0.04 -16.57 -20.36
C ILE A 353 -1.29 -16.73 -19.63
N GLU A 354 -2.22 -15.81 -19.88
CA GLU A 354 -3.57 -15.85 -19.29
C GLU A 354 -4.25 -17.21 -19.46
N VAL A 355 -3.73 -17.99 -20.39
CA VAL A 355 -4.27 -19.30 -20.74
C VAL A 355 -4.15 -20.29 -19.57
N ILE A 356 -3.12 -20.16 -18.73
CA ILE A 356 -2.95 -21.12 -17.66
C ILE A 356 -4.01 -21.00 -16.58
N HIS A 357 -4.65 -19.83 -16.54
CA HIS A 357 -5.75 -19.55 -15.60
C HIS A 357 -7.06 -20.21 -16.05
N ILE A 358 -7.17 -20.56 -17.34
CA ILE A 358 -8.34 -21.22 -17.94
C ILE A 358 -8.59 -22.65 -17.39
N PRO A 359 -9.87 -22.97 -17.11
CA PRO A 359 -10.21 -24.22 -16.46
C PRO A 359 -10.06 -25.37 -17.43
N ASN A 360 -9.57 -26.51 -16.93
CA ASN A 360 -9.54 -27.78 -17.67
C ASN A 360 -8.86 -27.76 -19.05
N PHE A 361 -7.68 -27.14 -19.11
CA PHE A 361 -6.99 -26.99 -20.37
C PHE A 361 -5.98 -28.10 -20.56
N ASP A 362 -5.16 -28.36 -19.54
CA ASP A 362 -4.22 -29.52 -19.56
C ASP A 362 -4.98 -30.85 -19.56
N THR A 363 -6.09 -30.89 -18.84
CA THR A 363 -6.98 -32.07 -18.77
C THR A 363 -7.67 -32.30 -20.11
N THR A 364 -8.25 -31.24 -20.68
CA THR A 364 -8.93 -31.26 -22.00
C THR A 364 -8.02 -31.77 -23.12
N LEU A 365 -6.87 -31.12 -23.28
CA LEU A 365 -5.92 -31.44 -24.35
C LEU A 365 -5.30 -32.83 -24.20
N LYS A 366 -4.90 -33.20 -22.98
CA LYS A 366 -4.43 -34.58 -22.73
C LYS A 366 -5.46 -35.65 -23.11
N LEU A 367 -6.74 -35.37 -22.86
CA LEU A 367 -7.85 -36.26 -23.24
C LEU A 367 -8.14 -36.23 -24.74
N THR A 368 -8.05 -35.04 -25.33
CA THR A 368 -8.24 -34.84 -26.78
C THR A 368 -7.16 -35.52 -27.62
N ILE A 369 -5.91 -35.32 -27.22
CA ILE A 369 -4.77 -35.91 -27.93
C ILE A 369 -4.84 -37.44 -27.85
N ASP A 370 -5.29 -37.98 -26.71
CA ASP A 370 -5.49 -39.42 -26.53
C ASP A 370 -6.51 -39.98 -27.51
N SER A 371 -7.60 -39.24 -27.69
CA SER A 371 -8.65 -39.62 -28.63
C SER A 371 -8.24 -39.42 -30.09
N LEU A 372 -7.49 -38.36 -30.38
CA LEU A 372 -6.95 -38.15 -31.74
C LEU A 372 -5.94 -39.22 -32.12
N LYS A 373 -5.25 -39.77 -31.13
CA LYS A 373 -4.30 -40.85 -31.33
C LYS A 373 -5.00 -42.19 -31.52
N MET A 374 -6.18 -42.33 -30.93
CA MET A 374 -7.02 -43.52 -31.09
C MET A 374 -7.60 -43.61 -32.51
N ILE A 375 -7.89 -42.46 -33.11
CA ILE A 375 -8.39 -42.39 -34.49
C ILE A 375 -7.31 -42.73 -35.52
N LYS A 376 -6.14 -42.10 -35.40
CA LYS A 376 -5.00 -42.38 -36.27
C LYS A 376 -4.57 -43.84 -36.18
N SER A 377 -4.66 -44.40 -34.98
CA SER A 377 -4.35 -45.81 -34.74
C SER A 377 -5.38 -46.73 -35.35
N SER A 378 -6.63 -46.27 -35.36
CA SER A 378 -7.70 -47.08 -35.89
C SER A 378 -7.68 -47.12 -37.42
N LEU A 379 -7.35 -45.97 -38.03
CA LEU A 379 -7.10 -45.89 -39.48
C LEU A 379 -5.95 -46.78 -39.88
N SER A 380 -4.89 -46.77 -39.09
CA SER A 380 -3.73 -47.63 -39.26
C SER A 380 -4.06 -49.12 -39.23
N THR A 381 -5.00 -49.52 -38.37
CA THR A 381 -5.46 -50.92 -38.33
C THR A 381 -6.34 -51.29 -39.54
N PHE A 382 -7.15 -50.33 -40.00
CA PHE A 382 -7.98 -50.48 -41.21
C PHE A 382 -7.14 -50.67 -42.47
N LEU A 383 -6.18 -49.76 -42.68
CA LEU A 383 -5.31 -49.78 -43.85
C LEU A 383 -4.41 -51.02 -43.92
N GLU A 384 -3.94 -51.51 -42.78
CA GLU A 384 -3.11 -52.72 -42.77
C GLU A 384 -3.94 -53.96 -43.01
N ARG A 385 -5.19 -53.96 -42.55
CA ARG A 385 -6.12 -55.07 -42.81
C ARG A 385 -6.60 -55.04 -44.25
N GLN A 386 -6.62 -53.85 -44.85
CA GLN A 386 -6.92 -53.69 -46.27
C GLN A 386 -5.72 -54.15 -47.11
N ARG A 387 -4.52 -53.79 -46.66
CA ARG A 387 -3.27 -54.18 -47.33
C ARG A 387 -3.02 -55.68 -47.29
N ARG A 388 -3.41 -56.33 -46.20
CA ARG A 388 -3.14 -57.75 -46.04
C ARG A 388 -4.04 -58.56 -46.97
N GLN A 389 -5.19 -57.97 -47.31
CA GLN A 389 -6.17 -58.66 -48.15
C GLN A 389 -5.75 -58.63 -49.62
N PHE A 390 -5.26 -57.49 -50.09
CA PHE A 390 -4.67 -57.39 -51.43
C PHE A 390 -3.19 -56.91 -51.32
N PRO A 391 -2.22 -57.84 -51.13
CA PRO A 391 -0.83 -57.39 -50.81
C PRO A 391 -0.09 -56.52 -51.85
N ARG A 392 -0.74 -56.17 -52.94
CA ARG A 392 -0.21 -55.12 -53.84
C ARG A 392 -0.22 -53.72 -53.17
N PHE A 393 -1.23 -53.50 -52.33
CA PHE A 393 -1.41 -52.27 -51.55
C PHE A 393 -0.21 -51.97 -50.65
N TYR A 394 0.57 -52.99 -50.32
CA TYR A 394 1.85 -52.78 -49.66
C TYR A 394 2.77 -51.92 -50.51
N PHE A 395 2.72 -52.13 -51.82
CA PHE A 395 3.51 -51.31 -52.71
C PHE A 395 3.02 -49.85 -52.73
N LEU A 396 1.71 -49.63 -52.67
CA LEU A 396 1.14 -48.27 -52.79
C LEU A 396 1.46 -47.22 -51.72
N GLY A 397 1.26 -47.59 -50.45
CA GLY A 397 1.36 -46.66 -49.32
C GLY A 397 0.08 -45.89 -48.99
N ASN A 398 0.07 -45.18 -47.86
CA ASN A 398 -1.19 -44.66 -47.35
C ASN A 398 -1.93 -43.64 -48.18
N ASP A 399 -1.25 -42.60 -48.65
CA ASP A 399 -1.97 -41.53 -49.35
C ASP A 399 -2.60 -42.07 -50.62
N ASP A 400 -1.80 -42.80 -51.40
CA ASP A 400 -2.28 -43.40 -52.63
C ASP A 400 -3.40 -44.39 -52.35
N LEU A 401 -3.27 -45.14 -51.25
CA LEU A 401 -4.26 -46.16 -50.86
C LEU A 401 -5.60 -45.53 -50.56
N LEU A 402 -5.58 -44.43 -49.82
CA LEU A 402 -6.80 -43.74 -49.48
C LEU A 402 -7.54 -43.21 -50.73
N LYS A 403 -6.79 -42.69 -51.71
CA LYS A 403 -7.40 -42.21 -52.95
C LYS A 403 -8.18 -43.32 -53.66
N ILE A 404 -7.67 -44.55 -53.57
CA ILE A 404 -8.26 -45.76 -54.17
C ILE A 404 -9.59 -46.16 -53.52
N ILE A 405 -9.62 -46.20 -52.18
CA ILE A 405 -10.83 -46.47 -51.40
C ILE A 405 -11.85 -45.34 -51.61
N GLY A 406 -11.33 -44.11 -51.71
CA GLY A 406 -12.17 -42.94 -51.95
C GLY A 406 -12.75 -42.89 -53.36
N SER A 407 -11.92 -43.30 -54.31
CA SER A 407 -12.24 -43.21 -55.73
C SER A 407 -13.00 -44.44 -56.22
N GLY A 408 -13.42 -45.31 -55.29
CA GLY A 408 -14.13 -46.55 -55.59
C GLY A 408 -15.37 -46.34 -56.43
N LYS A 409 -16.16 -45.33 -56.06
CA LYS A 409 -17.27 -44.85 -56.87
C LYS A 409 -16.90 -44.82 -58.36
N HIS A 410 -15.81 -44.11 -58.67
CA HIS A 410 -15.31 -43.96 -60.04
C HIS A 410 -14.77 -45.27 -60.65
N HIS A 411 -14.00 -46.02 -59.87
CA HIS A 411 -13.33 -47.24 -60.33
C HIS A 411 -12.20 -46.92 -61.30
N ASP A 412 -12.51 -46.19 -62.36
CA ASP A 412 -11.54 -45.87 -63.41
C ASP A 412 -10.32 -45.11 -62.89
N GLN A 413 -10.47 -44.46 -61.75
CA GLN A 413 -9.37 -43.65 -61.21
C GLN A 413 -8.30 -44.47 -60.49
N VAL A 414 -8.55 -45.77 -60.31
CA VAL A 414 -7.54 -46.68 -59.76
C VAL A 414 -6.43 -47.00 -60.77
N SER A 415 -6.74 -46.92 -62.07
CA SER A 415 -5.80 -47.34 -63.14
C SER A 415 -4.45 -46.62 -63.07
N LYS A 416 -4.47 -45.37 -62.59
CA LYS A 416 -3.27 -44.58 -62.29
C LYS A 416 -2.30 -45.32 -61.36
N PHE A 417 -2.85 -45.90 -60.28
CA PHE A 417 -2.06 -46.50 -59.21
C PHE A 417 -1.62 -47.91 -59.53
N MET A 418 -2.22 -48.52 -60.54
CA MET A 418 -1.83 -49.87 -60.99
C MET A 418 -0.42 -49.92 -61.59
N LYS A 419 -0.07 -48.90 -62.36
CA LYS A 419 1.29 -48.72 -62.85
C LYS A 419 2.36 -48.98 -61.77
N LYS A 420 2.02 -48.63 -60.52
CA LYS A 420 2.88 -48.75 -59.34
C LYS A 420 2.81 -50.11 -58.72
N MET A 421 1.59 -50.58 -58.51
CA MET A 421 1.43 -51.86 -57.86
C MET A 421 1.57 -53.08 -58.75
N PHE A 422 1.93 -52.86 -60.02
CA PHE A 422 2.24 -53.97 -60.96
C PHE A 422 3.60 -53.82 -61.59
N GLY A 423 3.85 -52.64 -62.15
CA GLY A 423 5.16 -52.29 -62.71
C GLY A 423 5.20 -52.57 -64.18
N SER A 424 4.37 -53.53 -64.59
CA SER A 424 4.22 -53.89 -65.95
C SER A 424 3.13 -53.06 -66.66
N ILE A 425 1.95 -52.91 -66.05
CA ILE A 425 0.78 -52.31 -66.71
C ILE A 425 0.75 -50.80 -66.45
N GLU A 426 0.07 -50.03 -67.30
CA GLU A 426 -0.06 -48.58 -67.11
C GLU A 426 -1.48 -48.16 -66.69
N SER A 427 -2.48 -48.63 -67.44
CA SER A 427 -3.88 -48.30 -67.18
C SER A 427 -4.76 -49.50 -67.46
N ILE A 428 -5.94 -49.51 -66.86
CA ILE A 428 -6.87 -50.64 -67.01
C ILE A 428 -7.99 -50.29 -68.03
N ILE A 429 -8.45 -51.30 -68.79
CA ILE A 429 -9.53 -51.11 -69.81
C ILE A 429 -10.91 -51.59 -69.29
N PHE A 430 -11.91 -50.73 -69.44
CA PHE A 430 -13.27 -51.04 -69.02
C PHE A 430 -14.22 -51.02 -70.22
N LEU A 431 -15.32 -51.77 -70.06
CA LEU A 431 -16.60 -51.46 -70.73
C LEU A 431 -17.55 -50.94 -69.65
N GLU A 432 -16.90 -50.33 -68.65
CA GLU A 432 -17.49 -49.67 -67.50
C GLU A 432 -18.01 -50.61 -66.43
N ASP A 433 -19.05 -51.35 -66.78
CA ASP A 433 -19.57 -52.39 -65.89
C ASP A 433 -18.55 -53.53 -65.80
N PHE A 434 -17.85 -53.77 -66.90
CA PHE A 434 -16.95 -54.90 -67.06
C PHE A 434 -15.52 -54.47 -67.46
N ILE A 435 -14.52 -55.17 -66.94
CA ILE A 435 -13.12 -54.93 -67.27
C ILE A 435 -12.74 -55.81 -68.47
N THR A 436 -12.51 -55.20 -69.63
CA THR A 436 -12.17 -55.96 -70.84
C THR A 436 -10.71 -56.41 -70.87
N GLY A 437 -9.85 -55.68 -70.18
CA GLY A 437 -8.45 -56.04 -69.96
C GLY A 437 -7.61 -54.91 -69.37
N VAL A 438 -6.31 -54.94 -69.67
CA VAL A 438 -5.38 -53.93 -69.19
C VAL A 438 -4.40 -53.57 -70.30
N ARG A 439 -3.77 -52.40 -70.21
CA ARG A 439 -2.62 -52.13 -71.08
C ARG A 439 -1.32 -51.89 -70.30
N SER A 440 -0.20 -52.37 -70.84
CA SER A 440 1.10 -52.24 -70.20
C SER A 440 1.74 -50.87 -70.48
N VAL A 441 2.74 -50.53 -69.70
CA VAL A 441 3.46 -49.25 -69.82
C VAL A 441 4.15 -49.13 -71.17
N GLU A 442 4.28 -50.29 -71.82
CA GLU A 442 4.97 -50.41 -73.07
C GLU A 442 4.01 -50.08 -74.23
N GLY A 443 2.71 -50.16 -73.95
CA GLY A 443 1.64 -49.93 -74.93
C GLY A 443 0.82 -51.16 -75.28
N GLU A 444 1.30 -52.34 -74.88
CA GLU A 444 0.71 -53.63 -75.27
C GLU A 444 -0.63 -53.82 -74.60
N VAL A 445 -1.60 -54.25 -75.41
CA VAL A 445 -2.98 -54.52 -74.98
C VAL A 445 -3.27 -56.00 -74.62
N LEU A 446 -3.53 -56.24 -73.33
CA LEU A 446 -3.90 -57.56 -72.87
C LEU A 446 -5.37 -57.56 -72.59
N ASN A 447 -6.06 -58.53 -73.18
CA ASN A 447 -7.48 -58.77 -72.92
C ASN A 447 -7.69 -60.02 -72.07
N LEU A 448 -8.50 -59.86 -71.02
CA LEU A 448 -8.81 -60.93 -70.10
C LEU A 448 -9.69 -62.02 -70.70
N ASN A 449 -9.73 -63.16 -70.05
CA ASN A 449 -10.60 -64.23 -70.48
C ASN A 449 -12.05 -63.92 -70.14
N GLU A 450 -12.32 -63.79 -68.85
CA GLU A 450 -13.62 -63.39 -68.33
C GLU A 450 -13.50 -61.91 -68.00
N LYS A 451 -14.37 -61.08 -68.56
CA LYS A 451 -14.39 -59.67 -68.18
C LYS A 451 -15.01 -59.49 -66.80
N ILE A 452 -14.25 -58.94 -65.84
CA ILE A 452 -14.65 -58.88 -64.43
C ILE A 452 -15.75 -57.83 -64.19
N GLU A 453 -16.88 -58.32 -63.70
CA GLU A 453 -18.06 -57.51 -63.47
C GLU A 453 -17.86 -56.64 -62.24
N LEU A 454 -18.40 -55.42 -62.30
CA LEU A 454 -18.22 -54.42 -61.23
C LEU A 454 -19.54 -53.81 -60.79
N LYS A 455 -19.73 -53.79 -59.48
CA LYS A 455 -20.94 -53.22 -58.90
C LYS A 455 -20.63 -52.22 -57.80
N ASP A 456 -21.62 -51.41 -57.47
CA ASP A 456 -21.48 -50.39 -56.40
C ASP A 456 -20.97 -50.97 -55.08
N SER A 457 -21.66 -51.99 -54.57
CA SER A 457 -21.26 -52.68 -53.34
C SER A 457 -20.17 -53.74 -53.56
N ILE A 458 -19.00 -53.27 -53.99
CA ILE A 458 -17.82 -54.08 -54.18
C ILE A 458 -16.68 -53.29 -53.58
N GLN A 459 -15.75 -53.95 -52.92
CA GLN A 459 -14.54 -53.24 -52.48
C GLN A 459 -13.42 -53.35 -53.52
N ALA A 460 -12.51 -52.37 -53.51
CA ALA A 460 -11.36 -52.39 -54.38
C ALA A 460 -10.64 -53.69 -54.13
N GLN A 461 -10.46 -53.99 -52.85
CA GLN A 461 -9.79 -55.19 -52.42
C GLN A 461 -10.35 -56.45 -53.07
N GLU A 462 -11.66 -56.55 -53.11
CA GLU A 462 -12.29 -57.70 -53.72
C GLU A 462 -12.14 -57.75 -55.26
N TRP A 463 -12.38 -56.64 -55.95
CA TRP A 463 -12.38 -56.68 -57.42
C TRP A 463 -10.99 -56.86 -58.05
N LEU A 464 -10.00 -56.21 -57.45
CA LEU A 464 -8.62 -56.20 -57.93
C LEU A 464 -7.95 -57.54 -57.73
N ASN A 465 -8.38 -58.26 -56.69
CA ASN A 465 -7.76 -59.50 -56.34
C ASN A 465 -8.16 -60.54 -57.40
N ILE A 466 -9.37 -60.37 -57.95
CA ILE A 466 -9.87 -61.17 -59.09
C ILE A 466 -9.04 -60.91 -60.34
N LEU A 467 -8.70 -59.63 -60.55
CA LEU A 467 -7.94 -59.14 -61.69
C LEU A 467 -6.55 -59.75 -61.77
N ASP A 468 -5.82 -59.72 -60.64
CA ASP A 468 -4.48 -60.34 -60.50
C ASP A 468 -4.52 -61.82 -60.86
N THR A 469 -5.59 -62.48 -60.44
CA THR A 469 -5.81 -63.89 -60.72
C THR A 469 -6.01 -64.08 -62.23
N GLU A 470 -7.00 -63.38 -62.78
CA GLU A 470 -7.42 -63.49 -64.18
C GLU A 470 -6.33 -63.06 -65.17
N ILE A 471 -5.56 -62.05 -64.77
CA ILE A 471 -4.48 -61.50 -65.61
C ILE A 471 -3.41 -62.56 -65.86
N LYS A 472 -3.19 -63.47 -64.89
CA LYS A 472 -2.13 -64.50 -64.97
C LYS A 472 -2.64 -65.66 -65.73
N LEU A 473 -3.93 -65.94 -65.51
CA LEU A 473 -4.68 -66.99 -66.20
C LEU A 473 -4.79 -66.64 -67.65
N SER A 474 -5.08 -65.38 -67.92
CA SER A 474 -5.17 -64.84 -69.26
C SER A 474 -3.83 -65.00 -70.06
N VAL A 475 -2.72 -64.91 -69.34
CA VAL A 475 -1.40 -65.16 -69.91
C VAL A 475 -1.17 -66.66 -70.23
N PHE A 476 -1.63 -67.55 -69.35
CA PHE A 476 -1.60 -69.00 -69.63
C PHE A 476 -2.45 -69.37 -70.84
N THR A 477 -3.65 -68.82 -70.87
CA THR A 477 -4.54 -68.96 -72.00
C THR A 477 -3.78 -68.58 -73.27
N GLN A 478 -3.33 -67.32 -73.33
CA GLN A 478 -2.64 -66.84 -74.53
C GLN A 478 -1.33 -67.59 -74.84
N PHE A 479 -0.78 -68.27 -73.84
CA PHE A 479 0.35 -69.13 -74.05
C PHE A 479 -0.06 -70.44 -74.68
N ARG A 480 -0.96 -71.19 -74.03
CA ARG A 480 -1.39 -72.51 -74.55
C ARG A 480 -2.01 -72.39 -75.94
N ASP A 481 -2.85 -71.37 -76.13
CA ASP A 481 -3.48 -71.04 -77.41
C ASP A 481 -2.43 -70.95 -78.51
N CYS A 482 -1.38 -70.18 -78.22
CA CYS A 482 -0.31 -69.94 -79.15
C CYS A 482 0.56 -71.17 -79.30
N LEU A 483 1.01 -71.73 -78.17
CA LEU A 483 1.94 -72.85 -78.21
C LEU A 483 1.40 -73.94 -79.15
N GLY A 484 0.12 -74.27 -78.95
CA GLY A 484 -0.58 -75.27 -79.73
C GLY A 484 -0.57 -74.94 -81.21
N GLN A 485 -0.70 -73.67 -81.54
CA GLN A 485 -0.77 -73.26 -82.95
C GLN A 485 0.51 -73.50 -83.69
N ILE A 486 1.63 -73.15 -83.08
CA ILE A 486 2.92 -73.28 -83.76
C ILE A 486 3.25 -74.75 -83.87
N LYS A 487 2.79 -75.53 -82.92
CA LYS A 487 3.00 -76.96 -82.99
C LYS A 487 2.31 -77.50 -84.24
N ASP A 488 1.14 -76.92 -84.55
CA ASP A 488 0.46 -77.14 -85.82
C ASP A 488 1.05 -76.19 -86.86
N GLY A 489 2.33 -76.41 -87.14
CA GLY A 489 3.13 -75.70 -88.15
C GLY A 489 2.71 -74.33 -88.66
N THR A 490 2.49 -73.38 -87.77
CA THR A 490 2.00 -72.07 -88.22
C THR A 490 3.13 -71.02 -88.28
N ASP A 491 3.11 -70.17 -89.31
CA ASP A 491 4.14 -69.13 -89.54
C ASP A 491 4.17 -68.19 -88.36
N ILE A 492 5.37 -67.90 -87.85
CA ILE A 492 5.45 -67.07 -86.65
C ILE A 492 4.90 -65.64 -86.89
N GLU A 493 4.93 -65.16 -88.16
CA GLU A 493 4.37 -63.83 -88.53
C GLU A 493 2.87 -63.77 -88.34
N VAL A 494 2.24 -64.94 -88.42
CA VAL A 494 0.80 -65.09 -88.18
C VAL A 494 0.49 -64.86 -86.70
N VAL A 495 1.25 -65.55 -85.86
CA VAL A 495 1.04 -65.57 -84.41
C VAL A 495 1.20 -64.18 -83.77
N VAL A 496 2.27 -63.48 -84.19
CA VAL A 496 2.63 -62.13 -83.71
C VAL A 496 1.41 -61.20 -83.63
N SER A 497 0.64 -61.15 -84.72
CA SER A 497 -0.53 -60.27 -84.86
C SER A 497 -1.64 -60.52 -83.86
N LYS A 498 -1.68 -61.71 -83.26
CA LYS A 498 -2.83 -62.10 -82.46
C LYS A 498 -2.57 -62.43 -81.00
N TYR A 499 -1.30 -62.60 -80.66
CA TYR A 499 -0.90 -62.97 -79.30
C TYR A 499 0.02 -61.93 -78.66
N ILE A 500 -0.23 -61.65 -77.38
CA ILE A 500 0.64 -60.75 -76.61
C ILE A 500 2.06 -61.32 -76.51
N PHE A 501 3.06 -60.42 -76.47
CA PHE A 501 4.47 -60.80 -76.56
C PHE A 501 4.84 -61.85 -75.54
N GLN A 502 4.43 -61.59 -74.30
CA GLN A 502 4.81 -62.42 -73.17
C GLN A 502 4.52 -63.90 -73.47
N ALA A 503 3.37 -64.09 -74.10
CA ALA A 503 2.80 -65.39 -74.41
C ALA A 503 3.49 -66.01 -75.61
N ILE A 504 3.62 -65.25 -76.69
CA ILE A 504 4.36 -65.73 -77.88
C ILE A 504 5.84 -66.08 -77.55
N LEU A 505 6.44 -65.30 -76.66
CA LEU A 505 7.79 -65.58 -76.26
C LEU A 505 7.91 -66.97 -75.65
N LEU A 506 7.00 -67.30 -74.75
CA LEU A 506 7.09 -68.54 -73.96
C LEU A 506 6.84 -69.77 -74.84
N SER A 507 5.93 -69.59 -75.80
CA SER A 507 5.55 -70.57 -76.81
C SER A 507 6.67 -70.91 -77.78
N ALA A 508 7.38 -69.86 -78.22
CA ALA A 508 8.66 -69.96 -78.92
C ALA A 508 9.69 -70.80 -78.16
N GLN A 509 9.99 -70.38 -76.93
CA GLN A 509 10.91 -71.06 -76.01
C GLN A 509 10.61 -72.56 -75.82
N VAL A 510 9.32 -72.89 -75.72
CA VAL A 510 8.92 -74.26 -75.38
C VAL A 510 8.98 -75.13 -76.61
N MET A 511 8.60 -74.55 -77.74
CA MET A 511 8.70 -75.30 -78.97
C MET A 511 10.13 -75.40 -79.49
N TRP A 512 10.86 -74.29 -79.36
CA TRP A 512 12.28 -74.24 -79.68
C TRP A 512 12.91 -75.35 -78.90
N THR A 513 12.65 -75.36 -77.60
CA THR A 513 13.41 -76.23 -76.73
C THR A 513 13.10 -77.68 -77.16
N GLU A 514 11.84 -77.95 -77.48
CA GLU A 514 11.42 -79.30 -77.82
C GLU A 514 12.00 -79.76 -79.17
N LEU A 515 12.08 -78.84 -80.12
CA LEU A 515 12.64 -79.09 -81.43
C LEU A 515 14.14 -79.23 -81.43
N VAL A 516 14.80 -78.63 -80.45
CA VAL A 516 16.25 -78.77 -80.41
C VAL A 516 16.63 -79.95 -79.52
N GLU A 517 15.77 -80.23 -78.53
CA GLU A 517 15.94 -81.37 -77.62
C GLU A 517 16.01 -82.67 -78.39
N LYS A 518 15.07 -82.80 -79.35
CA LYS A 518 15.00 -83.97 -80.26
C LYS A 518 16.13 -83.97 -81.27
N CYS A 519 16.55 -82.76 -81.63
CA CYS A 519 17.55 -82.55 -82.63
C CYS A 519 18.92 -82.95 -82.10
N LEU A 520 19.10 -83.03 -80.78
CA LEU A 520 20.33 -83.56 -80.18
C LEU A 520 20.52 -85.02 -80.44
N GLN A 521 19.40 -85.74 -80.45
CA GLN A 521 19.39 -87.19 -80.62
C GLN A 521 19.64 -87.49 -82.09
N THR A 522 18.82 -86.91 -82.96
CA THR A 522 18.93 -87.08 -84.40
C THR A 522 20.19 -86.48 -85.08
N ASN A 523 20.68 -85.34 -84.56
CA ASN A 523 21.75 -84.51 -85.18
C ASN A 523 21.30 -83.89 -86.53
N GLN A 524 20.03 -83.51 -86.60
CA GLN A 524 19.42 -82.94 -87.80
C GLN A 524 19.57 -81.42 -87.83
N PHE A 525 20.62 -80.93 -87.15
CA PHE A 525 20.77 -79.52 -86.80
C PHE A 525 20.64 -78.58 -87.96
N SER A 526 21.24 -78.97 -89.08
CA SER A 526 21.29 -78.13 -90.26
C SER A 526 19.88 -77.85 -90.74
N LYS A 527 19.03 -78.86 -90.62
CA LYS A 527 17.68 -78.80 -91.18
C LYS A 527 16.80 -77.89 -90.36
N TYR A 528 17.10 -77.82 -89.06
CA TYR A 528 16.38 -76.91 -88.14
C TYR A 528 16.95 -75.50 -88.15
N TRP A 529 18.26 -75.40 -88.42
CA TRP A 529 18.95 -74.12 -88.40
C TRP A 529 18.45 -73.16 -89.47
N LYS A 530 18.44 -73.63 -90.73
CA LYS A 530 18.01 -72.83 -91.87
C LYS A 530 16.56 -72.44 -91.70
N GLU A 531 15.80 -73.44 -91.30
CA GLU A 531 14.46 -73.29 -90.80
C GLU A 531 14.29 -72.11 -89.82
N VAL A 532 15.17 -72.01 -88.83
CA VAL A 532 15.07 -70.93 -87.83
C VAL A 532 15.53 -69.60 -88.40
N ASP A 533 16.60 -69.68 -89.19
CA ASP A 533 17.21 -68.56 -89.89
C ASP A 533 16.20 -67.85 -90.78
N MET A 534 15.29 -68.65 -91.33
CA MET A 534 14.26 -68.14 -92.20
C MET A 534 13.22 -67.39 -91.42
N LYS A 535 12.92 -67.88 -90.22
CA LYS A 535 12.00 -67.22 -89.32
C LYS A 535 12.57 -65.85 -88.93
N ILE A 536 13.91 -65.78 -88.85
CA ILE A 536 14.63 -64.57 -88.45
C ILE A 536 14.47 -63.56 -89.56
N LYS A 537 14.84 -63.94 -90.78
CA LYS A 537 14.69 -63.06 -91.95
C LYS A 537 13.23 -62.65 -92.17
N GLY A 538 12.33 -63.62 -92.05
CA GLY A 538 10.88 -63.37 -92.15
C GLY A 538 10.39 -62.33 -91.15
N LEU A 539 10.92 -62.37 -89.93
CA LEU A 539 10.49 -61.44 -88.90
C LEU A 539 11.09 -60.08 -89.13
N LEU A 540 12.29 -60.05 -89.72
CA LEU A 540 12.99 -58.81 -89.94
C LEU A 540 12.27 -57.95 -90.96
N ASP A 541 11.87 -58.55 -92.07
CA ASP A 541 11.24 -57.78 -93.12
C ASP A 541 9.83 -57.38 -92.72
N LYS A 542 9.18 -58.20 -91.90
CA LYS A 542 7.87 -57.87 -91.29
C LYS A 542 7.90 -56.57 -90.47
N LEU A 543 9.01 -56.39 -89.78
CA LEU A 543 9.23 -55.30 -88.84
C LEU A 543 9.25 -53.93 -89.51
N ASN A 544 9.88 -53.89 -90.69
CA ASN A 544 10.15 -52.68 -91.46
C ASN A 544 8.87 -51.99 -91.91
N LYS A 545 7.84 -52.78 -92.17
CA LYS A 545 6.56 -52.24 -92.59
C LYS A 545 5.46 -52.38 -91.54
N SER A 546 5.85 -52.51 -90.28
CA SER A 546 4.91 -52.80 -89.19
C SER A 546 4.54 -51.57 -88.36
N SER A 547 3.37 -51.62 -87.72
CA SER A 547 2.89 -50.57 -86.80
C SER A 547 3.76 -50.47 -85.54
N ASP A 548 4.13 -49.23 -85.15
CA ASP A 548 5.04 -49.02 -84.03
C ASP A 548 4.82 -49.95 -82.83
N ASN A 549 3.55 -50.17 -82.46
CA ASN A 549 3.19 -51.07 -81.36
C ASN A 549 3.81 -52.46 -81.54
N VAL A 550 3.42 -53.08 -82.65
CA VAL A 550 3.84 -54.44 -82.98
C VAL A 550 5.32 -54.44 -83.40
N LYS A 551 5.84 -53.26 -83.71
CA LYS A 551 7.26 -53.06 -84.03
C LYS A 551 8.14 -53.42 -82.82
N LYS A 552 7.65 -53.10 -81.62
CA LYS A 552 8.33 -53.41 -80.36
C LYS A 552 8.34 -54.91 -80.14
N LYS A 553 7.22 -55.54 -80.48
CA LYS A 553 6.96 -56.95 -80.22
C LYS A 553 7.82 -57.87 -81.04
N ILE A 554 7.96 -57.53 -82.33
CA ILE A 554 8.84 -58.25 -83.27
C ILE A 554 10.32 -58.10 -82.89
N GLU A 555 10.71 -56.86 -82.54
CA GLU A 555 12.07 -56.57 -82.13
C GLU A 555 12.47 -57.34 -80.90
N ALA A 556 11.55 -57.38 -79.94
CA ALA A 556 11.71 -58.11 -78.68
C ALA A 556 11.83 -59.61 -78.91
N LEU A 557 11.10 -60.10 -79.91
CA LEU A 557 11.17 -61.49 -80.34
C LEU A 557 12.46 -61.77 -81.08
N LEU A 558 13.01 -60.71 -81.68
CA LEU A 558 14.18 -60.91 -82.51
C LEU A 558 15.38 -61.28 -81.64
N VAL A 559 15.37 -60.65 -80.45
CA VAL A 559 16.43 -60.77 -79.46
C VAL A 559 16.56 -62.24 -79.16
N GLU A 560 15.38 -62.87 -79.04
CA GLU A 560 15.20 -64.26 -78.63
C GLU A 560 15.46 -65.28 -79.72
N TYR A 561 14.90 -65.02 -80.91
CA TYR A 561 15.12 -65.86 -82.10
C TYR A 561 16.57 -66.01 -82.45
N LEU A 562 17.30 -64.92 -82.22
CA LEU A 562 18.70 -64.86 -82.59
C LEU A 562 19.49 -65.75 -81.67
N HIS A 563 19.00 -65.82 -80.42
CA HIS A 563 19.58 -66.63 -79.38
C HIS A 563 19.36 -68.09 -79.70
N PHE A 564 18.13 -68.39 -80.14
CA PHE A 564 17.73 -69.74 -80.57
C PHE A 564 18.71 -70.23 -81.62
N ASN A 565 18.80 -69.48 -82.73
CA ASN A 565 19.60 -69.94 -83.81
C ASN A 565 21.06 -70.08 -83.39
N ASN A 566 21.57 -69.08 -82.66
CA ASN A 566 22.96 -69.09 -82.20
C ASN A 566 23.33 -70.40 -81.48
N VAL A 567 22.42 -70.85 -80.61
CA VAL A 567 22.66 -72.05 -79.79
C VAL A 567 22.70 -73.31 -80.69
N ILE A 568 21.73 -73.40 -81.61
CA ILE A 568 21.66 -74.52 -82.58
C ILE A 568 22.92 -74.56 -83.45
N GLY A 569 23.34 -73.39 -83.92
CA GLY A 569 24.53 -73.29 -84.75
C GLY A 569 25.73 -73.76 -83.96
N GLN A 570 25.81 -73.34 -82.70
CA GLN A 570 26.88 -73.76 -81.80
C GLN A 570 26.87 -75.26 -81.65
N LEU A 571 25.67 -75.82 -81.62
CA LEU A 571 25.47 -77.24 -81.50
C LEU A 571 25.85 -78.02 -82.76
N LYS A 572 25.55 -77.45 -83.93
CA LYS A 572 25.87 -78.09 -85.20
C LYS A 572 27.38 -78.26 -85.30
N ASN A 573 28.09 -77.33 -84.67
CA ASN A 573 29.53 -77.30 -84.73
C ASN A 573 30.28 -78.29 -83.86
N CYS A 574 29.66 -78.78 -82.78
CA CYS A 574 30.39 -79.50 -81.72
C CYS A 574 31.14 -80.77 -82.15
N SER A 575 32.33 -81.02 -81.57
CA SER A 575 33.19 -82.17 -81.89
C SER A 575 32.49 -83.51 -81.74
N THR A 576 31.76 -83.65 -80.62
CA THR A 576 31.10 -84.88 -80.16
C THR A 576 29.70 -84.58 -79.64
N LYS A 577 29.00 -85.63 -79.21
CA LYS A 577 27.70 -85.47 -78.56
C LYS A 577 27.82 -85.00 -77.11
N GLU A 578 28.90 -85.37 -76.45
CA GLU A 578 29.18 -84.91 -75.08
C GLU A 578 29.43 -83.38 -75.02
N GLU A 579 30.13 -82.88 -76.04
CA GLU A 579 30.41 -81.46 -76.25
C GLU A 579 29.12 -80.67 -76.44
N ALA A 580 28.16 -81.33 -77.09
CA ALA A 580 26.85 -80.78 -77.37
C ALA A 580 25.99 -80.83 -76.14
N ARG A 581 26.14 -81.88 -75.34
CA ARG A 581 25.33 -82.02 -74.15
C ARG A 581 25.84 -81.15 -73.01
N LEU A 582 27.12 -80.78 -73.07
CA LEU A 582 27.70 -79.73 -72.20
C LEU A 582 27.13 -78.31 -72.47
N LEU A 583 27.16 -77.91 -73.73
CA LEU A 583 26.65 -76.64 -74.23
C LEU A 583 25.16 -76.45 -73.92
N TRP A 584 24.42 -77.53 -74.07
CA TRP A 584 22.98 -77.58 -73.82
C TRP A 584 22.62 -77.46 -72.31
N ALA A 585 23.42 -78.09 -71.46
CA ALA A 585 23.32 -77.96 -70.00
C ALA A 585 23.40 -76.49 -69.52
N LYS A 586 24.21 -75.72 -70.21
CA LYS A 586 24.51 -74.37 -69.78
C LYS A 586 23.37 -73.44 -70.16
N VAL A 587 22.58 -73.83 -71.15
CA VAL A 587 21.53 -72.94 -71.60
C VAL A 587 20.27 -73.09 -70.75
N GLN A 588 19.42 -72.06 -70.78
CA GLN A 588 18.11 -72.07 -70.16
C GLN A 588 17.14 -72.79 -71.07
N LYS A 589 16.70 -73.97 -70.60
CA LYS A 589 15.78 -74.87 -71.33
C LYS A 589 14.36 -74.81 -70.74
N PHE A 590 13.35 -74.35 -71.52
CA PHE A 590 11.97 -74.12 -71.04
C PHE A 590 11.01 -75.28 -71.29
N TYR A 591 10.88 -76.18 -70.32
CA TYR A 591 9.96 -77.31 -70.43
C TYR A 591 8.52 -77.10 -69.89
N GLN A 592 7.65 -78.00 -70.36
CA GLN A 592 6.24 -78.00 -69.97
C GLN A 592 5.82 -79.36 -69.46
N LYS A 593 4.93 -79.37 -68.48
CA LYS A 593 4.40 -80.61 -67.99
C LYS A 593 3.09 -80.95 -68.72
N ASN A 594 3.21 -81.90 -69.65
CA ASN A 594 2.08 -82.59 -70.27
C ASN A 594 1.83 -83.82 -69.41
N ASP A 595 1.32 -83.56 -68.20
CA ASP A 595 1.20 -84.57 -67.16
C ASP A 595 0.12 -84.20 -66.15
N THR A 596 -0.01 -82.91 -65.84
CA THR A 596 -0.52 -82.46 -64.53
C THR A 596 -1.49 -81.29 -64.59
N LEU A 597 -2.18 -81.01 -63.46
CA LEU A 597 -3.19 -79.91 -63.24
C LEU A 597 -2.56 -78.64 -62.56
N ASP A 598 -3.30 -77.56 -62.33
CA ASP A 598 -2.70 -76.31 -61.73
C ASP A 598 -1.88 -75.54 -62.75
N ASP A 599 -2.46 -75.32 -63.91
CA ASP A 599 -1.69 -75.02 -65.12
C ASP A 599 -0.66 -73.89 -64.94
N LEU A 600 -1.03 -72.84 -64.24
CA LEU A 600 -0.05 -71.84 -63.87
C LEU A 600 1.26 -72.39 -63.25
N ASN A 601 1.29 -73.68 -62.91
CA ASN A 601 2.50 -74.32 -62.39
C ASN A 601 3.00 -75.34 -63.41
N SER A 602 2.30 -75.42 -64.53
CA SER A 602 2.60 -76.37 -65.60
C SER A 602 3.91 -76.09 -66.35
N VAL A 603 4.33 -74.82 -66.48
CA VAL A 603 5.66 -74.50 -67.07
C VAL A 603 6.79 -74.40 -66.06
N PHE A 604 7.90 -75.07 -66.42
CA PHE A 604 9.13 -75.03 -65.61
C PHE A 604 10.38 -74.83 -66.51
N ILE A 605 11.54 -74.44 -65.94
CA ILE A 605 12.72 -74.12 -66.74
C ILE A 605 13.96 -74.83 -66.18
N SER A 606 14.79 -75.41 -67.06
CA SER A 606 16.00 -76.17 -66.68
C SER A 606 17.26 -75.50 -67.13
N GLN A 607 18.29 -75.59 -66.28
CA GLN A 607 19.66 -75.00 -66.46
C GLN A 607 20.63 -75.53 -65.41
N SER A 608 21.76 -76.03 -65.89
CA SER A 608 22.77 -76.71 -65.07
C SER A 608 22.21 -77.81 -64.11
N GLY A 609 21.07 -78.39 -64.47
CA GLY A 609 20.51 -79.46 -63.66
C GLY A 609 19.38 -78.92 -62.83
N TYR A 610 19.29 -77.60 -62.75
CA TYR A 610 18.31 -76.98 -61.85
C TYR A 610 17.10 -76.50 -62.60
N LEU A 611 15.97 -76.71 -61.95
CA LEU A 611 14.68 -76.45 -62.57
C LEU A 611 13.98 -75.33 -61.80
N LEU A 612 13.14 -74.60 -62.51
CA LEU A 612 12.57 -73.39 -61.96
C LEU A 612 11.19 -73.07 -62.50
N GLN A 613 10.22 -73.03 -61.59
CA GLN A 613 8.82 -72.97 -62.05
C GLN A 613 8.50 -71.59 -62.59
N TYR A 614 8.16 -71.49 -63.89
CA TYR A 614 7.61 -70.23 -64.46
C TYR A 614 6.30 -69.86 -63.77
N LYS A 615 6.33 -68.78 -62.99
CA LYS A 615 5.14 -68.14 -62.48
C LYS A 615 4.55 -67.25 -63.60
N PHE A 616 3.24 -67.00 -63.60
CA PHE A 616 2.63 -66.49 -64.83
C PHE A 616 2.46 -64.96 -64.96
N GLU A 617 3.21 -64.21 -64.16
CA GLU A 617 2.96 -62.76 -64.05
C GLU A 617 3.12 -62.07 -65.39
N TYR A 618 2.22 -61.14 -65.73
CA TYR A 618 2.42 -60.25 -66.91
C TYR A 618 3.69 -59.42 -66.81
N ILE A 619 4.44 -59.34 -67.91
CA ILE A 619 5.70 -58.57 -67.95
C ILE A 619 5.56 -57.40 -68.94
N GLY A 620 4.52 -57.45 -69.75
CA GLY A 620 4.37 -56.55 -70.89
C GLY A 620 5.36 -56.89 -71.99
N ILE A 621 5.79 -55.88 -72.73
CA ILE A 621 6.89 -56.07 -73.67
C ILE A 621 8.12 -55.20 -73.32
N PRO A 622 8.96 -55.67 -72.36
CA PRO A 622 10.18 -54.93 -72.01
C PRO A 622 11.30 -55.12 -73.02
N GLU A 623 12.15 -54.09 -73.10
CA GLU A 623 13.33 -54.07 -73.94
C GLU A 623 14.25 -55.18 -73.50
N ARG A 624 14.42 -56.14 -74.39
CA ARG A 624 15.00 -57.43 -74.05
C ARG A 624 16.49 -57.41 -74.21
N LEU A 625 17.15 -57.89 -73.18
CA LEU A 625 18.61 -57.85 -73.06
C LEU A 625 19.23 -58.82 -74.07
N ILE A 626 20.19 -58.38 -74.85
CA ILE A 626 20.70 -59.26 -75.95
C ILE A 626 21.47 -60.44 -75.36
N TYR A 627 21.27 -61.64 -75.89
CA TYR A 627 21.84 -62.81 -75.19
C TYR A 627 23.36 -62.86 -75.33
N THR A 628 24.06 -63.00 -74.20
CA THR A 628 25.52 -63.16 -74.22
C THR A 628 25.87 -64.44 -73.47
N PRO A 629 27.05 -65.05 -73.74
CA PRO A 629 27.42 -66.23 -72.93
C PRO A 629 27.47 -65.84 -71.46
N LEU A 630 28.10 -64.69 -71.23
CA LEU A 630 28.14 -64.04 -69.94
C LEU A 630 26.73 -63.93 -69.32
N LEU A 631 25.71 -63.65 -70.14
CA LEU A 631 24.34 -63.44 -69.64
C LEU A 631 23.84 -64.74 -69.06
N LEU A 632 24.03 -65.82 -69.82
CA LEU A 632 23.56 -67.14 -69.41
C LEU A 632 24.23 -67.51 -68.15
N ILE A 633 25.51 -67.16 -68.01
CA ILE A 633 26.28 -67.51 -66.82
C ILE A 633 25.66 -66.84 -65.61
N GLY A 634 25.12 -65.65 -65.82
CA GLY A 634 24.54 -64.86 -64.73
C GLY A 634 23.26 -65.50 -64.31
N PHE A 635 22.47 -65.83 -65.32
CA PHE A 635 21.23 -66.57 -65.20
C PHE A 635 21.52 -67.92 -64.50
N ALA A 636 22.66 -68.52 -64.81
CA ALA A 636 23.07 -69.76 -64.20
C ALA A 636 23.40 -69.62 -62.72
N THR A 637 24.09 -68.54 -62.31
CA THR A 637 24.50 -68.35 -60.92
C THR A 637 23.28 -67.99 -60.11
N LEU A 638 22.41 -67.16 -60.71
CA LEU A 638 21.16 -66.84 -60.06
C LEU A 638 20.30 -68.08 -59.72
N THR A 639 20.26 -69.04 -60.62
CA THR A 639 19.41 -70.18 -60.43
C THR A 639 20.15 -71.10 -59.42
N ASP A 640 21.49 -71.09 -59.44
CA ASP A 640 22.25 -71.94 -58.49
C ASP A 640 22.05 -71.50 -57.03
N SER A 641 21.94 -70.19 -56.82
CA SER A 641 21.71 -69.61 -55.51
C SER A 641 20.31 -69.98 -55.10
N LEU A 642 19.35 -69.65 -55.93
CA LEU A 642 17.94 -69.94 -55.66
C LEU A 642 17.64 -71.41 -55.34
N HIS A 643 18.26 -72.33 -56.06
CA HIS A 643 17.99 -73.76 -55.86
C HIS A 643 18.16 -74.23 -54.40
N GLN A 644 19.13 -73.64 -53.71
CA GLN A 644 19.52 -73.98 -52.34
C GLN A 644 18.92 -72.92 -51.38
N LYS A 645 17.95 -72.16 -51.88
CA LYS A 645 17.24 -71.13 -51.08
C LYS A 645 18.14 -69.96 -50.54
N TYR A 646 19.10 -69.57 -51.37
CA TYR A 646 20.08 -68.51 -51.13
C TYR A 646 19.75 -67.31 -51.98
N GLY A 647 20.19 -66.14 -51.52
CA GLY A 647 19.96 -64.89 -52.26
C GLY A 647 21.00 -64.70 -53.33
N GLY A 648 20.58 -64.16 -54.47
CA GLY A 648 21.46 -63.88 -55.59
C GLY A 648 22.11 -62.54 -55.32
N CYS A 649 23.39 -62.44 -55.65
CA CYS A 649 24.06 -61.17 -55.47
C CYS A 649 25.22 -60.98 -56.43
N PHE A 650 25.13 -59.97 -57.30
CA PHE A 650 26.37 -59.63 -57.97
C PHE A 650 27.02 -58.27 -57.76
N PHE A 651 28.28 -58.31 -57.35
CA PHE A 651 29.19 -57.16 -57.31
C PHE A 651 29.94 -56.96 -58.61
N GLY A 652 30.43 -55.74 -58.83
CA GLY A 652 31.09 -55.34 -60.09
C GLY A 652 30.87 -53.88 -60.52
N PRO A 653 31.66 -53.39 -61.53
CA PRO A 653 31.69 -52.00 -61.96
C PRO A 653 30.34 -51.51 -62.44
N ALA A 654 30.03 -50.23 -62.25
CA ALA A 654 28.79 -49.73 -62.80
C ALA A 654 28.81 -49.78 -64.34
N GLY A 655 27.64 -50.07 -64.91
CA GLY A 655 27.50 -50.32 -66.33
C GLY A 655 27.82 -51.76 -66.72
N THR A 656 27.87 -52.67 -65.76
CA THR A 656 27.93 -54.10 -66.08
C THR A 656 26.54 -54.74 -66.06
N GLY A 657 25.51 -53.90 -65.95
CA GLY A 657 24.10 -54.33 -66.07
C GLY A 657 23.67 -55.45 -65.13
N LYS A 658 24.19 -55.44 -63.90
CA LYS A 658 23.80 -56.37 -62.86
C LYS A 658 22.29 -56.29 -62.53
N THR A 659 21.69 -55.11 -62.54
CA THR A 659 20.29 -55.14 -62.19
C THR A 659 19.48 -55.60 -63.38
N GLU A 660 19.88 -55.17 -64.59
CA GLU A 660 19.29 -55.58 -65.89
C GLU A 660 19.18 -57.09 -66.05
N THR A 661 20.30 -57.76 -65.75
CA THR A 661 20.34 -59.19 -65.54
C THR A 661 19.28 -59.70 -64.51
N VAL A 662 19.26 -59.18 -63.29
CA VAL A 662 18.25 -59.61 -62.32
C VAL A 662 16.82 -59.36 -62.79
N LYS A 663 16.63 -58.24 -63.45
CA LYS A 663 15.34 -57.93 -64.05
C LYS A 663 15.03 -58.97 -65.15
N ALA A 664 16.06 -59.26 -65.96
CA ALA A 664 15.91 -60.12 -67.14
C ALA A 664 15.68 -61.56 -66.77
N PHE A 665 16.50 -62.02 -65.83
CA PHE A 665 16.34 -63.36 -65.25
C PHE A 665 14.93 -63.60 -64.62
N GLY A 666 14.33 -62.55 -64.07
CA GLY A 666 12.95 -62.58 -63.61
C GLY A 666 11.96 -62.70 -64.75
N GLN A 667 12.04 -61.79 -65.72
CA GLN A 667 11.25 -61.84 -66.99
C GLN A 667 11.22 -63.19 -67.72
N ASN A 668 12.41 -63.75 -67.88
CA ASN A 668 12.55 -65.09 -68.42
C ASN A 668 11.75 -66.16 -67.67
N LEU A 669 11.42 -65.90 -66.41
CA LEU A 669 10.63 -66.83 -65.57
C LEU A 669 9.29 -66.22 -65.21
N GLY A 670 8.91 -65.18 -65.92
CA GLY A 670 7.58 -64.60 -65.77
C GLY A 670 7.38 -63.92 -64.44
N ARG A 671 8.30 -63.01 -64.13
CA ARG A 671 8.26 -62.18 -62.96
C ARG A 671 8.73 -60.77 -63.31
N VAL A 672 8.05 -59.82 -62.70
CA VAL A 672 8.42 -58.43 -62.75
C VAL A 672 9.12 -58.12 -61.42
N VAL A 673 10.46 -58.04 -61.45
CA VAL A 673 11.32 -57.93 -60.25
C VAL A 673 11.16 -56.53 -59.66
N VAL A 674 10.90 -56.40 -58.35
CA VAL A 674 10.89 -55.01 -57.81
C VAL A 674 12.29 -54.55 -57.49
N VAL A 675 12.63 -53.40 -58.06
CA VAL A 675 13.94 -52.84 -57.89
C VAL A 675 13.85 -51.72 -56.86
N PHE A 676 14.67 -51.80 -55.82
CA PHE A 676 14.79 -50.75 -54.83
C PHE A 676 16.03 -49.95 -55.21
N ASN A 677 15.86 -48.71 -55.68
CA ASN A 677 17.03 -47.86 -55.94
C ASN A 677 17.41 -47.29 -54.61
N CYS A 678 18.54 -47.77 -54.12
CA CYS A 678 18.86 -47.59 -52.73
C CYS A 678 19.73 -46.38 -52.54
N ASP A 679 19.32 -45.57 -51.57
CA ASP A 679 20.02 -44.36 -51.13
C ASP A 679 19.90 -43.18 -52.07
N ASP A 680 19.03 -43.31 -53.07
CA ASP A 680 18.62 -42.17 -53.86
C ASP A 680 17.60 -41.40 -53.04
N SER A 681 18.06 -40.88 -51.90
CA SER A 681 17.19 -40.23 -50.93
C SER A 681 15.96 -41.08 -50.67
N PHE A 682 16.18 -42.36 -50.41
CA PHE A 682 15.07 -43.31 -50.27
C PHE A 682 14.74 -43.58 -48.80
N ASP A 683 13.47 -43.41 -48.43
CA ASP A 683 13.01 -43.57 -47.04
C ASP A 683 13.08 -45.03 -46.61
N TYR A 684 13.46 -45.27 -45.35
CA TYR A 684 13.51 -46.65 -44.79
C TYR A 684 12.10 -47.13 -44.54
N GLN A 685 11.21 -46.19 -44.25
CA GLN A 685 9.84 -46.48 -43.94
C GLN A 685 9.12 -47.07 -45.15
N VAL A 686 9.34 -46.48 -46.33
CA VAL A 686 8.82 -47.05 -47.59
C VAL A 686 9.40 -48.44 -47.94
N LEU A 687 10.71 -48.64 -47.83
CA LEU A 687 11.33 -49.94 -48.06
C LEU A 687 10.86 -51.00 -47.10
N SER A 688 10.73 -50.65 -45.83
CA SER A 688 10.20 -51.60 -44.86
C SER A 688 8.78 -52.09 -45.22
N ARG A 689 7.97 -51.20 -45.78
CA ARG A 689 6.66 -51.55 -46.27
C ARG A 689 6.79 -52.49 -47.47
N LEU A 690 7.61 -52.07 -48.45
CA LEU A 690 7.90 -52.87 -49.67
C LEU A 690 8.41 -54.28 -49.37
N LEU A 691 9.17 -54.42 -48.28
CA LEU A 691 9.69 -55.73 -47.93
C LEU A 691 8.59 -56.63 -47.41
N VAL A 692 7.66 -56.06 -46.65
CA VAL A 692 6.52 -56.86 -46.18
C VAL A 692 5.71 -57.33 -47.39
N GLY A 693 5.46 -56.40 -48.30
CA GLY A 693 4.75 -56.65 -49.54
C GLY A 693 5.38 -57.72 -50.40
N ILE A 694 6.68 -57.74 -50.44
CA ILE A 694 7.35 -58.70 -51.28
C ILE A 694 7.28 -60.12 -50.66
N THR A 695 7.33 -60.21 -49.34
CA THR A 695 7.31 -61.50 -48.63
C THR A 695 5.91 -62.08 -48.62
N GLN A 696 4.92 -61.19 -48.75
CA GLN A 696 3.54 -61.62 -48.86
C GLN A 696 3.23 -62.02 -50.28
N ILE A 697 3.48 -61.13 -51.23
CA ILE A 697 3.20 -61.37 -52.65
C ILE A 697 4.13 -62.44 -53.29
N GLY A 698 5.21 -62.78 -52.59
CA GLY A 698 6.14 -63.80 -53.07
C GLY A 698 6.95 -63.38 -54.27
N ALA A 699 7.24 -62.08 -54.35
CA ALA A 699 7.93 -61.51 -55.50
C ALA A 699 9.48 -61.52 -55.33
N TRP A 700 10.18 -61.06 -56.36
CA TRP A 700 11.62 -60.88 -56.33
C TRP A 700 11.98 -59.42 -56.20
N GLY A 701 12.82 -59.11 -55.21
CA GLY A 701 13.26 -57.73 -54.99
C GLY A 701 14.77 -57.59 -55.11
N CYS A 702 15.19 -56.51 -55.76
CA CYS A 702 16.57 -56.36 -56.12
C CYS A 702 17.01 -55.06 -55.56
N PHE A 703 18.12 -55.08 -54.84
CA PHE A 703 18.64 -53.84 -54.27
C PHE A 703 19.69 -53.28 -55.22
N ASP A 704 19.26 -52.24 -55.94
CA ASP A 704 20.02 -51.66 -57.03
C ASP A 704 21.09 -50.75 -56.43
N GLU A 705 22.32 -51.24 -56.38
CA GLU A 705 23.43 -50.54 -55.72
C GLU A 705 23.26 -50.44 -54.20
N PHE A 706 23.11 -51.58 -53.56
CA PHE A 706 22.84 -51.71 -52.11
C PHE A 706 23.89 -50.98 -51.31
N ASN A 707 25.11 -51.00 -51.83
CA ASN A 707 26.30 -50.46 -51.18
C ASN A 707 26.08 -49.05 -50.67
N ARG A 708 25.34 -48.24 -51.42
CA ARG A 708 25.21 -46.85 -51.10
C ARG A 708 24.03 -46.68 -50.16
N LEU A 709 24.20 -47.08 -48.91
CA LEU A 709 23.18 -46.84 -47.89
C LEU A 709 23.88 -46.30 -46.66
N ASP A 710 23.20 -45.46 -45.87
CA ASP A 710 23.84 -44.87 -44.69
C ASP A 710 23.79 -45.79 -43.48
N GLU A 711 24.92 -45.89 -42.77
CA GLU A 711 25.18 -47.01 -41.87
C GLU A 711 24.04 -47.42 -40.93
N LYS A 712 23.28 -46.46 -40.40
CA LYS A 712 22.11 -46.81 -39.57
C LYS A 712 21.04 -47.51 -40.40
N VAL A 713 20.73 -46.97 -41.59
CA VAL A 713 19.80 -47.58 -42.56
C VAL A 713 20.32 -48.95 -43.03
N LEU A 714 21.54 -48.98 -43.57
CA LEU A 714 22.22 -50.23 -43.94
C LEU A 714 22.14 -51.38 -42.91
N SER A 715 22.35 -51.07 -41.63
CA SER A 715 22.24 -52.04 -40.53
C SER A 715 20.81 -52.56 -40.43
N ALA A 716 19.90 -51.60 -40.32
CA ALA A 716 18.47 -51.87 -40.20
C ALA A 716 17.89 -52.72 -41.32
N VAL A 717 18.20 -52.34 -42.56
CA VAL A 717 17.81 -53.07 -43.75
C VAL A 717 18.48 -54.46 -43.74
N SER A 718 19.81 -54.52 -43.64
CA SER A 718 20.60 -55.77 -43.64
C SER A 718 20.09 -56.81 -42.63
N ALA A 719 19.62 -56.32 -41.49
CA ALA A 719 19.07 -57.20 -40.45
C ALA A 719 17.76 -57.86 -40.92
N ASN A 720 16.89 -57.02 -41.52
CA ASN A 720 15.59 -57.37 -42.10
C ASN A 720 15.74 -58.41 -43.17
N ILE A 721 16.71 -58.18 -44.05
CA ILE A 721 16.94 -59.04 -45.19
C ILE A 721 17.33 -60.41 -44.68
N GLN A 722 18.14 -60.47 -43.63
CA GLN A 722 18.52 -61.76 -43.10
C GLN A 722 17.29 -62.56 -42.66
N GLN A 723 16.30 -61.88 -42.10
CA GLN A 723 15.06 -62.56 -41.69
C GLN A 723 14.44 -63.31 -42.85
N ILE A 724 14.23 -62.58 -43.94
CA ILE A 724 13.69 -63.09 -45.19
C ILE A 724 14.52 -64.25 -45.69
N GLN A 725 15.81 -64.02 -45.97
CA GLN A 725 16.64 -65.12 -46.46
C GLN A 725 16.80 -66.30 -45.49
N ASN A 726 16.72 -66.02 -44.18
CA ASN A 726 16.81 -67.08 -43.18
C ASN A 726 15.50 -67.79 -43.05
N GLY A 727 14.44 -67.05 -43.32
CA GLY A 727 13.09 -67.58 -43.28
C GLY A 727 12.87 -68.58 -44.39
N LEU A 728 13.39 -68.24 -45.57
CA LEU A 728 13.31 -69.13 -46.74
C LEU A 728 14.18 -70.39 -46.62
N GLN A 729 15.45 -70.20 -46.22
CA GLN A 729 16.43 -71.30 -46.02
C GLN A 729 15.88 -72.38 -45.10
N VAL A 730 15.32 -71.94 -43.97
CA VAL A 730 14.64 -72.81 -43.00
C VAL A 730 13.23 -73.17 -43.46
N GLY A 731 12.57 -72.20 -44.09
CA GLY A 731 11.19 -72.40 -44.49
C GLY A 731 10.19 -72.05 -43.41
N LYS A 732 10.65 -71.33 -42.39
CA LYS A 732 9.74 -70.74 -41.40
C LYS A 732 8.46 -70.14 -42.04
N SER A 733 7.30 -70.58 -41.55
CA SER A 733 5.99 -70.24 -42.13
C SER A 733 5.72 -68.76 -42.01
N HIS A 734 5.87 -68.27 -40.79
CA HIS A 734 5.82 -66.86 -40.50
C HIS A 734 7.19 -66.46 -39.98
N ILE A 735 7.68 -65.34 -40.48
CA ILE A 735 8.92 -64.76 -39.99
C ILE A 735 8.63 -63.42 -39.40
N THR A 736 9.36 -63.06 -38.36
CA THR A 736 9.12 -61.77 -37.78
C THR A 736 10.18 -60.75 -38.22
N LEU A 737 9.64 -59.67 -38.78
CA LEU A 737 10.39 -58.51 -39.23
C LEU A 737 9.52 -57.29 -39.01
N LEU A 738 10.17 -56.15 -38.74
CA LEU A 738 9.49 -54.89 -38.44
C LEU A 738 8.50 -55.07 -37.27
N GLU A 739 8.97 -55.78 -36.24
CA GLU A 739 8.24 -56.11 -34.99
C GLU A 739 6.76 -56.54 -35.15
N GLU A 740 6.52 -57.43 -36.12
CA GLU A 740 5.21 -58.00 -36.40
C GLU A 740 5.39 -59.39 -37.03
N GLU A 741 4.43 -60.25 -36.74
CA GLU A 741 4.33 -61.59 -37.32
C GLU A 741 3.68 -61.52 -38.69
N THR A 742 4.50 -61.56 -39.72
CA THR A 742 4.00 -61.57 -41.08
C THR A 742 4.37 -62.90 -41.77
N PRO A 743 3.48 -63.41 -42.64
CA PRO A 743 3.79 -64.68 -43.28
C PRO A 743 4.78 -64.53 -44.42
N LEU A 744 5.46 -65.63 -44.74
CA LEU A 744 6.43 -65.64 -45.80
C LEU A 744 6.05 -66.59 -46.92
N SER A 745 5.85 -66.05 -48.13
CA SER A 745 5.74 -66.88 -49.35
C SER A 745 7.09 -67.41 -49.67
N PRO A 746 7.17 -68.63 -50.20
CA PRO A 746 8.48 -69.22 -50.39
C PRO A 746 8.97 -68.92 -51.76
N HIS A 747 8.09 -68.33 -52.58
CA HIS A 747 8.48 -67.89 -53.90
C HIS A 747 9.36 -66.60 -53.84
N THR A 748 9.33 -65.92 -52.69
CA THR A 748 10.20 -64.77 -52.33
C THR A 748 11.71 -64.99 -52.58
N ALA A 749 12.39 -63.92 -52.99
CA ALA A 749 13.82 -63.86 -53.10
C ALA A 749 14.30 -62.39 -53.06
N VAL A 750 15.49 -62.20 -52.50
CA VAL A 750 16.10 -60.89 -52.45
C VAL A 750 17.41 -60.91 -53.25
N PHE A 751 17.59 -59.91 -54.10
CA PHE A 751 18.82 -59.77 -54.88
C PHE A 751 19.59 -58.51 -54.57
N ILE A 752 20.91 -58.61 -54.48
CA ILE A 752 21.71 -57.43 -54.12
C ILE A 752 22.76 -57.16 -55.20
N THR A 753 22.72 -55.95 -55.79
CA THR A 753 23.79 -55.55 -56.73
C THR A 753 24.74 -54.65 -55.96
N LEU A 754 26.04 -54.89 -56.11
CA LEU A 754 27.05 -54.17 -55.36
C LEU A 754 28.09 -53.51 -56.26
N ASN A 755 27.80 -52.26 -56.62
CA ASN A 755 28.76 -51.36 -57.23
C ASN A 755 29.96 -51.11 -56.33
N PRO A 756 31.14 -50.90 -56.94
CA PRO A 756 32.29 -50.79 -56.06
C PRO A 756 32.45 -49.37 -55.45
N GLY A 757 33.12 -49.27 -54.31
CA GLY A 757 33.39 -47.97 -53.70
C GLY A 757 34.65 -47.32 -54.28
N TYR A 758 35.10 -46.22 -53.66
CA TYR A 758 36.42 -45.62 -54.00
C TYR A 758 37.51 -46.55 -53.49
N ASN A 759 37.17 -47.28 -52.42
CA ASN A 759 38.02 -48.25 -51.69
C ASN A 759 38.34 -49.47 -52.54
N GLY A 760 37.30 -50.05 -53.12
CA GLY A 760 37.39 -51.32 -53.83
C GLY A 760 36.02 -51.90 -54.08
N ARG A 761 36.01 -53.15 -54.53
CA ARG A 761 34.79 -53.84 -54.92
C ARG A 761 33.98 -54.16 -53.68
N SER A 762 32.74 -53.70 -53.62
CA SER A 762 31.95 -53.67 -52.37
C SER A 762 31.67 -55.02 -51.70
N GLU A 763 31.24 -54.92 -50.45
CA GLU A 763 31.00 -56.11 -49.67
C GLU A 763 29.59 -56.19 -49.13
N LEU A 764 29.10 -57.41 -48.94
CA LEU A 764 27.86 -57.60 -48.20
C LEU A 764 28.21 -57.50 -46.74
N PRO A 765 27.27 -57.00 -45.91
CA PRO A 765 27.49 -57.07 -44.45
C PRO A 765 27.73 -58.52 -44.00
N GLU A 766 28.41 -58.75 -42.88
CA GLU A 766 28.80 -60.10 -42.45
C GLU A 766 27.63 -61.10 -42.42
N ASN A 767 26.49 -60.66 -41.90
CA ASN A 767 25.36 -61.54 -41.67
C ASN A 767 24.82 -62.09 -42.99
N LEU A 768 24.86 -61.22 -44.00
CA LEU A 768 24.44 -61.55 -45.36
C LEU A 768 25.40 -62.49 -46.13
N LYS A 769 26.64 -62.63 -45.67
CA LYS A 769 27.65 -63.42 -46.36
C LYS A 769 27.28 -64.91 -46.37
N LYS A 770 26.68 -65.40 -45.29
CA LYS A 770 26.23 -66.79 -45.25
C LYS A 770 24.76 -66.92 -45.60
N SER A 771 24.21 -65.92 -46.30
CA SER A 771 22.78 -65.90 -46.64
C SER A 771 22.62 -65.68 -48.14
N PHE A 772 23.71 -65.19 -48.75
CA PHE A 772 23.76 -64.84 -50.17
C PHE A 772 24.91 -65.55 -50.89
N ARG A 773 24.89 -65.54 -52.23
CA ARG A 773 26.06 -65.96 -53.02
C ARG A 773 26.54 -64.87 -53.97
N GLU A 774 27.76 -64.42 -53.74
CA GLU A 774 28.24 -63.25 -54.46
C GLU A 774 28.82 -63.69 -55.81
N PHE A 775 28.55 -62.91 -56.86
CA PHE A 775 29.13 -63.15 -58.20
C PHE A 775 29.84 -61.91 -58.83
N SER A 776 30.90 -62.11 -59.60
CA SER A 776 31.63 -60.95 -60.21
C SER A 776 31.26 -60.72 -61.67
N MET A 777 30.43 -59.71 -61.90
CA MET A 777 30.01 -59.33 -63.24
C MET A 777 31.18 -58.69 -64.00
N LYS A 778 31.25 -58.96 -65.29
CA LYS A 778 32.40 -58.56 -66.12
C LYS A 778 31.80 -58.09 -67.45
N SER A 779 32.40 -57.08 -68.08
CA SER A 779 31.91 -56.65 -69.39
C SER A 779 31.95 -57.81 -70.41
N PRO A 780 30.94 -57.90 -71.31
CA PRO A 780 30.91 -59.02 -72.25
C PRO A 780 32.05 -58.93 -73.22
N GLN A 781 32.75 -60.04 -73.45
CA GLN A 781 33.72 -60.13 -74.53
C GLN A 781 32.89 -59.73 -75.74
N SER A 782 33.38 -58.77 -76.51
CA SER A 782 32.46 -58.02 -77.35
C SER A 782 31.99 -58.79 -78.58
N GLY A 783 32.86 -59.64 -79.10
CA GLY A 783 32.59 -60.31 -80.37
C GLY A 783 31.17 -60.79 -80.51
N THR A 784 30.66 -61.41 -79.45
CA THR A 784 29.35 -62.03 -79.47
C THR A 784 28.23 -61.01 -79.65
N ILE A 785 28.35 -59.85 -79.00
CA ILE A 785 27.30 -58.83 -79.07
C ILE A 785 27.27 -58.23 -80.48
N ALA A 786 28.47 -57.95 -81.01
CA ALA A 786 28.68 -57.42 -82.37
C ALA A 786 28.05 -58.25 -83.47
N GLU A 787 28.20 -59.57 -83.37
CA GLU A 787 27.69 -60.48 -84.39
C GLU A 787 26.20 -60.38 -84.50
N MET A 788 25.53 -60.34 -83.35
CA MET A 788 24.09 -60.28 -83.28
C MET A 788 23.58 -58.97 -83.92
N ILE A 789 24.28 -57.89 -83.59
CA ILE A 789 23.86 -56.56 -83.98
C ILE A 789 23.99 -56.47 -85.47
N LEU A 790 25.03 -57.10 -86.00
CA LEU A 790 25.19 -57.16 -87.44
C LEU A 790 24.10 -57.99 -88.08
N GLN A 791 23.67 -59.04 -87.39
CA GLN A 791 22.60 -59.89 -87.87
C GLN A 791 21.30 -59.09 -88.02
N ILE A 792 20.98 -58.28 -87.01
CA ILE A 792 19.69 -57.60 -86.95
C ILE A 792 19.54 -56.57 -88.07
N MET A 793 20.65 -55.93 -88.44
CA MET A 793 20.62 -54.84 -89.41
C MET A 793 20.24 -55.34 -90.79
N GLY A 794 20.67 -56.56 -91.10
CA GLY A 794 20.57 -57.08 -92.45
C GLY A 794 21.97 -57.53 -92.70
N PHE A 795 22.20 -58.80 -92.44
CA PHE A 795 23.52 -59.34 -92.13
C PHE A 795 24.57 -59.28 -93.20
N GLU A 796 24.23 -59.65 -94.42
CA GLU A 796 25.27 -60.08 -95.33
C GLU A 796 25.99 -61.18 -94.55
N ASP A 797 27.31 -61.06 -94.34
CA ASP A 797 28.03 -62.07 -93.55
C ASP A 797 28.30 -61.55 -92.16
N SER A 798 27.49 -61.93 -91.16
CA SER A 798 27.57 -61.25 -89.85
C SER A 798 28.77 -61.78 -89.05
N LYS A 799 29.02 -63.05 -89.26
CA LYS A 799 30.06 -63.78 -88.56
C LYS A 799 31.49 -63.25 -88.84
N SER A 800 31.79 -63.00 -90.13
CA SER A 800 33.07 -62.46 -90.60
C SER A 800 33.31 -61.07 -90.05
N LEU A 801 32.28 -60.25 -90.12
CA LEU A 801 32.36 -58.85 -89.74
C LEU A 801 32.64 -58.69 -88.27
N ALA A 802 31.91 -59.45 -87.48
CA ALA A 802 32.00 -59.32 -86.06
C ALA A 802 33.42 -59.66 -85.57
N SER A 803 34.02 -60.69 -86.17
CA SER A 803 35.35 -61.14 -85.77
C SER A 803 36.38 -60.15 -86.21
N LYS A 804 36.22 -59.71 -87.46
CA LYS A 804 37.17 -58.80 -88.07
C LYS A 804 37.16 -57.42 -87.38
N ILE A 805 35.96 -56.87 -87.19
CA ILE A 805 35.81 -55.61 -86.50
C ILE A 805 36.49 -55.61 -85.12
N VAL A 806 36.23 -56.64 -84.33
CA VAL A 806 36.78 -56.73 -82.99
C VAL A 806 38.30 -56.86 -83.04
N HIS A 807 38.82 -57.69 -83.95
CA HIS A 807 40.27 -57.89 -84.08
C HIS A 807 40.91 -56.55 -84.38
N PHE A 808 40.31 -55.81 -85.29
CA PHE A 808 40.81 -54.49 -85.64
C PHE A 808 40.81 -53.51 -84.44
N LEU A 809 39.70 -53.42 -83.73
CA LEU A 809 39.60 -52.58 -82.56
C LEU A 809 40.61 -53.02 -81.50
N GLU A 810 40.77 -54.34 -81.37
CA GLU A 810 41.69 -54.96 -80.40
C GLU A 810 43.11 -54.60 -80.79
N LEU A 811 43.30 -54.56 -82.11
CA LEU A 811 44.60 -54.38 -82.71
C LEU A 811 45.01 -52.94 -82.58
N LEU A 812 44.11 -52.01 -82.92
CA LEU A 812 44.33 -50.57 -82.70
C LEU A 812 44.80 -50.33 -81.27
N SER A 813 44.10 -50.90 -80.30
CA SER A 813 44.45 -50.79 -78.90
C SER A 813 45.90 -51.19 -78.62
N SER A 814 46.38 -52.30 -79.18
CA SER A 814 47.76 -52.69 -78.92
C SER A 814 48.77 -52.03 -79.86
N LYS A 815 48.29 -51.47 -80.97
CA LYS A 815 49.15 -50.80 -81.95
C LYS A 815 49.25 -49.28 -81.81
N CYS A 816 48.13 -48.61 -81.54
CA CYS A 816 48.16 -47.15 -81.32
C CYS A 816 48.83 -46.74 -80.02
N SER A 817 49.19 -45.46 -79.96
CA SER A 817 49.74 -44.84 -78.75
C SER A 817 48.67 -44.77 -77.69
N SER A 818 49.10 -44.92 -76.43
CA SER A 818 48.16 -44.82 -75.31
C SER A 818 47.81 -43.35 -75.13
N MET A 819 46.67 -42.97 -75.69
CA MET A 819 46.22 -41.60 -75.69
C MET A 819 44.98 -41.49 -74.82
N ASN A 820 44.82 -40.36 -74.13
CA ASN A 820 43.83 -40.18 -73.05
C ASN A 820 42.42 -40.56 -73.46
N HIS A 821 42.03 -40.09 -74.64
CA HIS A 821 40.62 -40.07 -75.00
C HIS A 821 40.27 -41.22 -75.92
N TYR A 822 41.27 -42.03 -76.25
CA TYR A 822 41.10 -43.20 -77.11
C TYR A 822 40.33 -44.31 -76.41
N HIS A 823 39.18 -44.72 -76.93
CA HIS A 823 38.46 -45.89 -76.40
C HIS A 823 38.12 -46.86 -77.53
N PHE A 824 38.56 -48.10 -77.40
CA PHE A 824 38.46 -49.10 -78.45
C PHE A 824 37.66 -50.32 -77.96
N GLY A 825 36.95 -50.14 -76.85
CA GLY A 825 36.13 -51.18 -76.29
C GLY A 825 34.79 -51.22 -76.99
N LEU A 826 33.86 -51.96 -76.40
CA LEU A 826 32.60 -52.32 -77.07
C LEU A 826 31.72 -51.12 -77.32
N ARG A 827 31.78 -50.14 -76.41
CA ARG A 827 30.88 -49.01 -76.49
C ARG A 827 31.14 -48.37 -77.83
N THR A 828 32.42 -48.35 -78.12
CA THR A 828 32.97 -47.86 -79.36
C THR A 828 32.43 -48.67 -80.55
N LEU A 829 32.50 -49.99 -80.50
CA LEU A 829 31.94 -50.79 -81.58
C LEU A 829 30.41 -50.73 -81.70
N LYS A 830 29.73 -50.56 -80.57
CA LYS A 830 28.30 -50.41 -80.62
C LYS A 830 27.96 -49.11 -81.32
N GLY A 831 28.85 -48.12 -81.13
CA GLY A 831 28.74 -46.83 -81.78
C GLY A 831 28.99 -46.90 -83.29
N VAL A 832 30.01 -47.70 -83.68
CA VAL A 832 30.35 -47.94 -85.09
C VAL A 832 29.12 -48.55 -85.74
N LEU A 833 28.51 -49.49 -85.00
CA LEU A 833 27.33 -50.22 -85.45
C LEU A 833 26.08 -49.36 -85.46
N ARG A 834 25.96 -48.46 -84.48
CA ARG A 834 24.85 -47.49 -84.47
C ARG A 834 24.93 -46.49 -85.63
N ASN A 835 26.14 -45.98 -85.88
CA ASN A 835 26.49 -45.13 -87.04
C ASN A 835 26.27 -45.84 -88.38
N CYS A 836 26.25 -47.16 -88.32
CA CYS A 836 26.19 -48.00 -89.48
C CYS A 836 24.86 -47.99 -90.21
N SER A 837 23.77 -47.93 -89.43
CA SER A 837 22.39 -48.07 -89.92
C SER A 837 22.01 -47.10 -91.05
N PRO A 838 22.27 -45.80 -90.85
CA PRO A 838 22.02 -44.87 -91.95
C PRO A 838 22.96 -45.16 -93.12
N LEU A 839 24.20 -45.54 -92.79
CA LEU A 839 25.24 -45.79 -93.79
C LEU A 839 24.90 -46.97 -94.67
N ILE A 840 24.18 -47.94 -94.11
CA ILE A 840 23.72 -49.12 -94.86
C ILE A 840 22.76 -48.62 -95.92
N SER A 841 21.90 -47.68 -95.51
CA SER A 841 20.94 -47.06 -96.43
C SER A 841 21.63 -46.48 -97.65
N GLU A 842 22.82 -45.94 -97.44
CA GLU A 842 23.59 -45.36 -98.52
C GLU A 842 24.15 -46.43 -99.45
N PHE A 843 24.68 -47.51 -98.86
CA PHE A 843 25.55 -48.46 -99.57
C PHE A 843 25.08 -49.91 -99.57
N GLY A 844 25.54 -50.69 -98.61
CA GLY A 844 25.12 -52.09 -98.51
C GLY A 844 25.08 -52.59 -97.09
N GLU A 845 24.38 -53.68 -96.84
CA GLU A 845 24.61 -54.41 -95.59
C GLU A 845 25.84 -55.26 -95.82
N GLY A 846 26.98 -54.59 -95.99
CA GLY A 846 28.22 -55.28 -96.36
C GLY A 846 29.35 -54.84 -95.46
N GLU A 847 30.52 -55.44 -95.66
CA GLU A 847 31.71 -55.00 -94.92
C GLU A 847 32.06 -53.57 -95.26
N LYS A 848 31.88 -53.21 -96.53
CA LYS A 848 32.20 -51.90 -96.99
C LYS A 848 31.50 -50.85 -96.15
N THR A 849 30.23 -51.09 -95.77
CA THR A 849 29.50 -50.13 -94.94
C THR A 849 30.06 -50.05 -93.54
N VAL A 850 30.56 -51.19 -93.06
CA VAL A 850 31.35 -51.28 -91.83
C VAL A 850 32.63 -50.42 -91.93
N VAL A 851 33.40 -50.63 -93.01
CA VAL A 851 34.67 -49.92 -93.23
C VAL A 851 34.50 -48.41 -93.26
N GLU A 852 33.48 -47.94 -93.96
CA GLU A 852 33.19 -46.52 -93.93
C GLU A 852 32.78 -46.01 -92.54
N SER A 853 31.97 -46.79 -91.83
CA SER A 853 31.61 -46.37 -90.49
C SER A 853 32.79 -46.39 -89.54
N LEU A 854 33.74 -47.28 -89.78
CA LEU A 854 34.95 -47.29 -88.97
C LEU A 854 35.73 -45.98 -89.08
N LYS A 855 35.91 -45.54 -90.31
CA LYS A 855 36.65 -44.33 -90.50
C LYS A 855 35.79 -43.11 -90.22
N ARG A 856 34.48 -43.30 -90.16
CA ARG A 856 33.62 -42.19 -89.78
C ARG A 856 33.71 -41.83 -88.30
N VAL A 857 33.90 -42.84 -87.47
CA VAL A 857 33.99 -42.65 -86.02
C VAL A 857 35.42 -42.71 -85.49
N ILE A 858 36.15 -43.74 -85.88
CA ILE A 858 37.49 -43.98 -85.31
C ILE A 858 38.49 -42.89 -85.71
N LEU A 859 38.39 -42.47 -86.95
CA LEU A 859 39.40 -41.59 -87.50
C LEU A 859 39.33 -40.17 -87.03
N PRO A 860 38.12 -39.60 -86.86
CA PRO A 860 38.07 -38.18 -86.52
C PRO A 860 38.63 -37.88 -85.13
N SER A 861 38.83 -38.93 -84.34
CA SER A 861 39.43 -38.80 -83.03
C SER A 861 40.88 -39.22 -82.95
N LEU A 862 41.42 -39.69 -84.06
CA LEU A 862 42.81 -40.08 -84.06
C LEU A 862 43.77 -38.92 -84.42
N GLY A 863 44.98 -39.02 -83.85
CA GLY A 863 46.06 -38.04 -84.03
C GLY A 863 47.17 -38.59 -84.89
N ASP A 864 47.84 -37.71 -85.61
CA ASP A 864 48.51 -38.07 -86.86
C ASP A 864 49.30 -39.37 -86.86
N THR A 865 50.04 -39.69 -85.80
CA THR A 865 50.79 -40.96 -85.84
C THR A 865 49.85 -42.13 -85.89
N ASP A 866 48.83 -42.11 -85.05
CA ASP A 866 47.82 -43.15 -85.01
C ASP A 866 46.85 -43.10 -86.19
N GLU A 867 46.84 -41.98 -86.90
CA GLU A 867 46.00 -41.84 -88.10
C GLU A 867 46.40 -42.80 -89.22
N LEU A 868 47.67 -43.17 -89.28
CA LEU A 868 48.07 -44.18 -90.22
C LEU A 868 47.88 -45.56 -89.63
N VAL A 869 48.18 -45.76 -88.34
CA VAL A 869 47.98 -47.09 -87.74
C VAL A 869 46.58 -47.59 -88.06
N PHE A 870 45.61 -46.69 -88.04
CA PHE A 870 44.27 -47.04 -88.46
C PHE A 870 44.20 -47.44 -89.93
N LYS A 871 44.83 -46.65 -90.79
CA LYS A 871 44.81 -46.92 -92.24
C LYS A 871 45.57 -48.21 -92.56
N ASP A 872 46.70 -48.42 -91.88
CA ASP A 872 47.57 -49.58 -92.07
C ASP A 872 46.88 -50.88 -91.73
N GLU A 873 46.24 -50.90 -90.57
CA GLU A 873 45.60 -52.12 -90.08
C GLU A 873 44.18 -52.28 -90.60
N LEU A 874 43.50 -51.23 -91.03
CA LEU A 874 42.14 -51.38 -91.53
C LEU A 874 42.18 -52.07 -92.85
N SER A 875 43.07 -51.61 -93.73
CA SER A 875 43.25 -52.21 -95.04
C SER A 875 43.95 -53.56 -94.95
N LYS A 876 44.87 -53.73 -93.98
CA LYS A 876 45.44 -55.06 -93.61
C LYS A 876 44.38 -56.12 -93.26
N ILE A 877 43.36 -55.74 -92.49
CA ILE A 877 42.39 -56.71 -91.93
C ILE A 877 41.22 -56.83 -92.89
N PHE A 878 40.72 -55.72 -93.42
CA PHE A 878 39.73 -55.79 -94.51
C PHE A 878 39.70 -54.67 -95.52
N ASP A 879 39.76 -55.02 -96.81
CA ASP A 879 39.71 -53.99 -97.85
C ASP A 879 38.37 -53.99 -98.59
N SER A 880 37.75 -52.81 -98.68
CA SER A 880 36.40 -52.71 -99.21
C SER A 880 36.26 -52.01 -100.55
N ALA A 881 36.83 -50.81 -100.71
CA ALA A 881 36.45 -49.95 -101.84
C ALA A 881 37.49 -48.98 -102.36
N GLY A 882 37.22 -48.44 -103.54
CA GLY A 882 38.08 -47.44 -104.15
C GLY A 882 37.57 -46.03 -103.97
N THR A 883 36.26 -45.82 -104.16
CA THR A 883 35.71 -44.47 -104.33
C THR A 883 34.58 -44.09 -103.37
N PRO A 884 34.54 -42.80 -103.02
CA PRO A 884 33.53 -42.15 -102.21
C PRO A 884 32.57 -41.25 -103.00
N LEU A 885 31.27 -41.46 -102.75
CA LEU A 885 30.18 -40.60 -103.22
C LEU A 885 30.09 -39.34 -102.33
N ASN A 886 29.35 -38.31 -102.74
CA ASN A 886 29.30 -37.00 -102.03
C ASN A 886 30.68 -36.41 -101.97
N SER A 887 31.39 -36.63 -103.09
CA SER A 887 32.77 -36.25 -103.26
C SER A 887 32.90 -34.84 -103.84
N LYS A 888 32.16 -34.55 -104.93
CA LYS A 888 32.15 -33.20 -105.53
C LYS A 888 31.20 -32.31 -104.76
N ALA A 889 30.06 -32.88 -104.42
CA ALA A 889 28.87 -32.15 -104.02
C ALA A 889 29.05 -31.26 -102.78
N ILE A 890 29.54 -31.88 -101.71
CA ILE A 890 29.71 -31.19 -100.43
C ILE A 890 30.88 -30.22 -100.57
N VAL A 891 31.89 -30.65 -101.32
CA VAL A 891 33.17 -29.96 -101.38
C VAL A 891 33.07 -28.55 -102.00
N GLN A 892 32.28 -28.41 -103.06
CA GLN A 892 32.11 -27.11 -103.67
C GLN A 892 31.19 -26.26 -102.82
N CYS A 893 30.37 -26.89 -102.01
CA CYS A 893 29.56 -26.15 -101.06
C CYS A 893 30.41 -25.76 -99.84
N LEU A 894 31.52 -26.46 -99.63
CA LEU A 894 32.51 -26.07 -98.59
C LEU A 894 33.49 -24.99 -99.04
N LYS A 895 33.95 -25.07 -100.29
CA LYS A 895 34.90 -24.09 -100.81
C LYS A 895 34.20 -22.73 -100.97
N ASP A 896 32.97 -22.73 -101.48
CA ASP A 896 32.18 -21.50 -101.66
C ASP A 896 31.81 -20.85 -100.32
N ALA A 897 31.77 -21.65 -99.25
CA ALA A 897 31.50 -21.13 -97.90
C ALA A 897 32.71 -20.41 -97.29
N GLY A 898 33.88 -21.01 -97.44
CA GLY A 898 35.12 -20.41 -96.98
C GLY A 898 35.62 -19.20 -97.75
N GLN A 899 35.43 -19.19 -99.08
CA GLN A 899 35.72 -18.03 -99.94
C GLN A 899 35.00 -16.80 -99.40
N ARG A 900 33.75 -17.03 -99.02
CA ARG A 900 32.88 -16.04 -98.42
C ARG A 900 33.29 -15.70 -97.00
N SER A 901 33.74 -16.70 -96.23
CA SER A 901 34.19 -16.50 -94.83
C SER A 901 35.55 -15.83 -94.71
N GLY A 902 36.37 -15.91 -95.75
CA GLY A 902 37.75 -15.43 -95.66
C GLY A 902 38.82 -16.52 -95.63
N PHE A 903 38.38 -17.76 -95.38
CA PHE A 903 39.27 -18.88 -95.11
C PHE A 903 39.96 -19.51 -96.33
N SER A 904 41.00 -20.32 -96.10
CA SER A 904 41.79 -21.01 -97.15
C SER A 904 41.54 -22.51 -97.11
N MET A 905 41.30 -23.18 -98.25
CA MET A 905 40.98 -24.65 -98.26
C MET A 905 42.20 -25.51 -98.26
N SER A 906 42.65 -25.86 -97.06
CA SER A 906 43.93 -26.56 -96.88
C SER A 906 43.70 -28.05 -96.85
N GLU A 907 44.76 -28.82 -97.00
CA GLU A 907 44.63 -30.26 -96.88
C GLU A 907 43.82 -30.60 -95.65
N GLU A 908 44.34 -30.08 -94.53
CA GLU A 908 43.83 -30.32 -93.20
C GLU A 908 42.47 -29.69 -92.95
N PHE A 909 42.28 -28.44 -93.39
CA PHE A 909 41.01 -27.75 -93.14
C PHE A 909 39.85 -28.45 -93.83
N LEU A 910 40.10 -28.92 -95.04
CA LEU A 910 39.11 -29.64 -95.79
C LEU A 910 38.76 -30.90 -95.06
N LYS A 911 39.80 -31.59 -94.58
CA LYS A 911 39.69 -32.88 -93.93
C LYS A 911 38.80 -32.76 -92.71
N LYS A 912 39.18 -31.90 -91.79
CA LYS A 912 38.44 -31.80 -90.56
C LYS A 912 37.06 -31.18 -90.81
N CYS A 913 36.87 -30.53 -91.95
CA CYS A 913 35.56 -30.03 -92.33
C CYS A 913 34.69 -31.15 -92.85
N MET A 914 35.34 -32.11 -93.52
CA MET A 914 34.65 -33.29 -94.08
C MET A 914 34.27 -34.23 -92.99
N GLN A 915 35.23 -34.56 -92.13
CA GLN A 915 35.02 -35.41 -90.95
C GLN A 915 33.81 -34.95 -90.13
N PHE A 916 33.77 -33.66 -89.86
CA PHE A 916 32.64 -33.05 -89.22
C PHE A 916 31.36 -33.19 -90.01
N TYR A 917 31.34 -32.80 -91.30
CA TYR A 917 30.09 -32.85 -92.12
C TYR A 917 29.35 -34.17 -92.06
N TYR A 918 30.14 -35.23 -92.25
CA TYR A 918 29.69 -36.59 -92.24
C TYR A 918 29.26 -37.04 -90.82
N MET A 919 29.83 -36.49 -89.77
CA MET A 919 29.38 -36.79 -88.41
C MET A 919 28.09 -36.14 -87.95
N GLN A 920 27.81 -34.88 -88.32
CA GLN A 920 26.55 -34.25 -87.88
C GLN A 920 25.39 -35.10 -88.36
N LYS A 921 25.57 -35.67 -89.56
CA LYS A 921 24.59 -36.53 -90.21
C LYS A 921 24.06 -37.63 -89.28
N THR A 922 24.98 -38.39 -88.69
CA THR A 922 24.72 -39.42 -87.68
C THR A 922 24.52 -38.91 -86.26
N GLN A 923 25.54 -38.22 -85.75
CA GLN A 923 25.60 -37.71 -84.38
C GLN A 923 24.94 -36.35 -84.14
N GLN A 924 24.34 -36.26 -82.97
CA GLN A 924 23.56 -35.09 -82.60
C GLN A 924 24.38 -34.33 -81.60
N ALA A 925 25.20 -35.03 -80.81
CA ALA A 925 26.18 -34.40 -79.92
C ALA A 925 27.60 -34.56 -80.49
N LEU A 926 28.26 -33.43 -80.76
CA LEU A 926 29.61 -33.39 -81.35
C LEU A 926 30.61 -32.73 -80.42
N ILE A 927 31.81 -33.32 -80.33
CA ILE A 927 32.93 -32.77 -79.55
C ILE A 927 34.05 -32.29 -80.51
N LEU A 928 34.60 -31.10 -80.27
CA LEU A 928 35.77 -30.61 -81.01
C LEU A 928 36.90 -30.23 -80.05
N VAL A 929 37.94 -31.04 -80.08
CA VAL A 929 39.08 -30.86 -79.23
C VAL A 929 40.32 -30.39 -80.03
N GLY A 930 41.05 -29.43 -79.48
CA GLY A 930 42.22 -28.87 -80.16
C GLY A 930 43.00 -27.89 -79.31
N LYS A 931 44.17 -27.49 -79.79
CA LYS A 931 44.96 -26.42 -79.19
C LYS A 931 44.21 -25.10 -79.40
N ALA A 932 44.33 -24.15 -78.49
CA ALA A 932 43.67 -22.84 -78.68
C ALA A 932 44.19 -22.16 -79.95
N GLY A 933 43.28 -21.90 -80.88
CA GLY A 933 43.64 -21.45 -82.23
C GLY A 933 43.92 -22.59 -83.21
N CYS A 934 43.15 -23.66 -83.11
CA CYS A 934 43.24 -24.79 -84.02
C CYS A 934 42.56 -24.45 -85.33
N GLY A 935 41.36 -23.93 -85.19
CA GLY A 935 40.47 -23.62 -86.31
C GLY A 935 39.05 -24.20 -86.14
N LYS A 936 38.78 -24.74 -84.96
CA LYS A 936 37.51 -25.37 -84.61
C LYS A 936 36.27 -24.49 -84.78
N THR A 937 36.30 -23.25 -84.33
CA THR A 937 35.18 -22.37 -84.57
C THR A 937 35.05 -22.12 -86.07
N ALA A 938 36.17 -22.11 -86.76
CA ALA A 938 36.17 -21.93 -88.21
C ALA A 938 35.74 -23.16 -89.00
N THR A 939 36.15 -24.37 -88.58
CA THR A 939 35.61 -25.62 -89.14
C THR A 939 34.09 -25.71 -89.03
N TRP A 940 33.57 -25.69 -87.82
CA TRP A 940 32.16 -25.88 -87.70
C TRP A 940 31.38 -24.71 -88.28
N LYS A 941 31.81 -23.50 -88.01
CA LYS A 941 31.16 -22.33 -88.61
C LYS A 941 31.20 -22.35 -90.15
N THR A 942 32.23 -22.98 -90.70
CA THR A 942 32.38 -23.13 -92.13
C THR A 942 31.52 -24.25 -92.72
N VAL A 943 31.44 -25.40 -92.03
CA VAL A 943 30.60 -26.53 -92.47
C VAL A 943 29.09 -26.21 -92.39
N ILE A 944 28.68 -25.71 -91.23
CA ILE A 944 27.30 -25.29 -90.99
C ILE A 944 26.82 -24.35 -92.10
N ASP A 945 27.73 -23.50 -92.53
CA ASP A 945 27.48 -22.51 -93.55
C ASP A 945 27.32 -23.16 -94.92
N ALA A 946 28.03 -24.26 -95.12
CA ALA A 946 28.06 -25.02 -96.39
C ALA A 946 26.79 -25.83 -96.58
N MET A 947 26.14 -26.15 -95.46
CA MET A 947 24.91 -26.94 -95.43
C MET A 947 23.71 -26.10 -95.84
N ALA A 948 23.72 -24.81 -95.54
CA ALA A 948 22.65 -23.90 -95.96
C ALA A 948 22.69 -23.61 -97.47
N ILE A 949 23.83 -23.94 -98.11
CA ILE A 949 24.06 -23.79 -99.56
C ILE A 949 23.62 -25.06 -100.28
N PHE A 950 23.97 -26.20 -99.69
CA PHE A 950 23.66 -27.53 -100.23
C PHE A 950 22.24 -28.08 -99.98
N ASP A 951 21.73 -27.99 -98.75
CA ASP A 951 20.34 -28.36 -98.43
C ASP A 951 19.33 -27.25 -98.73
N GLY A 952 19.67 -26.02 -98.35
CA GLY A 952 18.73 -24.90 -98.41
C GLY A 952 18.09 -24.71 -97.05
N HIS A 953 18.62 -25.40 -96.04
CA HIS A 953 18.10 -25.30 -94.69
C HIS A 953 18.86 -24.24 -93.94
N ALA A 954 18.13 -23.35 -93.29
CA ALA A 954 18.71 -22.36 -92.40
C ALA A 954 19.25 -23.02 -91.13
N ASN A 955 20.22 -22.36 -90.48
CA ASN A 955 20.78 -22.80 -89.21
C ASN A 955 20.55 -21.70 -88.21
N VAL A 956 20.38 -22.06 -86.95
CA VAL A 956 20.23 -21.05 -85.88
C VAL A 956 21.14 -21.44 -84.72
N VAL A 957 22.25 -20.71 -84.63
CA VAL A 957 23.33 -21.05 -83.70
C VAL A 957 23.28 -20.29 -82.37
N TYR A 958 23.42 -21.04 -81.27
CA TYR A 958 23.49 -20.50 -79.91
C TYR A 958 24.86 -20.89 -79.34
N VAL A 959 25.81 -19.94 -79.31
CA VAL A 959 27.15 -20.24 -78.81
C VAL A 959 27.22 -19.80 -77.36
N ILE A 960 27.31 -20.76 -76.47
CA ILE A 960 27.25 -20.56 -75.02
C ILE A 960 28.56 -20.93 -74.36
N ASP A 961 29.16 -20.00 -73.63
CA ASP A 961 30.26 -20.37 -72.78
C ASP A 961 29.72 -21.17 -71.60
N THR A 962 30.10 -22.44 -71.56
CA THR A 962 29.56 -23.43 -70.63
C THR A 962 29.83 -23.06 -69.18
N LYS A 963 31.00 -22.52 -68.91
CA LYS A 963 31.45 -22.38 -67.53
C LYS A 963 31.43 -20.92 -66.98
N VAL A 964 31.10 -19.96 -67.84
CA VAL A 964 30.72 -18.59 -67.44
C VAL A 964 29.51 -18.58 -66.51
N LEU A 965 28.47 -19.34 -66.89
CA LEU A 965 27.20 -19.48 -66.15
C LEU A 965 27.28 -20.65 -65.15
N THR A 966 26.49 -20.60 -64.09
CA THR A 966 26.35 -21.76 -63.18
C THR A 966 25.37 -22.79 -63.77
N LYS A 967 25.38 -23.99 -63.18
CA LYS A 967 24.48 -25.07 -63.57
C LYS A 967 23.03 -24.57 -63.48
N GLU A 968 22.82 -23.67 -62.52
CA GLU A 968 21.55 -23.01 -62.22
C GLU A 968 21.21 -21.95 -63.26
N SER A 969 22.23 -21.20 -63.68
CA SER A 969 22.03 -20.14 -64.66
C SER A 969 21.74 -20.74 -66.05
N LEU A 970 22.26 -21.95 -66.24
CA LEU A 970 22.29 -22.61 -67.53
C LEU A 970 21.21 -23.67 -67.75
N TYR A 971 21.06 -24.59 -66.81
CA TYR A 971 20.15 -25.72 -67.01
C TYR A 971 18.76 -25.51 -66.42
N GLY A 972 18.69 -24.78 -65.31
CA GLY A 972 17.47 -24.57 -64.58
C GLY A 972 17.79 -24.64 -63.11
N SER A 973 17.53 -23.52 -62.46
CA SER A 973 17.72 -23.39 -61.04
C SER A 973 16.35 -23.33 -60.39
N MET A 974 16.17 -24.16 -59.37
CA MET A 974 14.99 -24.12 -58.54
C MET A 974 15.37 -23.47 -57.20
N LEU A 975 14.56 -22.51 -56.77
CA LEU A 975 14.92 -21.52 -55.75
C LEU A 975 14.52 -21.95 -54.34
N LYS A 976 15.49 -21.91 -53.44
CA LYS A 976 15.55 -22.77 -52.27
C LYS A 976 14.28 -22.91 -51.40
N ALA A 977 13.56 -21.80 -51.19
CA ALA A 977 12.41 -21.84 -50.27
C ALA A 977 11.02 -21.94 -50.94
N THR A 978 10.70 -21.05 -51.89
CA THR A 978 9.39 -21.04 -52.57
C THR A 978 9.38 -22.09 -53.70
N LEU A 979 10.47 -22.84 -53.79
CA LEU A 979 10.67 -23.81 -54.85
C LEU A 979 9.91 -23.37 -56.11
N GLU A 980 10.38 -22.27 -56.71
CA GLU A 980 9.76 -21.67 -57.87
C GLU A 980 10.58 -22.01 -59.10
N TRP A 981 9.94 -22.52 -60.14
CA TRP A 981 10.71 -22.95 -61.30
C TRP A 981 10.90 -21.89 -62.40
N ARG A 982 12.15 -21.47 -62.57
CA ARG A 982 12.53 -20.53 -63.62
C ARG A 982 13.51 -21.18 -64.61
N ASP A 983 13.43 -20.73 -65.86
CA ASP A 983 14.01 -21.42 -67.04
C ASP A 983 15.50 -21.69 -67.17
N GLY A 984 16.32 -20.68 -66.91
CA GLY A 984 17.75 -20.75 -67.21
C GLY A 984 18.15 -20.30 -68.61
N LEU A 985 19.24 -20.87 -69.12
CA LEU A 985 19.74 -20.49 -70.44
C LEU A 985 19.60 -21.60 -71.50
N PHE A 986 20.00 -22.82 -71.14
CA PHE A 986 20.07 -23.96 -72.07
C PHE A 986 18.69 -24.48 -72.41
N THR A 987 17.84 -24.46 -71.40
CA THR A 987 16.49 -25.00 -71.47
C THR A 987 15.58 -24.00 -72.15
N SER A 988 15.87 -22.72 -71.97
CA SER A 988 15.02 -21.63 -72.46
C SER A 988 15.09 -21.43 -73.99
N ILE A 989 16.25 -21.74 -74.57
CA ILE A 989 16.45 -21.60 -76.03
C ILE A 989 15.88 -22.80 -76.78
N LEU A 990 15.69 -23.91 -76.06
CA LEU A 990 14.98 -25.10 -76.56
C LEU A 990 13.47 -24.88 -76.65
N ARG A 991 12.90 -24.17 -75.67
CA ARG A 991 11.48 -23.83 -75.65
C ARG A 991 11.00 -22.92 -76.80
N ARG A 992 11.90 -22.18 -77.44
CA ARG A 992 11.56 -21.51 -78.70
C ARG A 992 11.27 -22.55 -79.78
N VAL A 993 12.14 -23.56 -79.87
CA VAL A 993 11.97 -24.68 -80.81
C VAL A 993 10.82 -25.67 -80.48
N ASN A 994 10.70 -26.06 -79.21
CA ASN A 994 9.75 -27.09 -78.75
C ASN A 994 8.35 -26.56 -78.49
N ASP A 995 8.28 -25.66 -77.51
CA ASP A 995 7.03 -25.17 -76.95
C ASP A 995 6.26 -24.34 -77.97
N ASP A 996 6.94 -23.37 -78.60
CA ASP A 996 6.29 -22.52 -79.57
C ASP A 996 7.17 -22.26 -80.76
N ILE A 997 7.15 -23.16 -81.73
CA ILE A 997 7.84 -22.93 -83.00
C ILE A 997 7.04 -21.99 -83.91
N THR A 998 6.88 -20.75 -83.45
CA THR A 998 6.01 -19.74 -84.08
C THR A 998 6.49 -19.36 -85.49
N GLY A 999 7.80 -19.19 -85.63
CA GLY A 999 8.39 -18.93 -86.94
C GLY A 999 8.73 -20.20 -87.68
N THR A 1000 9.76 -20.11 -88.51
CA THR A 1000 10.23 -21.27 -89.23
C THR A 1000 11.35 -21.94 -88.44
N PHE A 1001 11.01 -23.05 -87.78
CA PHE A 1001 11.99 -23.84 -87.07
C PHE A 1001 12.07 -25.25 -87.61
N LYS A 1002 10.97 -25.74 -88.17
CA LYS A 1002 10.90 -27.10 -88.70
C LYS A 1002 11.87 -27.28 -89.86
N ASN A 1003 11.93 -26.27 -90.74
CA ASN A 1003 12.86 -26.24 -91.87
C ASN A 1003 14.27 -25.73 -91.51
N SER A 1004 14.44 -25.25 -90.28
CA SER A 1004 15.71 -24.73 -89.82
C SER A 1004 16.54 -25.76 -89.02
N ARG A 1005 17.84 -25.52 -88.90
CA ARG A 1005 18.73 -26.36 -88.08
C ARG A 1005 19.23 -25.56 -86.90
N ILE A 1006 19.04 -26.13 -85.71
CA ILE A 1006 19.39 -25.47 -84.48
C ILE A 1006 20.65 -26.07 -83.90
N TRP A 1007 21.62 -25.21 -83.61
CA TRP A 1007 22.87 -25.70 -83.08
C TRP A 1007 23.13 -24.99 -81.77
N VAL A 1008 23.24 -25.75 -80.68
CA VAL A 1008 23.71 -25.14 -79.44
C VAL A 1008 25.16 -25.52 -79.06
N VAL A 1009 26.09 -24.57 -79.29
CA VAL A 1009 27.55 -24.74 -79.09
C VAL A 1009 28.06 -24.30 -77.71
N PHE A 1010 28.85 -25.16 -77.06
CA PHE A 1010 29.53 -24.82 -75.81
C PHE A 1010 31.03 -24.55 -76.03
N ASP A 1011 31.42 -23.27 -76.08
CA ASP A 1011 32.81 -22.90 -76.33
C ASP A 1011 33.75 -23.14 -75.15
N SER A 1012 33.21 -23.06 -73.93
CA SER A 1012 34.04 -23.18 -72.73
C SER A 1012 34.42 -24.62 -72.34
N ASP A 1013 35.38 -24.75 -71.42
CA ASP A 1013 35.84 -26.06 -70.96
C ASP A 1013 34.68 -26.89 -70.42
N LEU A 1014 34.60 -28.17 -70.81
CA LEU A 1014 33.52 -29.05 -70.36
C LEU A 1014 33.96 -29.93 -69.20
N ASP A 1015 33.04 -30.08 -68.25
CA ASP A 1015 33.31 -30.79 -67.00
C ASP A 1015 32.14 -31.69 -66.61
N PRO A 1016 32.42 -32.70 -65.76
CA PRO A 1016 31.41 -33.68 -65.36
C PRO A 1016 30.08 -33.04 -64.92
N GLU A 1017 30.19 -32.20 -63.89
CA GLU A 1017 29.06 -31.58 -63.24
C GLU A 1017 28.03 -31.04 -64.24
N TYR A 1018 28.52 -30.45 -65.31
CA TYR A 1018 27.67 -29.78 -66.27
C TYR A 1018 27.07 -30.77 -67.27
N VAL A 1019 27.88 -31.72 -67.75
CA VAL A 1019 27.39 -32.74 -68.71
C VAL A 1019 26.42 -33.75 -68.08
N GLU A 1020 26.63 -34.03 -66.78
CA GLU A 1020 25.79 -34.97 -66.02
C GLU A 1020 24.35 -34.50 -65.91
N ALA A 1021 24.18 -33.18 -65.81
CA ALA A 1021 22.85 -32.54 -65.76
C ALA A 1021 22.14 -32.53 -67.13
N MET A 1022 22.75 -33.08 -68.16
CA MET A 1022 22.08 -33.15 -69.45
C MET A 1022 22.39 -34.46 -70.14
N ASN A 1023 22.93 -35.41 -69.38
CA ASN A 1023 23.35 -36.72 -69.92
C ASN A 1023 22.23 -37.44 -70.68
N SER A 1024 20.98 -37.09 -70.34
CA SER A 1024 19.79 -37.68 -70.95
C SER A 1024 19.59 -37.29 -72.42
N VAL A 1025 20.12 -36.13 -72.81
CA VAL A 1025 20.06 -35.70 -74.21
C VAL A 1025 21.12 -36.47 -75.02
N LEU A 1026 22.24 -36.72 -74.36
CA LEU A 1026 23.35 -37.54 -74.86
C LEU A 1026 22.97 -39.02 -74.98
N ASP A 1027 22.02 -39.45 -74.14
CA ASP A 1027 21.47 -40.82 -74.15
C ASP A 1027 20.60 -41.05 -75.37
N ASP A 1028 20.18 -42.31 -75.57
CA ASP A 1028 19.29 -42.73 -76.67
C ASP A 1028 17.93 -42.04 -76.58
N ASN A 1029 17.68 -41.48 -75.39
CA ASN A 1029 16.46 -40.76 -75.00
C ASN A 1029 16.09 -39.58 -75.90
N LYS A 1030 17.05 -38.67 -76.09
CA LYS A 1030 16.87 -37.38 -76.80
C LYS A 1030 15.77 -36.51 -76.13
N ILE A 1031 15.91 -36.39 -74.81
CA ILE A 1031 14.97 -35.69 -73.95
C ILE A 1031 15.76 -35.14 -72.75
N LEU A 1032 15.32 -33.97 -72.26
CA LEU A 1032 16.02 -33.23 -71.20
C LEU A 1032 15.27 -33.38 -69.90
N THR A 1033 16.01 -33.76 -68.86
CA THR A 1033 15.42 -34.05 -67.57
C THR A 1033 15.66 -32.89 -66.64
N LEU A 1034 14.58 -32.36 -66.10
CA LEU A 1034 14.66 -31.27 -65.16
C LEU A 1034 15.13 -31.77 -63.79
N PRO A 1035 15.73 -30.87 -62.98
CA PRO A 1035 16.11 -31.25 -61.62
C PRO A 1035 14.83 -31.60 -60.89
N ASN A 1036 13.79 -30.82 -61.13
CA ASN A 1036 12.43 -31.21 -60.78
C ASN A 1036 11.36 -30.72 -61.79
N GLY A 1037 10.57 -31.66 -62.28
CA GLY A 1037 9.31 -31.29 -62.91
C GLY A 1037 9.13 -31.34 -64.40
N GLU A 1038 10.06 -31.98 -65.12
CA GLU A 1038 9.86 -32.27 -66.54
C GLU A 1038 10.95 -33.08 -67.24
N ARG A 1039 10.56 -33.62 -68.39
CA ARG A 1039 11.47 -33.96 -69.46
C ARG A 1039 11.05 -33.20 -70.72
N LEU A 1040 12.01 -32.54 -71.37
CA LEU A 1040 11.77 -31.84 -72.63
C LEU A 1040 12.41 -32.58 -73.79
N PRO A 1041 11.62 -32.94 -74.80
CA PRO A 1041 12.17 -33.72 -75.91
C PRO A 1041 12.94 -32.87 -76.93
N ILE A 1042 14.07 -33.37 -77.44
CA ILE A 1042 14.90 -32.62 -78.42
C ILE A 1042 14.74 -33.11 -79.88
N PRO A 1043 14.38 -32.22 -80.82
CA PRO A 1043 14.19 -32.56 -82.25
C PRO A 1043 15.46 -32.99 -82.99
N PRO A 1044 15.34 -33.52 -84.22
CA PRO A 1044 16.56 -33.91 -84.92
C PRO A 1044 17.36 -32.71 -85.41
N ASN A 1045 16.70 -31.55 -85.49
CA ASN A 1045 17.34 -30.29 -85.91
C ASN A 1045 18.37 -29.85 -84.88
N PHE A 1046 18.00 -30.01 -83.61
CA PHE A 1046 18.72 -29.51 -82.45
C PHE A 1046 19.98 -30.33 -82.17
N ARG A 1047 21.10 -29.78 -82.64
CA ARG A 1047 22.41 -30.37 -82.43
C ARG A 1047 23.25 -29.62 -81.39
N ILE A 1048 23.82 -30.38 -80.47
CA ILE A 1048 24.70 -29.85 -79.43
C ILE A 1048 26.17 -30.07 -79.86
N LEU A 1049 26.92 -28.97 -80.04
CA LEU A 1049 28.38 -29.05 -80.26
C LEU A 1049 29.18 -28.69 -79.01
N PHE A 1050 30.40 -29.21 -78.90
CA PHE A 1050 31.29 -28.88 -77.79
C PHE A 1050 32.71 -28.53 -78.31
N GLU A 1051 33.10 -27.24 -78.39
CA GLU A 1051 34.51 -26.93 -78.75
C GLU A 1051 35.38 -26.66 -77.50
N THR A 1052 36.48 -27.39 -77.36
CA THR A 1052 37.31 -27.22 -76.18
C THR A 1052 38.78 -27.57 -76.44
N ASP A 1053 39.64 -27.23 -75.46
CA ASP A 1053 41.09 -27.36 -75.60
C ASP A 1053 41.62 -28.66 -75.06
N ASN A 1054 41.04 -29.14 -73.95
CA ASN A 1054 41.44 -30.43 -73.36
C ASN A 1054 40.22 -31.32 -73.07
N LEU A 1055 40.45 -32.59 -72.74
CA LEU A 1055 39.37 -33.47 -72.26
C LEU A 1055 39.57 -34.08 -70.88
N ASP A 1056 40.72 -33.82 -70.26
CA ASP A 1056 41.11 -34.61 -69.10
C ASP A 1056 39.96 -34.79 -68.11
N HIS A 1057 39.13 -33.76 -67.96
CA HIS A 1057 38.05 -33.83 -66.99
C HIS A 1057 36.93 -34.80 -67.29
N THR A 1058 36.54 -34.89 -68.55
CA THR A 1058 35.39 -35.72 -68.94
C THR A 1058 35.54 -37.27 -68.77
N THR A 1059 34.41 -37.96 -68.59
CA THR A 1059 34.34 -39.43 -68.43
C THR A 1059 34.30 -40.10 -69.78
N PRO A 1060 34.90 -41.32 -69.89
CA PRO A 1060 34.84 -42.05 -71.18
C PRO A 1060 33.41 -42.30 -71.68
N ALA A 1061 32.45 -42.36 -70.74
CA ALA A 1061 31.00 -42.50 -71.03
C ALA A 1061 30.42 -41.33 -71.82
N THR A 1062 30.94 -40.15 -71.49
CA THR A 1062 30.46 -38.92 -72.07
C THR A 1062 30.92 -38.78 -73.52
N ILE A 1063 32.20 -39.14 -73.74
CA ILE A 1063 32.86 -39.20 -75.06
C ILE A 1063 32.05 -40.04 -76.04
N THR A 1064 31.81 -41.30 -75.62
CA THR A 1064 31.25 -42.38 -76.42
C THR A 1064 29.75 -42.24 -76.75
N ARG A 1065 29.02 -41.40 -76.04
CA ARG A 1065 27.68 -41.03 -76.49
C ARG A 1065 27.69 -39.99 -77.64
N CYS A 1066 28.78 -39.19 -77.71
CA CYS A 1066 28.95 -38.11 -78.70
C CYS A 1066 29.92 -38.48 -79.80
N GLY A 1067 30.00 -37.65 -80.83
CA GLY A 1067 30.98 -37.83 -81.89
C GLY A 1067 32.15 -36.88 -81.66
N LEU A 1068 33.36 -37.43 -81.66
CA LEU A 1068 34.53 -36.65 -81.27
C LEU A 1068 35.49 -36.32 -82.44
N LEU A 1069 35.92 -35.06 -82.49
CA LEU A 1069 36.72 -34.53 -83.59
C LEU A 1069 38.00 -33.91 -83.06
N TRP A 1070 39.07 -34.66 -83.05
CA TRP A 1070 40.30 -34.20 -82.43
C TRP A 1070 41.09 -33.50 -83.51
N PHE A 1071 41.47 -32.26 -83.25
CA PHE A 1071 42.22 -31.46 -84.21
C PHE A 1071 43.68 -31.61 -83.87
N SER A 1072 44.35 -32.45 -84.64
CA SER A 1072 45.73 -32.83 -84.36
C SER A 1072 46.70 -31.63 -84.45
N THR A 1073 46.48 -30.77 -85.45
CA THR A 1073 47.26 -29.55 -85.66
C THR A 1073 46.36 -28.42 -86.16
N ASP A 1074 46.92 -27.21 -86.28
CA ASP A 1074 46.16 -26.06 -86.79
C ASP A 1074 45.73 -26.33 -88.22
N VAL A 1075 44.47 -25.97 -88.54
CA VAL A 1075 43.92 -26.27 -89.85
C VAL A 1075 44.75 -25.65 -90.96
N CYS A 1076 45.32 -24.47 -90.70
CA CYS A 1076 45.86 -23.62 -91.77
C CYS A 1076 47.30 -23.14 -91.73
N SER A 1077 47.81 -22.83 -92.92
CA SER A 1077 49.16 -22.30 -93.15
C SER A 1077 49.38 -20.89 -92.59
N ILE A 1078 50.57 -20.61 -92.04
CA ILE A 1078 50.80 -19.33 -91.33
C ILE A 1078 50.39 -18.18 -92.25
N SER A 1079 50.89 -18.26 -93.49
CA SER A 1079 50.53 -17.33 -94.56
C SER A 1079 49.02 -17.24 -94.69
N SER A 1080 48.38 -18.40 -94.85
CA SER A 1080 46.94 -18.45 -95.06
C SER A 1080 46.14 -17.77 -93.96
N LYS A 1081 46.72 -17.74 -92.76
CA LYS A 1081 46.08 -17.06 -91.64
C LYS A 1081 46.09 -15.54 -91.86
N ILE A 1082 47.30 -15.07 -92.15
CA ILE A 1082 47.56 -13.66 -92.35
C ILE A 1082 46.68 -13.20 -93.49
N ASP A 1083 46.66 -14.00 -94.56
CA ASP A 1083 45.89 -13.74 -95.77
C ASP A 1083 44.52 -13.35 -95.35
N HIS A 1084 43.90 -14.22 -94.56
CA HIS A 1084 42.52 -14.01 -94.15
C HIS A 1084 42.43 -12.79 -93.23
N LEU A 1085 43.35 -12.76 -92.26
CA LEU A 1085 43.41 -11.70 -91.27
C LEU A 1085 43.44 -10.30 -91.87
N LEU A 1086 44.27 -10.15 -92.91
CA LEU A 1086 44.40 -8.91 -93.68
C LEU A 1086 43.03 -8.49 -94.20
N ASN A 1087 42.43 -9.42 -94.92
CA ASN A 1087 41.23 -9.15 -95.67
C ASN A 1087 40.09 -8.89 -94.70
N LYS A 1088 40.17 -9.51 -93.51
CA LYS A 1088 39.21 -9.30 -92.41
C LYS A 1088 39.30 -7.89 -91.90
N SER A 1089 40.55 -7.41 -91.79
CA SER A 1089 40.86 -6.06 -91.31
C SER A 1089 40.46 -5.00 -92.33
N TYR A 1090 40.66 -5.30 -93.62
CA TYR A 1090 40.29 -4.40 -94.72
C TYR A 1090 38.81 -4.06 -94.71
N GLU A 1091 37.99 -5.06 -94.41
CA GLU A 1091 36.53 -4.92 -94.39
C GLU A 1091 36.08 -3.87 -93.39
N ALA A 1092 36.70 -3.89 -92.20
CA ALA A 1092 36.43 -2.91 -91.14
C ALA A 1092 36.71 -1.50 -91.61
N LEU A 1093 37.79 -1.37 -92.37
CA LEU A 1093 38.23 -0.08 -92.83
C LEU A 1093 37.42 0.50 -93.97
N ASP A 1094 36.79 -0.36 -94.79
CA ASP A 1094 35.90 0.10 -95.89
C ASP A 1094 34.74 0.96 -95.38
N ASN A 1095 34.27 0.64 -94.18
CA ASN A 1095 33.26 1.43 -93.50
C ASN A 1095 33.76 2.78 -92.98
N LYS A 1096 35.09 2.97 -92.93
CA LYS A 1096 35.70 4.25 -92.51
C LYS A 1096 36.88 4.76 -93.38
N LEU A 1097 36.97 4.26 -94.61
CA LEU A 1097 38.01 4.71 -95.54
C LEU A 1097 37.57 4.56 -97.01
N SER A 1098 37.85 5.58 -97.83
CA SER A 1098 37.39 5.62 -99.22
C SER A 1098 38.06 4.53 -100.03
N MET A 1099 37.35 4.06 -101.07
CA MET A 1099 37.82 2.95 -101.90
C MET A 1099 39.16 3.25 -102.61
N PHE A 1100 39.35 4.50 -103.06
CA PHE A 1100 40.63 4.95 -103.66
C PHE A 1100 41.80 4.86 -102.67
N GLU A 1101 41.51 5.26 -101.42
CA GLU A 1101 42.46 5.20 -100.31
C GLU A 1101 42.74 3.75 -99.98
N LEU A 1102 41.67 2.99 -99.75
CA LEU A 1102 41.74 1.55 -99.45
C LEU A 1102 42.46 0.70 -100.51
N ASP A 1103 42.17 0.96 -101.80
CA ASP A 1103 42.76 0.22 -102.91
C ASP A 1103 44.26 0.40 -103.00
N LYS A 1104 44.68 1.64 -102.76
CA LYS A 1104 46.10 1.98 -102.73
C LYS A 1104 46.82 1.41 -101.50
N LEU A 1105 46.15 1.43 -100.34
CA LEU A 1105 46.79 0.95 -99.11
C LEU A 1105 46.91 -0.55 -99.06
N LYS A 1106 45.96 -1.27 -99.65
CA LYS A 1106 46.08 -2.73 -99.67
C LYS A 1106 47.12 -3.20 -100.69
N ASP A 1107 47.39 -2.33 -101.66
CA ASP A 1107 48.43 -2.59 -102.64
C ASP A 1107 49.78 -2.50 -101.92
N LEU A 1108 49.87 -1.55 -101.00
CA LEU A 1108 51.13 -1.28 -100.33
C LEU A 1108 51.60 -2.43 -99.47
N ILE A 1109 50.62 -2.99 -98.75
CA ILE A 1109 50.84 -4.06 -97.77
C ILE A 1109 51.38 -5.29 -98.50
N SER A 1110 50.80 -5.59 -99.67
CA SER A 1110 51.19 -6.75 -100.46
C SER A 1110 52.67 -6.74 -100.88
N ASP A 1111 53.19 -5.57 -101.23
CA ASP A 1111 54.56 -5.40 -101.74
C ASP A 1111 55.62 -5.19 -100.67
N SER A 1112 55.22 -4.67 -99.53
CA SER A 1112 56.13 -4.47 -98.40
C SER A 1112 56.48 -5.79 -97.69
N PHE A 1113 55.47 -6.57 -97.29
CA PHE A 1113 55.77 -7.88 -96.69
C PHE A 1113 55.35 -9.14 -97.43
N ASP A 1114 56.39 -9.89 -97.78
CA ASP A 1114 56.32 -11.17 -98.46
C ASP A 1114 56.53 -12.23 -97.41
N MET A 1115 56.01 -13.42 -97.67
CA MET A 1115 56.05 -14.48 -96.69
C MET A 1115 57.45 -14.99 -96.43
N ALA A 1116 58.26 -15.03 -97.49
CA ALA A 1116 59.63 -15.53 -97.43
C ALA A 1116 60.45 -14.90 -96.30
N SER A 1117 60.32 -13.59 -96.12
CA SER A 1117 61.06 -12.90 -95.06
C SER A 1117 60.55 -13.25 -93.67
N LEU A 1118 59.23 -13.16 -93.49
CA LEU A 1118 58.59 -13.39 -92.21
C LEU A 1118 58.75 -14.80 -91.66
N THR A 1119 58.90 -15.76 -92.56
CA THR A 1119 59.04 -17.15 -92.20
C THR A 1119 60.13 -17.31 -91.18
N ASN A 1120 61.28 -16.70 -91.45
CA ASN A 1120 62.45 -16.83 -90.55
C ASN A 1120 62.26 -16.10 -89.26
N ILE A 1121 61.53 -14.98 -89.36
CA ILE A 1121 61.22 -14.12 -88.24
C ILE A 1121 60.29 -14.79 -87.21
N PHE A 1122 59.26 -15.49 -87.70
CA PHE A 1122 58.39 -16.33 -86.86
C PHE A 1122 59.13 -17.57 -86.31
N THR A 1123 60.13 -18.06 -87.02
CA THR A 1123 60.94 -19.16 -86.53
C THR A 1123 61.86 -18.68 -85.41
N CYS A 1124 62.38 -17.47 -85.57
CA CYS A 1124 63.29 -16.93 -84.60
C CYS A 1124 62.56 -16.48 -83.35
N SER A 1125 61.24 -16.30 -83.48
CA SER A 1125 60.38 -15.90 -82.37
C SER A 1125 60.47 -16.91 -81.24
N ASN A 1126 60.46 -18.19 -81.63
CA ASN A 1126 60.61 -19.30 -80.70
C ASN A 1126 61.94 -19.29 -79.99
N ASP A 1127 63.00 -18.90 -80.69
CA ASP A 1127 64.30 -18.87 -80.08
C ASP A 1127 64.38 -17.63 -79.20
N LEU A 1128 63.51 -17.55 -78.19
CA LEU A 1128 63.42 -16.39 -77.31
C LEU A 1128 62.57 -16.70 -76.07
N VAL A 1129 63.00 -16.15 -74.93
CA VAL A 1129 62.21 -16.17 -73.69
C VAL A 1129 60.95 -15.27 -73.77
N HIS A 1130 59.79 -15.91 -73.72
CA HIS A 1130 58.51 -15.21 -73.78
C HIS A 1130 57.74 -15.21 -72.43
N ILE A 1131 57.69 -14.07 -71.73
CA ILE A 1131 56.85 -13.96 -70.52
C ILE A 1131 55.37 -13.98 -70.85
N LEU A 1132 54.63 -14.79 -70.11
CA LEU A 1132 53.20 -14.93 -70.28
C LEU A 1132 52.96 -15.65 -71.61
N GLY A 1133 53.55 -16.84 -71.75
CA GLY A 1133 53.65 -17.57 -73.03
C GLY A 1133 52.40 -17.76 -73.89
N VAL A 1134 52.53 -17.46 -75.20
CA VAL A 1134 51.43 -17.57 -76.17
C VAL A 1134 52.09 -17.95 -77.45
N ARG A 1135 51.49 -18.86 -78.19
CA ARG A 1135 52.23 -19.41 -79.33
C ARG A 1135 52.17 -18.50 -80.54
N THR A 1136 53.21 -18.65 -81.37
CA THR A 1136 53.50 -17.83 -82.56
C THR A 1136 52.26 -17.64 -83.45
N PHE A 1137 51.55 -18.75 -83.70
CA PHE A 1137 50.33 -18.76 -84.49
C PHE A 1137 49.27 -17.80 -83.93
N ASN A 1138 49.14 -17.76 -82.62
CA ASN A 1138 48.13 -16.92 -81.97
C ASN A 1138 48.53 -15.44 -81.79
N LYS A 1139 49.83 -15.19 -81.96
CA LYS A 1139 50.36 -13.84 -82.03
C LYS A 1139 50.00 -13.15 -83.36
N LEU A 1140 49.76 -13.92 -84.41
CA LEU A 1140 49.55 -13.34 -85.76
C LEU A 1140 48.51 -12.23 -85.85
N GLU A 1141 47.39 -12.36 -85.17
CA GLU A 1141 46.34 -11.36 -85.29
C GLU A 1141 46.85 -10.06 -84.69
N THR A 1142 47.76 -10.17 -83.71
CA THR A 1142 48.31 -9.00 -82.98
C THR A 1142 49.14 -8.18 -83.95
N ALA A 1143 49.96 -8.86 -84.75
CA ALA A 1143 50.66 -8.20 -85.87
C ALA A 1143 49.71 -7.47 -86.84
N VAL A 1144 48.84 -8.22 -87.51
CA VAL A 1144 48.11 -7.74 -88.68
C VAL A 1144 47.23 -6.57 -88.32
N GLN A 1145 46.63 -6.63 -87.16
CA GLN A 1145 45.73 -5.60 -86.78
C GLN A 1145 46.49 -4.30 -86.52
N LEU A 1146 47.71 -4.46 -85.99
CA LEU A 1146 48.58 -3.34 -85.65
C LEU A 1146 49.07 -2.76 -86.97
N ALA A 1147 49.72 -3.59 -87.78
CA ALA A 1147 50.27 -3.18 -89.09
C ALA A 1147 49.28 -2.39 -89.94
N VAL A 1148 48.10 -2.93 -90.12
CA VAL A 1148 47.09 -2.27 -90.92
C VAL A 1148 46.72 -0.93 -90.27
N HIS A 1149 46.65 -0.87 -88.94
CA HIS A 1149 46.24 0.37 -88.30
C HIS A 1149 47.29 1.47 -88.36
N LEU A 1150 48.54 1.08 -88.24
CA LEU A 1150 49.62 2.06 -88.32
C LEU A 1150 49.70 2.63 -89.72
N ILE A 1151 49.51 1.76 -90.73
CA ILE A 1151 49.46 2.19 -92.12
C ILE A 1151 48.22 3.03 -92.41
N SER A 1152 47.04 2.62 -91.97
CA SER A 1152 45.86 3.44 -92.17
C SER A 1152 45.93 4.78 -91.41
N SER A 1153 46.92 4.92 -90.53
CA SER A 1153 47.07 6.12 -89.73
C SER A 1153 47.62 7.26 -90.62
N TYR A 1154 48.64 6.90 -91.38
CA TYR A 1154 49.37 7.84 -92.18
C TYR A 1154 48.86 7.86 -93.61
N ARG A 1155 47.56 7.60 -93.78
CA ARG A 1155 46.92 7.52 -95.11
C ARG A 1155 47.03 8.83 -95.90
N GLN A 1156 46.88 9.96 -95.22
CA GLN A 1156 46.89 11.28 -95.86
C GLN A 1156 48.26 11.64 -96.39
N TRP A 1157 49.31 11.18 -95.69
CA TRP A 1157 50.72 11.43 -96.08
C TRP A 1157 51.20 10.43 -97.10
N PHE A 1158 50.27 9.60 -97.60
CA PHE A 1158 50.55 8.64 -98.67
C PHE A 1158 50.10 9.16 -100.01
N GLN A 1159 49.30 10.23 -99.97
CA GLN A 1159 48.71 10.90 -101.13
C GLN A 1159 49.78 11.59 -101.98
N ASN A 1160 50.61 12.40 -101.32
CA ASN A 1160 51.62 13.20 -102.00
C ASN A 1160 53.09 12.77 -101.85
N LEU A 1161 53.40 11.86 -100.95
CA LEU A 1161 54.79 11.46 -100.69
C LEU A 1161 55.49 10.62 -101.80
N ASP A 1162 56.82 10.74 -101.87
CA ASP A 1162 57.73 10.01 -102.80
C ASP A 1162 57.56 8.52 -102.69
N ASP A 1163 57.50 7.85 -103.83
CA ASP A 1163 57.23 6.41 -103.88
C ASP A 1163 58.29 5.56 -103.18
N LYS A 1164 59.54 6.02 -103.18
CA LYS A 1164 60.63 5.33 -102.48
C LYS A 1164 60.47 5.53 -100.99
N SER A 1165 60.16 6.77 -100.61
CA SER A 1165 59.98 7.21 -99.23
C SER A 1165 58.76 6.58 -98.57
N LEU A 1166 57.71 6.36 -99.35
CA LEU A 1166 56.47 5.75 -98.88
C LEU A 1166 56.73 4.35 -98.38
N LYS A 1167 57.49 3.59 -99.17
CA LYS A 1167 57.88 2.22 -98.84
C LYS A 1167 58.63 2.14 -97.52
N ASP A 1168 59.40 3.18 -97.23
CA ASP A 1168 60.17 3.23 -96.01
C ASP A 1168 59.31 3.44 -94.77
N VAL A 1169 58.28 4.27 -94.90
CA VAL A 1169 57.26 4.41 -93.86
C VAL A 1169 56.52 3.07 -93.63
N ILE A 1170 56.17 2.35 -94.71
CA ILE A 1170 55.46 1.07 -94.61
C ILE A 1170 56.37 0.05 -93.93
N THR A 1171 57.55 -0.18 -94.51
CA THR A 1171 58.51 -1.16 -93.98
C THR A 1171 58.85 -0.95 -92.52
N LEU A 1172 59.03 0.31 -92.12
CA LEU A 1172 59.32 0.61 -90.72
C LEU A 1172 58.17 0.21 -89.83
N LEU A 1173 56.97 0.64 -90.17
CA LEU A 1173 55.78 0.33 -89.36
C LEU A 1173 55.55 -1.18 -89.24
N ILE A 1174 55.79 -1.88 -90.32
CA ILE A 1174 55.58 -3.30 -90.38
C ILE A 1174 56.63 -3.97 -89.56
N LYS A 1175 57.83 -3.38 -89.54
CA LYS A 1175 58.93 -4.00 -88.81
C LYS A 1175 58.68 -3.78 -87.33
N ARG A 1176 58.10 -2.62 -87.00
CA ARG A 1176 57.71 -2.30 -85.64
C ARG A 1176 56.60 -3.20 -85.16
N SER A 1177 55.49 -3.20 -85.91
CA SER A 1177 54.27 -3.98 -85.51
C SER A 1177 54.60 -5.47 -85.37
N LEU A 1178 55.61 -5.90 -86.10
CA LEU A 1178 55.96 -7.29 -86.14
C LEU A 1178 56.78 -7.64 -84.92
N LEU A 1179 57.39 -6.62 -84.34
CA LEU A 1179 58.30 -6.78 -83.22
C LEU A 1179 57.49 -7.02 -81.97
N TYR A 1180 56.61 -6.08 -81.67
CA TYR A 1180 55.77 -6.15 -80.52
C TYR A 1180 54.91 -7.39 -80.51
N ALA A 1181 54.52 -7.87 -81.69
CA ALA A 1181 53.61 -9.01 -81.77
C ALA A 1181 54.30 -10.35 -81.56
N LEU A 1182 55.61 -10.40 -81.78
CA LEU A 1182 56.42 -11.58 -81.45
C LEU A 1182 57.32 -11.42 -80.21
N ALA A 1183 57.85 -10.21 -79.99
CA ALA A 1183 58.82 -9.98 -78.92
C ALA A 1183 58.30 -9.01 -77.88
N GLY A 1184 57.04 -8.59 -78.00
CA GLY A 1184 56.50 -7.56 -77.07
C GLY A 1184 56.41 -7.98 -75.60
N ASP A 1185 56.17 -9.27 -75.42
CA ASP A 1185 56.17 -9.90 -74.15
C ASP A 1185 57.58 -10.33 -73.75
N SER A 1186 58.60 -9.93 -74.51
CA SER A 1186 59.98 -10.35 -74.19
C SER A 1186 60.74 -9.35 -73.33
N THR A 1187 61.96 -9.73 -72.94
CA THR A 1187 62.70 -8.98 -71.94
C THR A 1187 62.99 -7.56 -72.38
N GLY A 1188 63.14 -7.37 -73.70
CA GLY A 1188 63.47 -6.07 -74.26
C GLY A 1188 64.98 -5.92 -74.31
N GLU A 1189 65.65 -6.65 -73.42
CA GLU A 1189 67.01 -7.05 -73.64
C GLU A 1189 66.91 -7.96 -74.87
N SER A 1190 65.83 -8.75 -74.90
CA SER A 1190 65.55 -9.69 -75.98
C SER A 1190 64.93 -9.00 -77.15
N GLN A 1191 64.20 -7.91 -76.88
CA GLN A 1191 63.55 -7.15 -77.96
C GLN A 1191 64.60 -6.63 -78.88
N ARG A 1192 65.56 -5.98 -78.23
CA ARG A 1192 66.65 -5.34 -78.91
C ARG A 1192 67.38 -6.39 -79.76
N ALA A 1193 67.50 -7.61 -79.24
CA ALA A 1193 68.12 -8.75 -79.96
C ALA A 1193 67.32 -9.11 -81.21
N PHE A 1194 66.01 -9.09 -81.05
CA PHE A 1194 65.08 -9.48 -82.08
C PHE A 1194 65.06 -8.41 -83.15
N ILE A 1195 65.33 -7.18 -82.74
CA ILE A 1195 65.22 -6.08 -83.66
C ILE A 1195 66.24 -6.29 -84.77
N GLN A 1196 67.46 -6.68 -84.41
CA GLN A 1196 68.47 -6.96 -85.44
C GLN A 1196 68.10 -8.19 -86.26
N THR A 1197 67.50 -9.16 -85.60
CA THR A 1197 66.98 -10.35 -86.29
C THR A 1197 65.93 -10.02 -87.37
N ILE A 1198 65.02 -9.07 -87.05
CA ILE A 1198 64.03 -8.59 -88.01
C ILE A 1198 64.73 -7.92 -89.21
N ASN A 1199 65.58 -6.92 -88.91
CA ASN A 1199 66.35 -6.17 -89.91
C ASN A 1199 67.14 -7.09 -90.83
N THR A 1200 67.73 -8.14 -90.23
CA THR A 1200 68.49 -9.15 -90.93
C THR A 1200 67.68 -9.79 -92.04
N TYR A 1201 66.51 -10.35 -91.70
CA TYR A 1201 65.71 -11.13 -92.64
C TYR A 1201 64.88 -10.32 -93.62
N PHE A 1202 64.64 -9.06 -93.27
CA PHE A 1202 64.08 -8.13 -94.22
C PHE A 1202 65.23 -7.63 -95.12
N GLY A 1203 64.89 -6.98 -96.23
CA GLY A 1203 65.92 -6.42 -97.11
C GLY A 1203 66.89 -5.54 -96.33
N HIS A 1204 68.19 -5.72 -96.56
CA HIS A 1204 69.25 -4.98 -95.85
C HIS A 1204 69.15 -3.45 -95.99
N ASP A 1205 68.85 -2.98 -97.20
CA ASP A 1205 68.81 -1.55 -97.47
C ASP A 1205 67.59 -0.87 -96.85
N SER A 1206 66.48 -1.61 -96.76
CA SER A 1206 65.19 -1.17 -96.20
C SER A 1206 65.24 -0.63 -94.77
N GLN A 1207 64.39 0.35 -94.43
CA GLN A 1207 64.59 1.18 -93.23
C GLN A 1207 64.75 0.33 -91.99
N GLU A 1208 65.93 0.45 -91.38
CA GLU A 1208 66.30 -0.32 -90.18
C GLU A 1208 65.46 0.05 -88.95
N LEU A 1209 65.25 -0.93 -88.08
CA LEU A 1209 64.62 -0.70 -86.81
C LEU A 1209 65.65 -0.39 -85.70
N SER A 1210 65.39 0.65 -84.91
CA SER A 1210 66.16 0.95 -83.69
C SER A 1210 65.32 0.66 -82.46
N ASP A 1211 65.91 0.59 -81.27
CA ASP A 1211 65.13 0.43 -80.04
C ASP A 1211 64.10 1.52 -79.84
N TYR A 1212 64.53 2.76 -80.07
CA TYR A 1212 63.65 3.89 -79.85
C TYR A 1212 63.15 4.55 -81.12
N SER A 1213 63.39 3.88 -82.25
CA SER A 1213 62.92 4.24 -83.61
C SER A 1213 61.48 4.80 -83.74
N THR A 1214 61.32 5.98 -84.35
CA THR A 1214 59.98 6.59 -84.55
C THR A 1214 59.94 7.39 -85.87
N ILE A 1215 58.74 7.63 -86.39
CA ILE A 1215 58.46 8.44 -87.58
C ILE A 1215 57.75 9.73 -87.12
N VAL A 1216 58.19 10.87 -87.63
CA VAL A 1216 57.67 12.18 -87.18
C VAL A 1216 57.20 13.12 -88.32
N ILE A 1217 56.14 13.89 -88.03
CA ILE A 1217 55.60 14.91 -88.95
C ILE A 1217 55.34 16.27 -88.26
N ALA A 1218 55.40 17.35 -89.04
CA ALA A 1218 55.28 18.74 -88.53
C ALA A 1218 53.89 19.16 -88.01
N ASN A 1219 53.89 20.09 -87.05
CA ASN A 1219 52.65 20.73 -86.56
C ASN A 1219 51.92 21.57 -87.61
N ASP A 1220 52.66 22.44 -88.31
CA ASP A 1220 52.06 23.46 -89.18
C ASP A 1220 52.36 23.33 -90.68
N LYS A 1221 53.07 22.27 -91.08
CA LYS A 1221 53.35 22.00 -92.49
C LYS A 1221 53.58 20.51 -92.72
N LEU A 1222 53.08 19.97 -93.83
CA LEU A 1222 53.34 18.57 -94.16
C LEU A 1222 54.84 18.35 -94.33
N SER A 1223 55.40 17.37 -93.62
CA SER A 1223 56.84 17.13 -93.62
C SER A 1223 57.12 15.63 -93.55
N PHE A 1224 58.37 15.21 -93.66
CA PHE A 1224 58.62 13.78 -93.49
C PHE A 1224 60.05 13.44 -93.14
N SER A 1225 60.21 13.06 -91.89
CA SER A 1225 61.49 12.63 -91.37
C SER A 1225 61.28 11.66 -90.24
N SER A 1226 62.32 10.87 -89.99
CA SER A 1226 62.32 9.86 -88.96
C SER A 1226 63.37 10.14 -87.85
N PHE A 1227 62.87 10.60 -86.69
CA PHE A 1227 63.66 10.99 -85.53
C PHE A 1227 63.11 10.32 -84.28
N CYS A 1228 63.95 10.07 -83.29
CA CYS A 1228 63.55 9.34 -82.08
C CYS A 1228 64.04 9.89 -80.76
N SER A 1229 63.32 9.60 -79.67
CA SER A 1229 63.70 9.97 -78.26
C SER A 1229 63.74 11.47 -77.84
N GLU A 1230 62.65 12.18 -78.11
CA GLU A 1230 62.50 13.60 -77.81
C GLU A 1230 61.36 13.73 -76.82
N ILE A 1231 61.69 14.26 -75.66
CA ILE A 1231 60.95 14.03 -74.44
C ILE A 1231 60.68 15.35 -73.73
N PRO A 1232 59.45 15.53 -73.21
CA PRO A 1232 59.13 16.67 -72.34
C PRO A 1232 59.79 16.55 -70.96
N SER A 1233 60.03 17.67 -70.29
CA SER A 1233 60.39 17.62 -68.87
C SER A 1233 59.23 18.13 -67.98
N VAL A 1234 59.05 17.56 -66.79
CA VAL A 1234 57.94 18.00 -65.93
C VAL A 1234 58.35 18.97 -64.81
N SER A 1235 57.59 20.06 -64.67
CA SER A 1235 57.78 20.98 -63.56
C SER A 1235 56.57 21.04 -62.65
N LEU A 1236 56.79 20.68 -61.39
CA LEU A 1236 55.71 20.49 -60.42
C LEU A 1236 56.17 21.00 -59.08
N GLU A 1237 55.21 21.53 -58.34
CA GLU A 1237 55.50 22.13 -57.06
C GLU A 1237 55.56 21.09 -55.92
N ALA A 1238 55.87 21.54 -54.71
CA ALA A 1238 56.06 20.66 -53.56
C ALA A 1238 54.81 19.87 -53.19
N HIS A 1239 53.66 20.55 -53.12
CA HIS A 1239 52.36 19.92 -52.84
C HIS A 1239 51.98 18.87 -53.89
N GLU A 1240 52.37 19.13 -55.15
CA GLU A 1240 52.05 18.26 -56.29
C GLU A 1240 52.79 16.93 -56.28
N VAL A 1241 53.75 16.78 -55.36
CA VAL A 1241 54.77 15.73 -55.41
C VAL A 1241 54.16 14.35 -55.39
N MET A 1242 53.20 14.14 -54.50
CA MET A 1242 52.52 12.88 -54.51
C MET A 1242 51.13 13.16 -54.93
N ARG A 1243 50.80 12.49 -56.02
CA ARG A 1243 49.54 12.63 -56.64
C ARG A 1243 49.27 11.29 -57.32
N PRO A 1244 48.04 10.78 -57.18
CA PRO A 1244 47.78 9.44 -57.69
C PRO A 1244 47.90 9.31 -59.21
N ASP A 1245 48.19 10.42 -59.88
CA ASP A 1245 48.32 10.42 -61.33
C ASP A 1245 49.49 11.28 -61.75
N ILE A 1246 50.71 10.83 -61.45
CA ILE A 1246 51.86 11.72 -61.70
C ILE A 1246 52.99 10.94 -62.31
N VAL A 1247 53.40 11.32 -63.51
CA VAL A 1247 54.41 10.56 -64.22
C VAL A 1247 55.56 11.47 -64.71
N ILE A 1248 56.79 11.08 -64.43
CA ILE A 1248 57.95 11.89 -64.77
C ILE A 1248 58.42 11.24 -66.03
N PRO A 1249 58.08 11.85 -67.19
CA PRO A 1249 58.21 11.16 -68.50
C PRO A 1249 59.65 10.79 -68.80
N THR A 1250 59.82 9.56 -69.27
CA THR A 1250 61.13 8.97 -69.48
C THR A 1250 61.23 8.52 -70.93
N ILE A 1251 62.45 8.20 -71.36
CA ILE A 1251 62.72 7.49 -72.60
C ILE A 1251 61.78 6.29 -72.76
N ASP A 1252 61.40 5.68 -71.63
CA ASP A 1252 60.55 4.49 -71.60
C ASP A 1252 59.08 4.76 -71.31
N THR A 1253 58.76 5.87 -70.67
CA THR A 1253 57.35 6.20 -70.48
C THR A 1253 56.65 6.42 -71.79
N ILE A 1254 57.27 7.25 -72.63
CA ILE A 1254 56.78 7.58 -73.96
C ILE A 1254 56.79 6.36 -74.87
N LYS A 1255 57.87 5.55 -74.78
CA LYS A 1255 57.99 4.31 -75.56
C LYS A 1255 56.80 3.33 -75.36
N HIS A 1256 56.51 3.06 -74.10
CA HIS A 1256 55.43 2.17 -73.73
C HIS A 1256 54.10 2.82 -73.99
N GLU A 1257 53.90 4.08 -73.58
CA GLU A 1257 52.60 4.76 -73.76
C GLU A 1257 52.25 4.81 -75.22
N LYS A 1258 53.24 4.98 -76.09
CA LYS A 1258 52.97 5.03 -77.52
C LYS A 1258 52.44 3.71 -78.01
N ILE A 1259 53.20 2.61 -77.84
CA ILE A 1259 52.74 1.26 -78.24
C ILE A 1259 51.40 0.87 -77.65
N PHE A 1260 51.28 1.04 -76.34
CA PHE A 1260 50.09 0.69 -75.57
C PHE A 1260 48.81 1.35 -76.20
N TYR A 1261 48.97 2.61 -76.59
CA TYR A 1261 47.90 3.35 -77.19
C TYR A 1261 47.62 2.92 -78.61
N ASP A 1262 48.68 2.58 -79.34
CA ASP A 1262 48.58 2.06 -80.69
C ASP A 1262 47.74 0.79 -80.75
N LEU A 1263 47.96 -0.15 -79.82
CA LEU A 1263 47.15 -1.37 -79.79
C LEU A 1263 45.66 -1.13 -79.52
N LEU A 1264 45.33 -0.22 -78.62
CA LEU A 1264 43.95 0.16 -78.41
C LEU A 1264 43.29 0.72 -79.68
N ASN A 1265 44.06 1.45 -80.49
CA ASN A 1265 43.56 1.96 -81.77
C ASN A 1265 43.25 0.81 -82.68
N SER A 1266 44.09 -0.23 -82.63
CA SER A 1266 43.75 -1.51 -83.24
C SER A 1266 42.53 -2.14 -82.59
N LYS A 1267 42.33 -1.89 -81.30
CA LYS A 1267 41.17 -2.41 -80.61
C LYS A 1267 41.43 -3.83 -80.15
N ARG A 1268 42.64 -4.34 -80.39
CA ARG A 1268 43.06 -5.57 -79.74
C ARG A 1268 43.26 -5.38 -78.21
N GLY A 1269 42.84 -6.34 -77.42
CA GLY A 1269 42.97 -6.27 -75.96
C GLY A 1269 44.43 -6.41 -75.61
N ILE A 1270 44.76 -5.80 -74.49
CA ILE A 1270 46.15 -5.73 -74.09
C ILE A 1270 46.32 -6.39 -72.73
N ILE A 1271 47.32 -7.24 -72.60
CA ILE A 1271 47.70 -7.74 -71.28
C ILE A 1271 49.10 -7.23 -70.99
N LEU A 1272 49.19 -6.50 -69.88
CA LEU A 1272 50.44 -5.95 -69.45
C LEU A 1272 50.93 -6.81 -68.34
N CYS A 1273 52.03 -7.51 -68.60
CA CYS A 1273 52.60 -8.38 -67.61
C CYS A 1273 53.91 -7.82 -67.07
N GLY A 1274 54.13 -7.95 -65.77
CA GLY A 1274 55.42 -7.59 -65.24
C GLY A 1274 55.40 -7.57 -63.73
N PRO A 1275 56.59 -7.37 -63.15
CA PRO A 1275 56.82 -7.29 -61.71
C PRO A 1275 56.04 -6.15 -61.08
N PRO A 1276 55.81 -6.23 -59.75
CA PRO A 1276 55.00 -5.18 -59.08
C PRO A 1276 55.75 -3.85 -58.96
N GLY A 1277 55.04 -2.75 -59.19
CA GLY A 1277 55.68 -1.43 -59.18
C GLY A 1277 56.46 -1.05 -60.44
N SER A 1278 56.43 -1.90 -61.47
CA SER A 1278 57.14 -1.64 -62.72
C SER A 1278 56.45 -0.58 -63.57
N GLY A 1279 55.27 -0.13 -63.12
CA GLY A 1279 54.48 0.88 -63.82
C GLY A 1279 53.55 0.49 -64.98
N LYS A 1280 53.09 -0.76 -65.01
CA LYS A 1280 52.11 -1.19 -66.00
C LYS A 1280 50.80 -0.43 -65.80
N THR A 1281 50.43 -0.25 -64.54
CA THR A 1281 49.24 0.50 -64.17
C THR A 1281 49.39 1.98 -64.48
N MET A 1282 50.52 2.59 -64.09
CA MET A 1282 50.83 4.04 -64.38
C MET A 1282 50.82 4.33 -65.87
N ILE A 1283 51.59 3.58 -66.66
CA ILE A 1283 51.68 3.76 -68.11
C ILE A 1283 50.29 3.68 -68.76
N MET A 1284 49.53 2.68 -68.33
CA MET A 1284 48.18 2.48 -68.81
C MET A 1284 47.27 3.64 -68.45
N ASN A 1285 47.28 4.05 -67.18
CA ASN A 1285 46.41 5.12 -66.71
C ASN A 1285 46.74 6.48 -67.30
N ASN A 1286 48.02 6.84 -67.30
CA ASN A 1286 48.44 8.15 -67.83
C ASN A 1286 48.21 8.34 -69.31
N ALA A 1287 48.38 7.27 -70.08
CA ALA A 1287 48.15 7.38 -71.52
C ALA A 1287 46.67 7.66 -71.84
N LEU A 1288 45.78 7.27 -70.91
CA LEU A 1288 44.33 7.33 -71.13
C LEU A 1288 43.60 8.41 -70.33
N ARG A 1289 44.11 8.74 -69.13
CA ARG A 1289 43.59 9.87 -68.34
C ARG A 1289 43.88 11.19 -69.05
N ASN A 1290 44.81 11.12 -69.99
CA ASN A 1290 45.18 12.23 -70.84
C ASN A 1290 44.30 12.45 -72.07
N SER A 1291 43.93 11.38 -72.78
CA SER A 1291 43.13 11.46 -74.05
C SER A 1291 41.61 11.61 -73.89
N SER A 1292 41.02 12.29 -74.88
CA SER A 1292 39.58 12.49 -74.98
C SER A 1292 38.78 11.25 -75.41
N LEU A 1293 39.42 10.41 -76.24
CA LEU A 1293 38.80 9.24 -76.88
C LEU A 1293 38.31 8.15 -75.89
N TYR A 1294 39.24 7.63 -75.12
CA TYR A 1294 38.92 6.62 -74.15
C TYR A 1294 38.71 7.13 -72.70
N ASP A 1295 37.93 6.38 -71.92
CA ASP A 1295 37.70 6.64 -70.49
C ASP A 1295 37.88 5.36 -69.65
N VAL A 1296 38.63 5.44 -68.56
CA VAL A 1296 39.03 4.28 -67.75
C VAL A 1296 38.05 3.91 -66.61
N VAL A 1297 37.92 2.59 -66.35
CA VAL A 1297 37.23 2.02 -65.15
C VAL A 1297 38.07 0.89 -64.57
N GLY A 1298 38.51 1.02 -63.33
CA GLY A 1298 39.45 0.09 -62.78
C GLY A 1298 38.79 -0.94 -61.91
N ILE A 1299 38.99 -2.19 -62.27
CA ILE A 1299 38.59 -3.30 -61.40
C ILE A 1299 39.82 -4.06 -60.87
N ASN A 1300 39.89 -4.22 -59.56
CA ASN A 1300 41.01 -4.95 -58.97
C ASN A 1300 40.54 -6.35 -58.56
N PHE A 1301 41.14 -7.37 -59.15
CA PHE A 1301 40.72 -8.77 -58.96
C PHE A 1301 41.48 -9.34 -57.78
N SER A 1302 40.86 -10.30 -57.09
CA SER A 1302 41.48 -11.06 -55.99
C SER A 1302 41.20 -12.56 -56.15
N LYS A 1303 41.81 -13.38 -55.28
CA LYS A 1303 41.76 -14.85 -55.41
C LYS A 1303 40.37 -15.34 -55.77
N ASP A 1304 39.33 -14.72 -55.24
CA ASP A 1304 37.98 -15.20 -55.52
C ASP A 1304 37.05 -14.08 -55.97
N THR A 1305 37.21 -13.60 -57.19
CA THR A 1305 36.35 -12.50 -57.69
C THR A 1305 35.23 -13.05 -58.60
N THR A 1306 34.02 -12.54 -58.46
CA THR A 1306 32.91 -12.99 -59.30
C THR A 1306 32.71 -12.19 -60.60
N THR A 1307 32.06 -12.82 -61.56
CA THR A 1307 31.71 -12.16 -62.82
C THR A 1307 30.64 -11.06 -62.70
N GLU A 1308 29.94 -11.00 -61.56
CA GLU A 1308 29.06 -9.87 -61.25
C GLU A 1308 29.86 -8.64 -60.89
N HIS A 1309 31.03 -8.84 -60.26
CA HIS A 1309 31.90 -7.73 -59.87
C HIS A 1309 32.26 -6.87 -61.07
N ILE A 1310 32.58 -7.54 -62.16
CA ILE A 1310 32.84 -6.89 -63.45
C ILE A 1310 31.62 -6.04 -63.90
N LEU A 1311 30.44 -6.67 -63.81
CA LEU A 1311 29.19 -6.07 -64.22
C LEU A 1311 28.78 -4.86 -63.36
N SER A 1312 28.88 -5.03 -62.04
CA SER A 1312 28.52 -3.99 -61.06
C SER A 1312 29.36 -2.71 -61.26
N ALA A 1313 30.67 -2.93 -61.38
CA ALA A 1313 31.62 -1.87 -61.65
C ALA A 1313 31.25 -1.14 -62.97
N LEU A 1314 30.88 -1.90 -63.99
CA LEU A 1314 30.47 -1.37 -65.29
C LEU A 1314 29.16 -0.58 -65.23
N HIS A 1315 28.23 -1.02 -64.39
CA HIS A 1315 26.89 -0.44 -64.32
C HIS A 1315 26.84 1.05 -63.98
N ARG A 1316 27.87 1.54 -63.27
CA ARG A 1316 28.03 2.97 -62.95
C ARG A 1316 28.38 3.82 -64.20
N HIS A 1317 29.13 3.19 -65.10
CA HIS A 1317 29.67 3.86 -66.27
C HIS A 1317 29.03 3.34 -67.57
N THR A 1318 27.99 2.49 -67.46
CA THR A 1318 27.29 1.94 -68.64
C THR A 1318 25.76 2.00 -68.60
N ASN A 1319 25.23 2.23 -69.78
CA ASN A 1319 23.86 2.62 -70.05
C ASN A 1319 23.31 1.64 -71.11
N TYR A 1320 22.40 0.75 -70.73
CA TYR A 1320 21.80 -0.21 -71.68
C TYR A 1320 20.79 0.50 -72.58
N VAL A 1321 20.88 0.31 -73.90
CA VAL A 1321 19.86 0.85 -74.81
C VAL A 1321 19.36 -0.21 -75.76
N THR A 1322 18.03 -0.32 -75.89
CA THR A 1322 17.41 -1.27 -76.80
C THR A 1322 17.24 -0.63 -78.20
N THR A 1323 18.34 -0.64 -78.96
CA THR A 1323 18.40 -0.20 -80.37
C THR A 1323 18.12 -1.43 -81.22
N SER A 1324 17.29 -1.31 -82.24
CA SER A 1324 16.94 -2.46 -83.10
C SER A 1324 18.13 -3.03 -83.90
N LYS A 1325 19.18 -2.23 -84.05
CA LYS A 1325 20.43 -2.63 -84.71
C LYS A 1325 21.20 -3.78 -84.03
N GLY A 1326 21.28 -3.78 -82.69
CA GLY A 1326 21.89 -4.92 -82.00
C GLY A 1326 20.99 -5.57 -80.95
N LEU A 1327 19.68 -5.32 -81.05
CA LEU A 1327 18.77 -5.62 -79.93
C LEU A 1327 19.30 -4.89 -78.70
N THR A 1328 19.36 -5.59 -77.57
CA THR A 1328 19.99 -5.05 -76.37
C THR A 1328 21.46 -4.81 -76.63
N LEU A 1329 21.92 -3.67 -76.13
CA LEU A 1329 23.32 -3.27 -76.21
C LEU A 1329 23.73 -2.74 -74.86
N LEU A 1330 25.03 -2.86 -74.56
CA LEU A 1330 25.60 -2.29 -73.36
C LEU A 1330 26.73 -1.36 -73.77
N PRO A 1331 26.40 -0.16 -74.30
CA PRO A 1331 27.49 0.76 -74.52
C PRO A 1331 27.83 1.54 -73.23
N LYS A 1332 28.86 2.36 -73.32
CA LYS A 1332 29.29 3.22 -72.24
C LYS A 1332 28.25 4.31 -71.98
N SER A 1333 28.10 4.71 -70.72
CA SER A 1333 27.08 5.70 -70.35
C SER A 1333 27.16 7.08 -71.06
N ASP A 1334 28.32 7.36 -71.66
CA ASP A 1334 28.56 8.57 -72.44
C ASP A 1334 28.95 8.19 -73.85
N ILE A 1335 28.95 9.14 -74.76
CA ILE A 1335 29.25 8.88 -76.18
C ILE A 1335 30.63 8.29 -76.54
N LYS A 1336 31.74 8.74 -75.94
CA LYS A 1336 33.10 8.22 -76.30
C LYS A 1336 33.60 6.94 -75.56
N ASN A 1337 34.52 6.17 -76.20
CA ASN A 1337 35.00 4.81 -75.76
C ASN A 1337 35.34 4.58 -74.28
N LEU A 1338 35.14 3.34 -73.82
CA LEU A 1338 35.48 2.93 -72.45
C LEU A 1338 36.58 1.87 -72.41
N VAL A 1339 37.42 1.93 -71.37
CA VAL A 1339 38.48 0.95 -71.08
C VAL A 1339 38.26 0.37 -69.68
N LEU A 1340 37.96 -0.92 -69.60
CA LEU A 1340 38.06 -1.64 -68.32
C LEU A 1340 39.50 -2.00 -68.09
N PHE A 1341 40.03 -1.48 -67.01
CA PHE A 1341 41.29 -1.97 -66.53
C PHE A 1341 41.12 -3.08 -65.46
N CYS A 1342 41.44 -4.31 -65.87
CA CYS A 1342 41.35 -5.44 -64.98
C CYS A 1342 42.72 -5.77 -64.38
N ASP A 1343 42.92 -5.32 -63.14
CA ASP A 1343 44.22 -5.50 -62.52
C ASP A 1343 44.23 -6.80 -61.78
N GLU A 1344 45.36 -7.48 -61.83
CA GLU A 1344 45.58 -8.79 -61.18
C GLU A 1344 44.67 -9.88 -61.76
N ILE A 1345 44.67 -9.94 -63.08
CA ILE A 1345 43.86 -10.86 -63.87
C ILE A 1345 44.23 -12.33 -63.61
N ASN A 1346 45.47 -12.59 -63.16
CA ASN A 1346 45.91 -13.98 -62.96
C ASN A 1346 45.83 -14.29 -61.50
N LEU A 1347 44.86 -13.61 -60.87
CA LEU A 1347 44.59 -13.82 -59.45
C LEU A 1347 43.39 -14.72 -59.18
N PRO A 1348 42.27 -14.55 -59.91
CA PRO A 1348 41.10 -15.35 -59.51
C PRO A 1348 41.36 -16.83 -59.71
N LYS A 1349 40.80 -17.61 -58.79
CA LYS A 1349 41.01 -19.03 -58.76
C LYS A 1349 40.03 -19.74 -59.70
N LEU A 1350 40.21 -21.05 -59.76
CA LEU A 1350 39.65 -21.93 -60.76
C LEU A 1350 38.89 -23.09 -60.12
N ASP A 1351 37.86 -23.58 -60.82
CA ASP A 1351 37.04 -24.69 -60.35
C ASP A 1351 37.92 -25.85 -59.97
N LYS A 1352 37.41 -26.71 -59.12
CA LYS A 1352 38.27 -27.76 -58.61
C LYS A 1352 38.77 -28.61 -59.77
N TYR A 1353 37.95 -28.71 -60.84
CA TYR A 1353 38.43 -29.19 -62.15
C TYR A 1353 39.59 -28.32 -62.61
N GLY A 1354 39.44 -27.02 -62.44
CA GLY A 1354 40.52 -26.07 -62.71
C GLY A 1354 40.23 -25.12 -63.84
N SER A 1355 39.09 -24.44 -63.79
CA SER A 1355 38.71 -23.51 -64.85
C SER A 1355 38.17 -22.17 -64.29
N GLN A 1356 38.86 -21.05 -64.56
CA GLN A 1356 38.47 -19.73 -64.01
C GLN A 1356 37.46 -19.06 -64.93
N ASN A 1357 36.27 -18.86 -64.41
CA ASN A 1357 35.14 -18.42 -65.21
C ASN A 1357 35.21 -16.93 -65.50
N VAL A 1358 35.79 -16.20 -64.55
CA VAL A 1358 36.00 -14.75 -64.62
C VAL A 1358 36.75 -14.35 -65.89
N VAL A 1359 37.85 -15.06 -66.11
CA VAL A 1359 38.73 -14.96 -67.26
C VAL A 1359 37.98 -15.38 -68.55
N LEU A 1360 37.19 -16.46 -68.47
CA LEU A 1360 36.41 -16.95 -69.62
C LEU A 1360 35.30 -15.98 -69.98
N PHE A 1361 34.91 -15.19 -68.98
CA PHE A 1361 33.87 -14.19 -69.11
C PHE A 1361 34.42 -13.03 -69.96
N LEU A 1362 35.66 -12.65 -69.65
CA LEU A 1362 36.38 -11.62 -70.41
C LEU A 1362 36.63 -12.14 -71.81
N ARG A 1363 36.99 -13.42 -71.88
CA ARG A 1363 37.29 -14.06 -73.14
C ARG A 1363 36.04 -13.97 -73.97
N GLN A 1364 34.89 -14.15 -73.31
CA GLN A 1364 33.61 -14.11 -73.99
C GLN A 1364 33.43 -12.73 -74.59
N LEU A 1365 33.78 -11.72 -73.79
CA LEU A 1365 33.65 -10.33 -74.19
C LEU A 1365 34.60 -9.99 -75.33
N MET A 1366 35.85 -10.49 -75.23
CA MET A 1366 36.83 -10.27 -76.29
C MET A 1366 36.44 -10.91 -77.60
N GLU A 1367 36.07 -12.21 -77.56
CA GLU A 1367 35.81 -12.97 -78.79
C GLU A 1367 34.40 -12.78 -79.34
N LYS A 1368 33.40 -12.99 -78.49
CA LYS A 1368 32.01 -12.87 -78.90
C LYS A 1368 31.64 -11.41 -79.10
N GLN A 1369 31.88 -10.59 -78.09
CA GLN A 1369 31.59 -9.15 -78.15
C GLN A 1369 30.36 -8.71 -77.41
N GLY A 1370 29.44 -9.64 -77.21
CA GLY A 1370 28.45 -9.54 -76.17
C GLY A 1370 28.56 -10.73 -75.23
N PHE A 1371 27.56 -10.89 -74.38
CA PHE A 1371 27.53 -11.95 -73.38
C PHE A 1371 26.07 -12.36 -73.07
N TRP A 1372 25.88 -13.53 -72.45
CA TRP A 1372 24.54 -13.99 -72.03
C TRP A 1372 24.26 -13.51 -70.62
N LYS A 1373 23.05 -12.93 -70.45
CA LYS A 1373 22.62 -12.30 -69.20
C LYS A 1373 22.26 -13.36 -68.17
N THR A 1374 22.93 -13.32 -67.01
CA THR A 1374 22.93 -14.47 -66.10
C THR A 1374 21.55 -14.75 -65.44
N PRO A 1375 20.89 -13.72 -64.86
CA PRO A 1375 19.53 -14.02 -64.35
C PRO A 1375 18.42 -13.87 -65.40
N GLU A 1376 18.42 -12.74 -66.09
CA GLU A 1376 17.36 -12.34 -67.02
C GLU A 1376 17.25 -13.19 -68.31
N ASN A 1377 18.35 -13.89 -68.65
CA ASN A 1377 18.44 -14.83 -69.81
C ASN A 1377 18.35 -14.36 -71.30
N LYS A 1378 19.06 -13.30 -71.68
CA LYS A 1378 19.20 -12.95 -73.11
C LYS A 1378 20.64 -12.55 -73.48
N TRP A 1379 20.88 -12.37 -74.77
CA TRP A 1379 22.12 -11.82 -75.31
C TRP A 1379 22.12 -10.31 -75.33
N VAL A 1380 23.11 -9.71 -74.68
CA VAL A 1380 23.35 -8.28 -74.78
C VAL A 1380 24.70 -8.11 -75.43
N THR A 1381 24.76 -7.36 -76.53
CA THR A 1381 26.00 -7.16 -77.27
C THR A 1381 26.66 -5.86 -76.86
N ILE A 1382 27.81 -5.98 -76.18
CA ILE A 1382 28.53 -4.81 -75.68
C ILE A 1382 29.11 -3.99 -76.83
N GLU A 1383 28.83 -2.70 -76.77
CA GLU A 1383 29.31 -1.76 -77.75
C GLU A 1383 30.47 -0.93 -77.23
N ARG A 1384 31.51 -0.87 -78.03
CA ARG A 1384 32.62 0.05 -77.81
C ARG A 1384 33.16 0.05 -76.39
N ILE A 1385 33.43 -1.13 -75.85
CA ILE A 1385 34.11 -1.26 -74.56
C ILE A 1385 35.39 -2.05 -74.75
N HIS A 1386 36.53 -1.57 -74.21
CA HIS A 1386 37.83 -2.30 -74.30
C HIS A 1386 38.31 -2.98 -73.02
N ILE A 1387 39.04 -4.07 -73.21
CA ILE A 1387 39.49 -4.86 -72.09
C ILE A 1387 41.02 -4.75 -72.01
N VAL A 1388 41.49 -4.21 -70.89
CA VAL A 1388 42.95 -4.13 -70.66
C VAL A 1388 43.27 -4.67 -69.27
N GLY A 1389 44.33 -5.48 -69.23
CA GLY A 1389 44.64 -6.23 -68.04
C GLY A 1389 46.10 -6.17 -67.67
N ALA A 1390 46.32 -6.05 -66.36
CA ALA A 1390 47.66 -6.16 -65.76
C ALA A 1390 47.76 -7.37 -64.84
N CYS A 1391 48.97 -7.88 -64.67
CA CYS A 1391 49.19 -9.16 -64.01
C CYS A 1391 50.67 -9.37 -63.80
N ASN A 1392 50.97 -10.26 -62.88
CA ASN A 1392 52.34 -10.53 -62.54
C ASN A 1392 52.81 -11.73 -63.32
N PRO A 1393 54.13 -12.00 -63.36
CA PRO A 1393 54.60 -13.24 -63.99
C PRO A 1393 53.89 -14.44 -63.36
N PRO A 1394 53.47 -15.45 -64.14
CA PRO A 1394 52.73 -16.51 -63.41
C PRO A 1394 53.66 -17.56 -62.76
N THR A 1395 54.96 -17.34 -62.85
CA THR A 1395 55.93 -18.04 -62.03
C THR A 1395 55.89 -17.57 -60.54
N ASP A 1396 55.44 -16.34 -60.31
CA ASP A 1396 55.22 -15.74 -58.98
C ASP A 1396 54.22 -16.52 -58.12
N PRO A 1397 54.40 -16.50 -56.78
CA PRO A 1397 53.44 -17.02 -55.80
C PRO A 1397 52.13 -16.24 -55.78
N GLY A 1398 51.03 -16.95 -55.55
CA GLY A 1398 49.67 -16.41 -55.61
C GLY A 1398 49.04 -16.57 -56.99
N ARG A 1399 49.92 -16.63 -57.99
CA ARG A 1399 49.54 -16.55 -59.39
C ARG A 1399 49.10 -17.88 -59.99
N ILE A 1400 48.07 -17.74 -60.80
CA ILE A 1400 47.31 -18.79 -61.43
C ILE A 1400 47.63 -18.75 -62.93
N PRO A 1401 47.83 -19.91 -63.56
CA PRO A 1401 47.98 -19.94 -65.02
C PRO A 1401 46.67 -19.63 -65.75
N MET A 1402 46.69 -18.70 -66.73
CA MET A 1402 45.55 -18.35 -67.61
C MET A 1402 45.45 -19.17 -68.88
N SER A 1403 44.23 -19.31 -69.40
CA SER A 1403 43.97 -20.12 -70.60
C SER A 1403 44.37 -19.43 -71.87
N GLU A 1404 45.21 -20.12 -72.66
CA GLU A 1404 45.62 -19.74 -74.02
C GLU A 1404 44.42 -19.37 -74.88
N ARG A 1405 43.24 -19.86 -74.50
CA ARG A 1405 41.97 -19.56 -75.17
C ARG A 1405 41.48 -18.14 -74.91
N PHE A 1406 41.87 -17.60 -73.74
CA PHE A 1406 41.70 -16.15 -73.41
C PHE A 1406 42.85 -15.16 -73.85
N THR A 1407 44.09 -15.49 -73.50
CA THR A 1407 45.26 -14.73 -73.94
C THR A 1407 45.57 -14.69 -75.47
N ARG A 1408 44.80 -15.44 -76.24
CA ARG A 1408 45.00 -15.51 -77.68
C ARG A 1408 44.38 -14.30 -78.33
N HIS A 1409 43.64 -13.53 -77.54
CA HIS A 1409 43.00 -12.32 -78.04
C HIS A 1409 43.69 -11.04 -77.56
N ALA A 1410 44.84 -11.22 -76.90
CA ALA A 1410 45.53 -10.12 -76.28
C ALA A 1410 46.97 -9.90 -76.72
N ALA A 1411 47.33 -8.63 -76.81
CA ALA A 1411 48.68 -8.21 -77.09
C ALA A 1411 49.38 -8.15 -75.74
N ILE A 1412 50.49 -8.87 -75.57
CA ILE A 1412 51.13 -8.91 -74.27
C ILE A 1412 52.40 -8.08 -74.24
N LEU A 1413 52.48 -7.17 -73.26
CA LEU A 1413 53.64 -6.30 -73.14
C LEU A 1413 54.24 -6.55 -71.80
N TYR A 1414 55.44 -7.11 -71.80
CA TYR A 1414 56.23 -7.20 -70.57
C TYR A 1414 56.97 -5.89 -70.17
N LEU A 1415 56.50 -5.23 -69.11
CA LEU A 1415 57.14 -4.03 -68.54
C LEU A 1415 57.87 -4.37 -67.27
N GLY A 1416 59.18 -4.13 -67.27
CA GLY A 1416 60.03 -4.46 -66.13
C GLY A 1416 60.41 -3.24 -65.33
N TYR A 1417 61.35 -3.41 -64.41
CA TYR A 1417 61.83 -2.29 -63.64
C TYR A 1417 62.71 -1.42 -64.50
N PRO A 1418 62.80 -0.13 -64.17
CA PRO A 1418 63.62 0.76 -65.00
C PRO A 1418 65.05 1.08 -64.51
N SER A 1419 66.06 0.57 -65.22
CA SER A 1419 67.41 1.08 -65.17
C SER A 1419 68.23 0.98 -63.86
N GLY A 1420 67.67 1.45 -62.74
CA GLY A 1420 68.46 1.75 -61.55
C GLY A 1420 69.24 3.02 -61.81
N LYS A 1421 69.21 3.47 -63.06
CA LYS A 1421 69.78 4.74 -63.48
C LYS A 1421 68.66 5.74 -63.86
N SER A 1422 67.52 5.23 -64.35
CA SER A 1422 66.32 6.05 -64.65
C SER A 1422 65.61 6.34 -63.34
N LEU A 1423 65.59 5.36 -62.45
CA LEU A 1423 65.07 5.54 -61.09
C LEU A 1423 65.81 6.63 -60.39
N SER A 1424 67.13 6.65 -60.50
CA SER A 1424 67.87 7.76 -59.90
C SER A 1424 67.52 9.16 -60.50
N GLN A 1425 67.37 9.18 -61.83
CA GLN A 1425 67.01 10.37 -62.59
C GLN A 1425 65.59 10.84 -62.29
N ILE A 1426 64.70 9.89 -62.07
CA ILE A 1426 63.30 10.17 -61.90
C ILE A 1426 63.04 10.80 -60.56
N TYR A 1427 63.71 10.27 -59.53
CA TYR A 1427 63.45 10.77 -58.19
C TYR A 1427 64.16 12.06 -57.89
N GLU A 1428 65.13 12.42 -58.74
CA GLU A 1428 65.80 13.69 -58.63
C GLU A 1428 64.74 14.76 -58.84
N ILE A 1429 63.88 14.54 -59.83
CA ILE A 1429 62.82 15.48 -60.21
C ILE A 1429 61.73 15.50 -59.15
N TYR A 1430 61.66 14.39 -58.41
CA TYR A 1430 60.79 14.27 -57.21
C TYR A 1430 61.32 15.07 -56.04
N TYR A 1431 62.63 15.00 -55.86
CA TYR A 1431 63.27 15.77 -54.83
C TYR A 1431 63.28 17.29 -55.19
N LYS A 1432 63.52 17.58 -56.46
CA LYS A 1432 63.43 18.93 -57.03
C LYS A 1432 62.14 19.62 -56.58
N ALA A 1433 61.02 18.96 -56.78
CA ALA A 1433 59.71 19.49 -56.41
C ALA A 1433 59.56 19.68 -54.88
N ILE A 1434 60.05 18.77 -54.06
CA ILE A 1434 59.83 18.90 -52.61
C ILE A 1434 60.83 19.84 -51.97
N PHE A 1435 61.96 20.06 -52.64
CA PHE A 1435 62.97 21.02 -52.15
C PHE A 1435 62.71 22.51 -52.53
N LYS A 1436 61.54 22.76 -53.12
CA LYS A 1436 61.00 24.10 -53.27
C LYS A 1436 60.49 24.59 -51.91
N LEU A 1437 60.46 23.68 -50.94
CA LEU A 1437 60.12 23.99 -49.56
C LEU A 1437 61.34 24.36 -48.69
N VAL A 1438 62.50 23.82 -49.06
CA VAL A 1438 63.76 24.10 -48.38
C VAL A 1438 64.78 24.46 -49.43
N PRO A 1439 64.74 25.74 -49.88
CA PRO A 1439 65.46 26.10 -51.09
C PRO A 1439 66.95 26.21 -50.86
N GLU A 1440 67.37 26.28 -49.59
CA GLU A 1440 68.77 26.42 -49.22
C GLU A 1440 69.51 25.10 -49.40
N PHE A 1441 68.77 24.05 -49.69
CA PHE A 1441 69.33 22.72 -49.91
C PHE A 1441 68.98 22.16 -51.30
N ARG A 1442 68.70 23.06 -52.24
CA ARG A 1442 68.40 22.76 -53.64
C ARG A 1442 69.53 21.99 -54.30
N SER A 1443 70.76 22.19 -53.82
CA SER A 1443 71.90 21.41 -54.33
C SER A 1443 71.97 20.00 -53.77
N TYR A 1444 71.16 19.74 -52.75
CA TYR A 1444 71.12 18.44 -52.12
C TYR A 1444 70.09 17.47 -52.72
N THR A 1445 69.38 17.88 -53.78
CA THR A 1445 68.33 17.02 -54.36
C THR A 1445 68.91 15.81 -55.08
N GLU A 1446 69.98 16.02 -55.82
CA GLU A 1446 70.62 14.89 -56.52
C GLU A 1446 71.24 13.83 -55.61
N PRO A 1447 72.03 14.22 -54.59
CA PRO A 1447 72.54 13.16 -53.72
C PRO A 1447 71.45 12.46 -52.85
N PHE A 1448 70.34 13.13 -52.59
CA PHE A 1448 69.22 12.48 -51.96
C PHE A 1448 68.56 11.42 -52.85
N ALA A 1449 68.35 11.77 -54.12
CA ALA A 1449 67.74 10.90 -55.09
C ALA A 1449 68.65 9.72 -55.40
N ARG A 1450 69.94 9.95 -55.35
CA ARG A 1450 70.88 8.89 -55.63
C ARG A 1450 70.98 7.93 -54.43
N ALA A 1451 70.82 8.49 -53.23
CA ALA A 1451 70.83 7.72 -52.01
C ALA A 1451 69.57 6.86 -51.85
N SER A 1452 68.41 7.45 -52.12
CA SER A 1452 67.11 6.77 -51.98
C SER A 1452 67.09 5.53 -52.88
N VAL A 1453 67.57 5.68 -54.11
CA VAL A 1453 67.71 4.58 -55.05
C VAL A 1453 68.74 3.54 -54.59
N HIS A 1454 69.84 4.00 -53.99
CA HIS A 1454 70.83 3.06 -53.49
C HIS A 1454 70.29 2.23 -52.34
N LEU A 1455 69.60 2.90 -51.40
CA LEU A 1455 68.99 2.24 -50.25
C LEU A 1455 67.96 1.19 -50.71
N TYR A 1456 67.14 1.58 -51.68
CA TYR A 1456 66.24 0.67 -52.40
C TYR A 1456 66.97 -0.53 -53.04
N ASN A 1457 67.98 -0.26 -53.88
CA ASN A 1457 68.71 -1.30 -54.58
C ASN A 1457 69.21 -2.33 -53.61
N GLU A 1458 69.64 -1.86 -52.45
CA GLU A 1458 70.27 -2.73 -51.49
C GLU A 1458 69.26 -3.49 -50.65
N CYS A 1459 68.20 -2.82 -50.24
CA CYS A 1459 67.18 -3.50 -49.47
C CYS A 1459 66.59 -4.61 -50.26
N LYS A 1460 66.29 -4.35 -51.55
CA LYS A 1460 65.77 -5.36 -52.47
C LYS A 1460 66.67 -6.59 -52.59
N ALA A 1461 67.99 -6.32 -52.60
CA ALA A 1461 69.02 -7.34 -52.67
C ALA A 1461 69.29 -8.07 -51.37
N ARG A 1462 69.38 -7.35 -50.26
CA ARG A 1462 69.70 -7.98 -48.97
C ARG A 1462 68.52 -8.71 -48.35
N TYR A 1463 67.32 -8.16 -48.51
CA TYR A 1463 66.13 -8.77 -47.89
C TYR A 1463 65.20 -9.20 -48.97
N SER A 1464 65.36 -10.45 -49.35
CA SER A 1464 64.66 -11.04 -50.46
C SER A 1464 63.61 -12.06 -50.00
N THR A 1465 62.85 -12.58 -50.95
CA THR A 1465 61.81 -13.54 -50.65
C THR A 1465 62.40 -14.90 -50.28
N GLY A 1466 63.72 -15.01 -50.35
CA GLY A 1466 64.45 -16.15 -49.75
C GLY A 1466 64.49 -16.15 -48.22
N LEU A 1467 64.52 -14.98 -47.61
CA LEU A 1467 64.53 -14.87 -46.16
C LEU A 1467 63.09 -14.87 -45.58
N GLN A 1468 62.21 -14.04 -46.15
CA GLN A 1468 60.81 -13.92 -45.75
C GLN A 1468 59.99 -13.58 -46.98
N SER A 1469 58.75 -14.06 -46.98
CA SER A 1469 57.77 -13.82 -48.05
C SER A 1469 57.54 -12.36 -48.30
N HIS A 1470 57.36 -11.61 -47.22
CA HIS A 1470 56.94 -10.23 -47.35
C HIS A 1470 58.13 -9.34 -47.78
N TYR A 1471 59.29 -9.94 -47.95
CA TYR A 1471 60.42 -9.14 -48.40
C TYR A 1471 60.34 -8.88 -49.91
N LEU A 1472 59.54 -7.88 -50.28
CA LEU A 1472 59.19 -7.63 -51.66
C LEU A 1472 59.30 -6.12 -51.85
N PHE A 1473 60.34 -5.67 -52.57
CA PHE A 1473 60.54 -4.23 -52.74
C PHE A 1473 60.41 -3.80 -54.19
N SER A 1474 60.05 -2.54 -54.39
CA SER A 1474 59.72 -2.00 -55.71
C SER A 1474 59.88 -0.46 -55.72
N PRO A 1475 59.81 0.19 -56.91
CA PRO A 1475 59.86 1.65 -56.98
C PRO A 1475 58.72 2.32 -56.23
N ARG A 1476 57.70 1.53 -55.91
CA ARG A 1476 56.63 2.01 -55.07
C ARG A 1476 57.19 2.56 -53.75
N GLU A 1477 58.14 1.83 -53.16
CA GLU A 1477 58.73 2.20 -51.88
C GLU A 1477 59.45 3.53 -51.98
N LEU A 1478 60.20 3.71 -53.06
CA LEU A 1478 60.88 4.96 -53.37
C LEU A 1478 59.91 6.14 -53.32
N THR A 1479 58.80 6.00 -54.08
CA THR A 1479 57.77 7.02 -54.13
C THR A 1479 57.07 7.19 -52.77
N ARG A 1480 57.09 6.13 -51.96
CA ARG A 1480 56.49 6.16 -50.66
C ARG A 1480 57.40 6.95 -49.72
N LEU A 1481 58.70 6.71 -49.87
CA LEU A 1481 59.75 7.42 -49.15
C LEU A 1481 59.81 8.90 -49.57
N VAL A 1482 59.73 9.17 -50.86
CA VAL A 1482 59.69 10.52 -51.37
C VAL A 1482 58.55 11.34 -50.82
N ARG A 1483 57.35 10.80 -50.82
CA ARG A 1483 56.24 11.51 -50.25
C ARG A 1483 56.38 11.62 -48.75
N GLY A 1484 56.77 10.52 -48.11
CA GLY A 1484 57.01 10.46 -46.66
C GLY A 1484 57.94 11.59 -46.20
N VAL A 1485 58.96 11.86 -47.03
CA VAL A 1485 59.91 12.95 -46.81
C VAL A 1485 59.22 14.31 -46.94
N TYR A 1486 58.57 14.59 -48.09
CA TYR A 1486 57.80 15.84 -48.24
C TYR A 1486 56.87 16.15 -47.06
N THR A 1487 56.04 15.19 -46.66
CA THR A 1487 55.03 15.42 -45.62
C THR A 1487 55.70 15.89 -44.32
N ALA A 1488 56.89 15.36 -44.05
CA ALA A 1488 57.64 15.77 -42.86
C ALA A 1488 58.20 17.18 -42.98
N ILE A 1489 58.65 17.53 -44.19
CA ILE A 1489 59.12 18.89 -44.53
C ILE A 1489 57.96 19.88 -44.50
N ASN A 1490 56.91 19.64 -45.28
CA ASN A 1490 55.75 20.54 -45.37
C ASN A 1490 55.11 20.83 -44.02
N THR A 1491 55.37 19.97 -43.06
CA THR A 1491 54.86 20.23 -41.75
C THR A 1491 55.92 20.15 -40.66
N GLY A 1492 57.15 20.54 -41.00
CA GLY A 1492 58.23 20.68 -40.02
C GLY A 1492 58.91 22.06 -39.87
N PRO A 1493 59.64 22.28 -38.75
CA PRO A 1493 60.34 23.55 -38.52
C PRO A 1493 61.43 23.67 -39.54
N ARG A 1494 61.85 24.90 -39.89
CA ARG A 1494 62.90 25.07 -40.91
C ARG A 1494 64.12 24.17 -40.66
N GLN A 1495 64.58 23.55 -41.74
CA GLN A 1495 65.35 22.32 -41.62
C GLN A 1495 66.82 22.58 -41.88
N THR A 1496 67.65 22.14 -40.93
CA THR A 1496 69.09 22.08 -41.15
C THR A 1496 69.43 20.84 -42.02
N LEU A 1497 70.60 20.81 -42.68
CA LEU A 1497 71.02 19.62 -43.42
C LEU A 1497 71.09 18.42 -42.51
N ARG A 1498 71.44 18.64 -41.25
CA ARG A 1498 71.38 17.59 -40.28
C ARG A 1498 69.95 17.12 -40.00
N SER A 1499 68.97 18.03 -40.10
CA SER A 1499 67.57 17.67 -39.98
C SER A 1499 67.09 16.84 -41.16
N LEU A 1500 67.21 17.40 -42.36
CA LEU A 1500 66.79 16.75 -43.61
C LEU A 1500 67.29 15.31 -43.76
N ILE A 1501 68.59 15.07 -43.49
CA ILE A 1501 69.12 13.71 -43.60
C ILE A 1501 68.48 12.78 -42.58
N ARG A 1502 68.22 13.30 -41.37
CA ARG A 1502 67.62 12.49 -40.32
C ARG A 1502 66.14 12.28 -40.59
N LEU A 1503 65.55 13.30 -41.21
CA LEU A 1503 64.18 13.27 -41.69
C LEU A 1503 64.04 12.17 -42.77
N TRP A 1504 65.05 12.09 -43.63
CA TRP A 1504 65.13 11.12 -44.71
C TRP A 1504 65.42 9.76 -44.14
N ALA A 1505 66.32 9.71 -43.16
CA ALA A 1505 66.60 8.48 -42.42
C ALA A 1505 65.39 7.89 -41.70
N TYR A 1506 64.53 8.74 -41.14
CA TYR A 1506 63.36 8.22 -40.43
C TYR A 1506 62.38 7.58 -41.38
N GLU A 1507 62.13 8.24 -42.51
CA GLU A 1507 61.26 7.69 -43.53
C GLU A 1507 61.83 6.43 -44.18
N ALA A 1508 63.13 6.42 -44.42
CA ALA A 1508 63.84 5.23 -44.84
C ALA A 1508 63.61 4.03 -43.90
N TRP A 1509 63.56 4.30 -42.59
CA TRP A 1509 63.39 3.27 -41.58
C TRP A 1509 61.99 2.69 -41.64
N ARG A 1510 61.02 3.59 -41.74
CA ARG A 1510 59.60 3.24 -41.72
C ARG A 1510 59.13 2.53 -43.00
N ILE A 1511 59.84 2.77 -44.10
CA ILE A 1511 59.45 2.25 -45.40
C ILE A 1511 60.13 0.89 -45.67
N PHE A 1512 61.40 0.80 -45.31
CA PHE A 1512 62.14 -0.38 -45.68
C PHE A 1512 62.39 -1.40 -44.54
N ALA A 1513 62.44 -0.95 -43.30
CA ALA A 1513 62.90 -1.82 -42.22
C ALA A 1513 61.86 -2.19 -41.17
N ASP A 1514 60.72 -1.49 -41.14
CA ASP A 1514 59.65 -1.82 -40.19
C ASP A 1514 59.14 -3.25 -40.43
N ARG A 1515 59.22 -3.66 -41.70
CA ARG A 1515 58.80 -4.97 -42.16
C ARG A 1515 59.80 -6.08 -41.82
N LEU A 1516 61.05 -5.71 -41.55
CA LEU A 1516 62.09 -6.68 -41.29
C LEU A 1516 61.85 -7.43 -39.97
N VAL A 1517 62.00 -8.75 -40.01
CA VAL A 1517 61.88 -9.62 -38.81
C VAL A 1517 63.24 -9.76 -38.11
N GLY A 1518 63.20 -10.11 -36.84
CA GLY A 1518 64.44 -10.38 -36.11
C GLY A 1518 65.39 -9.20 -36.02
N VAL A 1519 66.67 -9.51 -35.83
CA VAL A 1519 67.62 -8.47 -35.48
C VAL A 1519 68.83 -8.44 -36.38
N LYS A 1520 69.21 -9.58 -36.94
CA LYS A 1520 70.39 -9.66 -37.83
C LYS A 1520 70.23 -8.78 -39.07
N GLU A 1521 69.02 -8.81 -39.61
CA GLU A 1521 68.61 -8.01 -40.76
C GLU A 1521 68.37 -6.57 -40.35
N LYS A 1522 67.82 -6.36 -39.16
CA LYS A 1522 67.51 -5.02 -38.69
C LYS A 1522 68.77 -4.23 -38.38
N ASN A 1523 69.81 -4.91 -37.93
CA ASN A 1523 71.13 -4.28 -37.70
C ASN A 1523 71.81 -3.99 -39.01
N SER A 1524 71.56 -4.88 -39.96
CA SER A 1524 72.11 -4.82 -41.31
C SER A 1524 71.68 -3.53 -42.02
N PHE A 1525 70.42 -3.16 -41.80
CA PHE A 1525 69.85 -1.95 -42.36
C PHE A 1525 70.46 -0.72 -41.70
N GLU A 1526 70.71 -0.80 -40.39
CA GLU A 1526 71.26 0.36 -39.67
C GLU A 1526 72.60 0.70 -40.29
N GLN A 1527 73.38 -0.33 -40.61
CA GLN A 1527 74.70 -0.13 -41.15
C GLN A 1527 74.60 0.24 -42.62
N LEU A 1528 73.63 -0.31 -43.35
CA LEU A 1528 73.38 0.08 -44.74
C LEU A 1528 73.05 1.58 -44.89
N LEU A 1529 72.14 2.08 -44.04
CA LEU A 1529 71.81 3.50 -43.94
C LEU A 1529 73.05 4.34 -43.63
N TYR A 1530 73.88 3.90 -42.68
CA TYR A 1530 75.18 4.52 -42.37
C TYR A 1530 76.13 4.50 -43.59
N GLU A 1531 76.20 3.35 -44.26
CA GLU A 1531 77.01 3.15 -45.49
C GLU A 1531 76.60 4.05 -46.66
N THR A 1532 75.31 4.33 -46.76
CA THR A 1532 74.75 5.14 -47.84
C THR A 1532 74.91 6.64 -47.60
N VAL A 1533 74.69 7.11 -46.36
CA VAL A 1533 74.91 8.53 -46.02
C VAL A 1533 76.38 8.91 -46.24
N ASP A 1534 77.27 8.05 -45.77
CA ASP A 1534 78.72 8.15 -45.97
C ASP A 1534 79.15 8.26 -47.45
N LYS A 1535 78.41 7.64 -48.35
CA LYS A 1535 78.73 7.66 -49.78
C LYS A 1535 78.09 8.83 -50.56
N TYR A 1536 76.98 9.38 -50.04
CA TYR A 1536 76.23 10.40 -50.79
C TYR A 1536 76.10 11.74 -50.09
N LEU A 1537 76.04 11.73 -48.75
CA LEU A 1537 75.89 12.94 -47.94
C LEU A 1537 76.91 12.98 -46.79
N PRO A 1538 78.20 13.30 -47.07
CA PRO A 1538 79.22 13.07 -46.03
C PRO A 1538 79.31 14.14 -44.93
N ASN A 1539 78.77 13.81 -43.77
CA ASN A 1539 78.67 14.71 -42.64
C ASN A 1539 79.10 14.01 -41.36
N GLN A 1540 79.73 14.78 -40.48
CA GLN A 1540 79.98 14.36 -39.09
C GLN A 1540 79.03 15.08 -38.10
N ASP A 1541 77.98 15.69 -38.65
CA ASP A 1541 76.88 16.20 -37.85
C ASP A 1541 75.79 15.17 -37.55
N LEU A 1542 75.80 14.03 -38.26
CA LEU A 1542 74.94 12.87 -37.91
C LEU A 1542 75.13 12.36 -36.49
N GLY A 1543 74.10 11.70 -35.98
CA GLY A 1543 74.13 11.09 -34.64
C GLY A 1543 73.90 9.59 -34.70
N ASN A 1544 73.22 9.04 -33.69
CA ASN A 1544 72.82 7.63 -33.72
C ASN A 1544 71.61 7.54 -34.63
N ILE A 1545 71.78 6.80 -35.72
CA ILE A 1545 70.79 6.74 -36.78
C ILE A 1545 69.77 5.59 -36.57
N SER A 1546 69.98 4.75 -35.55
CA SER A 1546 69.06 3.67 -35.19
C SER A 1546 67.73 4.23 -34.75
N SER A 1547 66.68 3.46 -35.00
CA SER A 1547 65.31 3.97 -34.88
C SER A 1547 64.92 4.39 -33.46
N THR A 1548 65.56 3.74 -32.49
CA THR A 1548 65.41 4.02 -31.06
C THR A 1548 65.83 5.46 -30.70
N SER A 1549 66.85 5.98 -31.40
CA SER A 1549 67.38 7.32 -31.17
C SER A 1549 66.76 8.44 -32.01
N LEU A 1550 66.31 8.17 -33.23
CA LEU A 1550 65.59 9.19 -33.99
C LEU A 1550 64.10 8.97 -33.93
N LEU A 1551 63.45 9.86 -33.20
CA LEU A 1551 62.03 9.78 -32.96
C LEU A 1551 61.43 11.08 -33.48
N PHE A 1552 60.53 10.94 -34.46
CA PHE A 1552 59.94 12.10 -35.11
C PHE A 1552 58.46 12.10 -34.84
N SER A 1553 57.93 13.26 -34.42
CA SER A 1553 56.55 13.35 -33.96
C SER A 1553 55.93 14.73 -34.03
N GLY A 1554 54.61 14.74 -34.24
CA GLY A 1554 53.80 15.94 -34.23
C GLY A 1554 52.83 15.88 -33.07
N LEU A 1555 53.21 15.12 -32.03
CA LEU A 1555 52.44 14.98 -30.79
C LEU A 1555 52.78 16.09 -29.79
N LEU A 1556 54.05 16.49 -29.81
CA LEU A 1556 54.58 17.49 -28.90
C LEU A 1556 54.43 18.91 -29.43
N SER A 1557 54.86 19.13 -30.67
CA SER A 1557 54.78 20.44 -31.30
C SER A 1557 53.68 20.45 -32.34
N LEU A 1558 53.41 21.64 -32.89
CA LEU A 1558 52.52 21.77 -34.04
C LEU A 1558 53.22 21.31 -35.31
N ASP A 1559 54.55 21.46 -35.32
CA ASP A 1559 55.36 21.05 -36.47
C ASP A 1559 56.02 19.71 -36.21
N PHE A 1560 56.14 18.93 -37.28
CA PHE A 1560 56.71 17.58 -37.23
C PHE A 1560 58.21 17.78 -37.12
N LYS A 1561 58.72 17.38 -35.96
CA LYS A 1561 60.08 17.65 -35.55
C LYS A 1561 60.64 16.38 -34.90
N GLU A 1562 61.95 16.19 -34.91
CA GLU A 1562 62.55 15.15 -34.08
C GLU A 1562 62.41 15.58 -32.61
N VAL A 1563 61.94 14.68 -31.76
CA VAL A 1563 61.66 15.05 -30.39
C VAL A 1563 62.61 14.29 -29.48
N ASN A 1564 62.74 14.80 -28.26
CA ASN A 1564 63.53 14.20 -27.18
C ASN A 1564 62.88 12.97 -26.50
N LYS A 1565 63.70 11.93 -26.31
CA LYS A 1565 63.31 10.63 -25.75
C LYS A 1565 62.56 10.76 -24.40
N THR A 1566 63.08 11.64 -23.56
CA THR A 1566 62.50 11.91 -22.25
C THR A 1566 61.21 12.74 -22.34
N ASP A 1567 61.20 13.74 -23.24
CA ASP A 1567 60.02 14.58 -23.50
C ASP A 1567 58.82 13.75 -24.00
N LEU A 1568 59.11 12.74 -24.84
CA LEU A 1568 58.08 11.87 -25.40
C LEU A 1568 57.49 10.90 -24.38
N VAL A 1569 58.36 10.22 -23.63
CA VAL A 1569 57.92 9.20 -22.67
C VAL A 1569 56.97 9.81 -21.62
N ASN A 1570 57.32 11.00 -21.15
CA ASN A 1570 56.49 11.74 -20.20
C ASN A 1570 55.15 12.18 -20.79
N PHE A 1571 55.17 12.50 -22.09
CA PHE A 1571 53.97 12.87 -22.85
C PHE A 1571 53.01 11.68 -23.00
N ILE A 1572 53.59 10.50 -23.23
CA ILE A 1572 52.82 9.24 -23.30
C ILE A 1572 52.23 8.90 -21.92
N GLU A 1573 53.05 9.06 -20.87
CA GLU A 1573 52.65 8.74 -19.52
C GLU A 1573 51.41 9.52 -19.05
N GLU A 1574 51.34 10.80 -19.41
CA GLU A 1574 50.19 11.64 -19.04
C GLU A 1574 48.96 11.33 -19.86
N ARG A 1575 49.21 10.81 -21.07
CA ARG A 1575 48.13 10.54 -21.99
C ARG A 1575 47.58 9.13 -21.80
N PHE A 1576 48.41 8.23 -21.28
CA PHE A 1576 47.99 6.85 -21.11
C PHE A 1576 47.05 6.67 -19.92
N LYS A 1577 47.34 7.35 -18.81
CA LYS A 1577 46.44 7.39 -17.66
C LYS A 1577 45.06 7.89 -18.10
N THR A 1578 45.07 8.95 -18.90
CA THR A 1578 43.86 9.57 -19.48
C THR A 1578 43.07 8.57 -20.34
N PHE A 1579 43.78 7.95 -21.28
CA PHE A 1579 43.24 6.89 -22.12
C PHE A 1579 42.82 5.67 -21.29
N CYS A 1580 43.59 5.38 -20.24
CA CYS A 1580 43.23 4.32 -19.31
C CYS A 1580 41.93 4.69 -18.57
N ASP A 1581 41.84 5.90 -18.05
CA ASP A 1581 40.64 6.33 -17.34
C ASP A 1581 39.44 6.50 -18.26
N GLU A 1582 39.64 7.19 -19.39
CA GLU A 1582 38.54 7.52 -20.30
C GLU A 1582 37.96 6.32 -21.05
N GLU A 1583 38.84 5.45 -21.54
CA GLU A 1583 38.43 4.26 -22.31
C GLU A 1583 38.46 3.00 -21.41
N LEU A 1584 38.51 1.80 -21.99
CA LEU A 1584 38.64 0.55 -21.24
C LEU A 1584 39.85 0.51 -20.28
N GLU A 1585 39.62 0.05 -19.06
CA GLU A 1585 40.63 0.03 -17.99
C GLU A 1585 41.64 -1.13 -18.10
N VAL A 1586 42.85 -0.83 -18.55
CA VAL A 1586 44.01 -1.76 -18.54
C VAL A 1586 45.33 -1.00 -18.28
N PRO A 1587 46.01 -1.25 -17.13
CA PRO A 1587 47.28 -0.54 -16.86
C PRO A 1587 48.53 -1.23 -17.45
N MET A 1588 49.45 -0.47 -18.04
CA MET A 1588 50.69 -1.05 -18.63
C MET A 1588 52.00 -0.26 -18.39
N VAL A 1589 53.14 -0.89 -18.68
CA VAL A 1589 54.47 -0.27 -18.52
C VAL A 1589 55.00 0.21 -19.87
N ILE A 1590 55.19 1.52 -19.96
CA ILE A 1590 55.64 2.14 -21.21
C ILE A 1590 57.16 2.02 -21.27
N HIS A 1591 57.65 1.36 -22.31
CA HIS A 1591 59.07 1.00 -22.45
C HIS A 1591 59.67 1.42 -23.79
N GLU A 1592 60.99 1.34 -23.90
CA GLU A 1592 61.74 1.86 -25.05
C GLU A 1592 61.16 1.45 -26.43
N SER A 1593 60.80 0.17 -26.57
CA SER A 1593 60.20 -0.32 -27.81
C SER A 1593 58.87 0.35 -28.13
N MET A 1594 58.07 0.54 -27.08
CA MET A 1594 56.68 0.95 -27.22
C MET A 1594 56.56 2.38 -27.75
N VAL A 1595 57.48 3.25 -27.31
CA VAL A 1595 57.51 4.63 -27.79
C VAL A 1595 57.83 4.61 -29.28
N ASP A 1596 58.85 3.84 -29.66
CA ASP A 1596 59.20 3.72 -31.07
C ASP A 1596 58.03 3.19 -31.91
N HIS A 1597 57.30 2.22 -31.37
CA HIS A 1597 56.12 1.67 -32.05
C HIS A 1597 54.93 2.60 -32.09
N ILE A 1598 54.74 3.41 -31.04
CA ILE A 1598 53.62 4.35 -31.01
C ILE A 1598 53.71 5.38 -32.14
N LEU A 1599 54.93 5.88 -32.39
CA LEU A 1599 55.26 6.78 -33.54
C LEU A 1599 55.00 6.17 -34.90
N ARG A 1600 55.36 4.89 -35.04
CA ARG A 1600 55.09 4.10 -36.24
C ARG A 1600 53.61 4.14 -36.62
N ILE A 1601 52.76 3.72 -35.69
CA ILE A 1601 51.34 3.72 -35.91
C ILE A 1601 50.78 5.14 -36.07
N ASP A 1602 51.41 6.11 -35.40
CA ASP A 1602 51.03 7.52 -35.53
C ASP A 1602 51.13 8.05 -36.97
N ARG A 1603 52.28 7.82 -37.62
CA ARG A 1603 52.45 8.25 -39.03
C ARG A 1603 51.49 7.53 -39.97
N ALA A 1604 51.29 6.24 -39.69
CA ALA A 1604 50.36 5.41 -40.44
C ALA A 1604 48.97 6.00 -40.35
N LEU A 1605 48.50 6.13 -39.12
CA LEU A 1605 47.14 6.60 -38.86
C LEU A 1605 46.91 8.04 -39.29
N LYS A 1606 47.98 8.79 -39.51
CA LYS A 1606 47.86 10.17 -40.00
C LYS A 1606 47.65 10.25 -41.53
N GLN A 1607 48.38 9.42 -42.32
CA GLN A 1607 48.40 9.52 -43.81
C GLN A 1607 47.05 9.26 -44.41
N VAL A 1608 46.81 9.83 -45.61
CA VAL A 1608 45.43 9.97 -46.17
C VAL A 1608 44.74 8.64 -46.18
N GLN A 1609 45.43 7.70 -46.80
CA GLN A 1609 45.04 6.34 -46.79
C GLN A 1609 46.02 5.67 -45.87
N GLY A 1610 45.48 5.12 -44.80
CA GLY A 1610 46.28 4.62 -43.69
C GLY A 1610 45.92 3.20 -43.41
N HIS A 1611 46.88 2.34 -43.66
CA HIS A 1611 46.70 0.93 -43.50
C HIS A 1611 48.01 0.48 -42.98
N MET A 1612 47.97 -0.16 -41.82
CA MET A 1612 49.15 -0.77 -41.29
C MET A 1612 48.65 -2.14 -40.89
N MET A 1613 49.41 -3.19 -41.26
CA MET A 1613 49.22 -4.51 -40.66
C MET A 1613 50.37 -4.84 -39.69
N LEU A 1614 50.01 -5.12 -38.42
CA LEU A 1614 50.92 -5.27 -37.28
C LEU A 1614 51.17 -6.71 -37.00
N ILE A 1615 52.42 -7.15 -36.99
CA ILE A 1615 52.71 -8.56 -36.72
C ILE A 1615 53.36 -8.75 -35.33
N GLY A 1616 52.54 -9.07 -34.32
CA GLY A 1616 52.93 -8.87 -32.92
C GLY A 1616 53.06 -10.07 -32.00
N ALA A 1617 53.04 -11.27 -32.57
CA ALA A 1617 53.08 -12.47 -31.75
C ALA A 1617 51.81 -12.46 -30.90
N SER A 1618 51.97 -12.63 -29.59
CA SER A 1618 50.82 -12.51 -28.73
C SER A 1618 51.18 -11.89 -27.43
N ARG A 1619 50.28 -11.06 -26.95
CA ARG A 1619 50.46 -10.42 -25.67
C ARG A 1619 51.47 -9.29 -25.78
N THR A 1620 52.06 -9.10 -26.97
CA THR A 1620 53.00 -7.97 -27.16
C THR A 1620 52.30 -6.67 -26.79
N GLY A 1621 51.03 -6.62 -27.16
CA GLY A 1621 50.18 -5.47 -26.91
C GLY A 1621 49.82 -4.79 -28.23
N LYS A 1622 50.10 -5.47 -29.34
CA LYS A 1622 49.79 -4.95 -30.68
C LYS A 1622 48.39 -4.31 -30.71
N THR A 1623 47.40 -5.00 -30.17
CA THR A 1623 46.02 -4.51 -30.19
C THR A 1623 45.81 -3.29 -29.32
N ILE A 1624 46.48 -3.23 -28.17
CA ILE A 1624 46.27 -2.12 -27.21
C ILE A 1624 46.92 -0.79 -27.65
N LEU A 1625 48.13 -0.86 -28.18
CA LEU A 1625 48.77 0.32 -28.74
C LEU A 1625 47.97 0.94 -29.88
N THR A 1626 47.38 0.07 -30.71
CA THR A 1626 46.52 0.47 -31.81
C THR A 1626 45.35 1.24 -31.28
N ARG A 1627 44.70 0.71 -30.24
CA ARG A 1627 43.54 1.39 -29.66
C ARG A 1627 43.89 2.80 -29.19
N PHE A 1628 45.10 2.89 -28.63
CA PHE A 1628 45.63 4.11 -28.07
C PHE A 1628 45.94 5.16 -29.14
N VAL A 1629 46.79 4.79 -30.10
CA VAL A 1629 47.25 5.73 -31.13
C VAL A 1629 46.04 6.24 -31.94
N ALA A 1630 45.03 5.38 -32.06
CA ALA A 1630 43.77 5.70 -32.74
C ALA A 1630 43.01 6.76 -31.96
N TRP A 1631 43.05 6.63 -30.65
CA TRP A 1631 42.38 7.55 -29.78
C TRP A 1631 43.13 8.90 -29.74
N LEU A 1632 44.46 8.87 -29.83
CA LEU A 1632 45.27 10.09 -29.88
C LEU A 1632 45.06 10.84 -31.16
N ASN A 1633 44.74 10.12 -32.23
CA ASN A 1633 44.43 10.76 -33.48
C ASN A 1633 42.97 11.06 -33.64
N GLY A 1634 42.20 10.60 -32.64
CA GLY A 1634 40.78 10.90 -32.55
C GLY A 1634 39.99 10.08 -33.52
N LEU A 1635 40.36 8.81 -33.65
CA LEU A 1635 39.69 7.90 -34.56
C LEU A 1635 38.80 6.87 -33.84
N LYS A 1636 37.50 6.86 -34.17
CA LYS A 1636 36.49 5.94 -33.63
C LYS A 1636 36.98 4.50 -33.75
N ILE A 1637 37.07 3.76 -32.65
CA ILE A 1637 37.58 2.38 -32.75
C ILE A 1637 36.45 1.38 -32.98
N VAL A 1638 36.43 0.79 -34.18
CA VAL A 1638 35.44 -0.20 -34.57
C VAL A 1638 36.14 -1.54 -34.58
N GLN A 1639 35.54 -2.52 -33.89
CA GLN A 1639 36.17 -3.84 -33.75
C GLN A 1639 35.16 -4.95 -34.00
N PRO A 1640 35.12 -5.50 -35.24
CA PRO A 1640 34.09 -6.48 -35.62
C PRO A 1640 33.72 -7.50 -34.52
N LYS A 1641 32.46 -7.52 -34.11
CA LYS A 1641 32.09 -8.41 -33.03
C LYS A 1641 31.71 -9.81 -33.56
N ILE A 1642 32.70 -10.56 -33.98
CA ILE A 1642 32.45 -11.89 -34.55
C ILE A 1642 32.54 -13.05 -33.55
N HIS A 1643 32.06 -14.23 -33.97
CA HIS A 1643 32.02 -15.48 -33.18
C HIS A 1643 31.79 -16.70 -34.09
N ARG A 1644 31.96 -17.92 -33.55
CA ARG A 1644 31.83 -19.17 -34.32
C ARG A 1644 30.60 -19.17 -35.21
N HIS A 1645 29.54 -18.56 -34.71
CA HIS A 1645 28.28 -18.55 -35.41
C HIS A 1645 27.97 -17.19 -36.02
N SER A 1646 29.02 -16.59 -36.58
CA SER A 1646 28.86 -15.38 -37.39
C SER A 1646 28.88 -15.70 -38.90
N ASN A 1647 27.89 -15.15 -39.60
CA ASN A 1647 27.70 -15.25 -41.05
C ASN A 1647 28.51 -14.15 -41.71
N LEU A 1648 28.67 -14.19 -43.03
CA LEU A 1648 29.27 -13.05 -43.75
C LEU A 1648 28.41 -11.78 -43.63
N SER A 1649 27.09 -11.97 -43.65
CA SER A 1649 26.10 -10.91 -43.45
C SER A 1649 26.40 -10.05 -42.22
N ASP A 1650 26.85 -10.71 -41.16
CA ASP A 1650 27.20 -10.04 -39.90
C ASP A 1650 28.38 -9.09 -40.12
N PHE A 1651 29.42 -9.63 -40.74
CA PHE A 1651 30.60 -8.87 -41.11
C PHE A 1651 30.23 -7.82 -42.15
N ASP A 1652 29.36 -8.17 -43.10
CA ASP A 1652 28.84 -7.19 -44.05
C ASP A 1652 28.24 -6.01 -43.31
N MET A 1653 27.29 -6.26 -42.40
CA MET A 1653 26.70 -5.22 -41.54
C MET A 1653 27.71 -4.31 -40.86
N ILE A 1654 28.68 -4.94 -40.19
CA ILE A 1654 29.74 -4.27 -39.46
C ILE A 1654 30.54 -3.34 -40.35
N LEU A 1655 30.88 -3.82 -41.56
CA LEU A 1655 31.59 -3.04 -42.59
C LEU A 1655 30.73 -1.89 -43.14
N LYS A 1656 29.56 -2.24 -43.64
CA LYS A 1656 28.60 -1.29 -44.23
C LYS A 1656 28.39 -0.06 -43.34
N LYS A 1657 28.09 -0.27 -42.06
CA LYS A 1657 27.94 0.82 -41.09
C LYS A 1657 29.18 1.71 -41.05
N ALA A 1658 30.33 1.10 -40.78
CA ALA A 1658 31.56 1.85 -40.66
C ALA A 1658 31.89 2.62 -41.94
N ILE A 1659 31.46 2.13 -43.11
CA ILE A 1659 31.63 2.85 -44.39
C ILE A 1659 30.63 4.01 -44.53
N SER A 1660 29.36 3.75 -44.19
CA SER A 1660 28.31 4.77 -44.25
C SER A 1660 28.56 5.87 -43.29
N ASP A 1661 29.09 5.52 -42.12
CA ASP A 1661 29.44 6.49 -41.10
C ASP A 1661 30.64 7.36 -41.50
N CYS A 1662 31.53 6.80 -42.31
CA CYS A 1662 32.72 7.52 -42.73
C CYS A 1662 32.49 8.57 -43.78
N SER A 1663 31.50 8.36 -44.64
CA SER A 1663 31.14 9.40 -45.62
C SER A 1663 29.91 10.23 -45.27
N LEU A 1664 28.83 9.57 -44.86
CA LEU A 1664 27.55 10.22 -44.65
C LEU A 1664 27.35 10.76 -43.23
N LYS A 1665 28.30 10.45 -42.36
CA LYS A 1665 28.30 10.96 -41.01
C LYS A 1665 29.64 11.60 -40.67
N GLU A 1666 30.63 11.41 -41.54
CA GLU A 1666 32.00 11.93 -41.37
C GLU A 1666 32.60 11.46 -40.03
N SER A 1667 32.66 10.15 -39.83
CA SER A 1667 33.00 9.59 -38.50
C SER A 1667 34.48 9.50 -38.14
N ARG A 1668 35.33 9.26 -39.14
CA ARG A 1668 36.78 9.12 -38.95
C ARG A 1668 37.17 7.90 -38.10
N THR A 1669 36.76 6.72 -38.55
CA THR A 1669 36.90 5.45 -37.81
C THR A 1669 38.27 4.75 -38.01
N CYS A 1670 38.67 4.00 -36.99
CA CYS A 1670 39.74 3.03 -37.11
C CYS A 1670 39.18 1.61 -36.93
N LEU A 1671 39.30 0.84 -37.99
CA LEU A 1671 38.80 -0.52 -38.04
C LEU A 1671 39.93 -1.47 -37.66
N ILE A 1672 39.85 -2.10 -36.47
CA ILE A 1672 40.84 -3.11 -36.06
C ILE A 1672 40.33 -4.51 -36.39
N ILE A 1673 41.02 -5.14 -37.34
CA ILE A 1673 40.65 -6.47 -37.78
C ILE A 1673 41.73 -7.40 -37.28
N ASP A 1674 41.33 -8.44 -36.54
CA ASP A 1674 42.29 -9.44 -36.07
C ASP A 1674 42.20 -10.63 -36.99
N GLU A 1675 43.22 -11.50 -36.98
CA GLU A 1675 43.28 -12.69 -37.83
C GLU A 1675 42.11 -13.64 -37.55
N SER A 1676 41.64 -13.60 -36.30
CA SER A 1676 40.53 -14.38 -35.78
C SER A 1676 39.21 -13.98 -36.43
N ASN A 1677 39.10 -12.69 -36.74
CA ASN A 1677 37.92 -12.11 -37.37
C ASN A 1677 37.68 -12.63 -38.79
N ILE A 1678 38.74 -12.86 -39.57
CA ILE A 1678 38.55 -13.41 -40.93
C ILE A 1678 38.26 -14.92 -40.81
N LEU A 1679 36.98 -15.24 -40.72
CA LEU A 1679 36.47 -16.60 -40.52
C LEU A 1679 36.51 -17.47 -41.78
N GLU A 1680 36.06 -16.92 -42.90
CA GLU A 1680 35.95 -17.63 -44.16
C GLU A 1680 36.88 -16.91 -45.15
N THR A 1681 37.02 -17.46 -46.34
CA THR A 1681 37.71 -16.80 -47.46
C THR A 1681 37.09 -15.44 -47.88
N ALA A 1682 35.76 -15.34 -47.87
CA ALA A 1682 35.08 -14.17 -48.41
C ALA A 1682 35.32 -12.94 -47.55
N PHE A 1683 35.46 -13.19 -46.24
CA PHE A 1683 35.73 -12.16 -45.25
C PHE A 1683 36.97 -11.35 -45.65
N LEU A 1684 38.03 -12.07 -45.99
CA LEU A 1684 39.25 -11.50 -46.51
C LEU A 1684 39.02 -10.85 -47.85
N GLU A 1685 38.18 -11.45 -48.67
CA GLU A 1685 37.89 -10.89 -50.00
C GLU A 1685 37.26 -9.52 -49.85
N ARG A 1686 36.35 -9.41 -48.88
CA ARG A 1686 35.70 -8.16 -48.53
C ARG A 1686 36.72 -7.11 -48.14
N MET A 1687 37.73 -7.55 -47.40
CA MET A 1687 38.76 -6.65 -46.87
C MET A 1687 39.62 -6.14 -48.01
N ASN A 1688 39.74 -6.94 -49.05
CA ASN A 1688 40.56 -6.58 -50.19
C ASN A 1688 39.94 -5.44 -50.98
N THR A 1689 38.64 -5.61 -51.20
CA THR A 1689 37.87 -4.67 -51.97
C THR A 1689 37.91 -3.33 -51.28
N LEU A 1690 38.00 -3.35 -49.95
CA LEU A 1690 38.07 -2.13 -49.14
C LEU A 1690 39.40 -1.42 -49.22
N LEU A 1691 40.42 -2.09 -49.71
CA LEU A 1691 41.72 -1.46 -49.73
C LEU A 1691 42.21 -1.13 -51.14
N ALA A 1692 42.09 -2.05 -52.08
CA ALA A 1692 42.58 -1.79 -53.46
C ALA A 1692 41.67 -0.78 -54.17
N ASN A 1693 40.36 -0.97 -54.00
CA ASN A 1693 39.34 0.03 -54.31
C ASN A 1693 39.06 0.66 -52.96
N ALA A 1694 38.46 1.83 -52.88
CA ALA A 1694 38.13 2.32 -51.53
C ALA A 1694 36.65 2.23 -51.22
N ASP A 1695 35.98 1.27 -51.85
CA ASP A 1695 34.60 0.94 -51.53
C ASP A 1695 34.35 -0.54 -51.65
N ILE A 1696 33.30 -1.01 -50.99
CA ILE A 1696 32.83 -2.36 -51.21
C ILE A 1696 31.57 -2.27 -52.05
N PRO A 1697 31.73 -2.53 -53.38
CA PRO A 1697 30.67 -2.44 -54.37
C PRO A 1697 29.45 -3.28 -54.05
N ASP A 1698 29.67 -4.48 -53.55
CA ASP A 1698 28.59 -5.43 -53.37
C ASP A 1698 27.61 -4.98 -52.27
N LEU A 1699 28.14 -4.33 -51.24
CA LEU A 1699 27.30 -3.86 -50.15
C LEU A 1699 26.21 -2.90 -50.66
N PHE A 1700 26.62 -1.99 -51.54
CA PHE A 1700 25.72 -1.01 -52.15
C PHE A 1700 25.53 -1.28 -53.64
N GLN A 1701 24.53 -2.10 -53.94
CA GLN A 1701 24.16 -2.42 -55.31
C GLN A 1701 22.63 -2.36 -55.47
N GLY A 1702 22.17 -2.04 -56.69
CA GLY A 1702 20.74 -1.98 -56.99
C GLY A 1702 20.00 -0.93 -56.18
N GLU A 1703 18.91 -1.33 -55.52
CA GLU A 1703 18.09 -0.39 -54.77
C GLU A 1703 18.84 0.21 -53.59
N GLU A 1704 19.65 -0.61 -52.92
CA GLU A 1704 20.51 -0.13 -51.84
C GLU A 1704 21.56 0.84 -52.36
N TYR A 1705 21.75 0.82 -53.69
CA TYR A 1705 22.60 1.76 -54.40
C TYR A 1705 21.88 3.07 -54.59
N ASP A 1706 20.59 2.99 -54.90
CA ASP A 1706 19.71 4.15 -55.07
C ASP A 1706 19.49 4.89 -53.75
N LYS A 1707 19.34 4.15 -52.64
CA LYS A 1707 19.21 4.70 -51.29
C LYS A 1707 20.49 5.42 -50.89
N LEU A 1708 21.64 4.77 -51.09
CA LEU A 1708 22.97 5.39 -50.89
C LEU A 1708 23.16 6.61 -51.78
N LEU A 1709 22.82 6.46 -53.05
CA LEU A 1709 22.95 7.52 -54.04
C LEU A 1709 22.15 8.76 -53.63
N ASN A 1710 20.96 8.51 -53.07
CA ASN A 1710 20.11 9.58 -52.57
C ASN A 1710 20.70 10.27 -51.35
N ASN A 1711 21.03 9.50 -50.31
CA ASN A 1711 21.61 10.02 -49.08
C ASN A 1711 22.86 10.84 -49.34
N LEU A 1712 23.59 10.46 -50.39
CA LEU A 1712 24.87 11.05 -50.76
C LEU A 1712 24.65 12.49 -51.18
N ARG A 1713 23.60 12.72 -51.95
CA ARG A 1713 23.24 14.03 -52.46
C ARG A 1713 22.86 15.00 -51.34
N ASN A 1714 22.17 14.47 -50.32
CA ASN A 1714 21.77 15.23 -49.14
C ASN A 1714 22.95 15.85 -48.42
N LYS A 1715 23.94 15.02 -48.06
CA LYS A 1715 25.10 15.47 -47.29
C LYS A 1715 26.04 16.34 -48.13
N THR A 1716 26.17 16.03 -49.42
CA THR A 1716 27.01 16.81 -50.30
C THR A 1716 26.53 18.25 -50.38
N ARG A 1717 25.23 18.43 -50.54
CA ARG A 1717 24.63 19.76 -50.58
C ARG A 1717 24.74 20.47 -49.24
N SER A 1718 24.46 19.74 -48.16
CA SER A 1718 24.61 20.23 -46.79
C SER A 1718 25.96 20.86 -46.55
N LEU A 1719 27.00 20.23 -47.09
CA LEU A 1719 28.37 20.71 -46.95
C LEU A 1719 28.63 21.90 -47.89
N GLY A 1720 27.82 21.99 -48.94
CA GLY A 1720 27.81 23.18 -49.79
C GLY A 1720 28.28 23.02 -51.23
N LEU A 1721 28.26 21.80 -51.74
CA LEU A 1721 28.70 21.54 -53.11
C LEU A 1721 27.68 20.64 -53.79
N LEU A 1722 27.20 21.02 -54.97
CA LEU A 1722 26.33 20.10 -55.73
C LEU A 1722 27.13 19.33 -56.77
N LEU A 1723 26.83 18.04 -56.87
CA LEU A 1723 27.49 17.19 -57.84
C LEU A 1723 26.44 16.68 -58.81
N ASP A 1724 26.66 16.99 -60.08
CA ASP A 1724 25.66 16.82 -61.13
C ASP A 1724 25.38 15.35 -61.47
N THR A 1725 26.45 14.60 -61.78
CA THR A 1725 26.29 13.25 -62.33
C THR A 1725 26.39 12.18 -61.25
N GLU A 1726 25.96 10.96 -61.62
CA GLU A 1726 26.02 9.77 -60.78
C GLU A 1726 27.46 9.41 -60.38
N GLN A 1727 28.37 9.61 -61.33
CA GLN A 1727 29.80 9.33 -61.18
C GLN A 1727 30.47 10.34 -60.26
N GLU A 1728 30.07 11.61 -60.38
CA GLU A 1728 30.61 12.71 -59.55
C GLU A 1728 30.39 12.51 -58.04
N LEU A 1729 29.23 11.98 -57.69
CA LEU A 1729 28.86 11.74 -56.30
C LEU A 1729 29.56 10.55 -55.69
N TYR A 1730 29.65 9.46 -56.46
CA TYR A 1730 30.31 8.24 -55.98
C TYR A 1730 31.80 8.50 -55.68
N ASP A 1731 32.42 9.33 -56.52
CA ASP A 1731 33.83 9.63 -56.41
C ASP A 1731 34.11 10.47 -55.14
N TRP A 1732 33.08 11.16 -54.63
CA TRP A 1732 33.17 11.87 -53.36
C TRP A 1732 33.07 10.86 -52.23
N PHE A 1733 32.03 10.03 -52.29
CA PHE A 1733 31.81 8.92 -51.36
C PHE A 1733 33.07 8.10 -51.08
N VAL A 1734 33.66 7.59 -52.17
CA VAL A 1734 34.88 6.80 -52.13
C VAL A 1734 36.07 7.61 -51.60
N GLY A 1735 36.22 8.84 -52.08
CA GLY A 1735 37.30 9.73 -51.67
C GLY A 1735 37.23 10.10 -50.20
N GLU A 1736 36.02 10.03 -49.65
CA GLU A 1736 35.79 10.31 -48.24
C GLU A 1736 36.20 9.13 -47.37
N ILE A 1737 35.83 7.92 -47.81
CA ILE A 1737 36.25 6.67 -47.17
C ILE A 1737 37.78 6.63 -47.14
N ALA A 1738 38.36 6.94 -48.28
CA ALA A 1738 39.81 6.88 -48.47
C ALA A 1738 40.59 7.75 -47.52
N LYS A 1739 39.92 8.67 -46.83
CA LYS A 1739 40.60 9.56 -45.90
C LYS A 1739 40.07 9.45 -44.48
N ASN A 1740 38.90 8.81 -44.32
CA ASN A 1740 38.30 8.63 -43.01
C ASN A 1740 38.35 7.23 -42.40
N LEU A 1741 38.42 6.20 -43.24
CA LEU A 1741 38.60 4.83 -42.75
C LEU A 1741 40.06 4.37 -42.72
N HIS A 1742 40.45 3.82 -41.58
CA HIS A 1742 41.79 3.33 -41.34
C HIS A 1742 41.75 1.91 -40.79
N VAL A 1743 42.24 0.96 -41.56
CA VAL A 1743 42.21 -0.43 -41.17
C VAL A 1743 43.57 -0.87 -40.64
N VAL A 1744 43.60 -1.28 -39.37
CA VAL A 1744 44.80 -1.86 -38.82
C VAL A 1744 44.52 -3.34 -38.61
N PHE A 1745 45.38 -4.16 -39.21
CA PHE A 1745 45.36 -5.59 -39.04
C PHE A 1745 46.31 -6.05 -37.92
N THR A 1746 45.84 -6.95 -37.06
CA THR A 1746 46.70 -7.50 -36.02
C THR A 1746 46.77 -8.98 -36.24
N ILE A 1747 47.91 -9.44 -36.77
CA ILE A 1747 48.12 -10.88 -36.91
C ILE A 1747 49.27 -11.36 -36.03
N CYS A 1748 49.01 -12.45 -35.29
CA CYS A 1748 49.94 -12.98 -34.26
C CYS A 1748 50.94 -13.98 -34.81
N ASP A 1749 50.47 -15.09 -35.37
CA ASP A 1749 51.39 -15.99 -36.07
C ASP A 1749 51.23 -15.95 -37.58
N PRO A 1750 52.12 -15.22 -38.26
CA PRO A 1750 52.13 -15.25 -39.71
C PRO A 1750 52.50 -16.61 -40.28
N THR A 1751 52.99 -17.52 -39.43
CA THR A 1751 53.17 -18.95 -39.80
C THR A 1751 51.85 -19.68 -40.11
N ASN A 1752 50.82 -19.39 -39.34
CA ASN A 1752 49.46 -19.86 -39.59
C ASN A 1752 49.00 -19.64 -41.03
N ASN A 1753 48.38 -20.66 -41.62
CA ASN A 1753 47.92 -20.61 -43.00
C ASN A 1753 46.80 -19.60 -43.28
N LYS A 1754 45.98 -19.28 -42.27
CA LYS A 1754 44.95 -18.22 -42.37
C LYS A 1754 45.55 -16.82 -42.35
N SER A 1755 46.54 -16.64 -41.49
CA SER A 1755 47.26 -15.37 -41.31
C SER A 1755 48.29 -15.17 -42.40
N SER A 1756 48.64 -16.26 -43.07
CA SER A 1756 49.55 -16.22 -44.17
C SER A 1756 48.81 -15.52 -45.29
N ALA A 1757 47.53 -15.85 -45.45
CA ALA A 1757 46.72 -15.38 -46.57
C ALA A 1757 46.49 -13.89 -46.53
N MET A 1758 46.54 -13.31 -45.32
CA MET A 1758 46.48 -11.87 -45.13
C MET A 1758 47.67 -11.17 -45.84
N ILE A 1759 48.87 -11.52 -45.41
CA ILE A 1759 50.11 -11.00 -45.94
C ILE A 1759 50.25 -11.32 -47.43
N SER A 1760 49.82 -12.51 -47.81
CA SER A 1760 49.83 -12.95 -49.19
C SER A 1760 48.98 -12.01 -50.03
N SER A 1761 47.73 -11.81 -49.61
CA SER A 1761 46.78 -10.99 -50.37
C SER A 1761 47.47 -9.74 -50.85
N PRO A 1762 47.47 -9.54 -52.17
CA PRO A 1762 48.10 -8.38 -52.75
C PRO A 1762 47.45 -7.08 -52.31
N ALA A 1763 46.12 -7.05 -52.34
CA ALA A 1763 45.42 -5.85 -51.99
C ALA A 1763 45.92 -5.36 -50.62
N LEU A 1764 45.91 -6.27 -49.67
CA LEU A 1764 46.33 -5.97 -48.33
C LEU A 1764 47.80 -5.55 -48.26
N PHE A 1765 48.68 -6.35 -48.85
CA PHE A 1765 50.13 -6.14 -48.76
C PHE A 1765 50.60 -4.82 -49.38
N ASN A 1766 50.01 -4.44 -50.51
CA ASN A 1766 50.34 -3.17 -51.14
C ASN A 1766 49.81 -1.93 -50.39
N ARG A 1767 48.55 -1.93 -49.99
CA ARG A 1767 47.98 -0.76 -49.31
C ARG A 1767 48.16 -0.70 -47.77
N CYS A 1768 48.83 -1.70 -47.20
CA CYS A 1768 49.20 -1.70 -45.77
C CYS A 1768 50.66 -1.36 -45.51
N ILE A 1769 50.89 -0.81 -44.31
CA ILE A 1769 52.24 -0.62 -43.84
C ILE A 1769 52.55 -1.78 -42.95
N ILE A 1770 53.48 -2.61 -43.37
CA ILE A 1770 53.78 -3.83 -42.61
C ILE A 1770 54.75 -3.44 -41.51
N ASN A 1771 54.42 -3.86 -40.28
CA ASN A 1771 55.21 -3.54 -39.09
C ASN A 1771 55.45 -4.78 -38.23
N TRP A 1772 56.64 -4.92 -37.68
CA TRP A 1772 56.99 -6.15 -36.94
C TRP A 1772 57.35 -6.04 -35.45
N MET A 1773 56.57 -6.74 -34.63
CA MET A 1773 56.70 -6.72 -33.17
C MET A 1773 56.88 -8.16 -32.64
N GLY A 1774 57.26 -9.05 -33.56
CA GLY A 1774 57.28 -10.52 -33.35
C GLY A 1774 57.93 -11.15 -32.12
N ASP A 1775 58.78 -10.40 -31.42
CA ASP A 1775 59.48 -10.93 -30.24
C ASP A 1775 59.70 -9.84 -29.22
N TRP A 1776 59.71 -10.20 -27.94
CA TRP A 1776 60.22 -9.26 -26.94
C TRP A 1776 61.72 -9.42 -26.74
N ASP A 1777 62.38 -8.27 -26.94
CA ASP A 1777 63.80 -8.12 -26.75
C ASP A 1777 64.18 -8.17 -25.27
N THR A 1778 65.41 -8.59 -25.01
CA THR A 1778 65.88 -8.82 -23.66
C THR A 1778 65.88 -7.55 -22.82
N LYS A 1779 66.23 -6.42 -23.43
CA LYS A 1779 66.12 -5.14 -22.73
C LYS A 1779 64.65 -4.76 -22.39
N THR A 1780 63.73 -5.00 -23.31
CA THR A 1780 62.31 -4.70 -23.06
C THR A 1780 61.71 -5.67 -22.07
N MET A 1781 62.27 -6.88 -22.00
CA MET A 1781 61.87 -7.87 -20.98
C MET A 1781 62.27 -7.41 -19.58
N SER A 1782 63.51 -6.94 -19.47
CA SER A 1782 64.07 -6.47 -18.22
C SER A 1782 63.37 -5.22 -17.76
N GLN A 1783 63.02 -4.35 -18.71
CA GLN A 1783 62.29 -3.12 -18.40
C GLN A 1783 60.92 -3.38 -17.80
N VAL A 1784 60.25 -4.38 -18.37
CA VAL A 1784 58.91 -4.75 -17.94
C VAL A 1784 58.99 -5.49 -16.61
N ALA A 1785 59.93 -6.42 -16.49
CA ALA A 1785 60.16 -7.17 -15.25
C ALA A 1785 60.44 -6.29 -14.05
N ASN A 1786 61.31 -5.31 -14.26
CA ASN A 1786 61.72 -4.34 -13.24
C ASN A 1786 60.52 -3.65 -12.61
N ASN A 1787 59.64 -3.11 -13.45
CA ASN A 1787 58.46 -2.37 -13.00
C ASN A 1787 57.45 -3.24 -12.34
N MET A 1788 57.51 -4.54 -12.61
CA MET A 1788 56.57 -5.49 -12.01
C MET A 1788 57.02 -5.93 -10.62
N VAL A 1789 58.33 -5.92 -10.40
CA VAL A 1789 58.90 -6.21 -9.09
C VAL A 1789 59.31 -4.92 -8.35
N ASP A 1790 58.71 -3.81 -8.77
CA ASP A 1790 58.90 -2.50 -8.17
C ASP A 1790 58.47 -2.50 -6.72
N VAL A 1791 57.44 -3.28 -6.40
CA VAL A 1791 57.07 -3.56 -5.01
C VAL A 1791 58.19 -4.33 -4.30
N ILE A 1792 58.51 -3.94 -3.06
CA ILE A 1792 59.72 -4.47 -2.37
C ILE A 1792 59.49 -5.30 -1.09
N PRO A 1793 59.13 -6.58 -1.26
CA PRO A 1793 59.16 -7.52 -0.15
C PRO A 1793 60.59 -7.87 0.31
N MET A 1794 61.54 -7.76 -0.61
CA MET A 1794 62.90 -8.25 -0.42
C MET A 1794 63.87 -7.46 0.49
N GLU A 1795 65.01 -8.08 0.76
CA GLU A 1795 66.00 -7.66 1.76
C GLU A 1795 67.40 -7.84 1.15
N PHE A 1796 68.37 -6.98 1.51
CA PHE A 1796 69.75 -7.03 0.91
C PHE A 1796 70.33 -8.45 0.84
N THR A 1797 71.11 -8.71 -0.23
CA THR A 1797 71.77 -10.00 -0.43
C THR A 1797 73.19 -9.88 -1.05
N ASP A 1798 73.85 -11.05 -1.15
CA ASP A 1798 75.24 -11.26 -1.55
C ASP A 1798 75.73 -10.67 -2.88
N PHE A 1799 74.90 -10.75 -3.93
CA PHE A 1799 75.29 -10.52 -5.35
C PHE A 1799 76.55 -11.26 -5.85
N THR A 1816 72.92 -6.80 -7.33
CA THR A 1816 71.67 -6.40 -6.69
C THR A 1816 70.67 -7.56 -6.54
N ILE A 1817 69.74 -7.41 -5.59
CA ILE A 1817 68.75 -8.45 -5.34
C ILE A 1817 67.59 -8.48 -6.34
N ARG A 1818 66.90 -7.36 -6.58
CA ARG A 1818 65.81 -7.34 -7.56
C ARG A 1818 66.36 -7.49 -8.97
N ASP A 1819 67.53 -6.91 -9.22
CA ASP A 1819 68.25 -7.04 -10.49
C ASP A 1819 68.61 -8.51 -10.83
N ALA A 1820 68.86 -9.30 -9.79
CA ALA A 1820 69.23 -10.73 -9.93
C ALA A 1820 68.03 -11.60 -10.27
N VAL A 1821 66.95 -11.42 -9.52
CA VAL A 1821 65.69 -12.14 -9.74
C VAL A 1821 65.20 -11.99 -11.18
N VAL A 1822 65.18 -10.75 -11.70
CA VAL A 1822 64.73 -10.51 -13.09
C VAL A 1822 65.62 -11.19 -14.12
N ASN A 1823 66.93 -11.15 -13.90
CA ASN A 1823 67.90 -11.79 -14.80
C ASN A 1823 67.74 -13.32 -14.87
N ILE A 1824 67.26 -13.92 -13.78
CA ILE A 1824 66.97 -15.36 -13.75
C ILE A 1824 65.80 -15.69 -14.65
N LEU A 1825 64.70 -14.96 -14.45
CA LEU A 1825 63.45 -15.17 -15.19
C LEU A 1825 63.58 -14.96 -16.71
N ILE A 1826 64.38 -13.98 -17.11
CA ILE A 1826 64.75 -13.81 -18.51
C ILE A 1826 65.59 -15.00 -19.00
N HIS A 1827 66.57 -15.41 -18.21
CA HIS A 1827 67.35 -16.60 -18.54
C HIS A 1827 66.54 -17.90 -18.41
N PHE A 1828 65.40 -17.89 -17.72
CA PHE A 1828 64.57 -19.08 -17.69
C PHE A 1828 63.67 -19.14 -18.90
N ASP A 1829 63.00 -18.03 -19.21
CA ASP A 1829 62.11 -17.93 -20.38
C ASP A 1829 62.90 -18.20 -21.66
N ARG A 1830 64.12 -17.70 -21.72
CA ARG A 1830 64.99 -17.91 -22.87
C ARG A 1830 65.45 -19.35 -22.97
N ASN A 1831 65.42 -20.07 -21.85
CA ASN A 1831 65.78 -21.48 -21.83
C ASN A 1831 64.57 -22.37 -22.03
N PHE A 1832 63.40 -21.86 -21.68
CA PHE A 1832 62.15 -22.60 -21.80
C PHE A 1832 61.80 -22.80 -23.27
N TYR A 1833 61.79 -21.70 -24.02
CA TYR A 1833 61.44 -21.74 -25.42
C TYR A 1833 62.52 -22.50 -26.22
N GLN A 1834 63.79 -22.31 -25.84
CA GLN A 1834 64.98 -22.97 -26.43
C GLN A 1834 64.91 -24.49 -26.30
N LYS A 1835 64.39 -24.99 -25.18
CA LYS A 1835 64.38 -26.43 -24.91
C LYS A 1835 63.08 -27.07 -25.35
N MET A 1836 61.96 -26.47 -24.94
CA MET A 1836 60.69 -27.12 -25.09
C MET A 1836 60.09 -26.96 -26.49
N LYS A 1837 59.86 -25.72 -26.88
CA LYS A 1837 59.12 -25.43 -28.11
C LYS A 1837 59.90 -25.73 -29.39
N VAL A 1838 59.19 -26.16 -30.42
CA VAL A 1838 59.75 -26.38 -31.76
C VAL A 1838 58.96 -25.52 -32.74
N GLY A 1839 59.57 -25.21 -33.88
CA GLY A 1839 59.02 -24.19 -34.79
C GLY A 1839 59.68 -22.86 -34.45
N VAL A 1840 60.05 -22.10 -35.48
CA VAL A 1840 61.06 -21.06 -35.32
C VAL A 1840 60.54 -19.66 -34.96
N ASN A 1841 60.56 -19.36 -33.66
CA ASN A 1841 60.31 -18.02 -33.14
C ASN A 1841 59.10 -17.30 -33.74
N PRO A 1842 57.96 -18.00 -33.95
CA PRO A 1842 56.79 -17.20 -34.31
C PRO A 1842 56.12 -16.62 -33.08
N ARG A 1843 56.20 -17.37 -31.98
CA ARG A 1843 55.56 -17.09 -30.67
C ARG A 1843 56.59 -16.52 -29.68
N SER A 1844 56.14 -15.64 -28.82
CA SER A 1844 57.00 -14.90 -27.92
C SER A 1844 56.28 -14.52 -26.58
N PRO A 1845 56.97 -13.71 -25.73
CA PRO A 1845 56.72 -13.50 -24.31
C PRO A 1845 55.26 -13.39 -23.96
N GLY A 1846 54.84 -14.31 -23.12
CA GLY A 1846 53.51 -14.29 -22.53
C GLY A 1846 53.65 -14.82 -21.12
N TYR A 1847 54.03 -16.09 -21.01
CA TYR A 1847 54.26 -16.76 -19.74
C TYR A 1847 55.09 -15.89 -18.80
N PHE A 1848 56.08 -15.21 -19.36
CA PHE A 1848 57.01 -14.32 -18.63
C PHE A 1848 56.28 -13.28 -17.78
N ILE A 1849 55.27 -12.64 -18.37
CA ILE A 1849 54.45 -11.63 -17.72
C ILE A 1849 53.63 -12.31 -16.59
N ASP A 1850 53.04 -13.46 -16.90
CA ASP A 1850 52.22 -14.22 -15.94
C ASP A 1850 53.06 -14.85 -14.85
N GLY A 1851 54.30 -15.15 -15.20
CA GLY A 1851 55.31 -15.68 -14.27
C GLY A 1851 55.68 -14.65 -13.22
N LEU A 1852 55.92 -13.41 -13.66
CA LEU A 1852 56.13 -12.27 -12.78
C LEU A 1852 54.91 -11.95 -11.90
N ARG A 1853 53.71 -11.97 -12.48
CA ARG A 1853 52.49 -11.70 -11.72
C ARG A 1853 52.20 -12.75 -10.67
N ALA A 1854 52.64 -13.98 -10.92
CA ALA A 1854 52.49 -15.08 -9.97
C ALA A 1854 53.42 -14.89 -8.76
N LEU A 1855 54.66 -14.47 -9.01
CA LEU A 1855 55.71 -14.29 -7.99
C LEU A 1855 55.36 -13.22 -7.00
N VAL A 1856 54.95 -12.08 -7.52
CA VAL A 1856 54.39 -10.98 -6.72
C VAL A 1856 53.19 -11.39 -5.85
N LYS A 1857 52.23 -12.09 -6.44
CA LYS A 1857 51.11 -12.65 -5.66
C LYS A 1857 51.54 -13.77 -4.68
N LEU A 1858 52.60 -14.50 -4.99
CA LEU A 1858 53.09 -15.57 -4.13
C LEU A 1858 53.97 -15.11 -2.98
N VAL A 1859 54.86 -14.14 -3.22
CA VAL A 1859 55.72 -13.64 -2.16
C VAL A 1859 54.89 -12.89 -1.12
N THR A 1860 53.95 -12.06 -1.56
CA THR A 1860 53.06 -11.37 -0.63
C THR A 1860 52.20 -12.35 0.19
N ALA A 1861 51.76 -13.43 -0.45
CA ALA A 1861 51.02 -14.48 0.26
C ALA A 1861 51.90 -15.27 1.25
N LYS A 1862 53.19 -15.39 0.94
CA LYS A 1862 54.14 -16.16 1.76
C LYS A 1862 54.79 -15.34 2.87
N TYR A 1863 55.12 -14.10 2.56
CA TYR A 1863 55.77 -13.24 3.55
C TYR A 1863 54.79 -12.78 4.61
N GLN A 1864 53.50 -12.68 4.25
CA GLN A 1864 52.42 -12.42 5.21
C GLN A 1864 52.16 -13.63 6.11
N ASP A 1865 52.47 -14.82 5.61
CA ASP A 1865 52.33 -16.05 6.39
C ASP A 1865 53.59 -16.41 7.19
N LEU A 1866 54.77 -16.02 6.70
CA LEU A 1866 56.04 -16.18 7.45
C LEU A 1866 56.09 -15.27 8.66
N GLN A 1867 55.69 -14.02 8.46
CA GLN A 1867 55.71 -13.04 9.53
C GLN A 1867 54.54 -13.25 10.51
N GLU A 1868 53.54 -14.00 10.05
CA GLU A 1868 52.43 -14.44 10.91
C GLU A 1868 52.85 -15.56 11.88
N ASN A 1869 53.63 -16.52 11.40
CA ASN A 1869 54.16 -17.60 12.26
C ASN A 1869 55.35 -17.18 13.11
N GLN A 1870 56.06 -16.14 12.66
CA GLN A 1870 57.13 -15.52 13.43
C GLN A 1870 56.55 -14.69 14.58
N ARG A 1871 55.34 -14.17 14.37
CA ARG A 1871 54.57 -13.45 15.38
C ARG A 1871 53.93 -14.42 16.38
N PHE A 1872 53.70 -15.65 15.95
CA PHE A 1872 53.15 -16.69 16.82
C PHE A 1872 54.22 -17.27 17.74
N VAL A 1873 55.49 -17.24 17.32
CA VAL A 1873 56.59 -17.67 18.21
C VAL A 1873 57.14 -16.53 19.08
N ASN A 1874 56.94 -15.28 18.66
CA ASN A 1874 57.25 -14.10 19.49
C ASN A 1874 56.26 -13.89 20.64
N VAL A 1875 54.99 -14.22 20.40
CA VAL A 1875 53.94 -14.14 21.42
C VAL A 1875 54.04 -15.32 22.43
N GLY A 1876 54.65 -16.42 21.99
CA GLY A 1876 54.97 -17.55 22.86
C GLY A 1876 56.25 -17.35 23.68
N LEU A 1877 57.11 -16.43 23.24
CA LEU A 1877 58.33 -16.05 23.95
C LEU A 1877 58.04 -15.14 25.16
N GLU A 1878 57.06 -14.26 25.01
CA GLU A 1878 56.54 -13.38 26.06
C GLU A 1878 55.76 -14.18 27.12
N LYS A 1879 55.12 -15.26 26.70
CA LYS A 1879 54.32 -16.08 27.63
C LYS A 1879 55.13 -17.05 28.50
N LEU A 1880 56.24 -17.57 27.98
CA LEU A 1880 57.12 -18.45 28.78
C LEU A 1880 58.01 -17.71 29.78
N ASN A 1881 58.42 -16.49 29.43
CA ASN A 1881 59.23 -15.61 30.28
C ASN A 1881 58.45 -15.08 31.50
N GLU A 1882 57.15 -14.89 31.30
CA GLU A 1882 56.20 -14.45 32.34
C GLU A 1882 56.04 -15.52 33.43
N SER A 1883 56.03 -16.80 33.05
CA SER A 1883 55.86 -17.92 33.97
C SER A 1883 57.08 -18.16 34.87
N VAL A 1884 58.28 -18.13 34.27
CA VAL A 1884 59.54 -18.31 35.02
C VAL A 1884 60.06 -16.98 35.56
N LYS A 1900 58.23 -25.39 36.51
CA LYS A 1900 59.37 -24.68 35.93
C LYS A 1900 60.40 -25.63 35.30
N SER A 1901 60.27 -26.93 35.56
CA SER A 1901 61.29 -27.95 35.26
C SER A 1901 61.52 -28.23 33.77
N LEU A 1902 60.43 -28.32 33.01
CA LEU A 1902 60.49 -28.61 31.57
C LEU A 1902 60.42 -27.35 30.71
N THR A 1903 59.83 -26.29 31.26
CA THR A 1903 59.56 -25.03 30.53
C THR A 1903 60.81 -24.31 30.03
N PHE A 1904 61.96 -24.58 30.65
CA PHE A 1904 63.20 -23.92 30.21
C PHE A 1904 63.82 -24.57 28.96
N GLU A 1905 63.43 -25.81 28.67
CA GLU A 1905 63.70 -26.42 27.36
C GLU A 1905 62.91 -25.68 26.28
N LYS A 1906 61.65 -25.37 26.57
CA LYS A 1906 60.80 -24.62 25.64
C LYS A 1906 61.37 -23.24 25.34
N GLU A 1907 61.88 -22.58 26.36
CA GLU A 1907 62.56 -21.30 26.21
C GLU A 1907 63.76 -21.45 25.29
N ARG A 1908 64.50 -22.54 25.46
CA ARG A 1908 65.67 -22.83 24.63
C ARG A 1908 65.28 -23.06 23.16
N TRP A 1909 64.02 -22.78 22.82
CA TRP A 1909 63.57 -22.84 21.43
C TRP A 1909 63.95 -21.58 20.69
N LEU A 1910 65.26 -21.34 20.65
CA LEU A 1910 65.90 -20.41 19.74
C LEU A 1910 66.36 -21.17 18.48
N ASN A 1911 66.44 -22.50 18.56
CA ASN A 1911 66.71 -23.31 17.38
C ASN A 1911 65.70 -22.96 16.27
N THR A 1912 64.43 -22.95 16.65
CA THR A 1912 63.33 -22.52 15.78
C THR A 1912 63.43 -21.02 15.47
N THR A 1913 63.71 -20.23 16.51
CA THR A 1913 63.85 -18.77 16.34
C THR A 1913 65.05 -18.42 15.47
N LYS A 1914 66.16 -19.13 15.68
CA LYS A 1914 67.36 -19.04 14.83
C LYS A 1914 67.04 -19.54 13.43
N GLN A 1915 66.19 -20.54 13.34
CA GLN A 1915 65.86 -21.17 12.06
C GLN A 1915 65.10 -20.25 11.09
N PHE A 1916 64.25 -19.38 11.62
CA PHE A 1916 63.40 -18.50 10.82
C PHE A 1916 64.17 -17.66 9.80
N SER A 1917 65.31 -17.11 10.19
CA SER A 1917 66.11 -16.27 9.29
C SER A 1917 66.55 -17.03 8.03
N LYS A 1918 66.96 -18.28 8.20
CA LYS A 1918 67.33 -19.13 7.07
C LYS A 1918 66.12 -19.50 6.20
N THR A 1919 64.97 -19.70 6.84
CA THR A 1919 63.66 -19.91 6.17
C THR A 1919 63.19 -18.71 5.32
N SER A 1920 63.41 -17.49 5.82
CA SER A 1920 63.06 -16.27 5.10
C SER A 1920 63.99 -15.98 3.91
N GLN A 1921 65.25 -16.38 4.05
CA GLN A 1921 66.29 -16.22 3.00
C GLN A 1921 65.93 -16.93 1.71
N GLU A 1922 65.27 -18.08 1.87
CA GLU A 1922 64.94 -18.96 0.78
C GLU A 1922 63.55 -18.75 0.18
N LEU A 1923 62.65 -18.06 0.87
CA LEU A 1923 61.28 -17.83 0.36
C LEU A 1923 61.14 -17.04 -0.96
N ILE A 1924 62.12 -16.18 -1.25
CA ILE A 1924 62.17 -15.43 -2.50
C ILE A 1924 62.48 -16.35 -3.68
N GLY A 1925 63.55 -17.12 -3.56
CA GLY A 1925 63.88 -18.15 -4.55
C GLY A 1925 62.94 -19.35 -4.62
N ASN A 1926 62.26 -19.66 -3.51
CA ASN A 1926 61.25 -20.73 -3.47
C ASN A 1926 59.99 -20.34 -4.21
N CYS A 1927 59.66 -19.05 -4.12
CA CYS A 1927 58.55 -18.47 -4.87
C CYS A 1927 58.83 -18.36 -6.36
N ILE A 1928 60.09 -18.11 -6.72
CA ILE A 1928 60.56 -18.24 -8.12
C ILE A 1928 60.16 -19.59 -8.75
N ILE A 1929 60.48 -20.68 -8.08
CA ILE A 1929 60.18 -22.04 -8.57
C ILE A 1929 58.68 -22.30 -8.60
N SER A 1930 58.00 -21.86 -7.55
CA SER A 1930 56.57 -22.07 -7.43
C SER A 1930 55.77 -21.33 -8.50
N SER A 1931 56.21 -20.12 -8.83
CA SER A 1931 55.55 -19.34 -9.87
C SER A 1931 55.81 -19.90 -11.23
N ILE A 1932 57.05 -20.32 -11.45
CA ILE A 1932 57.40 -20.97 -12.67
C ILE A 1932 56.58 -22.26 -12.87
N TYR A 1933 56.34 -23.01 -11.81
CA TYR A 1933 55.53 -24.25 -11.90
C TYR A 1933 54.09 -23.95 -12.28
N GLU A 1934 53.57 -22.84 -11.75
CA GLU A 1934 52.18 -22.47 -12.01
C GLU A 1934 51.98 -21.96 -13.42
N THR A 1935 53.01 -21.30 -13.94
CA THR A 1935 52.95 -20.70 -15.27
C THR A 1935 53.47 -21.66 -16.34
N TYR A 1936 54.76 -21.99 -16.28
CA TYR A 1936 55.43 -22.71 -17.37
C TYR A 1936 55.27 -24.24 -17.41
N PHE A 1937 54.89 -24.86 -16.29
CA PHE A 1937 54.96 -26.31 -16.18
C PHE A 1937 53.64 -27.02 -16.53
N GLY A 1938 52.52 -26.31 -16.36
CA GLY A 1938 51.18 -26.91 -16.51
C GLY A 1938 51.00 -27.94 -17.60
N HIS A 1939 51.56 -27.65 -18.77
CA HIS A 1939 51.41 -28.48 -19.95
C HIS A 1939 52.68 -29.28 -20.30
N LEU A 1940 53.60 -29.48 -19.35
CA LEU A 1940 54.83 -30.25 -19.65
C LEU A 1940 54.80 -31.73 -19.16
N ASN A 1941 55.71 -32.57 -19.69
CA ASN A 1941 55.79 -34.00 -19.34
C ASN A 1941 56.42 -34.22 -17.98
N GLU A 1942 56.24 -35.42 -17.44
CA GLU A 1942 56.84 -35.83 -16.17
C GLU A 1942 58.31 -35.44 -16.17
N ARG A 1943 59.02 -35.93 -17.18
CA ARG A 1943 60.46 -35.68 -17.32
C ARG A 1943 60.75 -34.24 -17.76
N GLU A 1944 59.83 -33.64 -18.52
CA GLU A 1944 60.04 -32.30 -19.05
C GLU A 1944 59.94 -31.26 -17.95
N ARG A 1945 59.21 -31.60 -16.90
CA ARG A 1945 59.09 -30.72 -15.74
C ARG A 1945 60.37 -30.72 -14.92
N ALA A 1946 60.76 -31.93 -14.50
CA ALA A 1946 61.99 -32.16 -13.75
C ALA A 1946 63.21 -31.57 -14.46
N ASP A 1947 63.26 -31.71 -15.78
CA ASP A 1947 64.46 -31.29 -16.46
C ASP A 1947 64.57 -29.78 -16.53
N MET A 1948 63.43 -29.09 -16.62
CA MET A 1948 63.44 -27.62 -16.64
C MET A 1948 63.84 -27.10 -15.26
N LEU A 1949 63.40 -27.85 -14.26
CA LEU A 1949 63.66 -27.55 -12.88
C LEU A 1949 65.16 -27.52 -12.61
N VAL A 1950 65.86 -28.45 -13.25
CA VAL A 1950 67.32 -28.55 -13.20
C VAL A 1950 67.97 -27.25 -13.68
N ILE A 1951 67.47 -26.78 -14.83
CA ILE A 1951 68.03 -25.63 -15.50
C ILE A 1951 67.69 -24.39 -14.70
N LEU A 1952 66.51 -24.41 -14.09
CA LEU A 1952 66.11 -23.35 -13.18
C LEU A 1952 66.97 -23.34 -11.89
N LYS A 1953 67.13 -24.51 -11.28
CA LYS A 1953 67.89 -24.63 -10.04
C LYS A 1953 69.35 -24.27 -10.21
N ARG A 1954 69.94 -24.64 -11.35
CA ARG A 1954 71.34 -24.29 -11.60
C ARG A 1954 71.49 -22.81 -11.91
N LEU A 1955 70.41 -22.21 -12.43
CA LEU A 1955 70.33 -20.75 -12.61
C LEU A 1955 70.17 -20.04 -11.27
N LEU A 1956 69.40 -20.66 -10.38
CA LEU A 1956 69.25 -20.19 -9.01
C LEU A 1956 70.56 -20.37 -8.26
N GLY A 1957 71.38 -21.31 -8.74
CA GLY A 1957 72.68 -21.64 -8.13
C GLY A 1957 73.79 -20.65 -8.46
N LYS A 1958 73.76 -20.11 -9.68
CA LYS A 1958 74.73 -19.12 -10.13
C LYS A 1958 74.44 -17.77 -9.50
N PHE A 1959 73.16 -17.45 -9.42
CA PHE A 1959 72.71 -16.19 -8.86
C PHE A 1959 72.62 -16.30 -7.36
N ALA A 1960 72.84 -15.18 -6.71
CA ALA A 1960 72.84 -15.14 -5.26
C ALA A 1960 71.42 -15.07 -4.74
N VAL A 1961 70.64 -16.09 -5.09
CA VAL A 1961 69.34 -16.31 -4.52
C VAL A 1961 69.40 -17.69 -3.90
N LYS A 1962 68.80 -17.79 -2.72
CA LYS A 1962 68.88 -18.98 -1.91
C LYS A 1962 67.57 -19.72 -2.00
N TYR A 1963 67.64 -21.01 -2.29
CA TYR A 1963 66.46 -21.85 -2.39
C TYR A 1963 66.59 -23.11 -1.50
N ASP A 1964 65.45 -23.73 -1.19
CA ASP A 1964 65.40 -24.96 -0.41
C ASP A 1964 65.90 -26.11 -1.29
N VAL A 1965 66.96 -26.78 -0.86
CA VAL A 1965 67.52 -27.87 -1.66
C VAL A 1965 66.59 -29.08 -1.62
N ASN A 1966 66.10 -29.45 -0.43
CA ASN A 1966 65.01 -30.44 -0.34
C ASN A 1966 63.63 -29.77 -0.51
N TYR A 1967 63.27 -29.49 -1.77
CA TYR A 1967 62.03 -28.79 -2.11
C TYR A 1967 61.07 -29.70 -2.88
N ARG A 1968 59.78 -29.52 -2.60
CA ARG A 1968 58.72 -30.31 -3.22
C ARG A 1968 57.55 -29.38 -3.52
N PHE A 1969 57.18 -29.30 -4.80
CA PHE A 1969 56.14 -28.36 -5.24
C PHE A 1969 54.79 -28.68 -4.60
N ILE A 1970 54.49 -29.96 -4.50
CA ILE A 1970 53.21 -30.35 -3.93
C ILE A 1970 53.12 -29.85 -2.49
N ASP A 1971 54.01 -30.36 -1.62
CA ASP A 1971 54.08 -30.00 -0.18
C ASP A 1971 54.18 -28.50 0.08
N TYR A 1972 54.85 -27.78 -0.81
CA TYR A 1972 55.05 -26.34 -0.62
C TYR A 1972 53.78 -25.51 -0.81
N LEU A 1973 52.96 -25.85 -1.81
CA LEU A 1973 51.79 -25.03 -2.10
C LEU A 1973 50.45 -25.70 -1.82
N VAL A 1974 50.45 -27.04 -1.71
CA VAL A 1974 49.23 -27.74 -1.33
C VAL A 1974 49.13 -27.92 0.17
N THR A 1975 47.91 -27.77 0.68
CA THR A 1975 47.64 -27.93 2.08
C THR A 1975 47.03 -29.32 2.28
N LEU A 1976 47.36 -29.95 3.40
CA LEU A 1976 46.86 -31.29 3.76
C LEU A 1976 45.32 -31.40 3.77
N ASP A 1977 44.65 -30.29 4.05
CA ASP A 1977 43.19 -30.22 4.04
C ASP A 1977 42.68 -30.27 2.61
N GLU A 1978 43.34 -29.55 1.70
CA GLU A 1978 43.01 -29.57 0.28
C GLU A 1978 43.44 -30.86 -0.39
N LYS A 1979 44.58 -31.41 0.01
CA LYS A 1979 45.09 -32.65 -0.54
C LYS A 1979 44.13 -33.82 -0.25
N MET A 1980 43.47 -33.77 0.91
CA MET A 1980 42.42 -34.72 1.28
C MET A 1980 41.17 -34.50 0.40
N LYS A 1981 40.78 -33.22 0.24
CA LYS A 1981 39.58 -32.81 -0.46
C LYS A 1981 39.61 -33.27 -1.92
N TRP A 1982 40.76 -33.11 -2.58
CA TRP A 1982 40.92 -33.49 -3.98
C TRP A 1982 40.77 -34.98 -4.21
N LEU A 1983 41.47 -35.77 -3.41
CA LEU A 1983 41.39 -37.21 -3.52
C LEU A 1983 40.01 -37.74 -3.17
N GLU A 1984 39.32 -37.08 -2.25
CA GLU A 1984 37.95 -37.42 -1.85
C GLU A 1984 37.06 -37.43 -3.08
N CYS A 1985 37.28 -36.48 -3.98
CA CYS A 1985 36.53 -36.41 -5.21
C CYS A 1985 36.85 -37.61 -6.05
N GLY A 1986 38.12 -37.98 -6.06
CA GLY A 1986 38.54 -39.13 -6.83
C GLY A 1986 39.64 -38.75 -7.80
N LEU A 1987 40.49 -37.83 -7.38
CA LEU A 1987 41.68 -37.53 -8.15
C LEU A 1987 42.65 -38.73 -8.02
N ASP A 1988 43.40 -39.04 -9.08
CA ASP A 1988 44.40 -40.13 -9.04
C ASP A 1988 45.55 -39.79 -8.07
N LYS A 1989 46.16 -40.81 -7.46
CA LYS A 1989 47.19 -40.57 -6.45
C LYS A 1989 48.49 -39.99 -7.03
N ASN A 1990 48.69 -40.16 -8.34
CA ASN A 1990 49.93 -39.76 -9.02
C ASN A 1990 50.45 -38.38 -8.67
N ASP A 1991 51.76 -38.25 -8.49
CA ASP A 1991 52.42 -36.97 -8.16
C ASP A 1991 52.18 -35.93 -9.26
N TYR A 1992 52.28 -36.39 -10.50
CA TYR A 1992 52.04 -35.57 -11.67
C TYR A 1992 50.63 -34.99 -11.62
N PHE A 1993 49.62 -35.83 -11.34
CA PHE A 1993 48.23 -35.36 -11.26
C PHE A 1993 47.92 -34.50 -10.05
N LEU A 1994 48.79 -34.56 -9.03
CA LEU A 1994 48.66 -33.69 -7.87
C LEU A 1994 49.13 -32.29 -8.21
N GLU A 1995 50.35 -32.20 -8.74
CA GLU A 1995 50.97 -30.97 -9.23
C GLU A 1995 50.03 -30.22 -10.19
N ASN A 1996 49.45 -30.98 -11.12
CA ASN A 1996 48.48 -30.48 -12.10
C ASN A 1996 47.28 -29.82 -11.45
N MET A 1997 46.64 -30.54 -10.53
CA MET A 1997 45.46 -30.06 -9.82
C MET A 1997 45.81 -28.79 -9.04
N SER A 1998 47.00 -28.80 -8.42
CA SER A 1998 47.54 -27.64 -7.73
C SER A 1998 47.65 -26.41 -8.63
N ILE A 1999 48.20 -26.60 -9.83
CA ILE A 1999 48.34 -25.53 -10.81
C ILE A 1999 46.98 -24.93 -11.19
N VAL A 2000 45.97 -25.80 -11.31
CA VAL A 2000 44.63 -25.39 -11.71
C VAL A 2000 44.00 -24.49 -10.64
N MET A 2001 43.96 -25.02 -9.43
CA MET A 2001 43.29 -24.35 -8.33
C MET A 2001 44.09 -23.13 -7.86
N ASN A 2002 45.25 -23.39 -7.27
CA ASN A 2002 46.01 -22.38 -6.52
C ASN A 2002 46.04 -21.01 -7.16
N SER A 2003 46.30 -20.95 -8.48
CA SER A 2003 46.26 -19.66 -9.16
C SER A 2003 45.14 -19.56 -10.17
N GLN A 2004 44.37 -18.50 -9.99
CA GLN A 2004 43.33 -18.12 -10.90
C GLN A 2004 43.35 -16.60 -10.99
N ASP A 2005 44.42 -16.07 -11.57
CA ASP A 2005 44.42 -14.74 -12.13
C ASP A 2005 44.06 -14.88 -13.62
N ALA A 2006 43.93 -16.12 -14.09
CA ALA A 2006 43.63 -16.48 -15.48
C ALA A 2006 42.88 -17.81 -15.54
N VAL A 2007 42.12 -18.00 -16.62
CA VAL A 2007 41.23 -19.18 -16.85
C VAL A 2007 42.02 -20.45 -17.13
N PRO A 2008 41.68 -21.56 -16.43
CA PRO A 2008 42.48 -22.73 -16.68
C PRO A 2008 41.89 -23.63 -17.77
N PHE A 2009 42.80 -24.19 -18.57
CA PHE A 2009 42.42 -25.06 -19.64
C PHE A 2009 42.87 -26.46 -19.28
N LEU A 2010 41.87 -27.30 -19.04
CA LEU A 2010 42.13 -28.67 -18.66
C LEU A 2010 41.99 -29.58 -19.88
N LEU A 2011 43.01 -30.42 -20.05
CA LEU A 2011 43.03 -31.46 -21.05
C LEU A 2011 43.15 -32.86 -20.41
N ASP A 2012 42.12 -33.68 -20.63
CA ASP A 2012 42.15 -35.09 -20.28
C ASP A 2012 41.23 -35.93 -21.17
N PRO A 2013 41.76 -37.02 -21.70
CA PRO A 2013 40.96 -37.90 -22.53
C PRO A 2013 39.74 -38.43 -21.77
N SER A 2014 39.95 -39.18 -20.69
CA SER A 2014 38.84 -39.67 -19.89
C SER A 2014 38.43 -38.55 -18.98
N SER A 2015 37.21 -38.06 -19.15
CA SER A 2015 36.72 -36.92 -18.42
C SER A 2015 36.41 -37.35 -17.01
N HIS A 2016 37.47 -37.80 -16.33
CA HIS A 2016 37.43 -38.13 -14.91
C HIS A 2016 37.72 -36.87 -14.11
N MET A 2017 38.29 -35.89 -14.80
CA MET A 2017 38.57 -34.58 -14.23
C MET A 2017 37.33 -33.73 -14.15
N ILE A 2018 36.45 -33.84 -15.15
CA ILE A 2018 35.24 -33.04 -15.17
C ILE A 2018 34.31 -33.37 -14.01
N THR A 2019 34.49 -34.58 -13.45
CA THR A 2019 33.75 -35.02 -12.27
C THR A 2019 34.42 -34.56 -10.97
N VAL A 2020 35.76 -34.54 -10.97
CA VAL A 2020 36.53 -34.06 -9.81
C VAL A 2020 36.09 -32.64 -9.43
N ILE A 2021 36.04 -31.76 -10.40
CA ILE A 2021 35.67 -30.36 -10.18
C ILE A 2021 34.18 -30.27 -9.78
N SER A 2022 33.39 -31.25 -10.24
CA SER A 2022 31.96 -31.30 -9.95
C SER A 2022 31.68 -31.65 -8.49
N ASN A 2023 32.47 -32.56 -7.96
CA ASN A 2023 32.37 -32.95 -6.56
C ASN A 2023 32.86 -31.85 -5.61
N TYR A 2024 33.72 -30.99 -6.13
CA TYR A 2024 34.31 -29.90 -5.38
C TYR A 2024 33.36 -28.72 -5.26
N TYR A 2025 32.68 -28.36 -6.35
CA TYR A 2025 31.77 -27.20 -6.33
C TYR A 2025 30.26 -27.56 -6.18
N GLY A 2026 29.94 -28.85 -6.26
CA GLY A 2026 28.60 -29.39 -5.94
C GLY A 2026 27.40 -28.92 -6.75
N ASN A 2027 26.43 -28.30 -6.06
CA ASN A 2027 25.21 -27.76 -6.68
C ASN A 2027 25.52 -26.67 -7.68
N LYS A 2028 26.49 -25.85 -7.30
CA LYS A 2028 26.92 -24.69 -8.05
C LYS A 2028 27.52 -25.05 -9.41
N THR A 2029 27.92 -26.32 -9.57
CA THR A 2029 28.55 -26.86 -10.81
C THR A 2029 27.56 -26.91 -11.95
N VAL A 2030 27.73 -26.04 -12.94
CA VAL A 2030 26.88 -25.98 -14.13
C VAL A 2030 27.77 -26.28 -15.33
N LEU A 2031 27.47 -27.37 -16.05
CA LEU A 2031 28.28 -27.82 -17.19
C LEU A 2031 27.70 -27.42 -18.55
N LEU A 2032 28.57 -26.88 -19.39
CA LEU A 2032 28.21 -26.45 -20.72
C LEU A 2032 29.25 -26.97 -21.71
N SER A 2033 28.96 -26.83 -22.99
CA SER A 2033 29.90 -27.14 -24.05
C SER A 2033 29.65 -26.16 -25.16
N PHE A 2034 30.75 -25.69 -25.76
CA PHE A 2034 30.75 -24.68 -26.80
C PHE A 2034 29.83 -25.00 -27.97
N LEU A 2035 29.44 -26.27 -28.05
CA LEU A 2035 28.71 -26.78 -29.20
C LEU A 2035 27.19 -26.71 -29.09
N GLU A 2036 26.64 -26.77 -27.87
CA GLU A 2036 25.17 -26.69 -27.62
C GLU A 2036 24.54 -25.37 -28.06
N GLU A 2037 23.25 -25.40 -28.36
CA GLU A 2037 22.54 -24.22 -28.89
C GLU A 2037 22.40 -23.12 -27.83
N GLY A 2038 22.08 -23.57 -26.62
CA GLY A 2038 21.75 -22.69 -25.54
C GLY A 2038 22.94 -22.09 -24.85
N PHE A 2039 24.15 -22.49 -25.29
CA PHE A 2039 25.41 -22.00 -24.73
C PHE A 2039 25.54 -20.48 -24.63
N VAL A 2040 25.13 -19.80 -25.71
CA VAL A 2040 25.29 -18.35 -25.83
C VAL A 2040 24.52 -17.61 -24.71
N LYS A 2041 23.36 -18.16 -24.34
CA LYS A 2041 22.47 -17.56 -23.34
C LYS A 2041 22.72 -18.13 -21.94
N ARG A 2042 22.98 -19.43 -21.86
CA ARG A 2042 23.14 -20.15 -20.59
C ARG A 2042 24.35 -19.66 -19.87
N LEU A 2043 25.31 -19.10 -20.61
CA LEU A 2043 26.49 -18.50 -20.00
C LEU A 2043 26.21 -17.14 -19.36
N GLU A 2044 25.35 -16.36 -20.02
CA GLU A 2044 24.88 -15.09 -19.48
C GLU A 2044 24.11 -15.28 -18.15
N ASN A 2045 23.50 -16.45 -17.98
CA ASN A 2045 22.79 -16.83 -16.75
C ASN A 2045 23.74 -17.38 -15.72
N ALA A 2046 24.84 -17.94 -16.18
CA ALA A 2046 25.87 -18.52 -15.32
C ALA A 2046 26.70 -17.43 -14.68
N ILE A 2047 26.98 -16.41 -15.48
CA ILE A 2047 27.77 -15.28 -15.05
C ILE A 2047 27.01 -14.37 -14.06
N ARG A 2048 25.71 -14.20 -14.27
CA ARG A 2048 24.89 -13.30 -13.45
C ARG A 2048 24.70 -13.79 -12.03
N PHE A 2049 24.66 -15.11 -11.83
CA PHE A 2049 24.30 -15.63 -10.52
C PHE A 2049 25.37 -16.57 -9.95
N GLY A 2050 26.63 -16.24 -10.24
CA GLY A 2050 27.79 -16.84 -9.56
C GLY A 2050 28.02 -18.32 -9.74
N SER A 2051 27.47 -18.86 -10.81
CA SER A 2051 27.54 -20.28 -11.07
C SER A 2051 28.97 -20.68 -11.47
N VAL A 2052 29.50 -21.75 -10.89
CA VAL A 2052 30.79 -22.32 -11.34
C VAL A 2052 30.66 -23.13 -12.65
N VAL A 2053 31.33 -22.67 -13.72
CA VAL A 2053 31.09 -23.22 -15.06
C VAL A 2053 32.31 -23.96 -15.62
N ILE A 2054 32.05 -25.14 -16.17
CA ILE A 2054 33.04 -25.91 -16.92
C ILE A 2054 32.58 -26.03 -18.38
N ILE A 2055 33.45 -25.72 -19.33
CA ILE A 2055 33.07 -25.87 -20.73
C ILE A 2055 33.66 -27.12 -21.39
N GLN A 2056 32.77 -28.04 -21.74
CA GLN A 2056 33.13 -29.43 -22.06
C GLN A 2056 33.97 -29.62 -23.34
N ASP A 2057 33.84 -28.70 -24.30
CA ASP A 2057 34.58 -28.86 -25.54
C ASP A 2057 35.48 -27.68 -25.86
N GLY A 2058 36.69 -27.73 -25.32
CA GLY A 2058 37.61 -26.61 -25.38
C GLY A 2058 38.19 -26.35 -26.73
N GLU A 2059 38.30 -27.41 -27.52
CA GLU A 2059 38.87 -27.39 -28.88
C GLU A 2059 38.12 -26.37 -29.74
N PHE A 2060 36.80 -26.47 -29.75
CA PHE A 2060 35.93 -25.47 -30.37
C PHE A 2060 35.69 -24.32 -29.40
N PHE A 2061 35.77 -23.08 -29.87
CA PHE A 2061 35.79 -21.92 -29.02
C PHE A 2061 35.37 -20.74 -29.87
N ASP A 2062 34.24 -20.13 -29.54
CA ASP A 2062 33.82 -18.89 -30.22
C ASP A 2062 34.48 -17.68 -29.60
N PRO A 2063 34.62 -16.63 -30.40
CA PRO A 2063 35.22 -15.37 -30.06
C PRO A 2063 34.57 -14.71 -28.86
N ILE A 2064 33.27 -14.91 -28.61
CA ILE A 2064 32.59 -14.06 -27.61
C ILE A 2064 33.06 -14.21 -26.17
N ILE A 2065 33.24 -15.43 -25.72
CA ILE A 2065 33.79 -15.66 -24.39
C ILE A 2065 35.04 -14.80 -24.22
N SER A 2066 35.59 -14.35 -25.35
CA SER A 2066 36.94 -13.81 -25.37
C SER A 2066 37.23 -12.70 -24.36
N ARG A 2067 36.31 -11.76 -24.22
CA ARG A 2067 36.42 -10.75 -23.16
C ARG A 2067 36.35 -11.37 -21.75
N LEU A 2068 35.71 -12.53 -21.63
CA LEU A 2068 35.64 -13.22 -20.35
C LEU A 2068 36.93 -13.99 -20.06
N ILE A 2069 37.69 -14.28 -21.11
CA ILE A 2069 38.95 -14.98 -20.90
C ILE A 2069 40.03 -13.96 -20.53
N SER A 2070 40.25 -12.96 -21.37
CA SER A 2070 41.04 -11.80 -20.92
C SER A 2070 40.26 -11.17 -19.77
N ARG A 2071 40.92 -10.74 -18.70
CA ARG A 2071 40.14 -10.24 -17.57
C ARG A 2071 39.70 -8.80 -17.82
N GLU A 2072 38.61 -8.65 -18.57
CA GLU A 2072 38.15 -7.32 -18.95
C GLU A 2072 36.81 -7.06 -18.34
N PHE A 2073 36.67 -5.89 -17.74
CA PHE A 2073 35.40 -5.46 -17.16
C PHE A 2073 35.22 -3.94 -17.22
N ASN A 2074 33.95 -3.55 -17.18
CA ASN A 2074 33.50 -2.15 -17.07
C ASN A 2074 32.89 -1.95 -15.70
N HIS A 2075 33.57 -1.22 -14.83
CA HIS A 2075 33.02 -1.01 -13.48
C HIS A 2075 31.96 0.09 -13.42
N ALA A 2076 30.96 -0.17 -12.59
CA ALA A 2076 29.69 0.54 -12.55
C ALA A 2076 29.42 0.93 -11.11
N GLY A 2077 28.28 1.59 -10.84
CA GLY A 2077 27.89 2.01 -9.48
C GLY A 2077 28.07 0.98 -8.36
N ASN A 2078 27.44 -0.19 -8.54
CA ASN A 2078 27.62 -1.41 -7.72
C ASN A 2078 28.09 -2.60 -8.60
N ARG A 2079 27.62 -2.58 -9.84
CA ARG A 2079 27.71 -3.71 -10.76
C ARG A 2079 28.98 -3.73 -11.59
N VAL A 2080 29.38 -4.96 -11.92
CA VAL A 2080 30.56 -5.25 -12.73
C VAL A 2080 30.10 -5.88 -14.03
N THR A 2081 30.26 -5.17 -15.14
CA THR A 2081 29.72 -5.66 -16.41
C THR A 2081 30.79 -6.13 -17.40
N VAL A 2082 30.44 -7.18 -18.14
CA VAL A 2082 31.31 -7.77 -19.18
C VAL A 2082 30.54 -7.80 -20.51
N GLU A 2083 31.20 -7.38 -21.58
CA GLU A 2083 30.54 -7.34 -22.87
C GLU A 2083 30.66 -8.69 -23.57
N ILE A 2084 29.52 -9.28 -23.92
CA ILE A 2084 29.50 -10.54 -24.64
C ILE A 2084 28.78 -10.36 -25.94
N GLY A 2085 29.54 -10.44 -27.03
CA GLY A 2085 29.02 -10.18 -28.36
C GLY A 2085 28.27 -8.87 -28.55
N ASP A 2086 27.27 -8.61 -27.72
CA ASP A 2086 26.42 -7.43 -27.85
C ASP A 2086 26.07 -6.90 -26.48
N HIS A 2087 25.20 -7.62 -25.77
CA HIS A 2087 24.71 -7.19 -24.46
C HIS A 2087 25.82 -7.21 -23.41
N GLU A 2088 25.76 -6.23 -22.53
CA GLU A 2088 26.67 -6.11 -21.40
C GLU A 2088 26.03 -6.87 -20.23
N VAL A 2089 26.66 -7.95 -19.75
CA VAL A 2089 26.07 -8.70 -18.63
C VAL A 2089 26.86 -8.65 -17.34
N ASP A 2090 26.15 -8.71 -16.21
CA ASP A 2090 26.71 -8.59 -14.87
C ASP A 2090 27.52 -9.82 -14.44
N VAL A 2091 28.69 -9.58 -13.87
CA VAL A 2091 29.48 -10.66 -13.30
C VAL A 2091 29.26 -10.72 -11.81
N SER A 2092 29.14 -11.93 -11.29
CA SER A 2092 28.98 -12.15 -9.87
C SER A 2092 30.28 -12.02 -9.08
N GLY A 2093 31.24 -12.88 -9.38
CA GLY A 2093 32.46 -12.89 -8.61
C GLY A 2093 32.56 -14.16 -7.78
N ASP A 2094 31.40 -14.72 -7.44
CA ASP A 2094 31.36 -16.10 -6.96
C ASP A 2094 31.35 -17.06 -8.13
N PHE A 2095 31.23 -16.49 -9.33
CA PHE A 2095 31.33 -17.16 -10.64
C PHE A 2095 32.75 -17.61 -10.93
N LYS A 2096 32.87 -18.86 -11.38
CA LYS A 2096 34.15 -19.45 -11.78
C LYS A 2096 34.05 -20.03 -13.20
N LEU A 2097 35.20 -20.12 -13.89
CA LEU A 2097 35.26 -20.59 -15.27
C LEU A 2097 36.41 -21.58 -15.50
N PHE A 2098 36.07 -22.70 -16.14
CA PHE A 2098 37.01 -23.76 -16.48
C PHE A 2098 36.70 -24.17 -17.91
N ILE A 2099 37.73 -24.45 -18.68
CA ILE A 2099 37.51 -25.00 -20.01
C ILE A 2099 38.18 -26.38 -20.10
N HIS A 2100 37.41 -27.32 -20.61
CA HIS A 2100 37.81 -28.71 -20.65
C HIS A 2100 37.86 -29.21 -22.09
N SER A 2101 38.90 -29.97 -22.40
CA SER A 2101 39.09 -30.56 -23.72
C SER A 2101 39.44 -32.03 -23.56
N CYS A 2102 39.20 -32.84 -24.60
CA CYS A 2102 39.42 -34.28 -24.51
C CYS A 2102 40.54 -34.74 -25.39
N ASP A 2103 40.74 -34.08 -26.53
CA ASP A 2103 41.79 -34.51 -27.44
C ASP A 2103 42.88 -33.49 -27.50
N PRO A 2104 44.13 -33.92 -27.34
CA PRO A 2104 45.25 -33.00 -27.40
C PRO A 2104 45.59 -32.58 -28.83
N SER A 2105 45.08 -33.34 -29.81
CA SER A 2105 45.22 -33.05 -31.22
C SER A 2105 44.54 -31.72 -31.56
N GLY A 2106 43.41 -31.48 -30.89
CA GLY A 2106 42.58 -30.28 -31.09
C GLY A 2106 43.31 -29.03 -30.70
N ASP A 2107 43.45 -28.12 -31.66
CA ASP A 2107 44.20 -26.89 -31.47
C ASP A 2107 43.28 -25.70 -31.20
N ILE A 2108 43.57 -25.03 -30.09
CA ILE A 2108 42.82 -23.88 -29.65
C ILE A 2108 43.47 -22.63 -30.21
N PRO A 2109 42.65 -21.59 -30.49
CA PRO A 2109 43.15 -20.31 -31.04
C PRO A 2109 44.22 -19.65 -30.18
N ILE A 2110 45.22 -19.05 -30.85
CA ILE A 2110 46.36 -18.37 -30.20
C ILE A 2110 45.94 -17.35 -29.15
N PHE A 2111 44.82 -16.67 -29.37
CA PHE A 2111 44.23 -15.78 -28.38
C PHE A 2111 44.04 -16.47 -27.04
N LEU A 2112 43.26 -17.55 -27.05
CA LEU A 2112 42.95 -18.31 -25.85
C LEU A 2112 44.21 -18.90 -25.23
N ARG A 2113 44.93 -19.72 -26.00
CA ARG A 2113 46.15 -20.38 -25.51
C ARG A 2113 47.09 -19.49 -24.72
N SER A 2114 47.18 -18.20 -25.05
CA SER A 2114 48.03 -17.26 -24.30
C SER A 2114 47.43 -16.77 -22.97
N ARG A 2115 46.13 -16.51 -22.92
CA ARG A 2115 45.47 -16.03 -21.71
C ARG A 2115 44.92 -17.17 -20.85
N VAL A 2116 45.25 -18.39 -21.25
CA VAL A 2116 44.69 -19.58 -20.62
C VAL A 2116 45.81 -20.32 -19.87
N ARG A 2117 45.51 -20.89 -18.69
CA ARG A 2117 46.53 -21.68 -17.96
C ARG A 2117 46.39 -23.14 -18.37
N LEU A 2118 47.35 -23.59 -19.16
CA LEU A 2118 47.23 -24.88 -19.82
C LEU A 2118 47.75 -25.89 -18.84
N VAL A 2119 46.89 -26.85 -18.47
CA VAL A 2119 47.20 -28.01 -17.58
C VAL A 2119 46.87 -29.41 -18.18
N HIS A 2120 47.86 -30.31 -18.24
CA HIS A 2120 47.65 -31.61 -18.92
C HIS A 2120 47.45 -32.78 -17.98
N PHE A 2121 46.20 -33.25 -17.91
CA PHE A 2121 45.88 -34.46 -17.16
C PHE A 2121 45.93 -35.66 -18.12
N VAL A 2122 47.14 -36.06 -18.45
CA VAL A 2122 47.36 -37.01 -19.51
C VAL A 2122 48.18 -38.20 -19.02
N THR A 2123 47.70 -39.37 -19.39
CA THR A 2123 48.27 -40.62 -18.96
C THR A 2123 49.36 -41.09 -19.94
N ASN A 2124 50.51 -40.42 -19.96
CA ASN A 2124 51.52 -40.59 -21.03
C ASN A 2124 52.35 -41.88 -20.98
N LYS A 2125 53.23 -42.04 -21.97
CA LYS A 2125 54.31 -43.05 -21.93
C LYS A 2125 55.34 -42.65 -20.85
N GLU A 2126 55.44 -41.36 -20.59
CA GLU A 2126 56.36 -40.84 -19.60
C GLU A 2126 55.92 -41.27 -18.20
N SER A 2127 54.60 -41.42 -18.03
CA SER A 2127 53.99 -41.87 -16.78
C SER A 2127 54.37 -43.30 -16.38
N ILE A 2128 54.80 -44.09 -17.35
CA ILE A 2128 55.27 -45.47 -17.14
C ILE A 2128 56.64 -45.44 -16.44
N GLU A 2129 57.50 -44.49 -16.81
CA GLU A 2129 58.86 -44.45 -16.26
C GLU A 2129 58.82 -44.16 -14.76
N THR A 2130 57.98 -43.18 -14.41
CA THR A 2130 57.68 -42.75 -13.05
C THR A 2130 57.09 -43.93 -12.24
N ARG A 2131 56.12 -44.62 -12.83
CA ARG A 2131 55.35 -45.59 -12.10
C ARG A 2131 56.04 -46.98 -12.03
N ILE A 2132 57.00 -47.27 -12.91
CA ILE A 2132 57.69 -48.58 -12.84
C ILE A 2132 58.64 -48.63 -11.62
N PHE A 2133 59.28 -47.50 -11.34
CA PHE A 2133 60.19 -47.34 -10.20
C PHE A 2133 59.50 -47.61 -8.88
N ASP A 2134 58.32 -47.03 -8.65
CA ASP A 2134 57.51 -47.37 -7.46
C ASP A 2134 57.22 -48.88 -7.24
N ILE A 2135 56.98 -49.58 -8.33
CA ILE A 2135 56.68 -51.01 -8.28
C ILE A 2135 57.98 -51.84 -8.13
N THR A 2136 59.03 -51.44 -8.85
CA THR A 2136 60.38 -52.03 -8.71
C THR A 2136 60.93 -51.92 -7.29
N LEU A 2137 60.81 -50.75 -6.67
CA LEU A 2137 61.44 -50.52 -5.37
C LEU A 2137 60.71 -51.23 -4.24
N THR A 2138 59.43 -51.46 -4.42
CA THR A 2138 58.66 -52.23 -3.46
C THR A 2138 59.12 -53.72 -3.46
N GLU A 2139 59.63 -54.20 -4.59
CA GLU A 2139 60.12 -55.58 -4.71
C GLU A 2139 61.67 -55.64 -4.71
N GLU A 2140 62.32 -54.48 -4.59
CA GLU A 2140 63.79 -54.41 -4.55
C GLU A 2140 64.34 -54.03 -3.17
N ASN A 2141 63.89 -52.90 -2.62
CA ASN A 2141 64.17 -52.53 -1.23
C ASN A 2141 62.92 -52.05 -0.49
N ALA A 2142 62.12 -53.02 -0.07
CA ALA A 2142 60.78 -52.82 0.48
C ALA A 2142 60.77 -51.92 1.70
N GLU A 2143 61.88 -51.95 2.45
CA GLU A 2143 62.04 -51.18 3.67
C GLU A 2143 62.06 -49.68 3.41
N MET A 2144 62.71 -49.28 2.33
CA MET A 2144 62.85 -47.85 2.06
C MET A 2144 61.74 -47.24 1.24
N GLN A 2145 61.04 -48.03 0.41
CA GLN A 2145 59.86 -47.52 -0.28
C GLN A 2145 58.66 -47.40 0.67
N ARG A 2146 58.61 -48.27 1.69
CA ARG A 2146 57.62 -48.18 2.79
C ARG A 2146 57.90 -46.95 3.67
N LYS A 2147 59.17 -46.68 3.96
CA LYS A 2147 59.50 -45.54 4.81
C LYS A 2147 59.46 -44.20 4.07
N ARG A 2148 59.39 -44.25 2.74
CA ARG A 2148 59.30 -43.05 1.92
C ARG A 2148 57.97 -42.34 2.11
N GLU A 2149 56.88 -43.11 2.16
CA GLU A 2149 55.52 -42.57 2.34
C GLU A 2149 55.37 -41.90 3.71
N ASP A 2150 55.77 -42.60 4.78
CA ASP A 2150 55.67 -42.05 6.14
C ASP A 2150 56.69 -40.94 6.45
N LEU A 2151 57.77 -40.89 5.67
CA LEU A 2151 58.80 -39.84 5.78
C LEU A 2151 58.24 -38.45 5.52
N ILE A 2152 57.43 -38.33 4.47
CA ILE A 2152 56.85 -37.06 4.08
C ILE A 2152 55.51 -36.88 4.80
N LYS A 2153 54.89 -38.01 5.17
CA LYS A 2153 53.63 -38.03 5.93
C LYS A 2153 53.80 -37.50 7.35
N LEU A 2154 54.74 -38.09 8.09
CA LEU A 2154 54.99 -37.72 9.48
C LEU A 2154 55.76 -36.39 9.57
N ASN A 2155 56.43 -36.02 8.49
CA ASN A 2155 56.99 -34.66 8.31
C ASN A 2155 55.89 -33.60 8.41
N THR A 2156 54.84 -33.78 7.62
CA THR A 2156 53.70 -32.84 7.60
C THR A 2156 52.75 -33.04 8.77
N GLU A 2157 52.50 -34.31 9.13
CA GLU A 2157 51.57 -34.65 10.22
C GLU A 2157 52.05 -34.18 11.59
N TYR A 2158 53.30 -34.46 11.94
CA TYR A 2158 53.86 -34.02 13.22
C TYR A 2158 54.00 -32.51 13.28
N LYS A 2159 54.29 -31.88 12.14
CA LYS A 2159 54.38 -30.43 12.09
C LYS A 2159 53.00 -29.78 12.21
N LEU A 2160 51.99 -30.46 11.70
CA LEU A 2160 50.60 -30.04 11.89
C LEU A 2160 50.11 -30.34 13.31
N LYS A 2161 50.64 -31.41 13.91
CA LYS A 2161 50.37 -31.75 15.32
C LYS A 2161 51.15 -30.85 16.29
N LEU A 2162 52.30 -30.36 15.84
CA LEU A 2162 53.10 -29.38 16.59
C LEU A 2162 52.38 -28.03 16.63
N LYS A 2163 51.70 -27.70 15.54
CA LYS A 2163 50.89 -26.48 15.45
C LYS A 2163 49.53 -26.69 16.13
N ASN A 2164 49.07 -27.94 16.14
CA ASN A 2164 47.82 -28.31 16.82
C ASN A 2164 47.96 -28.34 18.34
N LEU A 2165 49.13 -28.75 18.84
CA LEU A 2165 49.35 -28.81 20.28
C LEU A 2165 49.78 -27.47 20.89
N GLU A 2166 50.42 -26.62 20.08
CA GLU A 2166 50.73 -25.22 20.47
C GLU A 2166 49.45 -24.42 20.72
N LYS A 2167 48.44 -24.65 19.88
CA LYS A 2167 47.12 -24.04 20.00
C LYS A 2167 46.37 -24.55 21.24
N ARG A 2168 46.49 -25.85 21.53
CA ARG A 2168 45.86 -26.48 22.72
C ARG A 2168 46.45 -26.00 24.04
N LEU A 2169 47.76 -25.72 24.01
CA LEU A 2169 48.51 -25.21 25.14
C LEU A 2169 48.18 -23.74 25.47
N LEU A 2170 48.07 -22.90 24.44
CA LEU A 2170 47.77 -21.47 24.60
C LEU A 2170 46.32 -21.20 25.02
N GLU A 2171 45.40 -22.07 24.58
CA GLU A 2171 43.98 -21.97 24.95
C GLU A 2171 43.76 -22.26 26.44
N GLU A 2172 44.46 -23.26 26.98
CA GLU A 2172 44.35 -23.61 28.41
C GLU A 2172 45.21 -22.73 29.33
N LEU A 2173 46.31 -22.20 28.82
CA LEU A 2173 47.15 -21.26 29.58
C LEU A 2173 46.44 -19.93 29.87
N ASN A 2174 45.55 -19.53 28.96
CA ASN A 2174 44.75 -18.31 29.13
C ASN A 2174 43.46 -18.53 29.92
N ASN A 2175 42.96 -19.76 29.90
CA ASN A 2175 41.82 -20.19 30.72
C ASN A 2175 42.17 -20.52 32.18
N SER A 2176 43.30 -21.19 32.39
CA SER A 2176 43.67 -21.72 33.72
C SER A 2176 44.67 -20.90 34.56
N GLN A 2177 44.99 -19.69 34.09
CA GLN A 2177 46.06 -18.87 34.67
C GLN A 2177 45.77 -18.45 36.11
N GLY A 2178 44.50 -18.14 36.38
CA GLY A 2178 44.04 -17.83 37.73
C GLY A 2178 43.53 -19.06 38.46
N ASN A 2179 43.30 -20.12 37.70
CA ASN A 2179 42.91 -21.44 38.22
C ASN A 2179 44.16 -22.25 38.59
N MET A 2180 43.95 -23.49 39.02
CA MET A 2180 45.05 -24.40 39.38
C MET A 2180 45.88 -24.82 38.17
N LEU A 2181 46.88 -25.63 38.42
CA LEU A 2181 47.77 -26.08 37.37
C LEU A 2181 47.13 -27.19 36.55
N GLU A 2182 46.05 -26.86 35.85
CA GLU A 2182 45.46 -27.74 34.84
C GLU A 2182 46.47 -27.90 33.70
N ASN A 2183 47.11 -26.78 33.34
CA ASN A 2183 48.12 -26.78 32.28
C ASN A 2183 49.07 -27.97 32.39
N ASP A 2184 49.25 -28.44 33.63
CA ASP A 2184 50.09 -29.61 33.96
C ASP A 2184 49.55 -30.89 33.33
N GLU A 2185 48.22 -30.96 33.20
CA GLU A 2185 47.54 -32.11 32.62
C GLU A 2185 47.69 -32.12 31.08
N LEU A 2186 48.03 -30.94 30.52
CA LEU A 2186 48.45 -30.80 29.13
C LEU A 2186 49.99 -30.81 29.02
N MET A 2187 50.68 -30.60 30.15
CA MET A 2187 52.13 -30.59 30.15
C MET A 2187 52.72 -32.00 30.16
N VAL A 2188 51.94 -32.99 30.60
CA VAL A 2188 52.31 -34.40 30.47
C VAL A 2188 52.09 -34.90 29.03
N THR A 2189 51.20 -34.18 28.32
CA THR A 2189 50.98 -34.36 26.89
C THR A 2189 52.06 -33.56 26.13
N LEU A 2190 52.56 -32.51 26.78
CA LEU A 2190 53.70 -31.75 26.26
C LEU A 2190 55.02 -32.43 26.60
N ASN A 2191 54.97 -33.35 27.55
CA ASN A 2191 56.08 -34.25 27.87
C ASN A 2191 56.15 -35.35 26.80
N ASN A 2192 54.98 -35.71 26.29
CA ASN A 2192 54.84 -36.61 25.14
C ASN A 2192 55.31 -35.91 23.86
N LEU A 2193 55.16 -34.59 23.83
CA LEU A 2193 55.63 -33.73 22.75
C LEU A 2193 57.16 -33.67 22.63
N LYS A 2194 57.86 -33.98 23.73
CA LYS A 2194 59.34 -34.05 23.76
C LYS A 2194 59.85 -35.20 22.90
N LYS A 2195 58.99 -36.19 22.69
CA LYS A 2195 59.20 -37.22 21.68
C LYS A 2195 58.84 -36.66 20.31
N GLU A 2196 57.72 -35.94 20.24
CA GLU A 2196 57.19 -35.40 18.98
C GLU A 2196 58.03 -34.29 18.35
N ALA A 2197 58.46 -33.32 19.15
CA ALA A 2197 59.28 -32.21 18.66
C ALA A 2197 60.62 -32.76 18.18
N MET A 2198 61.10 -33.75 18.92
CA MET A 2198 62.40 -34.32 18.69
C MET A 2198 62.31 -35.54 17.76
N ASN A 2199 61.09 -36.03 17.53
CA ASN A 2199 60.78 -37.06 16.52
C ASN A 2199 61.04 -36.53 15.12
N ILE A 2200 60.65 -35.27 14.93
CA ILE A 2200 60.88 -34.49 13.71
C ILE A 2200 62.38 -34.37 13.44
N GLU A 2201 63.10 -34.05 14.51
CA GLU A 2201 64.54 -33.88 14.50
C GLU A 2201 65.24 -35.23 14.26
N LYS A 2202 64.64 -36.30 14.79
CA LYS A 2202 65.05 -37.69 14.57
C LYS A 2202 64.87 -38.10 13.09
N LYS A 2203 63.78 -37.65 12.49
CA LYS A 2203 63.45 -38.01 11.12
C LYS A 2203 64.17 -37.14 10.11
N LEU A 2204 64.44 -35.87 10.46
CA LEU A 2204 65.20 -34.97 9.58
C LEU A 2204 66.65 -35.41 9.45
N SER A 2205 67.17 -36.01 10.53
CA SER A 2205 68.54 -36.51 10.56
C SER A 2205 68.69 -37.74 9.65
N GLU A 2206 67.70 -38.62 9.69
CA GLU A 2206 67.72 -39.83 8.85
C GLU A 2206 67.29 -39.56 7.41
N SER A 2207 66.69 -38.39 7.18
CA SER A 2207 66.26 -37.97 5.84
C SER A 2207 67.45 -37.65 4.96
N GLU A 2208 68.41 -36.92 5.52
CA GLU A 2208 69.62 -36.53 4.82
C GLU A 2208 70.48 -37.76 4.50
N GLU A 2209 70.06 -38.90 5.07
CA GLU A 2209 70.72 -40.19 4.88
C GLU A 2209 69.92 -41.03 3.87
N PHE A 2210 68.60 -40.86 3.89
CA PHE A 2210 67.64 -41.57 3.02
C PHE A 2210 67.55 -41.03 1.59
N PHE A 2211 67.40 -39.71 1.45
CA PHE A 2211 67.35 -39.02 0.15
C PHE A 2211 68.51 -39.35 -0.80
N PRO A 2212 69.78 -39.25 -0.36
CA PRO A 2212 70.85 -39.56 -1.31
C PRO A 2212 70.92 -41.04 -1.67
N GLN A 2213 70.34 -41.91 -0.84
CA GLN A 2213 70.20 -43.33 -1.15
C GLN A 2213 69.05 -43.60 -2.13
N PHE A 2214 67.98 -42.81 -1.98
CA PHE A 2214 66.83 -42.84 -2.88
C PHE A 2214 67.25 -42.45 -4.29
N ASP A 2215 68.09 -41.42 -4.36
CA ASP A 2215 68.58 -40.89 -5.62
C ASP A 2215 69.66 -41.73 -6.28
N ASN A 2216 70.21 -42.67 -5.52
CA ASN A 2216 71.20 -43.63 -6.01
C ASN A 2216 70.46 -44.77 -6.69
N LEU A 2217 69.24 -45.00 -6.22
CA LEU A 2217 68.38 -46.07 -6.69
C LEU A 2217 67.52 -45.66 -7.90
N VAL A 2218 67.42 -44.36 -8.15
CA VAL A 2218 66.68 -43.87 -9.30
C VAL A 2218 67.41 -44.23 -10.58
N GLU A 2219 68.74 -44.24 -10.55
CA GLU A 2219 69.50 -44.46 -11.79
C GLU A 2219 69.46 -45.88 -12.40
N GLU A 2220 69.57 -46.91 -11.55
CA GLU A 2220 69.37 -48.27 -12.02
C GLU A 2220 67.98 -48.52 -12.67
N TYR A 2221 66.96 -47.98 -12.02
CA TYR A 2221 65.59 -48.09 -12.50
C TYR A 2221 65.35 -47.25 -13.73
N SER A 2222 66.11 -46.17 -13.85
CA SER A 2222 66.13 -45.39 -15.07
C SER A 2222 66.64 -46.25 -16.21
N ILE A 2223 67.66 -47.05 -15.96
CA ILE A 2223 68.13 -47.97 -16.98
C ILE A 2223 67.06 -49.00 -17.33
N ILE A 2224 66.33 -49.46 -16.31
CA ILE A 2224 65.14 -50.28 -16.56
C ILE A 2224 64.05 -49.45 -17.23
N GLY A 2225 63.89 -48.22 -16.75
CA GLY A 2225 62.81 -47.33 -17.21
C GLY A 2225 62.88 -46.94 -18.67
N LYS A 2226 64.10 -46.65 -19.14
CA LYS A 2226 64.33 -46.21 -20.52
C LYS A 2226 63.93 -47.29 -21.49
N HIS A 2227 64.26 -48.54 -21.18
CA HIS A 2227 63.89 -49.69 -22.03
C HIS A 2227 62.39 -49.91 -22.17
N SER A 2228 61.70 -49.81 -21.03
CA SER A 2228 60.30 -50.11 -20.98
C SER A 2228 59.43 -49.09 -21.80
N VAL A 2229 59.82 -47.82 -21.91
CA VAL A 2229 59.01 -46.89 -22.71
C VAL A 2229 59.12 -47.26 -24.17
N LYS A 2230 60.35 -47.53 -24.62
CA LYS A 2230 60.60 -47.93 -26.00
C LYS A 2230 59.90 -49.25 -26.38
N ILE A 2231 59.66 -50.10 -25.39
CA ILE A 2231 58.89 -51.34 -25.55
C ILE A 2231 57.41 -51.00 -25.66
N PHE A 2232 56.91 -50.19 -24.73
CA PHE A 2232 55.51 -49.73 -24.78
C PHE A 2232 55.20 -48.96 -26.07
N SER A 2233 56.17 -48.15 -26.53
CA SER A 2233 56.05 -47.39 -27.76
C SER A 2233 55.82 -48.36 -28.93
N MET A 2234 56.58 -49.46 -28.94
CA MET A 2234 56.48 -50.49 -29.96
C MET A 2234 55.13 -51.20 -29.90
N LEU A 2235 54.68 -51.58 -28.70
CA LEU A 2235 53.37 -52.23 -28.54
C LEU A 2235 52.20 -51.27 -28.77
N GLU A 2236 52.41 -50.01 -28.46
CA GLU A 2236 51.46 -48.94 -28.77
C GLU A 2236 51.32 -48.76 -30.29
N LYS A 2237 52.46 -48.76 -30.99
CA LYS A 2237 52.48 -48.67 -32.47
C LYS A 2237 51.73 -49.77 -33.23
N PHE A 2238 51.56 -50.94 -32.62
CA PHE A 2238 50.81 -52.05 -33.20
C PHE A 2238 49.32 -51.72 -33.24
N GLY A 2239 48.88 -50.93 -32.27
CA GLY A 2239 47.48 -50.55 -32.13
C GLY A 2239 47.11 -49.48 -33.11
N GLN A 2240 48.13 -48.80 -33.62
CA GLN A 2240 47.97 -47.84 -34.68
C GLN A 2240 47.76 -48.53 -36.03
N PHE A 2241 48.57 -49.56 -36.31
CA PHE A 2241 48.46 -50.37 -37.55
C PHE A 2241 47.16 -51.13 -37.57
N HIS A 2242 46.82 -51.74 -36.43
CA HIS A 2242 45.58 -52.48 -36.30
C HIS A 2242 44.76 -52.31 -34.99
N TRP A 2243 43.45 -52.35 -35.16
CA TRP A 2243 42.51 -52.06 -34.09
C TRP A 2243 42.53 -53.05 -32.91
N PHE A 2244 42.62 -54.33 -33.22
CA PHE A 2244 42.68 -55.41 -32.25
C PHE A 2244 44.01 -55.40 -31.45
N TYR A 2245 45.05 -54.76 -32.00
CA TYR A 2245 46.36 -54.72 -31.32
C TYR A 2245 46.49 -53.58 -30.33
N GLY A 2246 45.59 -53.55 -29.35
CA GLY A 2246 45.64 -52.57 -28.29
C GLY A 2246 46.41 -53.02 -27.05
N ILE A 2247 46.96 -52.03 -26.36
CA ILE A 2247 47.66 -52.24 -25.08
C ILE A 2247 47.45 -51.03 -24.17
N SER A 2248 47.13 -51.28 -22.91
CA SER A 2248 46.95 -50.18 -21.96
C SER A 2248 48.24 -50.08 -21.16
N ILE A 2249 48.42 -49.01 -20.39
CA ILE A 2249 49.58 -48.92 -19.49
C ILE A 2249 49.48 -49.95 -18.38
N GLY A 2250 48.25 -50.21 -17.91
CA GLY A 2250 47.98 -51.21 -16.87
C GLY A 2250 48.39 -52.62 -17.26
N GLN A 2251 48.27 -52.93 -18.55
CA GLN A 2251 48.67 -54.25 -19.06
C GLN A 2251 50.17 -54.42 -19.00
N PHE A 2252 50.90 -53.35 -19.27
CA PHE A 2252 52.35 -53.33 -19.08
C PHE A 2252 52.79 -53.39 -17.60
N LEU A 2253 52.03 -52.73 -16.72
CA LEU A 2253 52.30 -52.76 -15.27
C LEU A 2253 52.06 -54.14 -14.66
N SER A 2254 50.87 -54.70 -14.90
CA SER A 2254 50.55 -56.07 -14.51
C SER A 2254 51.59 -57.06 -14.99
N CYS A 2255 52.09 -56.85 -16.21
CA CYS A 2255 53.13 -57.70 -16.78
C CYS A 2255 54.48 -57.50 -16.08
N PHE A 2256 54.82 -56.26 -15.76
CA PHE A 2256 56.07 -56.00 -15.05
C PHE A 2256 56.07 -56.47 -13.59
N LYS A 2257 54.91 -56.50 -12.95
CA LYS A 2257 54.79 -57.11 -11.62
C LYS A 2257 55.12 -58.61 -11.68
N ARG A 2258 54.73 -59.26 -12.79
CA ARG A 2258 54.91 -60.71 -12.97
C ARG A 2258 56.38 -61.07 -13.09
N VAL A 2259 57.20 -60.07 -13.42
CA VAL A 2259 58.63 -60.23 -13.57
C VAL A 2259 59.34 -60.63 -12.26
N PHE A 2260 58.75 -60.23 -11.12
CA PHE A 2260 59.23 -60.54 -9.75
C PHE A 2260 58.65 -61.85 -9.19
N ILE A 2261 57.33 -61.92 -9.11
CA ILE A 2261 56.61 -63.02 -8.47
C ILE A 2261 56.47 -64.20 -9.44
N THR A 2272 74.23 -56.61 -11.71
CA THR A 2272 73.82 -57.81 -12.46
C THR A 2272 72.41 -58.28 -12.09
N ARG A 2273 71.92 -57.94 -10.89
CA ARG A 2273 70.50 -58.12 -10.52
C ARG A 2273 69.60 -57.28 -11.41
N VAL A 2274 70.02 -56.05 -11.64
CA VAL A 2274 69.33 -55.15 -12.55
C VAL A 2274 69.39 -55.70 -13.99
N ASP A 2275 70.50 -56.30 -14.36
CA ASP A 2275 70.67 -56.89 -15.67
C ASP A 2275 69.77 -58.10 -15.90
N GLU A 2276 69.58 -58.90 -14.85
CA GLU A 2276 68.74 -60.07 -14.97
C GLU A 2276 67.25 -59.70 -14.92
N ILE A 2277 66.89 -58.74 -14.08
CA ILE A 2277 65.53 -58.15 -14.04
C ILE A 2277 65.15 -57.52 -15.39
N LEU A 2278 66.08 -56.81 -16.01
CA LEU A 2278 65.86 -56.29 -17.36
C LEU A 2278 65.50 -57.42 -18.34
N TRP A 2279 66.30 -58.48 -18.34
CA TRP A 2279 66.06 -59.59 -19.24
C TRP A 2279 64.83 -60.36 -18.81
N LEU A 2280 64.42 -60.20 -17.56
CA LEU A 2280 63.15 -60.77 -17.08
C LEU A 2280 61.94 -60.04 -17.65
N LEU A 2281 62.10 -58.73 -17.88
CA LEU A 2281 61.07 -57.88 -18.48
C LEU A 2281 60.86 -58.25 -19.95
N TYR A 2282 61.94 -58.23 -20.72
CA TYR A 2282 61.91 -58.59 -22.15
C TYR A 2282 61.30 -59.97 -22.39
N GLN A 2283 61.53 -60.88 -21.45
CA GLN A 2283 60.98 -62.23 -21.50
C GLN A 2283 59.49 -62.23 -21.20
N GLU A 2284 59.11 -61.58 -20.11
CA GLU A 2284 57.74 -61.57 -19.68
C GLU A 2284 56.83 -60.82 -20.66
N VAL A 2285 57.36 -59.79 -21.31
CA VAL A 2285 56.61 -59.01 -22.32
C VAL A 2285 56.39 -59.87 -23.55
N TYR A 2286 57.43 -60.59 -23.97
CA TYR A 2286 57.30 -61.53 -25.08
C TYR A 2286 56.37 -62.69 -24.77
N CYS A 2287 56.31 -63.07 -23.50
CA CYS A 2287 55.48 -64.19 -23.10
C CYS A 2287 54.00 -63.86 -23.11
N GLN A 2288 53.61 -62.65 -22.68
CA GLN A 2288 52.20 -62.29 -22.49
C GLN A 2288 51.52 -61.61 -23.68
N PHE A 2289 52.29 -60.80 -24.39
CA PHE A 2289 51.72 -59.99 -25.43
C PHE A 2289 51.87 -60.64 -26.79
N SER A 2290 52.63 -61.73 -26.87
CA SER A 2290 52.80 -62.47 -28.13
C SER A 2290 51.54 -63.24 -28.50
N THR A 2291 50.81 -63.66 -27.49
CA THR A 2291 49.48 -64.24 -27.59
C THR A 2291 48.43 -63.41 -28.42
N ALA A 2292 48.39 -62.08 -28.21
CA ALA A 2292 47.39 -61.20 -28.85
C ALA A 2292 47.78 -60.63 -30.22
N LEU A 2293 48.89 -61.10 -30.76
CA LEU A 2293 49.32 -60.72 -32.09
C LEU A 2293 49.29 -61.90 -33.05
N ASP A 2294 49.16 -61.61 -34.34
CA ASP A 2294 49.24 -62.64 -35.37
C ASP A 2294 50.70 -62.98 -35.71
N LYS A 2295 50.92 -64.14 -36.34
CA LYS A 2295 52.25 -64.67 -36.71
C LYS A 2295 53.25 -63.67 -37.35
N LYS A 2296 52.73 -62.76 -38.16
CA LYS A 2296 53.57 -61.73 -38.74
C LYS A 2296 54.06 -60.74 -37.68
N PHE A 2297 53.12 -60.27 -36.86
CA PHE A 2297 53.45 -59.35 -35.77
C PHE A 2297 54.17 -59.99 -34.56
N LYS A 2298 54.04 -61.32 -34.42
CA LYS A 2298 54.89 -62.08 -33.47
C LYS A 2298 56.34 -61.92 -33.85
N MET A 2299 56.63 -62.18 -35.12
CA MET A 2299 57.98 -62.02 -35.61
C MET A 2299 58.49 -60.58 -35.72
N ILE A 2300 57.58 -59.64 -35.94
CA ILE A 2300 57.96 -58.23 -35.97
C ILE A 2300 58.37 -57.82 -34.56
N MET A 2301 57.55 -58.18 -33.56
CA MET A 2301 57.87 -57.84 -32.16
C MET A 2301 59.11 -58.56 -31.65
N ALA A 2302 59.44 -59.68 -32.29
CA ALA A 2302 60.60 -60.44 -31.89
C ALA A 2302 61.87 -59.75 -32.32
N MET A 2303 61.96 -59.43 -33.59
CA MET A 2303 63.11 -58.75 -34.14
C MET A 2303 63.32 -57.40 -33.49
N THR A 2304 62.23 -56.70 -33.23
CA THR A 2304 62.31 -55.37 -32.63
C THR A 2304 62.81 -55.43 -31.20
N MET A 2305 62.15 -56.28 -30.41
CA MET A 2305 62.49 -56.41 -29.01
C MET A 2305 63.92 -56.90 -28.80
N PHE A 2306 64.40 -57.68 -29.75
CA PHE A 2306 65.75 -58.19 -29.71
C PHE A 2306 66.71 -57.04 -29.92
N CYS A 2307 66.35 -56.12 -30.82
CA CYS A 2307 67.20 -54.97 -31.10
C CYS A 2307 67.11 -53.92 -29.99
N LEU A 2308 65.94 -53.82 -29.37
CA LEU A 2308 65.73 -52.97 -28.21
C LEU A 2308 66.58 -53.33 -27.00
N TYR A 2309 66.85 -54.62 -26.79
CA TYR A 2309 67.73 -55.08 -25.70
C TYR A 2309 69.19 -55.03 -26.12
N LYS A 2310 69.52 -55.75 -27.18
CA LYS A 2310 70.89 -55.97 -27.59
C LYS A 2310 71.66 -54.74 -28.07
N PHE A 2311 70.97 -53.68 -28.50
CA PHE A 2311 71.69 -52.48 -28.95
C PHE A 2311 72.28 -51.67 -27.81
N ASP A 2312 71.61 -51.72 -26.66
CA ASP A 2312 72.03 -51.10 -25.40
C ASP A 2312 73.09 -51.96 -24.71
N ILE A 2313 72.89 -53.28 -24.75
CA ILE A 2313 73.72 -54.25 -24.03
C ILE A 2313 75.00 -54.57 -24.80
N GLU A 2314 74.89 -54.95 -26.06
CA GLU A 2314 76.06 -55.46 -26.78
C GLU A 2314 76.87 -54.35 -27.45
N SER A 2315 77.94 -54.75 -28.15
CA SER A 2315 78.92 -53.82 -28.76
C SER A 2315 78.35 -53.01 -29.91
N GLU A 2316 79.10 -52.02 -30.36
CA GLU A 2316 78.67 -51.22 -31.50
C GLU A 2316 78.97 -52.02 -32.78
N GLN A 2317 79.91 -52.94 -32.65
CA GLN A 2317 80.28 -53.85 -33.74
C GLN A 2317 79.16 -54.87 -33.98
N TYR A 2318 78.48 -55.23 -32.88
CA TYR A 2318 77.31 -56.09 -32.87
C TYR A 2318 76.14 -55.40 -33.58
N LYS A 2319 75.91 -54.12 -33.24
CA LYS A 2319 74.72 -53.36 -33.68
C LYS A 2319 74.67 -53.24 -35.19
N GLU A 2320 75.78 -52.90 -35.81
CA GLU A 2320 75.80 -52.75 -37.27
C GLU A 2320 75.80 -54.10 -38.00
N ALA A 2321 76.37 -55.12 -37.36
CA ALA A 2321 76.35 -56.49 -37.89
C ALA A 2321 74.93 -57.05 -37.98
N VAL A 2322 74.17 -56.95 -36.90
CA VAL A 2322 72.79 -57.44 -36.88
C VAL A 2322 71.87 -56.57 -37.77
N LEU A 2323 72.10 -55.25 -37.77
CA LEU A 2323 71.35 -54.35 -38.65
C LEU A 2323 71.71 -54.53 -40.09
N THR A 2324 72.95 -54.96 -40.35
CA THR A 2324 73.36 -55.17 -41.73
C THR A 2324 72.75 -56.49 -42.21
N MET A 2325 72.40 -57.33 -41.24
CA MET A 2325 71.69 -58.58 -41.51
C MET A 2325 70.20 -58.35 -41.75
N ILE A 2326 69.57 -57.56 -40.88
CA ILE A 2326 68.15 -57.20 -41.03
C ILE A 2326 67.94 -56.41 -42.35
N GLY A 2327 69.00 -55.74 -42.79
CA GLY A 2327 69.00 -55.07 -44.06
C GLY A 2327 69.00 -56.04 -45.23
N VAL A 2328 69.61 -57.21 -45.06
CA VAL A 2328 69.62 -58.21 -46.17
C VAL A 2328 68.28 -58.91 -46.33
N LEU A 2329 67.62 -59.18 -45.21
CA LEU A 2329 66.33 -59.88 -45.20
C LEU A 2329 65.25 -58.99 -45.78
N SER A 2330 65.43 -57.69 -45.53
CA SER A 2330 64.69 -56.58 -46.14
C SER A 2330 65.38 -56.24 -47.47
N GLU A 2331 64.86 -55.33 -48.27
CA GLU A 2331 65.57 -55.04 -49.53
C GLU A 2331 66.41 -53.75 -49.41
N SER A 2332 66.63 -53.32 -48.17
CA SER A 2332 67.40 -52.10 -47.85
C SER A 2332 68.83 -52.19 -48.37
N SER A 2333 69.48 -53.34 -48.17
CA SER A 2333 70.88 -53.58 -48.59
C SER A 2333 71.23 -55.05 -48.53
N ASP A 2334 72.26 -55.48 -49.26
CA ASP A 2334 72.82 -56.82 -49.03
C ASP A 2334 74.30 -56.70 -48.76
N GLY A 2335 74.71 -57.18 -47.59
CA GLY A 2335 76.09 -57.03 -47.14
C GLY A 2335 76.52 -58.15 -46.23
N VAL A 2336 77.80 -58.17 -45.91
CA VAL A 2336 78.34 -59.18 -45.01
C VAL A 2336 78.67 -58.49 -43.68
N PRO A 2337 78.15 -59.03 -42.57
CA PRO A 2337 78.44 -58.47 -41.23
C PRO A 2337 79.89 -58.67 -40.76
N LYS A 2338 80.26 -57.96 -39.68
CA LYS A 2338 81.60 -58.00 -39.08
C LYS A 2338 81.90 -59.32 -38.39
N LEU A 2339 82.96 -60.01 -38.84
CA LEU A 2339 83.36 -61.31 -38.29
C LEU A 2339 84.60 -61.21 -37.40
N THR A 2340 84.48 -61.75 -36.19
CA THR A 2340 85.61 -61.95 -35.29
C THR A 2340 85.50 -63.38 -34.82
N VAL A 2341 86.62 -64.09 -34.94
CA VAL A 2341 86.67 -65.51 -34.63
C VAL A 2341 86.25 -65.68 -33.17
N ASP A 2342 85.16 -66.41 -32.94
CA ASP A 2342 84.79 -66.76 -31.58
C ASP A 2342 84.57 -65.48 -30.77
N THR A 2343 84.31 -64.38 -31.47
CA THR A 2343 83.92 -63.15 -30.81
C THR A 2343 82.41 -63.16 -30.55
N ASN A 2344 81.65 -63.55 -31.58
CA ASN A 2344 80.22 -63.75 -31.45
C ASN A 2344 79.88 -65.07 -32.13
N ASN A 2345 79.09 -65.91 -31.46
CA ASN A 2345 78.70 -67.20 -32.05
C ASN A 2345 77.23 -67.31 -32.38
N ASP A 2346 76.38 -66.68 -31.55
CA ASP A 2346 74.93 -66.64 -31.78
C ASP A 2346 74.62 -65.89 -33.07
N LEU A 2347 75.34 -64.79 -33.25
CA LEU A 2347 75.25 -63.91 -34.40
C LEU A 2347 75.84 -64.58 -35.65
N ARG A 2348 76.84 -65.42 -35.42
CA ARG A 2348 77.53 -66.14 -36.49
C ARG A 2348 76.61 -67.23 -37.04
N TYR A 2349 75.70 -67.67 -36.19
CA TYR A 2349 74.75 -68.71 -36.48
C TYR A 2349 73.54 -68.16 -37.26
N LEU A 2350 73.15 -66.92 -36.94
CA LEU A 2350 72.04 -66.24 -37.62
C LEU A 2350 72.39 -65.98 -39.07
N TRP A 2351 73.55 -65.39 -39.35
CA TRP A 2351 73.90 -65.09 -40.75
C TRP A 2351 73.99 -66.33 -41.61
N ASP A 2352 74.27 -67.47 -40.97
CA ASP A 2352 74.24 -68.76 -41.63
C ASP A 2352 72.83 -69.08 -42.17
N TYR A 2353 71.80 -68.70 -41.42
CA TYR A 2353 70.40 -68.83 -41.87
C TYR A 2353 70.08 -67.89 -43.06
N VAL A 2354 70.54 -66.65 -42.96
CA VAL A 2354 70.33 -65.64 -43.97
C VAL A 2354 71.11 -65.93 -45.25
N THR A 2355 72.32 -66.44 -45.11
CA THR A 2355 73.12 -66.75 -46.29
C THR A 2355 72.66 -68.03 -46.98
N THR A 2356 72.03 -68.94 -46.23
CA THR A 2356 71.50 -70.19 -46.81
C THR A 2356 70.17 -69.99 -47.53
N LYS A 2357 69.79 -68.72 -47.73
CA LYS A 2357 68.54 -68.33 -48.38
C LYS A 2357 67.31 -68.85 -47.63
N SER A 2358 67.48 -69.19 -46.36
CA SER A 2358 66.39 -69.80 -45.59
C SER A 2358 65.73 -68.77 -44.69
N TYR A 2359 64.50 -68.40 -45.07
CA TYR A 2359 63.90 -67.15 -44.55
C TYR A 2359 63.15 -67.33 -43.26
N ILE A 2360 62.26 -68.31 -43.21
CA ILE A 2360 61.38 -68.45 -42.06
C ILE A 2360 62.21 -68.80 -40.84
N SER A 2361 63.26 -69.59 -41.03
CA SER A 2361 64.18 -69.98 -39.95
C SER A 2361 64.88 -68.79 -39.27
N ALA A 2362 65.36 -67.87 -40.11
CA ALA A 2362 66.05 -66.66 -39.67
C ALA A 2362 65.11 -65.71 -38.92
N LEU A 2363 63.82 -65.78 -39.25
CA LEU A 2363 62.80 -64.94 -38.64
C LEU A 2363 62.39 -65.41 -37.25
N ASN A 2364 62.41 -66.73 -37.09
CA ASN A 2364 62.10 -67.35 -35.82
C ASN A 2364 63.30 -67.28 -34.87
N TRP A 2365 64.49 -67.02 -35.41
CA TRP A 2365 65.71 -66.94 -34.62
C TRP A 2365 65.57 -65.92 -33.49
N PHE A 2366 64.91 -64.82 -33.81
CA PHE A 2366 64.71 -63.72 -32.86
C PHE A 2366 63.75 -64.07 -31.75
N LYS A 2367 62.87 -65.04 -32.00
CA LYS A 2367 61.86 -65.50 -31.04
C LYS A 2367 62.57 -66.37 -30.03
N ASN A 2368 63.36 -67.30 -30.56
CA ASN A 2368 64.01 -68.33 -29.77
C ASN A 2368 65.10 -67.76 -28.88
N GLU A 2369 65.66 -66.65 -29.32
CA GLU A 2369 66.77 -66.02 -28.61
C GLU A 2369 66.28 -65.40 -27.31
N PHE A 2370 64.96 -65.31 -27.16
CA PHE A 2370 64.36 -64.77 -25.95
C PHE A 2370 64.29 -65.80 -24.84
N PHE A 2371 64.38 -67.06 -25.25
CA PHE A 2371 64.34 -68.21 -24.36
C PHE A 2371 63.10 -68.24 -23.47
N VAL A 2372 61.96 -67.99 -24.10
CA VAL A 2372 60.66 -67.97 -23.45
C VAL A 2372 59.84 -69.16 -23.92
N ASP A 2373 59.07 -69.79 -23.02
CA ASP A 2373 58.09 -70.78 -23.46
C ASP A 2373 56.82 -70.12 -24.03
N GLU A 2374 56.61 -70.30 -25.34
CA GLU A 2374 55.58 -69.54 -26.06
C GLU A 2374 54.12 -70.02 -25.80
N TRP A 2375 53.36 -69.29 -24.96
CA TRP A 2375 52.09 -69.78 -24.37
C TRP A 2375 50.90 -70.19 -25.26
N ASN A 2376 50.41 -71.43 -25.07
CA ASN A 2376 49.21 -72.00 -25.73
C ASN A 2376 47.92 -71.41 -25.22
N ILE A 2377 46.91 -71.22 -26.08
CA ILE A 2377 45.61 -70.65 -25.62
C ILE A 2377 45.14 -71.11 -24.23
N ALA A 2378 45.26 -72.41 -23.97
CA ALA A 2378 44.86 -72.94 -22.67
C ALA A 2378 45.71 -72.37 -21.52
N ASP A 2379 47.04 -72.33 -21.72
CA ASP A 2379 47.98 -71.78 -20.72
C ASP A 2379 47.59 -70.36 -20.41
N VAL A 2380 47.37 -69.60 -21.47
CA VAL A 2380 47.01 -68.20 -21.37
C VAL A 2380 45.74 -68.11 -20.57
N VAL A 2381 44.74 -68.90 -20.94
CA VAL A 2381 43.44 -68.86 -20.28
C VAL A 2381 43.57 -69.20 -18.80
N ALA A 2382 44.33 -70.24 -18.47
CA ALA A 2382 44.48 -70.67 -17.09
C ALA A 2382 45.14 -69.61 -16.24
N ASN A 2383 46.26 -69.07 -16.73
CA ASN A 2383 46.94 -67.96 -16.06
C ASN A 2383 46.02 -66.75 -15.95
N SER A 2384 45.32 -66.45 -17.03
CA SER A 2384 44.46 -65.26 -17.11
C SER A 2384 43.44 -65.21 -16.01
N ASP A 2385 43.24 -63.99 -15.57
CA ASP A 2385 42.41 -63.71 -14.44
C ASP A 2385 41.26 -62.79 -14.83
N ASN A 2386 40.45 -63.26 -15.78
CA ASN A 2386 39.27 -62.54 -16.25
C ASN A 2386 38.21 -63.51 -16.77
N ASN A 2387 36.94 -63.14 -16.73
CA ASN A 2387 35.89 -64.02 -17.27
C ASN A 2387 35.58 -63.84 -18.76
N TYR A 2388 36.33 -62.96 -19.41
CA TYR A 2388 36.06 -62.63 -20.80
C TYR A 2388 37.29 -62.79 -21.70
N PHE A 2389 37.05 -63.19 -22.95
CA PHE A 2389 38.09 -63.37 -23.96
C PHE A 2389 37.49 -63.11 -25.34
N THR A 2390 38.27 -62.46 -26.20
CA THR A 2390 37.90 -62.28 -27.60
C THR A 2390 39.06 -62.77 -28.48
N MET A 2391 38.86 -63.89 -29.15
CA MET A 2391 39.90 -64.38 -30.06
C MET A 2391 39.64 -64.15 -31.55
N ALA A 2392 40.39 -63.22 -32.15
CA ALA A 2392 40.32 -62.98 -33.58
C ALA A 2392 41.19 -63.98 -34.36
N SER A 2393 40.87 -64.12 -35.64
CA SER A 2393 41.51 -65.08 -36.52
C SER A 2393 41.23 -64.70 -37.99
N GLU A 2394 42.08 -65.13 -38.93
CA GLU A 2394 41.83 -64.92 -40.37
C GLU A 2394 40.66 -65.80 -40.79
N ARG A 2395 39.96 -65.41 -41.85
CA ARG A 2395 38.79 -66.15 -42.28
C ARG A 2395 39.07 -67.60 -42.76
N ASP A 2396 40.33 -67.96 -43.00
CA ASP A 2396 40.74 -69.34 -43.37
C ASP A 2396 40.36 -70.36 -42.31
N VAL A 2397 40.50 -69.98 -41.04
CA VAL A 2397 40.18 -70.87 -39.90
C VAL A 2397 39.25 -70.24 -38.87
N ASP A 2398 38.82 -71.07 -37.93
CA ASP A 2398 38.04 -70.60 -36.78
C ASP A 2398 38.42 -71.47 -35.60
N GLY A 2399 38.85 -70.82 -34.53
CA GLY A 2399 39.26 -71.54 -33.33
C GLY A 2399 38.09 -72.12 -32.55
N THR A 2400 36.89 -72.11 -33.14
CA THR A 2400 35.66 -72.58 -32.47
C THR A 2400 35.82 -74.01 -32.03
N PHE A 2401 36.45 -74.82 -32.88
CA PHE A 2401 36.63 -76.24 -32.60
C PHE A 2401 37.87 -76.53 -31.77
N LYS A 2402 38.80 -75.56 -31.71
CA LYS A 2402 39.91 -75.57 -30.73
C LYS A 2402 39.38 -75.30 -29.31
N LEU A 2403 38.37 -74.45 -29.21
CA LEU A 2403 37.76 -74.13 -27.92
C LEU A 2403 36.96 -75.32 -27.34
N ILE A 2404 36.48 -76.19 -28.22
CA ILE A 2404 35.79 -77.42 -27.81
C ILE A 2404 36.77 -78.36 -27.10
N GLU A 2405 37.94 -78.58 -27.70
CA GLU A 2405 38.97 -79.43 -27.09
C GLU A 2405 39.67 -78.78 -25.89
N LEU A 2406 39.60 -77.45 -25.84
CA LEU A 2406 40.16 -76.68 -24.73
C LEU A 2406 39.30 -76.81 -23.49
N ALA A 2407 37.99 -76.83 -23.70
CA ALA A 2407 37.02 -76.99 -22.62
C ALA A 2407 36.95 -78.44 -22.17
N LYS A 2408 37.01 -79.35 -23.12
CA LYS A 2408 36.93 -80.76 -22.82
C LYS A 2408 38.10 -81.26 -21.97
N ALA A 2409 39.33 -80.84 -22.31
CA ALA A 2409 40.51 -81.31 -21.59
C ALA A 2409 40.67 -80.73 -20.17
N SER A 2410 39.93 -79.68 -19.85
CA SER A 2410 39.91 -79.10 -18.49
C SER A 2410 38.67 -78.22 -18.20
N LYS A 2411 37.89 -78.54 -17.17
CA LYS A 2411 36.82 -77.64 -16.69
C LYS A 2411 35.53 -77.65 -17.51
N GLU A 2412 35.50 -78.52 -18.52
CA GLU A 2412 34.28 -78.87 -19.25
C GLU A 2412 33.41 -77.67 -19.60
N SER A 2413 32.10 -77.82 -19.38
CA SER A 2413 31.14 -76.72 -19.45
C SER A 2413 31.09 -75.95 -20.78
N LEU A 2414 31.03 -76.65 -21.92
CA LEU A 2414 31.12 -75.99 -23.24
C LEU A 2414 29.75 -75.65 -23.88
N LYS A 2415 29.51 -74.37 -24.18
CA LYS A 2415 28.21 -73.93 -24.76
C LYS A 2415 28.45 -73.00 -25.94
N ILE A 2416 28.24 -73.50 -27.16
CA ILE A 2416 28.40 -72.72 -28.40
C ILE A 2416 27.11 -72.01 -28.71
N ILE A 2417 27.19 -70.70 -28.89
CA ILE A 2417 26.01 -69.88 -29.12
C ILE A 2417 26.23 -69.06 -30.40
N PRO A 2418 25.53 -69.45 -31.47
CA PRO A 2418 25.63 -68.64 -32.68
C PRO A 2418 24.81 -67.36 -32.51
N LEU A 2419 25.38 -66.24 -32.96
CA LEU A 2419 24.63 -65.01 -33.07
C LEU A 2419 24.16 -64.88 -34.50
N GLY A 2420 22.93 -65.31 -34.79
CA GLY A 2420 22.41 -65.34 -36.17
C GLY A 2420 21.37 -64.30 -36.58
N SER A 2421 20.13 -64.51 -36.12
CA SER A 2421 19.01 -63.60 -36.38
C SER A 2421 18.54 -63.03 -35.04
N ILE A 2422 17.32 -62.53 -34.97
CA ILE A 2422 16.82 -61.97 -33.71
C ILE A 2422 16.66 -63.06 -32.65
N GLU A 2423 16.23 -64.23 -33.10
CA GLU A 2423 16.06 -65.37 -32.21
C GLU A 2423 17.38 -65.78 -31.55
N ASN A 2424 18.46 -65.80 -32.32
CA ASN A 2424 19.75 -66.20 -31.75
C ASN A 2424 20.24 -65.20 -30.72
N LEU A 2425 20.20 -63.91 -31.05
CA LEU A 2425 20.61 -62.87 -30.12
C LEU A 2425 19.67 -62.85 -28.92
N ASN A 2426 18.40 -63.08 -29.18
CA ASN A 2426 17.39 -63.12 -28.11
C ASN A 2426 17.55 -64.31 -27.17
N TYR A 2427 17.74 -65.51 -27.73
CA TYR A 2427 18.12 -66.68 -26.93
C TYR A 2427 19.49 -66.47 -26.28
N ALA A 2428 20.37 -65.80 -27.02
CA ALA A 2428 21.75 -65.61 -26.59
C ALA A 2428 21.83 -64.85 -25.28
N GLN A 2429 21.15 -63.71 -25.21
CA GLN A 2429 21.17 -62.87 -24.02
C GLN A 2429 20.58 -63.56 -22.78
N GLU A 2430 19.68 -64.52 -23.02
CA GLU A 2430 19.12 -65.37 -21.98
C GLU A 2430 20.14 -66.35 -21.44
N GLU A 2431 20.87 -67.02 -22.34
CA GLU A 2431 21.93 -67.96 -21.99
C GLU A 2431 23.18 -67.32 -21.40
N ILE A 2432 23.34 -66.01 -21.61
CA ILE A 2432 24.49 -65.29 -21.10
C ILE A 2432 24.33 -65.11 -19.58
N SER A 2433 23.23 -64.48 -19.18
CA SER A 2433 22.90 -64.16 -17.77
C SER A 2433 22.76 -65.40 -16.88
N LYS A 2434 22.35 -66.51 -17.48
CA LYS A 2434 22.12 -67.75 -16.78
C LYS A 2434 23.34 -68.62 -16.62
N SER A 2435 24.23 -68.59 -17.60
CA SER A 2435 25.47 -69.37 -17.55
C SER A 2435 26.46 -68.85 -16.53
N LYS A 2436 26.46 -67.54 -16.29
CA LYS A 2436 27.34 -66.94 -15.27
C LYS A 2436 26.98 -67.29 -13.82
N ILE A 2437 25.68 -67.44 -13.54
CA ILE A 2437 25.13 -67.96 -12.27
C ILE A 2437 25.51 -69.44 -12.14
N GLU A 2438 25.31 -70.17 -13.23
CA GLU A 2438 25.61 -71.58 -13.32
C GLU A 2438 27.12 -71.87 -13.40
N GLY A 2439 27.88 -71.01 -14.06
CA GLY A 2439 29.34 -71.18 -14.13
C GLY A 2439 29.90 -71.97 -15.30
N GLY A 2440 29.02 -72.30 -16.24
CA GLY A 2440 29.45 -72.92 -17.50
C GLY A 2440 30.21 -71.96 -18.40
N TRP A 2441 31.12 -72.49 -19.22
CA TRP A 2441 31.76 -71.71 -20.27
C TRP A 2441 30.76 -71.39 -21.36
N ILE A 2442 30.92 -70.22 -21.96
CA ILE A 2442 30.04 -69.82 -23.04
C ILE A 2442 30.84 -69.27 -24.21
N LEU A 2443 30.35 -69.52 -25.42
CA LEU A 2443 31.00 -68.99 -26.61
C LEU A 2443 30.03 -68.18 -27.45
N LEU A 2444 30.48 -67.02 -27.93
CA LEU A 2444 29.68 -66.22 -28.84
C LEU A 2444 30.34 -66.21 -30.22
N GLN A 2445 29.89 -67.13 -31.08
CA GLN A 2445 30.40 -67.33 -32.43
C GLN A 2445 30.22 -66.13 -33.34
N ASN A 2446 31.33 -65.68 -33.90
CA ASN A 2446 31.39 -64.65 -34.94
C ASN A 2446 30.56 -63.38 -34.66
N ILE A 2447 30.81 -62.77 -33.52
CA ILE A 2447 30.07 -61.61 -33.08
C ILE A 2447 30.03 -60.48 -34.13
N GLN A 2448 31.14 -60.30 -34.85
CA GLN A 2448 31.31 -59.13 -35.70
C GLN A 2448 30.06 -58.86 -36.53
N MET A 2449 29.42 -59.91 -37.04
CA MET A 2449 28.23 -59.79 -37.90
C MET A 2449 26.99 -59.25 -37.18
N SER A 2450 26.83 -59.65 -35.93
CA SER A 2450 25.67 -59.26 -35.15
C SER A 2450 25.95 -57.98 -34.37
N LEU A 2451 27.07 -57.32 -34.71
CA LEU A 2451 27.68 -56.25 -33.91
C LEU A 2451 26.76 -55.10 -33.46
N SER A 2452 25.84 -54.66 -34.32
CA SER A 2452 25.00 -53.50 -33.98
C SER A 2452 24.51 -53.68 -32.55
N TRP A 2453 24.15 -54.92 -32.23
CA TRP A 2453 23.66 -55.32 -30.92
C TRP A 2453 24.73 -55.18 -29.84
N VAL A 2454 25.96 -55.59 -30.16
CA VAL A 2454 27.05 -55.56 -29.19
C VAL A 2454 27.17 -54.21 -28.48
N LYS A 2455 27.30 -53.13 -29.25
CA LYS A 2455 27.50 -51.79 -28.69
C LYS A 2455 26.38 -51.35 -27.74
N THR A 2456 25.18 -51.89 -27.97
CA THR A 2456 24.02 -51.57 -27.16
C THR A 2456 23.86 -52.52 -25.97
N TYR A 2457 23.81 -53.84 -26.20
CA TYR A 2457 23.57 -54.82 -25.10
C TYR A 2457 24.83 -55.41 -24.42
N LEU A 2458 25.75 -55.93 -25.23
CA LEU A 2458 26.97 -56.57 -24.72
C LEU A 2458 28.01 -55.58 -24.15
N HIS A 2459 28.18 -54.45 -24.82
CA HIS A 2459 29.08 -53.37 -24.38
C HIS A 2459 28.72 -52.92 -22.97
N LYS A 2460 27.42 -52.73 -22.73
CA LYS A 2460 26.91 -52.33 -21.42
C LYS A 2460 26.89 -53.51 -20.47
N HIS A 2461 26.39 -54.65 -20.94
CA HIS A 2461 26.26 -55.87 -20.14
C HIS A 2461 27.58 -56.40 -19.53
N VAL A 2462 28.64 -56.46 -20.34
CA VAL A 2462 29.96 -56.90 -19.89
C VAL A 2462 30.60 -55.86 -18.96
N GLU A 2463 30.33 -54.59 -19.21
CA GLU A 2463 30.83 -53.50 -18.36
C GLU A 2463 30.15 -53.50 -17.00
N GLU A 2464 28.82 -53.68 -16.99
CA GLU A 2464 28.01 -53.76 -15.77
C GLU A 2464 28.40 -54.95 -14.92
N THR A 2465 28.74 -56.06 -15.58
CA THR A 2465 29.04 -57.32 -14.90
C THR A 2465 30.42 -57.30 -14.24
N LYS A 2466 30.55 -56.48 -13.20
CA LYS A 2466 31.61 -56.64 -12.23
C LYS A 2466 31.08 -57.53 -11.11
N ALA A 2467 29.82 -57.94 -11.24
CA ALA A 2467 29.25 -59.07 -10.48
C ALA A 2467 29.64 -60.42 -11.12
N ALA A 2468 30.17 -60.39 -12.35
CA ALA A 2468 30.70 -61.60 -13.01
C ALA A 2468 31.97 -62.06 -12.32
N GLU A 2469 32.65 -61.10 -11.68
CA GLU A 2469 33.73 -61.33 -10.72
C GLU A 2469 33.21 -62.09 -9.48
N GLU A 2470 32.07 -61.63 -8.97
CA GLU A 2470 31.35 -62.30 -7.90
C GLU A 2470 30.81 -63.69 -8.32
N HIS A 2471 30.35 -63.80 -9.57
CA HIS A 2471 29.75 -65.04 -10.11
C HIS A 2471 30.70 -66.22 -10.21
N GLU A 2472 30.10 -67.40 -10.36
CA GLU A 2472 30.78 -68.69 -10.31
C GLU A 2472 31.86 -68.75 -11.34
N LYS A 2473 32.84 -69.61 -11.12
CA LYS A 2473 33.84 -69.78 -12.14
C LYS A 2473 33.04 -69.97 -13.40
N PHE A 2474 33.31 -69.08 -14.35
CA PHE A 2474 32.68 -69.04 -15.67
C PHE A 2474 33.58 -68.20 -16.54
N LYS A 2475 33.65 -68.60 -17.80
CA LYS A 2475 34.43 -67.89 -18.78
C LYS A 2475 33.65 -67.70 -20.09
N MET A 2476 33.55 -66.45 -20.52
CA MET A 2476 32.90 -66.09 -21.78
C MET A 2476 33.93 -65.86 -22.88
N PHE A 2477 33.67 -66.46 -24.04
CA PHE A 2477 34.56 -66.36 -25.20
C PHE A 2477 33.85 -65.74 -26.40
N MET A 2478 34.56 -64.92 -27.18
CA MET A 2478 34.03 -64.31 -28.40
C MET A 2478 35.00 -64.48 -29.57
N THR A 2479 34.47 -64.78 -30.76
CA THR A 2479 35.33 -64.93 -31.94
C THR A 2479 35.21 -63.71 -32.87
N CYS A 2480 36.36 -63.10 -33.18
CA CYS A 2480 36.46 -62.04 -34.17
C CYS A 2480 37.07 -62.51 -35.47
N HIS A 2481 37.04 -61.60 -36.41
CA HIS A 2481 37.82 -61.72 -37.64
C HIS A 2481 38.61 -60.43 -37.80
N LEU A 2482 39.92 -60.59 -37.99
CA LEU A 2482 40.83 -59.47 -38.06
C LEU A 2482 40.53 -58.59 -39.26
N THR A 2483 40.30 -59.27 -40.38
CA THR A 2483 39.91 -58.65 -41.63
C THR A 2483 38.41 -58.55 -41.53
N GLY A 2484 37.89 -57.36 -41.28
CA GLY A 2484 36.50 -57.22 -40.90
C GLY A 2484 36.19 -56.07 -39.97
N ASP A 2485 34.94 -55.94 -39.58
CA ASP A 2485 34.49 -54.76 -38.85
C ASP A 2485 35.16 -54.65 -37.51
N LYS A 2486 35.43 -53.40 -37.12
CA LYS A 2486 36.19 -53.06 -35.92
C LYS A 2486 35.31 -53.20 -34.68
N LEU A 2487 35.76 -54.01 -33.74
CA LEU A 2487 35.10 -54.12 -32.44
C LEU A 2487 35.32 -52.83 -31.62
N PRO A 2488 34.34 -52.44 -30.79
CA PRO A 2488 34.53 -51.26 -29.93
C PRO A 2488 35.82 -51.38 -29.13
N ALA A 2489 36.67 -50.34 -29.15
CA ALA A 2489 37.97 -50.40 -28.45
C ALA A 2489 37.83 -50.53 -26.91
N PRO A 2490 36.84 -49.83 -26.31
CA PRO A 2490 36.62 -49.94 -24.87
C PRO A 2490 36.33 -51.36 -24.42
N LEU A 2491 35.40 -52.04 -25.10
CA LEU A 2491 35.09 -53.42 -24.78
C LEU A 2491 36.30 -54.29 -25.02
N LEU A 2492 37.02 -54.00 -26.09
CA LEU A 2492 38.15 -54.81 -26.47
C LEU A 2492 39.30 -54.72 -25.46
N GLN A 2493 39.56 -53.52 -24.95
CA GLN A 2493 40.68 -53.33 -24.03
C GLN A 2493 40.41 -54.00 -22.69
N ARG A 2494 39.15 -53.97 -22.26
CA ARG A 2494 38.69 -54.66 -21.05
C ARG A 2494 38.86 -56.17 -21.09
N THR A 2495 38.62 -56.78 -22.25
CA THR A 2495 38.71 -58.22 -22.43
C THR A 2495 40.06 -58.70 -22.97
N ASP A 2496 40.50 -59.88 -22.52
CA ASP A 2496 41.74 -60.52 -23.03
C ASP A 2496 41.64 -60.86 -24.51
N ARG A 2497 42.77 -60.90 -25.21
CA ARG A 2497 42.78 -61.08 -26.67
C ARG A 2497 43.76 -62.14 -27.19
N PHE A 2498 43.30 -62.97 -28.13
CA PHE A 2498 44.15 -64.00 -28.70
C PHE A 2498 43.98 -64.06 -30.17
N VAL A 2499 45.02 -64.50 -30.86
CA VAL A 2499 44.91 -64.67 -32.29
C VAL A 2499 45.13 -66.15 -32.65
N TYR A 2500 44.07 -66.83 -33.07
CA TYR A 2500 44.21 -68.21 -33.49
C TYR A 2500 44.94 -68.31 -34.84
N GLU A 2501 46.25 -68.57 -34.79
CA GLU A 2501 47.10 -68.58 -35.98
C GLU A 2501 47.42 -69.98 -36.48
N ASP A 2502 46.52 -70.90 -36.17
CA ASP A 2502 46.88 -72.29 -36.23
C ASP A 2502 46.31 -72.93 -37.50
N ILE A 2503 47.18 -73.15 -38.48
CA ILE A 2503 46.84 -73.59 -39.85
C ILE A 2503 47.04 -75.09 -40.06
N PRO A 2504 46.02 -75.79 -40.55
CA PRO A 2504 46.17 -77.22 -40.80
C PRO A 2504 46.81 -77.55 -42.15
N GLY A 2505 47.42 -78.73 -42.22
CA GLY A 2505 48.02 -79.25 -43.46
C GLY A 2505 46.94 -79.66 -44.45
N ILE A 2506 47.36 -80.01 -45.67
CA ILE A 2506 46.42 -80.39 -46.73
C ILE A 2506 45.70 -81.65 -46.29
N LEU A 2507 46.48 -82.69 -45.98
CA LEU A 2507 45.96 -84.01 -45.58
C LEU A 2507 45.05 -83.95 -44.37
N ASP A 2508 45.45 -83.17 -43.39
CA ASP A 2508 44.71 -82.98 -42.17
C ASP A 2508 43.38 -82.30 -42.47
N THR A 2509 43.36 -81.28 -43.33
CA THR A 2509 42.07 -80.67 -43.77
C THR A 2509 41.20 -81.64 -44.55
N VAL A 2510 41.83 -82.45 -45.40
CA VAL A 2510 41.08 -83.44 -46.17
C VAL A 2510 40.39 -84.38 -45.19
N LYS A 2511 41.15 -84.85 -44.18
CA LYS A 2511 40.63 -85.83 -43.25
C LYS A 2511 39.58 -85.20 -42.37
N ASP A 2512 39.65 -83.88 -42.16
CA ASP A 2512 38.64 -83.18 -41.35
C ASP A 2512 37.36 -82.88 -42.14
N LEU A 2513 37.50 -82.74 -43.47
CA LEU A 2513 36.39 -82.49 -44.39
C LEU A 2513 35.60 -83.76 -44.57
N TRP A 2514 36.31 -84.83 -44.85
CA TRP A 2514 35.75 -86.17 -45.07
C TRP A 2514 35.19 -86.79 -43.79
N GLY A 2515 35.75 -86.37 -42.66
CA GLY A 2515 35.29 -86.75 -41.31
C GLY A 2515 33.82 -86.53 -40.98
N SER A 2516 33.28 -85.34 -41.22
CA SER A 2516 31.85 -85.08 -40.96
C SER A 2516 30.92 -85.86 -41.90
N GLN A 2517 31.34 -85.91 -43.16
CA GLN A 2517 30.57 -86.46 -44.29
C GLN A 2517 29.80 -87.77 -44.02
N PHE A 2518 30.30 -88.60 -43.10
CA PHE A 2518 29.60 -89.83 -42.70
C PHE A 2518 28.31 -89.62 -41.88
N PHE A 2519 28.20 -88.47 -41.22
CA PHE A 2519 27.00 -88.17 -40.43
C PHE A 2519 25.72 -87.87 -41.23
N THR A 2520 25.88 -87.54 -42.52
CA THR A 2520 24.76 -87.21 -43.44
C THR A 2520 23.67 -88.31 -43.59
N GLY A 2521 24.07 -89.57 -43.42
CA GLY A 2521 23.16 -90.69 -43.68
C GLY A 2521 23.35 -91.21 -45.11
N LYS A 2522 22.25 -91.58 -45.75
CA LYS A 2522 22.29 -92.17 -47.09
C LYS A 2522 21.07 -91.85 -47.96
N ILE A 2523 21.26 -91.00 -48.97
CA ILE A 2523 20.22 -90.63 -49.97
C ILE A 2523 20.76 -90.75 -51.40
N SER A 2524 22.06 -90.98 -51.49
CA SER A 2524 22.79 -91.03 -52.76
C SER A 2524 23.32 -92.42 -53.08
N GLY A 2525 23.90 -92.61 -54.27
CA GLY A 2525 24.56 -93.87 -54.64
C GLY A 2525 25.89 -94.12 -53.95
N VAL A 2526 26.45 -95.34 -54.06
CA VAL A 2526 27.83 -95.61 -53.58
C VAL A 2526 28.82 -94.72 -54.29
N TRP A 2527 28.54 -94.55 -55.58
CA TRP A 2527 29.41 -93.84 -56.47
C TRP A 2527 29.62 -92.40 -56.00
N SER A 2528 28.55 -91.77 -55.54
CA SER A 2528 28.59 -90.43 -55.00
C SER A 2528 29.64 -90.22 -53.92
N VAL A 2529 29.70 -91.11 -52.94
CA VAL A 2529 30.72 -90.99 -51.90
C VAL A 2529 32.15 -90.83 -52.48
N TYR A 2530 32.37 -91.38 -53.67
CA TYR A 2530 33.61 -91.12 -54.40
C TYR A 2530 33.78 -89.65 -54.83
N CYS A 2531 32.69 -89.06 -55.32
CA CYS A 2531 32.63 -87.66 -55.74
C CYS A 2531 32.77 -86.73 -54.57
N THR A 2532 32.15 -87.10 -53.45
CA THR A 2532 32.24 -86.33 -52.22
C THR A 2532 33.64 -86.42 -51.69
N PHE A 2533 34.31 -87.56 -51.90
CA PHE A 2533 35.74 -87.70 -51.53
C PHE A 2533 36.63 -86.83 -52.37
N LEU A 2534 36.31 -86.81 -53.66
CA LEU A 2534 37.05 -86.02 -54.61
C LEU A 2534 37.01 -84.56 -54.22
N LEU A 2535 35.80 -84.07 -53.94
CA LEU A 2535 35.55 -82.69 -53.51
C LEU A 2535 36.27 -82.34 -52.21
N SER A 2536 36.30 -83.26 -51.24
CA SER A 2536 37.03 -83.07 -49.98
C SER A 2536 38.50 -82.77 -50.25
N TRP A 2537 39.10 -83.51 -51.18
CA TRP A 2537 40.44 -83.20 -51.65
C TRP A 2537 40.50 -81.83 -52.37
N PHE A 2538 39.54 -81.58 -53.26
CA PHE A 2538 39.53 -80.38 -54.06
C PHE A 2538 39.51 -79.16 -53.18
N HIS A 2539 38.53 -79.10 -52.29
CA HIS A 2539 38.38 -78.00 -51.34
C HIS A 2539 39.65 -77.79 -50.52
N ALA A 2540 40.21 -78.89 -50.02
CA ALA A 2540 41.45 -78.82 -49.26
C ALA A 2540 42.68 -78.39 -50.10
N LEU A 2541 42.56 -78.49 -51.41
CA LEU A 2541 43.61 -77.99 -52.27
C LEU A 2541 43.51 -76.49 -52.68
N ILE A 2542 42.31 -75.97 -52.94
CA ILE A 2542 42.17 -74.53 -53.17
C ILE A 2542 42.41 -73.69 -51.89
N THR A 2543 41.97 -74.21 -50.74
CA THR A 2543 42.13 -73.46 -49.49
C THR A 2543 43.61 -73.33 -49.19
N ALA A 2544 44.32 -74.44 -49.47
CA ALA A 2544 45.77 -74.54 -49.26
C ALA A 2544 46.48 -73.52 -50.08
N ARG A 2545 45.94 -73.26 -51.27
CA ARG A 2545 46.52 -72.34 -52.25
C ARG A 2545 46.18 -70.89 -51.91
N THR A 2546 45.01 -70.68 -51.31
CA THR A 2546 44.62 -69.35 -50.83
C THR A 2546 45.66 -68.55 -50.02
N ARG A 2547 46.40 -69.18 -49.12
CA ARG A 2547 47.32 -68.42 -48.27
C ARG A 2547 48.54 -67.97 -49.01
N LEU A 2548 49.03 -68.86 -49.79
CA LEU A 2548 50.21 -68.42 -50.38
C LEU A 2548 49.95 -67.45 -51.55
N VAL A 2549 49.98 -66.14 -51.41
CA VAL A 2549 49.85 -65.30 -52.61
C VAL A 2549 50.90 -64.29 -52.32
N PRO A 2550 51.37 -63.54 -53.33
CA PRO A 2550 50.84 -63.48 -54.69
C PRO A 2550 51.07 -64.76 -55.42
N HIS A 2551 52.26 -65.32 -55.31
CA HIS A 2551 52.52 -66.56 -55.98
C HIS A 2551 51.44 -67.45 -55.42
N GLY A 2552 50.60 -67.96 -56.29
CA GLY A 2552 49.57 -68.95 -55.89
C GLY A 2552 48.22 -68.53 -56.44
N PHE A 2553 47.46 -67.77 -55.67
CA PHE A 2553 46.39 -66.91 -56.21
C PHE A 2553 46.83 -65.43 -56.26
N SER A 2554 46.41 -64.69 -57.28
CA SER A 2554 46.61 -63.23 -57.31
C SER A 2554 46.19 -62.46 -56.04
N LYS A 2555 45.08 -62.83 -55.42
CA LYS A 2555 44.57 -62.10 -54.26
C LYS A 2555 44.21 -63.09 -53.16
N LYS A 2556 44.01 -62.60 -51.93
CA LYS A 2556 43.40 -63.50 -50.93
C LYS A 2556 41.92 -63.62 -51.20
N TYR A 2557 41.47 -64.85 -51.52
CA TYR A 2557 40.07 -65.22 -51.71
C TYR A 2557 39.68 -66.22 -50.63
N TYR A 2558 38.44 -66.16 -50.17
CA TYR A 2558 38.08 -67.04 -49.06
C TYR A 2558 37.02 -68.05 -49.47
N PHE A 2559 37.29 -69.33 -49.23
CA PHE A 2559 36.39 -70.42 -49.61
C PHE A 2559 35.82 -71.12 -48.39
N ASN A 2560 34.53 -71.40 -48.41
CA ASN A 2560 33.83 -71.75 -47.17
C ASN A 2560 33.35 -73.17 -47.16
N ASP A 2561 32.86 -73.58 -46.00
CA ASP A 2561 31.92 -74.69 -45.90
C ASP A 2561 30.68 -74.53 -46.80
N CYS A 2562 30.31 -73.28 -47.13
CA CYS A 2562 29.22 -72.97 -48.07
C CYS A 2562 29.59 -73.34 -49.50
N ASP A 2563 30.86 -73.16 -49.84
CA ASP A 2563 31.36 -73.43 -51.19
C ASP A 2563 31.43 -74.90 -51.50
N PHE A 2564 31.75 -75.67 -50.46
CA PHE A 2564 31.77 -77.12 -50.55
C PHE A 2564 30.36 -77.64 -50.65
N GLN A 2565 29.47 -77.02 -49.87
CA GLN A 2565 28.08 -77.42 -49.80
C GLN A 2565 27.35 -77.19 -51.15
N PHE A 2566 27.56 -76.04 -51.77
CA PHE A 2566 26.93 -75.75 -53.04
C PHE A 2566 27.54 -76.63 -54.15
N ALA A 2567 28.78 -77.07 -53.95
CA ALA A 2567 29.45 -77.98 -54.90
C ALA A 2567 28.95 -79.40 -54.73
N SER A 2568 28.82 -79.86 -53.49
CA SER A 2568 28.32 -81.20 -53.20
C SER A 2568 26.86 -81.34 -53.59
N VAL A 2569 26.09 -80.30 -53.39
CA VAL A 2569 24.69 -80.28 -53.80
C VAL A 2569 24.56 -80.44 -55.31
N TYR A 2570 25.39 -79.74 -56.08
CA TYR A 2570 25.46 -79.95 -57.55
C TYR A 2570 25.93 -81.38 -57.91
N LEU A 2571 26.79 -81.96 -57.10
CA LEU A 2571 27.18 -83.32 -57.31
C LEU A 2571 26.04 -84.35 -57.10
N GLU A 2572 25.29 -84.21 -56.01
CA GLU A 2572 24.12 -85.06 -55.77
C GLU A 2572 23.14 -84.92 -56.90
N ASN A 2573 22.97 -83.68 -57.37
CA ASN A 2573 22.07 -83.36 -58.46
C ASN A 2573 22.50 -83.98 -59.82
N VAL A 2574 23.80 -83.96 -60.16
CA VAL A 2574 24.31 -84.55 -61.45
C VAL A 2574 24.18 -86.07 -61.49
N LEU A 2575 24.38 -86.70 -60.33
CA LEU A 2575 24.24 -88.14 -60.24
C LEU A 2575 22.74 -88.54 -60.22
N ALA A 2576 21.92 -87.72 -59.55
CA ALA A 2576 20.46 -87.87 -59.52
C ALA A 2576 19.81 -87.70 -60.89
N THR A 2577 20.39 -86.86 -61.75
CA THR A 2577 19.88 -86.69 -63.11
C THR A 2577 20.51 -87.61 -64.18
N ASN A 2578 21.74 -88.08 -63.99
CA ASN A 2578 22.42 -88.90 -65.00
C ASN A 2578 22.56 -90.42 -64.73
N SER A 2579 23.01 -91.18 -65.76
CA SER A 2579 23.44 -92.60 -65.64
C SER A 2579 24.77 -92.65 -64.91
N THR A 2580 25.11 -93.76 -64.27
CA THR A 2580 26.37 -93.74 -63.52
C THR A 2580 27.55 -94.11 -64.42
N ASN A 2581 27.32 -94.15 -65.74
CA ASN A 2581 28.46 -94.00 -66.69
C ASN A 2581 29.37 -92.83 -66.26
N ASN A 2582 30.67 -93.06 -66.20
CA ASN A 2582 31.59 -92.06 -65.65
C ASN A 2582 31.62 -90.75 -66.46
N ILE A 2583 31.43 -90.81 -67.79
CA ILE A 2583 31.55 -89.59 -68.65
C ILE A 2583 30.81 -88.24 -68.31
N PRO A 2584 29.83 -88.19 -67.34
CA PRO A 2584 29.17 -86.87 -67.04
C PRO A 2584 30.11 -85.71 -66.63
N TRP A 2585 31.39 -86.06 -66.47
CA TRP A 2585 32.47 -85.27 -65.86
C TRP A 2585 32.74 -83.88 -66.44
N ALA A 2586 32.28 -83.66 -67.68
CA ALA A 2586 32.66 -82.49 -68.45
C ALA A 2586 32.11 -81.21 -67.87
N GLN A 2587 30.81 -81.21 -67.60
CA GLN A 2587 30.05 -80.04 -67.14
C GLN A 2587 30.03 -79.99 -65.63
N VAL A 2588 30.61 -81.01 -65.00
CA VAL A 2588 30.82 -81.00 -63.57
C VAL A 2588 31.92 -79.96 -63.29
N ARG A 2589 32.93 -79.95 -64.16
CA ARG A 2589 34.05 -79.05 -64.05
C ARG A 2589 33.64 -77.61 -64.31
N ASP A 2590 32.90 -77.37 -65.40
CA ASP A 2590 32.57 -76.00 -65.77
C ASP A 2590 31.71 -75.36 -64.71
N HIS A 2591 30.72 -76.08 -64.20
CA HIS A 2591 29.87 -75.57 -63.11
C HIS A 2591 30.60 -75.39 -61.77
N ILE A 2592 31.47 -76.33 -61.40
CA ILE A 2592 32.32 -76.16 -60.21
C ILE A 2592 33.31 -75.01 -60.34
N ALA A 2593 34.01 -74.94 -61.47
CA ALA A 2593 35.07 -73.94 -61.69
C ALA A 2593 34.57 -72.50 -62.01
N THR A 2594 33.30 -72.35 -62.41
CA THR A 2594 32.83 -71.02 -62.83
C THR A 2594 31.66 -70.41 -62.04
N ILE A 2595 30.82 -71.24 -61.44
CA ILE A 2595 29.71 -70.73 -60.62
C ILE A 2595 29.88 -70.97 -59.11
N VAL A 2596 30.24 -72.21 -58.79
CA VAL A 2596 30.42 -72.64 -57.43
C VAL A 2596 31.67 -71.99 -56.80
N TYR A 2597 32.81 -72.11 -57.48
CA TYR A 2597 34.08 -71.59 -56.97
C TYR A 2597 34.57 -70.35 -57.70
N GLY A 2598 34.25 -70.25 -58.98
CA GLY A 2598 34.65 -69.08 -59.76
C GLY A 2598 33.70 -67.90 -59.61
N GLY A 2599 32.71 -68.05 -58.74
CA GLY A 2599 31.71 -66.99 -58.50
C GLY A 2599 32.32 -65.73 -57.91
N LYS A 2600 33.08 -65.96 -56.85
CA LYS A 2600 33.91 -64.98 -56.18
C LYS A 2600 35.00 -64.44 -57.09
N ILE A 2601 35.65 -65.32 -57.85
CA ILE A 2601 36.83 -64.92 -58.59
C ILE A 2601 36.46 -63.87 -59.63
N ASP A 2602 37.27 -62.82 -59.72
CA ASP A 2602 37.00 -61.68 -60.62
C ASP A 2602 38.09 -61.54 -61.69
N GLU A 2603 39.33 -61.82 -61.30
CA GLU A 2603 40.50 -61.76 -62.18
C GLU A 2603 40.54 -62.94 -63.09
N GLU A 2604 40.81 -62.70 -64.37
CA GLU A 2604 40.92 -63.80 -65.33
C GLU A 2604 42.01 -64.80 -64.94
N LYS A 2605 43.11 -64.25 -64.42
CA LYS A 2605 44.30 -64.98 -64.02
C LYS A 2605 43.94 -66.13 -63.11
N ASP A 2606 43.14 -65.83 -62.10
CA ASP A 2606 42.81 -66.80 -61.07
C ASP A 2606 41.71 -67.75 -61.47
N LEU A 2607 40.87 -67.32 -62.40
CA LEU A 2607 39.77 -68.13 -62.88
C LEU A 2607 40.26 -69.34 -63.63
N GLU A 2608 41.43 -69.18 -64.24
CA GLU A 2608 42.09 -70.24 -64.96
C GLU A 2608 42.67 -71.25 -63.99
N VAL A 2609 43.06 -70.77 -62.81
CA VAL A 2609 43.70 -71.62 -61.79
C VAL A 2609 42.70 -72.58 -61.21
N VAL A 2610 41.50 -72.06 -60.96
CA VAL A 2610 40.41 -72.87 -60.49
C VAL A 2610 40.09 -73.94 -61.52
N ALA A 2611 40.05 -73.53 -62.79
CA ALA A 2611 39.79 -74.44 -63.89
C ALA A 2611 40.88 -75.52 -64.03
N LYS A 2612 42.14 -75.12 -63.99
CA LYS A 2612 43.23 -76.09 -64.15
C LYS A 2612 43.24 -77.07 -62.96
N LEU A 2613 42.70 -76.65 -61.82
CA LEU A 2613 42.58 -77.52 -60.66
C LEU A 2613 41.45 -78.50 -60.85
N CYS A 2614 40.36 -78.02 -61.43
CA CYS A 2614 39.24 -78.88 -61.78
C CYS A 2614 39.60 -79.91 -62.84
N ALA A 2615 40.45 -79.52 -63.78
CA ALA A 2615 40.96 -80.40 -64.82
C ALA A 2615 41.58 -81.65 -64.22
N HIS A 2616 42.34 -81.46 -63.14
CA HIS A 2616 43.07 -82.51 -62.44
C HIS A 2616 42.30 -83.20 -61.36
N VAL A 2617 41.60 -82.48 -60.52
CA VAL A 2617 40.80 -83.14 -59.48
C VAL A 2617 39.62 -83.95 -60.05
N PHE A 2618 38.91 -83.44 -61.05
CA PHE A 2618 37.68 -84.11 -61.54
C PHE A 2618 37.78 -85.13 -62.67
N CYS A 2619 38.16 -84.69 -63.86
CA CYS A 2619 38.43 -85.62 -64.93
C CYS A 2619 39.54 -86.58 -64.52
N GLY A 2620 39.16 -87.84 -64.55
CA GLY A 2620 40.09 -88.93 -64.30
C GLY A 2620 39.43 -90.22 -64.66
N SER A 2621 40.24 -91.14 -65.17
CA SER A 2621 39.80 -92.46 -65.58
C SER A 2621 40.70 -93.50 -64.94
N ASP A 2622 40.06 -94.33 -64.12
CA ASP A 2622 40.72 -95.43 -63.43
C ASP A 2622 41.68 -94.96 -62.37
N ASN A 2623 42.56 -94.03 -62.72
CA ASN A 2623 43.56 -93.53 -61.80
C ASN A 2623 43.63 -92.03 -61.85
N LEU A 2624 43.66 -91.39 -60.68
CA LEU A 2624 43.63 -89.95 -60.63
C LEU A 2624 44.98 -89.40 -60.23
N GLN A 2625 45.55 -89.99 -59.18
CA GLN A 2625 46.80 -89.49 -58.58
C GLN A 2625 46.73 -88.03 -58.02
N ILE A 2626 45.75 -87.74 -57.15
CA ILE A 2626 45.51 -86.35 -56.76
C ILE A 2626 46.82 -85.66 -56.47
N VAL A 2627 47.59 -86.32 -55.63
CA VAL A 2627 48.89 -85.86 -55.20
C VAL A 2627 49.91 -86.87 -55.70
N PRO A 2628 51.20 -86.53 -55.63
CA PRO A 2628 52.19 -87.46 -56.10
C PRO A 2628 52.09 -88.81 -55.37
N GLY A 2629 51.86 -88.77 -54.08
CA GLY A 2629 51.88 -90.01 -53.32
C GLY A 2629 50.66 -90.90 -53.53
N VAL A 2630 49.51 -90.27 -53.75
CA VAL A 2630 48.23 -90.93 -53.59
C VAL A 2630 47.49 -91.04 -54.91
N ARG A 2631 47.09 -92.26 -55.27
CA ARG A 2631 46.21 -92.50 -56.40
C ARG A 2631 44.88 -92.87 -55.84
N ILE A 2632 43.82 -92.30 -56.41
CA ILE A 2632 42.47 -92.70 -56.03
C ILE A 2632 41.83 -93.45 -57.19
N PRO A 2633 41.52 -94.72 -56.96
CA PRO A 2633 40.94 -95.50 -58.02
C PRO A 2633 39.43 -95.39 -58.00
N GLN A 2634 38.83 -95.51 -59.19
CA GLN A 2634 37.40 -95.38 -59.37
C GLN A 2634 36.66 -96.55 -58.72
N PRO A 2635 35.43 -96.32 -58.21
CA PRO A 2635 34.66 -97.33 -57.48
C PRO A 2635 34.60 -98.69 -58.18
N LEU A 2636 34.84 -99.72 -57.39
CA LEU A 2636 34.97 -101.08 -57.85
C LEU A 2636 33.59 -101.72 -58.09
N LEU A 2637 33.62 -102.86 -58.78
CA LEU A 2637 32.41 -103.61 -59.14
C LEU A 2637 31.68 -104.17 -57.91
N GLN A 2638 32.39 -104.38 -56.81
CA GLN A 2638 31.77 -104.87 -55.55
C GLN A 2638 30.61 -103.97 -55.19
N GLN A 2639 30.82 -102.67 -55.30
CA GLN A 2639 29.74 -101.71 -55.18
C GLN A 2639 29.14 -101.59 -53.77
N SER A 2640 29.91 -101.85 -52.72
CA SER A 2640 29.38 -101.55 -51.37
C SER A 2640 29.62 -100.08 -50.98
N GLU A 2641 28.59 -99.41 -50.47
CA GLU A 2641 28.76 -97.99 -50.09
C GLU A 2641 29.43 -97.81 -48.72
N GLU A 2642 29.22 -98.78 -47.85
CA GLU A 2642 29.85 -98.81 -46.54
C GLU A 2642 31.34 -99.09 -46.65
N GLU A 2643 31.70 -100.02 -47.54
CA GLU A 2643 33.08 -100.49 -47.85
C GLU A 2643 33.91 -99.36 -48.48
N GLU A 2644 33.27 -98.61 -49.38
CA GLU A 2644 33.95 -97.61 -50.16
C GLU A 2644 34.31 -96.39 -49.32
N ARG A 2645 33.43 -95.99 -48.39
CA ARG A 2645 33.78 -95.02 -47.34
C ARG A 2645 35.03 -95.46 -46.62
N ALA A 2646 35.01 -96.70 -46.12
CA ALA A 2646 36.11 -97.27 -45.37
C ALA A 2646 37.37 -97.44 -46.22
N ARG A 2647 37.19 -97.71 -47.51
CA ARG A 2647 38.31 -97.78 -48.46
C ARG A 2647 38.94 -96.40 -48.68
N LEU A 2648 38.09 -95.41 -48.91
CA LEU A 2648 38.56 -94.06 -49.12
C LEU A 2648 39.04 -93.43 -47.82
N THR A 2649 38.57 -93.90 -46.67
CA THR A 2649 39.14 -93.41 -45.44
C THR A 2649 40.52 -94.02 -45.28
N ALA A 2650 40.65 -95.28 -45.64
CA ALA A 2650 41.93 -95.99 -45.58
C ALA A 2650 43.03 -95.39 -46.47
N ILE A 2651 42.63 -94.77 -47.59
CA ILE A 2651 43.59 -94.18 -48.52
C ILE A 2651 44.23 -92.97 -47.86
N LEU A 2652 43.47 -92.34 -46.98
CA LEU A 2652 43.94 -91.18 -46.23
C LEU A 2652 44.93 -91.62 -45.17
N SER A 2653 44.57 -92.71 -44.50
CA SER A 2653 45.35 -93.23 -43.40
C SER A 2653 46.68 -93.83 -43.82
N ASN A 2654 46.74 -94.29 -45.07
CA ASN A 2654 48.00 -94.75 -45.68
C ASN A 2654 49.01 -93.67 -46.03
N THR A 2655 48.50 -92.54 -46.50
CA THR A 2655 49.38 -91.45 -46.89
C THR A 2655 49.94 -90.54 -45.77
N ILE A 2656 51.18 -90.11 -45.99
CA ILE A 2656 51.92 -89.22 -45.12
C ILE A 2656 52.33 -87.98 -45.94
N GLU A 2657 51.89 -86.80 -45.48
CA GLU A 2657 52.05 -85.50 -46.17
C GLU A 2657 53.51 -85.13 -46.14
N PRO A 2658 54.12 -84.91 -47.32
CA PRO A 2658 55.57 -84.78 -47.40
C PRO A 2658 56.07 -83.46 -46.84
N ALA A 2659 57.39 -83.33 -46.79
CA ALA A 2659 58.03 -82.11 -46.33
C ALA A 2659 57.69 -80.91 -47.24
N ASP A 2660 57.67 -81.19 -48.54
CA ASP A 2660 57.57 -80.17 -49.58
C ASP A 2660 56.14 -79.98 -50.08
N SER A 2661 55.18 -80.30 -49.22
CA SER A 2661 53.77 -80.36 -49.62
C SER A 2661 53.30 -79.20 -50.50
N LEU A 2662 53.65 -77.97 -50.12
CA LEU A 2662 53.14 -76.78 -50.81
C LEU A 2662 53.56 -76.68 -52.26
N SER A 2663 54.68 -77.32 -52.59
CA SER A 2663 55.15 -77.37 -53.96
C SER A 2663 54.88 -78.71 -54.67
N SER A 2664 54.93 -79.81 -53.93
CA SER A 2664 54.67 -81.14 -54.49
C SER A 2664 53.18 -81.37 -54.74
N TRP A 2665 52.37 -81.10 -53.71
CA TRP A 2665 50.94 -81.38 -53.75
C TRP A 2665 50.16 -80.34 -54.54
N LEU A 2666 50.33 -79.06 -54.18
CA LEU A 2666 49.77 -77.94 -54.91
C LEU A 2666 50.69 -77.78 -56.09
N GLN A 2667 50.11 -77.87 -57.28
CA GLN A 2667 50.89 -78.05 -58.52
C GLN A 2667 51.91 -76.95 -58.83
N LEU A 2668 52.00 -75.94 -57.99
CA LEU A 2668 52.93 -74.83 -58.19
C LEU A 2668 54.41 -75.14 -57.84
N PRO A 2669 55.39 -74.44 -58.48
CA PRO A 2669 56.84 -74.74 -58.30
C PRO A 2669 57.43 -74.37 -56.96
N ARG A 2670 58.59 -74.98 -56.66
CA ARG A 2670 59.27 -74.91 -55.34
C ARG A 2670 59.90 -73.55 -55.15
N GLU A 2671 60.33 -73.05 -56.29
CA GLU A 2671 60.98 -71.77 -56.44
C GLU A 2671 60.06 -70.64 -56.02
N SER A 2672 58.75 -70.85 -56.25
CA SER A 2672 57.67 -69.94 -55.89
C SER A 2672 57.49 -69.86 -54.40
N ILE A 2673 57.57 -71.03 -53.76
CA ILE A 2673 57.41 -71.11 -52.33
C ILE A 2673 58.50 -70.32 -51.65
N LEU A 2674 59.74 -70.47 -52.09
CA LEU A 2674 60.86 -69.71 -51.51
C LEU A 2674 60.72 -68.20 -51.75
N ASN A 2675 60.25 -67.82 -52.94
CA ASN A 2675 59.95 -66.43 -53.27
C ASN A 2675 58.97 -65.84 -52.26
N TYR A 2676 57.98 -66.63 -51.87
CA TYR A 2676 56.97 -66.23 -50.88
C TYR A 2676 57.55 -66.17 -49.49
N GLU A 2677 58.35 -67.18 -49.14
CA GLU A 2677 59.05 -67.12 -47.86
C GLU A 2677 59.89 -65.83 -47.73
N ARG A 2678 60.54 -65.44 -48.83
CA ARG A 2678 61.36 -64.22 -48.91
C ARG A 2678 60.52 -62.98 -48.64
N LEU A 2679 59.32 -62.96 -49.18
CA LEU A 2679 58.50 -61.75 -49.13
C LEU A 2679 57.99 -61.50 -47.73
N GLN A 2680 57.59 -62.56 -47.04
CA GLN A 2680 57.11 -62.38 -45.66
C GLN A 2680 58.23 -62.04 -44.70
N ALA A 2681 59.46 -62.38 -45.11
CA ALA A 2681 60.67 -61.98 -44.41
C ALA A 2681 60.84 -60.50 -44.56
N LYS A 2682 60.85 -60.05 -45.81
CA LYS A 2682 61.00 -58.62 -46.14
C LYS A 2682 60.02 -57.75 -45.37
N GLU A 2683 58.79 -58.23 -45.21
CA GLU A 2683 57.74 -57.51 -44.49
C GLU A 2683 58.03 -57.34 -43.00
N VAL A 2684 58.62 -58.38 -42.39
CA VAL A 2684 58.91 -58.37 -40.95
C VAL A 2684 60.11 -57.50 -40.69
N ALA A 2685 61.16 -57.73 -41.48
CA ALA A 2685 62.40 -56.96 -41.46
C ALA A 2685 62.20 -55.44 -41.67
N SER A 2686 61.35 -55.09 -42.62
CA SER A 2686 61.05 -53.69 -42.87
C SER A 2686 60.38 -53.06 -41.67
N SER A 2687 59.27 -53.66 -41.24
CA SER A 2687 58.41 -53.04 -40.25
C SER A 2687 59.13 -52.84 -38.92
N THR A 2688 60.18 -53.64 -38.71
CA THR A 2688 60.99 -53.56 -37.48
C THR A 2688 61.91 -52.35 -37.54
N GLU A 2689 62.66 -52.24 -38.64
CA GLU A 2689 63.52 -51.07 -38.93
C GLU A 2689 62.75 -49.75 -38.77
N GLN A 2690 61.56 -49.75 -39.35
CA GLN A 2690 60.69 -48.63 -39.37
C GLN A 2690 60.30 -48.27 -37.97
N LEU A 2691 60.02 -49.27 -37.13
CA LEU A 2691 59.64 -49.04 -35.73
C LEU A 2691 60.74 -48.41 -34.87
N LEU A 2692 61.97 -48.91 -35.04
CA LEU A 2692 63.13 -48.43 -34.31
C LEU A 2692 63.41 -46.96 -34.68
N GLN A 2693 63.39 -46.64 -35.97
CA GLN A 2693 63.69 -45.28 -36.46
C GLN A 2693 62.63 -44.27 -36.06
N GLU A 2694 61.43 -44.75 -35.81
CA GLU A 2694 60.36 -43.88 -35.36
C GLU A 2694 60.50 -43.41 -33.91
N MET A 2695 61.33 -44.09 -33.11
CA MET A 2695 61.49 -43.76 -31.69
C MET A 2695 62.92 -43.34 -31.37
N SER B 1 0.84 45.73 -21.35
CA SER B 1 0.31 44.94 -20.20
C SER B 1 0.81 43.51 -20.22
N PRO B 2 1.54 43.10 -19.17
CA PRO B 2 2.15 41.79 -18.95
C PRO B 2 1.12 40.65 -19.04
N ILE B 3 1.60 39.45 -19.35
CA ILE B 3 0.75 38.28 -19.55
C ILE B 3 1.16 37.08 -18.70
N LEU B 4 0.23 36.58 -17.90
CA LEU B 4 0.47 35.44 -17.01
C LEU B 4 -0.40 34.24 -17.41
N GLY B 5 0.24 33.16 -17.82
CA GLY B 5 -0.47 31.96 -18.28
C GLY B 5 -0.41 30.79 -17.30
N TYR B 6 -1.56 30.24 -16.95
CA TYR B 6 -1.61 29.13 -16.01
C TYR B 6 -2.96 28.42 -16.06
N TRP B 7 -3.09 27.29 -15.36
CA TRP B 7 -4.39 26.63 -15.19
C TRP B 7 -5.30 27.57 -14.39
N LYS B 8 -6.62 27.39 -14.54
CA LYS B 8 -7.60 28.16 -13.79
C LYS B 8 -7.68 27.64 -12.36
N ILE B 9 -6.60 27.86 -11.62
CA ILE B 9 -6.43 27.36 -10.26
C ILE B 9 -5.40 28.24 -9.55
N LYS B 10 -5.39 28.19 -8.22
CA LYS B 10 -4.36 28.86 -7.43
C LYS B 10 -2.99 28.32 -7.82
N GLY B 11 -2.83 27.00 -7.70
CA GLY B 11 -1.60 26.31 -8.14
C GLY B 11 -0.33 27.09 -7.89
N LEU B 12 0.51 27.13 -8.93
CA LEU B 12 1.86 27.71 -8.83
C LEU B 12 1.93 29.22 -9.10
N VAL B 13 0.79 29.87 -9.30
CA VAL B 13 0.77 31.28 -9.69
C VAL B 13 0.22 32.26 -8.64
N GLN B 14 -0.45 31.74 -7.60
CA GLN B 14 -1.25 32.56 -6.68
C GLN B 14 -0.53 33.77 -6.10
N PRO B 15 0.60 33.54 -5.37
CA PRO B 15 1.25 34.69 -4.77
C PRO B 15 1.62 35.71 -5.84
N THR B 16 2.24 35.26 -6.94
CA THR B 16 2.55 36.14 -8.08
C THR B 16 1.35 37.01 -8.50
N ARG B 17 0.20 36.39 -8.74
CA ARG B 17 -1.02 37.14 -9.08
C ARG B 17 -1.27 38.25 -8.07
N LEU B 18 -1.08 37.94 -6.79
CA LEU B 18 -1.26 38.93 -5.73
C LEU B 18 -0.25 40.08 -5.86
N LEU B 19 1.04 39.72 -5.93
CA LEU B 19 2.11 40.70 -6.12
C LEU B 19 1.74 41.69 -7.22
N LEU B 20 1.44 41.18 -8.42
CA LEU B 20 0.99 42.03 -9.52
C LEU B 20 -0.08 43.01 -9.03
N GLU B 21 -1.15 42.48 -8.46
CA GLU B 21 -2.24 43.31 -7.95
C GLU B 21 -1.78 44.26 -6.83
N TYR B 22 -0.75 43.85 -6.09
CA TYR B 22 -0.19 44.68 -5.03
C TYR B 22 0.49 45.93 -5.61
N LEU B 23 1.28 45.74 -6.66
CA LEU B 23 1.95 46.86 -7.33
C LEU B 23 1.00 47.50 -8.34
N GLU B 24 -0.30 47.27 -8.13
CA GLU B 24 -1.36 47.85 -8.94
C GLU B 24 -1.05 47.78 -10.42
N GLU B 25 -0.07 46.94 -10.79
CA GLU B 25 0.33 46.78 -12.17
C GLU B 25 -0.78 46.11 -12.95
N LYS B 26 -1.17 46.73 -14.07
CA LYS B 26 -2.13 46.16 -15.00
C LYS B 26 -1.51 44.99 -15.76
N TYR B 27 -2.33 43.97 -16.03
CA TYR B 27 -1.88 42.75 -16.67
C TYR B 27 -3.08 41.92 -17.11
N GLU B 28 -2.83 40.88 -17.89
CA GLU B 28 -3.89 39.96 -18.30
C GLU B 28 -3.49 38.53 -17.98
N GLU B 29 -4.48 37.70 -17.68
CA GLU B 29 -4.24 36.29 -17.39
C GLU B 29 -4.79 35.41 -18.51
N HIS B 30 -4.03 34.37 -18.86
CA HIS B 30 -4.45 33.38 -19.83
C HIS B 30 -4.76 32.12 -19.06
N LEU B 31 -6.05 31.89 -18.79
CA LEU B 31 -6.48 30.76 -17.97
C LEU B 31 -6.85 29.53 -18.80
N TYR B 32 -6.16 28.42 -18.53
CA TYR B 32 -6.51 27.13 -19.14
C TYR B 32 -7.54 26.41 -18.25
N GLU B 33 -8.77 26.27 -18.73
CA GLU B 33 -9.91 25.90 -17.89
C GLU B 33 -9.83 24.44 -17.43
N ARG B 34 -10.71 24.06 -16.50
CA ARG B 34 -10.67 22.76 -15.83
C ARG B 34 -10.77 21.56 -16.77
N ASP B 35 -11.72 21.60 -17.71
CA ASP B 35 -12.00 20.44 -18.60
C ASP B 35 -11.48 20.60 -20.03
N GLU B 36 -10.54 21.52 -20.20
CA GLU B 36 -10.10 22.05 -21.49
C GLU B 36 -8.64 21.72 -21.83
N GLY B 37 -8.26 20.45 -21.64
CA GLY B 37 -6.89 20.02 -21.87
C GLY B 37 -6.41 20.28 -23.28
N ASP B 38 -7.29 20.12 -24.25
CA ASP B 38 -6.95 20.33 -25.65
C ASP B 38 -6.48 21.77 -25.89
N LYS B 39 -7.19 22.73 -25.29
CA LYS B 39 -6.76 24.13 -25.32
C LYS B 39 -5.38 24.32 -24.70
N TRP B 40 -5.06 23.52 -23.69
CA TRP B 40 -3.74 23.55 -23.04
C TRP B 40 -2.66 22.99 -23.97
N ARG B 41 -2.84 21.74 -24.41
CA ARG B 41 -1.91 21.11 -25.35
C ARG B 41 -1.78 21.96 -26.61
N ASN B 42 -2.79 22.80 -26.86
CA ASN B 42 -2.76 23.74 -27.97
C ASN B 42 -1.78 24.88 -27.72
N LYS B 43 -1.65 25.29 -26.46
CA LYS B 43 -0.78 26.41 -26.08
C LYS B 43 0.42 25.94 -25.25
N LYS B 44 0.48 24.64 -24.96
CA LYS B 44 1.56 24.08 -24.16
C LYS B 44 2.96 24.56 -24.59
N PHE B 45 3.17 24.68 -25.91
CA PHE B 45 4.46 25.12 -26.44
C PHE B 45 4.43 26.51 -27.08
N GLU B 46 3.24 27.09 -27.21
CA GLU B 46 3.05 28.33 -27.98
C GLU B 46 2.84 29.53 -27.06
N LEU B 47 3.62 29.56 -25.98
CA LEU B 47 3.58 30.64 -25.00
C LEU B 47 4.91 31.42 -24.97
N GLY B 48 5.88 30.94 -25.74
CA GLY B 48 7.20 31.56 -25.76
C GLY B 48 7.93 31.38 -24.44
N LEU B 49 7.86 30.17 -23.89
CA LEU B 49 8.64 29.81 -22.72
C LEU B 49 9.82 28.96 -23.20
N GLU B 50 11.02 29.26 -22.71
CA GLU B 50 12.21 28.46 -23.05
C GLU B 50 12.19 27.05 -22.44
N PHE B 51 11.37 26.89 -21.40
CA PHE B 51 11.12 25.59 -20.76
C PHE B 51 9.63 25.45 -20.48
N PRO B 52 8.88 25.01 -21.50
CA PRO B 52 7.42 24.98 -21.42
C PRO B 52 6.93 24.35 -20.14
N ASN B 53 5.99 25.03 -19.49
CA ASN B 53 5.55 24.73 -18.14
C ASN B 53 4.52 25.76 -17.69
N LEU B 54 3.94 25.55 -16.51
CA LEU B 54 2.97 26.49 -15.94
C LEU B 54 3.33 26.88 -14.52
N PRO B 55 3.22 28.19 -14.20
CA PRO B 55 2.80 29.21 -15.15
C PRO B 55 3.95 29.78 -16.00
N TYR B 56 3.56 30.57 -16.99
CA TYR B 56 4.52 31.28 -17.82
C TYR B 56 4.16 32.77 -17.88
N TYR B 57 5.18 33.61 -17.77
CA TYR B 57 4.98 35.04 -17.73
C TYR B 57 5.78 35.69 -18.84
N ILE B 58 5.20 36.69 -19.48
CA ILE B 58 5.90 37.43 -20.54
C ILE B 58 5.52 38.90 -20.55
N ASP B 59 6.53 39.78 -20.43
CA ASP B 59 6.26 41.21 -20.38
C ASP B 59 7.28 42.01 -21.20
N GLY B 60 8.18 42.71 -20.51
CA GLY B 60 9.21 43.52 -21.18
C GLY B 60 10.47 42.73 -21.49
N ASP B 61 10.37 41.84 -22.48
CA ASP B 61 11.42 40.88 -22.80
C ASP B 61 11.81 40.02 -21.58
N VAL B 62 10.85 39.84 -20.68
CA VAL B 62 11.03 39.01 -19.52
C VAL B 62 10.23 37.78 -19.84
N LYS B 63 10.91 36.77 -20.34
CA LYS B 63 10.25 35.49 -20.60
C LYS B 63 10.54 34.53 -19.46
N LEU B 64 9.47 34.15 -18.76
CA LEU B 64 9.60 33.30 -17.58
C LEU B 64 8.69 32.08 -17.53
N THR B 65 9.26 30.97 -17.05
CA THR B 65 8.50 29.81 -16.59
C THR B 65 9.25 29.34 -15.35
N GLN B 66 8.60 28.51 -14.53
CA GLN B 66 9.10 28.12 -13.21
C GLN B 66 8.57 29.11 -12.15
N SER B 67 7.70 28.63 -11.28
CA SER B 67 7.05 29.47 -10.24
C SER B 67 7.97 30.48 -9.55
N MET B 68 9.17 30.04 -9.18
CA MET B 68 10.11 30.88 -8.44
C MET B 68 10.68 31.99 -9.32
N ALA B 69 11.18 31.61 -10.49
CA ALA B 69 11.74 32.58 -11.43
C ALA B 69 10.69 33.63 -11.80
N ILE B 70 9.43 33.20 -11.91
CA ILE B 70 8.33 34.10 -12.22
C ILE B 70 8.11 35.09 -11.10
N ILE B 71 7.72 34.60 -9.93
CA ILE B 71 7.44 35.47 -8.78
C ILE B 71 8.58 36.45 -8.53
N ARG B 72 9.81 35.93 -8.51
CA ARG B 72 10.99 36.75 -8.30
C ARG B 72 11.09 37.86 -9.34
N TYR B 73 10.73 37.56 -10.58
CA TYR B 73 10.73 38.55 -11.67
C TYR B 73 9.85 39.73 -11.32
N ILE B 74 8.54 39.48 -11.14
CA ILE B 74 7.63 40.55 -10.75
C ILE B 74 8.21 41.33 -9.58
N ALA B 75 8.73 40.59 -8.61
CA ALA B 75 9.33 41.18 -7.42
C ALA B 75 10.52 42.07 -7.79
N ASP B 76 11.40 41.55 -8.64
CA ASP B 76 12.62 42.25 -9.05
C ASP B 76 12.33 43.46 -9.92
N LYS B 77 11.24 43.41 -10.69
CA LYS B 77 10.83 44.54 -11.52
C LYS B 77 10.42 45.73 -10.66
N HIS B 78 10.37 45.50 -9.34
CA HIS B 78 10.05 46.55 -8.38
C HIS B 78 11.09 46.66 -7.26
N ASN B 79 12.28 46.10 -7.50
CA ASN B 79 13.33 46.03 -6.48
C ASN B 79 12.76 45.56 -5.13
N MET B 80 12.52 44.26 -5.02
CA MET B 80 11.88 43.66 -3.83
C MET B 80 12.47 42.31 -3.41
N LEU B 81 13.59 41.94 -4.04
CA LEU B 81 14.27 40.68 -3.73
C LEU B 81 15.22 40.84 -2.54
N GLY B 82 15.58 42.07 -2.21
CA GLY B 82 16.50 42.36 -1.12
C GLY B 82 17.60 43.29 -1.57
N GLY B 83 18.24 43.94 -0.61
CA GLY B 83 19.24 44.98 -0.88
C GLY B 83 20.65 44.45 -1.06
N CYS B 84 21.00 43.40 -0.31
CA CYS B 84 22.33 42.81 -0.38
C CYS B 84 22.28 41.37 0.08
N PRO B 85 23.44 40.70 0.15
CA PRO B 85 23.49 39.25 0.40
C PRO B 85 22.70 38.76 1.62
N LYS B 86 22.80 39.48 2.74
CA LYS B 86 22.05 39.13 3.95
C LYS B 86 20.53 39.23 3.77
N GLU B 87 20.03 40.42 3.41
CA GLU B 87 18.60 40.63 3.25
C GLU B 87 18.04 39.86 2.05
N ARG B 88 18.89 39.61 1.07
CA ARG B 88 18.49 38.87 -0.12
C ARG B 88 18.42 37.39 0.19
N ALA B 89 19.37 36.90 0.97
CA ALA B 89 19.38 35.49 1.37
C ALA B 89 18.25 35.19 2.35
N GLU B 90 17.90 36.18 3.16
CA GLU B 90 16.80 36.07 4.13
C GLU B 90 15.49 35.87 3.39
N ILE B 91 15.28 36.71 2.38
CA ILE B 91 14.08 36.65 1.56
C ILE B 91 14.05 35.36 0.74
N SER B 92 15.22 34.81 0.42
CA SER B 92 15.31 33.56 -0.35
C SER B 92 15.04 32.35 0.53
N MET B 93 15.41 32.45 1.81
CA MET B 93 15.12 31.39 2.77
C MET B 93 13.61 31.29 2.97
N LEU B 94 12.93 32.42 2.91
CA LEU B 94 11.49 32.44 2.96
C LEU B 94 10.94 31.82 1.68
N GLU B 95 11.48 32.20 0.54
CA GLU B 95 11.15 31.59 -0.74
C GLU B 95 11.23 30.07 -0.64
N GLY B 96 12.35 29.55 -0.14
CA GLY B 96 12.55 28.11 0.03
C GLY B 96 11.47 27.42 0.85
N ALA B 97 11.26 27.92 2.08
CA ALA B 97 10.25 27.39 2.98
C ALA B 97 8.82 27.48 2.40
N VAL B 98 8.56 28.49 1.57
CA VAL B 98 7.27 28.62 0.90
C VAL B 98 7.09 27.54 -0.16
N LEU B 99 8.14 27.25 -0.91
CA LEU B 99 8.10 26.17 -1.90
C LEU B 99 7.99 24.79 -1.23
N ASP B 100 8.58 24.66 -0.04
CA ASP B 100 8.48 23.44 0.73
C ASP B 100 7.02 23.22 1.20
N ILE B 101 6.16 24.19 0.91
CA ILE B 101 4.74 24.07 1.19
C ILE B 101 3.98 23.90 -0.12
N ARG B 102 4.26 24.75 -1.11
CA ARG B 102 3.61 24.65 -2.41
C ARG B 102 3.88 23.28 -3.05
N TYR B 103 5.14 22.84 -2.97
CA TYR B 103 5.55 21.54 -3.52
C TYR B 103 5.00 20.39 -2.66
N GLY B 104 5.09 20.57 -1.35
CA GLY B 104 4.57 19.60 -0.38
C GLY B 104 3.16 19.21 -0.73
N VAL B 105 2.38 20.16 -1.22
CA VAL B 105 1.00 19.90 -1.66
C VAL B 105 1.00 18.87 -2.78
N SER B 106 1.67 19.18 -3.88
CA SER B 106 1.67 18.35 -5.09
C SER B 106 2.25 16.94 -4.92
N ARG B 107 3.21 16.77 -4.01
CA ARG B 107 3.82 15.45 -3.79
C ARG B 107 2.87 14.43 -3.14
N ILE B 108 1.89 14.89 -2.36
CA ILE B 108 0.92 14.01 -1.71
C ILE B 108 -0.47 14.13 -2.33
N ALA B 109 -0.55 14.88 -3.43
CA ALA B 109 -1.82 15.16 -4.11
C ALA B 109 -2.22 14.13 -5.16
N TYR B 110 -1.22 13.56 -5.84
CA TYR B 110 -1.44 12.60 -6.89
C TYR B 110 -1.65 11.20 -6.31
N SER B 111 -1.23 11.01 -5.06
CA SER B 111 -1.29 9.70 -4.42
C SER B 111 -2.70 9.17 -4.30
N LYS B 112 -2.83 7.86 -4.50
CA LYS B 112 -4.07 7.14 -4.27
C LYS B 112 -4.26 6.98 -2.76
N ASP B 113 -3.17 7.01 -2.02
CA ASP B 113 -3.24 6.79 -0.58
C ASP B 113 -3.55 8.06 0.21
N PHE B 114 -3.76 9.16 -0.51
CA PHE B 114 -3.82 10.51 0.05
C PHE B 114 -4.48 10.56 1.42
N GLU B 115 -5.73 10.06 1.50
CA GLU B 115 -6.53 10.06 2.74
C GLU B 115 -5.82 9.46 3.98
N THR B 116 -4.65 8.84 3.78
CA THR B 116 -3.85 8.30 4.88
C THR B 116 -2.48 8.99 4.98
N LEU B 117 -2.06 9.67 3.92
CA LEU B 117 -0.75 10.30 3.83
C LEU B 117 -0.78 11.69 4.44
N LYS B 118 -1.88 12.40 4.26
CA LYS B 118 -2.02 13.76 4.77
C LYS B 118 -1.82 13.78 6.28
N VAL B 119 -2.16 12.66 6.92
CA VAL B 119 -1.99 12.49 8.36
C VAL B 119 -0.55 12.74 8.80
N ASP B 120 0.41 12.14 8.11
CA ASP B 120 1.82 12.33 8.45
C ASP B 120 2.33 13.71 8.02
N PHE B 121 1.66 14.35 7.07
CA PHE B 121 2.05 15.68 6.58
C PHE B 121 1.64 16.77 7.58
N LEU B 122 0.39 16.66 8.05
CA LEU B 122 -0.19 17.61 8.98
C LEU B 122 0.46 17.52 10.38
N SER B 123 1.09 16.39 10.66
CA SER B 123 1.82 16.22 11.92
C SER B 123 3.15 16.94 11.86
N LYS B 124 3.79 16.93 10.69
CA LYS B 124 5.05 17.62 10.48
C LYS B 124 4.81 19.11 10.32
N LEU B 125 3.67 19.50 9.74
CA LEU B 125 3.29 20.89 9.50
C LEU B 125 3.53 21.87 10.66
N PRO B 126 3.16 21.46 11.89
CA PRO B 126 3.40 22.31 13.06
C PRO B 126 4.86 22.77 13.19
N GLU B 127 5.79 21.82 13.19
CA GLU B 127 7.22 22.09 13.28
C GLU B 127 7.69 23.07 12.21
N MET B 128 7.04 23.03 11.05
CA MET B 128 7.36 23.92 9.94
C MET B 128 6.82 25.31 10.19
N LEU B 129 5.54 25.38 10.57
CA LEU B 129 4.88 26.64 10.90
C LEU B 129 5.63 27.36 12.02
N LYS B 130 6.02 26.63 13.06
CA LYS B 130 6.77 27.19 14.20
C LYS B 130 7.95 28.08 13.77
N MET B 131 8.82 27.55 12.91
CA MET B 131 9.98 28.32 12.43
C MET B 131 9.59 29.71 11.89
N PHE B 132 8.42 29.76 11.23
CA PHE B 132 7.88 31.01 10.68
C PHE B 132 7.36 31.91 11.79
N GLU B 133 6.77 31.31 12.82
CA GLU B 133 6.25 32.08 13.96
C GLU B 133 7.40 32.78 14.66
N ASP B 134 8.54 32.10 14.79
CA ASP B 134 9.73 32.70 15.40
C ASP B 134 10.25 33.86 14.55
N ARG B 135 10.56 33.57 13.28
CA ARG B 135 11.00 34.60 12.35
C ARG B 135 10.12 35.85 12.45
N LEU B 136 8.83 35.64 12.70
CA LEU B 136 7.86 36.74 12.78
C LEU B 136 7.75 37.41 14.14
N CYS B 137 8.64 37.02 15.06
CA CYS B 137 8.73 37.65 16.37
C CYS B 137 9.61 38.90 16.26
N HIS B 138 9.04 40.05 16.65
CA HIS B 138 9.70 41.36 16.55
C HIS B 138 9.79 41.85 15.10
N LYS B 139 9.01 41.21 14.22
CA LYS B 139 8.93 41.57 12.80
C LYS B 139 7.47 41.76 12.39
N THR B 140 7.23 42.72 11.51
CA THR B 140 5.87 43.12 11.13
C THR B 140 5.39 42.31 9.93
N TYR B 141 6.33 41.95 9.06
CA TYR B 141 6.08 41.08 7.92
C TYR B 141 7.19 40.06 7.84
N LEU B 142 6.95 38.97 7.11
CA LEU B 142 7.98 37.99 6.81
C LEU B 142 9.19 38.74 6.26
N ASN B 143 10.38 38.26 6.61
CA ASN B 143 11.60 38.89 6.16
C ASN B 143 11.62 40.41 6.41
N GLY B 144 11.31 40.86 7.63
CA GLY B 144 11.58 42.25 8.04
C GLY B 144 10.46 43.26 8.33
N ASP B 145 10.90 44.52 8.52
CA ASP B 145 10.02 45.67 8.80
C ASP B 145 9.43 46.25 7.51
N HIS B 146 10.09 46.00 6.38
CA HIS B 146 9.58 46.38 5.06
C HIS B 146 9.16 45.11 4.30
N VAL B 147 7.93 45.06 3.82
CA VAL B 147 7.34 43.82 3.26
C VAL B 147 8.01 43.32 1.97
N THR B 148 8.29 42.01 1.92
CA THR B 148 8.86 41.36 0.72
C THR B 148 7.87 40.40 0.05
N HIS B 149 8.29 39.73 -1.02
CA HIS B 149 7.42 38.79 -1.77
C HIS B 149 7.01 37.60 -0.90
N PRO B 150 7.92 37.15 -0.02
CA PRO B 150 7.66 36.09 0.94
C PRO B 150 6.36 36.31 1.73
N ASP B 151 5.98 37.56 1.94
CA ASP B 151 4.81 37.88 2.73
C ASP B 151 3.54 37.53 1.96
N PHE B 152 3.59 37.64 0.63
CA PHE B 152 2.43 37.28 -0.21
C PHE B 152 2.34 35.77 -0.40
N MET B 153 3.47 35.11 -0.16
CA MET B 153 3.54 33.67 -0.24
C MET B 153 2.88 33.10 1.03
N LEU B 154 3.41 33.51 2.19
CA LEU B 154 2.92 33.08 3.51
C LEU B 154 1.42 33.32 3.66
N TYR B 155 0.92 34.41 3.08
CA TYR B 155 -0.50 34.75 3.12
C TYR B 155 -1.37 33.68 2.46
N ASP B 156 -0.91 33.28 1.28
CA ASP B 156 -1.60 32.28 0.50
C ASP B 156 -1.52 30.95 1.25
N ALA B 157 -0.31 30.63 1.70
CA ALA B 157 -0.06 29.41 2.46
C ALA B 157 -1.02 29.33 3.64
N LEU B 158 -0.99 30.33 4.52
CA LEU B 158 -1.88 30.37 5.68
C LEU B 158 -3.32 30.02 5.28
N ASP B 159 -3.85 30.83 4.36
CA ASP B 159 -5.20 30.64 3.81
C ASP B 159 -5.45 29.18 3.41
N VAL B 160 -4.41 28.56 2.84
CA VAL B 160 -4.53 27.21 2.32
C VAL B 160 -4.39 26.12 3.38
N VAL B 161 -3.48 26.30 4.33
CA VAL B 161 -3.20 25.27 5.34
C VAL B 161 -4.35 25.11 6.32
N LEU B 162 -5.17 26.15 6.45
CA LEU B 162 -6.33 26.13 7.34
C LEU B 162 -7.43 25.20 6.83
N TYR B 163 -7.52 25.06 5.51
CA TYR B 163 -8.49 24.18 4.89
C TYR B 163 -8.07 22.73 5.08
N MET B 164 -6.76 22.49 5.00
CA MET B 164 -6.17 21.16 5.17
C MET B 164 -6.25 20.68 6.61
N ASP B 165 -5.97 21.64 7.50
CA ASP B 165 -6.21 21.53 8.91
C ASP B 165 -6.83 22.84 9.37
N PRO B 166 -7.99 22.74 9.98
CA PRO B 166 -8.64 23.86 10.66
C PRO B 166 -7.91 24.32 11.93
N MET B 167 -7.14 23.43 12.56
CA MET B 167 -6.46 23.74 13.81
C MET B 167 -4.98 24.12 13.67
N CYS B 168 -4.45 24.08 12.45
CA CYS B 168 -3.03 24.40 12.23
C CYS B 168 -2.70 25.85 12.60
N LEU B 169 -3.66 26.75 12.44
CA LEU B 169 -3.42 28.18 12.72
C LEU B 169 -3.85 28.59 14.13
N ASP B 170 -4.86 27.92 14.66
CA ASP B 170 -5.43 28.25 15.97
C ASP B 170 -4.35 28.41 17.04
N ALA B 171 -3.28 27.64 16.90
CA ALA B 171 -2.18 27.64 17.86
C ALA B 171 -1.08 28.62 17.43
N PHE B 172 -1.33 29.33 16.34
CA PHE B 172 -0.40 30.31 15.81
C PHE B 172 -1.15 31.58 15.49
N PRO B 173 -1.48 32.36 16.54
CA PRO B 173 -2.20 33.60 16.37
C PRO B 173 -1.38 34.61 15.59
N LYS B 174 -0.05 34.47 15.63
CA LYS B 174 0.85 35.38 14.92
C LYS B 174 0.69 35.28 13.40
N LEU B 175 0.27 34.10 12.94
CA LEU B 175 0.05 33.86 11.52
C LEU B 175 -1.36 34.29 11.13
N VAL B 176 -2.31 33.97 12.01
CA VAL B 176 -3.70 34.38 11.81
C VAL B 176 -3.72 35.89 11.64
N CYS B 177 -2.80 36.56 12.33
CA CYS B 177 -2.64 38.00 12.24
C CYS B 177 -2.06 38.36 10.88
N PHE B 178 -0.84 37.92 10.64
CA PHE B 178 -0.15 38.13 9.38
C PHE B 178 -1.11 38.01 8.20
N LYS B 179 -2.03 37.06 8.30
CA LYS B 179 -3.01 36.80 7.27
C LYS B 179 -4.01 37.94 7.14
N LYS B 180 -4.58 38.38 8.26
CA LYS B 180 -5.53 39.50 8.28
C LYS B 180 -4.84 40.78 7.86
N ARG B 181 -3.58 40.92 8.27
CA ARG B 181 -2.77 42.09 7.91
C ARG B 181 -2.71 42.21 6.40
N ILE B 182 -2.29 41.13 5.73
CA ILE B 182 -2.22 41.15 4.28
C ILE B 182 -3.57 41.51 3.67
N GLU B 183 -4.62 40.83 4.11
CA GLU B 183 -5.98 41.07 3.61
C GLU B 183 -6.40 42.52 3.82
N ALA B 184 -5.71 43.21 4.73
CA ALA B 184 -6.01 44.61 5.06
C ALA B 184 -5.42 45.60 4.06
N ILE B 185 -4.29 45.24 3.45
CA ILE B 185 -3.63 46.09 2.45
C ILE B 185 -4.65 46.47 1.38
N PRO B 186 -4.95 47.76 1.26
CA PRO B 186 -5.95 48.34 0.35
C PRO B 186 -6.01 47.66 -1.03
N GLN B 187 -4.87 47.56 -1.71
CA GLN B 187 -4.82 46.95 -3.03
C GLN B 187 -5.27 45.49 -2.99
N ILE B 188 -4.71 44.72 -2.07
CA ILE B 188 -5.07 43.31 -1.88
C ILE B 188 -6.56 43.10 -1.61
N ASP B 189 -7.08 43.76 -0.57
CA ASP B 189 -8.49 43.66 -0.18
C ASP B 189 -9.42 44.03 -1.33
N LYS B 190 -9.04 45.07 -2.08
CA LYS B 190 -9.81 45.50 -3.24
C LYS B 190 -9.77 44.42 -4.31
N TYR B 191 -8.67 43.68 -4.37
CA TYR B 191 -8.48 42.61 -5.36
C TYR B 191 -9.35 41.41 -5.05
N LEU B 192 -9.28 40.90 -3.83
CA LEU B 192 -10.08 39.75 -3.42
C LEU B 192 -11.56 39.97 -3.75
N LYS B 193 -12.00 41.22 -3.67
CA LYS B 193 -13.38 41.57 -3.98
C LYS B 193 -13.60 41.83 -5.48
N SER B 194 -12.50 41.92 -6.25
CA SER B 194 -12.57 42.23 -7.67
C SER B 194 -12.95 41.01 -8.53
N SER B 195 -13.16 41.25 -9.82
CA SER B 195 -13.45 40.20 -10.79
C SER B 195 -12.22 39.36 -11.12
N LYS B 196 -11.04 39.98 -11.04
CA LYS B 196 -9.78 39.33 -11.33
C LYS B 196 -9.40 38.16 -10.39
N TYR B 197 -10.09 38.04 -9.25
CA TYR B 197 -9.76 37.04 -8.25
C TYR B 197 -10.16 35.60 -8.65
N ILE B 198 -9.18 34.70 -8.72
CA ILE B 198 -9.46 33.28 -8.99
C ILE B 198 -9.58 32.50 -7.67
N ALA B 199 -10.82 32.18 -7.29
CA ALA B 199 -11.15 31.69 -5.94
C ALA B 199 -10.73 30.25 -5.59
N TRP B 200 -10.75 29.36 -6.58
CA TRP B 200 -10.55 27.91 -6.35
C TRP B 200 -10.52 27.16 -7.68
N PRO B 201 -9.92 25.95 -7.71
CA PRO B 201 -9.30 25.00 -6.77
C PRO B 201 -7.86 25.36 -6.37
N LEU B 202 -7.24 24.52 -5.54
CA LEU B 202 -5.86 24.75 -5.08
C LEU B 202 -4.88 24.13 -6.07
N GLN B 203 -5.16 22.91 -6.51
CA GLN B 203 -4.33 22.22 -7.50
C GLN B 203 -5.08 22.08 -8.82
N GLY B 204 -4.47 21.38 -9.78
CA GLY B 204 -5.16 21.01 -11.02
C GLY B 204 -6.39 20.17 -10.70
N TRP B 205 -7.52 20.50 -11.33
CA TRP B 205 -8.80 19.85 -11.04
C TRP B 205 -8.69 18.33 -10.85
N GLN B 206 -7.79 17.70 -11.59
CA GLN B 206 -7.59 16.25 -11.55
C GLN B 206 -7.01 15.74 -10.23
N ALA B 207 -6.25 16.58 -9.53
CA ALA B 207 -5.57 16.18 -8.28
C ALA B 207 -6.54 15.66 -7.22
N THR B 208 -6.07 14.71 -6.41
CA THR B 208 -6.85 14.20 -5.28
C THR B 208 -6.98 15.32 -4.27
N PHE B 209 -5.85 15.85 -3.78
CA PHE B 209 -5.89 17.01 -2.86
C PHE B 209 -6.22 18.31 -3.60
N GLY B 210 -7.02 19.14 -2.95
CA GLY B 210 -7.42 20.44 -3.47
C GLY B 210 -7.86 20.49 -4.93
N GLY B 211 -8.59 19.47 -5.37
CA GLY B 211 -9.11 19.40 -6.75
C GLY B 211 -10.58 19.79 -6.87
N GLY B 212 -11.24 19.30 -7.91
CA GLY B 212 -12.69 19.48 -8.08
C GLY B 212 -13.16 20.92 -8.24
N ASP B 213 -14.42 21.07 -8.65
CA ASP B 213 -14.96 22.38 -9.06
C ASP B 213 -15.08 23.42 -7.94
N HIS B 214 -15.49 22.99 -6.76
CA HIS B 214 -15.74 23.92 -5.64
C HIS B 214 -15.59 23.22 -4.29
N PRO B 215 -14.90 23.87 -3.35
CA PRO B 215 -14.65 23.29 -2.04
C PRO B 215 -15.94 23.10 -1.25
N PRO B 216 -16.04 21.98 -0.52
CA PRO B 216 -17.21 21.68 0.31
C PRO B 216 -17.72 22.93 1.02
N PHE B 221 -16.91 25.53 3.39
CA PHE B 221 -15.57 25.96 3.83
C PHE B 221 -15.29 25.36 5.20
N VAL B 222 -16.21 25.60 6.13
CA VAL B 222 -16.13 25.10 7.48
C VAL B 222 -16.21 23.57 7.48
N ILE B 223 -17.03 23.03 6.57
CA ILE B 223 -17.37 21.60 6.55
C ILE B 223 -16.14 20.69 6.61
N GLU B 224 -15.10 21.04 5.88
CA GLU B 224 -13.84 20.27 5.92
C GLU B 224 -13.10 20.45 7.25
N LYS B 225 -12.98 21.69 7.71
CA LYS B 225 -12.33 22.03 8.99
C LYS B 225 -12.94 21.28 10.20
N SER B 226 -14.25 21.11 10.17
CA SER B 226 -14.96 20.38 11.23
C SER B 226 -14.80 18.85 11.09
N LEU B 227 -14.99 18.34 9.87
CA LEU B 227 -14.81 16.91 9.55
C LEU B 227 -13.40 16.40 9.82
N ASN B 228 -12.41 17.28 9.64
CA ASN B 228 -11.02 17.01 10.03
C ASN B 228 -10.90 16.81 11.55
N ARG B 229 -11.59 17.65 12.33
CA ARG B 229 -11.62 17.55 13.80
C ARG B 229 -12.37 16.33 14.32
N ILE B 230 -13.34 15.88 13.54
CA ILE B 230 -14.13 14.70 13.88
C ILE B 230 -13.27 13.45 13.68
N LYS B 231 -12.72 13.31 12.49
CA LYS B 231 -11.84 12.19 12.18
C LYS B 231 -10.61 12.15 13.07
N LYS B 232 -10.03 13.30 13.39
CA LYS B 232 -8.90 13.42 14.34
C LYS B 232 -9.24 12.86 15.72
N PHE B 233 -10.44 13.19 16.23
CA PHE B 233 -10.87 12.73 17.55
C PHE B 233 -11.07 11.22 17.60
N TRP B 234 -11.48 10.63 16.49
CA TRP B 234 -11.77 9.21 16.46
C TRP B 234 -10.55 8.32 16.25
N LYS B 235 -9.43 8.91 15.84
CA LYS B 235 -8.18 8.16 15.70
C LYS B 235 -7.25 8.49 16.88
N GLU B 236 -7.86 8.90 17.99
CA GLU B 236 -7.17 9.27 19.22
C GLU B 236 -7.92 8.65 20.40
N ALA B 237 -9.02 7.95 20.11
CA ALA B 237 -9.96 7.54 21.15
C ALA B 237 -9.30 6.65 22.18
N GLN B 238 -9.51 7.02 23.43
CA GLN B 238 -8.87 6.33 24.54
C GLN B 238 -9.94 5.89 25.52
N TYR B 239 -9.94 4.62 25.88
CA TYR B 239 -10.79 4.15 26.95
C TYR B 239 -9.97 3.80 28.19
N GLU B 240 -10.25 4.43 29.33
CA GLU B 240 -9.73 3.92 30.58
C GLU B 240 -10.05 2.43 30.62
N VAL B 241 -9.01 1.59 30.62
CA VAL B 241 -9.14 0.14 30.78
C VAL B 241 -8.45 -0.26 32.08
N ILE B 242 -9.15 -1.04 32.91
CA ILE B 242 -8.62 -1.50 34.20
C ILE B 242 -9.13 -2.93 34.50
N GLU B 243 -8.19 -3.89 34.64
CA GLU B 243 -8.57 -5.26 35.02
C GLU B 243 -8.85 -5.38 36.51
N HIS B 244 -9.97 -6.03 36.83
CA HIS B 244 -10.46 -6.15 38.20
C HIS B 244 -9.96 -7.44 38.84
N SER B 245 -10.41 -7.68 40.07
CA SER B 245 -9.95 -8.83 40.85
C SER B 245 -9.77 -10.11 40.03
N SER B 246 -10.66 -10.39 39.08
CA SER B 246 -10.55 -11.60 38.25
C SER B 246 -10.38 -11.34 36.75
N GLY B 247 -9.81 -12.32 36.04
CA GLY B 247 -9.55 -12.30 34.59
C GLY B 247 -9.81 -11.04 33.80
N LEU B 248 -11.08 -10.77 33.52
CA LEU B 248 -11.48 -9.75 32.54
C LEU B 248 -11.05 -8.30 32.84
N LYS B 249 -10.76 -7.54 31.78
CA LYS B 249 -10.42 -6.12 31.87
C LYS B 249 -11.62 -5.20 31.60
N LEU B 250 -11.85 -4.23 32.48
CA LEU B 250 -13.06 -3.37 32.44
C LEU B 250 -12.83 -2.00 31.85
N VAL B 251 -13.82 -1.49 31.11
CA VAL B 251 -13.81 -0.12 30.56
C VAL B 251 -14.49 0.92 31.47
N ARG B 252 -13.64 1.73 32.12
CA ARG B 252 -14.10 2.77 33.03
C ARG B 252 -14.36 4.08 32.29
N GLU B 253 -15.28 4.87 32.88
CA GLU B 253 -15.61 6.25 32.51
C GLU B 253 -16.25 6.40 31.12
N TRP B 254 -17.39 5.74 30.97
CA TRP B 254 -18.06 5.56 29.69
C TRP B 254 -18.46 6.86 29.02
N ASP B 255 -19.03 7.74 29.83
CA ASP B 255 -19.80 8.89 29.37
C ASP B 255 -19.14 9.78 28.33
N VAL B 256 -17.86 10.07 28.53
CA VAL B 256 -17.13 11.03 27.70
C VAL B 256 -17.13 10.66 26.20
N LEU B 257 -16.75 9.43 25.88
CA LEU B 257 -16.80 8.94 24.50
C LEU B 257 -18.23 8.75 24.06
N GLU B 258 -19.05 8.29 25.00
CA GLU B 258 -20.48 8.08 24.80
C GLU B 258 -21.12 9.37 24.30
N GLN B 259 -20.75 10.47 24.95
CA GLN B 259 -21.27 11.80 24.64
C GLN B 259 -20.73 12.29 23.30
N ALA B 260 -19.42 12.19 23.14
CA ALA B 260 -18.72 12.62 21.93
C ALA B 260 -19.32 12.04 20.66
N CYS B 261 -19.59 10.73 20.67
CA CYS B 261 -20.20 10.04 19.53
C CYS B 261 -21.54 10.65 19.15
N LYS B 262 -22.42 10.80 20.14
CA LYS B 262 -23.75 11.38 19.97
C LYS B 262 -23.70 12.83 19.42
N GLU B 263 -22.79 13.63 19.98
CA GLU B 263 -22.55 15.01 19.55
C GLU B 263 -22.04 15.11 18.11
N ASP B 264 -20.98 14.35 17.81
CA ASP B 264 -20.36 14.32 16.48
C ASP B 264 -21.30 13.74 15.43
N LEU B 265 -22.27 12.94 15.89
CA LEU B 265 -23.29 12.38 15.00
C LEU B 265 -24.34 13.43 14.65
N GLU B 266 -24.73 14.23 15.64
CA GLU B 266 -25.66 15.35 15.48
C GLU B 266 -25.06 16.43 14.58
N GLU B 267 -23.73 16.53 14.61
CA GLU B 267 -23.00 17.50 13.81
C GLU B 267 -23.11 17.19 12.32
N LEU B 268 -23.00 15.90 11.96
CA LEU B 268 -23.10 15.47 10.56
C LEU B 268 -24.50 15.62 9.99
N VAL B 269 -25.50 15.51 10.87
CA VAL B 269 -26.89 15.72 10.52
C VAL B 269 -27.13 17.20 10.19
N SER B 270 -26.53 18.11 10.98
CA SER B 270 -26.62 19.56 10.75
C SER B 270 -25.81 20.02 9.53
N MET B 271 -24.91 19.16 9.06
CA MET B 271 -24.13 19.42 7.85
C MET B 271 -24.95 19.26 6.59
N LYS B 272 -26.07 18.54 6.70
CA LYS B 272 -27.01 18.35 5.59
C LYS B 272 -27.78 19.65 5.29
N ALA B 273 -27.89 20.52 6.29
CA ALA B 273 -28.53 21.82 6.12
C ALA B 273 -27.71 22.79 5.27
N SER B 274 -26.39 22.61 5.24
CA SER B 274 -25.49 23.45 4.45
C SER B 274 -25.68 23.29 2.94
N ASN B 275 -25.48 24.40 2.24
CA ASN B 275 -25.59 24.45 0.78
C ASN B 275 -24.49 23.72 0.01
N TYR B 276 -23.27 23.78 0.54
CA TYR B 276 -22.08 23.42 -0.23
C TYR B 276 -21.60 21.97 -0.04
N TYR B 277 -22.39 21.16 0.65
CA TYR B 277 -21.95 19.85 1.09
C TYR B 277 -22.26 18.67 0.15
N LYS B 278 -22.87 18.94 -1.01
CA LYS B 278 -23.49 17.86 -1.79
C LYS B 278 -22.56 16.74 -2.32
N ILE B 279 -21.42 17.09 -2.89
CA ILE B 279 -20.51 16.03 -3.35
C ILE B 279 -19.50 15.72 -2.25
N PHE B 280 -19.04 16.74 -1.55
CA PHE B 280 -18.27 16.54 -0.32
C PHE B 280 -19.12 15.73 0.67
N GLU B 281 -20.43 15.80 0.48
CA GLU B 281 -21.39 15.12 1.34
C GLU B 281 -21.26 13.60 1.34
N GLN B 282 -20.95 13.01 0.19
CA GLN B 282 -20.93 11.54 0.10
C GLN B 282 -19.96 10.89 1.10
N ASP B 283 -18.76 11.47 1.23
CA ASP B 283 -17.78 11.05 2.24
C ASP B 283 -18.37 11.12 3.65
N CYS B 284 -19.08 12.20 3.95
CA CYS B 284 -19.65 12.37 5.29
C CYS B 284 -20.68 11.27 5.58
N LEU B 285 -21.40 10.83 4.54
CA LEU B 285 -22.36 9.73 4.63
C LEU B 285 -21.68 8.42 4.97
N ASP B 286 -20.43 8.27 4.52
CA ASP B 286 -19.59 7.13 4.89
C ASP B 286 -19.16 7.21 6.34
N LEU B 287 -18.79 8.40 6.81
CA LEU B 287 -18.46 8.62 8.21
C LEU B 287 -19.73 8.57 9.07
N GLU B 288 -20.89 8.83 8.48
CA GLU B 288 -22.16 8.70 9.18
C GLU B 288 -22.52 7.25 9.39
N SER B 289 -22.31 6.42 8.37
CA SER B 289 -22.51 4.96 8.48
C SER B 289 -21.57 4.31 9.49
N LYS B 290 -20.36 4.87 9.59
CA LYS B 290 -19.32 4.40 10.52
C LYS B 290 -19.69 4.70 11.99
N LEU B 291 -20.16 5.91 12.26
CA LEU B 291 -20.49 6.33 13.62
C LEU B 291 -21.85 5.89 14.11
N THR B 292 -22.83 5.82 13.21
CA THR B 292 -24.16 5.27 13.53
C THR B 292 -24.02 3.80 13.94
N LYS B 293 -22.99 3.15 13.40
CA LYS B 293 -22.67 1.78 13.79
C LYS B 293 -21.89 1.74 15.11
N LEU B 294 -21.11 2.79 15.37
CA LEU B 294 -20.39 2.91 16.64
C LEU B 294 -21.32 3.16 17.85
N SER B 295 -22.43 3.87 17.62
CA SER B 295 -23.43 4.08 18.66
C SER B 295 -24.31 2.84 18.85
N GLU B 296 -24.50 2.09 17.77
CA GLU B 296 -25.18 0.79 17.77
C GLU B 296 -24.50 -0.19 18.72
N ILE B 297 -23.17 -0.23 18.67
CA ILE B 297 -22.36 -1.07 19.55
C ILE B 297 -22.04 -0.41 20.90
N GLN B 298 -22.21 0.91 20.99
CA GLN B 298 -22.01 1.68 22.23
C GLN B 298 -23.13 1.39 23.22
N VAL B 299 -24.36 1.35 22.69
CA VAL B 299 -25.60 1.12 23.44
C VAL B 299 -25.54 -0.24 24.14
N ASN B 300 -25.23 -1.27 23.37
CA ASN B 300 -25.24 -2.63 23.87
C ASN B 300 -24.07 -2.93 24.78
N TRP B 301 -22.91 -2.33 24.49
CA TRP B 301 -21.69 -2.61 25.23
C TRP B 301 -21.72 -2.11 26.66
N VAL B 302 -22.32 -0.93 26.88
CA VAL B 302 -22.42 -0.41 28.25
C VAL B 302 -23.37 -1.25 29.10
N GLU B 303 -24.44 -1.74 28.45
CA GLU B 303 -25.40 -2.67 29.06
C GLU B 303 -24.69 -3.94 29.53
N VAL B 304 -23.93 -4.55 28.62
CA VAL B 304 -23.18 -5.78 28.89
C VAL B 304 -22.24 -5.55 30.08
N GLN B 305 -21.45 -4.48 29.99
CA GLN B 305 -20.44 -4.15 30.98
C GLN B 305 -21.04 -3.94 32.37
N PHE B 306 -22.20 -3.28 32.41
CA PHE B 306 -22.91 -3.03 33.66
C PHE B 306 -23.51 -4.31 34.23
N TYR B 307 -24.31 -5.00 33.43
CA TYR B 307 -25.03 -6.21 33.88
C TYR B 307 -24.10 -7.37 34.25
N TRP B 308 -22.92 -7.47 33.62
CA TRP B 308 -21.92 -8.47 34.03
C TRP B 308 -21.33 -8.15 35.42
N LEU B 309 -20.92 -6.89 35.60
CA LEU B 309 -20.35 -6.39 36.87
C LEU B 309 -21.27 -6.59 38.08
N ASP B 310 -22.56 -6.40 37.84
CA ASP B 310 -23.62 -6.56 38.82
C ASP B 310 -23.77 -8.05 39.17
N LEU B 311 -23.89 -8.89 38.14
CA LEU B 311 -24.01 -10.35 38.29
C LEU B 311 -22.78 -11.01 38.93
N TYR B 312 -21.61 -10.37 38.78
CA TYR B 312 -20.36 -10.85 39.38
C TYR B 312 -20.39 -10.78 40.92
N GLY B 313 -21.01 -9.71 41.43
CA GLY B 313 -21.25 -9.58 42.87
C GLY B 313 -22.04 -10.78 43.36
N ILE B 314 -23.09 -11.12 42.61
CA ILE B 314 -24.05 -12.16 43.00
C ILE B 314 -23.58 -13.63 42.90
N LEU B 315 -22.93 -14.00 41.79
CA LEU B 315 -22.57 -15.41 41.55
C LEU B 315 -21.07 -15.69 41.41
N GLY B 316 -20.35 -14.69 40.92
CA GLY B 316 -18.90 -14.80 40.65
C GLY B 316 -17.99 -15.32 41.75
N GLU B 317 -18.34 -15.02 43.01
CA GLU B 317 -17.45 -15.37 44.13
C GLU B 317 -17.78 -16.59 45.00
N ASN B 318 -19.01 -16.71 45.50
CA ASN B 318 -19.40 -17.83 46.38
C ASN B 318 -19.50 -19.21 45.72
N LEU B 319 -19.25 -20.26 46.51
CA LEU B 319 -19.54 -21.65 46.15
C LEU B 319 -20.99 -21.98 46.46
N ASP B 320 -21.53 -21.39 47.53
CA ASP B 320 -22.88 -21.68 48.00
C ASP B 320 -23.95 -21.24 47.03
N ILE B 321 -23.80 -20.04 46.48
CA ILE B 321 -24.75 -19.49 45.52
C ILE B 321 -24.75 -20.27 44.18
N GLN B 322 -23.56 -20.64 43.70
CA GLN B 322 -23.47 -21.41 42.45
C GLN B 322 -23.88 -22.87 42.62
N ASN B 323 -23.85 -23.35 43.87
CA ASN B 323 -24.32 -24.68 44.28
C ASN B 323 -25.83 -24.76 44.10
N PHE B 324 -26.52 -23.69 44.52
CA PHE B 324 -27.99 -23.61 44.41
C PHE B 324 -28.46 -23.36 42.96
N LEU B 325 -27.67 -22.61 42.20
CA LEU B 325 -27.95 -22.31 40.79
C LEU B 325 -26.88 -22.90 39.86
N PRO B 326 -27.06 -24.16 39.45
CA PRO B 326 -26.04 -24.81 38.65
C PRO B 326 -26.13 -24.44 37.15
N LEU B 327 -27.33 -24.45 36.59
CA LEU B 327 -27.54 -24.11 35.18
C LEU B 327 -27.22 -22.65 34.91
N GLU B 328 -27.43 -21.82 35.93
CA GLU B 328 -27.14 -20.37 35.90
C GLU B 328 -25.65 -20.03 35.89
N THR B 329 -24.86 -20.70 36.73
CA THR B 329 -23.42 -20.45 36.84
C THR B 329 -22.64 -21.08 35.68
N SER B 330 -23.13 -22.22 35.19
CA SER B 330 -22.55 -22.91 34.05
C SER B 330 -22.72 -22.10 32.76
N LYS B 331 -23.78 -21.30 32.71
CA LYS B 331 -24.05 -20.45 31.56
C LYS B 331 -23.44 -19.05 31.67
N PHE B 332 -23.22 -18.58 32.91
CA PHE B 332 -22.52 -17.31 33.16
C PHE B 332 -21.04 -17.41 32.78
N LYS B 333 -20.39 -18.48 33.24
CA LYS B 333 -18.96 -18.69 33.01
C LYS B 333 -18.62 -18.92 31.53
N SER B 334 -19.55 -19.52 30.79
CA SER B 334 -19.44 -19.70 29.34
C SER B 334 -19.43 -18.36 28.57
N LEU B 335 -20.24 -17.42 29.05
CA LEU B 335 -20.24 -16.05 28.51
C LEU B 335 -19.03 -15.26 28.96
N THR B 336 -18.56 -15.56 30.16
CA THR B 336 -17.37 -14.92 30.76
C THR B 336 -16.12 -15.21 29.92
N SER B 337 -16.05 -16.42 29.34
CA SER B 337 -14.97 -16.78 28.43
C SER B 337 -15.01 -15.95 27.14
N GLU B 338 -16.16 -15.96 26.46
CA GLU B 338 -16.38 -15.23 25.19
C GLU B 338 -16.04 -13.73 25.28
N TYR B 339 -16.63 -13.06 26.27
CA TYR B 339 -16.44 -11.62 26.47
C TYR B 339 -15.01 -11.26 26.88
N LYS B 340 -14.31 -12.20 27.55
CA LYS B 340 -12.88 -12.04 27.86
C LYS B 340 -12.00 -11.93 26.62
N MET B 341 -12.34 -12.72 25.60
CA MET B 341 -11.63 -12.72 24.31
C MET B 341 -12.07 -11.52 23.44
N ILE B 342 -13.34 -11.15 23.55
CA ILE B 342 -13.92 -9.99 22.84
C ILE B 342 -13.32 -8.64 23.30
N THR B 343 -13.08 -8.50 24.60
CA THR B 343 -12.48 -7.28 25.19
C THR B 343 -10.99 -7.13 24.89
N THR B 344 -10.25 -8.21 25.10
CA THR B 344 -8.80 -8.23 24.87
C THR B 344 -8.46 -8.06 23.39
N ARG B 345 -9.32 -8.57 22.50
CA ARG B 345 -9.20 -8.34 21.05
C ARG B 345 -9.52 -6.88 20.68
N ALA B 346 -10.51 -6.31 21.37
CA ALA B 346 -10.93 -4.94 21.11
C ALA B 346 -10.00 -3.88 21.70
N PHE B 347 -9.44 -4.13 22.89
CA PHE B 347 -8.51 -3.17 23.54
C PHE B 347 -7.18 -3.07 22.81
N GLN B 348 -6.65 -4.21 22.40
CA GLN B 348 -5.34 -4.24 21.75
C GLN B 348 -5.37 -3.60 20.35
N LEU B 349 -6.57 -3.42 19.80
CA LEU B 349 -6.76 -2.67 18.55
C LEU B 349 -6.22 -1.24 18.74
N ASP B 350 -6.50 -0.65 19.90
CA ASP B 350 -5.94 0.65 20.24
C ASP B 350 -6.69 1.83 19.62
N THR B 351 -7.79 1.54 18.93
CA THR B 351 -8.65 2.58 18.39
C THR B 351 -10.08 2.15 18.63
N THR B 352 -10.83 2.96 19.36
CA THR B 352 -12.18 2.60 19.68
C THR B 352 -13.01 2.53 18.40
N ILE B 353 -12.79 3.48 17.47
CA ILE B 353 -13.47 3.44 16.17
C ILE B 353 -13.21 2.13 15.42
N GLU B 354 -11.95 1.70 15.43
CA GLU B 354 -11.56 0.48 14.72
C GLU B 354 -12.41 -0.74 15.16
N VAL B 355 -13.11 -0.59 16.27
CA VAL B 355 -13.97 -1.65 16.86
C VAL B 355 -15.16 -2.03 15.95
N ILE B 356 -15.70 -1.06 15.21
CA ILE B 356 -16.82 -1.33 14.28
C ILE B 356 -16.43 -2.23 13.11
N HIS B 357 -15.14 -2.24 12.77
CA HIS B 357 -14.61 -3.02 11.67
C HIS B 357 -14.43 -4.50 12.04
N ILE B 358 -14.42 -4.80 13.36
CA ILE B 358 -14.25 -6.16 13.92
C ILE B 358 -15.44 -7.08 13.57
N PRO B 359 -15.15 -8.35 13.22
CA PRO B 359 -16.19 -9.29 12.82
C PRO B 359 -17.16 -9.62 13.96
N ASN B 360 -18.46 -9.61 13.66
CA ASN B 360 -19.53 -10.04 14.57
C ASN B 360 -19.58 -9.39 15.96
N PHE B 361 -19.54 -8.06 16.02
CA PHE B 361 -19.46 -7.37 17.30
C PHE B 361 -20.84 -6.97 17.84
N ASP B 362 -21.65 -6.36 17.00
CA ASP B 362 -23.04 -6.02 17.33
C ASP B 362 -23.85 -7.31 17.56
N THR B 363 -23.54 -8.34 16.76
CA THR B 363 -24.19 -9.65 16.88
C THR B 363 -23.76 -10.36 18.18
N THR B 364 -22.45 -10.35 18.47
CA THR B 364 -21.89 -10.98 19.67
C THR B 364 -22.43 -10.37 20.97
N LEU B 365 -22.34 -9.05 21.08
CA LEU B 365 -22.83 -8.36 22.28
C LEU B 365 -24.34 -8.45 22.50
N LYS B 366 -25.12 -8.34 21.43
CA LYS B 366 -26.57 -8.53 21.49
C LYS B 366 -26.95 -9.91 22.01
N LEU B 367 -26.17 -10.93 21.60
CA LEU B 367 -26.32 -12.32 22.10
C LEU B 367 -25.92 -12.47 23.56
N THR B 368 -24.82 -11.79 23.94
CA THR B 368 -24.28 -11.80 25.30
C THR B 368 -25.23 -11.15 26.32
N ILE B 369 -25.70 -9.95 25.98
CA ILE B 369 -26.63 -9.22 26.87
C ILE B 369 -27.96 -9.97 27.06
N ASP B 370 -28.42 -10.65 26.01
CA ASP B 370 -29.63 -11.48 26.04
C ASP B 370 -29.50 -12.61 27.05
N SER B 371 -28.34 -13.26 27.02
CA SER B 371 -28.03 -14.37 27.93
C SER B 371 -27.79 -13.91 29.36
N LEU B 372 -27.13 -12.76 29.51
CA LEU B 372 -26.92 -12.11 30.81
C LEU B 372 -28.26 -11.75 31.46
N LYS B 373 -29.23 -11.37 30.64
CA LYS B 373 -30.57 -11.03 31.10
C LYS B 373 -31.44 -12.24 31.40
N MET B 374 -31.13 -13.39 30.78
CA MET B 374 -31.83 -14.66 31.06
C MET B 374 -31.47 -15.15 32.47
N ILE B 375 -30.22 -14.90 32.86
CA ILE B 375 -29.69 -15.25 34.19
C ILE B 375 -30.29 -14.34 35.26
N LYS B 376 -30.24 -13.02 35.03
CA LYS B 376 -30.85 -11.98 35.88
C LYS B 376 -32.35 -12.26 36.11
N SER B 377 -33.05 -12.69 35.06
CA SER B 377 -34.48 -12.98 35.12
C SER B 377 -34.76 -14.28 35.86
N SER B 378 -33.84 -15.24 35.72
CA SER B 378 -33.95 -16.53 36.41
C SER B 378 -33.71 -16.37 37.91
N LEU B 379 -32.74 -15.53 38.27
CA LEU B 379 -32.46 -15.17 39.67
C LEU B 379 -33.65 -14.47 40.29
N SER B 380 -34.26 -13.55 39.54
CA SER B 380 -35.49 -12.84 39.92
C SER B 380 -36.64 -13.78 40.26
N THR B 381 -36.77 -14.86 39.49
CA THR B 381 -37.80 -15.86 39.70
C THR B 381 -37.46 -16.73 40.91
N PHE B 382 -36.16 -16.99 41.11
CA PHE B 382 -35.66 -17.80 42.22
C PHE B 382 -35.91 -17.11 43.57
N LEU B 383 -35.54 -15.83 43.66
CA LEU B 383 -35.63 -15.05 44.91
C LEU B 383 -37.07 -14.83 45.34
N GLU B 384 -37.93 -14.60 44.36
CA GLU B 384 -39.35 -14.39 44.63
C GLU B 384 -40.07 -15.70 45.01
N ARG B 385 -39.62 -16.80 44.43
CA ARG B 385 -40.14 -18.13 44.79
C ARG B 385 -39.57 -18.58 46.13
N GLN B 386 -38.42 -18.05 46.51
CA GLN B 386 -37.83 -18.26 47.84
C GLN B 386 -38.60 -17.47 48.89
N ARG B 387 -38.91 -16.23 48.53
CA ARG B 387 -39.71 -15.35 49.35
C ARG B 387 -41.14 -15.85 49.58
N ARG B 388 -41.74 -16.46 48.56
CA ARG B 388 -43.11 -16.95 48.69
C ARG B 388 -43.19 -18.17 49.61
N GLN B 389 -42.08 -18.90 49.74
CA GLN B 389 -42.01 -20.07 50.62
C GLN B 389 -41.95 -19.66 52.10
N PHE B 390 -41.11 -18.67 52.42
CA PHE B 390 -41.07 -18.07 53.75
C PHE B 390 -41.36 -16.57 53.64
N PRO B 391 -42.65 -16.17 53.67
CA PRO B 391 -43.03 -14.77 53.38
C PRO B 391 -42.43 -13.66 54.28
N ARG B 392 -41.59 -14.02 55.24
CA ARG B 392 -40.75 -13.03 55.93
C ARG B 392 -39.70 -12.38 55.01
N PHE B 393 -39.14 -13.19 54.11
CA PHE B 393 -38.09 -12.80 53.14
C PHE B 393 -38.54 -11.62 52.29
N TYR B 394 -39.85 -11.44 52.18
CA TYR B 394 -40.41 -10.27 51.57
C TYR B 394 -39.96 -9.01 52.33
N PHE B 395 -39.92 -9.11 53.65
CA PHE B 395 -39.42 -8.00 54.47
C PHE B 395 -37.94 -7.70 54.21
N LEU B 396 -37.15 -8.76 54.07
CA LEU B 396 -35.69 -8.63 53.98
C LEU B 396 -35.06 -7.91 52.77
N GLY B 397 -35.48 -8.26 51.57
CA GLY B 397 -34.95 -7.67 50.33
C GLY B 397 -33.88 -8.51 49.70
N ASN B 398 -33.51 -8.20 48.46
CA ASN B 398 -32.59 -9.04 47.70
C ASN B 398 -31.21 -9.25 48.32
N ASP B 399 -30.56 -8.14 48.68
CA ASP B 399 -29.22 -8.17 49.25
C ASP B 399 -29.17 -9.06 50.48
N ASP B 400 -30.06 -8.78 51.42
CA ASP B 400 -30.05 -9.47 52.69
C ASP B 400 -30.44 -10.93 52.49
N LEU B 401 -31.37 -11.17 51.56
CA LEU B 401 -31.84 -12.51 51.24
C LEU B 401 -30.70 -13.39 50.75
N LEU B 402 -29.86 -12.83 49.86
CA LEU B 402 -28.76 -13.57 49.27
C LEU B 402 -27.78 -14.03 50.34
N LYS B 403 -27.52 -13.15 51.31
CA LYS B 403 -26.61 -13.46 52.40
C LYS B 403 -27.10 -14.64 53.25
N ILE B 404 -28.41 -14.72 53.44
CA ILE B 404 -29.07 -15.77 54.21
C ILE B 404 -28.97 -17.15 53.52
N ILE B 405 -29.23 -17.18 52.21
CA ILE B 405 -29.12 -18.42 51.41
C ILE B 405 -27.67 -18.85 51.29
N GLY B 406 -26.78 -17.86 51.15
CA GLY B 406 -25.34 -18.11 51.12
C GLY B 406 -24.79 -18.58 52.45
N SER B 407 -25.35 -18.03 53.54
CA SER B 407 -24.85 -18.28 54.89
C SER B 407 -25.52 -19.49 55.55
N GLY B 408 -26.31 -20.24 54.78
CA GLY B 408 -27.04 -21.40 55.29
C GLY B 408 -26.13 -22.43 55.94
N LYS B 409 -25.00 -22.71 55.29
CA LYS B 409 -24.02 -23.63 55.84
C LYS B 409 -23.71 -23.27 57.29
N HIS B 410 -23.49 -21.98 57.54
CA HIS B 410 -23.21 -21.45 58.88
C HIS B 410 -24.42 -21.49 59.83
N HIS B 411 -25.59 -21.11 59.32
CA HIS B 411 -26.84 -21.05 60.11
C HIS B 411 -26.84 -19.87 61.09
N ASP B 412 -25.85 -19.86 61.98
CA ASP B 412 -25.75 -18.86 63.05
C ASP B 412 -25.70 -17.39 62.56
N GLN B 413 -25.28 -17.19 61.33
CA GLN B 413 -25.10 -15.84 60.75
C GLN B 413 -26.42 -15.14 60.35
N VAL B 414 -27.50 -15.90 60.30
CA VAL B 414 -28.83 -15.37 59.95
C VAL B 414 -29.41 -14.49 61.07
N SER B 415 -28.97 -14.72 62.31
CA SER B 415 -29.49 -14.01 63.52
C SER B 415 -29.51 -12.48 63.40
N LYS B 416 -28.52 -11.92 62.71
CA LYS B 416 -28.42 -10.48 62.45
C LYS B 416 -29.63 -9.93 61.68
N PHE B 417 -30.01 -10.65 60.63
CA PHE B 417 -31.12 -10.28 59.74
C PHE B 417 -32.52 -10.51 60.31
N MET B 418 -32.63 -11.38 61.32
CA MET B 418 -33.92 -11.73 61.93
C MET B 418 -34.60 -10.52 62.55
N LYS B 419 -33.80 -9.69 63.23
CA LYS B 419 -34.26 -8.46 63.86
C LYS B 419 -35.12 -7.62 62.92
N LYS B 420 -34.85 -7.72 61.62
CA LYS B 420 -35.57 -6.99 60.57
C LYS B 420 -36.83 -7.71 60.09
N MET B 421 -36.70 -9.01 59.80
CA MET B 421 -37.84 -9.76 59.29
C MET B 421 -38.82 -10.24 60.37
N PHE B 422 -38.58 -9.82 61.61
CA PHE B 422 -39.51 -10.06 62.73
C PHE B 422 -39.94 -8.76 63.42
N GLY B 423 -38.96 -7.99 63.89
CA GLY B 423 -39.22 -6.73 64.57
C GLY B 423 -39.20 -6.86 66.08
N SER B 424 -39.62 -8.02 66.59
CA SER B 424 -39.65 -8.25 68.02
C SER B 424 -38.35 -8.89 68.53
N ILE B 425 -37.83 -9.89 67.81
CA ILE B 425 -36.58 -10.58 68.22
C ILE B 425 -35.31 -9.90 67.71
N GLU B 426 -34.17 -10.18 68.35
CA GLU B 426 -32.88 -9.66 67.91
C GLU B 426 -31.91 -10.72 67.35
N SER B 427 -31.76 -11.83 68.07
CA SER B 427 -30.86 -12.92 67.70
C SER B 427 -31.42 -14.28 68.12
N ILE B 428 -30.90 -15.34 67.51
CA ILE B 428 -31.36 -16.71 67.76
C ILE B 428 -30.32 -17.53 68.58
N ILE B 429 -30.80 -18.43 69.46
CA ILE B 429 -29.94 -19.26 70.33
C ILE B 429 -29.83 -20.73 69.86
N PHE B 430 -28.61 -21.25 69.77
CA PHE B 430 -28.32 -22.62 69.29
C PHE B 430 -27.63 -23.52 70.32
N LEU B 431 -27.66 -24.81 70.02
CA LEU B 431 -26.69 -25.78 70.51
C LEU B 431 -25.96 -26.25 69.26
N GLU B 432 -26.10 -25.45 68.21
CA GLU B 432 -25.64 -25.77 66.85
C GLU B 432 -26.54 -26.80 66.15
N ASP B 433 -26.60 -28.00 66.70
CA ASP B 433 -27.46 -29.09 66.18
C ASP B 433 -28.92 -28.69 66.35
N PHE B 434 -29.21 -28.11 67.50
CA PHE B 434 -30.58 -27.79 67.93
C PHE B 434 -30.71 -26.31 68.28
N ILE B 435 -31.88 -25.74 68.00
CA ILE B 435 -32.21 -24.37 68.37
C ILE B 435 -32.92 -24.40 69.72
N THR B 436 -32.25 -23.87 70.76
CA THR B 436 -32.80 -23.88 72.12
C THR B 436 -33.84 -22.77 72.36
N GLY B 437 -33.66 -21.65 71.68
CA GLY B 437 -34.60 -20.54 71.77
C GLY B 437 -34.22 -19.34 70.93
N VAL B 438 -34.83 -18.21 71.26
CA VAL B 438 -34.61 -16.92 70.61
C VAL B 438 -34.68 -15.81 71.66
N ARG B 439 -33.96 -14.71 71.44
CA ARG B 439 -34.10 -13.55 72.34
C ARG B 439 -34.55 -12.27 71.64
N SER B 440 -35.35 -11.47 72.35
CA SER B 440 -35.98 -10.29 71.79
C SER B 440 -35.07 -9.08 71.87
N VAL B 441 -35.38 -8.04 71.10
CA VAL B 441 -34.65 -6.77 71.09
C VAL B 441 -34.62 -6.11 72.47
N GLU B 442 -35.59 -6.49 73.31
CA GLU B 442 -35.72 -5.97 74.67
C GLU B 442 -34.82 -6.70 75.65
N GLY B 443 -34.43 -7.94 75.31
CA GLY B 443 -33.53 -8.77 76.14
C GLY B 443 -34.14 -10.09 76.58
N GLU B 444 -35.46 -10.16 76.54
CA GLU B 444 -36.24 -11.32 77.00
C GLU B 444 -35.96 -12.59 76.19
N VAL B 445 -35.65 -13.68 76.91
CA VAL B 445 -35.33 -14.97 76.30
C VAL B 445 -36.53 -15.92 76.24
N LEU B 446 -36.94 -16.24 75.01
CA LEU B 446 -38.00 -17.20 74.74
C LEU B 446 -37.37 -18.55 74.38
N ASN B 447 -37.76 -19.61 75.09
CA ASN B 447 -37.28 -20.96 74.81
C ASN B 447 -38.40 -21.81 74.25
N LEU B 448 -38.13 -22.53 73.16
CA LEU B 448 -39.17 -23.32 72.47
C LEU B 448 -39.53 -24.62 73.21
N ASN B 449 -40.66 -25.22 72.86
CA ASN B 449 -41.04 -26.53 73.39
C ASN B 449 -40.18 -27.62 72.76
N GLU B 450 -40.30 -27.72 71.44
CA GLU B 450 -39.52 -28.63 70.62
C GLU B 450 -38.32 -27.86 70.04
N LYS B 451 -37.10 -28.28 70.40
CA LYS B 451 -35.89 -27.66 69.83
C LYS B 451 -35.66 -28.18 68.40
N ILE B 452 -35.61 -27.27 67.43
CA ILE B 452 -35.58 -27.66 66.01
C ILE B 452 -34.20 -28.18 65.57
N GLU B 453 -34.18 -29.42 65.09
CA GLU B 453 -32.96 -30.10 64.64
C GLU B 453 -32.46 -29.52 63.31
N LEU B 454 -31.14 -29.46 63.16
CA LEU B 454 -30.48 -28.91 61.97
C LEU B 454 -29.38 -29.82 61.41
N LYS B 455 -29.32 -29.92 60.09
CA LYS B 455 -28.23 -30.63 59.40
C LYS B 455 -27.82 -29.88 58.14
N ASP B 456 -26.69 -30.30 57.55
CA ASP B 456 -26.16 -29.69 56.31
C ASP B 456 -27.18 -29.51 55.18
N SER B 457 -27.84 -30.61 54.76
CA SER B 457 -28.93 -30.56 53.77
C SER B 457 -30.29 -30.18 54.37
N ILE B 458 -30.37 -28.95 54.87
CA ILE B 458 -31.62 -28.29 55.26
C ILE B 458 -31.49 -26.86 54.73
N GLN B 459 -32.57 -26.30 54.20
CA GLN B 459 -32.51 -24.93 53.68
C GLN B 459 -32.91 -23.91 54.74
N ALA B 460 -32.41 -22.68 54.59
CA ALA B 460 -32.80 -21.60 55.50
C ALA B 460 -34.31 -21.45 55.51
N GLN B 461 -34.90 -21.44 54.31
CA GLN B 461 -36.33 -21.25 54.17
C GLN B 461 -37.08 -22.33 54.94
N GLU B 462 -36.59 -23.56 54.86
CA GLU B 462 -37.21 -24.70 55.55
C GLU B 462 -37.09 -24.63 57.07
N TRP B 463 -35.90 -24.32 57.59
CA TRP B 463 -35.71 -24.32 59.05
C TRP B 463 -36.38 -23.13 59.76
N LEU B 464 -36.32 -21.96 59.12
CA LEU B 464 -36.90 -20.71 59.65
C LEU B 464 -38.42 -20.73 59.67
N ASN B 465 -39.00 -21.42 58.69
CA ASN B 465 -40.45 -21.55 58.57
C ASN B 465 -41.04 -22.35 59.73
N ILE B 466 -40.29 -23.37 60.17
CA ILE B 466 -40.63 -24.21 61.34
C ILE B 466 -40.57 -23.35 62.62
N LEU B 467 -39.55 -22.49 62.68
CA LEU B 467 -39.29 -21.61 63.81
C LEU B 467 -40.43 -20.63 64.05
N ASP B 468 -40.87 -19.96 62.99
CA ASP B 468 -42.02 -19.03 63.04
C ASP B 468 -43.28 -19.72 63.55
N THR B 469 -43.48 -20.96 63.14
CA THR B 469 -44.63 -21.76 63.62
C THR B 469 -44.46 -22.07 65.10
N GLU B 470 -43.33 -22.67 65.48
CA GLU B 470 -43.02 -23.05 66.86
C GLU B 470 -42.92 -21.86 67.82
N ILE B 471 -42.46 -20.71 67.31
CA ILE B 471 -42.34 -19.50 68.14
C ILE B 471 -43.70 -18.96 68.60
N LYS B 472 -44.71 -19.15 67.76
CA LYS B 472 -46.09 -18.79 68.09
C LYS B 472 -46.74 -19.86 68.98
N LEU B 473 -46.41 -21.13 68.70
CA LEU B 473 -46.85 -22.27 69.52
C LEU B 473 -46.23 -22.20 70.92
N SER B 474 -44.98 -21.76 70.98
CA SER B 474 -44.24 -21.57 72.24
C SER B 474 -44.89 -20.50 73.13
N VAL B 475 -45.44 -19.47 72.48
CA VAL B 475 -46.20 -18.41 73.16
C VAL B 475 -47.51 -18.94 73.77
N PHE B 476 -48.22 -19.81 73.02
CA PHE B 476 -49.45 -20.44 73.53
C PHE B 476 -49.16 -21.34 74.72
N THR B 477 -48.09 -22.13 74.60
CA THR B 477 -47.67 -23.02 75.66
C THR B 477 -47.44 -22.18 76.92
N GLN B 478 -46.52 -21.22 76.84
CA GLN B 478 -46.26 -20.31 77.95
C GLN B 478 -47.47 -19.51 78.45
N PHE B 479 -48.47 -19.36 77.58
CA PHE B 479 -49.72 -18.73 77.99
C PHE B 479 -50.59 -19.70 78.79
N ARG B 480 -50.93 -20.86 78.21
CA ARG B 480 -51.79 -21.84 78.91
C ARG B 480 -51.19 -22.33 80.24
N ASP B 481 -49.89 -22.61 80.21
CA ASP B 481 -49.10 -23.01 81.39
C ASP B 481 -49.27 -22.00 82.50
N CYS B 482 -49.10 -20.73 82.14
CA CYS B 482 -49.26 -19.63 83.08
C CYS B 482 -50.71 -19.42 83.50
N LEU B 483 -51.62 -19.31 82.53
CA LEU B 483 -53.05 -19.07 82.82
C LEU B 483 -53.58 -20.04 83.89
N GLY B 484 -53.35 -21.34 83.66
CA GLY B 484 -53.75 -22.38 84.60
C GLY B 484 -53.15 -22.22 85.99
N GLN B 485 -51.91 -21.76 86.06
CA GLN B 485 -51.21 -21.55 87.34
C GLN B 485 -51.85 -20.48 88.22
N ILE B 486 -52.14 -19.32 87.62
CA ILE B 486 -52.78 -18.21 88.35
C ILE B 486 -54.20 -18.60 88.78
N LYS B 487 -54.87 -19.38 87.94
CA LYS B 487 -56.21 -19.87 88.27
C LYS B 487 -56.15 -20.63 89.58
N ASP B 488 -55.09 -21.41 89.75
CA ASP B 488 -54.81 -22.08 91.01
C ASP B 488 -53.96 -21.20 91.93
N GLY B 489 -54.50 -20.03 92.25
CA GLY B 489 -53.97 -19.13 93.27
C GLY B 489 -52.48 -19.06 93.53
N THR B 490 -51.70 -18.89 92.47
CA THR B 490 -50.24 -18.70 92.62
C THR B 490 -49.88 -17.20 92.60
N ASP B 491 -48.93 -16.79 93.45
CA ASP B 491 -48.54 -15.37 93.56
C ASP B 491 -47.99 -14.87 92.24
N ILE B 492 -48.43 -13.70 91.79
CA ILE B 492 -48.00 -13.17 90.49
C ILE B 492 -46.48 -12.92 90.41
N GLU B 493 -45.87 -12.62 91.55
CA GLU B 493 -44.41 -12.39 91.65
C GLU B 493 -43.61 -13.65 91.38
N VAL B 494 -44.25 -14.79 91.63
CA VAL B 494 -43.69 -16.11 91.33
C VAL B 494 -43.68 -16.33 89.81
N VAL B 495 -44.83 -16.08 89.17
CA VAL B 495 -45.05 -16.27 87.73
C VAL B 495 -44.06 -15.46 86.86
N VAL B 496 -43.91 -14.18 87.22
CA VAL B 496 -43.01 -13.22 86.56
C VAL B 496 -41.63 -13.84 86.27
N SER B 497 -41.00 -14.43 87.30
CA SER B 497 -39.66 -15.03 87.19
C SER B 497 -39.52 -16.19 86.21
N LYS B 498 -40.63 -16.81 85.80
CA LYS B 498 -40.56 -18.00 84.95
C LYS B 498 -41.27 -17.92 83.59
N TYR B 499 -42.17 -16.95 83.43
CA TYR B 499 -42.92 -16.79 82.19
C TYR B 499 -42.66 -15.47 81.47
N ILE B 500 -42.55 -15.54 80.15
CA ILE B 500 -42.34 -14.36 79.29
C ILE B 500 -43.51 -13.38 79.42
N PHE B 501 -43.21 -12.08 79.32
CA PHE B 501 -44.22 -11.03 79.53
C PHE B 501 -45.47 -11.19 78.68
N GLN B 502 -45.28 -11.44 77.37
CA GLN B 502 -46.38 -11.57 76.43
C GLN B 502 -47.42 -12.56 76.95
N ALA B 503 -46.92 -13.66 77.51
CA ALA B 503 -47.74 -14.74 78.06
C ALA B 503 -48.46 -14.34 79.36
N ILE B 504 -47.70 -13.84 80.34
CA ILE B 504 -48.26 -13.40 81.64
C ILE B 504 -49.28 -12.27 81.48
N LEU B 505 -49.02 -11.38 80.53
CA LEU B 505 -49.94 -10.27 80.23
C LEU B 505 -51.33 -10.80 79.84
N LEU B 506 -51.33 -11.71 78.86
CA LEU B 506 -52.55 -12.29 78.31
C LEU B 506 -53.32 -13.15 79.33
N SER B 507 -52.58 -13.89 80.15
CA SER B 507 -53.12 -14.72 81.23
C SER B 507 -53.79 -13.90 82.34
N ALA B 508 -53.20 -12.75 82.67
CA ALA B 508 -53.79 -11.80 83.63
C ALA B 508 -55.10 -11.24 83.08
N GLN B 509 -55.07 -10.77 81.83
CA GLN B 509 -56.24 -10.23 81.12
C GLN B 509 -57.45 -11.19 81.03
N VAL B 510 -57.16 -12.47 80.79
CA VAL B 510 -58.21 -13.51 80.67
C VAL B 510 -58.76 -13.88 82.05
N MET B 511 -57.88 -13.95 83.04
CA MET B 511 -58.30 -14.23 84.41
C MET B 511 -58.99 -13.01 85.04
N TRP B 512 -58.46 -11.82 84.77
CA TRP B 512 -59.08 -10.57 85.24
C TRP B 512 -60.50 -10.53 84.71
N THR B 513 -60.64 -10.66 83.39
CA THR B 513 -61.96 -10.60 82.77
C THR B 513 -62.93 -11.61 83.41
N GLU B 514 -62.49 -12.86 83.58
CA GLU B 514 -63.30 -13.89 84.20
C GLU B 514 -63.67 -13.62 85.67
N LEU B 515 -62.73 -13.08 86.45
CA LEU B 515 -62.97 -12.71 87.85
C LEU B 515 -63.84 -11.46 88.01
N VAL B 516 -63.85 -10.60 86.99
CA VAL B 516 -64.71 -9.42 87.03
C VAL B 516 -66.09 -9.69 86.41
N GLU B 517 -66.14 -10.54 85.39
CA GLU B 517 -67.39 -10.95 84.75
C GLU B 517 -68.38 -11.55 85.77
N LYS B 518 -67.87 -12.40 86.67
CA LYS B 518 -68.65 -12.97 87.78
C LYS B 518 -68.99 -11.92 88.85
N CYS B 519 -68.09 -10.96 89.01
CA CYS B 519 -68.24 -9.91 90.00
C CYS B 519 -69.36 -8.92 89.63
N LEU B 520 -69.67 -8.84 88.33
CA LEU B 520 -70.77 -8.02 87.85
C LEU B 520 -72.12 -8.55 88.30
N GLN B 521 -72.23 -9.88 88.38
CA GLN B 521 -73.44 -10.56 88.83
C GLN B 521 -73.59 -10.42 90.34
N THR B 522 -72.58 -10.84 91.09
CA THR B 522 -72.55 -10.79 92.56
C THR B 522 -72.54 -9.39 93.19
N ASN B 523 -71.86 -8.43 92.53
CA ASN B 523 -71.58 -7.08 93.05
C ASN B 523 -70.65 -7.07 94.29
N GLN B 524 -69.67 -7.97 94.25
CA GLN B 524 -68.66 -8.15 95.31
C GLN B 524 -67.35 -7.40 95.01
N PHE B 525 -67.51 -6.26 94.33
CA PHE B 525 -66.39 -5.47 93.80
C PHE B 525 -65.31 -5.11 94.82
N SER B 526 -65.75 -4.74 96.03
CA SER B 526 -64.87 -4.40 97.14
C SER B 526 -63.85 -5.50 97.44
N LYS B 527 -64.32 -6.74 97.43
CA LYS B 527 -63.53 -7.92 97.79
C LYS B 527 -62.43 -8.21 96.76
N TYR B 528 -62.74 -7.92 95.49
CA TYR B 528 -61.79 -8.10 94.38
C TYR B 528 -60.84 -6.90 94.19
N TRP B 529 -61.31 -5.70 94.57
CA TRP B 529 -60.52 -4.45 94.45
C TRP B 529 -59.24 -4.44 95.30
N LYS B 530 -59.38 -4.64 96.61
CA LYS B 530 -58.26 -4.66 97.54
C LYS B 530 -57.28 -5.78 97.19
N GLU B 531 -57.87 -6.95 96.92
CA GLU B 531 -57.21 -8.09 96.30
C GLU B 531 -56.29 -7.68 95.13
N VAL B 532 -56.80 -6.88 94.20
CA VAL B 532 -56.03 -6.39 93.05
C VAL B 532 -54.99 -5.34 93.48
N ASP B 533 -55.41 -4.45 94.36
CA ASP B 533 -54.58 -3.39 94.96
C ASP B 533 -53.32 -3.96 95.65
N MET B 534 -53.46 -5.14 96.23
CA MET B 534 -52.36 -5.79 96.91
C MET B 534 -51.35 -6.39 95.92
N LYS B 535 -51.84 -6.93 94.81
CA LYS B 535 -51.02 -7.41 93.69
C LYS B 535 -50.15 -6.27 93.12
N ILE B 536 -50.76 -5.09 93.08
CA ILE B 536 -50.12 -3.87 92.59
C ILE B 536 -48.93 -3.50 93.50
N LYS B 537 -49.20 -3.35 94.79
CA LYS B 537 -48.18 -3.03 95.78
C LYS B 537 -47.07 -4.07 95.80
N GLY B 538 -47.49 -5.33 95.77
CA GLY B 538 -46.58 -6.47 95.73
C GLY B 538 -45.60 -6.44 94.56
N LEU B 539 -46.10 -6.05 93.38
CA LEU B 539 -45.26 -5.91 92.19
C LEU B 539 -44.30 -4.71 92.27
N LEU B 540 -44.76 -3.63 92.89
CA LEU B 540 -43.97 -2.38 93.00
C LEU B 540 -42.71 -2.53 93.86
N ASP B 541 -42.88 -3.08 95.06
CA ASP B 541 -41.75 -3.30 95.96
C ASP B 541 -40.75 -4.34 95.42
N LYS B 542 -41.26 -5.37 94.72
CA LYS B 542 -40.42 -6.40 94.09
C LYS B 542 -39.54 -5.86 92.96
N LEU B 543 -39.96 -4.74 92.38
CA LEU B 543 -39.21 -4.06 91.32
C LEU B 543 -37.86 -3.48 91.79
N ASN B 544 -37.85 -2.98 93.03
CA ASN B 544 -36.64 -2.46 93.69
C ASN B 544 -35.49 -3.45 93.88
N LYS B 545 -35.87 -4.71 94.10
CA LYS B 545 -34.97 -5.83 94.34
C LYS B 545 -34.82 -6.67 93.03
N SER B 546 -35.16 -6.08 91.89
CA SER B 546 -35.22 -6.84 90.62
C SER B 546 -34.07 -6.58 89.66
N SER B 547 -33.71 -7.62 88.92
CA SER B 547 -32.68 -7.56 87.89
C SER B 547 -33.19 -6.79 86.67
N ASP B 548 -32.35 -5.93 86.10
CA ASP B 548 -32.76 -5.03 85.01
C ASP B 548 -33.71 -5.67 83.99
N ASN B 549 -33.41 -6.90 83.56
CA ASN B 549 -34.23 -7.62 82.57
C ASN B 549 -35.69 -7.72 83.03
N VAL B 550 -35.87 -8.38 84.18
CA VAL B 550 -37.18 -8.62 84.76
C VAL B 550 -37.80 -7.31 85.27
N LYS B 551 -36.95 -6.30 85.44
CA LYS B 551 -37.33 -4.92 85.80
C LYS B 551 -38.25 -4.29 84.75
N LYS B 552 -37.96 -4.56 83.47
CA LYS B 552 -38.81 -4.10 82.36
C LYS B 552 -40.17 -4.79 82.37
N LYS B 553 -40.14 -6.09 82.65
CA LYS B 553 -41.31 -6.96 82.66
C LYS B 553 -42.35 -6.55 83.71
N ILE B 554 -41.88 -6.27 84.92
CA ILE B 554 -42.70 -5.80 86.06
C ILE B 554 -43.35 -4.45 85.76
N GLU B 555 -42.52 -3.53 85.24
CA GLU B 555 -42.97 -2.19 84.90
C GLU B 555 -44.07 -2.20 83.85
N ALA B 556 -43.89 -3.04 82.83
CA ALA B 556 -44.84 -3.24 81.74
C ALA B 556 -46.16 -3.86 82.23
N LEU B 557 -46.03 -4.76 83.23
CA LEU B 557 -47.17 -5.39 83.88
C LEU B 557 -47.87 -4.44 84.84
N LEU B 558 -47.13 -3.48 85.37
CA LEU B 558 -47.69 -2.49 86.29
C LEU B 558 -48.69 -1.59 85.57
N VAL B 559 -48.33 -1.19 84.35
CA VAL B 559 -49.18 -0.41 83.44
C VAL B 559 -50.59 -1.00 83.38
N GLU B 560 -50.66 -2.33 83.21
CA GLU B 560 -51.91 -3.08 83.05
C GLU B 560 -52.70 -3.32 84.34
N TYR B 561 -52.00 -3.73 85.40
CA TYR B 561 -52.65 -3.98 86.69
C TYR B 561 -53.27 -2.72 87.29
N LEU B 562 -52.69 -1.57 86.99
CA LEU B 562 -53.22 -0.29 87.45
C LEU B 562 -54.53 0.04 86.73
N HIS B 563 -54.58 -0.35 85.46
CA HIS B 563 -55.76 -0.21 84.62
C HIS B 563 -56.87 -1.13 85.14
N PHE B 564 -56.50 -2.39 85.45
CA PHE B 564 -57.41 -3.41 86.06
C PHE B 564 -58.12 -2.79 87.26
N ASN B 565 -57.36 -2.34 88.25
CA ASN B 565 -57.93 -1.77 89.47
C ASN B 565 -58.77 -0.52 89.23
N ASN B 566 -58.24 0.41 88.43
CA ASN B 566 -58.99 1.59 88.04
C ASN B 566 -60.43 1.32 87.52
N VAL B 567 -60.53 0.33 86.62
CA VAL B 567 -61.82 -0.04 85.99
C VAL B 567 -62.76 -0.67 87.02
N ILE B 568 -62.24 -1.56 87.88
CA ILE B 568 -63.00 -2.18 88.98
C ILE B 568 -63.52 -1.11 89.97
N GLY B 569 -62.66 -0.15 90.32
CA GLY B 569 -63.05 0.97 91.19
C GLY B 569 -64.20 1.76 90.58
N GLN B 570 -64.05 2.06 89.29
CA GLN B 570 -65.10 2.73 88.53
C GLN B 570 -66.40 1.93 88.52
N LEU B 571 -66.26 0.61 88.39
CA LEU B 571 -67.40 -0.32 88.43
C LEU B 571 -68.09 -0.40 89.80
N LYS B 572 -67.31 -0.36 90.88
CA LYS B 572 -67.88 -0.39 92.24
C LYS B 572 -68.78 0.82 92.48
N ASN B 573 -68.39 1.94 91.88
CA ASN B 573 -69.07 3.21 92.06
C ASN B 573 -70.43 3.36 91.40
N CYS B 574 -70.65 2.64 90.29
CA CYS B 574 -71.80 2.86 89.38
C CYS B 574 -73.18 2.83 90.02
N SER B 575 -74.03 3.77 89.61
CA SER B 575 -75.36 3.98 90.19
C SER B 575 -76.28 2.76 90.05
N THR B 576 -76.26 2.16 88.86
CA THR B 576 -77.14 1.05 88.51
C THR B 576 -76.32 -0.07 87.84
N LYS B 577 -77.00 -1.18 87.52
CA LYS B 577 -76.38 -2.30 86.79
C LYS B 577 -76.20 -1.94 85.31
N GLU B 578 -77.07 -1.05 84.81
CA GLU B 578 -77.01 -0.53 83.44
C GLU B 578 -75.76 0.33 83.23
N GLU B 579 -75.41 1.10 84.26
CA GLU B 579 -74.20 1.93 84.26
C GLU B 579 -72.93 1.08 84.27
N ALA B 580 -73.00 -0.07 84.95
CA ALA B 580 -71.93 -1.03 85.00
C ALA B 580 -71.81 -1.80 83.68
N ARG B 581 -72.97 -2.10 83.08
CA ARG B 581 -73.01 -2.78 81.80
C ARG B 581 -72.58 -1.91 80.61
N LEU B 582 -72.74 -0.58 80.72
CA LEU B 582 -72.24 0.40 79.73
C LEU B 582 -70.71 0.47 79.75
N LEU B 583 -70.18 0.66 80.97
CA LEU B 583 -68.75 0.74 81.27
C LEU B 583 -67.98 -0.49 80.77
N TRP B 584 -68.54 -1.67 81.02
CA TRP B 584 -67.92 -2.94 80.67
C TRP B 584 -67.88 -3.22 79.16
N ALA B 585 -68.92 -2.80 78.44
CA ALA B 585 -68.99 -2.92 76.97
C ALA B 585 -67.90 -2.12 76.25
N LYS B 586 -67.53 -0.98 76.85
CA LYS B 586 -66.48 -0.12 76.33
C LYS B 586 -65.08 -0.73 76.46
N VAL B 587 -64.91 -1.57 77.48
CA VAL B 587 -63.61 -2.14 77.82
C VAL B 587 -63.25 -3.28 76.86
N GLN B 588 -61.95 -3.49 76.70
CA GLN B 588 -61.41 -4.65 76.01
C GLN B 588 -61.45 -5.86 76.94
N LYS B 589 -62.33 -6.81 76.61
CA LYS B 589 -62.55 -8.00 77.41
C LYS B 589 -61.94 -9.20 76.67
N PHE B 590 -61.00 -9.89 77.33
CA PHE B 590 -60.19 -10.96 76.73
C PHE B 590 -60.71 -12.34 77.09
N TYR B 591 -61.47 -12.96 76.19
CA TYR B 591 -62.01 -14.29 76.46
C TYR B 591 -61.21 -15.39 75.77
N GLN B 592 -61.37 -16.60 76.28
CA GLN B 592 -60.74 -17.79 75.74
C GLN B 592 -61.81 -18.86 75.55
N LYS B 593 -61.73 -19.58 74.43
CA LYS B 593 -62.64 -20.68 74.16
C LYS B 593 -62.12 -21.97 74.78
N ASN B 594 -62.84 -22.42 75.81
CA ASN B 594 -62.76 -23.78 76.32
C ASN B 594 -63.79 -24.59 75.55
N ASP B 595 -63.57 -24.67 74.24
CA ASP B 595 -64.44 -25.43 73.36
C ASP B 595 -63.72 -26.05 72.16
N THR B 596 -62.61 -25.46 71.73
CA THR B 596 -62.10 -25.74 70.38
C THR B 596 -60.58 -25.83 70.30
N LEU B 597 -60.08 -26.55 69.29
CA LEU B 597 -58.63 -26.64 68.97
C LEU B 597 -58.16 -25.71 67.84
N ASP B 598 -56.92 -25.92 67.38
CA ASP B 598 -56.19 -24.92 66.57
C ASP B 598 -55.87 -23.71 67.44
N ASP B 599 -55.23 -24.03 68.56
CA ASP B 599 -55.20 -23.17 69.71
C ASP B 599 -54.79 -21.76 69.30
N LEU B 600 -53.87 -21.65 68.36
CA LEU B 600 -53.49 -20.32 67.91
C LEU B 600 -54.68 -19.44 67.51
N ASN B 601 -55.86 -20.08 67.44
CA ASN B 601 -57.11 -19.36 67.17
C ASN B 601 -58.03 -19.34 68.40
N SER B 602 -57.54 -19.89 69.51
CA SER B 602 -58.38 -20.13 70.69
C SER B 602 -58.76 -18.91 71.53
N VAL B 603 -57.89 -17.90 71.58
CA VAL B 603 -58.18 -16.66 72.35
C VAL B 603 -58.79 -15.60 71.43
N PHE B 604 -59.88 -14.98 71.92
CA PHE B 604 -60.56 -13.87 71.23
C PHE B 604 -60.80 -12.67 72.17
N ILE B 605 -61.01 -11.49 71.60
CA ILE B 605 -61.19 -10.27 72.40
C ILE B 605 -62.49 -9.53 72.04
N SER B 606 -63.29 -9.21 73.06
CA SER B 606 -64.56 -8.50 72.87
C SER B 606 -64.49 -7.06 73.33
N GLN B 607 -65.07 -6.18 72.51
CA GLN B 607 -65.18 -4.74 72.79
C GLN B 607 -66.33 -4.17 71.93
N SER B 608 -67.21 -3.41 72.57
CA SER B 608 -68.34 -2.74 71.90
C SER B 608 -69.27 -3.72 71.16
N GLY B 609 -69.25 -4.96 71.62
CA GLY B 609 -70.05 -6.05 71.05
C GLY B 609 -69.30 -6.84 70.00
N TYR B 610 -68.12 -6.34 69.62
CA TYR B 610 -67.34 -6.89 68.52
C TYR B 610 -66.21 -7.78 69.02
N LEU B 611 -65.96 -8.87 68.29
CA LEU B 611 -64.93 -9.83 68.67
C LEU B 611 -63.71 -9.83 67.74
N LEU B 612 -62.53 -10.05 68.33
CA LEU B 612 -61.26 -10.06 67.60
C LEU B 612 -60.32 -11.16 68.09
N GLN B 613 -60.15 -12.16 67.24
CA GLN B 613 -59.26 -13.29 67.49
C GLN B 613 -57.81 -12.86 67.70
N TYR B 614 -57.30 -13.16 68.88
CA TYR B 614 -55.90 -12.95 69.25
C TYR B 614 -55.03 -13.88 68.40
N LYS B 615 -54.14 -13.29 67.60
CA LYS B 615 -53.12 -14.09 66.91
C LYS B 615 -51.92 -14.21 67.83
N PHE B 616 -51.10 -15.24 67.63
CA PHE B 616 -50.08 -15.59 68.64
C PHE B 616 -48.73 -14.90 68.56
N GLU B 617 -48.61 -13.99 67.60
CA GLU B 617 -47.32 -13.39 67.21
C GLU B 617 -46.54 -12.78 68.40
N TYR B 618 -45.24 -13.06 68.47
CA TYR B 618 -44.45 -12.60 69.61
C TYR B 618 -44.32 -11.09 69.59
N ILE B 619 -44.49 -10.47 70.76
CA ILE B 619 -44.37 -9.00 70.91
C ILE B 619 -43.15 -8.60 71.73
N GLY B 620 -42.59 -9.57 72.45
CA GLY B 620 -41.50 -9.31 73.37
C GLY B 620 -42.01 -8.57 74.60
N ILE B 621 -41.18 -7.70 75.14
CA ILE B 621 -41.60 -6.85 76.27
C ILE B 621 -41.44 -5.36 75.93
N PRO B 622 -42.38 -4.80 75.15
CA PRO B 622 -42.33 -3.35 74.79
C PRO B 622 -42.84 -2.39 75.87
N GLU B 623 -42.41 -1.13 75.79
CA GLU B 623 -42.89 -0.08 76.69
C GLU B 623 -44.39 0.12 76.51
N ARG B 624 -45.14 -0.17 77.57
CA ARG B 624 -46.61 -0.13 77.51
C ARG B 624 -47.18 1.25 77.78
N LEU B 625 -48.10 1.63 76.90
CA LEU B 625 -48.81 2.91 76.95
C LEU B 625 -49.73 2.97 78.16
N ILE B 626 -49.67 4.04 78.96
CA ILE B 626 -50.52 4.16 80.15
C ILE B 626 -52.01 4.36 79.79
N TYR B 627 -52.90 3.54 80.38
CA TYR B 627 -54.33 3.53 80.02
C TYR B 627 -55.07 4.81 80.43
N THR B 628 -55.79 5.41 79.48
CA THR B 628 -56.66 6.55 79.73
C THR B 628 -58.05 6.21 79.17
N PRO B 629 -59.10 6.96 79.58
CA PRO B 629 -60.42 6.67 78.98
C PRO B 629 -60.33 6.89 77.45
N LEU B 630 -59.66 7.99 77.12
CA LEU B 630 -59.33 8.34 75.75
C LEU B 630 -58.61 7.22 75.01
N LEU B 631 -57.69 6.54 75.69
CA LEU B 631 -56.95 5.41 75.10
C LEU B 631 -57.90 4.29 74.68
N LEU B 632 -58.77 3.89 75.60
CA LEU B 632 -59.75 2.84 75.37
C LEU B 632 -60.66 3.15 74.19
N ILE B 633 -61.03 4.42 74.08
CA ILE B 633 -61.83 4.96 72.97
C ILE B 633 -61.13 4.66 71.63
N GLY B 634 -59.81 4.82 71.62
CA GLY B 634 -59.01 4.64 70.42
C GLY B 634 -59.00 3.19 69.98
N PHE B 635 -58.79 2.33 70.97
CA PHE B 635 -58.89 0.87 70.84
C PHE B 635 -60.30 0.48 70.35
N ALA B 636 -61.31 1.19 70.85
CA ALA B 636 -62.71 1.01 70.46
C ALA B 636 -63.00 1.33 68.99
N THR B 637 -62.40 2.41 68.48
CA THR B 637 -62.60 2.81 67.08
C THR B 637 -61.85 1.86 66.19
N LEU B 638 -60.65 1.45 66.63
CA LEU B 638 -59.85 0.52 65.83
C LEU B 638 -60.59 -0.80 65.60
N THR B 639 -61.30 -1.27 66.64
CA THR B 639 -62.09 -2.49 66.53
C THR B 639 -63.35 -2.26 65.67
N ASP B 640 -63.99 -1.10 65.82
CA ASP B 640 -65.20 -0.74 65.04
C ASP B 640 -64.91 -0.69 63.51
N SER B 641 -63.72 -0.21 63.12
CA SER B 641 -63.28 -0.21 61.70
C SER B 641 -63.05 -1.64 61.20
N LEU B 642 -62.15 -2.34 61.88
CA LEU B 642 -61.78 -3.72 61.55
C LEU B 642 -62.97 -4.68 61.41
N HIS B 643 -63.94 -4.55 62.31
CA HIS B 643 -65.15 -5.40 62.33
C HIS B 643 -65.87 -5.43 60.97
N GLN B 644 -65.88 -4.30 60.28
CA GLN B 644 -66.59 -4.15 59.00
C GLN B 644 -65.64 -4.27 57.79
N LYS B 645 -64.44 -4.81 58.03
CA LYS B 645 -63.32 -4.89 57.07
C LYS B 645 -62.90 -3.55 56.46
N TYR B 646 -62.86 -2.55 57.35
CA TYR B 646 -62.41 -1.20 57.06
C TYR B 646 -61.05 -0.98 57.69
N GLY B 647 -60.27 -0.10 57.06
CA GLY B 647 -58.99 0.30 57.63
C GLY B 647 -59.13 1.34 58.73
N GLY B 648 -58.28 1.23 59.75
CA GLY B 648 -58.26 2.17 60.85
C GLY B 648 -57.45 3.39 60.47
N CYS B 649 -57.93 4.56 60.85
CA CYS B 649 -57.22 5.81 60.56
C CYS B 649 -57.43 6.90 61.62
N PHE B 650 -56.39 7.26 62.38
CA PHE B 650 -56.50 8.57 63.04
C PHE B 650 -55.61 9.74 62.61
N PHE B 651 -56.29 10.81 62.21
CA PHE B 651 -55.69 12.12 62.02
C PHE B 651 -55.59 12.84 63.38
N GLY B 652 -54.62 13.75 63.49
CA GLY B 652 -54.40 14.49 64.74
C GLY B 652 -53.03 15.16 64.80
N PRO B 653 -52.87 16.12 65.75
CA PRO B 653 -51.63 16.88 65.87
C PRO B 653 -50.45 15.97 66.23
N ALA B 654 -49.24 16.36 65.84
CA ALA B 654 -48.07 15.61 66.33
C ALA B 654 -47.97 15.71 67.86
N GLY B 655 -47.58 14.62 68.51
CA GLY B 655 -47.48 14.58 69.98
C GLY B 655 -48.59 13.79 70.63
N THR B 656 -49.56 13.38 69.81
CA THR B 656 -50.76 12.69 70.29
C THR B 656 -50.64 11.16 70.29
N GLY B 657 -49.46 10.65 69.92
CA GLY B 657 -49.15 9.21 69.99
C GLY B 657 -50.02 8.28 69.16
N LYS B 658 -50.38 8.73 67.95
CA LYS B 658 -51.27 7.99 67.03
C LYS B 658 -50.69 6.65 66.56
N THR B 659 -49.41 6.64 66.26
CA THR B 659 -48.80 5.40 65.86
C THR B 659 -48.64 4.47 67.06
N GLU B 660 -48.23 5.02 68.21
CA GLU B 660 -48.11 4.31 69.50
C GLU B 660 -49.37 3.52 69.87
N THR B 661 -50.51 4.18 69.67
CA THR B 661 -51.83 3.60 69.82
C THR B 661 -52.04 2.38 68.91
N VAL B 662 -51.84 2.54 67.61
CA VAL B 662 -51.88 1.43 66.66
C VAL B 662 -50.89 0.29 67.03
N LYS B 663 -49.70 0.65 67.51
CA LYS B 663 -48.74 -0.32 68.02
C LYS B 663 -49.29 -1.05 69.26
N ALA B 664 -49.80 -0.30 70.25
CA ALA B 664 -50.35 -0.87 71.51
C ALA B 664 -51.57 -1.77 71.29
N PHE B 665 -52.52 -1.29 70.47
CA PHE B 665 -53.70 -2.07 70.04
C PHE B 665 -53.33 -3.40 69.33
N GLY B 666 -52.23 -3.40 68.58
CA GLY B 666 -51.71 -4.61 67.95
C GLY B 666 -51.22 -5.60 68.98
N GLN B 667 -50.32 -5.14 69.85
CA GLN B 667 -49.73 -5.93 70.94
C GLN B 667 -50.79 -6.59 71.83
N ASN B 668 -51.79 -5.78 72.21
CA ASN B 668 -52.94 -6.23 72.99
C ASN B 668 -53.69 -7.40 72.33
N LEU B 669 -53.49 -7.55 71.01
CA LEU B 669 -54.10 -8.62 70.21
C LEU B 669 -53.05 -9.60 69.68
N GLY B 670 -51.82 -9.48 70.20
CA GLY B 670 -50.73 -10.37 69.82
C GLY B 670 -50.32 -10.20 68.37
N ARG B 671 -49.98 -8.95 68.04
CA ARG B 671 -49.48 -8.58 66.73
C ARG B 671 -48.35 -7.59 66.89
N VAL B 672 -47.28 -7.80 66.12
CA VAL B 672 -46.21 -6.81 66.02
C VAL B 672 -46.46 -5.96 64.78
N VAL B 673 -46.95 -4.75 65.02
CA VAL B 673 -47.35 -3.86 63.93
C VAL B 673 -46.11 -3.34 63.22
N VAL B 674 -46.04 -3.53 61.90
CA VAL B 674 -44.92 -2.98 61.14
C VAL B 674 -45.27 -1.53 60.79
N VAL B 675 -44.41 -0.62 61.23
CA VAL B 675 -44.63 0.81 61.07
C VAL B 675 -43.82 1.30 59.87
N PHE B 676 -44.51 1.90 58.92
CA PHE B 676 -43.82 2.50 57.79
C PHE B 676 -43.70 4.00 58.11
N ASN B 677 -42.49 4.47 58.42
CA ASN B 677 -42.26 5.92 58.44
C ASN B 677 -42.13 6.42 57.00
N CYS B 678 -43.13 7.22 56.59
CA CYS B 678 -43.32 7.54 55.18
C CYS B 678 -42.57 8.80 54.77
N ASP B 679 -41.86 8.69 53.65
CA ASP B 679 -41.17 9.81 52.98
C ASP B 679 -39.77 10.15 53.54
N ASP B 680 -39.35 9.43 54.57
CA ASP B 680 -38.05 9.62 55.20
C ASP B 680 -37.01 8.82 54.43
N SER B 681 -36.72 9.29 53.22
CA SER B 681 -35.85 8.55 52.32
C SER B 681 -36.34 7.12 52.13
N PHE B 682 -37.65 6.95 51.96
CA PHE B 682 -38.23 5.62 51.80
C PHE B 682 -38.59 5.37 50.33
N ASP B 683 -37.97 4.37 49.70
CA ASP B 683 -38.27 4.00 48.31
C ASP B 683 -39.67 3.40 48.18
N TYR B 684 -40.33 3.63 47.04
CA TYR B 684 -41.60 2.95 46.70
C TYR B 684 -41.39 1.46 46.46
N GLN B 685 -40.24 1.13 45.87
CA GLN B 685 -39.90 -0.25 45.54
C GLN B 685 -39.82 -1.13 46.79
N VAL B 686 -39.25 -0.61 47.87
CA VAL B 686 -39.18 -1.36 49.14
C VAL B 686 -40.56 -1.54 49.80
N LEU B 687 -41.37 -0.48 49.81
CA LEU B 687 -42.73 -0.56 50.35
C LEU B 687 -43.60 -1.53 49.54
N SER B 688 -43.46 -1.49 48.22
CA SER B 688 -44.20 -2.42 47.35
C SER B 688 -43.86 -3.89 47.63
N ARG B 689 -42.61 -4.15 47.98
CA ARG B 689 -42.18 -5.46 48.45
C ARG B 689 -42.82 -5.76 49.81
N LEU B 690 -42.68 -4.83 50.77
CA LEU B 690 -43.28 -4.94 52.11
C LEU B 690 -44.80 -5.18 52.12
N LEU B 691 -45.51 -4.55 51.18
CA LEU B 691 -46.96 -4.75 51.02
C LEU B 691 -47.30 -6.16 50.59
N VAL B 692 -46.52 -6.74 49.69
CA VAL B 692 -46.74 -8.12 49.26
C VAL B 692 -46.55 -9.03 50.49
N GLY B 693 -45.47 -8.79 51.23
CA GLY B 693 -45.14 -9.55 52.44
C GLY B 693 -46.18 -9.49 53.55
N ILE B 694 -46.78 -8.32 53.70
CA ILE B 694 -47.82 -8.14 54.71
C ILE B 694 -49.12 -8.86 54.31
N THR B 695 -49.47 -8.82 53.02
CA THR B 695 -50.68 -9.49 52.48
C THR B 695 -50.56 -10.99 52.47
N GLN B 696 -49.33 -11.50 52.38
CA GLN B 696 -49.09 -12.92 52.46
C GLN B 696 -49.07 -13.38 53.92
N ILE B 697 -48.24 -12.75 54.75
CA ILE B 697 -48.06 -13.15 56.16
C ILE B 697 -49.28 -12.76 57.03
N GLY B 698 -50.15 -11.91 56.49
CA GLY B 698 -51.39 -11.52 57.16
C GLY B 698 -51.16 -10.62 58.35
N ALA B 699 -50.14 -9.75 58.26
CA ALA B 699 -49.73 -8.90 59.38
C ALA B 699 -50.43 -7.52 59.38
N TRP B 700 -50.14 -6.71 60.40
CA TRP B 700 -50.66 -5.33 60.52
C TRP B 700 -49.61 -4.26 60.21
N GLY B 701 -49.99 -3.37 59.30
CA GLY B 701 -49.14 -2.28 58.85
C GLY B 701 -49.71 -0.92 59.17
N CYS B 702 -48.86 -0.06 59.73
CA CYS B 702 -49.26 1.28 60.10
C CYS B 702 -48.42 2.29 59.31
N PHE B 703 -49.12 3.22 58.66
CA PHE B 703 -48.47 4.30 57.93
C PHE B 703 -48.30 5.52 58.85
N ASP B 704 -47.08 5.66 59.37
CA ASP B 704 -46.70 6.72 60.29
C ASP B 704 -46.55 8.06 59.57
N GLU B 705 -47.53 8.94 59.76
CA GLU B 705 -47.61 10.25 59.06
C GLU B 705 -47.73 10.15 57.54
N PHE B 706 -48.77 9.44 57.09
CA PHE B 706 -49.03 9.11 55.68
C PHE B 706 -48.94 10.32 54.75
N ASN B 707 -49.38 11.46 55.30
CA ASN B 707 -49.53 12.71 54.55
C ASN B 707 -48.24 13.13 53.80
N ARG B 708 -47.09 12.94 54.43
CA ARG B 708 -45.81 13.40 53.86
C ARG B 708 -45.24 12.45 52.81
N LEU B 709 -45.86 12.42 51.63
CA LEU B 709 -45.39 11.58 50.54
C LEU B 709 -45.49 12.36 49.25
N ASP B 710 -44.58 12.08 48.31
CA ASP B 710 -44.57 12.77 47.02
C ASP B 710 -45.62 12.26 46.06
N GLU B 711 -46.28 13.19 45.39
CA GLU B 711 -47.54 12.94 44.69
C GLU B 711 -47.57 11.69 43.79
N LYS B 712 -46.52 11.49 43.01
CA LYS B 712 -46.35 10.28 42.22
C LYS B 712 -46.39 8.99 43.08
N VAL B 713 -45.62 8.98 44.18
CA VAL B 713 -45.55 7.84 45.11
C VAL B 713 -46.89 7.65 45.79
N LEU B 714 -47.39 8.72 46.41
CA LEU B 714 -48.66 8.70 47.14
C LEU B 714 -49.79 8.10 46.32
N SER B 715 -49.86 8.43 45.04
CA SER B 715 -50.89 7.90 44.12
C SER B 715 -50.75 6.39 43.98
N ALA B 716 -49.56 5.98 43.58
CA ALA B 716 -49.22 4.58 43.41
C ALA B 716 -49.41 3.72 44.68
N VAL B 717 -49.05 4.24 45.86
CA VAL B 717 -49.15 3.52 47.13
C VAL B 717 -50.62 3.40 47.48
N SER B 718 -51.29 4.56 47.51
CA SER B 718 -52.73 4.67 47.82
C SER B 718 -53.59 3.77 46.93
N ALA B 719 -53.23 3.61 45.65
CA ALA B 719 -53.93 2.69 44.74
C ALA B 719 -53.76 1.23 45.17
N ASN B 720 -52.53 0.87 45.56
CA ASN B 720 -52.20 -0.48 46.06
C ASN B 720 -52.94 -0.83 47.36
N ILE B 721 -53.03 0.14 48.26
CA ILE B 721 -53.75 -0.04 49.53
C ILE B 721 -55.21 -0.34 49.21
N GLN B 722 -55.78 0.36 48.23
CA GLN B 722 -57.17 0.13 47.81
C GLN B 722 -57.39 -1.32 47.43
N GLN B 723 -56.43 -1.90 46.70
CA GLN B 723 -56.53 -3.29 46.28
C GLN B 723 -56.73 -4.18 47.50
N ILE B 724 -55.87 -4.01 48.51
CA ILE B 724 -55.95 -4.71 49.81
C ILE B 724 -57.29 -4.47 50.50
N GLN B 725 -57.66 -3.22 50.73
CA GLN B 725 -58.96 -2.94 51.36
C GLN B 725 -60.20 -3.34 50.53
N ASN B 726 -60.12 -3.29 49.20
CA ASN B 726 -61.20 -3.80 48.33
C ASN B 726 -61.19 -5.33 48.29
N GLY B 727 -60.00 -5.91 48.39
CA GLY B 727 -59.83 -7.36 48.46
C GLY B 727 -60.40 -7.94 49.74
N LEU B 728 -60.24 -7.22 50.85
CA LEU B 728 -60.73 -7.65 52.15
C LEU B 728 -62.24 -7.48 52.26
N GLN B 729 -62.73 -6.30 51.89
CA GLN B 729 -64.16 -5.99 51.94
C GLN B 729 -65.01 -7.04 51.19
N VAL B 730 -64.54 -7.43 50.00
CA VAL B 730 -65.06 -8.60 49.25
C VAL B 730 -64.59 -9.95 49.85
N GLY B 731 -63.35 -10.00 50.33
CA GLY B 731 -62.77 -11.24 50.87
C GLY B 731 -62.04 -12.10 49.83
N LYS B 732 -61.90 -11.56 48.61
CA LYS B 732 -61.24 -12.26 47.50
C LYS B 732 -59.95 -12.94 47.94
N SER B 733 -59.84 -14.23 47.65
CA SER B 733 -58.69 -15.04 48.04
C SER B 733 -57.36 -14.52 47.46
N HIS B 734 -57.35 -14.23 46.16
CA HIS B 734 -56.18 -13.65 45.51
C HIS B 734 -56.54 -12.29 44.92
N ILE B 735 -55.70 -11.30 45.17
CA ILE B 735 -55.89 -9.96 44.62
C ILE B 735 -54.65 -9.54 43.85
N THR B 736 -54.81 -8.71 42.84
CA THR B 736 -53.64 -8.27 42.10
C THR B 736 -53.12 -6.89 42.54
N LEU B 737 -51.83 -6.88 42.89
CA LEU B 737 -51.09 -5.66 43.20
C LEU B 737 -49.63 -5.87 42.73
N LEU B 738 -49.02 -4.79 42.25
CA LEU B 738 -47.65 -4.80 41.71
C LEU B 738 -47.45 -5.84 40.59
N GLU B 739 -48.37 -5.83 39.62
CA GLU B 739 -48.39 -6.70 38.43
C GLU B 739 -48.13 -8.19 38.68
N GLU B 740 -48.76 -8.71 39.73
CA GLU B 740 -48.69 -10.11 40.10
C GLU B 740 -49.97 -10.52 40.85
N GLU B 741 -50.45 -11.73 40.56
CA GLU B 741 -51.56 -12.33 41.27
C GLU B 741 -50.98 -12.99 42.51
N THR B 742 -51.08 -12.27 43.62
CA THR B 742 -50.55 -12.70 44.89
C THR B 742 -51.73 -12.97 45.83
N PRO B 743 -51.61 -13.96 46.74
CA PRO B 743 -52.74 -14.21 47.62
C PRO B 743 -52.87 -13.14 48.68
N LEU B 744 -54.09 -12.86 49.09
CA LEU B 744 -54.34 -11.97 50.21
C LEU B 744 -54.85 -12.76 51.41
N SER B 745 -54.11 -12.69 52.53
CA SER B 745 -54.61 -13.20 53.80
C SER B 745 -55.69 -12.25 54.25
N PRO B 746 -56.74 -12.79 54.88
CA PRO B 746 -57.81 -11.94 55.37
C PRO B 746 -57.47 -11.38 56.76
N HIS B 747 -56.41 -11.91 57.37
CA HIS B 747 -55.92 -11.38 58.65
C HIS B 747 -55.18 -10.01 58.56
N THR B 748 -54.77 -9.69 57.34
CA THR B 748 -54.14 -8.40 56.99
C THR B 748 -55.00 -7.18 57.37
N ALA B 749 -54.35 -6.10 57.82
CA ALA B 749 -54.99 -4.81 58.12
C ALA B 749 -54.04 -3.61 57.92
N VAL B 750 -54.59 -2.49 57.43
CA VAL B 750 -53.84 -1.28 57.08
C VAL B 750 -54.29 -0.10 57.94
N PHE B 751 -53.34 0.55 58.59
CA PHE B 751 -53.62 1.68 59.47
C PHE B 751 -52.90 2.95 59.04
N ILE B 752 -53.61 4.08 59.10
CA ILE B 752 -53.07 5.35 58.63
C ILE B 752 -53.16 6.41 59.73
N THR B 753 -52.00 6.92 60.16
CA THR B 753 -51.95 8.14 61.00
C THR B 753 -51.74 9.37 60.11
N LEU B 754 -52.48 10.44 60.38
CA LEU B 754 -52.43 11.64 59.54
C LEU B 754 -52.13 12.91 60.31
N ASN B 755 -50.86 13.26 60.38
CA ASN B 755 -50.43 14.57 60.89
C ASN B 755 -50.97 15.75 60.07
N PRO B 756 -51.30 16.89 60.75
CA PRO B 756 -51.90 17.99 60.00
C PRO B 756 -50.90 18.78 59.18
N GLY B 757 -51.36 19.32 58.04
CA GLY B 757 -50.52 20.13 57.16
C GLY B 757 -50.51 21.59 57.53
N TYR B 758 -50.05 22.43 56.61
CA TYR B 758 -50.09 23.88 56.81
C TYR B 758 -51.51 24.41 56.58
N ASN B 759 -52.27 23.66 55.76
CA ASN B 759 -53.68 23.94 55.44
C ASN B 759 -54.64 23.67 56.62
N GLY B 760 -54.48 22.50 57.24
CA GLY B 760 -55.33 22.01 58.33
C GLY B 760 -55.04 20.54 58.60
N ARG B 761 -55.95 19.85 59.31
CA ARG B 761 -55.80 18.42 59.55
C ARG B 761 -55.94 17.62 58.26
N SER B 762 -54.93 16.81 57.95
CA SER B 762 -54.83 16.09 56.67
C SER B 762 -56.00 15.14 56.40
N GLU B 763 -56.19 14.83 55.13
CA GLU B 763 -57.25 13.93 54.70
C GLU B 763 -56.72 12.83 53.77
N LEU B 764 -57.46 11.75 53.68
CA LEU B 764 -57.07 10.62 52.85
C LEU B 764 -57.44 10.91 51.41
N PRO B 765 -56.68 10.36 50.45
CA PRO B 765 -57.05 10.38 49.02
C PRO B 765 -58.45 9.80 48.84
N GLU B 766 -59.14 10.16 47.76
CA GLU B 766 -60.56 9.80 47.57
C GLU B 766 -60.85 8.30 47.65
N ASN B 767 -60.04 7.50 46.98
CA ASN B 767 -60.23 6.07 46.94
C ASN B 767 -60.20 5.43 48.33
N LEU B 768 -59.33 5.97 49.18
CA LEU B 768 -59.20 5.50 50.57
C LEU B 768 -60.31 5.97 51.51
N LYS B 769 -61.07 6.99 51.09
CA LYS B 769 -62.19 7.53 51.87
C LYS B 769 -63.31 6.52 52.11
N LYS B 770 -63.67 5.77 51.07
CA LYS B 770 -64.67 4.70 51.14
C LYS B 770 -64.13 3.35 51.63
N SER B 771 -62.92 3.35 52.20
CA SER B 771 -62.20 2.13 52.53
C SER B 771 -61.67 2.18 53.96
N PHE B 772 -61.58 3.39 54.52
CA PHE B 772 -61.02 3.65 55.86
C PHE B 772 -62.00 4.43 56.74
N ARG B 773 -61.74 4.48 58.05
CA ARG B 773 -62.57 5.25 59.02
C ARG B 773 -61.82 6.29 59.83
N GLU B 774 -62.03 7.56 59.48
CA GLU B 774 -61.22 8.66 60.02
C GLU B 774 -61.63 9.07 61.45
N PHE B 775 -60.62 9.26 62.30
CA PHE B 775 -60.82 9.59 63.72
C PHE B 775 -59.92 10.74 64.22
N SER B 776 -60.41 11.58 65.12
CA SER B 776 -59.62 12.72 65.59
C SER B 776 -58.99 12.49 66.96
N MET B 777 -57.68 12.26 66.99
CA MET B 777 -56.93 12.12 68.25
C MET B 777 -57.02 13.40 69.07
N LYS B 778 -57.25 13.27 70.36
CA LYS B 778 -57.54 14.41 71.21
C LYS B 778 -56.67 14.32 72.43
N SER B 779 -56.12 15.43 72.88
CA SER B 779 -55.34 15.44 74.10
C SER B 779 -56.15 14.90 75.27
N PRO B 780 -55.54 14.03 76.08
CA PRO B 780 -56.29 13.56 77.25
C PRO B 780 -56.44 14.70 78.23
N GLN B 781 -57.62 14.85 78.83
CA GLN B 781 -57.77 15.71 80.00
C GLN B 781 -56.67 15.25 80.93
N SER B 782 -55.89 16.17 81.48
CA SER B 782 -54.65 15.78 82.17
C SER B 782 -54.84 15.01 83.48
N GLY B 783 -55.85 15.41 84.28
CA GLY B 783 -56.13 14.77 85.56
C GLY B 783 -55.95 13.26 85.59
N THR B 784 -56.53 12.59 84.60
CA THR B 784 -56.49 11.11 84.49
C THR B 784 -55.06 10.55 84.38
N ILE B 785 -54.23 11.18 83.54
CA ILE B 785 -52.88 10.69 83.30
C ILE B 785 -52.03 10.89 84.54
N ALA B 786 -52.16 12.07 85.14
CA ALA B 786 -51.45 12.45 86.37
C ALA B 786 -51.65 11.45 87.52
N GLU B 787 -52.89 10.99 87.68
CA GLU B 787 -53.20 10.02 88.72
C GLU B 787 -52.46 8.70 88.56
N MET B 788 -52.45 8.16 87.35
CA MET B 788 -51.74 6.92 87.04
C MET B 788 -50.21 7.02 87.26
N ILE B 789 -49.63 8.14 86.81
CA ILE B 789 -48.20 8.40 86.95
C ILE B 789 -47.80 8.42 88.41
N LEU B 790 -48.64 9.06 89.22
CA LEU B 790 -48.47 9.07 90.66
C LEU B 790 -48.58 7.67 91.24
N GLN B 791 -49.49 6.88 90.67
CA GLN B 791 -49.72 5.52 91.12
C GLN B 791 -48.47 4.65 90.90
N ILE B 792 -47.84 4.77 89.73
CA ILE B 792 -46.67 3.94 89.39
C ILE B 792 -45.45 4.14 90.30
N MET B 793 -45.19 5.38 90.68
CA MET B 793 -43.98 5.74 91.43
C MET B 793 -43.91 5.09 92.81
N GLY B 794 -45.09 4.91 93.42
CA GLY B 794 -45.20 4.59 94.83
C GLY B 794 -46.13 5.67 95.29
N PHE B 795 -47.42 5.32 95.31
CA PHE B 795 -48.53 6.26 95.23
C PHE B 795 -48.68 7.28 96.34
N GLU B 796 -48.63 6.83 97.58
CA GLU B 796 -49.19 7.62 98.65
C GLU B 796 -50.63 7.75 98.18
N ASP B 797 -51.13 8.99 98.14
CA ASP B 797 -52.46 9.27 97.64
C ASP B 797 -52.32 9.91 96.28
N SER B 798 -52.54 9.12 95.23
CA SER B 798 -52.37 9.54 93.85
C SER B 798 -53.51 10.47 93.38
N LYS B 799 -54.73 10.15 93.82
CA LYS B 799 -55.92 10.91 93.44
C LYS B 799 -55.92 12.35 93.92
N SER B 800 -55.52 12.55 95.18
CA SER B 800 -55.40 13.88 95.80
C SER B 800 -54.39 14.77 95.09
N LEU B 801 -53.21 14.20 94.86
CA LEU B 801 -52.11 14.93 94.27
C LEU B 801 -52.42 15.27 92.83
N ALA B 802 -52.99 14.33 92.09
CA ALA B 802 -53.34 14.56 90.68
C ALA B 802 -54.28 15.74 90.49
N SER B 803 -55.29 15.84 91.37
CA SER B 803 -56.25 16.93 91.33
C SER B 803 -55.62 18.27 91.75
N LYS B 804 -54.88 18.23 92.86
CA LYS B 804 -54.20 19.42 93.37
C LYS B 804 -53.13 19.98 92.41
N ILE B 805 -52.29 19.10 91.87
CA ILE B 805 -51.26 19.46 90.86
C ILE B 805 -51.88 20.11 89.63
N VAL B 806 -52.91 19.48 89.07
CA VAL B 806 -53.63 19.99 87.89
C VAL B 806 -54.20 21.38 88.20
N HIS B 807 -54.91 21.50 89.33
CA HIS B 807 -55.51 22.77 89.72
C HIS B 807 -54.44 23.87 89.82
N PHE B 808 -53.32 23.57 90.46
CA PHE B 808 -52.23 24.54 90.62
C PHE B 808 -51.66 25.02 89.27
N LEU B 809 -51.34 24.07 88.40
CA LEU B 809 -50.85 24.39 87.06
C LEU B 809 -51.86 25.23 86.27
N GLU B 810 -53.13 24.84 86.37
CA GLU B 810 -54.26 25.54 85.77
C GLU B 810 -54.38 26.94 86.37
N LEU B 811 -54.13 27.04 87.67
CA LEU B 811 -54.23 28.29 88.43
C LEU B 811 -53.16 29.29 88.01
N LEU B 812 -51.93 28.78 87.91
CA LEU B 812 -50.81 29.55 87.41
C LEU B 812 -51.11 30.14 86.05
N SER B 813 -51.64 29.32 85.15
CA SER B 813 -51.95 29.74 83.79
C SER B 813 -52.86 30.98 83.78
N SER B 814 -53.92 30.92 84.59
CA SER B 814 -54.90 31.99 84.68
C SER B 814 -54.44 33.16 85.53
N LYS B 815 -53.47 32.94 86.42
CA LYS B 815 -52.92 34.02 87.26
C LYS B 815 -51.67 34.73 86.70
N CYS B 816 -50.76 33.96 86.12
CA CYS B 816 -49.49 34.49 85.62
C CYS B 816 -49.65 35.32 84.34
N SER B 817 -48.65 36.16 84.06
CA SER B 817 -48.64 37.00 82.85
C SER B 817 -48.36 36.16 81.63
N SER B 818 -48.92 36.55 80.50
CA SER B 818 -48.71 35.84 79.23
C SER B 818 -47.28 36.03 78.73
N MET B 819 -46.43 35.05 79.00
CA MET B 819 -45.01 35.16 78.69
C MET B 819 -44.61 34.09 77.68
N ASN B 820 -43.70 34.44 76.77
CA ASN B 820 -43.32 33.57 75.63
C ASN B 820 -43.03 32.11 75.96
N HIS B 821 -42.23 31.92 77.00
CA HIS B 821 -41.65 30.63 77.28
C HIS B 821 -42.40 29.85 78.37
N TYR B 822 -43.45 30.48 78.91
CA TYR B 822 -44.27 29.84 79.92
C TYR B 822 -45.13 28.72 79.29
N HIS B 823 -45.00 27.49 79.79
CA HIS B 823 -45.91 26.40 79.38
C HIS B 823 -46.42 25.68 80.65
N PHE B 824 -47.75 25.59 80.81
CA PHE B 824 -48.35 24.93 81.98
C PHE B 824 -49.24 23.76 81.57
N GLY B 825 -49.09 23.36 80.29
CA GLY B 825 -49.77 22.22 79.69
C GLY B 825 -49.22 20.94 80.25
N LEU B 826 -49.81 19.80 79.86
CA LEU B 826 -49.54 18.49 80.47
C LEU B 826 -48.08 18.05 80.41
N ARG B 827 -47.41 18.37 79.31
CA ARG B 827 -45.99 18.08 79.10
C ARG B 827 -45.24 18.56 80.34
N THR B 828 -45.63 19.76 80.77
CA THR B 828 -45.10 20.38 81.96
C THR B 828 -45.37 19.54 83.20
N LEU B 829 -46.60 19.08 83.42
CA LEU B 829 -46.88 18.23 84.58
C LEU B 829 -46.23 16.84 84.47
N LYS B 830 -46.08 16.33 83.25
CA LYS B 830 -45.33 15.09 83.01
C LYS B 830 -43.86 15.24 83.42
N GLY B 831 -43.32 16.44 83.16
CA GLY B 831 -41.96 16.78 83.52
C GLY B 831 -41.76 16.91 85.02
N VAL B 832 -42.71 17.57 85.70
CA VAL B 832 -42.68 17.71 87.15
C VAL B 832 -42.76 16.32 87.79
N LEU B 833 -43.62 15.47 87.25
CA LEU B 833 -43.75 14.10 87.72
C LEU B 833 -42.52 13.22 87.40
N ARG B 834 -41.92 13.42 86.22
CA ARG B 834 -40.67 12.74 85.88
C ARG B 834 -39.53 13.12 86.85
N ASN B 835 -39.45 14.42 87.15
CA ASN B 835 -38.51 15.03 88.11
C ASN B 835 -38.74 14.52 89.55
N CYS B 836 -39.96 14.05 89.80
CA CYS B 836 -40.35 13.59 91.11
C CYS B 836 -39.58 12.35 91.61
N SER B 837 -39.30 11.41 90.71
CA SER B 837 -38.75 10.09 91.10
C SER B 837 -37.42 10.14 91.88
N PRO B 838 -36.46 10.94 91.39
CA PRO B 838 -35.23 11.19 92.15
C PRO B 838 -35.56 11.90 93.46
N LEU B 839 -36.53 12.81 93.40
CA LEU B 839 -36.91 13.59 94.56
C LEU B 839 -37.47 12.71 95.67
N ILE B 840 -38.27 11.71 95.28
CA ILE B 840 -38.85 10.77 96.24
C ILE B 840 -37.71 10.12 97.02
N SER B 841 -36.62 9.81 96.32
CA SER B 841 -35.44 9.19 96.95
C SER B 841 -34.94 10.02 98.11
N GLU B 842 -35.03 11.35 98.00
CA GLU B 842 -34.68 12.23 99.12
C GLU B 842 -35.66 12.13 100.29
N PHE B 843 -36.97 12.12 99.99
CA PHE B 843 -37.98 12.40 100.99
C PHE B 843 -39.09 11.35 101.14
N GLY B 844 -40.17 11.53 100.38
CA GLY B 844 -41.25 10.56 100.40
C GLY B 844 -42.02 10.50 99.10
N GLU B 845 -42.80 9.44 98.91
CA GLU B 845 -43.78 9.41 97.81
C GLU B 845 -44.98 10.20 98.31
N GLY B 846 -44.75 11.47 98.64
CA GLY B 846 -45.72 12.29 99.33
C GLY B 846 -45.93 13.61 98.61
N GLU B 847 -46.88 14.41 99.07
CA GLU B 847 -47.13 15.71 98.45
C GLU B 847 -45.90 16.60 98.57
N LYS B 848 -45.22 16.50 99.71
CA LYS B 848 -44.04 17.31 99.99
C LYS B 848 -42.98 17.18 98.90
N THR B 849 -42.71 15.94 98.48
CA THR B 849 -41.80 15.71 97.35
C THR B 849 -42.31 16.31 96.03
N VAL B 850 -43.64 16.34 95.89
CA VAL B 850 -44.30 16.97 94.73
C VAL B 850 -44.07 18.49 94.78
N VAL B 851 -44.31 19.09 95.95
CA VAL B 851 -44.10 20.52 96.22
C VAL B 851 -42.70 20.97 95.79
N GLU B 852 -41.69 20.19 96.18
CA GLU B 852 -40.29 20.50 95.85
C GLU B 852 -40.04 20.40 94.36
N SER B 853 -40.61 19.39 93.73
CA SER B 853 -40.52 19.25 92.26
C SER B 853 -41.15 20.42 91.51
N LEU B 854 -42.26 20.96 92.04
CA LEU B 854 -42.93 22.13 91.47
C LEU B 854 -41.99 23.32 91.44
N LYS B 855 -41.34 23.61 92.56
CA LYS B 855 -40.43 24.74 92.64
C LYS B 855 -39.10 24.48 91.96
N ARG B 856 -38.76 23.21 91.77
CA ARG B 856 -37.54 22.84 91.03
C ARG B 856 -37.60 23.23 89.55
N VAL B 857 -38.77 23.02 88.93
CA VAL B 857 -38.95 23.28 87.50
C VAL B 857 -39.74 24.57 87.22
N ILE B 858 -40.88 24.72 87.87
CA ILE B 858 -41.76 25.86 87.62
C ILE B 858 -41.14 27.21 88.00
N LEU B 859 -40.44 27.25 89.14
CA LEU B 859 -39.81 28.49 89.65
C LEU B 859 -38.62 29.06 88.88
N PRO B 860 -37.65 28.20 88.45
CA PRO B 860 -36.51 28.75 87.73
C PRO B 860 -36.86 29.41 86.38
N SER B 861 -38.08 29.16 85.89
CA SER B 861 -38.57 29.69 84.62
C SER B 861 -39.40 30.95 84.78
N LEU B 862 -39.79 31.27 86.02
CA LEU B 862 -40.62 32.45 86.29
C LEU B 862 -39.85 33.74 86.55
N GLY B 863 -40.49 34.85 86.19
CA GLY B 863 -39.95 36.20 86.44
C GLY B 863 -40.68 36.96 87.55
N ASP B 864 -39.99 37.90 88.17
CA ASP B 864 -40.33 38.31 89.54
C ASP B 864 -41.81 38.53 89.88
N THR B 865 -42.57 39.16 89.00
CA THR B 865 -44.00 39.36 89.29
C THR B 865 -44.68 37.99 89.51
N ASP B 866 -44.52 37.11 88.53
CA ASP B 866 -45.08 35.75 88.54
C ASP B 866 -44.41 34.84 89.58
N GLU B 867 -43.24 35.26 90.07
CA GLU B 867 -42.47 34.45 91.02
C GLU B 867 -43.13 34.29 92.37
N LEU B 868 -43.84 35.31 92.84
CA LEU B 868 -44.58 35.15 94.09
C LEU B 868 -45.95 34.52 93.87
N VAL B 869 -46.62 34.86 92.77
CA VAL B 869 -47.87 34.22 92.37
C VAL B 869 -47.73 32.70 92.60
N PHE B 870 -46.59 32.15 92.18
CA PHE B 870 -46.25 30.74 92.39
C PHE B 870 -46.21 30.35 93.86
N LYS B 871 -45.50 31.14 94.66
CA LYS B 871 -45.36 30.89 96.11
C LYS B 871 -46.68 31.04 96.88
N ASP B 872 -47.43 32.10 96.55
CA ASP B 872 -48.75 32.39 97.14
C ASP B 872 -49.76 31.29 96.93
N GLU B 873 -49.85 30.82 95.68
CA GLU B 873 -50.85 29.84 95.28
C GLU B 873 -50.41 28.39 95.54
N LEU B 874 -49.11 28.15 95.67
CA LEU B 874 -48.62 26.84 96.06
C LEU B 874 -48.99 26.51 97.52
N SER B 875 -48.71 27.45 98.42
CA SER B 875 -49.07 27.31 99.85
C SER B 875 -50.58 27.39 100.09
N LYS B 876 -51.27 28.13 99.22
CA LYS B 876 -52.72 28.22 99.22
C LYS B 876 -53.41 26.88 98.92
N ILE B 877 -52.87 26.10 97.97
CA ILE B 877 -53.45 24.80 97.56
C ILE B 877 -52.94 23.65 98.46
N PHE B 878 -51.63 23.58 98.68
CA PHE B 878 -51.06 22.56 99.57
C PHE B 878 -49.81 23.01 100.32
N ASP B 879 -49.85 22.91 101.64
CA ASP B 879 -48.69 23.29 102.47
C ASP B 879 -48.01 22.04 103.04
N SER B 880 -46.73 21.86 102.73
CA SER B 880 -46.04 20.59 102.97
C SER B 880 -45.02 20.61 104.12
N ALA B 881 -44.13 21.59 104.11
CA ALA B 881 -42.96 21.62 105.01
C ALA B 881 -42.30 23.00 105.09
N GLY B 882 -41.46 23.18 106.09
CA GLY B 882 -40.79 24.46 106.32
C GLY B 882 -39.37 24.58 105.80
N THR B 883 -38.59 23.50 105.89
CA THR B 883 -37.13 23.61 105.76
C THR B 883 -36.49 22.67 104.75
N PRO B 884 -35.38 23.14 104.17
CA PRO B 884 -34.55 22.39 103.22
C PRO B 884 -33.21 21.78 103.75
N LEU B 885 -32.96 20.51 103.45
CA LEU B 885 -31.63 19.91 103.67
C LEU B 885 -30.64 20.34 102.57
N ASN B 886 -29.33 20.11 102.76
CA ASN B 886 -28.30 20.67 101.85
C ASN B 886 -28.42 22.19 101.74
N SER B 887 -28.72 22.82 102.87
CA SER B 887 -28.97 24.27 102.97
C SER B 887 -27.69 25.04 103.23
N LYS B 888 -26.89 24.59 104.20
CA LYS B 888 -25.59 25.19 104.46
C LYS B 888 -24.55 24.64 103.49
N ALA B 889 -24.60 23.32 103.25
CA ALA B 889 -23.51 22.57 102.61
C ALA B 889 -23.09 23.05 101.21
N ILE B 890 -24.05 23.19 100.32
CA ILE B 890 -23.80 23.66 98.96
C ILE B 890 -23.38 25.12 99.00
N VAL B 891 -24.00 25.87 99.91
CA VAL B 891 -23.92 27.32 99.91
C VAL B 891 -22.50 27.85 100.20
N GLN B 892 -21.83 27.24 101.16
CA GLN B 892 -20.46 27.63 101.49
C GLN B 892 -19.51 27.19 100.38
N CYS B 893 -19.85 26.14 99.65
CA CYS B 893 -19.05 25.73 98.49
C CYS B 893 -19.24 26.68 97.32
N LEU B 894 -20.38 27.37 97.33
CA LEU B 894 -20.71 28.37 96.33
C LEU B 894 -20.13 29.73 96.67
N LYS B 895 -20.18 30.10 97.94
CA LYS B 895 -19.65 31.38 98.41
C LYS B 895 -18.13 31.41 98.23
N ASP B 896 -17.47 30.31 98.60
CA ASP B 896 -16.02 30.15 98.46
C ASP B 896 -15.53 30.25 97.02
N ALA B 897 -16.35 29.81 96.07
CA ALA B 897 -16.03 29.82 94.66
C ALA B 897 -16.09 31.22 94.04
N GLY B 898 -17.15 31.95 94.38
CA GLY B 898 -17.36 33.29 93.84
C GLY B 898 -16.49 34.37 94.46
N GLN B 899 -16.24 34.26 95.76
CA GLN B 899 -15.38 35.22 96.47
C GLN B 899 -13.99 35.18 95.85
N ARG B 900 -13.60 33.97 95.47
CA ARG B 900 -12.35 33.69 94.77
C ARG B 900 -12.36 34.24 93.35
N SER B 901 -13.49 34.09 92.65
CA SER B 901 -13.64 34.59 91.28
C SER B 901 -13.77 36.13 91.19
N GLY B 902 -14.15 36.78 92.29
CA GLY B 902 -14.41 38.22 92.24
C GLY B 902 -15.87 38.61 92.39
N PHE B 903 -16.80 37.66 92.23
CA PHE B 903 -18.25 37.95 92.30
C PHE B 903 -18.76 38.22 93.72
N SER B 904 -19.91 38.87 93.79
CA SER B 904 -20.57 39.15 95.05
C SER B 904 -21.73 38.19 95.21
N MET B 905 -21.90 37.60 96.39
CA MET B 905 -23.10 36.79 96.65
C MET B 905 -24.35 37.64 96.95
N SER B 906 -25.07 37.99 95.89
CA SER B 906 -26.27 38.80 95.96
C SER B 906 -27.50 37.93 96.16
N GLU B 907 -28.64 38.53 96.49
CA GLU B 907 -29.87 37.79 96.66
C GLU B 907 -30.24 37.05 95.38
N GLU B 908 -30.04 37.72 94.25
CA GLU B 908 -30.36 37.17 92.95
C GLU B 908 -29.31 36.15 92.48
N PHE B 909 -28.02 36.49 92.66
CA PHE B 909 -26.95 35.61 92.21
C PHE B 909 -26.99 34.27 92.93
N LEU B 910 -27.19 34.33 94.25
CA LEU B 910 -27.27 33.12 95.08
C LEU B 910 -28.45 32.27 94.66
N LYS B 911 -29.58 32.96 94.42
CA LYS B 911 -30.82 32.32 94.00
C LYS B 911 -30.65 31.56 92.69
N LYS B 912 -30.22 32.26 91.65
CA LYS B 912 -30.05 31.63 90.35
C LYS B 912 -28.87 30.64 90.33
N CYS B 913 -27.94 30.78 91.27
CA CYS B 913 -26.90 29.77 91.46
C CYS B 913 -27.48 28.53 92.12
N MET B 914 -28.41 28.74 93.06
CA MET B 914 -29.04 27.62 93.76
C MET B 914 -30.01 26.86 92.84
N GLN B 915 -30.85 27.61 92.13
CA GLN B 915 -31.78 27.05 91.15
C GLN B 915 -31.01 26.22 90.12
N PHE B 916 -29.86 26.74 89.69
CA PHE B 916 -29.00 26.01 88.76
C PHE B 916 -28.48 24.70 89.37
N TYR B 917 -27.91 24.79 90.58
CA TYR B 917 -27.35 23.61 91.26
C TYR B 917 -28.34 22.44 91.36
N TYR B 918 -29.55 22.73 91.82
CA TYR B 918 -30.58 21.72 91.97
C TYR B 918 -31.13 21.23 90.61
N MET B 919 -30.95 22.00 89.53
CA MET B 919 -31.40 21.59 88.16
C MET B 919 -30.51 20.58 87.45
N GLN B 920 -29.19 20.81 87.53
CA GLN B 920 -28.25 19.89 86.93
C GLN B 920 -28.52 18.49 87.46
N LYS B 921 -28.88 18.43 88.74
CA LYS B 921 -29.13 17.18 89.46
C LYS B 921 -30.09 16.27 88.72
N THR B 922 -31.25 16.81 88.34
CA THR B 922 -32.27 16.08 87.56
C THR B 922 -32.09 16.15 86.03
N GLN B 923 -31.90 17.36 85.53
CA GLN B 923 -31.83 17.66 84.10
C GLN B 923 -30.42 17.54 83.53
N GLN B 924 -30.37 17.00 82.30
CA GLN B 924 -29.12 16.85 81.57
C GLN B 924 -28.93 17.99 80.57
N ALA B 925 -30.02 18.44 79.96
CA ALA B 925 -30.00 19.66 79.15
C ALA B 925 -30.56 20.84 79.95
N LEU B 926 -29.76 21.90 80.03
CA LEU B 926 -30.14 23.14 80.70
C LEU B 926 -30.13 24.34 79.74
N ILE B 927 -31.09 25.23 79.92
CA ILE B 927 -31.19 26.43 79.12
C ILE B 927 -31.04 27.61 80.08
N LEU B 928 -30.22 28.58 79.71
CA LEU B 928 -30.12 29.84 80.46
C LEU B 928 -30.47 31.01 79.55
N VAL B 929 -31.61 31.63 79.84
CA VAL B 929 -32.09 32.76 79.08
C VAL B 929 -31.99 34.02 79.91
N GLY B 930 -31.53 35.09 79.27
CA GLY B 930 -31.33 36.38 79.93
C GLY B 930 -30.99 37.48 78.97
N LYS B 931 -31.09 38.73 79.43
CA LYS B 931 -30.63 39.84 78.62
C LYS B 931 -29.10 39.80 78.62
N ALA B 932 -28.51 40.44 77.62
CA ALA B 932 -27.05 40.44 77.50
C ALA B 932 -26.41 41.04 78.74
N GLY B 933 -25.66 40.23 79.46
CA GLY B 933 -24.98 40.65 80.69
C GLY B 933 -25.85 40.49 81.93
N CYS B 934 -26.68 39.45 81.94
CA CYS B 934 -27.48 39.08 83.11
C CYS B 934 -26.56 38.49 84.16
N GLY B 935 -25.73 37.54 83.73
CA GLY B 935 -24.68 36.95 84.56
C GLY B 935 -24.55 35.45 84.35
N LYS B 936 -25.20 34.95 83.31
CA LYS B 936 -25.24 33.52 83.01
C LYS B 936 -23.83 32.94 83.02
N THR B 937 -22.99 33.44 82.13
CA THR B 937 -21.63 32.97 82.09
C THR B 937 -21.07 32.84 83.52
N ALA B 938 -21.33 33.84 84.36
CA ALA B 938 -20.85 33.82 85.77
C ALA B 938 -21.55 32.82 86.67
N THR B 939 -22.86 32.66 86.50
CA THR B 939 -23.61 31.68 87.28
C THR B 939 -23.13 30.24 87.05
N TRP B 940 -23.11 29.78 85.80
CA TRP B 940 -22.74 28.38 85.56
C TRP B 940 -21.28 28.18 85.84
N LYS B 941 -20.44 29.13 85.40
CA LYS B 941 -19.00 29.08 85.72
C LYS B 941 -18.73 29.05 87.23
N THR B 942 -19.63 29.67 88.01
CA THR B 942 -19.56 29.74 89.48
C THR B 942 -20.03 28.47 90.13
N VAL B 943 -21.16 27.93 89.69
CA VAL B 943 -21.73 26.71 90.26
C VAL B 943 -20.91 25.46 89.91
N ILE B 944 -20.60 25.29 88.62
CA ILE B 944 -19.70 24.25 88.13
C ILE B 944 -18.40 24.21 88.92
N ASP B 945 -17.85 25.39 89.20
CA ASP B 945 -16.61 25.56 89.98
C ASP B 945 -16.78 25.11 91.43
N ALA B 946 -17.96 25.35 91.98
CA ALA B 946 -18.32 25.03 93.36
C ALA B 946 -18.58 23.53 93.56
N MET B 947 -18.87 22.84 92.47
CA MET B 947 -19.15 21.42 92.49
C MET B 947 -17.88 20.59 92.53
N ALA B 948 -16.81 21.12 91.93
CA ALA B 948 -15.47 20.54 92.02
C ALA B 948 -14.87 20.63 93.42
N ILE B 949 -15.39 21.57 94.22
CA ILE B 949 -15.04 21.77 95.60
C ILE B 949 -15.87 20.84 96.52
N PHE B 950 -17.17 20.74 96.24
CA PHE B 950 -18.11 19.94 97.05
C PHE B 950 -18.09 18.42 96.83
N ASP B 951 -18.07 17.99 95.56
CA ASP B 951 -17.96 16.58 95.21
C ASP B 951 -16.53 16.13 95.19
N GLY B 952 -15.69 16.95 94.56
CA GLY B 952 -14.30 16.59 94.32
C GLY B 952 -14.13 15.99 92.94
N HIS B 953 -15.23 16.03 92.18
CA HIS B 953 -15.28 15.62 90.79
C HIS B 953 -14.85 16.81 89.94
N ALA B 954 -13.95 16.53 89.02
CA ALA B 954 -13.44 17.54 88.09
C ALA B 954 -14.53 17.84 87.07
N ASN B 955 -14.42 19.01 86.43
CA ASN B 955 -15.34 19.37 85.35
C ASN B 955 -14.55 19.59 84.10
N VAL B 956 -15.12 19.24 82.96
CA VAL B 956 -14.45 19.42 81.68
C VAL B 956 -15.40 20.19 80.76
N VAL B 957 -15.14 21.51 80.63
CA VAL B 957 -15.99 22.42 79.83
C VAL B 957 -15.56 22.71 78.38
N TYR B 958 -16.54 22.60 77.48
CA TYR B 958 -16.39 22.91 76.07
C TYR B 958 -17.44 23.97 75.72
N VAL B 959 -17.00 25.21 75.56
CA VAL B 959 -17.90 26.31 75.20
C VAL B 959 -17.83 26.53 73.70
N ILE B 960 -18.97 26.29 73.07
CA ILE B 960 -19.06 26.38 71.62
C ILE B 960 -20.06 27.47 71.27
N ASP B 961 -19.62 28.46 70.48
CA ASP B 961 -20.56 29.35 69.82
C ASP B 961 -21.28 28.55 68.77
N THR B 962 -22.60 28.38 68.95
CA THR B 962 -23.39 27.39 68.23
C THR B 962 -23.46 27.73 66.76
N LYS B 963 -23.64 29.02 66.50
CA LYS B 963 -24.08 29.49 65.20
C LYS B 963 -22.93 30.03 64.36
N VAL B 964 -21.76 30.12 64.97
CA VAL B 964 -20.54 30.48 64.27
C VAL B 964 -20.13 29.40 63.28
N LEU B 965 -20.28 28.11 63.62
CA LEU B 965 -20.04 26.98 62.67
C LEU B 965 -21.33 26.55 61.94
N THR B 966 -21.21 25.86 60.81
CA THR B 966 -22.36 25.19 60.17
C THR B 966 -22.79 23.90 60.87
N LYS B 967 -24.00 23.42 60.58
CA LYS B 967 -24.50 22.19 61.19
C LYS B 967 -23.56 21.04 60.84
N GLU B 968 -22.89 21.17 59.70
CA GLU B 968 -21.93 20.18 59.20
C GLU B 968 -20.61 20.30 59.93
N SER B 969 -20.23 21.53 60.23
CA SER B 969 -19.01 21.81 60.99
C SER B 969 -19.16 21.36 62.46
N LEU B 970 -20.40 21.43 62.96
CA LEU B 970 -20.74 21.09 64.34
C LEU B 970 -21.19 19.63 64.60
N TYR B 971 -22.14 19.11 63.81
CA TYR B 971 -22.68 17.77 64.09
C TYR B 971 -21.96 16.68 63.34
N GLY B 972 -21.75 16.89 62.04
CA GLY B 972 -21.09 15.91 61.21
C GLY B 972 -21.49 16.05 59.77
N SER B 973 -20.52 16.35 58.92
CA SER B 973 -20.74 16.57 57.51
C SER B 973 -19.98 15.52 56.73
N MET B 974 -20.61 15.01 55.68
CA MET B 974 -20.05 13.96 54.83
C MET B 974 -19.44 14.49 53.51
N LEU B 975 -18.31 13.91 53.08
CA LEU B 975 -17.53 14.42 51.93
C LEU B 975 -17.94 13.77 50.58
N LYS B 976 -18.27 14.64 49.62
CA LYS B 976 -19.26 14.36 48.58
C LYS B 976 -19.12 13.05 47.81
N ALA B 977 -17.89 12.71 47.44
CA ALA B 977 -17.65 11.60 46.52
C ALA B 977 -17.25 10.29 47.20
N THR B 978 -16.26 10.35 48.09
CA THR B 978 -15.75 9.17 48.80
C THR B 978 -16.69 8.78 49.92
N LEU B 979 -17.75 9.57 50.09
CA LEU B 979 -18.67 9.41 51.21
C LEU B 979 -17.91 8.85 52.40
N GLU B 980 -16.95 9.64 52.88
CA GLU B 980 -16.21 9.30 54.07
C GLU B 980 -16.76 10.17 55.16
N TRP B 981 -17.18 9.55 56.26
CA TRP B 981 -17.75 10.30 57.36
C TRP B 981 -16.66 10.83 58.28
N ARG B 982 -16.61 12.14 58.39
CA ARG B 982 -15.69 12.82 59.29
C ARG B 982 -16.45 13.53 60.41
N ASP B 983 -15.85 13.59 61.59
CA ASP B 983 -16.56 13.79 62.87
C ASP B 983 -17.33 15.07 63.14
N GLY B 984 -16.81 16.23 62.76
CA GLY B 984 -17.40 17.51 63.20
C GLY B 984 -16.86 18.07 64.51
N LEU B 985 -17.68 18.86 65.21
CA LEU B 985 -17.24 19.51 66.45
C LEU B 985 -17.90 18.98 67.72
N PHE B 986 -19.23 18.85 67.69
CA PHE B 986 -20.00 18.46 68.88
C PHE B 986 -19.91 16.96 69.10
N THR B 987 -19.81 16.21 68.01
CA THR B 987 -19.75 14.77 68.06
C THR B 987 -18.35 14.28 68.40
N SER B 988 -17.35 15.04 67.98
CA SER B 988 -15.95 14.68 68.16
C SER B 988 -15.46 14.85 69.60
N ILE B 989 -16.00 15.82 70.31
CA ILE B 989 -15.63 16.02 71.71
C ILE B 989 -16.33 15.02 72.63
N LEU B 990 -17.37 14.40 72.11
CA LEU B 990 -18.08 13.31 72.77
C LEU B 990 -17.24 12.03 72.75
N ARG B 991 -16.62 11.76 71.61
CA ARG B 991 -15.75 10.61 71.45
C ARG B 991 -14.52 10.66 72.36
N ARG B 992 -14.23 11.87 72.88
CA ARG B 992 -13.26 11.98 73.98
C ARG B 992 -13.85 11.34 75.24
N VAL B 993 -15.08 11.72 75.57
CA VAL B 993 -15.80 11.14 76.70
C VAL B 993 -16.20 9.62 76.59
N ASN B 994 -16.56 9.12 75.39
CA ASN B 994 -17.15 7.79 75.17
C ASN B 994 -16.16 6.73 74.68
N ASP B 995 -15.47 7.02 73.58
CA ASP B 995 -14.58 6.06 72.94
C ASP B 995 -13.38 5.71 73.81
N ASP B 996 -12.60 6.71 74.14
CA ASP B 996 -11.52 6.56 75.08
C ASP B 996 -11.71 7.59 76.16
N ILE B 997 -11.99 7.08 77.36
CA ILE B 997 -11.77 7.81 78.60
C ILE B 997 -10.40 7.43 79.17
N THR B 998 -9.34 7.95 78.55
CA THR B 998 -7.98 7.61 78.94
C THR B 998 -7.54 8.35 80.21
N GLY B 999 -7.86 9.64 80.29
CA GLY B 999 -7.61 10.43 81.52
C GLY B 999 -8.74 10.25 82.52
N THR B 1000 -8.95 11.21 83.41
CA THR B 1000 -10.18 11.11 84.19
C THR B 1000 -11.30 11.81 83.45
N PHE B 1001 -12.19 11.01 82.90
CA PHE B 1001 -13.47 11.49 82.43
C PHE B 1001 -14.56 10.81 83.21
N LYS B 1002 -14.32 9.56 83.59
CA LYS B 1002 -15.30 8.75 84.29
C LYS B 1002 -15.63 9.39 85.62
N ASN B 1003 -14.59 9.84 86.31
CA ASN B 1003 -14.70 10.52 87.59
C ASN B 1003 -14.99 12.02 87.47
N SER B 1004 -15.00 12.53 86.23
CA SER B 1004 -15.22 13.95 85.96
C SER B 1004 -16.65 14.28 85.50
N ARG B 1005 -16.96 15.59 85.45
CA ARG B 1005 -18.21 16.10 84.90
C ARG B 1005 -17.94 16.89 83.65
N ILE B 1006 -18.66 16.50 82.61
CA ILE B 1006 -18.48 17.13 81.32
C ILE B 1006 -19.62 18.08 81.07
N TRP B 1007 -19.27 19.29 80.67
CA TRP B 1007 -20.25 20.28 80.29
C TRP B 1007 -19.96 20.80 78.87
N VAL B 1008 -20.92 20.64 77.98
CA VAL B 1008 -20.81 21.32 76.68
C VAL B 1008 -21.77 22.51 76.64
N VAL B 1009 -21.23 23.73 76.77
CA VAL B 1009 -22.01 24.98 76.65
C VAL B 1009 -22.13 25.56 75.22
N PHE B 1010 -23.34 25.96 74.83
CA PHE B 1010 -23.53 26.70 73.57
C PHE B 1010 -23.85 28.17 73.87
N ASP B 1011 -22.88 29.06 73.65
CA ASP B 1011 -23.06 30.48 73.98
C ASP B 1011 -23.92 31.26 72.99
N SER B 1012 -23.91 30.87 71.72
CA SER B 1012 -24.61 31.60 70.66
C SER B 1012 -26.08 31.29 70.61
N ASP B 1013 -26.80 32.10 69.84
CA ASP B 1013 -28.24 31.97 69.74
C ASP B 1013 -28.64 30.59 69.25
N LEU B 1014 -29.67 30.01 69.87
CA LEU B 1014 -30.18 28.70 69.43
C LEU B 1014 -31.31 28.80 68.41
N ASP B 1015 -31.32 27.83 67.48
CA ASP B 1015 -32.30 27.76 66.40
C ASP B 1015 -32.78 26.31 66.14
N PRO B 1016 -34.00 26.15 65.58
CA PRO B 1016 -34.56 24.82 65.28
C PRO B 1016 -33.57 23.86 64.60
N GLU B 1017 -33.12 24.23 63.41
CA GLU B 1017 -32.24 23.38 62.61
C GLU B 1017 -31.08 22.73 63.39
N TYR B 1018 -30.46 23.50 64.29
CA TYR B 1018 -29.35 23.02 65.12
C TYR B 1018 -29.84 22.07 66.23
N VAL B 1019 -30.93 22.43 66.92
CA VAL B 1019 -31.45 21.60 68.05
C VAL B 1019 -32.06 20.29 67.58
N GLU B 1020 -32.67 20.36 66.40
CA GLU B 1020 -33.40 19.25 65.83
C GLU B 1020 -32.44 18.14 65.49
N ALA B 1021 -31.20 18.50 65.19
CA ALA B 1021 -30.18 17.52 64.80
C ALA B 1021 -29.68 16.72 66.01
N MET B 1022 -30.07 17.15 67.19
CA MET B 1022 -29.60 16.49 68.41
C MET B 1022 -30.74 16.32 69.41
N ASN B 1023 -31.97 16.44 68.91
CA ASN B 1023 -33.18 16.24 69.71
C ASN B 1023 -33.23 14.88 70.44
N SER B 1024 -32.53 13.88 69.88
CA SER B 1024 -32.47 12.52 70.46
C SER B 1024 -31.69 12.45 71.77
N VAL B 1025 -30.77 13.39 71.96
CA VAL B 1025 -30.01 13.54 73.19
C VAL B 1025 -30.91 14.15 74.27
N LEU B 1026 -31.73 15.10 73.83
CA LEU B 1026 -32.71 15.78 74.67
C LEU B 1026 -33.87 14.88 75.06
N ASP B 1027 -34.09 13.84 74.23
CA ASP B 1027 -35.08 12.78 74.48
C ASP B 1027 -34.65 11.89 75.64
N ASP B 1028 -35.54 11.03 76.12
CA ASP B 1028 -35.16 10.11 77.19
C ASP B 1028 -34.23 9.00 76.71
N ASN B 1029 -33.99 8.96 75.40
CA ASN B 1029 -32.93 8.16 74.75
C ASN B 1029 -31.52 8.34 75.31
N LYS B 1030 -31.09 9.59 75.38
CA LYS B 1030 -29.73 10.01 75.76
C LYS B 1030 -28.67 9.37 74.86
N ILE B 1031 -28.94 9.48 73.56
CA ILE B 1031 -28.07 8.96 72.55
C ILE B 1031 -28.13 9.93 71.38
N LEU B 1032 -27.00 10.05 70.69
CA LEU B 1032 -26.89 10.90 69.52
C LEU B 1032 -27.08 10.05 68.28
N THR B 1033 -27.96 10.53 67.40
CA THR B 1033 -28.26 9.81 66.18
C THR B 1033 -27.54 10.48 65.02
N LEU B 1034 -26.64 9.74 64.39
CA LEU B 1034 -25.90 10.25 63.26
C LEU B 1034 -26.77 10.29 62.02
N PRO B 1035 -26.48 11.24 61.13
CA PRO B 1035 -27.20 11.29 59.87
C PRO B 1035 -26.82 10.04 59.10
N ASN B 1036 -25.55 9.66 59.18
CA ASN B 1036 -25.16 8.35 58.69
C ASN B 1036 -24.27 7.53 59.63
N GLY B 1037 -24.84 6.39 60.04
CA GLY B 1037 -24.07 5.28 60.57
C GLY B 1037 -24.12 4.96 62.06
N GLU B 1038 -24.58 5.87 62.91
CA GLU B 1038 -24.46 5.60 64.34
C GLU B 1038 -25.42 6.27 65.30
N ARG B 1039 -25.47 5.71 66.49
CA ARG B 1039 -26.02 6.37 67.64
C ARG B 1039 -24.93 6.31 68.68
N LEU B 1040 -24.59 7.49 69.22
CA LEU B 1040 -23.51 7.60 70.18
C LEU B 1040 -24.11 7.97 71.54
N PRO B 1041 -23.91 7.10 72.54
CA PRO B 1041 -24.61 7.27 73.81
C PRO B 1041 -23.98 8.33 74.70
N ILE B 1042 -24.80 9.17 75.33
CA ILE B 1042 -24.26 10.20 76.21
C ILE B 1042 -24.32 9.82 77.71
N PRO B 1043 -23.17 9.92 78.42
CA PRO B 1043 -23.12 9.48 79.81
C PRO B 1043 -23.91 10.38 80.79
N PRO B 1044 -24.08 9.97 82.05
CA PRO B 1044 -24.74 10.88 83.00
C PRO B 1044 -23.88 12.12 83.35
N ASN B 1045 -22.57 11.99 83.13
CA ASN B 1045 -21.56 13.06 83.33
C ASN B 1045 -21.87 14.24 82.42
N PHE B 1046 -22.23 13.90 81.20
CA PHE B 1046 -22.28 14.83 80.08
C PHE B 1046 -23.53 15.69 80.11
N ARG B 1047 -23.37 16.93 80.55
CA ARG B 1047 -24.45 17.91 80.48
C ARG B 1047 -24.27 18.95 79.37
N ILE B 1048 -25.35 19.18 78.61
CA ILE B 1048 -25.40 20.24 77.60
C ILE B 1048 -26.13 21.45 78.17
N LEU B 1049 -25.46 22.59 78.20
CA LEU B 1049 -26.08 23.85 78.52
C LEU B 1049 -26.32 24.69 77.27
N PHE B 1050 -27.29 25.61 77.34
CA PHE B 1050 -27.51 26.60 76.30
C PHE B 1050 -27.58 27.97 76.97
N GLU B 1051 -26.58 28.84 76.79
CA GLU B 1051 -26.68 30.20 77.33
C GLU B 1051 -27.07 31.14 76.16
N THR B 1052 -28.21 31.83 76.29
CA THR B 1052 -28.70 32.68 75.21
C THR B 1052 -29.63 33.82 75.70
N ASP B 1053 -29.87 34.78 74.80
CA ASP B 1053 -30.53 36.05 75.16
C ASP B 1053 -32.01 36.03 74.89
N ASN B 1054 -32.41 35.38 73.80
CA ASN B 1054 -33.82 35.24 73.45
C ASN B 1054 -34.20 33.80 73.15
N LEU B 1055 -35.49 33.55 73.05
CA LEU B 1055 -35.98 32.21 72.76
C LEU B 1055 -36.85 32.10 71.49
N ASP B 1056 -37.13 33.23 70.86
CA ASP B 1056 -38.22 33.29 69.89
C ASP B 1056 -38.28 32.10 68.95
N HIS B 1057 -37.13 31.64 68.49
CA HIS B 1057 -37.15 30.56 67.53
C HIS B 1057 -37.45 29.16 68.07
N THR B 1058 -37.04 28.89 69.30
CA THR B 1058 -37.28 27.56 69.88
C THR B 1058 -38.78 27.14 70.10
N THR B 1059 -39.03 25.83 69.97
CA THR B 1059 -40.37 25.22 70.06
C THR B 1059 -40.67 24.90 71.52
N PRO B 1060 -41.96 24.94 71.93
CA PRO B 1060 -42.30 24.54 73.30
C PRO B 1060 -41.88 23.12 73.65
N ALA B 1061 -41.77 22.26 72.65
CA ALA B 1061 -41.33 20.86 72.87
C ALA B 1061 -39.83 20.76 73.23
N THR B 1062 -39.04 21.68 72.68
CA THR B 1062 -37.61 21.78 72.96
C THR B 1062 -37.41 22.27 74.41
N ILE B 1063 -38.16 23.29 74.81
CA ILE B 1063 -38.19 23.79 76.20
C ILE B 1063 -38.48 22.71 77.24
N THR B 1064 -39.59 21.99 77.05
CA THR B 1064 -40.09 20.97 77.98
C THR B 1064 -39.22 19.69 78.12
N ARG B 1065 -38.31 19.44 77.18
CA ARG B 1065 -37.29 18.39 77.37
C ARG B 1065 -36.14 18.84 78.27
N CYS B 1066 -35.87 20.14 78.29
CA CYS B 1066 -34.75 20.73 79.03
C CYS B 1066 -35.21 21.44 80.27
N GLY B 1067 -34.24 21.83 81.08
CA GLY B 1067 -34.51 22.64 82.25
C GLY B 1067 -34.22 24.06 81.89
N LEU B 1068 -35.18 24.94 82.14
CA LEU B 1068 -35.02 26.33 81.81
C LEU B 1068 -34.83 27.21 83.05
N LEU B 1069 -33.78 28.04 82.97
CA LEU B 1069 -33.41 29.01 84.00
C LEU B 1069 -33.53 30.44 83.47
N TRP B 1070 -34.68 31.06 83.70
CA TRP B 1070 -34.96 32.41 83.21
C TRP B 1070 -34.31 33.42 84.14
N PHE B 1071 -33.45 34.26 83.57
CA PHE B 1071 -32.80 35.34 84.31
C PHE B 1071 -33.62 36.61 84.18
N SER B 1072 -34.36 36.88 85.26
CA SER B 1072 -35.33 37.96 85.31
C SER B 1072 -34.63 39.31 85.31
N THR B 1073 -33.59 39.44 86.13
CA THR B 1073 -32.77 40.67 86.17
C THR B 1073 -31.30 40.32 86.32
N ASP B 1074 -30.42 41.32 86.29
CA ASP B 1074 -28.97 41.11 86.46
C ASP B 1074 -28.74 40.53 87.81
N VAL B 1075 -27.88 39.52 87.87
CA VAL B 1075 -27.59 38.86 89.13
C VAL B 1075 -27.13 39.83 90.18
N CYS B 1076 -26.30 40.81 89.80
CA CYS B 1076 -25.61 41.58 90.81
C CYS B 1076 -25.61 43.10 90.70
N SER B 1077 -25.46 43.75 91.86
CA SER B 1077 -25.59 45.21 92.07
C SER B 1077 -24.57 46.05 91.31
N ILE B 1078 -24.94 47.29 90.96
CA ILE B 1078 -24.07 48.13 90.11
C ILE B 1078 -22.68 48.21 90.73
N SER B 1079 -22.64 48.55 92.02
CA SER B 1079 -21.40 48.62 92.79
C SER B 1079 -20.68 47.30 92.74
N SER B 1080 -21.38 46.23 93.11
CA SER B 1080 -20.84 44.86 93.09
C SER B 1080 -20.15 44.48 91.78
N LYS B 1081 -20.62 45.03 90.65
CA LYS B 1081 -19.99 44.76 89.37
C LYS B 1081 -18.66 45.48 89.27
N ILE B 1082 -18.67 46.77 89.57
CA ILE B 1082 -17.45 47.57 89.56
C ILE B 1082 -16.41 46.98 90.54
N ASP B 1083 -16.87 46.67 91.76
CA ASP B 1083 -16.08 45.95 92.79
C ASP B 1083 -15.31 44.82 92.15
N HIS B 1084 -16.02 43.89 91.52
CA HIS B 1084 -15.41 42.75 90.85
C HIS B 1084 -14.53 43.13 89.67
N LEU B 1085 -15.00 44.06 88.86
CA LEU B 1085 -14.28 44.51 87.68
C LEU B 1085 -12.90 45.05 88.04
N LEU B 1086 -12.89 45.85 89.09
CA LEU B 1086 -11.68 46.42 89.64
C LEU B 1086 -10.69 45.35 90.08
N ASN B 1087 -11.15 44.44 90.95
CA ASN B 1087 -10.29 43.38 91.49
C ASN B 1087 -9.77 42.49 90.41
N LYS B 1088 -10.58 42.32 89.35
CA LYS B 1088 -10.17 41.52 88.20
C LYS B 1088 -9.04 42.20 87.45
N SER B 1089 -9.11 43.54 87.39
CA SER B 1089 -8.12 44.41 86.74
C SER B 1089 -6.85 44.50 87.55
N TYR B 1090 -7.01 44.59 88.87
CA TYR B 1090 -5.86 44.59 89.81
C TYR B 1090 -4.98 43.35 89.65
N GLU B 1091 -5.63 42.22 89.45
CA GLU B 1091 -4.93 40.95 89.38
C GLU B 1091 -3.89 40.89 88.24
N ALA B 1092 -4.17 41.54 87.11
CA ALA B 1092 -3.21 41.64 86.01
C ALA B 1092 -1.94 42.33 86.47
N LEU B 1093 -2.14 43.37 87.29
CA LEU B 1093 -1.06 44.24 87.76
C LEU B 1093 -0.20 43.56 88.84
N ASP B 1094 -0.84 42.71 89.65
CA ASP B 1094 -0.21 41.98 90.76
C ASP B 1094 1.00 41.14 90.26
N ASN B 1095 0.93 40.69 89.01
CA ASN B 1095 1.94 39.83 88.41
C ASN B 1095 3.12 40.64 87.90
N LYS B 1096 2.91 41.94 87.73
CA LYS B 1096 3.94 42.83 87.15
C LYS B 1096 4.13 44.11 87.99
N LEU B 1097 3.81 44.03 89.27
CA LEU B 1097 3.95 45.17 90.19
C LEU B 1097 4.07 44.73 91.65
N SER B 1098 4.91 45.44 92.42
CA SER B 1098 5.10 45.22 93.88
C SER B 1098 3.82 45.44 94.70
N MET B 1099 3.71 44.72 95.81
CA MET B 1099 2.50 44.73 96.64
C MET B 1099 2.21 46.11 97.20
N PHE B 1100 3.26 46.85 97.59
CA PHE B 1100 3.03 48.17 98.17
C PHE B 1100 2.63 49.19 97.11
N GLU B 1101 3.12 49.04 95.88
CA GLU B 1101 2.64 49.87 94.78
C GLU B 1101 1.17 49.61 94.50
N LEU B 1102 0.84 48.32 94.40
CA LEU B 1102 -0.53 47.83 94.21
C LEU B 1102 -1.50 48.28 95.31
N ASP B 1103 -1.07 48.15 96.57
CA ASP B 1103 -1.86 48.55 97.73
C ASP B 1103 -2.15 50.03 97.73
N LYS B 1104 -1.17 50.84 97.30
CA LYS B 1104 -1.26 52.29 97.24
C LYS B 1104 -2.22 52.71 96.14
N LEU B 1105 -2.10 52.04 94.98
CA LEU B 1105 -2.92 52.35 93.82
C LEU B 1105 -4.35 51.93 94.03
N LYS B 1106 -4.59 50.80 94.70
CA LYS B 1106 -5.96 50.39 94.99
C LYS B 1106 -6.62 51.22 96.09
N ASP B 1107 -5.79 51.84 96.91
CA ASP B 1107 -6.25 52.79 97.91
C ASP B 1107 -6.73 54.07 97.24
N LEU B 1108 -6.03 54.51 96.19
CA LEU B 1108 -6.39 55.72 95.43
C LEU B 1108 -7.77 55.63 94.84
N ILE B 1109 -8.02 54.47 94.25
CA ILE B 1109 -9.25 54.17 93.54
C ILE B 1109 -10.46 54.15 94.50
N SER B 1110 -10.28 53.56 95.68
CA SER B 1110 -11.33 53.51 96.71
C SER B 1110 -11.76 54.89 97.21
N ASP B 1111 -10.80 55.81 97.34
CA ASP B 1111 -11.07 57.15 97.88
C ASP B 1111 -11.49 58.19 96.83
N SER B 1112 -11.15 57.95 95.56
CA SER B 1112 -11.59 58.83 94.48
C SER B 1112 -13.07 58.63 94.15
N PHE B 1113 -13.49 57.38 93.94
CA PHE B 1113 -14.91 57.16 93.68
C PHE B 1113 -15.73 56.29 94.65
N ASP B 1114 -16.70 56.94 95.31
CA ASP B 1114 -17.71 56.28 96.16
C ASP B 1114 -18.99 56.03 95.38
N MET B 1115 -19.80 55.04 95.78
CA MET B 1115 -21.05 54.71 95.09
C MET B 1115 -22.09 55.85 95.07
N ALA B 1116 -22.25 56.54 96.20
CA ALA B 1116 -23.24 57.63 96.34
C ALA B 1116 -23.21 58.67 95.20
N SER B 1117 -22.00 59.08 94.81
CA SER B 1117 -21.81 60.06 93.73
C SER B 1117 -22.21 59.48 92.36
N LEU B 1118 -21.63 58.33 92.04
CA LEU B 1118 -21.84 57.67 90.75
C LEU B 1118 -23.27 57.19 90.47
N THR B 1119 -24.02 56.91 91.53
CA THR B 1119 -25.43 56.49 91.44
C THR B 1119 -26.23 57.43 90.53
N ASN B 1120 -26.14 58.73 90.80
CA ASN B 1120 -26.80 59.78 90.01
C ASN B 1120 -26.23 59.85 88.60
N ILE B 1121 -24.91 59.66 88.48
CA ILE B 1121 -24.20 59.74 87.20
C ILE B 1121 -24.67 58.63 86.23
N PHE B 1122 -24.81 57.41 86.75
CA PHE B 1122 -25.34 56.30 85.95
C PHE B 1122 -26.84 56.44 85.63
N THR B 1123 -27.56 57.14 86.49
CA THR B 1123 -28.98 57.43 86.27
C THR B 1123 -29.14 58.54 85.22
N CYS B 1124 -28.23 59.51 85.26
CA CYS B 1124 -28.15 60.58 84.26
C CYS B 1124 -27.74 60.08 82.86
N SER B 1125 -27.02 58.96 82.85
CA SER B 1125 -26.59 58.31 81.60
C SER B 1125 -27.79 58.01 80.70
N ASN B 1126 -28.86 57.50 81.31
CA ASN B 1126 -30.10 57.18 80.60
C ASN B 1126 -30.77 58.41 80.00
N ASP B 1127 -30.71 59.52 80.72
CA ASP B 1127 -31.27 60.77 80.23
C ASP B 1127 -30.30 61.37 79.23
N LEU B 1128 -30.01 60.61 78.17
CA LEU B 1128 -29.12 61.05 77.10
C LEU B 1128 -29.31 60.22 75.86
N VAL B 1129 -29.17 60.86 74.71
CA VAL B 1129 -29.28 60.16 73.42
C VAL B 1129 -28.03 59.32 73.11
N HIS B 1130 -28.23 58.01 73.11
CA HIS B 1130 -27.15 57.07 72.97
C HIS B 1130 -27.14 56.36 71.62
N ILE B 1131 -26.19 56.75 70.77
CA ILE B 1131 -26.06 56.16 69.43
C ILE B 1131 -25.46 54.78 69.56
N LEU B 1132 -26.02 53.80 68.85
CA LEU B 1132 -25.65 52.38 69.01
C LEU B 1132 -25.92 51.84 70.43
N GLY B 1133 -27.17 52.00 70.89
CA GLY B 1133 -27.54 51.86 72.29
C GLY B 1133 -27.03 50.63 73.01
N VAL B 1134 -26.43 50.87 74.18
CA VAL B 1134 -25.85 49.83 75.03
C VAL B 1134 -26.24 50.13 76.46
N ARG B 1135 -26.62 49.13 77.21
CA ARG B 1135 -27.25 49.41 78.50
C ARG B 1135 -26.21 49.73 79.56
N THR B 1136 -26.60 50.57 80.53
CA THR B 1136 -25.67 51.23 81.49
C THR B 1136 -24.78 50.24 82.26
N PHE B 1137 -25.37 49.13 82.67
CA PHE B 1137 -24.65 47.99 83.27
C PHE B 1137 -23.53 47.45 82.38
N ASN B 1138 -23.82 47.28 81.08
CA ASN B 1138 -22.84 46.74 80.12
C ASN B 1138 -21.76 47.72 79.70
N LYS B 1139 -21.98 48.99 80.02
CA LYS B 1139 -21.02 50.06 79.77
C LYS B 1139 -19.90 50.01 80.80
N LEU B 1140 -20.20 49.46 81.98
CA LEU B 1140 -19.31 49.53 83.13
C LEU B 1140 -17.88 49.03 82.89
N GLU B 1141 -17.73 47.87 82.21
CA GLU B 1141 -16.41 47.29 81.95
C GLU B 1141 -15.55 48.28 81.14
N THR B 1142 -16.18 49.07 80.29
CA THR B 1142 -15.47 50.08 79.49
C THR B 1142 -14.83 51.15 80.38
N ALA B 1143 -15.57 51.57 81.41
CA ALA B 1143 -15.03 52.54 82.38
C ALA B 1143 -13.79 52.01 83.12
N VAL B 1144 -14.02 51.00 83.96
CA VAL B 1144 -13.02 50.48 84.89
C VAL B 1144 -11.74 50.12 84.15
N GLN B 1145 -11.87 49.47 83.00
CA GLN B 1145 -10.72 49.00 82.24
C GLN B 1145 -9.86 50.17 81.76
N LEU B 1146 -10.54 51.26 81.38
CA LEU B 1146 -9.88 52.48 80.92
C LEU B 1146 -9.22 53.14 82.10
N ALA B 1147 -10.04 53.47 83.09
CA ALA B 1147 -9.58 54.04 84.36
C ALA B 1147 -8.35 53.34 84.95
N VAL B 1148 -8.40 52.01 85.10
CA VAL B 1148 -7.26 51.26 85.67
C VAL B 1148 -6.01 51.38 84.80
N HIS B 1149 -6.15 51.29 83.48
CA HIS B 1149 -5.03 51.49 82.60
C HIS B 1149 -4.47 52.92 82.62
N LEU B 1150 -5.33 53.92 82.70
CA LEU B 1150 -4.84 55.31 82.68
C LEU B 1150 -4.08 55.62 83.97
N ILE B 1151 -4.57 55.10 85.10
CA ILE B 1151 -3.93 55.28 86.40
C ILE B 1151 -2.63 54.49 86.44
N SER B 1152 -2.62 53.23 86.01
CA SER B 1152 -1.40 52.39 85.97
C SER B 1152 -0.35 52.96 84.99
N SER B 1153 -0.78 53.91 84.16
CA SER B 1153 0.08 54.51 83.17
C SER B 1153 1.05 55.49 83.83
N TYR B 1154 0.50 56.36 84.66
CA TYR B 1154 1.22 57.43 85.33
C TYR B 1154 1.66 57.06 86.79
N ARG B 1155 1.97 55.78 87.02
CA ARG B 1155 2.35 55.28 88.36
C ARG B 1155 3.64 55.90 88.90
N GLN B 1156 4.60 56.17 88.02
CA GLN B 1156 5.89 56.76 88.41
C GLN B 1156 5.78 58.21 88.91
N TRP B 1157 4.84 58.94 88.35
CA TRP B 1157 4.56 60.31 88.74
C TRP B 1157 3.72 60.41 90.03
N PHE B 1158 3.35 59.25 90.59
CA PHE B 1158 2.58 59.15 91.85
C PHE B 1158 3.49 58.91 93.06
N GLN B 1159 4.78 58.80 92.78
CA GLN B 1159 5.81 58.64 93.78
C GLN B 1159 6.06 59.95 94.55
N ASN B 1160 6.26 61.03 93.79
CA ASN B 1160 6.78 62.29 94.33
C ASN B 1160 5.79 63.46 94.39
N LEU B 1161 4.65 63.30 93.75
CA LEU B 1161 3.65 64.35 93.62
C LEU B 1161 2.94 64.68 94.95
N ASP B 1162 2.47 65.94 95.06
CA ASP B 1162 1.70 66.45 96.22
C ASP B 1162 0.45 65.62 96.48
N ASP B 1163 0.16 65.39 97.77
CA ASP B 1163 -0.94 64.51 98.17
C ASP B 1163 -2.32 64.99 97.76
N LYS B 1164 -2.49 66.31 97.74
CA LYS B 1164 -3.71 66.95 97.25
C LYS B 1164 -3.77 66.84 95.73
N SER B 1165 -2.65 67.16 95.09
CA SER B 1165 -2.46 67.11 93.65
C SER B 1165 -2.58 65.69 93.05
N LEU B 1166 -2.14 64.66 93.79
CA LEU B 1166 -2.24 63.27 93.35
C LEU B 1166 -3.68 62.85 93.08
N LYS B 1167 -4.54 63.13 94.06
CA LYS B 1167 -5.97 62.84 93.97
C LYS B 1167 -6.60 63.55 92.76
N ASP B 1168 -6.08 64.72 92.42
CA ASP B 1168 -6.56 65.49 91.27
C ASP B 1168 -6.23 64.81 89.94
N VAL B 1169 -5.05 64.20 89.84
CA VAL B 1169 -4.71 63.40 88.64
C VAL B 1169 -5.60 62.14 88.51
N ILE B 1170 -5.83 61.47 89.64
CA ILE B 1170 -6.71 60.29 89.72
C ILE B 1170 -8.13 60.69 89.31
N THR B 1171 -8.70 61.64 90.06
CA THR B 1171 -10.06 62.15 89.85
C THR B 1171 -10.30 62.56 88.39
N LEU B 1172 -9.34 63.25 87.78
CA LEU B 1172 -9.49 63.65 86.37
C LEU B 1172 -9.58 62.47 85.42
N LEU B 1173 -8.64 61.53 85.52
CA LEU B 1173 -8.67 60.33 84.69
C LEU B 1173 -9.93 59.50 84.91
N ILE B 1174 -10.36 59.40 86.16
CA ILE B 1174 -11.59 58.72 86.50
C ILE B 1174 -12.83 59.47 85.98
N LYS B 1175 -12.78 60.80 85.99
CA LYS B 1175 -13.86 61.61 85.41
C LYS B 1175 -13.88 61.42 83.90
N ARG B 1176 -12.69 61.34 83.27
CA ARG B 1176 -12.55 61.09 81.83
C ARG B 1176 -13.10 59.74 81.42
N SER B 1177 -12.58 58.70 82.07
CA SER B 1177 -12.92 57.36 81.70
C SER B 1177 -14.42 57.08 81.96
N LEU B 1178 -14.99 57.82 82.91
CA LEU B 1178 -16.38 57.68 83.29
C LEU B 1178 -17.27 58.34 82.24
N LEU B 1179 -16.68 59.32 81.55
CA LEU B 1179 -17.36 60.05 80.49
C LEU B 1179 -17.52 59.19 79.22
N TYR B 1180 -16.39 58.73 78.68
CA TYR B 1180 -16.39 57.89 77.49
C TYR B 1180 -17.16 56.60 77.62
N ALA B 1181 -17.25 56.08 78.84
CA ALA B 1181 -18.01 54.86 79.04
C ALA B 1181 -19.53 55.06 79.15
N LEU B 1182 -19.97 56.27 79.51
CA LEU B 1182 -21.40 56.63 79.59
C LEU B 1182 -21.85 57.53 78.43
N ALA B 1183 -21.00 58.48 78.07
CA ALA B 1183 -21.36 59.48 77.08
C ALA B 1183 -20.56 59.37 75.79
N GLY B 1184 -19.75 58.33 75.63
CA GLY B 1184 -18.81 58.25 74.49
C GLY B 1184 -19.50 58.08 73.15
N ASP B 1185 -20.59 57.33 73.19
CA ASP B 1185 -21.42 57.08 72.06
C ASP B 1185 -22.45 58.21 71.89
N SER B 1186 -22.29 59.30 72.63
CA SER B 1186 -23.24 60.41 72.59
C SER B 1186 -22.83 61.51 71.61
N THR B 1187 -23.73 62.45 71.38
CA THR B 1187 -23.54 63.47 70.35
C THR B 1187 -22.30 64.31 70.59
N GLY B 1188 -21.98 64.52 71.86
CA GLY B 1188 -20.84 65.35 72.25
C GLY B 1188 -21.33 66.76 72.47
N GLU B 1189 -22.45 67.07 71.82
CA GLU B 1189 -23.29 68.16 72.24
C GLU B 1189 -23.85 67.69 73.57
N SER B 1190 -24.12 66.38 73.64
CA SER B 1190 -24.58 65.67 74.83
C SER B 1190 -23.46 65.40 75.82
N GLN B 1191 -22.26 65.16 75.28
CA GLN B 1191 -21.09 64.85 76.10
C GLN B 1191 -20.77 66.03 76.96
N ARG B 1192 -20.66 67.20 76.33
CA ARG B 1192 -20.42 68.45 77.03
C ARG B 1192 -21.41 68.70 78.18
N ALA B 1193 -22.68 68.37 77.93
CA ALA B 1193 -23.71 68.43 78.95
C ALA B 1193 -23.47 67.41 80.06
N PHE B 1194 -23.01 66.23 79.70
CA PHE B 1194 -22.71 65.16 80.66
C PHE B 1194 -21.47 65.49 81.49
N ILE B 1195 -20.53 66.20 80.86
CA ILE B 1195 -19.30 66.64 81.53
C ILE B 1195 -19.64 67.43 82.80
N GLN B 1196 -20.54 68.39 82.66
CA GLN B 1196 -20.97 69.21 83.77
C GLN B 1196 -21.74 68.38 84.77
N THR B 1197 -22.50 67.40 84.27
CA THR B 1197 -23.25 66.47 85.11
C THR B 1197 -22.31 65.65 85.99
N ILE B 1198 -21.16 65.26 85.43
CA ILE B 1198 -20.12 64.55 86.20
C ILE B 1198 -19.57 65.47 87.32
N ASN B 1199 -19.07 66.64 86.94
CA ASN B 1199 -18.58 67.63 87.88
C ASN B 1199 -19.59 67.97 88.98
N THR B 1200 -20.86 68.10 88.61
CA THR B 1200 -21.95 68.39 89.56
C THR B 1200 -22.04 67.36 90.69
N TYR B 1201 -22.16 66.08 90.34
CA TYR B 1201 -22.30 65.00 91.33
C TYR B 1201 -21.01 64.56 92.03
N PHE B 1202 -19.87 64.91 91.44
CA PHE B 1202 -18.57 64.81 92.10
C PHE B 1202 -18.45 65.99 93.05
N GLY B 1203 -17.52 65.94 93.99
CA GLY B 1203 -17.29 67.10 94.85
C GLY B 1203 -17.00 68.31 93.98
N HIS B 1204 -17.60 69.45 94.29
CA HIS B 1204 -17.45 70.67 93.48
C HIS B 1204 -16.01 71.20 93.41
N ASP B 1205 -15.29 71.12 94.54
CA ASP B 1205 -13.90 71.57 94.59
C ASP B 1205 -12.93 70.70 93.76
N SER B 1206 -13.20 69.38 93.69
CA SER B 1206 -12.35 68.37 93.00
C SER B 1206 -12.16 68.66 91.51
N GLN B 1207 -11.02 68.25 90.95
CA GLN B 1207 -10.64 68.70 89.61
C GLN B 1207 -11.68 68.56 88.52
N GLU B 1208 -12.11 69.71 88.03
CA GLU B 1208 -13.21 69.79 87.09
C GLU B 1208 -12.84 69.29 85.69
N LEU B 1209 -13.87 68.81 85.01
CA LEU B 1209 -13.73 68.32 83.66
C LEU B 1209 -14.04 69.43 82.67
N SER B 1210 -13.14 69.58 81.68
CA SER B 1210 -13.35 70.51 80.56
C SER B 1210 -13.66 69.69 79.31
N ASP B 1211 -14.25 70.33 78.30
CA ASP B 1211 -14.57 69.66 77.03
C ASP B 1211 -13.35 68.98 76.39
N TYR B 1212 -12.21 69.67 76.40
CA TYR B 1212 -10.97 69.16 75.82
C TYR B 1212 -9.89 68.87 76.87
N SER B 1213 -10.29 68.77 78.15
CA SER B 1213 -9.39 68.54 79.33
C SER B 1213 -8.35 67.42 79.16
N THR B 1214 -7.06 67.71 79.34
CA THR B 1214 -5.99 66.68 79.12
C THR B 1214 -4.88 66.77 80.15
N ILE B 1215 -4.21 65.65 80.40
CA ILE B 1215 -3.08 65.57 81.35
C ILE B 1215 -1.73 65.52 80.62
N VAL B 1216 -0.87 66.48 81.01
CA VAL B 1216 0.38 66.77 80.31
C VAL B 1216 1.57 66.85 81.28
N ILE B 1217 2.69 66.30 80.82
CA ILE B 1217 3.96 66.23 81.55
C ILE B 1217 5.15 66.64 80.66
N ALA B 1218 6.17 67.21 81.29
CA ALA B 1218 7.39 67.67 80.62
C ALA B 1218 8.29 66.56 80.08
N ASN B 1219 9.07 66.85 79.03
CA ASN B 1219 10.08 65.92 78.50
C ASN B 1219 11.24 65.61 79.47
N ASP B 1220 11.89 66.66 79.97
CA ASP B 1220 13.09 66.51 80.79
C ASP B 1220 12.98 67.01 82.23
N LYS B 1221 11.77 67.35 82.65
CA LYS B 1221 11.53 67.58 84.07
C LYS B 1221 10.26 66.88 84.48
N LEU B 1222 10.20 66.42 85.72
CA LEU B 1222 8.99 65.80 86.21
C LEU B 1222 8.02 66.93 86.56
N SER B 1223 6.84 66.90 85.95
CA SER B 1223 5.94 68.05 86.03
C SER B 1223 4.49 67.61 86.14
N PHE B 1224 3.67 68.54 86.57
CA PHE B 1224 2.25 68.30 86.71
C PHE B 1224 1.50 69.50 86.18
N SER B 1225 0.59 69.25 85.26
CA SER B 1225 -0.33 70.29 84.85
C SER B 1225 -1.35 69.75 83.88
N SER B 1226 -2.50 70.41 83.93
CA SER B 1226 -3.62 70.13 83.05
C SER B 1226 -3.83 71.26 82.03
N PHE B 1227 -3.34 70.99 80.82
CA PHE B 1227 -3.49 71.89 79.69
C PHE B 1227 -4.07 71.15 78.53
N CYS B 1228 -4.87 71.87 77.77
CA CYS B 1228 -5.72 71.28 76.77
C CYS B 1228 -5.73 72.07 75.49
N SER B 1229 -5.78 71.35 74.36
CA SER B 1229 -6.07 71.89 73.01
C SER B 1229 -5.04 72.83 72.34
N GLU B 1230 -3.79 72.40 72.35
CA GLU B 1230 -2.71 73.15 71.75
C GLU B 1230 -2.30 72.29 70.57
N ILE B 1231 -2.26 72.92 69.40
CA ILE B 1231 -2.28 72.16 68.15
C ILE B 1231 -1.07 72.35 67.26
N PRO B 1232 -0.47 71.22 66.82
CA PRO B 1232 0.66 71.24 65.87
C PRO B 1232 0.18 71.68 64.50
N SER B 1233 1.06 72.33 63.74
CA SER B 1233 0.65 72.90 62.45
C SER B 1233 1.26 72.13 61.29
N VAL B 1234 0.42 71.74 60.34
CA VAL B 1234 0.87 70.98 59.19
C VAL B 1234 1.04 71.87 57.97
N SER B 1235 2.24 71.82 57.40
CA SER B 1235 2.52 72.52 56.17
C SER B 1235 2.99 71.50 55.18
N LEU B 1236 2.31 71.46 54.05
CA LEU B 1236 2.50 70.40 53.10
C LEU B 1236 2.55 70.95 51.70
N GLU B 1237 3.27 70.23 50.86
CA GLU B 1237 3.46 70.65 49.48
C GLU B 1237 2.25 70.32 48.59
N ALA B 1238 2.27 70.84 47.38
CA ALA B 1238 1.19 70.63 46.42
C ALA B 1238 1.01 69.15 46.07
N HIS B 1239 2.10 68.42 45.85
CA HIS B 1239 2.04 66.97 45.54
C HIS B 1239 1.47 66.17 46.71
N GLU B 1240 1.77 66.61 47.93
CA GLU B 1240 1.35 65.96 49.19
C GLU B 1240 -0.15 66.00 49.43
N VAL B 1241 -0.86 66.78 48.61
CA VAL B 1241 -2.25 67.16 48.87
C VAL B 1241 -3.23 66.01 48.92
N MET B 1242 -3.11 65.06 48.00
CA MET B 1242 -3.84 63.82 48.16
C MET B 1242 -2.90 62.71 48.53
N ARG B 1243 -3.18 62.15 49.70
CA ARG B 1243 -2.39 61.07 50.21
C ARG B 1243 -3.36 60.27 51.07
N PRO B 1244 -3.40 58.96 50.86
CA PRO B 1244 -4.31 58.13 51.66
C PRO B 1244 -4.02 58.17 53.18
N ASP B 1245 -2.97 58.88 53.58
CA ASP B 1245 -2.59 59.05 55.00
C ASP B 1245 -2.14 60.47 55.27
N ILE B 1246 -3.09 61.38 55.21
CA ILE B 1246 -2.83 62.78 55.44
C ILE B 1246 -4.01 63.34 56.19
N VAL B 1247 -3.74 63.84 57.36
CA VAL B 1247 -4.79 64.43 58.18
C VAL B 1247 -4.37 65.86 58.55
N ILE B 1248 -5.22 66.84 58.23
CA ILE B 1248 -5.00 68.20 58.69
C ILE B 1248 -5.66 68.17 60.06
N PRO B 1249 -4.89 68.17 61.18
CA PRO B 1249 -5.40 67.98 62.56
C PRO B 1249 -6.21 69.16 63.10
N THR B 1250 -7.22 68.82 63.88
CA THR B 1250 -8.21 69.75 64.38
C THR B 1250 -8.20 69.64 65.92
N ILE B 1251 -8.88 70.55 66.61
CA ILE B 1251 -9.17 70.40 68.05
C ILE B 1251 -9.83 69.04 68.37
N ASP B 1252 -10.59 68.52 67.41
CA ASP B 1252 -11.28 67.23 67.52
C ASP B 1252 -10.54 66.02 66.93
N THR B 1253 -9.66 66.24 65.95
CA THR B 1253 -8.81 65.14 65.49
C THR B 1253 -7.94 64.56 66.61
N ILE B 1254 -7.25 65.43 67.34
CA ILE B 1254 -6.37 64.99 68.42
C ILE B 1254 -7.17 64.44 69.60
N LYS B 1255 -8.33 65.05 69.86
CA LYS B 1255 -9.26 64.59 70.90
C LYS B 1255 -9.67 63.13 70.70
N HIS B 1256 -10.13 62.84 69.48
CA HIS B 1256 -10.56 61.50 69.12
C HIS B 1256 -9.40 60.53 69.06
N GLU B 1257 -8.33 60.92 68.36
CA GLU B 1257 -7.14 60.07 68.19
C GLU B 1257 -6.55 59.63 69.53
N LYS B 1258 -6.57 60.53 70.51
CA LYS B 1258 -6.05 60.21 71.84
C LYS B 1258 -6.89 59.18 72.55
N ILE B 1259 -8.19 59.42 72.71
CA ILE B 1259 -9.09 58.45 73.37
C ILE B 1259 -9.11 57.07 72.69
N PHE B 1260 -9.22 57.07 71.36
CA PHE B 1260 -9.19 55.84 70.56
C PHE B 1260 -7.98 54.96 70.91
N TYR B 1261 -6.82 55.61 70.99
CA TYR B 1261 -5.56 54.95 71.32
C TYR B 1261 -5.53 54.40 72.75
N ASP B 1262 -6.07 55.18 73.68
CA ASP B 1262 -6.22 54.79 75.08
C ASP B 1262 -7.02 53.49 75.27
N LEU B 1263 -8.11 53.32 74.52
CA LEU B 1263 -8.95 52.14 74.64
C LEU B 1263 -8.21 50.89 74.17
N LEU B 1264 -7.41 51.03 73.12
CA LEU B 1264 -6.58 49.93 72.64
C LEU B 1264 -5.54 49.49 73.67
N ASN B 1265 -4.99 50.45 74.43
CA ASN B 1265 -4.08 50.15 75.53
C ASN B 1265 -4.79 49.27 76.54
N SER B 1266 -6.07 49.57 76.79
CA SER B 1266 -6.91 48.69 77.58
C SER B 1266 -7.12 47.39 76.81
N LYS B 1267 -7.14 47.49 75.48
CA LYS B 1267 -7.30 46.34 74.58
C LYS B 1267 -8.77 45.99 74.38
N ARG B 1268 -9.63 46.79 75.01
CA ARG B 1268 -11.07 46.65 74.84
C ARG B 1268 -11.48 47.07 73.44
N GLY B 1269 -12.39 46.29 72.86
CA GLY B 1269 -12.89 46.54 71.52
C GLY B 1269 -13.51 47.92 71.41
N ILE B 1270 -13.26 48.55 70.27
CA ILE B 1270 -13.78 49.86 69.99
C ILE B 1270 -14.78 49.75 68.84
N ILE B 1271 -15.95 50.34 69.05
CA ILE B 1271 -16.88 50.53 67.94
C ILE B 1271 -16.97 52.03 67.65
N LEU B 1272 -16.52 52.39 66.47
CA LEU B 1272 -16.64 53.75 65.95
C LEU B 1272 -17.91 53.80 65.13
N CYS B 1273 -18.93 54.47 65.66
CA CYS B 1273 -20.22 54.60 64.99
C CYS B 1273 -20.38 56.03 64.50
N GLY B 1274 -20.93 56.18 63.32
CA GLY B 1274 -21.14 57.50 62.74
C GLY B 1274 -21.39 57.49 61.23
N PRO B 1275 -21.76 58.65 60.69
CA PRO B 1275 -22.07 58.88 59.28
C PRO B 1275 -20.93 58.54 58.34
N PRO B 1276 -21.21 58.29 57.05
CA PRO B 1276 -20.10 58.12 56.11
C PRO B 1276 -19.37 59.46 55.83
N GLY B 1277 -18.05 59.44 55.82
CA GLY B 1277 -17.27 60.66 55.64
C GLY B 1277 -17.02 61.43 56.94
N SER B 1278 -17.46 60.88 58.07
CA SER B 1278 -17.27 61.55 59.35
C SER B 1278 -15.86 61.30 59.89
N GLY B 1279 -15.09 60.43 59.22
CA GLY B 1279 -13.66 60.20 59.51
C GLY B 1279 -13.26 59.16 60.56
N LYS B 1280 -14.10 58.13 60.71
CA LYS B 1280 -13.80 57.04 61.62
C LYS B 1280 -12.59 56.25 61.12
N THR B 1281 -12.48 56.11 59.80
CA THR B 1281 -11.35 55.42 59.20
C THR B 1281 -10.09 56.26 59.28
N MET B 1282 -10.14 57.56 58.96
CA MET B 1282 -8.99 58.48 59.18
C MET B 1282 -8.42 58.43 60.62
N ILE B 1283 -9.21 58.93 61.58
CA ILE B 1283 -8.85 58.92 63.00
C ILE B 1283 -8.28 57.56 63.41
N MET B 1284 -8.92 56.50 62.95
CA MET B 1284 -8.46 55.12 63.19
C MET B 1284 -7.11 54.77 62.56
N ASN B 1285 -6.90 55.15 61.31
CA ASN B 1285 -5.65 54.96 60.59
C ASN B 1285 -4.43 55.82 60.99
N ASN B 1286 -4.60 57.14 61.10
CA ASN B 1286 -3.49 58.03 61.44
C ASN B 1286 -2.90 57.86 62.82
N ALA B 1287 -3.77 57.63 63.82
CA ALA B 1287 -3.31 57.39 65.19
C ALA B 1287 -2.47 56.09 65.28
N LEU B 1288 -2.70 55.17 64.35
CA LEU B 1288 -1.98 53.90 64.34
C LEU B 1288 -0.82 53.78 63.34
N ARG B 1289 -0.89 54.46 62.20
CA ARG B 1289 0.19 54.41 61.20
C ARG B 1289 1.41 55.15 61.71
N ASN B 1290 1.19 55.94 62.76
CA ASN B 1290 2.26 56.65 63.47
C ASN B 1290 3.08 55.79 64.47
N SER B 1291 2.38 54.99 65.30
CA SER B 1291 3.03 54.19 66.35
C SER B 1291 3.62 52.85 65.88
N SER B 1292 4.76 52.50 66.46
CA SER B 1292 5.47 51.23 66.17
C SER B 1292 4.76 50.01 66.78
N LEU B 1293 4.06 50.24 67.88
CA LEU B 1293 3.32 49.20 68.63
C LEU B 1293 2.21 48.46 67.82
N TYR B 1294 1.23 49.20 67.30
CA TYR B 1294 0.11 48.62 66.57
C TYR B 1294 0.23 48.58 65.03
N ASP B 1295 -0.33 47.54 64.41
CA ASP B 1295 -0.35 47.33 62.93
C ASP B 1295 -1.73 46.96 62.43
N VAL B 1296 -2.15 47.66 61.38
CA VAL B 1296 -3.54 47.66 60.89
C VAL B 1296 -3.80 46.60 59.83
N VAL B 1297 -4.98 45.98 59.94
CA VAL B 1297 -5.49 45.04 58.96
C VAL B 1297 -6.95 45.40 58.72
N GLY B 1298 -7.22 45.94 57.54
CA GLY B 1298 -8.55 46.40 57.22
C GLY B 1298 -9.37 45.28 56.60
N ILE B 1299 -10.50 44.97 57.22
CA ILE B 1299 -11.51 44.10 56.61
C ILE B 1299 -12.77 44.93 56.34
N ASN B 1300 -13.16 44.99 55.06
CA ASN B 1300 -14.36 45.73 54.65
C ASN B 1300 -15.53 44.78 54.39
N PHE B 1301 -16.51 44.85 55.30
CA PHE B 1301 -17.64 43.95 55.41
C PHE B 1301 -18.73 44.33 54.42
N SER B 1302 -19.37 43.30 53.89
CA SER B 1302 -20.43 43.48 52.91
C SER B 1302 -21.66 42.65 53.31
N LYS B 1303 -22.74 42.85 52.59
CA LYS B 1303 -24.02 42.26 52.96
C LYS B 1303 -23.91 40.79 53.37
N ASP B 1304 -23.05 40.04 52.69
CA ASP B 1304 -22.88 38.62 53.01
C ASP B 1304 -21.42 38.27 53.14
N THR B 1305 -20.79 38.68 54.24
CA THR B 1305 -19.39 38.32 54.43
C THR B 1305 -19.35 37.07 55.29
N THR B 1306 -18.52 36.11 54.88
CA THR B 1306 -18.40 34.86 55.63
C THR B 1306 -17.26 34.99 56.66
N THR B 1307 -17.31 34.20 57.72
CA THR B 1307 -16.26 34.24 58.73
C THR B 1307 -14.96 33.65 58.22
N GLU B 1308 -14.98 33.03 57.04
CA GLU B 1308 -13.75 32.59 56.37
C GLU B 1308 -13.04 33.73 55.65
N HIS B 1309 -13.83 34.71 55.20
CA HIS B 1309 -13.31 35.97 54.66
C HIS B 1309 -12.42 36.68 55.67
N ILE B 1310 -12.91 36.72 56.92
CA ILE B 1310 -12.15 37.24 58.01
C ILE B 1310 -10.81 36.48 58.15
N LEU B 1311 -10.88 35.15 58.09
CA LEU B 1311 -9.72 34.29 58.28
C LEU B 1311 -8.69 34.39 57.14
N SER B 1312 -9.19 34.44 55.90
CA SER B 1312 -8.33 34.64 54.72
C SER B 1312 -7.56 35.97 54.74
N ALA B 1313 -8.26 37.05 55.06
CA ALA B 1313 -7.64 38.36 55.29
C ALA B 1313 -6.54 38.29 56.32
N LEU B 1314 -6.83 37.54 57.38
CA LEU B 1314 -5.92 37.35 58.50
C LEU B 1314 -4.64 36.55 58.17
N HIS B 1315 -4.77 35.56 57.30
CA HIS B 1315 -3.64 34.70 56.91
C HIS B 1315 -2.39 35.44 56.35
N ARG B 1316 -2.57 36.63 55.76
CA ARG B 1316 -1.41 37.51 55.41
C ARG B 1316 -0.65 38.12 56.59
N HIS B 1317 -1.37 38.42 57.66
CA HIS B 1317 -0.81 39.13 58.80
C HIS B 1317 -0.61 38.28 60.03
N THR B 1318 -0.96 37.00 59.91
CA THR B 1318 -0.90 36.14 61.07
C THR B 1318 -0.29 34.82 60.77
N ASN B 1319 0.29 34.23 61.81
CA ASN B 1319 0.95 32.98 61.67
C ASN B 1319 0.57 32.02 62.80
N TYR B 1320 0.03 30.84 62.46
CA TYR B 1320 -0.28 29.74 63.40
C TYR B 1320 0.92 29.08 64.11
N VAL B 1321 0.87 28.98 65.44
CA VAL B 1321 2.05 28.51 66.19
C VAL B 1321 1.64 27.79 67.45
N THR B 1322 2.59 27.07 68.03
CA THR B 1322 2.34 26.37 69.28
C THR B 1322 2.91 27.14 70.46
N THR B 1323 2.06 27.49 71.43
CA THR B 1323 2.53 28.10 72.68
C THR B 1323 1.90 27.58 73.95
N SER B 1324 2.70 27.60 75.01
CA SER B 1324 2.32 27.09 76.32
C SER B 1324 1.02 27.66 76.84
N LYS B 1325 0.85 28.98 76.77
CA LYS B 1325 -0.37 29.55 77.30
C LYS B 1325 -1.57 29.03 76.50
N GLY B 1326 -1.40 28.88 75.19
CA GLY B 1326 -2.55 28.54 74.38
C GLY B 1326 -2.52 27.30 73.54
N LEU B 1327 -1.55 26.42 73.76
CA LEU B 1327 -1.44 25.29 72.82
C LEU B 1327 -1.41 25.89 71.39
N THR B 1328 -2.28 25.45 70.47
CA THR B 1328 -2.40 26.15 69.16
C THR B 1328 -2.80 27.58 69.41
N LEU B 1329 -2.04 28.43 68.73
CA LEU B 1329 -2.16 29.85 68.88
C LEU B 1329 -2.14 30.55 67.54
N LEU B 1330 -2.63 31.78 67.58
CA LEU B 1330 -2.62 32.58 66.39
C LEU B 1330 -2.20 33.99 66.73
N PRO B 1331 -0.87 34.23 66.90
CA PRO B 1331 -0.48 35.60 67.08
C PRO B 1331 -0.29 36.27 65.72
N LYS B 1332 -0.15 37.59 65.77
CA LYS B 1332 0.30 38.34 64.63
C LYS B 1332 1.64 37.81 64.06
N SER B 1333 1.78 37.87 62.74
CA SER B 1333 2.98 37.30 62.06
C SER B 1333 4.33 37.99 62.43
N ASP B 1334 4.26 39.19 63.01
CA ASP B 1334 5.42 39.89 63.58
C ASP B 1334 5.21 40.09 65.07
N ILE B 1335 6.27 40.42 65.79
CA ILE B 1335 6.14 40.49 67.26
C ILE B 1335 5.20 41.58 67.83
N LYS B 1336 5.07 42.73 67.19
CA LYS B 1336 4.21 43.82 67.69
C LYS B 1336 2.70 43.77 67.31
N ASN B 1337 1.82 44.26 68.19
CA ASN B 1337 0.32 44.14 68.12
C ASN B 1337 -0.36 44.35 66.79
N LEU B 1338 -1.48 43.63 66.60
CA LEU B 1338 -2.30 43.71 65.37
C LEU B 1338 -3.70 44.20 65.62
N VAL B 1339 -4.19 45.08 64.74
CA VAL B 1339 -5.51 45.68 64.90
C VAL B 1339 -6.31 45.34 63.67
N LEU B 1340 -7.35 44.52 63.85
CA LEU B 1340 -8.31 44.22 62.81
C LEU B 1340 -9.36 45.32 62.75
N PHE B 1341 -9.39 46.04 61.65
CA PHE B 1341 -10.36 47.09 61.47
C PHE B 1341 -11.49 46.59 60.60
N CYS B 1342 -12.63 46.28 61.22
CA CYS B 1342 -13.78 45.76 60.50
C CYS B 1342 -14.72 46.91 60.19
N ASP B 1343 -14.61 47.41 58.97
CA ASP B 1343 -15.48 48.47 58.48
C ASP B 1343 -16.79 47.91 58.04
N GLU B 1344 -17.85 48.59 58.45
CA GLU B 1344 -19.22 48.24 58.08
C GLU B 1344 -19.68 46.94 58.75
N ILE B 1345 -19.43 46.88 60.06
CA ILE B 1345 -19.73 45.74 60.92
C ILE B 1345 -21.22 45.40 61.00
N ASN B 1346 -22.07 46.42 60.82
CA ASN B 1346 -23.53 46.23 60.83
C ASN B 1346 -24.10 46.02 59.44
N LEU B 1347 -23.27 45.55 58.51
CA LEU B 1347 -23.71 45.27 57.15
C LEU B 1347 -24.05 43.81 56.82
N PRO B 1348 -23.30 42.82 57.37
CA PRO B 1348 -23.65 41.45 57.01
C PRO B 1348 -25.01 41.05 57.55
N LYS B 1349 -25.69 40.21 56.76
CA LYS B 1349 -27.10 39.88 56.94
C LYS B 1349 -27.28 38.81 57.99
N LEU B 1350 -28.53 38.52 58.32
CA LEU B 1350 -28.79 37.53 59.35
C LEU B 1350 -29.53 36.31 58.88
N ASP B 1351 -29.32 35.18 59.55
CA ASP B 1351 -29.95 33.91 59.18
C ASP B 1351 -31.44 34.04 59.09
N LYS B 1352 -32.02 33.04 58.44
CA LYS B 1352 -33.44 32.97 58.17
C LYS B 1352 -34.14 33.14 59.49
N TYR B 1353 -33.61 32.50 60.52
CA TYR B 1353 -34.13 32.75 61.85
C TYR B 1353 -33.84 34.18 62.24
N GLY B 1354 -32.65 34.67 61.89
CA GLY B 1354 -32.30 36.07 62.16
C GLY B 1354 -31.13 36.28 63.10
N SER B 1355 -29.96 35.80 62.70
CA SER B 1355 -28.79 35.76 63.55
C SER B 1355 -27.53 35.91 62.71
N GLN B 1356 -26.76 37.01 62.84
CA GLN B 1356 -25.52 37.21 61.99
C GLN B 1356 -24.35 36.54 62.66
N ASN B 1357 -23.82 35.53 62.01
CA ASN B 1357 -22.83 34.69 62.66
C ASN B 1357 -21.47 35.36 62.68
N VAL B 1358 -21.24 36.17 61.64
CA VAL B 1358 -19.99 36.91 61.47
C VAL B 1358 -19.71 37.82 62.69
N VAL B 1359 -20.73 38.54 63.14
CA VAL B 1359 -20.66 39.35 64.36
C VAL B 1359 -20.48 38.54 65.65
N LEU B 1360 -21.16 37.39 65.73
CA LEU B 1360 -20.97 36.45 66.84
C LEU B 1360 -19.57 35.82 66.86
N PHE B 1361 -18.95 35.78 65.68
CA PHE B 1361 -17.58 35.28 65.50
C PHE B 1361 -16.57 36.27 66.07
N LEU B 1362 -16.81 37.56 65.79
CA LEU B 1362 -16.05 38.64 66.38
C LEU B 1362 -16.26 38.67 67.91
N ARG B 1363 -17.51 38.46 68.30
CA ARG B 1363 -17.87 38.35 69.70
C ARG B 1363 -17.11 37.21 70.33
N GLN B 1364 -16.95 36.12 69.57
CA GLN B 1364 -16.20 34.97 70.04
C GLN B 1364 -14.78 35.39 70.34
N LEU B 1365 -14.21 36.18 69.44
CA LEU B 1365 -12.83 36.61 69.56
C LEU B 1365 -12.61 37.55 70.76
N MET B 1366 -13.55 38.48 70.91
CA MET B 1366 -13.49 39.38 72.04
C MET B 1366 -13.65 38.69 73.38
N GLU B 1367 -14.65 37.82 73.51
CA GLU B 1367 -14.96 37.26 74.83
C GLU B 1367 -14.18 35.97 75.13
N LYS B 1368 -14.21 35.02 74.20
CA LYS B 1368 -13.46 33.78 74.36
C LYS B 1368 -11.96 34.02 74.27
N GLN B 1369 -11.52 34.67 73.20
CA GLN B 1369 -10.09 34.98 72.98
C GLN B 1369 -9.36 34.14 71.95
N GLY B 1370 -9.85 32.92 71.75
CA GLY B 1370 -9.61 32.13 70.55
C GLY B 1370 -10.94 31.73 69.92
N PHE B 1371 -10.90 30.75 69.04
CA PHE B 1371 -12.06 30.29 68.28
C PHE B 1371 -11.85 28.84 67.88
N TRP B 1372 -12.92 28.17 67.44
CA TRP B 1372 -12.81 26.74 67.03
C TRP B 1372 -12.45 26.65 65.54
N LYS B 1373 -11.52 25.75 65.20
CA LYS B 1373 -11.16 25.56 63.79
C LYS B 1373 -12.22 24.76 63.12
N THR B 1374 -12.72 25.34 62.04
CA THR B 1374 -13.97 24.95 61.44
C THR B 1374 -13.87 23.56 60.77
N PRO B 1375 -12.84 23.30 59.92
CA PRO B 1375 -12.69 21.92 59.45
C PRO B 1375 -11.88 21.00 60.38
N GLU B 1376 -10.71 21.46 60.80
CA GLU B 1376 -9.74 20.67 61.61
C GLU B 1376 -10.18 20.23 63.02
N ASN B 1377 -11.12 20.96 63.60
CA ASN B 1377 -11.71 20.72 64.95
C ASN B 1377 -10.75 20.74 66.13
N LYS B 1378 -10.04 21.86 66.25
CA LYS B 1378 -9.35 22.16 67.51
C LYS B 1378 -9.53 23.64 67.86
N TRP B 1379 -9.32 23.91 69.13
CA TRP B 1379 -9.34 25.27 69.62
C TRP B 1379 -7.96 25.92 69.38
N VAL B 1380 -7.99 27.06 68.71
CA VAL B 1380 -6.78 27.87 68.61
C VAL B 1380 -7.03 29.19 69.32
N THR B 1381 -6.12 29.58 70.22
CA THR B 1381 -6.31 30.75 71.04
C THR B 1381 -5.52 31.90 70.46
N ILE B 1382 -6.21 32.97 70.03
CA ILE B 1382 -5.49 34.14 69.48
C ILE B 1382 -4.72 34.91 70.56
N GLU B 1383 -3.49 35.26 70.21
CA GLU B 1383 -2.60 36.08 71.04
C GLU B 1383 -2.56 37.48 70.46
N ARG B 1384 -2.79 38.47 71.30
CA ARG B 1384 -2.43 39.85 70.97
C ARG B 1384 -2.94 40.35 69.61
N ILE B 1385 -4.23 40.13 69.36
CA ILE B 1385 -4.94 40.72 68.20
C ILE B 1385 -6.18 41.51 68.72
N HIS B 1386 -6.44 42.69 68.14
CA HIS B 1386 -7.53 43.61 68.55
C HIS B 1386 -8.66 43.76 67.53
N ILE B 1387 -9.89 43.92 68.02
CA ILE B 1387 -11.04 44.15 67.15
C ILE B 1387 -11.49 45.61 67.26
N VAL B 1388 -11.43 46.32 66.15
CA VAL B 1388 -12.01 47.66 66.05
C VAL B 1388 -12.94 47.67 64.84
N GLY B 1389 -14.16 48.15 65.10
CA GLY B 1389 -15.19 48.23 64.09
C GLY B 1389 -15.67 49.65 63.84
N ALA B 1390 -15.78 49.99 62.55
CA ALA B 1390 -16.55 51.16 62.12
C ALA B 1390 -17.94 50.74 61.56
N CYS B 1391 -18.97 51.52 61.86
CA CYS B 1391 -20.32 51.19 61.42
C CYS B 1391 -21.14 52.47 61.35
N ASN B 1392 -22.16 52.43 60.52
CA ASN B 1392 -23.04 53.54 60.37
C ASN B 1392 -24.17 53.51 61.41
N PRO B 1393 -24.85 54.66 61.66
CA PRO B 1393 -25.97 54.62 62.61
C PRO B 1393 -26.96 53.52 62.19
N PRO B 1394 -27.50 52.72 63.14
CA PRO B 1394 -28.29 51.57 62.67
C PRO B 1394 -29.69 51.97 62.19
N THR B 1395 -29.97 53.27 62.28
CA THR B 1395 -31.21 53.85 61.85
C THR B 1395 -31.14 54.07 60.33
N ASP B 1396 -29.92 54.15 59.77
CA ASP B 1396 -29.66 54.31 58.33
C ASP B 1396 -30.10 53.09 57.57
N PRO B 1397 -30.44 53.27 56.28
CA PRO B 1397 -30.83 52.14 55.44
C PRO B 1397 -29.66 51.19 55.15
N GLY B 1398 -29.98 49.89 55.14
CA GLY B 1398 -29.00 48.86 54.83
C GLY B 1398 -28.51 48.21 56.10
N ARG B 1399 -28.66 48.96 57.19
CA ARG B 1399 -28.05 48.61 58.47
C ARG B 1399 -28.88 47.63 59.32
N ILE B 1400 -28.22 46.62 59.87
CA ILE B 1400 -28.82 45.45 60.54
C ILE B 1400 -28.50 45.61 62.02
N PRO B 1401 -29.47 45.38 62.93
CA PRO B 1401 -29.20 45.53 64.36
C PRO B 1401 -28.30 44.43 64.90
N MET B 1402 -27.25 44.88 65.60
CA MET B 1402 -26.23 44.02 66.20
C MET B 1402 -26.50 43.64 67.66
N SER B 1403 -26.12 42.40 67.99
CA SER B 1403 -26.46 41.77 69.24
C SER B 1403 -25.76 42.43 70.41
N GLU B 1404 -26.52 42.87 71.41
CA GLU B 1404 -25.91 43.46 72.60
C GLU B 1404 -24.98 42.50 73.33
N ARG B 1405 -25.02 41.23 72.96
CA ARG B 1405 -24.10 40.23 73.47
C ARG B 1405 -22.71 40.40 72.87
N PHE B 1406 -22.64 41.05 71.70
CA PHE B 1406 -21.38 41.47 71.05
C PHE B 1406 -20.95 42.91 71.37
N THR B 1407 -21.88 43.86 71.26
CA THR B 1407 -21.54 45.26 71.59
C THR B 1407 -21.27 45.57 73.08
N ARG B 1408 -21.49 44.60 73.96
CA ARG B 1408 -21.23 44.79 75.39
C ARG B 1408 -19.75 44.70 75.70
N HIS B 1409 -18.98 44.27 74.70
CA HIS B 1409 -17.53 44.12 74.80
C HIS B 1409 -16.82 45.27 74.11
N ALA B 1410 -17.59 46.26 73.67
CA ALA B 1410 -17.02 47.35 72.93
C ALA B 1410 -17.26 48.72 73.53
N ALA B 1411 -16.26 49.58 73.36
CA ALA B 1411 -16.36 50.98 73.71
C ALA B 1411 -16.89 51.66 72.46
N ILE B 1412 -18.01 52.37 72.60
CA ILE B 1412 -18.60 52.97 71.41
C ILE B 1412 -18.34 54.47 71.35
N LEU B 1413 -17.78 54.91 70.22
CA LEU B 1413 -17.35 56.29 70.02
C LEU B 1413 -18.11 56.88 68.86
N TYR B 1414 -19.06 57.76 69.16
CA TYR B 1414 -19.78 58.44 68.09
C TYR B 1414 -19.02 59.62 67.47
N LEU B 1415 -18.54 59.45 66.24
CA LEU B 1415 -17.94 60.52 65.45
C LEU B 1415 -18.88 61.02 64.39
N GLY B 1416 -19.26 62.30 64.50
CA GLY B 1416 -20.13 62.91 63.53
C GLY B 1416 -19.41 63.82 62.57
N TYR B 1417 -20.18 64.67 61.90
CA TYR B 1417 -19.65 65.59 60.93
C TYR B 1417 -19.04 66.74 61.68
N PRO B 1418 -18.06 67.42 61.07
CA PRO B 1418 -17.37 68.49 61.77
C PRO B 1418 -17.73 69.97 61.41
N SER B 1419 -18.52 70.63 62.27
CA SER B 1419 -18.67 72.10 62.30
C SER B 1419 -19.39 72.77 61.12
N GLY B 1420 -18.94 72.51 59.89
CA GLY B 1420 -19.32 73.33 58.76
C GLY B 1420 -18.41 74.53 58.78
N LYS B 1421 -17.80 74.79 59.93
CA LYS B 1421 -16.83 75.88 60.11
C LYS B 1421 -15.39 75.35 60.28
N SER B 1422 -15.24 74.11 60.80
CA SER B 1422 -13.97 73.38 60.82
C SER B 1422 -13.70 72.86 59.43
N LEU B 1423 -14.77 72.44 58.74
CA LEU B 1423 -14.68 72.04 57.34
C LEU B 1423 -14.06 73.13 56.47
N SER B 1424 -14.47 74.36 56.70
CA SER B 1424 -13.93 75.47 55.96
C SER B 1424 -12.47 75.72 56.34
N GLN B 1425 -12.15 75.61 57.64
CA GLN B 1425 -10.76 75.71 58.18
C GLN B 1425 -9.83 74.64 57.62
N ILE B 1426 -10.35 73.40 57.56
CA ILE B 1426 -9.61 72.21 57.16
C ILE B 1426 -9.20 72.29 55.70
N TYR B 1427 -10.14 72.68 54.86
CA TYR B 1427 -9.89 72.74 53.43
C TYR B 1427 -9.13 73.98 52.98
N GLU B 1428 -9.06 75.00 53.83
CA GLU B 1428 -8.19 76.14 53.54
C GLU B 1428 -6.74 75.70 53.52
N ILE B 1429 -6.37 74.89 54.50
CA ILE B 1429 -5.00 74.36 54.62
C ILE B 1429 -4.70 73.43 53.44
N TYR B 1430 -5.78 72.86 52.90
CA TYR B 1430 -5.71 72.02 51.72
C TYR B 1430 -5.51 72.89 50.47
N TYR B 1431 -6.17 74.05 50.46
CA TYR B 1431 -6.02 74.98 49.36
C TYR B 1431 -4.63 75.65 49.42
N LYS B 1432 -4.20 75.96 50.64
CA LYS B 1432 -2.86 76.49 50.90
C LYS B 1432 -1.79 75.64 50.22
N ALA B 1433 -1.84 74.33 50.43
CA ALA B 1433 -0.88 73.36 49.84
C ALA B 1433 -0.88 73.36 48.30
N ILE B 1434 -2.08 73.34 47.71
CA ILE B 1434 -2.20 73.29 46.25
C ILE B 1434 -1.91 74.64 45.56
N PHE B 1435 -2.09 75.73 46.30
CA PHE B 1435 -1.77 77.07 45.79
C PHE B 1435 -0.27 77.47 45.83
N LYS B 1436 0.58 76.50 46.17
CA LYS B 1436 2.02 76.63 46.02
C LYS B 1436 2.38 76.50 44.54
N LEU B 1437 1.41 76.05 43.74
CA LEU B 1437 1.55 75.92 42.28
C LEU B 1437 1.16 77.20 41.54
N VAL B 1438 0.28 77.98 42.16
CA VAL B 1438 -0.10 79.31 41.65
C VAL B 1438 -0.03 80.32 42.78
N PRO B 1439 1.20 80.80 43.04
CA PRO B 1439 1.45 81.69 44.18
C PRO B 1439 0.80 83.07 44.05
N GLU B 1440 0.40 83.46 42.84
CA GLU B 1440 -0.21 84.77 42.55
C GLU B 1440 -1.63 84.87 43.10
N PHE B 1441 -2.17 83.74 43.53
CA PHE B 1441 -3.54 83.66 43.99
C PHE B 1441 -3.60 83.06 45.40
N ARG B 1442 -2.48 83.14 46.12
CA ARG B 1442 -2.33 82.75 47.54
C ARG B 1442 -3.39 83.39 48.46
N SER B 1443 -3.87 84.58 48.08
CA SER B 1443 -4.91 85.30 48.83
C SER B 1443 -6.33 84.75 48.59
N TYR B 1444 -6.45 83.99 47.50
CA TYR B 1444 -7.74 83.38 47.13
C TYR B 1444 -8.05 81.99 47.72
N THR B 1445 -7.16 81.45 48.57
CA THR B 1445 -7.36 80.13 49.18
C THR B 1445 -8.54 80.10 50.15
N GLU B 1446 -8.72 81.14 50.97
CA GLU B 1446 -9.84 81.15 51.92
C GLU B 1446 -11.23 81.28 51.27
N PRO B 1447 -11.41 82.18 50.29
CA PRO B 1447 -12.72 82.17 49.61
C PRO B 1447 -13.02 80.91 48.78
N PHE B 1448 -11.98 80.23 48.31
CA PHE B 1448 -12.15 78.96 47.62
C PHE B 1448 -12.60 77.84 48.59
N ALA B 1449 -11.97 77.81 49.76
CA ALA B 1449 -12.30 76.84 50.80
C ALA B 1449 -13.71 77.07 51.39
N ARG B 1450 -14.12 78.32 51.44
CA ARG B 1450 -15.43 78.66 51.94
C ARG B 1450 -16.49 78.35 50.90
N ALA B 1451 -16.13 78.50 49.60
CA ALA B 1451 -17.01 78.14 48.47
C ALA B 1451 -17.25 76.64 48.36
N SER B 1452 -16.17 75.88 48.41
CA SER B 1452 -16.21 74.41 48.40
C SER B 1452 -17.15 73.86 49.48
N VAL B 1453 -17.01 74.36 50.71
CA VAL B 1453 -17.88 73.95 51.81
C VAL B 1453 -19.33 74.42 51.68
N HIS B 1454 -19.53 75.64 51.17
CA HIS B 1454 -20.88 76.13 50.90
C HIS B 1454 -21.59 75.28 49.83
N LEU B 1455 -20.89 74.96 48.74
CA LEU B 1455 -21.43 74.12 47.67
C LEU B 1455 -21.77 72.74 48.21
N TYR B 1456 -20.90 72.20 49.08
CA TYR B 1456 -21.15 70.95 49.80
C TYR B 1456 -22.39 71.04 50.68
N ASN B 1457 -22.44 72.03 51.57
CA ASN B 1457 -23.57 72.24 52.47
C ASN B 1457 -24.88 72.28 51.70
N GLU B 1458 -24.85 72.94 50.54
CA GLU B 1458 -26.05 73.09 49.69
C GLU B 1458 -26.42 71.82 48.93
N CYS B 1459 -25.45 71.18 48.29
CA CYS B 1459 -25.72 69.91 47.61
C CYS B 1459 -26.30 68.86 48.56
N LYS B 1460 -25.70 68.74 49.74
CA LYS B 1460 -26.17 67.81 50.80
C LYS B 1460 -27.61 68.09 51.19
N ALA B 1461 -27.97 69.37 51.26
CA ALA B 1461 -29.29 69.81 51.68
C ALA B 1461 -30.34 69.73 50.58
N ARG B 1462 -29.98 70.14 49.36
CA ARG B 1462 -30.89 70.10 48.21
C ARG B 1462 -31.14 68.69 47.69
N TYR B 1463 -30.09 67.87 47.64
CA TYR B 1463 -30.22 66.55 47.02
C TYR B 1463 -30.02 65.45 48.05
N SER B 1464 -31.15 64.97 48.56
CA SER B 1464 -31.18 64.04 49.66
C SER B 1464 -31.71 62.71 49.21
N THR B 1465 -31.71 61.74 50.12
CA THR B 1465 -32.13 60.39 49.83
C THR B 1465 -33.64 60.32 49.62
N GLY B 1466 -34.31 61.45 49.79
CA GLY B 1466 -35.75 61.56 49.60
C GLY B 1466 -36.09 61.62 48.13
N LEU B 1467 -35.19 62.18 47.34
CA LEU B 1467 -35.34 62.26 45.89
C LEU B 1467 -34.74 61.01 45.26
N GLN B 1468 -33.47 60.76 45.53
CA GLN B 1468 -32.79 59.61 44.98
C GLN B 1468 -31.88 58.98 46.01
N SER B 1469 -31.72 57.66 45.91
CA SER B 1469 -31.01 56.83 46.85
C SER B 1469 -29.55 57.23 46.92
N HIS B 1470 -28.97 57.44 45.74
CA HIS B 1470 -27.57 57.74 45.63
C HIS B 1470 -27.24 59.19 46.01
N TYR B 1471 -28.25 59.98 46.37
CA TYR B 1471 -27.99 61.34 46.81
C TYR B 1471 -27.52 61.30 48.24
N LEU B 1472 -26.22 61.10 48.36
CA LEU B 1472 -25.60 60.89 49.63
C LEU B 1472 -24.29 61.68 49.55
N PHE B 1473 -24.26 62.83 50.24
CA PHE B 1473 -23.03 63.62 50.27
C PHE B 1473 -22.31 63.59 51.60
N SER B 1474 -21.00 63.84 51.53
CA SER B 1474 -20.08 63.77 52.66
C SER B 1474 -18.79 64.57 52.37
N PRO B 1475 -17.97 64.80 53.40
CA PRO B 1475 -16.72 65.52 53.16
C PRO B 1475 -15.73 64.76 52.23
N ARG B 1476 -16.08 63.51 51.92
CA ARG B 1476 -15.29 62.74 50.97
C ARG B 1476 -15.32 63.40 49.60
N GLU B 1477 -16.47 64.01 49.28
CA GLU B 1477 -16.63 64.72 48.03
C GLU B 1477 -15.73 65.95 48.00
N LEU B 1478 -15.69 66.66 49.13
CA LEU B 1478 -14.82 67.84 49.29
C LEU B 1478 -13.37 67.50 48.96
N THR B 1479 -12.88 66.42 49.58
CA THR B 1479 -11.50 65.99 49.38
C THR B 1479 -11.28 65.47 47.97
N ARG B 1480 -12.36 64.99 47.36
CA ARG B 1480 -12.36 64.53 45.99
C ARG B 1480 -12.21 65.74 45.10
N LEU B 1481 -12.90 66.82 45.46
CA LEU B 1481 -12.85 68.09 44.74
C LEU B 1481 -11.49 68.72 44.88
N VAL B 1482 -10.96 68.78 46.11
CA VAL B 1482 -9.64 69.39 46.37
C VAL B 1482 -8.49 68.71 45.55
N ARG B 1483 -8.48 67.38 45.55
CA ARG B 1483 -7.55 66.64 44.72
C ARG B 1483 -7.83 66.81 43.23
N GLY B 1484 -9.10 66.71 42.85
CA GLY B 1484 -9.52 66.92 41.46
C GLY B 1484 -9.04 68.24 40.87
N VAL B 1485 -9.08 69.28 41.70
CA VAL B 1485 -8.57 70.61 41.39
C VAL B 1485 -7.06 70.55 41.17
N TYR B 1486 -6.31 70.09 42.17
CA TYR B 1486 -4.85 70.02 42.06
C TYR B 1486 -4.38 69.31 40.80
N THR B 1487 -4.90 68.12 40.51
CA THR B 1487 -4.47 67.30 39.36
C THR B 1487 -4.60 68.06 38.04
N ALA B 1488 -5.67 68.86 37.94
CA ALA B 1488 -5.90 69.73 36.79
C ALA B 1488 -4.89 70.87 36.72
N ILE B 1489 -4.57 71.46 37.87
CA ILE B 1489 -3.56 72.52 37.96
C ILE B 1489 -2.16 71.96 37.67
N ASN B 1490 -1.76 70.93 38.43
CA ASN B 1490 -0.43 70.30 38.30
C ASN B 1490 -0.11 69.89 36.90
N THR B 1491 -1.13 69.65 36.09
CA THR B 1491 -0.87 69.34 34.70
C THR B 1491 -1.62 70.24 33.69
N GLY B 1492 -1.71 71.52 34.06
CA GLY B 1492 -2.36 72.53 33.22
C GLY B 1492 -1.54 73.79 32.95
N PRO B 1493 -1.91 74.54 31.88
CA PRO B 1493 -1.19 75.76 31.56
C PRO B 1493 -1.40 76.79 32.68
N ARG B 1494 -0.44 77.68 32.91
CA ARG B 1494 -0.60 78.64 34.01
C ARG B 1494 -1.94 79.35 33.95
N GLN B 1495 -2.54 79.46 35.13
CA GLN B 1495 -3.95 79.74 35.25
C GLN B 1495 -4.23 81.18 35.66
N THR B 1496 -5.10 81.81 34.86
CA THR B 1496 -5.73 83.08 35.23
C THR B 1496 -6.82 82.85 36.32
N LEU B 1497 -7.20 83.91 37.05
CA LEU B 1497 -8.29 83.81 38.05
C LEU B 1497 -9.60 83.31 37.43
N ARG B 1498 -9.81 83.69 36.17
CA ARG B 1498 -10.93 83.21 35.37
C ARG B 1498 -10.80 81.71 35.08
N SER B 1499 -9.57 81.24 34.87
CA SER B 1499 -9.31 79.83 34.65
C SER B 1499 -9.57 78.99 35.90
N LEU B 1500 -8.94 79.37 37.01
CA LEU B 1500 -9.02 78.62 38.27
C LEU B 1500 -10.44 78.37 38.75
N ILE B 1501 -11.28 79.40 38.71
CA ILE B 1501 -12.67 79.22 39.11
C ILE B 1501 -13.40 78.26 38.15
N ARG B 1502 -13.08 78.31 36.85
CA ARG B 1502 -13.67 77.38 35.84
C ARG B 1502 -13.15 75.95 36.00
N LEU B 1503 -11.89 75.85 36.39
CA LEU B 1503 -11.23 74.61 36.77
C LEU B 1503 -11.89 74.00 38.01
N TRP B 1504 -12.21 74.87 38.99
CA TRP B 1504 -12.94 74.52 40.21
C TRP B 1504 -14.37 74.14 39.89
N ALA B 1505 -15.00 74.94 39.03
CA ALA B 1505 -16.34 74.64 38.50
C ALA B 1505 -16.47 73.29 37.78
N TYR B 1506 -15.49 72.95 36.95
CA TYR B 1506 -15.49 71.69 36.22
C TYR B 1506 -15.48 70.51 37.18
N GLU B 1507 -14.59 70.58 38.17
CA GLU B 1507 -14.48 69.55 39.20
C GLU B 1507 -15.74 69.46 40.06
N ALA B 1508 -16.28 70.61 40.44
CA ALA B 1508 -17.53 70.68 41.17
C ALA B 1508 -18.67 69.98 40.40
N TRP B 1509 -18.65 70.10 39.06
CA TRP B 1509 -19.64 69.49 38.17
C TRP B 1509 -19.53 67.99 38.19
N ARG B 1510 -18.28 67.54 38.10
CA ARG B 1510 -17.97 66.12 38.03
C ARG B 1510 -18.14 65.36 39.36
N ILE B 1511 -18.01 66.08 40.47
CA ILE B 1511 -18.02 65.47 41.80
C ILE B 1511 -19.42 65.49 42.37
N PHE B 1512 -20.13 66.60 42.18
CA PHE B 1512 -21.45 66.75 42.79
C PHE B 1512 -22.65 66.48 41.84
N ALA B 1513 -22.49 66.73 40.54
CA ALA B 1513 -23.66 66.83 39.64
C ALA B 1513 -23.82 65.73 38.59
N ASP B 1514 -22.73 65.01 38.30
CA ASP B 1514 -22.77 63.86 37.41
C ASP B 1514 -23.78 62.81 37.88
N ARG B 1515 -23.96 62.74 39.20
CA ARG B 1515 -24.86 61.78 39.85
C ARG B 1515 -26.34 62.18 39.80
N LEU B 1516 -26.57 63.47 39.55
CA LEU B 1516 -27.93 64.03 39.58
C LEU B 1516 -28.74 63.48 38.41
N VAL B 1517 -29.95 63.01 38.69
CA VAL B 1517 -30.87 62.53 37.65
C VAL B 1517 -31.71 63.65 37.06
N GLY B 1518 -32.17 63.45 35.83
CA GLY B 1518 -33.04 64.44 35.19
C GLY B 1518 -32.43 65.82 35.00
N VAL B 1519 -33.30 66.80 34.84
CA VAL B 1519 -32.86 68.10 34.38
C VAL B 1519 -33.23 69.18 35.37
N LYS B 1520 -34.30 68.97 36.13
CA LYS B 1520 -34.79 69.98 37.08
C LYS B 1520 -33.76 70.22 38.18
N GLU B 1521 -33.14 69.13 38.61
CA GLU B 1521 -32.12 69.16 39.63
C GLU B 1521 -30.78 69.56 39.00
N LYS B 1522 -30.55 69.16 37.74
CA LYS B 1522 -29.29 69.53 37.04
C LYS B 1522 -29.21 71.02 36.75
N ASN B 1523 -30.34 71.66 36.53
CA ASN B 1523 -30.36 73.10 36.32
C ASN B 1523 -30.25 73.83 37.64
N SER B 1524 -30.78 73.21 38.68
CA SER B 1524 -30.69 73.70 40.06
C SER B 1524 -29.22 73.86 40.50
N PHE B 1525 -28.38 72.89 40.12
CA PHE B 1525 -26.93 72.97 40.38
C PHE B 1525 -26.24 74.06 39.54
N GLU B 1526 -26.68 74.26 38.28
CA GLU B 1526 -26.09 75.31 37.44
C GLU B 1526 -26.25 76.66 38.11
N GLN B 1527 -27.43 76.88 38.69
CA GLN B 1527 -27.76 78.12 39.37
C GLN B 1527 -26.98 78.19 40.67
N LEU B 1528 -26.89 77.07 41.39
CA LEU B 1528 -26.16 77.00 42.66
C LEU B 1528 -24.69 77.39 42.51
N LEU B 1529 -24.03 76.81 41.51
CA LEU B 1529 -22.65 77.08 41.19
C LEU B 1529 -22.45 78.56 40.85
N TYR B 1530 -23.37 79.14 40.05
CA TYR B 1530 -23.38 80.59 39.74
C TYR B 1530 -23.53 81.44 40.97
N GLU B 1531 -24.48 81.06 41.84
CA GLU B 1531 -24.79 81.71 43.11
C GLU B 1531 -23.60 81.72 44.06
N THR B 1532 -22.84 80.63 44.07
CA THR B 1532 -21.74 80.42 45.01
C THR B 1532 -20.48 81.18 44.60
N VAL B 1533 -20.14 81.15 43.30
CA VAL B 1533 -19.03 81.95 42.75
C VAL B 1533 -19.29 83.44 43.02
N ASP B 1534 -20.51 83.90 42.79
CA ASP B 1534 -20.82 85.29 43.02
C ASP B 1534 -20.79 85.74 44.48
N LYS B 1535 -21.00 84.79 45.40
CA LYS B 1535 -20.96 85.05 46.86
C LYS B 1535 -19.54 85.06 47.45
N TYR B 1536 -18.61 84.34 46.81
CA TYR B 1536 -17.25 84.16 47.35
C TYR B 1536 -16.13 84.56 46.40
N LEU B 1537 -16.36 84.44 45.10
CA LEU B 1537 -15.34 84.77 44.10
C LEU B 1537 -15.89 85.75 43.03
N PRO B 1538 -16.07 87.04 43.39
CA PRO B 1538 -16.87 87.93 42.55
C PRO B 1538 -16.18 88.46 41.29
N ASN B 1539 -16.38 87.77 40.18
CA ASN B 1539 -15.89 88.19 38.88
C ASN B 1539 -17.01 88.16 37.87
N GLN B 1540 -16.96 89.06 36.91
CA GLN B 1540 -17.84 89.02 35.73
C GLN B 1540 -17.04 88.71 34.45
N ASP B 1541 -15.86 88.11 34.63
CA ASP B 1541 -15.11 87.47 33.54
C ASP B 1541 -15.57 86.03 33.28
N LEU B 1542 -16.42 85.51 34.18
CA LEU B 1542 -17.10 84.22 34.02
C LEU B 1542 -17.87 84.13 32.72
N GLY B 1543 -18.02 82.90 32.22
CA GLY B 1543 -18.81 82.64 31.03
C GLY B 1543 -19.97 81.73 31.36
N ASN B 1544 -20.42 80.96 30.37
CA ASN B 1544 -21.47 79.98 30.58
C ASN B 1544 -20.92 78.80 31.39
N ILE B 1545 -21.47 78.65 32.59
CA ILE B 1545 -20.95 77.68 33.54
C ILE B 1545 -21.58 76.27 33.39
N SER B 1546 -22.57 76.13 32.49
CA SER B 1546 -23.18 74.83 32.17
C SER B 1546 -22.15 73.86 31.62
N SER B 1547 -22.24 72.58 32.01
CA SER B 1547 -21.19 71.59 31.68
C SER B 1547 -20.99 71.37 30.16
N THR B 1548 -22.04 71.67 29.41
CA THR B 1548 -22.04 71.62 27.94
C THR B 1548 -21.04 72.62 27.35
N SER B 1549 -20.89 73.78 28.01
CA SER B 1549 -19.98 74.86 27.61
C SER B 1549 -18.55 74.78 28.17
N LEU B 1550 -18.39 74.28 29.40
CA LEU B 1550 -17.02 74.02 29.90
C LEU B 1550 -16.53 72.58 29.71
N LEU B 1551 -15.60 72.43 28.77
CA LEU B 1551 -15.05 71.14 28.41
C LEU B 1551 -13.54 71.23 28.63
N PHE B 1552 -13.05 70.44 29.58
CA PHE B 1552 -11.62 70.41 29.92
C PHE B 1552 -11.03 69.05 29.54
N SER B 1553 -9.88 69.04 28.87
CA SER B 1553 -9.29 67.79 28.38
C SER B 1553 -7.81 67.89 28.10
N GLY B 1554 -7.17 66.73 28.14
CA GLY B 1554 -5.77 66.62 27.78
C GLY B 1554 -5.65 65.56 26.71
N LEU B 1555 -6.67 65.49 25.86
CA LEU B 1555 -6.65 64.62 24.69
C LEU B 1555 -6.01 65.38 23.54
N LEU B 1556 -6.25 66.69 23.54
CA LEU B 1556 -5.76 67.57 22.49
C LEU B 1556 -4.39 68.17 22.82
N SER B 1557 -4.27 68.71 24.02
CA SER B 1557 -3.01 69.29 24.49
C SER B 1557 -2.24 68.33 25.39
N LEU B 1558 -0.96 68.65 25.62
CA LEU B 1558 -0.15 67.94 26.60
C LEU B 1558 -0.57 68.36 28.02
N ASP B 1559 -1.06 69.60 28.13
CA ASP B 1559 -1.55 70.15 29.39
C ASP B 1559 -3.07 70.11 29.46
N PHE B 1560 -3.59 69.82 30.66
CA PHE B 1560 -5.03 69.78 30.91
C PHE B 1560 -5.57 71.22 30.91
N LYS B 1561 -6.38 71.52 29.89
CA LYS B 1561 -6.84 72.89 29.59
C LYS B 1561 -8.29 72.86 29.09
N GLU B 1562 -9.00 73.97 29.16
CA GLU B 1562 -10.34 74.08 28.58
C GLU B 1562 -10.20 74.06 27.04
N VAL B 1563 -10.95 73.19 26.36
CA VAL B 1563 -10.80 72.99 24.89
C VAL B 1563 -12.05 73.51 24.17
N ASN B 1564 -11.92 73.72 22.86
CA ASN B 1564 -13.02 74.14 21.96
C ASN B 1564 -13.94 72.97 21.51
N LYS B 1565 -15.26 73.22 21.54
CA LYS B 1565 -16.29 72.23 21.14
C LYS B 1565 -16.06 71.61 19.74
N THR B 1566 -15.70 72.47 18.79
CA THR B 1566 -15.43 72.05 17.43
C THR B 1566 -14.10 71.31 17.33
N ASP B 1567 -13.11 71.76 18.10
CA ASP B 1567 -11.81 71.10 18.12
C ASP B 1567 -11.87 69.68 18.72
N LEU B 1568 -12.73 69.49 19.72
CA LEU B 1568 -12.92 68.17 20.35
C LEU B 1568 -13.66 67.19 19.44
N VAL B 1569 -14.77 67.65 18.84
CA VAL B 1569 -15.60 66.84 17.94
C VAL B 1569 -14.78 66.31 16.74
N ASN B 1570 -13.94 67.15 16.14
CA ASN B 1570 -13.01 66.74 15.07
C ASN B 1570 -11.99 65.67 15.50
N PHE B 1571 -11.51 65.82 16.74
CA PHE B 1571 -10.57 64.88 17.37
C PHE B 1571 -11.23 63.52 17.64
N ILE B 1572 -12.46 63.52 18.13
CA ILE B 1572 -13.27 62.29 18.34
C ILE B 1572 -13.57 61.59 16.99
N GLU B 1573 -13.97 62.39 16.00
CA GLU B 1573 -14.32 61.90 14.67
C GLU B 1573 -13.19 61.11 13.99
N GLU B 1574 -11.96 61.64 14.08
CA GLU B 1574 -10.79 60.98 13.48
C GLU B 1574 -10.38 59.73 14.25
N ARG B 1575 -10.69 59.72 15.54
CA ARG B 1575 -10.29 58.63 16.42
C ARG B 1575 -11.34 57.53 16.48
N PHE B 1576 -12.59 57.87 16.21
CA PHE B 1576 -13.66 56.89 16.20
C PHE B 1576 -13.59 55.99 14.97
N LYS B 1577 -13.28 56.58 13.81
CA LYS B 1577 -13.03 55.81 12.59
C LYS B 1577 -11.95 54.74 12.82
N THR B 1578 -10.87 55.20 13.46
CA THR B 1578 -9.72 54.39 13.81
C THR B 1578 -10.11 53.26 14.75
N PHE B 1579 -10.80 53.64 15.83
CA PHE B 1579 -11.38 52.69 16.77
C PHE B 1579 -12.44 51.81 16.09
N CYS B 1580 -13.17 52.36 15.13
CA CYS B 1580 -14.07 51.54 14.32
C CYS B 1580 -13.28 50.55 13.46
N ASP B 1581 -12.25 51.04 12.75
CA ASP B 1581 -11.39 50.15 11.95
C ASP B 1581 -10.63 49.11 12.77
N GLU B 1582 -9.95 49.59 13.81
CA GLU B 1582 -9.08 48.76 14.64
C GLU B 1582 -9.84 47.75 15.52
N GLU B 1583 -10.92 48.20 16.15
CA GLU B 1583 -11.73 47.35 17.03
C GLU B 1583 -13.00 46.85 16.33
N LEU B 1584 -14.02 46.53 17.11
CA LEU B 1584 -15.31 46.04 16.61
C LEU B 1584 -15.95 47.04 15.63
N GLU B 1585 -16.35 46.53 14.46
CA GLU B 1585 -16.89 47.35 13.37
C GLU B 1585 -18.41 47.57 13.51
N VAL B 1586 -18.79 48.73 14.05
CA VAL B 1586 -20.18 49.28 14.04
C VAL B 1586 -20.08 50.82 14.18
N PRO B 1587 -20.54 51.59 13.17
CA PRO B 1587 -20.46 53.06 13.28
C PRO B 1587 -21.67 53.71 13.97
N MET B 1588 -21.43 54.74 14.79
CA MET B 1588 -22.51 55.52 15.43
C MET B 1588 -22.31 57.06 15.43
N VAL B 1589 -23.35 57.79 15.87
CA VAL B 1589 -23.53 59.24 15.71
C VAL B 1589 -23.05 60.07 16.91
N ILE B 1590 -22.05 60.93 16.66
CA ILE B 1590 -21.41 61.72 17.72
C ILE B 1590 -22.25 62.96 18.02
N HIS B 1591 -22.74 63.07 19.26
CA HIS B 1591 -23.65 64.16 19.64
C HIS B 1591 -23.28 64.86 20.95
N GLU B 1592 -23.87 66.03 21.18
CA GLU B 1592 -23.49 66.92 22.29
C GLU B 1592 -23.35 66.22 23.66
N SER B 1593 -24.28 65.33 23.99
CA SER B 1593 -24.22 64.57 25.25
C SER B 1593 -22.96 63.68 25.32
N MET B 1594 -22.67 63.05 24.20
CA MET B 1594 -21.61 62.06 24.11
C MET B 1594 -20.22 62.64 24.33
N VAL B 1595 -19.99 63.85 23.82
CA VAL B 1595 -18.70 64.52 24.01
C VAL B 1595 -18.50 64.85 25.49
N ASP B 1596 -19.54 65.43 26.11
CA ASP B 1596 -19.50 65.72 27.55
C ASP B 1596 -19.28 64.45 28.38
N HIS B 1597 -19.92 63.36 27.98
CA HIS B 1597 -19.73 62.07 28.65
C HIS B 1597 -18.37 61.42 28.41
N ILE B 1598 -17.79 61.58 27.21
CA ILE B 1598 -16.44 61.09 26.92
C ILE B 1598 -15.38 61.63 27.89
N LEU B 1599 -15.44 62.93 28.18
CA LEU B 1599 -14.58 63.62 29.17
C LEU B 1599 -14.77 63.14 30.61
N ARG B 1600 -16.03 62.87 30.97
CA ARG B 1600 -16.36 62.29 32.27
C ARG B 1600 -15.65 60.95 32.51
N ILE B 1601 -15.75 60.02 31.57
CA ILE B 1601 -15.06 58.73 31.62
C ILE B 1601 -13.56 58.90 31.50
N ASP B 1602 -13.13 59.87 30.70
CA ASP B 1602 -11.71 60.19 30.54
C ASP B 1602 -11.02 60.57 31.87
N ARG B 1603 -11.59 61.51 32.63
CA ARG B 1603 -11.02 61.89 33.93
C ARG B 1603 -11.01 60.70 34.91
N ALA B 1604 -12.07 59.90 34.88
CA ALA B 1604 -12.16 58.69 35.68
C ALA B 1604 -11.03 57.73 35.33
N LEU B 1605 -10.95 57.33 34.07
CA LEU B 1605 -9.95 56.36 33.63
C LEU B 1605 -8.50 56.91 33.69
N LYS B 1606 -8.35 58.22 33.87
CA LYS B 1606 -7.04 58.84 34.10
C LYS B 1606 -6.52 58.68 35.53
N GLN B 1607 -7.40 58.91 36.53
CA GLN B 1607 -6.99 58.83 37.94
C GLN B 1607 -6.40 57.46 38.31
N VAL B 1608 -5.43 57.47 39.21
CA VAL B 1608 -4.65 56.27 39.56
C VAL B 1608 -5.58 55.17 40.05
N GLN B 1609 -6.52 55.54 40.92
CA GLN B 1609 -7.61 54.65 41.24
C GLN B 1609 -8.84 55.15 40.51
N GLY B 1610 -9.34 54.34 39.59
CA GLY B 1610 -10.45 54.76 38.74
C GLY B 1610 -11.60 53.80 38.88
N HIS B 1611 -12.69 54.32 39.41
CA HIS B 1611 -13.93 53.59 39.51
C HIS B 1611 -15.01 54.55 39.08
N MET B 1612 -15.82 54.11 38.14
CA MET B 1612 -16.93 54.90 37.68
C MET B 1612 -18.06 53.92 37.44
N MET B 1613 -19.25 54.17 38.01
CA MET B 1613 -20.45 53.38 37.68
C MET B 1613 -21.45 54.25 36.86
N LEU B 1614 -21.81 53.75 35.66
CA LEU B 1614 -22.58 54.44 34.61
C LEU B 1614 -24.05 54.02 34.62
N ILE B 1615 -24.97 54.96 34.77
CA ILE B 1615 -26.38 54.59 34.80
C ILE B 1615 -27.07 55.10 33.55
N GLY B 1616 -27.25 54.22 32.55
CA GLY B 1616 -27.66 54.65 31.18
C GLY B 1616 -29.00 54.20 30.56
N ALA B 1617 -29.86 53.60 31.37
CA ALA B 1617 -31.01 52.92 30.79
C ALA B 1617 -30.48 51.88 29.82
N SER B 1618 -30.88 51.94 28.55
CA SER B 1618 -30.37 50.96 27.60
C SER B 1618 -30.27 51.55 26.20
N ARG B 1619 -29.27 51.11 25.44
CA ARG B 1619 -29.09 51.54 24.04
C ARG B 1619 -28.60 52.98 23.97
N THR B 1620 -28.51 53.60 25.14
CA THR B 1620 -27.82 54.86 25.33
C THR B 1620 -26.44 54.75 24.68
N GLY B 1621 -25.78 53.59 24.88
CA GLY B 1621 -24.42 53.33 24.38
C GLY B 1621 -23.33 53.38 25.45
N LYS B 1622 -23.74 53.39 26.72
CA LYS B 1622 -22.78 53.49 27.81
C LYS B 1622 -21.66 52.41 27.73
N THR B 1623 -21.99 51.19 27.33
CA THR B 1623 -20.96 50.14 27.20
C THR B 1623 -19.99 50.42 26.06
N ILE B 1624 -20.46 50.99 24.96
CA ILE B 1624 -19.57 51.29 23.83
C ILE B 1624 -18.64 52.49 24.11
N LEU B 1625 -19.15 53.55 24.72
CA LEU B 1625 -18.31 54.70 25.12
C LEU B 1625 -17.15 54.31 26.06
N THR B 1626 -17.48 53.43 27.00
CA THR B 1626 -16.51 52.90 27.96
C THR B 1626 -15.42 52.17 27.19
N ARG B 1627 -15.80 51.29 26.26
CA ARG B 1627 -14.79 50.57 25.44
C ARG B 1627 -13.85 51.53 24.68
N PHE B 1628 -14.44 52.64 24.22
CA PHE B 1628 -13.73 53.63 23.43
C PHE B 1628 -12.74 54.42 24.27
N VAL B 1629 -13.23 55.07 25.32
CA VAL B 1629 -12.37 55.96 26.17
C VAL B 1629 -11.22 55.14 26.78
N ALA B 1630 -11.48 53.88 27.09
CA ALA B 1630 -10.46 52.97 27.61
C ALA B 1630 -9.39 52.67 26.55
N TRP B 1631 -9.83 52.56 25.30
CA TRP B 1631 -8.91 52.33 24.19
C TRP B 1631 -8.04 53.55 23.91
N LEU B 1632 -8.63 54.74 24.09
CA LEU B 1632 -7.92 56.02 23.99
C LEU B 1632 -6.90 56.19 25.10
N ASN B 1633 -7.24 55.72 26.30
CA ASN B 1633 -6.34 55.79 27.45
C ASN B 1633 -5.41 54.61 27.58
N GLY B 1634 -5.44 53.74 26.56
CA GLY B 1634 -4.49 52.66 26.40
C GLY B 1634 -4.72 51.55 27.40
N LEU B 1635 -5.99 51.22 27.62
CA LEU B 1635 -6.38 50.25 28.62
C LEU B 1635 -6.97 49.01 27.98
N LYS B 1636 -6.45 47.87 28.41
CA LYS B 1636 -6.97 46.59 28.00
C LYS B 1636 -8.42 46.45 28.49
N ILE B 1637 -9.36 46.17 27.60
CA ILE B 1637 -10.76 46.01 28.03
C ILE B 1637 -11.10 44.52 28.24
N VAL B 1638 -11.33 44.15 29.49
CA VAL B 1638 -11.74 42.80 29.86
C VAL B 1638 -13.23 42.83 30.16
N GLN B 1639 -14.01 41.92 29.54
CA GLN B 1639 -15.46 41.82 29.80
C GLN B 1639 -15.95 40.41 30.12
N PRO B 1640 -16.22 40.15 31.42
CA PRO B 1640 -16.49 38.81 31.91
C PRO B 1640 -17.41 37.98 31.03
N LYS B 1641 -16.91 36.84 30.60
CA LYS B 1641 -17.63 35.98 29.69
C LYS B 1641 -18.62 35.05 30.41
N ILE B 1642 -19.65 35.63 31.01
CA ILE B 1642 -20.67 34.87 31.81
C ILE B 1642 -21.91 34.34 31.04
N HIS B 1643 -22.66 33.41 31.68
CA HIS B 1643 -23.86 32.74 31.12
C HIS B 1643 -24.69 32.02 32.20
N ARG B 1644 -25.94 31.63 31.87
CA ARG B 1644 -26.85 30.99 32.83
C ARG B 1644 -26.20 29.92 33.67
N HIS B 1645 -25.26 29.20 33.08
CA HIS B 1645 -24.60 28.11 33.79
C HIS B 1645 -23.17 28.46 34.19
N SER B 1646 -22.97 29.70 34.63
CA SER B 1646 -21.68 30.12 35.17
C SER B 1646 -21.67 30.05 36.69
N ASN B 1647 -20.60 29.44 37.20
CA ASN B 1647 -20.36 29.21 38.61
C ASN B 1647 -19.66 30.43 39.15
N LEU B 1648 -19.56 30.58 40.47
CA LEU B 1648 -18.69 31.62 41.07
C LEU B 1648 -17.21 31.41 40.71
N SER B 1649 -16.78 30.16 40.75
CA SER B 1649 -15.48 29.71 40.24
C SER B 1649 -15.07 30.33 38.89
N ASP B 1650 -16.03 30.41 37.96
CA ASP B 1650 -15.77 30.96 36.61
C ASP B 1650 -15.45 32.43 36.70
N PHE B 1651 -16.29 33.17 37.41
CA PHE B 1651 -16.08 34.59 37.67
C PHE B 1651 -14.84 34.80 38.53
N ASP B 1652 -14.63 33.93 39.52
CA ASP B 1652 -13.37 33.94 40.25
C ASP B 1652 -12.16 33.89 39.30
N MET B 1653 -12.12 32.89 38.39
CA MET B 1653 -11.06 32.75 37.38
C MET B 1653 -10.81 34.04 36.60
N ILE B 1654 -11.93 34.59 36.12
CA ILE B 1654 -11.97 35.77 35.27
C ILE B 1654 -11.37 36.97 36.00
N LEU B 1655 -11.74 37.14 37.29
CA LEU B 1655 -11.11 38.13 38.21
C LEU B 1655 -9.61 37.90 38.47
N LYS B 1656 -9.28 36.72 38.98
CA LYS B 1656 -7.89 36.37 39.34
C LYS B 1656 -6.89 36.68 38.23
N LYS B 1657 -7.21 36.25 37.00
CA LYS B 1657 -6.37 36.54 35.83
C LYS B 1657 -6.17 38.04 35.64
N ALA B 1658 -7.28 38.77 35.59
CA ALA B 1658 -7.24 40.22 35.44
C ALA B 1658 -6.42 40.92 36.53
N ILE B 1659 -6.39 40.32 37.72
CA ILE B 1659 -5.59 40.83 38.85
C ILE B 1659 -4.10 40.50 38.66
N SER B 1660 -3.83 39.24 38.33
CA SER B 1660 -2.46 38.76 38.09
C SER B 1660 -1.79 39.49 36.93
N ASP B 1661 -2.56 39.80 35.89
CA ASP B 1661 -2.06 40.55 34.76
C ASP B 1661 -1.77 42.02 35.10
N CYS B 1662 -2.52 42.56 36.06
CA CYS B 1662 -2.34 43.97 36.45
C CYS B 1662 -1.04 44.25 37.22
N SER B 1663 -0.56 43.25 37.96
CA SER B 1663 0.65 43.43 38.73
C SER B 1663 1.86 42.69 38.17
N LEU B 1664 1.68 41.40 37.85
CA LEU B 1664 2.77 40.54 37.37
C LEU B 1664 3.00 40.66 35.88
N LYS B 1665 2.11 41.37 35.18
CA LYS B 1665 2.27 41.66 33.73
C LYS B 1665 2.19 43.16 33.42
N GLU B 1666 1.79 43.95 34.42
CA GLU B 1666 1.61 45.41 34.32
C GLU B 1666 0.66 45.78 33.19
N SER B 1667 -0.56 45.23 33.22
CA SER B 1667 -1.47 45.28 32.07
C SER B 1667 -2.19 46.59 31.84
N ARG B 1668 -2.57 47.26 32.93
CA ARG B 1668 -3.43 48.46 32.88
C ARG B 1668 -4.84 48.22 32.32
N THR B 1669 -5.53 47.22 32.86
CA THR B 1669 -6.80 46.74 32.32
C THR B 1669 -7.98 47.62 32.78
N CYS B 1670 -9.00 47.67 31.93
CA CYS B 1670 -10.32 48.14 32.29
C CYS B 1670 -11.32 46.96 32.34
N LEU B 1671 -11.93 46.76 33.52
CA LEU B 1671 -12.87 45.69 33.72
C LEU B 1671 -14.27 46.27 33.62
N ILE B 1672 -14.99 45.95 32.54
CA ILE B 1672 -16.41 46.33 32.41
C ILE B 1672 -17.30 45.23 32.99
N ILE B 1673 -17.98 45.59 34.06
CA ILE B 1673 -18.89 44.70 34.74
C ILE B 1673 -20.27 45.25 34.43
N ASP B 1674 -21.12 44.43 33.80
CA ASP B 1674 -22.53 44.79 33.58
C ASP B 1674 -23.39 44.21 34.70
N GLU B 1675 -24.62 44.70 34.87
CA GLU B 1675 -25.54 44.18 35.90
C GLU B 1675 -25.89 42.69 35.67
N SER B 1676 -25.77 42.28 34.42
CA SER B 1676 -26.07 40.94 33.99
C SER B 1676 -25.01 39.99 34.50
N ASN B 1677 -23.78 40.51 34.60
CA ASN B 1677 -22.62 39.76 35.03
C ASN B 1677 -22.69 39.32 36.48
N ILE B 1678 -23.25 40.16 37.34
CA ILE B 1678 -23.51 39.70 38.73
C ILE B 1678 -24.72 38.72 38.80
N LEU B 1679 -24.43 37.43 38.62
CA LEU B 1679 -25.44 36.34 38.58
C LEU B 1679 -25.94 35.93 39.95
N GLU B 1680 -25.03 35.75 40.88
CA GLU B 1680 -25.41 35.48 42.24
C GLU B 1680 -25.03 36.69 43.10
N THR B 1681 -25.44 36.66 44.35
CA THR B 1681 -25.03 37.66 45.32
C THR B 1681 -23.50 37.64 45.61
N ALA B 1682 -22.88 36.47 45.61
CA ALA B 1682 -21.46 36.37 45.89
C ALA B 1682 -20.53 37.08 44.89
N PHE B 1683 -20.94 37.09 43.63
CA PHE B 1683 -20.21 37.76 42.56
C PHE B 1683 -20.02 39.22 42.91
N LEU B 1684 -21.11 39.88 43.34
CA LEU B 1684 -21.06 41.26 43.82
C LEU B 1684 -20.20 41.40 45.09
N GLU B 1685 -20.24 40.39 45.96
CA GLU B 1685 -19.43 40.40 47.18
C GLU B 1685 -17.93 40.36 46.90
N ARG B 1686 -17.54 39.60 45.87
CA ARG B 1686 -16.17 39.64 45.32
C ARG B 1686 -15.80 41.01 44.77
N MET B 1687 -16.76 41.68 44.13
CA MET B 1687 -16.48 42.98 43.53
C MET B 1687 -16.29 44.04 44.57
N ASN B 1688 -16.90 43.85 45.74
CA ASN B 1688 -16.72 44.75 46.87
C ASN B 1688 -15.31 44.72 47.42
N THR B 1689 -14.87 43.50 47.69
CA THR B 1689 -13.53 43.20 48.17
C THR B 1689 -12.47 43.82 47.23
N LEU B 1690 -12.76 43.80 45.92
CA LEU B 1690 -11.83 44.28 44.89
C LEU B 1690 -11.78 45.78 44.83
N LEU B 1691 -12.74 46.47 45.46
CA LEU B 1691 -12.79 47.94 45.42
C LEU B 1691 -12.47 48.60 46.74
N ALA B 1692 -13.11 48.15 47.81
CA ALA B 1692 -12.89 48.73 49.13
C ALA B 1692 -11.48 48.43 49.64
N ASN B 1693 -11.03 47.20 49.41
CA ASN B 1693 -9.63 46.83 49.55
C ASN B 1693 -9.14 46.78 48.13
N ALA B 1694 -7.84 46.81 47.90
CA ALA B 1694 -7.38 46.73 46.53
C ALA B 1694 -7.03 45.32 46.07
N ASP B 1695 -7.53 44.31 46.79
CA ASP B 1695 -7.29 42.90 46.47
C ASP B 1695 -8.41 41.96 46.91
N ILE B 1696 -8.47 40.78 46.30
CA ILE B 1696 -9.39 39.76 46.76
C ILE B 1696 -8.60 38.72 47.55
N PRO B 1697 -8.75 38.74 48.88
CA PRO B 1697 -8.11 37.82 49.81
C PRO B 1697 -8.36 36.35 49.51
N ASP B 1698 -9.60 35.96 49.27
CA ASP B 1698 -9.94 34.56 49.01
C ASP B 1698 -9.23 34.02 47.78
N LEU B 1699 -9.02 34.87 46.77
CA LEU B 1699 -8.41 34.38 45.55
C LEU B 1699 -6.99 33.86 45.82
N PHE B 1700 -6.24 34.64 46.60
CA PHE B 1700 -4.85 34.30 47.01
C PHE B 1700 -4.74 33.96 48.49
N GLN B 1701 -4.96 32.68 48.78
CA GLN B 1701 -4.88 32.11 50.11
C GLN B 1701 -4.16 30.75 49.98
N GLY B 1702 -3.45 30.35 51.04
CA GLY B 1702 -2.83 29.03 51.09
C GLY B 1702 -1.69 28.86 50.09
N GLU B 1703 -1.70 27.72 49.40
CA GLU B 1703 -0.59 27.39 48.50
C GLU B 1703 -0.55 28.37 47.36
N GLU B 1704 -1.74 28.77 46.93
CA GLU B 1704 -1.86 29.72 45.84
C GLU B 1704 -1.42 31.11 46.29
N TYR B 1705 -1.27 31.28 47.60
CA TYR B 1705 -0.72 32.50 48.19
C TYR B 1705 0.79 32.47 48.05
N ASP B 1706 1.34 31.27 48.25
CA ASP B 1706 2.79 31.02 48.21
C ASP B 1706 3.26 31.08 46.78
N LYS B 1707 2.47 30.55 45.84
CA LYS B 1707 2.76 30.63 44.42
C LYS B 1707 2.76 32.07 43.91
N LEU B 1708 1.76 32.86 44.32
CA LEU B 1708 1.70 34.31 44.03
C LEU B 1708 2.91 34.99 44.63
N LEU B 1709 3.22 34.64 45.87
CA LEU B 1709 4.29 35.28 46.60
C LEU B 1709 5.63 35.01 45.94
N ASN B 1710 5.78 33.81 45.38
CA ASN B 1710 6.95 33.46 44.56
C ASN B 1710 7.04 34.24 43.25
N ASN B 1711 5.99 34.20 42.44
CA ASN B 1711 5.88 35.00 41.21
C ASN B 1711 6.14 36.48 41.41
N LEU B 1712 5.73 36.98 42.57
CA LEU B 1712 5.93 38.38 43.00
C LEU B 1712 7.39 38.73 43.13
N ARG B 1713 8.15 37.84 43.75
CA ARG B 1713 9.58 38.03 43.92
C ARG B 1713 10.36 38.08 42.59
N ASN B 1714 9.94 37.29 41.60
CA ASN B 1714 10.53 37.30 40.26
C ASN B 1714 10.48 38.68 39.60
N LYS B 1715 9.27 39.25 39.52
CA LYS B 1715 9.01 40.55 38.90
C LYS B 1715 9.67 41.69 39.68
N THR B 1716 9.66 41.60 41.01
CA THR B 1716 10.17 42.68 41.88
C THR B 1716 11.65 42.88 41.61
N ARG B 1717 12.40 41.78 41.55
CA ARG B 1717 13.83 41.80 41.25
C ARG B 1717 14.07 42.38 39.88
N SER B 1718 13.31 41.86 38.90
CA SER B 1718 13.41 42.22 37.50
C SER B 1718 13.32 43.71 37.31
N LEU B 1719 12.36 44.31 38.01
CA LEU B 1719 12.12 45.75 37.98
C LEU B 1719 13.21 46.53 38.70
N GLY B 1720 13.92 45.86 39.60
CA GLY B 1720 15.07 46.47 40.30
C GLY B 1720 14.83 46.95 41.72
N LEU B 1721 13.91 46.30 42.42
CA LEU B 1721 13.77 46.59 43.84
C LEU B 1721 13.74 45.31 44.60
N LEU B 1722 14.28 45.33 45.80
CA LEU B 1722 13.97 44.21 46.65
C LEU B 1722 13.04 44.57 47.79
N LEU B 1723 12.04 43.72 47.97
CA LEU B 1723 11.21 43.73 49.13
C LEU B 1723 11.43 42.40 49.82
N ASP B 1724 11.90 42.53 51.06
CA ASP B 1724 12.34 41.39 51.84
C ASP B 1724 11.18 40.58 52.43
N THR B 1725 10.26 41.25 53.10
CA THR B 1725 9.25 40.53 53.88
C THR B 1725 8.02 40.22 53.05
N GLU B 1726 7.27 39.26 53.57
CA GLU B 1726 6.05 38.76 52.99
C GLU B 1726 5.00 39.86 52.84
N GLN B 1727 4.98 40.78 53.82
CA GLN B 1727 4.04 41.91 53.84
C GLN B 1727 4.44 42.99 52.86
N GLU B 1728 5.76 43.25 52.77
CA GLU B 1728 6.35 44.24 51.86
C GLU B 1728 5.96 44.02 50.40
N LEU B 1729 5.95 42.74 50.00
CA LEU B 1729 5.64 42.32 48.65
C LEU B 1729 4.17 42.44 48.32
N TYR B 1730 3.30 42.02 49.23
CA TYR B 1730 1.86 42.09 48.98
C TYR B 1730 1.40 43.53 48.84
N ASP B 1731 2.01 44.41 49.62
CA ASP B 1731 1.65 45.81 49.57
C ASP B 1731 2.08 46.50 48.25
N TRP B 1732 3.05 45.93 47.53
CA TRP B 1732 3.38 46.38 46.18
C TRP B 1732 2.33 45.86 45.21
N PHE B 1733 2.04 44.57 45.30
CA PHE B 1733 1.01 43.88 44.51
C PHE B 1733 -0.33 44.61 44.58
N VAL B 1734 -0.79 44.88 45.80
CA VAL B 1734 -1.97 45.71 46.09
C VAL B 1734 -1.90 47.12 45.49
N GLY B 1735 -0.80 47.81 45.73
CA GLY B 1735 -0.64 49.15 45.19
C GLY B 1735 -0.49 49.15 43.68
N GLU B 1736 -0.13 48.00 43.10
CA GLU B 1736 -0.07 47.85 41.66
C GLU B 1736 -1.48 47.68 41.03
N ILE B 1737 -2.33 46.90 41.68
CA ILE B 1737 -3.75 46.77 41.34
C ILE B 1737 -4.42 48.13 41.43
N ALA B 1738 -4.18 48.84 42.53
CA ALA B 1738 -4.76 50.16 42.79
C ALA B 1738 -4.42 51.20 41.75
N LYS B 1739 -3.38 50.95 40.95
CA LYS B 1739 -2.99 51.92 39.91
C LYS B 1739 -3.12 51.40 38.48
N ASN B 1740 -3.41 50.12 38.33
CA ASN B 1740 -3.58 49.52 37.02
C ASN B 1740 -5.00 48.99 36.71
N LEU B 1741 -5.77 48.64 37.75
CA LEU B 1741 -7.13 48.12 37.54
C LEU B 1741 -8.19 49.19 37.66
N HIS B 1742 -9.07 49.18 36.67
CA HIS B 1742 -10.14 50.14 36.50
C HIS B 1742 -11.48 49.42 36.28
N VAL B 1743 -12.39 49.57 37.23
CA VAL B 1743 -13.70 48.95 37.11
C VAL B 1743 -14.78 49.97 36.70
N VAL B 1744 -15.39 49.76 35.52
CA VAL B 1744 -16.57 50.54 35.12
C VAL B 1744 -17.81 49.64 35.07
N PHE B 1745 -18.83 50.07 35.81
CA PHE B 1745 -20.10 49.35 35.94
C PHE B 1745 -21.18 49.94 35.02
N THR B 1746 -21.93 49.08 34.33
CA THR B 1746 -22.97 49.55 33.42
C THR B 1746 -24.32 49.00 33.82
N ILE B 1747 -25.08 49.80 34.58
CA ILE B 1747 -26.39 49.40 35.12
C ILE B 1747 -27.55 50.23 34.54
N CYS B 1748 -28.53 49.50 34.02
CA CYS B 1748 -29.54 50.07 33.10
C CYS B 1748 -30.78 50.49 33.84
N ASP B 1749 -31.40 49.59 34.60
CA ASP B 1749 -32.44 50.02 35.53
C ASP B 1749 -31.99 50.00 37.00
N PRO B 1750 -31.64 51.18 37.55
CA PRO B 1750 -31.32 51.33 38.98
C PRO B 1750 -32.46 50.97 39.91
N THR B 1751 -33.66 50.99 39.36
CA THR B 1751 -34.87 50.55 40.04
C THR B 1751 -34.81 49.05 40.47
N ASN B 1752 -34.22 48.22 39.62
CA ASN B 1752 -34.16 46.77 39.80
C ASN B 1752 -33.53 46.43 41.12
N ASN B 1753 -34.04 45.41 41.82
CA ASN B 1753 -33.47 44.99 43.11
C ASN B 1753 -31.99 44.48 43.09
N LYS B 1754 -31.56 43.91 41.97
CA LYS B 1754 -30.15 43.49 41.79
C LYS B 1754 -29.23 44.66 41.45
N SER B 1755 -29.72 45.61 40.65
CA SER B 1755 -29.01 46.83 40.29
C SER B 1755 -29.18 47.88 41.39
N SER B 1756 -30.10 47.65 42.31
CA SER B 1756 -30.20 48.50 43.49
C SER B 1756 -29.01 48.14 44.37
N ALA B 1757 -28.72 46.84 44.46
CA ALA B 1757 -27.66 46.31 45.30
C ALA B 1757 -26.28 46.79 44.93
N MET B 1758 -26.10 47.16 43.67
CA MET B 1758 -24.86 47.75 43.16
C MET B 1758 -24.61 49.03 43.92
N ILE B 1759 -25.54 49.96 43.78
CA ILE B 1759 -25.39 51.28 44.34
C ILE B 1759 -25.46 51.23 45.86
N SER B 1760 -26.28 50.34 46.41
CA SER B 1760 -26.35 50.06 47.85
C SER B 1760 -24.98 49.75 48.40
N SER B 1761 -24.34 48.74 47.81
CA SER B 1761 -23.05 48.28 48.28
C SER B 1761 -22.12 49.46 48.50
N PRO B 1762 -21.64 49.64 49.74
CA PRO B 1762 -20.81 50.78 50.13
C PRO B 1762 -19.50 50.78 49.38
N ALA B 1763 -18.84 49.64 49.36
CA ALA B 1763 -17.60 49.49 48.64
C ALA B 1763 -17.69 50.09 47.25
N LEU B 1764 -18.66 49.64 46.46
CA LEU B 1764 -18.84 50.16 45.10
C LEU B 1764 -19.26 51.63 45.14
N PHE B 1765 -20.16 52.01 46.04
CA PHE B 1765 -20.70 53.39 46.06
C PHE B 1765 -19.65 54.43 46.35
N ASN B 1766 -18.80 54.13 47.33
CA ASN B 1766 -17.76 55.04 47.73
C ASN B 1766 -16.59 55.11 46.77
N ARG B 1767 -16.10 53.95 46.35
CA ARG B 1767 -14.96 53.93 45.45
C ARG B 1767 -15.29 54.19 43.97
N CYS B 1768 -16.57 54.35 43.64
CA CYS B 1768 -17.01 54.65 42.29
C CYS B 1768 -17.42 56.11 42.03
N ILE B 1769 -17.22 56.55 40.79
CA ILE B 1769 -17.72 57.84 40.32
C ILE B 1769 -19.07 57.55 39.68
N ILE B 1770 -20.16 57.97 40.33
CA ILE B 1770 -21.51 57.70 39.84
C ILE B 1770 -21.82 58.70 38.73
N ASN B 1771 -22.26 58.19 37.58
CA ASN B 1771 -22.57 59.02 36.41
C ASN B 1771 -23.95 58.72 35.85
N TRP B 1772 -24.71 59.74 35.45
CA TRP B 1772 -26.07 59.54 34.93
C TRP B 1772 -26.33 59.91 33.48
N MET B 1773 -26.71 58.89 32.71
CA MET B 1773 -27.01 59.01 31.28
C MET B 1773 -28.45 58.52 30.99
N GLY B 1774 -29.26 58.46 32.06
CA GLY B 1774 -30.55 57.74 32.11
C GLY B 1774 -31.60 57.90 31.01
N ASP B 1775 -31.51 58.97 30.24
CA ASP B 1775 -32.48 59.27 29.19
C ASP B 1775 -31.81 60.10 28.11
N TRP B 1776 -32.29 59.94 26.88
CA TRP B 1776 -31.83 60.82 25.79
C TRP B 1776 -32.59 62.13 25.75
N ASP B 1777 -31.82 63.21 25.75
CA ASP B 1777 -32.33 64.57 25.63
C ASP B 1777 -32.98 64.81 24.26
N THR B 1778 -33.95 65.71 24.20
CA THR B 1778 -34.68 66.00 22.96
C THR B 1778 -33.77 66.52 21.86
N LYS B 1779 -32.82 67.38 22.22
CA LYS B 1779 -31.81 67.83 21.27
C LYS B 1779 -30.91 66.69 20.80
N THR B 1780 -30.53 65.79 21.71
CA THR B 1780 -29.68 64.65 21.33
C THR B 1780 -30.45 63.62 20.50
N MET B 1781 -31.78 63.57 20.66
CA MET B 1781 -32.63 62.71 19.85
C MET B 1781 -32.69 63.23 18.43
N SER B 1782 -32.88 64.54 18.31
CA SER B 1782 -32.94 65.20 17.02
C SER B 1782 -31.61 65.12 16.30
N GLN B 1783 -30.51 65.26 17.06
CA GLN B 1783 -29.17 65.17 16.50
C GLN B 1783 -28.89 63.79 15.94
N VAL B 1784 -29.37 62.76 16.63
CA VAL B 1784 -29.16 61.38 16.22
C VAL B 1784 -30.01 61.06 14.98
N ALA B 1785 -31.28 61.49 15.03
CA ALA B 1785 -32.22 61.33 13.92
C ALA B 1785 -31.73 61.97 12.63
N ASN B 1786 -31.26 63.21 12.76
CA ASN B 1786 -30.75 64.00 11.64
C ASN B 1786 -29.66 63.28 10.86
N ASN B 1787 -28.64 62.77 11.56
CA ASN B 1787 -27.51 62.07 10.94
C ASN B 1787 -27.87 60.73 10.29
N MET B 1788 -28.95 60.12 10.76
CA MET B 1788 -29.42 58.86 10.20
C MET B 1788 -30.21 59.06 8.90
N VAL B 1789 -30.84 60.22 8.78
CA VAL B 1789 -31.59 60.60 7.60
C VAL B 1789 -30.80 61.59 6.72
N ASP B 1790 -29.47 61.60 6.90
CA ASP B 1790 -28.51 62.36 6.09
C ASP B 1790 -28.64 61.99 4.61
N VAL B 1791 -28.88 60.70 4.33
CA VAL B 1791 -29.25 60.23 2.99
C VAL B 1791 -30.57 60.89 2.57
N ILE B 1792 -30.59 61.42 1.36
CA ILE B 1792 -31.72 62.25 0.91
C ILE B 1792 -32.48 61.66 -0.28
N PRO B 1793 -33.41 60.73 0.01
CA PRO B 1793 -34.41 60.36 -0.98
C PRO B 1793 -35.41 61.50 -1.24
N MET B 1794 -35.66 62.36 -0.25
CA MET B 1794 -36.79 63.29 -0.31
C MET B 1794 -36.67 64.57 -1.18
N GLU B 1795 -37.83 65.19 -1.44
CA GLU B 1795 -38.02 66.27 -2.41
C GLU B 1795 -38.96 67.33 -1.84
N PHE B 1796 -38.99 68.53 -2.44
CA PHE B 1796 -39.83 69.65 -1.98
C PHE B 1796 -41.25 69.25 -1.55
N THR B 1797 -41.72 69.90 -0.49
CA THR B 1797 -43.04 69.68 0.11
C THR B 1797 -43.55 71.02 0.71
N ASP B 1798 -44.78 71.01 1.21
CA ASP B 1798 -45.47 72.19 1.76
C ASP B 1798 -44.83 72.85 3.00
N PHE B 1799 -44.28 72.02 3.90
CA PHE B 1799 -43.69 72.43 5.20
C PHE B 1799 -44.54 73.41 6.05
N THR B 1816 -38.83 72.80 6.59
CA THR B 1816 -38.06 71.83 5.81
C THR B 1816 -38.69 70.43 5.87
N ILE B 1817 -38.35 69.63 4.86
CA ILE B 1817 -38.90 68.28 4.78
C ILE B 1817 -38.23 67.30 5.74
N ARG B 1818 -36.90 67.20 5.71
CA ARG B 1818 -36.18 66.32 6.63
C ARG B 1818 -36.33 66.80 8.08
N ASP B 1819 -36.36 68.11 8.29
CA ASP B 1819 -36.54 68.74 9.62
C ASP B 1819 -37.90 68.38 10.26
N ALA B 1820 -38.92 68.25 9.42
CA ALA B 1820 -40.23 67.84 9.88
C ALA B 1820 -40.33 66.34 10.23
N VAL B 1821 -39.75 65.48 9.39
CA VAL B 1821 -39.80 64.03 9.60
C VAL B 1821 -39.17 63.63 10.93
N VAL B 1822 -38.02 64.24 11.25
CA VAL B 1822 -37.33 63.93 12.50
C VAL B 1822 -38.14 64.37 13.71
N ASN B 1823 -38.73 65.55 13.62
CA ASN B 1823 -39.63 66.09 14.63
C ASN B 1823 -40.85 65.20 14.91
N ILE B 1824 -41.29 64.44 13.91
CA ILE B 1824 -42.46 63.55 14.03
C ILE B 1824 -42.13 62.38 14.95
N LEU B 1825 -41.00 61.74 14.62
CA LEU B 1825 -40.52 60.55 15.31
C LEU B 1825 -40.26 60.84 16.80
N ILE B 1826 -39.73 62.04 17.06
CA ILE B 1826 -39.51 62.57 18.41
C ILE B 1826 -40.85 62.72 19.12
N HIS B 1827 -41.81 63.34 18.44
CA HIS B 1827 -43.12 63.60 19.00
C HIS B 1827 -43.94 62.32 19.13
N PHE B 1828 -43.60 61.29 18.34
CA PHE B 1828 -44.26 60.00 18.54
C PHE B 1828 -43.66 59.22 19.70
N ASP B 1829 -42.32 59.15 19.78
CA ASP B 1829 -41.60 58.46 20.86
C ASP B 1829 -41.96 59.07 22.23
N ARG B 1830 -42.06 60.40 22.28
CA ARG B 1830 -42.44 61.11 23.50
C ARG B 1830 -43.87 60.83 23.93
N ASN B 1831 -44.72 60.51 22.95
CA ASN B 1831 -46.10 60.16 23.19
C ASN B 1831 -46.29 58.69 23.48
N PHE B 1832 -45.40 57.87 22.93
CA PHE B 1832 -45.45 56.43 23.07
C PHE B 1832 -45.20 56.02 24.52
N TYR B 1833 -44.11 56.51 25.11
CA TYR B 1833 -43.75 56.15 26.47
C TYR B 1833 -44.73 56.74 27.49
N GLN B 1834 -45.18 57.97 27.23
CA GLN B 1834 -46.21 58.66 28.02
C GLN B 1834 -47.55 57.88 28.06
N LYS B 1835 -47.95 57.27 26.95
CA LYS B 1835 -49.28 56.65 26.90
C LYS B 1835 -49.24 55.16 27.22
N MET B 1836 -48.30 54.45 26.59
CA MET B 1836 -48.25 53.00 26.69
C MET B 1836 -47.64 52.49 28.01
N LYS B 1837 -46.38 52.86 28.22
CA LYS B 1837 -45.58 52.28 29.29
C LYS B 1837 -45.99 52.83 30.65
N VAL B 1838 -45.80 52.00 31.67
CA VAL B 1838 -46.14 52.35 33.05
C VAL B 1838 -44.90 52.42 33.89
N GLY B 1839 -44.95 53.24 34.94
CA GLY B 1839 -43.77 53.59 35.71
C GLY B 1839 -43.11 54.83 35.13
N VAL B 1840 -42.45 55.60 35.99
CA VAL B 1840 -41.87 56.86 35.57
C VAL B 1840 -40.41 56.73 35.12
N ASN B 1841 -40.23 56.75 33.80
CA ASN B 1841 -38.94 56.97 33.18
C ASN B 1841 -37.81 56.05 33.68
N PRO B 1842 -38.09 54.75 33.88
CA PRO B 1842 -36.93 53.89 34.11
C PRO B 1842 -36.24 53.45 32.79
N ARG B 1843 -37.03 53.29 31.72
CA ARG B 1843 -36.56 52.90 30.36
C ARG B 1843 -36.54 54.10 29.38
N SER B 1844 -35.65 54.05 28.39
CA SER B 1844 -35.39 55.19 27.52
C SER B 1844 -34.97 54.77 26.09
N PRO B 1845 -34.66 55.79 25.24
CA PRO B 1845 -34.64 55.71 23.79
C PRO B 1845 -33.94 54.48 23.30
N GLY B 1846 -34.69 53.69 22.56
CA GLY B 1846 -34.20 52.50 21.91
C GLY B 1846 -34.99 52.38 20.63
N TYR B 1847 -36.30 52.20 20.79
CA TYR B 1847 -37.23 52.05 19.67
C TYR B 1847 -36.99 53.10 18.59
N PHE B 1848 -36.74 54.31 19.05
CA PHE B 1848 -36.50 55.49 18.22
C PHE B 1848 -35.40 55.26 17.19
N ILE B 1849 -34.32 54.64 17.62
CA ILE B 1849 -33.18 54.31 16.77
C ILE B 1849 -33.55 53.26 15.70
N ASP B 1850 -34.20 52.19 16.15
CA ASP B 1850 -34.68 51.11 15.28
C ASP B 1850 -35.78 51.59 14.33
N GLY B 1851 -36.53 52.60 14.80
CA GLY B 1851 -37.61 53.25 14.06
C GLY B 1851 -37.05 54.01 12.89
N LEU B 1852 -36.00 54.78 13.14
CA LEU B 1852 -35.29 55.49 12.09
C LEU B 1852 -34.62 54.56 11.07
N ARG B 1853 -34.02 53.47 11.55
CA ARG B 1853 -33.36 52.52 10.66
C ARG B 1853 -34.34 51.76 9.76
N ALA B 1854 -35.56 51.59 10.25
CA ALA B 1854 -36.62 50.93 9.48
C ALA B 1854 -37.13 51.82 8.35
N LEU B 1855 -37.26 53.12 8.65
CA LEU B 1855 -37.73 54.13 7.70
C LEU B 1855 -36.81 54.23 6.49
N VAL B 1856 -35.51 54.30 6.75
CA VAL B 1856 -34.49 54.37 5.71
C VAL B 1856 -34.57 53.10 4.84
N LYS B 1857 -34.75 51.93 5.47
CA LYS B 1857 -34.89 50.66 4.72
C LYS B 1857 -36.19 50.59 3.93
N LEU B 1858 -37.22 51.25 4.46
CA LEU B 1858 -38.54 51.23 3.83
C LEU B 1858 -38.74 52.27 2.72
N VAL B 1859 -38.23 53.48 2.91
CA VAL B 1859 -38.21 54.49 1.84
C VAL B 1859 -37.38 54.03 0.64
N THR B 1860 -36.19 53.48 0.86
CA THR B 1860 -35.35 52.96 -0.23
C THR B 1860 -36.06 51.83 -0.99
N ALA B 1861 -36.77 50.97 -0.26
CA ALA B 1861 -37.55 49.88 -0.88
C ALA B 1861 -38.75 50.41 -1.68
N LYS B 1862 -39.31 51.54 -1.27
CA LYS B 1862 -40.51 52.10 -1.89
C LYS B 1862 -40.22 53.11 -2.99
N TYR B 1863 -39.17 53.91 -2.82
CA TYR B 1863 -38.74 54.87 -3.85
C TYR B 1863 -38.19 54.16 -5.08
N GLN B 1864 -37.55 53.02 -4.85
CA GLN B 1864 -37.03 52.21 -5.95
C GLN B 1864 -38.15 51.43 -6.64
N ASP B 1865 -39.27 51.24 -5.94
CA ASP B 1865 -40.46 50.65 -6.52
C ASP B 1865 -41.37 51.68 -7.22
N LEU B 1866 -41.36 52.93 -6.76
CA LEU B 1866 -42.15 53.99 -7.40
C LEU B 1866 -41.55 54.37 -8.74
N GLN B 1867 -40.23 54.49 -8.77
CA GLN B 1867 -39.49 54.86 -9.98
C GLN B 1867 -39.45 53.71 -10.99
N GLU B 1868 -39.64 52.48 -10.48
CA GLU B 1868 -39.72 51.27 -11.29
C GLU B 1868 -41.04 51.18 -12.07
N ASN B 1869 -42.15 51.50 -11.40
CA ASN B 1869 -43.48 51.53 -12.03
C ASN B 1869 -43.69 52.75 -12.89
N GLN B 1870 -42.96 53.84 -12.58
CA GLN B 1870 -43.02 55.03 -13.40
C GLN B 1870 -42.20 54.84 -14.67
N ARG B 1871 -41.21 53.97 -14.60
CA ARG B 1871 -40.55 53.61 -15.83
C ARG B 1871 -41.25 52.49 -16.58
N PHE B 1872 -42.17 51.78 -15.91
CA PHE B 1872 -43.07 50.85 -16.63
C PHE B 1872 -44.20 51.58 -17.38
N VAL B 1873 -44.59 52.78 -16.93
CA VAL B 1873 -45.54 53.60 -17.69
C VAL B 1873 -44.85 54.47 -18.75
N ASN B 1874 -43.56 54.76 -18.56
CA ASN B 1874 -42.77 55.46 -19.57
C ASN B 1874 -42.36 54.58 -20.75
N VAL B 1875 -42.15 53.28 -20.50
CA VAL B 1875 -41.87 52.28 -21.55
C VAL B 1875 -43.13 51.96 -22.38
N GLY B 1876 -44.31 52.13 -21.77
CA GLY B 1876 -45.58 51.94 -22.48
C GLY B 1876 -46.02 53.17 -23.24
N LEU B 1877 -45.49 54.33 -22.86
CA LEU B 1877 -45.74 55.63 -23.51
C LEU B 1877 -44.99 55.72 -24.84
N GLU B 1878 -43.80 55.14 -24.84
CA GLU B 1878 -42.94 55.15 -26.01
C GLU B 1878 -43.35 54.10 -27.00
N LYS B 1879 -44.03 53.05 -26.54
CA LYS B 1879 -44.49 51.95 -27.39
C LYS B 1879 -45.76 52.30 -28.17
N LEU B 1880 -46.64 53.08 -27.54
CA LEU B 1880 -47.88 53.52 -28.19
C LEU B 1880 -47.66 54.70 -29.16
N ASN B 1881 -46.71 55.57 -28.83
CA ASN B 1881 -46.35 56.69 -29.71
C ASN B 1881 -45.54 56.29 -30.95
N GLU B 1882 -44.82 55.18 -30.83
CA GLU B 1882 -44.05 54.58 -31.93
C GLU B 1882 -44.99 54.01 -33.00
N SER B 1883 -46.11 53.45 -32.56
CA SER B 1883 -47.11 52.90 -33.48
C SER B 1883 -47.86 53.97 -34.30
N VAL B 1884 -48.29 55.05 -33.64
CA VAL B 1884 -48.94 56.19 -34.31
C VAL B 1884 -47.94 57.20 -34.91
N LYS B 1900 -55.68 52.04 -34.73
CA LYS B 1900 -55.86 53.40 -34.20
C LYS B 1900 -56.99 53.44 -33.17
N SER B 1901 -57.94 52.51 -33.30
CA SER B 1901 -59.27 52.60 -32.70
C SER B 1901 -59.34 52.51 -31.16
N LEU B 1902 -58.61 51.57 -30.57
CA LEU B 1902 -58.64 51.34 -29.10
C LEU B 1902 -57.36 51.84 -28.40
N THR B 1903 -56.29 51.95 -29.18
CA THR B 1903 -54.96 52.38 -28.72
C THR B 1903 -54.94 53.75 -28.07
N PHE B 1904 -55.86 54.60 -28.51
CA PHE B 1904 -55.81 55.98 -28.07
C PHE B 1904 -56.48 56.18 -26.71
N GLU B 1905 -57.30 55.21 -26.28
CA GLU B 1905 -57.76 55.16 -24.90
C GLU B 1905 -56.60 54.89 -23.95
N LYS B 1906 -55.74 53.94 -24.34
CA LYS B 1906 -54.53 53.62 -23.59
C LYS B 1906 -53.60 54.83 -23.48
N GLU B 1907 -53.42 55.56 -24.59
CA GLU B 1907 -52.61 56.77 -24.57
C GLU B 1907 -53.18 57.77 -23.56
N ARG B 1908 -54.50 57.83 -23.46
CA ARG B 1908 -55.05 58.80 -22.57
C ARG B 1908 -54.60 58.61 -21.10
N TRP B 1909 -53.70 57.65 -20.76
CA TRP B 1909 -53.46 57.05 -19.38
C TRP B 1909 -52.55 58.11 -18.85
N LEU B 1910 -53.04 59.34 -18.83
CA LEU B 1910 -52.34 60.34 -18.05
C LEU B 1910 -52.98 60.52 -16.66
N ASN B 1911 -54.18 59.97 -16.47
CA ASN B 1911 -54.75 59.68 -15.15
C ASN B 1911 -53.65 59.17 -14.22
N THR B 1912 -53.07 58.04 -14.64
CA THR B 1912 -52.04 57.33 -13.90
C THR B 1912 -50.76 58.17 -13.91
N THR B 1913 -50.44 58.76 -15.06
CA THR B 1913 -49.25 59.58 -15.22
C THR B 1913 -49.32 60.86 -14.37
N LYS B 1914 -50.48 61.50 -14.35
CA LYS B 1914 -50.70 62.65 -13.45
C LYS B 1914 -50.77 62.20 -11.99
N GLN B 1915 -51.28 60.98 -11.78
CA GLN B 1915 -51.47 60.42 -10.45
C GLN B 1915 -50.15 60.24 -9.69
N PHE B 1916 -49.07 59.96 -10.42
CA PHE B 1916 -47.78 59.66 -9.80
C PHE B 1916 -47.27 60.73 -8.83
N SER B 1917 -47.44 62.01 -9.16
CA SER B 1917 -46.97 63.09 -8.26
C SER B 1917 -47.66 63.02 -6.90
N LYS B 1918 -48.96 62.76 -6.91
CA LYS B 1918 -49.73 62.61 -5.68
C LYS B 1918 -49.33 61.34 -4.91
N THR B 1919 -48.99 60.27 -5.65
CA THR B 1919 -48.51 58.98 -5.10
C THR B 1919 -47.16 59.09 -4.39
N SER B 1920 -46.26 59.90 -4.97
CA SER B 1920 -44.93 60.16 -4.42
C SER B 1920 -44.99 60.97 -3.15
N GLN B 1921 -45.97 61.88 -3.09
CA GLN B 1921 -46.15 62.79 -1.94
C GLN B 1921 -46.45 62.06 -0.67
N GLU B 1922 -47.18 60.96 -0.80
CA GLU B 1922 -47.64 60.22 0.35
C GLU B 1922 -46.74 59.06 0.82
N LEU B 1923 -45.81 58.60 -0.02
CA LEU B 1923 -44.93 57.48 0.34
C LEU B 1923 -43.96 57.76 1.49
N ILE B 1924 -43.62 59.04 1.69
CA ILE B 1924 -42.77 59.50 2.80
C ILE B 1924 -43.48 59.29 4.13
N GLY B 1925 -44.67 59.86 4.26
CA GLY B 1925 -45.48 59.69 5.45
C GLY B 1925 -46.06 58.30 5.66
N ASN B 1926 -46.24 57.54 4.57
CA ASN B 1926 -46.70 56.15 4.62
C ASN B 1926 -45.65 55.24 5.22
N CYS B 1927 -44.40 55.55 4.92
CA CYS B 1927 -43.27 54.80 5.46
C CYS B 1927 -43.07 55.07 6.94
N ILE B 1928 -43.38 56.30 7.36
CA ILE B 1928 -43.39 56.69 8.77
C ILE B 1928 -44.26 55.76 9.62
N ILE B 1929 -45.49 55.52 9.15
CA ILE B 1929 -46.46 54.68 9.83
C ILE B 1929 -46.02 53.22 9.78
N SER B 1930 -45.49 52.80 8.64
CA SER B 1930 -45.02 51.44 8.45
C SER B 1930 -43.87 51.07 9.39
N SER B 1931 -42.96 52.03 9.59
CA SER B 1931 -41.83 51.82 10.48
C SER B 1931 -42.24 51.84 11.94
N ILE B 1932 -43.13 52.75 12.29
CA ILE B 1932 -43.72 52.75 13.63
C ILE B 1932 -44.44 51.44 13.95
N TYR B 1933 -45.20 50.89 12.99
CA TYR B 1933 -45.86 49.60 13.18
C TYR B 1933 -44.88 48.44 13.42
N GLU B 1934 -43.77 48.45 12.67
CA GLU B 1934 -42.77 47.39 12.76
C GLU B 1934 -41.97 47.46 14.05
N THR B 1935 -41.74 48.69 14.53
CA THR B 1935 -40.91 48.92 15.69
C THR B 1935 -41.72 48.96 16.97
N TYR B 1936 -42.64 49.92 17.05
CA TYR B 1936 -43.34 50.22 18.27
C TYR B 1936 -44.57 49.34 18.56
N PHE B 1937 -45.14 48.72 17.53
CA PHE B 1937 -46.48 48.12 17.67
C PHE B 1937 -46.45 46.66 18.08
N GLY B 1938 -45.34 45.99 17.77
CA GLY B 1938 -45.26 44.52 17.92
C GLY B 1938 -45.95 43.92 19.14
N HIS B 1939 -45.77 44.57 20.27
CA HIS B 1939 -46.21 44.06 21.56
C HIS B 1939 -47.45 44.80 22.08
N LEU B 1940 -48.19 45.47 21.20
CA LEU B 1940 -49.37 46.24 21.66
C LEU B 1940 -50.73 45.55 21.41
N ASN B 1941 -51.79 45.97 22.11
CA ASN B 1941 -53.15 45.41 21.95
C ASN B 1941 -53.81 45.89 20.68
N GLU B 1942 -54.86 45.18 20.27
CA GLU B 1942 -55.68 45.54 19.11
C GLU B 1942 -56.06 47.01 19.23
N ARG B 1943 -56.62 47.34 20.38
CA ARG B 1943 -56.99 48.68 20.80
C ARG B 1943 -55.79 49.64 20.94
N GLU B 1944 -54.68 49.14 21.50
CA GLU B 1944 -53.52 49.97 21.82
C GLU B 1944 -52.80 50.42 20.56
N ARG B 1945 -52.91 49.60 19.52
CA ARG B 1945 -52.28 49.90 18.24
C ARG B 1945 -53.04 51.00 17.54
N ALA B 1946 -54.35 50.77 17.36
CA ALA B 1946 -55.23 51.72 16.72
C ALA B 1946 -55.24 53.09 17.41
N ASP B 1947 -55.23 53.11 18.74
CA ASP B 1947 -55.26 54.36 19.48
C ASP B 1947 -54.01 55.19 19.26
N MET B 1948 -52.84 54.51 19.20
CA MET B 1948 -51.56 55.19 18.97
C MET B 1948 -51.48 55.70 17.56
N LEU B 1949 -52.07 54.91 16.65
CA LEU B 1949 -52.12 55.22 15.23
C LEU B 1949 -52.83 56.56 14.99
N VAL B 1950 -53.89 56.80 15.77
CA VAL B 1950 -54.64 58.07 15.76
C VAL B 1950 -53.72 59.23 16.18
N ILE B 1951 -52.96 59.02 17.25
CA ILE B 1951 -52.05 60.07 17.72
C ILE B 1951 -50.88 60.25 16.76
N LEU B 1952 -50.46 59.18 16.10
CA LEU B 1952 -49.49 59.28 15.01
C LEU B 1952 -50.07 60.03 13.80
N LYS B 1953 -51.26 59.64 13.37
CA LYS B 1953 -51.94 60.28 12.23
C LYS B 1953 -52.27 61.74 12.49
N ARG B 1954 -52.68 62.11 13.71
CA ARG B 1954 -52.93 63.51 14.04
C ARG B 1954 -51.61 64.30 14.13
N LEU B 1955 -50.52 63.60 14.41
CA LEU B 1955 -49.20 64.21 14.35
C LEU B 1955 -48.74 64.33 12.91
N LEU B 1956 -49.13 63.37 12.08
CA LEU B 1956 -48.92 63.46 10.64
C LEU B 1956 -49.81 64.53 10.04
N GLY B 1957 -50.89 64.87 10.73
CA GLY B 1957 -51.82 65.91 10.31
C GLY B 1957 -51.34 67.33 10.60
N LYS B 1958 -50.63 67.50 11.72
CA LYS B 1958 -50.04 68.78 12.13
C LYS B 1958 -48.81 69.11 11.28
N PHE B 1959 -48.02 68.10 10.99
CA PHE B 1959 -46.84 68.26 10.15
C PHE B 1959 -47.23 68.13 8.70
N ALA B 1960 -46.58 68.89 7.84
CA ALA B 1960 -46.91 68.82 6.43
C ALA B 1960 -46.23 67.62 5.75
N VAL B 1961 -46.68 66.45 6.16
CA VAL B 1961 -46.33 65.21 5.53
C VAL B 1961 -47.69 64.61 5.19
N LYS B 1962 -47.76 64.03 4.00
CA LYS B 1962 -49.03 63.60 3.40
C LYS B 1962 -49.13 62.08 3.46
N TYR B 1963 -50.28 61.57 3.90
CA TYR B 1963 -50.46 60.12 3.97
C TYR B 1963 -51.69 59.64 3.26
N ASP B 1964 -51.71 58.35 2.97
CA ASP B 1964 -52.86 57.68 2.40
C ASP B 1964 -53.90 57.56 3.50
N VAL B 1965 -55.07 58.15 3.31
CA VAL B 1965 -56.06 58.15 4.39
C VAL B 1965 -56.67 56.76 4.53
N ASN B 1966 -57.01 56.14 3.41
CA ASN B 1966 -57.38 54.73 3.40
C ASN B 1966 -56.12 53.88 3.36
N TYR B 1967 -55.52 53.74 4.53
CA TYR B 1967 -54.26 53.01 4.68
C TYR B 1967 -54.46 51.76 5.50
N ARG B 1968 -53.80 50.72 5.03
CA ARG B 1968 -53.92 49.42 5.63
C ARG B 1968 -52.51 48.85 5.69
N PHE B 1969 -52.04 48.59 6.91
CA PHE B 1969 -50.68 48.11 7.14
C PHE B 1969 -50.44 46.76 6.49
N ILE B 1970 -51.45 45.88 6.56
CA ILE B 1970 -51.31 44.58 5.93
C ILE B 1970 -51.07 44.75 4.43
N ASP B 1971 -52.04 45.31 3.70
CA ASP B 1971 -51.96 45.54 2.24
C ASP B 1971 -50.74 46.32 1.79
N TYR B 1972 -50.27 47.23 2.63
CA TYR B 1972 -49.09 48.02 2.31
C TYR B 1972 -47.77 47.24 2.30
N LEU B 1973 -47.56 46.34 3.26
CA LEU B 1973 -46.27 45.65 3.38
C LEU B 1973 -46.29 44.16 3.15
N VAL B 1974 -47.49 43.56 3.20
CA VAL B 1974 -47.60 42.16 2.81
C VAL B 1974 -47.85 42.04 1.30
N THR B 1975 -47.20 41.04 0.72
CA THR B 1975 -47.41 40.70 -0.67
C THR B 1975 -48.41 39.55 -0.70
N LEU B 1976 -49.28 39.55 -1.70
CA LEU B 1976 -50.40 38.62 -1.82
C LEU B 1976 -49.93 37.16 -1.85
N ASP B 1977 -48.72 36.94 -2.37
CA ASP B 1977 -48.08 35.64 -2.41
C ASP B 1977 -47.68 35.21 -1.01
N GLU B 1978 -47.13 36.15 -0.23
CA GLU B 1978 -46.71 35.87 1.15
C GLU B 1978 -47.89 35.77 2.10
N LYS B 1979 -48.90 36.60 1.89
CA LYS B 1979 -50.15 36.58 2.66
C LYS B 1979 -50.82 35.20 2.62
N MET B 1980 -50.78 34.59 1.44
CA MET B 1980 -51.26 33.24 1.17
C MET B 1980 -50.38 32.21 1.88
N LYS B 1981 -49.06 32.38 1.76
CA LYS B 1981 -48.06 31.43 2.26
C LYS B 1981 -48.17 31.24 3.76
N TRP B 1982 -48.32 32.35 4.47
CA TRP B 1982 -48.42 32.38 5.93
C TRP B 1982 -49.65 31.63 6.42
N LEU B 1983 -50.80 31.96 5.83
CA LEU B 1983 -52.06 31.34 6.20
C LEU B 1983 -52.08 29.86 5.89
N GLU B 1984 -51.40 29.50 4.80
CA GLU B 1984 -51.34 28.14 4.32
C GLU B 1984 -50.72 27.23 5.39
N CYS B 1985 -49.72 27.74 6.09
CA CYS B 1985 -49.12 27.03 7.22
C CYS B 1985 -50.16 26.83 8.31
N GLY B 1986 -50.97 27.85 8.56
CA GLY B 1986 -51.93 27.77 9.63
C GLY B 1986 -51.93 28.98 10.54
N LEU B 1987 -51.50 30.11 9.97
CA LEU B 1987 -51.68 31.38 10.62
C LEU B 1987 -53.18 31.71 10.71
N ASP B 1988 -53.57 32.36 11.80
CA ASP B 1988 -54.97 32.73 12.02
C ASP B 1988 -55.42 33.81 11.02
N LYS B 1989 -56.70 33.81 10.64
CA LYS B 1989 -57.22 34.84 9.72
C LYS B 1989 -57.20 36.26 10.32
N ASN B 1990 -57.18 36.36 11.67
CA ASN B 1990 -57.26 37.67 12.39
C ASN B 1990 -56.33 38.75 11.78
N ASP B 1991 -56.82 39.97 11.64
CA ASP B 1991 -55.97 41.05 11.10
C ASP B 1991 -54.81 41.35 12.06
N TYR B 1992 -55.08 41.23 13.35
CA TYR B 1992 -54.05 41.38 14.38
C TYR B 1992 -52.90 40.40 14.13
N PHE B 1993 -53.23 39.13 13.95
CA PHE B 1993 -52.23 38.09 13.66
C PHE B 1993 -51.54 38.16 12.30
N LEU B 1994 -52.12 38.87 11.35
CA LEU B 1994 -51.48 39.08 10.07
C LEU B 1994 -50.41 40.14 10.22
N GLU B 1995 -50.78 41.26 10.85
CA GLU B 1995 -49.88 42.38 11.17
C GLU B 1995 -48.64 41.87 11.91
N ASN B 1996 -48.88 41.04 12.92
CA ASN B 1996 -47.85 40.45 13.76
C ASN B 1996 -46.84 39.67 12.94
N MET B 1997 -47.33 38.76 12.10
CA MET B 1997 -46.46 37.95 11.23
C MET B 1997 -45.66 38.81 10.26
N SER B 1998 -46.30 39.83 9.70
CA SER B 1998 -45.64 40.82 8.85
C SER B 1998 -44.50 41.49 9.59
N ILE B 1999 -44.74 41.90 10.84
CA ILE B 1999 -43.71 42.52 11.68
C ILE B 1999 -42.52 41.58 11.92
N VAL B 2000 -42.81 40.31 12.19
CA VAL B 2000 -41.79 39.29 12.41
C VAL B 2000 -40.90 39.09 11.16
N MET B 2001 -41.53 38.81 10.02
CA MET B 2001 -40.83 38.56 8.78
C MET B 2001 -40.24 39.82 8.22
N ASN B 2002 -41.09 40.76 7.78
CA ASN B 2002 -40.66 41.88 6.94
C ASN B 2002 -39.35 42.53 7.36
N SER B 2003 -39.18 42.77 8.65
CA SER B 2003 -37.93 43.32 9.14
C SER B 2003 -37.18 42.33 10.02
N GLN B 2004 -35.98 42.00 9.55
CA GLN B 2004 -35.06 41.13 10.27
C GLN B 2004 -33.64 41.72 10.20
N ASP B 2005 -33.52 42.93 10.71
CA ASP B 2005 -32.25 43.53 11.01
C ASP B 2005 -31.95 43.21 12.48
N ALA B 2006 -32.91 42.53 13.12
CA ALA B 2006 -32.90 42.16 14.54
C ALA B 2006 -33.73 40.91 14.74
N VAL B 2007 -33.38 40.18 15.81
CA VAL B 2007 -33.99 38.89 16.15
C VAL B 2007 -35.38 39.13 16.72
N PRO B 2008 -36.38 38.37 16.24
CA PRO B 2008 -37.72 38.59 16.76
C PRO B 2008 -38.06 37.70 17.96
N PHE B 2009 -38.82 38.27 18.90
CA PHE B 2009 -39.24 37.59 20.12
C PHE B 2009 -40.74 37.34 20.02
N LEU B 2010 -41.09 36.07 19.87
CA LEU B 2010 -42.48 35.65 19.72
C LEU B 2010 -43.06 35.19 21.06
N LEU B 2011 -44.20 35.78 21.44
CA LEU B 2011 -44.96 35.35 22.59
C LEU B 2011 -46.28 34.81 22.13
N ASP B 2012 -46.54 33.54 22.45
CA ASP B 2012 -47.87 32.94 22.30
C ASP B 2012 -48.09 31.83 23.31
N PRO B 2013 -49.19 31.95 24.05
CA PRO B 2013 -49.55 30.89 24.99
C PRO B 2013 -49.77 29.56 24.23
N SER B 2014 -50.66 29.54 23.23
CA SER B 2014 -50.85 28.35 22.41
C SER B 2014 -49.73 28.25 21.39
N SER B 2015 -48.85 27.27 21.54
CA SER B 2015 -47.68 27.17 20.69
C SER B 2015 -48.10 26.61 19.37
N HIS B 2016 -48.93 27.38 18.67
CA HIS B 2016 -49.38 27.05 17.33
C HIS B 2016 -48.48 27.80 16.35
N MET B 2017 -47.82 28.83 16.86
CA MET B 2017 -46.89 29.64 16.09
C MET B 2017 -45.55 28.95 15.88
N ILE B 2018 -45.13 28.14 16.86
CA ILE B 2018 -43.89 27.35 16.75
C ILE B 2018 -43.90 26.36 15.57
N THR B 2019 -45.09 25.92 15.19
CA THR B 2019 -45.28 25.05 14.01
C THR B 2019 -45.44 25.85 12.70
N VAL B 2020 -45.99 27.06 12.78
CA VAL B 2020 -46.13 27.92 11.59
C VAL B 2020 -44.78 28.19 10.94
N ILE B 2021 -43.79 28.54 11.75
CA ILE B 2021 -42.45 28.87 11.25
C ILE B 2021 -41.76 27.60 10.75
N SER B 2022 -42.14 26.48 11.35
CA SER B 2022 -41.66 25.16 10.95
C SER B 2022 -42.14 24.75 9.55
N ASN B 2023 -43.40 25.05 9.24
CA ASN B 2023 -43.94 24.78 7.91
C ASN B 2023 -43.35 25.70 6.84
N TYR B 2024 -42.87 26.88 7.26
CA TYR B 2024 -42.33 27.87 6.35
C TYR B 2024 -40.89 27.55 5.94
N TYR B 2025 -40.08 27.10 6.90
CA TYR B 2025 -38.69 26.78 6.63
C TYR B 2025 -38.39 25.27 6.47
N GLY B 2026 -39.39 24.42 6.77
CA GLY B 2026 -39.36 22.97 6.46
C GLY B 2026 -38.26 22.12 7.08
N ASN B 2027 -37.42 21.56 6.22
CA ASN B 2027 -36.24 20.74 6.61
C ASN B 2027 -35.25 21.52 7.45
N LYS B 2028 -35.01 22.77 7.05
CA LYS B 2028 -34.07 23.68 7.66
C LYS B 2028 -34.43 24.03 9.12
N THR B 2029 -35.69 23.79 9.50
CA THR B 2029 -36.19 24.13 10.84
C THR B 2029 -35.63 23.21 11.92
N VAL B 2030 -34.83 23.81 12.80
CA VAL B 2030 -34.26 23.11 13.96
C VAL B 2030 -34.75 23.81 15.24
N LEU B 2031 -35.39 23.06 16.13
CA LEU B 2031 -35.98 23.64 17.34
C LEU B 2031 -35.15 23.38 18.60
N LEU B 2032 -34.91 24.44 19.37
CA LEU B 2032 -34.11 24.36 20.59
C LEU B 2032 -34.82 25.06 21.76
N SER B 2033 -34.24 24.94 22.95
CA SER B 2033 -34.77 25.58 24.15
C SER B 2033 -33.59 25.89 25.08
N PHE B 2034 -33.59 27.10 25.67
CA PHE B 2034 -32.55 27.55 26.61
C PHE B 2034 -32.37 26.64 27.82
N LEU B 2035 -33.32 25.74 28.06
CA LEU B 2035 -33.23 24.82 29.19
C LEU B 2035 -32.56 23.47 28.90
N GLU B 2036 -32.60 23.00 27.64
CA GLU B 2036 -32.04 21.69 27.27
C GLU B 2036 -30.51 21.62 27.43
N GLU B 2037 -30.00 20.40 27.59
CA GLU B 2037 -28.59 20.12 27.88
C GLU B 2037 -27.66 20.50 26.72
N GLY B 2038 -28.04 20.07 25.54
CA GLY B 2038 -27.19 20.19 24.37
C GLY B 2038 -27.22 21.56 23.73
N PHE B 2039 -27.95 22.50 24.37
CA PHE B 2039 -28.18 23.85 23.82
C PHE B 2039 -26.90 24.60 23.42
N VAL B 2040 -25.93 24.54 24.32
CA VAL B 2040 -24.60 25.16 24.18
C VAL B 2040 -23.89 24.81 22.86
N LYS B 2041 -23.96 23.53 22.49
CA LYS B 2041 -23.26 22.99 21.32
C LYS B 2041 -24.17 23.00 20.08
N ARG B 2042 -25.45 22.72 20.30
CA ARG B 2042 -26.38 22.52 19.21
C ARG B 2042 -26.61 23.81 18.44
N LEU B 2043 -26.43 24.93 19.12
CA LEU B 2043 -26.58 26.22 18.47
C LEU B 2043 -25.34 26.55 17.63
N GLU B 2044 -24.18 26.11 18.10
CA GLU B 2044 -22.94 26.24 17.33
C GLU B 2044 -22.98 25.47 16.01
N ASN B 2045 -23.74 24.37 15.99
CA ASN B 2045 -23.94 23.56 14.78
C ASN B 2045 -25.00 24.16 13.89
N ALA B 2046 -25.94 24.86 14.53
CA ALA B 2046 -27.04 25.52 13.86
C ALA B 2046 -26.56 26.77 13.13
N ILE B 2047 -25.63 27.48 13.75
CA ILE B 2047 -25.07 28.70 13.18
C ILE B 2047 -24.14 28.42 11.99
N ARG B 2048 -23.38 27.33 12.10
CA ARG B 2048 -22.37 27.01 11.10
C ARG B 2048 -22.95 26.60 9.74
N PHE B 2049 -24.11 25.96 9.75
CA PHE B 2049 -24.66 25.43 8.51
C PHE B 2049 -26.05 25.97 8.20
N GLY B 2050 -26.27 27.25 8.46
CA GLY B 2050 -27.45 27.97 7.98
C GLY B 2050 -28.80 27.54 8.50
N SER B 2051 -28.82 26.78 9.60
CA SER B 2051 -30.04 26.23 10.17
C SER B 2051 -30.95 27.32 10.75
N VAL B 2052 -32.22 27.27 10.41
CA VAL B 2052 -33.20 28.24 10.91
C VAL B 2052 -33.67 27.77 12.28
N VAL B 2053 -33.39 28.59 13.29
CA VAL B 2053 -33.59 28.21 14.70
C VAL B 2053 -34.71 28.99 15.42
N ILE B 2054 -35.53 28.25 16.19
CA ILE B 2054 -36.55 28.79 17.10
C ILE B 2054 -36.22 28.35 18.54
N ILE B 2055 -36.11 29.29 19.49
CA ILE B 2055 -35.74 28.90 20.87
C ILE B 2055 -36.89 28.95 21.89
N GLN B 2056 -37.24 27.73 22.35
CA GLN B 2056 -38.55 27.43 22.93
C GLN B 2056 -38.86 28.10 24.24
N ASP B 2057 -37.83 28.46 25.00
CA ASP B 2057 -38.08 29.07 26.30
C ASP B 2057 -37.44 30.42 26.44
N GLY B 2058 -38.09 31.45 25.93
CA GLY B 2058 -37.52 32.78 25.84
C GLY B 2058 -37.37 33.46 27.17
N GLU B 2059 -38.21 33.07 28.12
CA GLU B 2059 -38.19 33.55 29.50
C GLU B 2059 -36.80 33.39 30.11
N PHE B 2060 -36.26 32.18 30.02
CA PHE B 2060 -34.90 31.86 30.46
C PHE B 2060 -33.96 32.14 29.28
N PHE B 2061 -32.83 32.78 29.52
CA PHE B 2061 -31.95 33.22 28.43
C PHE B 2061 -30.60 33.41 29.05
N ASP B 2062 -29.61 32.63 28.58
CA ASP B 2062 -28.23 32.85 29.00
C ASP B 2062 -27.59 33.96 28.21
N PRO B 2063 -26.62 34.60 28.84
CA PRO B 2063 -25.83 35.67 28.30
C PRO B 2063 -25.16 35.35 26.98
N ILE B 2064 -24.73 34.08 26.74
CA ILE B 2064 -23.79 33.79 25.63
C ILE B 2064 -24.31 34.11 24.25
N ILE B 2065 -25.55 33.74 24.00
CA ILE B 2065 -26.14 34.02 22.71
C ILE B 2065 -25.93 35.50 22.39
N SER B 2066 -25.65 36.28 23.44
CA SER B 2066 -25.80 37.73 23.39
C SER B 2066 -25.10 38.41 22.23
N ARG B 2067 -23.87 37.98 21.93
CA ARG B 2067 -23.17 38.51 20.78
C ARG B 2067 -23.88 38.15 19.47
N LEU B 2068 -24.59 37.03 19.46
CA LEU B 2068 -25.35 36.58 18.29
C LEU B 2068 -26.65 37.39 18.11
N ILE B 2069 -27.19 37.89 19.23
CA ILE B 2069 -28.39 38.73 19.20
C ILE B 2069 -28.02 40.13 18.74
N SER B 2070 -27.16 40.82 19.50
CA SER B 2070 -26.60 42.07 19.04
C SER B 2070 -25.79 41.77 17.77
N ARG B 2071 -25.77 42.70 16.83
CA ARG B 2071 -25.04 42.47 15.59
C ARG B 2071 -23.55 42.69 15.78
N GLU B 2072 -22.89 41.75 16.44
CA GLU B 2072 -21.44 41.80 16.60
C GLU B 2072 -20.79 40.61 15.94
N PHE B 2073 -19.76 40.91 15.15
CA PHE B 2073 -19.03 39.88 14.43
C PHE B 2073 -17.59 40.31 14.18
N ASN B 2074 -16.74 39.32 13.92
CA ASN B 2074 -15.33 39.51 13.62
C ASN B 2074 -15.02 39.11 12.18
N HIS B 2075 -14.74 40.10 11.36
CA HIS B 2075 -14.65 39.90 9.92
C HIS B 2075 -13.31 39.32 9.43
N ALA B 2076 -13.40 38.42 8.45
CA ALA B 2076 -12.24 37.71 7.89
C ALA B 2076 -12.32 37.76 6.36
N GLY B 2077 -11.29 37.27 5.68
CA GLY B 2077 -11.24 37.24 4.20
C GLY B 2077 -12.48 36.69 3.50
N ASN B 2078 -12.86 35.47 3.89
CA ASN B 2078 -14.14 34.83 3.50
C ASN B 2078 -15.05 34.60 4.72
N ARG B 2079 -14.46 34.22 5.86
CA ARG B 2079 -15.22 33.79 7.04
C ARG B 2079 -15.66 34.91 7.97
N VAL B 2080 -16.89 34.79 8.48
CA VAL B 2080 -17.43 35.73 9.46
C VAL B 2080 -17.73 34.97 10.74
N THR B 2081 -16.98 35.32 11.77
CA THR B 2081 -16.99 34.55 12.99
C THR B 2081 -17.68 35.29 14.12
N VAL B 2082 -18.36 34.53 14.97
CA VAL B 2082 -18.98 35.08 16.17
C VAL B 2082 -18.47 34.35 17.42
N GLU B 2083 -18.23 35.14 18.47
CA GLU B 2083 -17.70 34.62 19.72
C GLU B 2083 -18.84 34.11 20.58
N ILE B 2084 -18.77 32.84 20.94
CA ILE B 2084 -19.74 32.25 21.83
C ILE B 2084 -19.03 31.65 23.01
N GLY B 2085 -19.24 32.26 24.17
CA GLY B 2085 -18.47 31.95 25.37
C GLY B 2085 -16.95 32.08 25.18
N ASP B 2086 -16.40 31.26 24.29
CA ASP B 2086 -14.94 31.16 24.11
C ASP B 2086 -14.58 30.90 22.67
N HIS B 2087 -15.00 29.74 22.18
CA HIS B 2087 -14.81 29.30 20.79
C HIS B 2087 -15.43 30.28 19.78
N GLU B 2088 -14.70 30.51 18.71
CA GLU B 2088 -15.14 31.39 17.62
C GLU B 2088 -15.80 30.51 16.56
N VAL B 2089 -17.09 30.69 16.30
CA VAL B 2089 -17.75 29.88 15.27
C VAL B 2089 -18.24 30.68 14.05
N ASP B 2090 -18.20 30.03 12.87
CA ASP B 2090 -18.61 30.66 11.60
C ASP B 2090 -20.11 30.82 11.47
N VAL B 2091 -20.50 32.00 10.99
CA VAL B 2091 -21.89 32.30 10.72
C VAL B 2091 -22.14 32.08 9.24
N SER B 2092 -23.24 31.39 8.94
CA SER B 2092 -23.62 31.06 7.57
C SER B 2092 -24.16 32.27 6.81
N GLY B 2093 -25.24 32.86 7.32
CA GLY B 2093 -25.90 33.96 6.63
C GLY B 2093 -27.27 33.50 6.17
N ASP B 2094 -27.34 32.20 5.86
CA ASP B 2094 -28.61 31.54 5.60
C ASP B 2094 -29.29 31.09 6.91
N PHE B 2095 -28.53 31.23 8.00
CA PHE B 2095 -29.00 31.03 9.39
C PHE B 2095 -29.97 32.10 9.84
N LYS B 2096 -31.07 31.66 10.47
CA LYS B 2096 -32.11 32.54 11.00
C LYS B 2096 -32.37 32.22 12.46
N LEU B 2097 -32.81 33.23 13.21
CA LEU B 2097 -33.04 33.08 14.65
C LEU B 2097 -34.35 33.68 15.10
N PHE B 2098 -35.09 32.92 15.90
CA PHE B 2098 -36.38 33.33 16.43
C PHE B 2098 -36.40 32.88 17.92
N ILE B 2099 -36.86 33.74 18.82
CA ILE B 2099 -37.02 33.34 20.23
C ILE B 2099 -38.50 33.25 20.64
N HIS B 2100 -38.86 32.12 21.25
CA HIS B 2100 -40.25 31.81 21.56
C HIS B 2100 -40.49 31.72 23.06
N SER B 2101 -41.58 32.35 23.51
CA SER B 2101 -41.96 32.32 24.92
C SER B 2101 -43.42 31.91 25.03
N CYS B 2102 -43.79 31.29 26.15
CA CYS B 2102 -45.16 30.83 26.36
C CYS B 2102 -45.91 31.69 27.38
N ASP B 2103 -45.23 32.09 28.46
CA ASP B 2103 -45.86 32.88 29.53
C ASP B 2103 -45.36 34.32 29.58
N PRO B 2104 -46.29 35.29 29.60
CA PRO B 2104 -45.86 36.69 29.68
C PRO B 2104 -45.46 37.07 31.10
N SER B 2105 -45.76 36.19 32.07
CA SER B 2105 -45.34 36.34 33.48
C SER B 2105 -43.81 36.34 33.59
N GLY B 2106 -43.18 35.51 32.76
CA GLY B 2106 -41.73 35.31 32.76
C GLY B 2106 -40.99 36.52 32.23
N ASP B 2107 -40.00 36.96 32.99
CA ASP B 2107 -39.32 38.22 32.71
C ASP B 2107 -38.01 37.98 31.99
N ILE B 2108 -37.86 38.59 30.82
CA ILE B 2108 -36.63 38.50 30.05
C ILE B 2108 -35.66 39.62 30.42
N PRO B 2109 -34.35 39.37 30.33
CA PRO B 2109 -33.38 40.42 30.63
C PRO B 2109 -33.46 41.65 29.72
N ILE B 2110 -33.32 42.83 30.34
CA ILE B 2110 -33.28 44.16 29.67
C ILE B 2110 -32.34 44.27 28.46
N PHE B 2111 -31.17 43.62 28.48
CA PHE B 2111 -30.30 43.56 27.28
C PHE B 2111 -31.05 42.99 26.06
N LEU B 2112 -31.69 41.83 26.25
CA LEU B 2112 -32.44 41.17 25.17
C LEU B 2112 -33.63 42.00 24.67
N ARG B 2113 -34.52 42.30 25.60
CA ARG B 2113 -35.71 43.10 25.37
C ARG B 2113 -35.47 44.33 24.45
N SER B 2114 -34.29 44.92 24.56
CA SER B 2114 -33.92 46.09 23.78
C SER B 2114 -33.46 45.79 22.35
N ARG B 2115 -32.73 44.70 22.13
CA ARG B 2115 -32.23 44.31 20.79
C ARG B 2115 -33.21 43.40 20.02
N VAL B 2116 -34.29 43.00 20.68
CA VAL B 2116 -35.18 41.98 20.14
C VAL B 2116 -36.51 42.60 19.66
N ARG B 2117 -37.08 42.15 18.53
CA ARG B 2117 -38.44 42.63 18.09
C ARG B 2117 -39.56 41.85 18.77
N LEU B 2118 -40.16 42.49 19.78
CA LEU B 2118 -41.21 41.89 20.61
C LEU B 2118 -42.51 41.92 19.82
N VAL B 2119 -43.09 40.73 19.61
CA VAL B 2119 -44.33 40.53 18.85
C VAL B 2119 -45.28 39.68 19.68
N HIS B 2120 -46.50 40.16 19.90
CA HIS B 2120 -47.43 39.38 20.70
C HIS B 2120 -48.47 38.61 19.86
N PHE B 2121 -48.29 37.30 19.76
CA PHE B 2121 -49.33 36.43 19.26
C PHE B 2121 -50.23 36.00 20.40
N VAL B 2122 -51.06 36.93 20.85
CA VAL B 2122 -51.93 36.65 21.97
C VAL B 2122 -53.38 36.96 21.61
N THR B 2123 -54.25 35.99 21.84
CA THR B 2123 -55.68 36.17 21.68
C THR B 2123 -56.20 36.77 22.99
N ASN B 2124 -56.14 38.09 23.09
CA ASN B 2124 -56.50 38.82 24.30
C ASN B 2124 -58.02 38.89 24.60
N LYS B 2125 -58.39 39.54 25.70
CA LYS B 2125 -59.76 39.97 25.93
C LYS B 2125 -60.11 41.10 24.94
N GLU B 2126 -59.10 41.84 24.52
CA GLU B 2126 -59.27 42.93 23.56
C GLU B 2126 -59.66 42.39 22.17
N SER B 2127 -59.17 41.18 21.88
CA SER B 2127 -59.48 40.43 20.66
C SER B 2127 -60.96 40.10 20.52
N ILE B 2128 -61.68 40.08 21.64
CA ILE B 2128 -63.13 39.81 21.68
C ILE B 2128 -63.93 40.95 21.05
N GLU B 2129 -63.51 42.17 21.32
CA GLU B 2129 -64.17 43.35 20.78
C GLU B 2129 -64.14 43.37 19.25
N THR B 2130 -62.95 43.11 18.69
CA THR B 2130 -62.74 43.04 17.25
C THR B 2130 -63.51 41.88 16.60
N ARG B 2131 -63.46 40.70 17.23
CA ARG B 2131 -64.11 39.51 16.66
C ARG B 2131 -65.62 39.46 16.84
N ILE B 2132 -66.20 40.18 17.80
CA ILE B 2132 -67.67 40.20 17.88
C ILE B 2132 -68.32 41.00 16.73
N PHE B 2133 -67.66 42.09 16.32
CA PHE B 2133 -68.15 42.93 15.21
C PHE B 2133 -68.24 42.15 13.89
N ASP B 2134 -67.24 41.33 13.60
CA ASP B 2134 -67.25 40.41 12.45
C ASP B 2134 -68.46 39.46 12.46
N ILE B 2135 -68.82 38.96 13.65
CA ILE B 2135 -70.00 38.09 13.81
C ILE B 2135 -71.29 38.90 13.68
N THR B 2136 -71.32 40.06 14.34
CA THR B 2136 -72.49 40.95 14.36
C THR B 2136 -72.89 41.43 12.97
N LEU B 2137 -71.91 41.87 12.17
CA LEU B 2137 -72.20 42.49 10.89
C LEU B 2137 -72.63 41.47 9.83
N THR B 2138 -72.11 40.24 9.97
CA THR B 2138 -72.51 39.12 9.13
C THR B 2138 -74.01 38.78 9.34
N GLU B 2139 -74.52 39.04 10.55
CA GLU B 2139 -75.92 38.83 10.84
C GLU B 2139 -76.80 40.08 10.82
N GLU B 2140 -76.21 41.29 10.80
CA GLU B 2140 -77.02 42.53 10.80
C GLU B 2140 -77.13 43.19 9.42
N ASN B 2141 -76.00 43.40 8.76
CA ASN B 2141 -76.01 43.79 7.34
C ASN B 2141 -75.08 42.94 6.52
N ALA B 2142 -75.55 41.71 6.24
CA ALA B 2142 -74.80 40.70 5.49
C ALA B 2142 -74.31 41.18 4.11
N GLU B 2143 -75.02 42.11 3.47
CA GLU B 2143 -74.63 42.61 2.16
C GLU B 2143 -73.35 43.46 2.18
N MET B 2144 -73.16 44.24 3.23
CA MET B 2144 -71.96 45.10 3.29
C MET B 2144 -70.73 44.46 3.92
N GLN B 2145 -70.91 43.46 4.80
CA GLN B 2145 -69.77 42.67 5.32
C GLN B 2145 -69.25 41.71 4.26
N ARG B 2146 -70.15 41.22 3.40
CA ARG B 2146 -69.79 40.37 2.27
C ARG B 2146 -69.02 41.16 1.22
N LYS B 2147 -69.43 42.40 0.97
CA LYS B 2147 -68.74 43.25 -0.01
C LYS B 2147 -67.46 43.89 0.51
N ARG B 2148 -67.25 43.83 1.83
CA ARG B 2148 -66.04 44.34 2.46
C ARG B 2148 -64.81 43.51 2.08
N GLU B 2149 -64.97 42.17 2.10
CA GLU B 2149 -63.91 41.20 1.75
C GLU B 2149 -63.43 41.38 0.31
N ASP B 2150 -64.37 41.39 -0.62
CA ASP B 2150 -64.07 41.55 -2.06
C ASP B 2150 -63.64 42.96 -2.44
N LEU B 2151 -63.98 43.96 -1.62
CA LEU B 2151 -63.62 45.35 -1.85
C LEU B 2151 -62.11 45.56 -1.86
N ILE B 2152 -61.42 44.98 -0.89
CA ILE B 2152 -59.96 45.08 -0.82
C ILE B 2152 -59.30 43.93 -1.61
N LYS B 2153 -60.04 42.83 -1.76
CA LYS B 2153 -59.59 41.69 -2.58
C LYS B 2153 -59.52 42.05 -4.06
N LEU B 2154 -60.62 42.58 -4.62
CA LEU B 2154 -60.67 42.97 -6.03
C LEU B 2154 -59.88 44.25 -6.31
N ASN B 2155 -59.65 45.06 -5.28
CA ASN B 2155 -58.73 46.18 -5.34
C ASN B 2155 -57.31 45.70 -5.69
N THR B 2156 -56.83 44.70 -4.95
CA THR B 2156 -55.52 44.10 -5.19
C THR B 2156 -55.50 43.14 -6.39
N GLU B 2157 -56.56 42.33 -6.54
CA GLU B 2157 -56.71 41.36 -7.66
C GLU B 2157 -56.70 42.02 -9.05
N TYR B 2158 -57.54 43.04 -9.23
CA TYR B 2158 -57.63 43.74 -10.50
C TYR B 2158 -56.36 44.54 -10.79
N LYS B 2159 -55.74 45.08 -9.74
CA LYS B 2159 -54.48 45.80 -9.91
C LYS B 2159 -53.31 44.84 -10.22
N LEU B 2160 -53.38 43.61 -9.70
CA LEU B 2160 -52.44 42.54 -10.07
C LEU B 2160 -52.70 42.00 -11.48
N LYS B 2161 -53.98 42.01 -11.88
CA LYS B 2161 -54.39 41.68 -13.27
C LYS B 2161 -54.10 42.81 -14.28
N LEU B 2162 -54.09 44.05 -13.78
CA LEU B 2162 -53.72 45.24 -14.58
C LEU B 2162 -52.22 45.22 -14.90
N LYS B 2163 -51.43 44.74 -13.94
CA LYS B 2163 -49.99 44.56 -14.10
C LYS B 2163 -49.67 43.29 -14.88
N ASN B 2164 -50.55 42.30 -14.77
CA ASN B 2164 -50.43 41.04 -15.50
C ASN B 2164 -50.78 41.18 -16.97
N LEU B 2165 -51.77 42.01 -17.28
CA LEU B 2165 -52.15 42.24 -18.69
C LEU B 2165 -51.27 43.25 -19.45
N GLU B 2166 -50.68 44.21 -18.72
CA GLU B 2166 -49.72 45.18 -19.30
C GLU B 2166 -48.44 44.49 -19.76
N LYS B 2167 -48.01 43.50 -18.97
CA LYS B 2167 -46.88 42.64 -19.29
C LYS B 2167 -47.17 41.73 -20.48
N ARG B 2168 -48.39 41.19 -20.57
CA ARG B 2168 -48.80 40.32 -21.69
C ARG B 2168 -48.92 41.09 -23.00
N LEU B 2169 -49.31 42.37 -22.91
CA LEU B 2169 -49.43 43.26 -24.06
C LEU B 2169 -48.07 43.65 -24.65
N LEU B 2170 -47.11 43.96 -23.79
CA LEU B 2170 -45.78 44.36 -24.25
C LEU B 2170 -44.92 43.17 -24.72
N GLU B 2171 -45.17 41.98 -24.16
CA GLU B 2171 -44.55 40.72 -24.62
C GLU B 2171 -44.98 40.34 -26.04
N GLU B 2172 -46.26 40.52 -26.36
CA GLU B 2172 -46.78 40.19 -27.70
C GLU B 2172 -46.56 41.30 -28.73
N LEU B 2173 -46.47 42.56 -28.27
CA LEU B 2173 -46.13 43.70 -29.15
C LEU B 2173 -44.72 43.60 -29.75
N ASN B 2174 -43.80 42.99 -28.99
CA ASN B 2174 -42.45 42.69 -29.45
C ASN B 2174 -42.32 41.38 -30.26
N ASN B 2175 -43.19 40.40 -29.97
CA ASN B 2175 -43.23 39.09 -30.66
C ASN B 2175 -43.99 39.09 -32.00
N SER B 2176 -45.12 39.78 -32.02
CA SER B 2176 -45.95 39.91 -33.23
C SER B 2176 -45.89 41.30 -33.86
N GLN B 2177 -44.68 41.88 -33.91
CA GLN B 2177 -44.43 43.09 -34.70
C GLN B 2177 -44.09 42.72 -36.15
N GLY B 2178 -43.42 41.58 -36.33
CA GLY B 2178 -43.15 41.00 -37.64
C GLY B 2178 -44.28 40.13 -38.18
N ASN B 2179 -45.13 39.63 -37.27
CA ASN B 2179 -46.33 38.86 -37.64
C ASN B 2179 -47.56 39.78 -37.81
N MET B 2180 -48.75 39.18 -37.92
CA MET B 2180 -50.03 39.88 -38.17
C MET B 2180 -50.68 40.48 -36.91
N LEU B 2181 -51.69 41.33 -37.09
CA LEU B 2181 -52.35 41.98 -35.98
C LEU B 2181 -52.89 40.97 -34.96
N GLU B 2182 -51.99 40.20 -34.37
CA GLU B 2182 -52.32 39.32 -33.24
C GLU B 2182 -52.58 40.18 -32.00
N ASN B 2183 -51.76 41.22 -31.81
CA ASN B 2183 -51.91 42.16 -30.70
C ASN B 2183 -53.36 42.55 -30.51
N ASP B 2184 -54.11 42.53 -31.60
CA ASP B 2184 -55.52 42.87 -31.61
C ASP B 2184 -56.36 41.80 -30.91
N GLU B 2185 -55.88 40.55 -30.90
CA GLU B 2185 -56.49 39.47 -30.12
C GLU B 2185 -56.29 39.65 -28.62
N LEU B 2186 -55.29 40.43 -28.26
CA LEU B 2186 -55.04 40.84 -26.88
C LEU B 2186 -55.65 42.21 -26.62
N MET B 2187 -55.94 42.94 -27.69
CA MET B 2187 -56.61 44.24 -27.56
C MET B 2187 -58.10 44.08 -27.28
N VAL B 2188 -58.66 42.94 -27.68
CA VAL B 2188 -60.04 42.60 -27.29
C VAL B 2188 -60.07 42.06 -25.84
N THR B 2189 -58.90 41.64 -25.33
CA THR B 2189 -58.72 41.35 -23.90
C THR B 2189 -58.45 42.66 -23.14
N LEU B 2190 -57.92 43.63 -23.87
CA LEU B 2190 -57.75 45.01 -23.38
C LEU B 2190 -59.08 45.77 -23.47
N ASN B 2191 -59.98 45.26 -24.30
CA ASN B 2191 -61.34 45.76 -24.39
C ASN B 2191 -62.16 45.20 -23.25
N ASN B 2192 -61.79 43.99 -22.79
CA ASN B 2192 -62.34 43.36 -21.59
C ASN B 2192 -61.84 44.11 -20.36
N LEU B 2193 -60.64 44.66 -20.49
CA LEU B 2193 -60.02 45.50 -19.47
C LEU B 2193 -60.77 46.83 -19.28
N LYS B 2194 -61.58 47.24 -20.26
CA LYS B 2194 -62.40 48.45 -20.13
C LYS B 2194 -63.55 48.27 -19.13
N LYS B 2195 -63.91 47.02 -18.84
CA LYS B 2195 -64.67 46.67 -17.63
C LYS B 2195 -63.73 46.78 -16.41
N GLU B 2196 -62.55 46.17 -16.53
CA GLU B 2196 -61.60 45.98 -15.42
C GLU B 2196 -60.94 47.25 -14.92
N ALA B 2197 -60.42 48.05 -15.86
CA ALA B 2197 -59.77 49.30 -15.54
C ALA B 2197 -60.78 50.27 -14.95
N MET B 2198 -61.99 50.24 -15.51
CA MET B 2198 -63.06 51.13 -15.07
C MET B 2198 -63.86 50.54 -13.91
N ASN B 2199 -63.72 49.22 -13.71
CA ASN B 2199 -64.31 48.51 -12.57
C ASN B 2199 -63.65 49.01 -11.28
N ILE B 2200 -62.33 49.22 -11.35
CA ILE B 2200 -61.52 49.78 -10.27
C ILE B 2200 -62.02 51.19 -9.94
N GLU B 2201 -62.24 51.98 -10.99
CA GLU B 2201 -62.74 53.34 -10.86
C GLU B 2201 -64.17 53.39 -10.33
N LYS B 2202 -64.94 52.38 -10.73
CA LYS B 2202 -66.32 52.17 -10.27
C LYS B 2202 -66.34 51.78 -8.80
N LYS B 2203 -65.38 50.96 -8.39
CA LYS B 2203 -65.27 50.49 -7.02
C LYS B 2203 -64.66 51.50 -6.09
N LEU B 2204 -63.74 52.33 -6.60
CA LEU B 2204 -63.10 53.40 -5.83
C LEU B 2204 -64.08 54.51 -5.50
N SER B 2205 -65.01 54.78 -6.42
CA SER B 2205 -66.02 55.79 -6.23
C SER B 2205 -67.04 55.36 -5.15
N GLU B 2206 -67.42 54.08 -5.18
CA GLU B 2206 -68.36 53.51 -4.19
C GLU B 2206 -67.68 53.15 -2.87
N SER B 2207 -66.35 53.09 -2.87
CA SER B 2207 -65.56 52.87 -1.66
C SER B 2207 -65.63 54.08 -0.75
N GLU B 2208 -65.52 55.26 -1.36
CA GLU B 2208 -65.59 56.48 -0.58
C GLU B 2208 -66.99 56.78 -0.08
N GLU B 2209 -67.92 55.90 -0.46
CA GLU B 2209 -69.31 55.89 0.03
C GLU B 2209 -69.52 54.77 1.05
N PHE B 2210 -68.77 53.67 0.90
CA PHE B 2210 -68.81 52.49 1.79
C PHE B 2210 -68.03 52.68 3.09
N PHE B 2211 -66.80 53.21 2.99
CA PHE B 2211 -65.95 53.47 4.16
C PHE B 2211 -66.56 54.39 5.27
N PRO B 2212 -67.14 55.55 4.91
CA PRO B 2212 -67.79 56.33 5.97
C PRO B 2212 -69.04 55.67 6.57
N GLN B 2213 -69.64 54.73 5.85
CA GLN B 2213 -70.75 53.92 6.38
C GLN B 2213 -70.28 52.78 7.28
N PHE B 2214 -69.09 52.26 6.97
CA PHE B 2214 -68.38 51.31 7.84
C PHE B 2214 -68.04 51.94 9.19
N ASP B 2215 -67.52 53.18 9.14
CA ASP B 2215 -67.16 53.99 10.32
C ASP B 2215 -68.39 54.41 11.15
N ASN B 2216 -69.56 54.41 10.53
CA ASN B 2216 -70.77 54.75 11.23
C ASN B 2216 -71.35 53.53 11.95
N LEU B 2217 -71.01 52.35 11.43
CA LEU B 2217 -71.47 51.08 11.98
C LEU B 2217 -70.52 50.52 13.06
N VAL B 2218 -69.35 51.13 13.15
CA VAL B 2218 -68.41 50.80 14.20
C VAL B 2218 -68.96 51.22 15.57
N GLU B 2219 -69.68 52.34 15.62
CA GLU B 2219 -70.08 52.94 16.90
C GLU B 2219 -71.09 52.14 17.71
N GLU B 2220 -72.12 51.67 17.02
CA GLU B 2220 -73.15 50.87 17.65
C GLU B 2220 -72.56 49.57 18.21
N TYR B 2221 -71.69 48.96 17.42
CA TYR B 2221 -71.03 47.73 17.82
C TYR B 2221 -69.98 47.94 18.91
N SER B 2222 -69.39 49.13 18.95
CA SER B 2222 -68.52 49.55 20.04
C SER B 2222 -69.29 49.56 21.34
N ILE B 2223 -70.52 50.08 21.27
CA ILE B 2223 -71.45 50.05 22.40
C ILE B 2223 -71.76 48.61 22.80
N ILE B 2224 -71.97 47.73 21.82
CA ILE B 2224 -72.10 46.29 22.05
C ILE B 2224 -70.80 45.72 22.55
N GLY B 2225 -69.70 46.15 21.92
CA GLY B 2225 -68.38 45.58 22.17
C GLY B 2225 -67.86 45.78 23.59
N LYS B 2226 -68.06 46.98 24.10
CA LYS B 2226 -67.56 47.31 25.42
C LYS B 2226 -68.26 46.55 26.53
N HIS B 2227 -69.57 46.33 26.41
CA HIS B 2227 -70.31 45.53 27.39
C HIS B 2227 -69.87 44.07 27.39
N SER B 2228 -69.63 43.52 26.21
CA SER B 2228 -69.26 42.11 26.10
C SER B 2228 -67.89 41.78 26.75
N VAL B 2229 -66.90 42.67 26.63
CA VAL B 2229 -65.61 42.42 27.31
C VAL B 2229 -65.75 42.41 28.82
N LYS B 2230 -66.47 43.39 29.37
CA LYS B 2230 -66.79 43.44 30.81
C LYS B 2230 -67.55 42.21 31.31
N ILE B 2231 -68.31 41.57 30.42
CA ILE B 2231 -69.03 40.34 30.73
C ILE B 2231 -68.03 39.19 30.71
N PHE B 2232 -67.21 39.10 29.64
CA PHE B 2232 -66.15 38.07 29.53
C PHE B 2232 -65.19 38.13 30.70
N SER B 2233 -64.83 39.36 31.06
CA SER B 2233 -63.89 39.63 32.13
C SER B 2233 -64.44 39.04 33.41
N MET B 2234 -65.73 39.29 33.63
CA MET B 2234 -66.39 38.81 34.85
C MET B 2234 -66.43 37.27 34.90
N LEU B 2235 -66.73 36.65 33.76
CA LEU B 2235 -66.78 35.19 33.64
C LEU B 2235 -65.40 34.57 33.73
N GLU B 2236 -64.40 35.27 33.18
CA GLU B 2236 -63.01 34.86 33.22
C GLU B 2236 -62.54 34.81 34.68
N LYS B 2237 -62.95 35.82 35.44
CA LYS B 2237 -62.56 35.96 36.85
C LYS B 2237 -63.12 34.92 37.78
N PHE B 2238 -64.22 34.26 37.42
CA PHE B 2238 -64.76 33.14 38.20
C PHE B 2238 -63.84 31.91 38.11
N GLY B 2239 -63.13 31.80 36.98
CA GLY B 2239 -62.23 30.69 36.70
C GLY B 2239 -60.97 30.85 37.48
N GLN B 2240 -60.67 32.07 37.87
CA GLN B 2240 -59.54 32.37 38.73
C GLN B 2240 -59.86 31.99 40.18
N PHE B 2241 -61.09 32.29 40.61
CA PHE B 2241 -61.62 31.92 41.94
C PHE B 2241 -61.72 30.40 42.07
N HIS B 2242 -62.35 29.77 41.08
CA HIS B 2242 -62.46 28.31 41.11
C HIS B 2242 -62.17 27.63 39.78
N TRP B 2243 -61.55 26.46 39.88
CA TRP B 2243 -60.98 25.74 38.73
C TRP B 2243 -62.03 25.31 37.74
N PHE B 2244 -63.17 24.87 38.27
CA PHE B 2244 -64.28 24.37 37.49
C PHE B 2244 -64.99 25.47 36.66
N TYR B 2245 -64.86 26.71 37.12
CA TYR B 2245 -65.50 27.86 36.48
C TYR B 2245 -64.66 28.44 35.36
N GLY B 2246 -64.36 27.63 34.34
CA GLY B 2246 -63.63 28.12 33.18
C GLY B 2246 -64.51 28.56 32.02
N ILE B 2247 -63.99 29.48 31.21
CA ILE B 2247 -64.68 29.91 30.00
C ILE B 2247 -63.69 30.30 28.90
N SER B 2248 -63.93 29.84 27.67
CA SER B 2248 -63.03 30.16 26.54
C SER B 2248 -63.59 31.34 25.74
N ILE B 2249 -62.82 31.96 24.85
CA ILE B 2249 -63.38 33.00 23.96
C ILE B 2249 -64.40 32.39 22.98
N GLY B 2250 -64.13 31.18 22.49
CA GLY B 2250 -65.05 30.49 21.58
C GLY B 2250 -66.40 30.18 22.19
N GLN B 2251 -66.43 29.89 23.50
CA GLN B 2251 -67.69 29.68 24.23
C GLN B 2251 -68.56 30.93 24.26
N PHE B 2252 -67.91 32.10 24.34
CA PHE B 2252 -68.58 33.39 24.31
C PHE B 2252 -69.05 33.75 22.91
N LEU B 2253 -68.28 33.37 21.90
CA LEU B 2253 -68.65 33.65 20.52
C LEU B 2253 -69.82 32.78 20.08
N SER B 2254 -69.71 31.48 20.34
CA SER B 2254 -70.79 30.53 20.06
C SER B 2254 -72.08 30.93 20.76
N CYS B 2255 -71.96 31.47 21.97
CA CYS B 2255 -73.09 31.99 22.71
C CYS B 2255 -73.67 33.23 22.03
N PHE B 2256 -72.80 34.13 21.58
CA PHE B 2256 -73.29 35.33 20.92
C PHE B 2256 -73.87 35.08 19.52
N LYS B 2257 -73.47 34.00 18.87
CA LYS B 2257 -74.07 33.60 17.57
C LYS B 2257 -75.53 33.18 17.75
N ARG B 2258 -75.81 32.51 18.88
CA ARG B 2258 -77.17 32.05 19.25
C ARG B 2258 -78.16 33.20 19.43
N VAL B 2259 -77.62 34.38 19.73
CA VAL B 2259 -78.36 35.61 20.01
C VAL B 2259 -79.18 36.08 18.79
N PHE B 2260 -78.70 35.76 17.59
CA PHE B 2260 -79.36 36.18 16.34
C PHE B 2260 -80.44 35.24 15.83
N ILE B 2261 -80.07 33.97 15.71
CA ILE B 2261 -80.96 32.97 15.15
C ILE B 2261 -81.84 32.45 16.28
N THR B 2272 -82.47 51.69 18.79
CA THR B 2272 -83.19 50.70 19.60
C THR B 2272 -82.90 49.23 19.19
N ARG B 2273 -82.48 49.03 17.93
CA ARG B 2273 -82.05 47.71 17.39
C ARG B 2273 -80.83 47.22 18.14
N VAL B 2274 -79.89 48.15 18.33
CA VAL B 2274 -78.67 47.88 19.03
C VAL B 2274 -78.98 47.65 20.51
N ASP B 2275 -79.99 48.36 21.01
CA ASP B 2275 -80.35 48.28 22.41
C ASP B 2275 -81.04 46.96 22.73
N GLU B 2276 -81.81 46.45 21.76
CA GLU B 2276 -82.48 45.14 21.85
C GLU B 2276 -81.45 43.98 21.80
N ILE B 2277 -80.53 44.07 20.86
CA ILE B 2277 -79.47 43.08 20.67
C ILE B 2277 -78.58 42.98 21.93
N LEU B 2278 -78.26 44.12 22.51
CA LEU B 2278 -77.50 44.17 23.75
C LEU B 2278 -78.22 43.38 24.83
N TRP B 2279 -79.53 43.61 24.97
CA TRP B 2279 -80.31 42.87 25.97
C TRP B 2279 -80.46 41.38 25.64
N LEU B 2280 -80.34 41.08 24.35
CA LEU B 2280 -80.32 39.71 23.86
C LEU B 2280 -79.04 38.99 24.31
N LEU B 2281 -77.94 39.75 24.35
CA LEU B 2281 -76.63 39.27 24.80
C LEU B 2281 -76.61 38.88 26.27
N TYR B 2282 -76.96 39.84 27.13
CA TYR B 2282 -76.97 39.63 28.59
C TYR B 2282 -77.83 38.43 29.01
N GLN B 2283 -78.87 38.20 28.21
CA GLN B 2283 -79.82 37.14 28.49
C GLN B 2283 -79.23 35.82 28.09
N GLU B 2284 -78.67 35.78 26.89
CA GLU B 2284 -78.07 34.56 26.36
C GLU B 2284 -76.84 34.11 27.15
N VAL B 2285 -76.09 35.08 27.68
CA VAL B 2285 -74.94 34.79 28.54
C VAL B 2285 -75.40 34.17 29.88
N TYR B 2286 -76.46 34.73 30.47
CA TYR B 2286 -76.99 34.20 31.74
C TYR B 2286 -77.64 32.85 31.53
N CYS B 2287 -78.13 32.63 30.31
CA CYS B 2287 -78.89 31.43 29.99
C CYS B 2287 -78.01 30.20 29.90
N GLN B 2288 -76.83 30.37 29.27
CA GLN B 2288 -75.89 29.25 29.01
C GLN B 2288 -74.85 29.01 30.10
N PHE B 2289 -74.36 30.10 30.71
CA PHE B 2289 -73.26 29.99 31.65
C PHE B 2289 -73.71 29.99 33.11
N SER B 2290 -75.01 30.12 33.37
CA SER B 2290 -75.53 30.06 34.74
C SER B 2290 -75.51 28.62 35.19
N THR B 2291 -75.69 27.74 34.22
CA THR B 2291 -75.69 26.30 34.41
C THR B 2291 -74.37 25.73 34.98
N ALA B 2292 -73.24 26.34 34.57
CA ALA B 2292 -71.89 25.89 34.91
C ALA B 2292 -71.33 26.46 36.24
N LEU B 2293 -72.14 27.21 36.95
CA LEU B 2293 -71.72 27.81 38.21
C LEU B 2293 -72.59 27.29 39.35
N ASP B 2294 -72.16 27.44 40.60
CA ASP B 2294 -73.03 27.02 41.73
C ASP B 2294 -73.97 28.15 42.14
N LYS B 2295 -75.03 27.83 42.90
CA LYS B 2295 -76.06 28.81 43.33
C LYS B 2295 -75.51 30.15 43.88
N LYS B 2296 -74.36 30.11 44.54
CA LYS B 2296 -73.73 31.32 45.07
C LYS B 2296 -73.25 32.20 43.91
N PHE B 2297 -72.54 31.57 42.98
CA PHE B 2297 -71.99 32.30 41.84
C PHE B 2297 -73.03 32.65 40.77
N LYS B 2298 -74.15 31.95 40.79
CA LYS B 2298 -75.29 32.31 39.95
C LYS B 2298 -75.78 33.69 40.40
N MET B 2299 -75.98 33.85 41.70
CA MET B 2299 -76.40 35.11 42.31
C MET B 2299 -75.36 36.22 42.24
N ILE B 2300 -74.07 35.87 42.33
CA ILE B 2300 -72.97 36.85 42.12
C ILE B 2300 -73.02 37.35 40.67
N MET B 2301 -73.06 36.43 39.70
CA MET B 2301 -73.16 36.81 38.29
C MET B 2301 -74.48 37.50 37.92
N ALA B 2302 -75.52 37.23 38.71
CA ALA B 2302 -76.82 37.86 38.51
C ALA B 2302 -76.76 39.34 38.86
N MET B 2303 -76.36 39.62 40.08
CA MET B 2303 -76.22 40.99 40.57
C MET B 2303 -75.23 41.82 39.74
N THR B 2304 -74.12 41.20 39.33
CA THR B 2304 -73.09 41.87 38.55
C THR B 2304 -73.60 42.22 37.16
N MET B 2305 -74.13 41.22 36.48
CA MET B 2305 -74.58 41.40 35.12
C MET B 2305 -75.73 42.39 35.06
N PHE B 2306 -76.53 42.43 36.13
CA PHE B 2306 -77.64 43.37 36.27
C PHE B 2306 -77.12 44.80 36.31
N CYS B 2307 -76.01 44.99 37.02
CA CYS B 2307 -75.42 46.30 37.17
C CYS B 2307 -74.61 46.67 35.93
N LEU B 2308 -74.05 45.67 35.25
CA LEU B 2308 -73.34 45.87 33.98
C LEU B 2308 -74.22 46.47 32.88
N TYR B 2309 -75.51 46.11 32.91
CA TYR B 2309 -76.49 46.59 31.95
C TYR B 2309 -77.14 47.90 32.41
N LYS B 2310 -77.82 47.86 33.56
CA LYS B 2310 -78.61 48.99 34.06
C LYS B 2310 -77.85 50.29 34.39
N PHE B 2311 -76.55 50.19 34.66
CA PHE B 2311 -75.74 51.36 34.97
C PHE B 2311 -75.54 52.28 33.77
N ASP B 2312 -75.46 51.66 32.59
CA ASP B 2312 -75.32 52.34 31.30
C ASP B 2312 -76.69 52.85 30.83
N ILE B 2313 -77.71 52.04 31.08
CA ILE B 2313 -79.05 52.26 30.54
C ILE B 2313 -79.91 53.23 31.37
N GLU B 2314 -80.10 52.96 32.67
CA GLU B 2314 -80.93 53.82 33.54
C GLU B 2314 -80.20 55.05 34.05
N SER B 2315 -80.91 55.85 34.86
CA SER B 2315 -80.43 57.14 35.41
C SER B 2315 -79.20 57.03 36.32
N GLU B 2316 -78.56 58.17 36.57
CA GLU B 2316 -77.41 58.21 37.48
C GLU B 2316 -77.91 58.12 38.92
N GLN B 2317 -79.15 58.58 39.13
CA GLN B 2317 -79.84 58.50 40.42
C GLN B 2317 -80.15 57.06 40.78
N TYR B 2318 -80.43 56.26 39.75
CA TYR B 2318 -80.64 54.82 39.83
C TYR B 2318 -79.36 54.11 40.31
N LYS B 2319 -78.24 54.49 39.70
CA LYS B 2319 -76.94 53.86 39.95
C LYS B 2319 -76.52 53.89 41.43
N GLU B 2320 -76.59 55.07 42.07
CA GLU B 2320 -76.16 55.15 43.47
C GLU B 2320 -77.18 54.58 44.44
N ALA B 2321 -78.45 54.58 44.03
CA ALA B 2321 -79.51 53.99 44.86
C ALA B 2321 -79.38 52.47 45.01
N VAL B 2322 -79.19 51.77 43.88
CA VAL B 2322 -78.97 50.32 43.89
C VAL B 2322 -77.62 49.97 44.56
N LEU B 2323 -76.60 50.80 44.30
CA LEU B 2323 -75.28 50.61 44.89
C LEU B 2323 -75.24 50.88 46.38
N THR B 2324 -76.10 51.78 46.85
CA THR B 2324 -76.18 52.04 48.28
C THR B 2324 -76.96 50.92 48.96
N MET B 2325 -77.78 50.20 48.18
CA MET B 2325 -78.45 49.01 48.67
C MET B 2325 -77.51 47.79 48.75
N ILE B 2326 -76.73 47.56 47.68
CA ILE B 2326 -75.75 46.46 47.63
C ILE B 2326 -74.65 46.68 48.70
N GLY B 2327 -74.46 47.95 49.09
CA GLY B 2327 -73.58 48.31 50.20
C GLY B 2327 -74.11 47.88 51.56
N VAL B 2328 -75.43 47.88 51.72
CA VAL B 2328 -76.08 47.43 52.97
C VAL B 2328 -76.03 45.92 53.10
N LEU B 2329 -76.21 45.23 51.98
CA LEU B 2329 -76.20 43.77 51.93
C LEU B 2329 -74.81 43.24 52.21
N SER B 2330 -73.80 44.00 51.79
CA SER B 2330 -72.41 43.77 52.15
C SER B 2330 -72.14 44.52 53.46
N GLU B 2331 -70.94 44.37 54.03
CA GLU B 2331 -70.60 45.13 55.24
C GLU B 2331 -69.75 46.36 54.87
N SER B 2332 -69.99 46.90 53.69
CA SER B 2332 -69.30 48.11 53.23
C SER B 2332 -69.87 49.32 53.93
N SER B 2333 -71.20 49.40 53.99
CA SER B 2333 -71.89 50.58 54.52
C SER B 2333 -73.38 50.33 54.76
N ASP B 2334 -73.99 51.17 55.58
CA ASP B 2334 -75.43 51.15 55.77
C ASP B 2334 -75.98 52.51 55.39
N GLY B 2335 -77.02 52.51 54.55
CA GLY B 2335 -77.64 53.72 54.06
C GLY B 2335 -79.05 53.54 53.56
N VAL B 2336 -79.79 54.64 53.50
CA VAL B 2336 -81.11 54.66 52.88
C VAL B 2336 -80.98 55.33 51.51
N PRO B 2337 -81.42 54.62 50.45
CA PRO B 2337 -81.29 55.15 49.10
C PRO B 2337 -82.28 56.25 48.79
N LYS B 2338 -82.13 56.80 47.59
CA LYS B 2338 -83.04 57.82 47.03
C LYS B 2338 -84.40 57.20 46.71
N LEU B 2339 -85.44 57.74 47.34
CA LEU B 2339 -86.81 57.35 47.01
C LEU B 2339 -87.48 58.49 46.28
N THR B 2340 -87.98 58.18 45.11
CA THR B 2340 -88.93 59.02 44.41
C THR B 2340 -90.14 58.13 44.23
N VAL B 2341 -91.28 58.56 44.77
CA VAL B 2341 -92.45 57.72 44.75
C VAL B 2341 -92.81 57.52 43.28
N ASP B 2342 -92.90 56.27 42.86
CA ASP B 2342 -93.43 55.97 41.54
C ASP B 2342 -92.49 56.53 40.48
N THR B 2343 -91.33 57.01 40.91
CA THR B 2343 -90.25 57.36 39.98
C THR B 2343 -89.56 56.07 39.52
N ASN B 2344 -89.32 55.19 40.49
CA ASN B 2344 -88.88 53.83 40.28
C ASN B 2344 -89.78 52.91 41.09
N ASN B 2345 -90.22 51.81 40.51
CA ASN B 2345 -91.06 50.86 41.22
C ASN B 2345 -90.36 49.56 41.56
N ASP B 2346 -89.52 49.11 40.64
CA ASP B 2346 -88.71 47.92 40.79
C ASP B 2346 -87.69 48.11 41.93
N LEU B 2347 -87.05 49.27 41.94
CA LEU B 2347 -86.05 49.63 42.94
C LEU B 2347 -86.69 49.89 44.31
N ARG B 2348 -87.93 50.33 44.28
CA ARG B 2348 -88.73 50.62 45.47
C ARG B 2348 -89.14 49.32 46.15
N TYR B 2349 -89.32 48.30 45.33
CA TYR B 2349 -89.75 46.98 45.76
C TYR B 2349 -88.57 46.19 46.34
N LEU B 2350 -87.38 46.45 45.79
CA LEU B 2350 -86.11 45.84 46.22
C LEU B 2350 -85.78 46.27 47.62
N TRP B 2351 -85.77 47.59 47.89
CA TRP B 2351 -85.40 48.08 49.24
C TRP B 2351 -86.33 47.58 50.33
N ASP B 2352 -87.57 47.31 49.95
CA ASP B 2352 -88.53 46.67 50.84
C ASP B 2352 -88.06 45.29 51.33
N TYR B 2353 -87.42 44.51 50.44
CA TYR B 2353 -86.83 43.22 50.79
C TYR B 2353 -85.65 43.37 51.76
N VAL B 2354 -84.78 44.35 51.48
CA VAL B 2354 -83.56 44.63 52.28
C VAL B 2354 -83.92 45.16 53.65
N THR B 2355 -84.92 46.03 53.70
CA THR B 2355 -85.33 46.65 54.95
C THR B 2355 -86.09 45.67 55.87
N THR B 2356 -86.75 44.67 55.26
CA THR B 2356 -87.48 43.65 56.02
C THR B 2356 -86.55 42.57 56.59
N LYS B 2357 -85.24 42.78 56.52
CA LYS B 2357 -84.25 41.80 56.98
C LYS B 2357 -84.33 40.41 56.27
N SER B 2358 -85.01 40.37 55.12
CA SER B 2358 -85.15 39.15 54.32
C SER B 2358 -84.11 39.12 53.19
N TYR B 2359 -83.07 38.29 53.36
CA TYR B 2359 -81.88 38.33 52.48
C TYR B 2359 -82.00 37.51 51.19
N ILE B 2360 -82.43 36.26 51.31
CA ILE B 2360 -82.56 35.33 50.19
C ILE B 2360 -83.45 35.90 49.08
N SER B 2361 -84.56 36.50 49.49
CA SER B 2361 -85.55 37.11 48.59
C SER B 2361 -84.95 38.27 47.76
N ALA B 2362 -84.15 39.12 48.41
CA ALA B 2362 -83.47 40.24 47.76
C ALA B 2362 -82.41 39.79 46.72
N LEU B 2363 -81.82 38.64 46.97
CA LEU B 2363 -80.79 38.10 46.09
C LEU B 2363 -81.39 37.48 44.82
N ASN B 2364 -82.61 36.94 44.95
CA ASN B 2364 -83.34 36.34 43.82
C ASN B 2364 -84.00 37.37 42.93
N TRP B 2365 -84.20 38.56 43.48
CA TRP B 2365 -84.67 39.72 42.76
C TRP B 2365 -83.93 40.00 41.42
N PHE B 2366 -82.60 40.00 41.45
CA PHE B 2366 -81.77 40.27 40.27
C PHE B 2366 -81.84 39.17 39.23
N LYS B 2367 -82.22 37.96 39.65
CA LYS B 2367 -82.33 36.81 38.74
C LYS B 2367 -83.61 36.96 37.94
N ASN B 2368 -84.69 37.33 38.62
CA ASN B 2368 -86.01 37.45 37.98
C ASN B 2368 -86.13 38.70 37.10
N GLU B 2369 -85.32 39.68 37.44
CA GLU B 2369 -85.16 40.88 36.62
C GLU B 2369 -84.48 40.67 35.23
N PHE B 2370 -83.79 39.54 35.04
CA PHE B 2370 -83.16 39.18 33.74
C PHE B 2370 -84.15 38.62 32.76
N PHE B 2371 -85.26 38.11 33.30
CA PHE B 2371 -86.35 37.48 32.55
C PHE B 2371 -85.84 36.30 31.69
N VAL B 2372 -84.95 35.51 32.28
CA VAL B 2372 -84.34 34.39 31.57
C VAL B 2372 -84.85 33.08 32.18
N ASP B 2373 -84.99 32.04 31.37
CA ASP B 2373 -85.12 30.71 31.93
C ASP B 2373 -83.78 30.18 32.43
N GLU B 2374 -83.65 30.04 33.75
CA GLU B 2374 -82.57 29.27 34.27
C GLU B 2374 -82.80 27.91 33.65
N TRP B 2375 -81.78 27.40 32.98
CA TRP B 2375 -81.86 26.09 32.33
C TRP B 2375 -81.58 24.92 33.29
N ASN B 2376 -82.52 23.99 33.34
CA ASN B 2376 -82.43 22.73 34.08
C ASN B 2376 -81.47 21.81 33.37
N ILE B 2377 -80.69 21.02 34.09
CA ILE B 2377 -79.67 20.17 33.46
C ILE B 2377 -80.17 19.49 32.18
N ALA B 2378 -81.42 19.04 32.22
CA ALA B 2378 -82.08 18.41 31.08
C ALA B 2378 -82.14 19.33 29.85
N ASP B 2379 -82.57 20.59 30.07
CA ASP B 2379 -82.71 21.57 28.98
C ASP B 2379 -81.34 21.77 28.37
N VAL B 2380 -80.35 21.94 29.23
CA VAL B 2380 -79.01 22.16 28.78
C VAL B 2380 -78.56 20.98 27.97
N VAL B 2381 -78.74 19.77 28.49
CA VAL B 2381 -78.32 18.55 27.80
C VAL B 2381 -78.97 18.43 26.42
N ALA B 2382 -80.26 18.68 26.37
CA ALA B 2382 -81.00 18.57 25.13
C ALA B 2382 -80.48 19.56 24.09
N ASN B 2383 -80.32 20.83 24.50
CA ASN B 2383 -79.81 21.88 23.62
C ASN B 2383 -78.42 21.53 23.16
N SER B 2384 -77.62 21.06 24.13
CA SER B 2384 -76.20 20.81 23.92
C SER B 2384 -75.99 19.88 22.78
N ASP B 2385 -75.00 20.28 22.00
CA ASP B 2385 -74.60 19.58 20.84
C ASP B 2385 -73.13 19.23 21.04
N ASN B 2386 -72.91 18.32 21.97
CA ASN B 2386 -71.62 17.70 22.24
C ASN B 2386 -71.88 16.36 22.92
N ASN B 2387 -70.96 15.42 22.78
CA ASN B 2387 -71.14 14.10 23.40
C ASN B 2387 -70.52 13.99 24.81
N TYR B 2388 -70.00 15.09 25.33
CA TYR B 2388 -69.29 15.05 26.62
C TYR B 2388 -69.79 16.06 27.64
N PHE B 2389 -69.75 15.69 28.92
CA PHE B 2389 -70.24 16.54 30.03
C PHE B 2389 -69.56 16.19 31.35
N THR B 2390 -69.20 17.22 32.11
CA THR B 2390 -68.69 17.03 33.46
C THR B 2390 -69.52 17.81 34.45
N MET B 2391 -70.26 17.12 35.32
CA MET B 2391 -71.03 17.81 36.34
C MET B 2391 -70.49 17.66 37.77
N ALA B 2392 -69.84 18.72 38.24
CA ALA B 2392 -69.35 18.83 39.60
C ALA B 2392 -70.46 19.21 40.57
N SER B 2393 -70.28 18.82 41.83
CA SER B 2393 -71.24 19.02 42.90
C SER B 2393 -70.52 18.88 44.25
N GLU B 2394 -71.07 19.44 45.32
CA GLU B 2394 -70.48 19.24 46.67
C GLU B 2394 -70.69 17.80 47.11
N ARG B 2395 -69.89 17.32 48.06
CA ARG B 2395 -70.00 15.92 48.52
C ARG B 2395 -71.35 15.54 49.15
N ASP B 2396 -72.15 16.55 49.51
CA ASP B 2396 -73.48 16.39 50.11
C ASP B 2396 -74.39 15.61 49.20
N VAL B 2397 -74.28 15.89 47.90
CA VAL B 2397 -75.08 15.23 46.87
C VAL B 2397 -74.29 14.71 45.66
N ASP B 2398 -74.97 14.00 44.79
CA ASP B 2398 -74.37 13.38 43.60
C ASP B 2398 -75.46 13.25 42.57
N GLY B 2399 -75.19 13.72 41.35
CA GLY B 2399 -76.23 13.77 40.32
C GLY B 2399 -76.58 12.44 39.69
N THR B 2400 -76.05 11.36 40.28
CA THR B 2400 -76.20 9.99 39.79
C THR B 2400 -77.67 9.63 39.60
N PHE B 2401 -78.49 9.98 40.60
CA PHE B 2401 -79.93 9.71 40.69
C PHE B 2401 -80.75 10.54 39.72
N LYS B 2402 -80.28 11.76 39.48
CA LYS B 2402 -80.90 12.69 38.58
C LYS B 2402 -80.70 12.25 37.15
N LEU B 2403 -79.54 11.67 36.88
CA LEU B 2403 -79.16 11.24 35.53
C LEU B 2403 -79.99 10.05 35.07
N ILE B 2404 -80.42 9.22 36.04
CA ILE B 2404 -81.25 8.04 35.78
C ILE B 2404 -82.60 8.46 35.20
N GLU B 2405 -83.24 9.42 35.87
CA GLU B 2405 -84.55 9.93 35.45
C GLU B 2405 -84.44 10.86 34.25
N LEU B 2406 -83.25 11.45 34.05
CA LEU B 2406 -82.97 12.32 32.91
C LEU B 2406 -82.87 11.53 31.62
N ALA B 2407 -82.24 10.36 31.71
CA ALA B 2407 -82.09 9.44 30.59
C ALA B 2407 -83.41 8.73 30.29
N LYS B 2408 -84.12 8.32 31.34
CA LYS B 2408 -85.37 7.60 31.16
C LYS B 2408 -86.44 8.43 30.44
N ALA B 2409 -86.56 9.70 30.81
CA ALA B 2409 -87.57 10.57 30.20
C ALA B 2409 -87.25 11.01 28.76
N SER B 2410 -85.98 10.90 28.32
CA SER B 2410 -85.60 11.15 26.91
C SER B 2410 -84.32 10.41 26.48
N LYS B 2411 -84.44 9.56 25.47
CA LYS B 2411 -83.27 8.90 24.87
C LYS B 2411 -82.73 7.69 25.64
N GLU B 2412 -83.41 7.31 26.72
CA GLU B 2412 -83.05 6.12 27.51
C GLU B 2412 -81.55 5.89 27.58
N SER B 2413 -81.13 4.64 27.35
CA SER B 2413 -79.71 4.26 27.20
C SER B 2413 -78.80 4.63 28.39
N LEU B 2414 -79.22 4.24 29.59
CA LEU B 2414 -78.50 4.59 30.83
C LEU B 2414 -77.51 3.51 31.27
N LYS B 2415 -76.22 3.90 31.40
CA LYS B 2415 -75.16 2.94 31.76
C LYS B 2415 -74.22 3.53 32.81
N ILE B 2416 -74.37 3.07 34.05
CA ILE B 2416 -73.56 3.60 35.16
C ILE B 2416 -72.25 2.79 35.36
N ILE B 2417 -71.13 3.48 35.39
CA ILE B 2417 -69.80 2.83 35.46
C ILE B 2417 -68.98 3.40 36.63
N PRO B 2418 -68.80 2.59 37.69
CA PRO B 2418 -68.02 3.05 38.85
C PRO B 2418 -66.52 2.98 38.54
N LEU B 2419 -65.75 3.98 38.94
CA LEU B 2419 -64.28 3.91 38.81
C LEU B 2419 -63.67 3.57 40.14
N GLY B 2420 -63.48 2.28 40.42
CA GLY B 2420 -62.99 1.82 41.73
C GLY B 2420 -61.54 1.35 41.84
N SER B 2421 -61.26 0.15 41.34
CA SER B 2421 -59.93 -0.43 41.28
C SER B 2421 -59.50 -0.56 39.81
N ILE B 2422 -58.47 -1.35 39.54
CA ILE B 2422 -58.02 -1.47 38.14
C ILE B 2422 -59.07 -2.17 37.28
N GLU B 2423 -59.79 -3.13 37.88
CA GLU B 2423 -60.93 -3.80 37.23
C GLU B 2423 -62.00 -2.83 36.75
N ASN B 2424 -62.37 -1.88 37.60
CA ASN B 2424 -63.43 -0.95 37.23
C ASN B 2424 -62.98 -0.04 36.09
N LEU B 2425 -61.78 0.54 36.22
CA LEU B 2425 -61.19 1.37 35.17
C LEU B 2425 -60.96 0.54 33.90
N ASN B 2426 -60.49 -0.68 34.08
CA ASN B 2426 -60.22 -1.59 32.97
C ASN B 2426 -61.49 -2.02 32.25
N TYR B 2427 -62.50 -2.42 33.00
CA TYR B 2427 -63.82 -2.73 32.46
C TYR B 2427 -64.39 -1.46 31.84
N ALA B 2428 -64.15 -0.33 32.51
CA ALA B 2428 -64.66 0.97 32.11
C ALA B 2428 -64.28 1.33 30.68
N GLN B 2429 -62.98 1.32 30.41
CA GLN B 2429 -62.45 1.68 29.10
C GLN B 2429 -62.94 0.76 27.98
N GLU B 2430 -63.26 -0.48 28.34
CA GLU B 2430 -63.89 -1.44 27.42
C GLU B 2430 -65.33 -1.04 27.06
N GLU B 2431 -66.11 -0.68 28.07
CA GLU B 2431 -67.53 -0.29 27.90
C GLU B 2431 -67.69 1.10 27.28
N ILE B 2432 -66.63 1.90 27.32
CA ILE B 2432 -66.62 3.24 26.72
C ILE B 2432 -66.60 3.13 25.20
N SER B 2433 -65.62 2.39 24.68
CA SER B 2433 -65.41 2.20 23.24
C SER B 2433 -66.59 1.50 22.54
N LYS B 2434 -67.31 0.68 23.30
CA LYS B 2434 -68.48 -0.07 22.82
C LYS B 2434 -69.76 0.76 22.75
N SER B 2435 -69.94 1.62 23.74
CA SER B 2435 -71.14 2.45 23.88
C SER B 2435 -71.26 3.54 22.81
N LYS B 2436 -70.14 4.08 22.34
CA LYS B 2436 -70.15 5.14 21.31
C LYS B 2436 -70.60 4.65 19.93
N ILE B 2437 -70.25 3.40 19.62
CA ILE B 2437 -70.71 2.71 18.41
C ILE B 2437 -72.19 2.37 18.53
N GLU B 2438 -72.57 1.89 19.72
CA GLU B 2438 -73.95 1.60 20.09
C GLU B 2438 -74.80 2.86 20.24
N GLY B 2439 -74.21 3.92 20.76
CA GLY B 2439 -74.89 5.21 20.93
C GLY B 2439 -75.58 5.39 22.27
N GLY B 2440 -75.33 4.48 23.21
CA GLY B 2440 -75.89 4.59 24.55
C GLY B 2440 -75.25 5.70 25.37
N TRP B 2441 -76.02 6.25 26.32
CA TRP B 2441 -75.48 7.20 27.29
C TRP B 2441 -74.58 6.47 28.29
N ILE B 2442 -73.52 7.13 28.74
CA ILE B 2442 -72.61 6.52 29.70
C ILE B 2442 -72.29 7.46 30.85
N LEU B 2443 -72.08 6.89 32.03
CA LEU B 2443 -71.72 7.66 33.21
C LEU B 2443 -70.43 7.15 33.84
N LEU B 2444 -69.56 8.08 34.21
CA LEU B 2444 -68.34 7.73 34.91
C LEU B 2444 -68.38 8.31 36.32
N GLN B 2445 -68.79 7.46 37.27
CA GLN B 2445 -68.93 7.83 38.68
C GLN B 2445 -67.63 8.24 39.38
N ASN B 2446 -67.64 9.42 40.00
CA ASN B 2446 -66.60 9.89 40.92
C ASN B 2446 -65.13 9.80 40.40
N ILE B 2447 -64.89 10.44 39.25
CA ILE B 2447 -63.60 10.36 38.57
C ILE B 2447 -62.42 10.83 39.43
N GLN B 2448 -62.64 11.88 40.22
CA GLN B 2448 -61.53 12.56 40.89
C GLN B 2448 -60.52 11.60 41.55
N MET B 2449 -61.05 10.56 42.21
CA MET B 2449 -60.25 9.53 42.91
C MET B 2449 -59.35 8.69 42.01
N SER B 2450 -59.87 8.36 40.83
CA SER B 2450 -59.19 7.51 39.87
C SER B 2450 -58.38 8.35 38.87
N LEU B 2451 -58.18 9.64 39.18
CA LEU B 2451 -57.72 10.65 38.20
C LEU B 2451 -56.41 10.33 37.48
N SER B 2452 -55.45 9.73 38.19
CA SER B 2452 -54.15 9.49 37.56
C SER B 2452 -54.38 8.90 36.17
N TRP B 2453 -55.38 8.01 36.08
CA TRP B 2453 -55.79 7.39 34.83
C TRP B 2453 -56.31 8.40 33.81
N VAL B 2454 -57.10 9.36 34.27
CA VAL B 2454 -57.73 10.36 33.40
C VAL B 2454 -56.72 11.02 32.45
N LYS B 2455 -55.67 11.60 33.02
CA LYS B 2455 -54.64 12.32 32.25
C LYS B 2455 -53.94 11.46 31.21
N THR B 2456 -53.88 10.15 31.46
CA THR B 2456 -53.28 9.21 30.50
C THR B 2456 -54.29 8.68 29.47
N TYR B 2457 -55.43 8.12 29.92
CA TYR B 2457 -56.41 7.50 28.99
C TYR B 2457 -57.57 8.40 28.52
N LEU B 2458 -58.24 9.03 29.46
CA LEU B 2458 -59.41 9.85 29.18
C LEU B 2458 -59.09 11.17 28.48
N HIS B 2459 -58.04 11.84 28.96
CA HIS B 2459 -57.53 13.10 28.41
C HIS B 2459 -57.28 12.97 26.91
N LYS B 2460 -56.62 11.87 26.56
CA LYS B 2460 -56.22 11.58 25.21
C LYS B 2460 -57.39 11.00 24.41
N HIS B 2461 -58.10 10.04 25.04
CA HIS B 2461 -59.27 9.34 24.44
C HIS B 2461 -60.37 10.29 23.95
N VAL B 2462 -60.75 11.24 24.80
CA VAL B 2462 -61.81 12.23 24.50
C VAL B 2462 -61.34 13.20 23.42
N GLU B 2463 -60.07 13.56 23.45
CA GLU B 2463 -59.54 14.47 22.46
C GLU B 2463 -59.38 13.81 21.09
N GLU B 2464 -58.94 12.55 21.10
CA GLU B 2464 -58.80 11.77 19.87
C GLU B 2464 -60.16 11.45 19.21
N THR B 2465 -61.19 11.26 20.03
CA THR B 2465 -62.54 10.97 19.54
C THR B 2465 -63.23 12.21 18.95
N LYS B 2466 -62.74 12.70 17.81
CA LYS B 2466 -63.49 13.67 17.03
C LYS B 2466 -64.35 12.92 16.02
N ALA B 2467 -64.10 11.61 15.95
CA ALA B 2467 -64.99 10.63 15.33
C ALA B 2467 -66.21 10.30 16.23
N ALA B 2468 -66.22 10.74 17.50
CA ALA B 2468 -67.39 10.59 18.39
C ALA B 2468 -68.55 11.45 17.91
N GLU B 2469 -68.21 12.53 17.22
CA GLU B 2469 -69.16 13.36 16.50
C GLU B 2469 -69.71 12.59 15.30
N GLU B 2470 -68.82 11.87 14.62
CA GLU B 2470 -69.19 10.96 13.53
C GLU B 2470 -70.04 9.77 14.04
N HIS B 2471 -69.72 9.24 15.23
CA HIS B 2471 -70.42 8.10 15.86
C HIS B 2471 -71.90 8.39 16.18
N GLU B 2472 -72.66 7.33 16.47
CA GLU B 2472 -74.09 7.44 16.79
C GLU B 2472 -74.36 8.42 17.91
N LYS B 2473 -75.56 8.97 17.94
CA LYS B 2473 -75.89 9.84 19.02
C LYS B 2473 -75.49 9.05 20.22
N PHE B 2474 -74.57 9.63 20.98
CA PHE B 2474 -74.14 9.12 22.28
C PHE B 2474 -73.75 10.31 23.14
N LYS B 2475 -73.94 10.18 24.46
CA LYS B 2475 -73.51 11.21 25.40
C LYS B 2475 -72.79 10.64 26.66
N MET B 2476 -71.57 11.12 26.91
CA MET B 2476 -70.76 10.70 28.06
C MET B 2476 -70.80 11.72 29.19
N PHE B 2477 -71.04 11.26 30.43
CA PHE B 2477 -71.14 12.13 31.62
C PHE B 2477 -70.13 11.75 32.69
N MET B 2478 -69.51 12.76 33.30
CA MET B 2478 -68.58 12.58 34.42
C MET B 2478 -68.96 13.38 35.67
N THR B 2479 -68.90 12.74 36.83
CA THR B 2479 -69.24 13.40 38.09
C THR B 2479 -67.98 13.80 38.84
N CYS B 2480 -67.86 15.12 39.08
CA CYS B 2480 -66.75 15.70 39.85
C CYS B 2480 -67.21 16.13 41.22
N HIS B 2481 -66.23 16.54 42.02
CA HIS B 2481 -66.49 17.17 43.31
C HIS B 2481 -65.70 18.48 43.39
N LEU B 2482 -66.42 19.55 43.73
CA LEU B 2482 -65.86 20.90 43.74
C LEU B 2482 -64.77 21.04 44.79
N THR B 2483 -65.06 20.53 45.99
CA THR B 2483 -64.03 20.43 47.02
C THR B 2483 -63.25 19.15 46.78
N GLY B 2484 -62.01 19.30 46.37
CA GLY B 2484 -61.21 18.16 45.97
C GLY B 2484 -60.29 18.47 44.82
N ASP B 2485 -59.61 17.45 44.33
CA ASP B 2485 -58.56 17.61 43.34
C ASP B 2485 -59.06 18.20 42.04
N LYS B 2486 -58.20 19.01 41.45
CA LYS B 2486 -58.52 19.76 40.25
C LYS B 2486 -58.45 18.87 39.00
N LEU B 2487 -59.50 18.89 38.21
CA LEU B 2487 -59.48 18.22 36.91
C LEU B 2487 -58.55 18.96 35.94
N PRO B 2488 -57.88 18.22 35.02
CA PRO B 2488 -57.09 18.88 33.97
C PRO B 2488 -57.91 19.94 33.24
N ALA B 2489 -57.37 21.15 33.15
CA ALA B 2489 -58.09 22.29 32.58
C ALA B 2489 -58.42 22.11 31.10
N PRO B 2490 -57.46 21.57 30.31
CA PRO B 2490 -57.70 21.37 28.90
C PRO B 2490 -58.89 20.44 28.62
N LEU B 2491 -58.97 19.33 29.34
CA LEU B 2491 -60.09 18.41 29.21
C LEU B 2491 -61.37 19.09 29.66
N LEU B 2492 -61.27 19.87 30.74
CA LEU B 2492 -62.42 20.54 31.33
C LEU B 2492 -63.04 21.57 30.38
N GLN B 2493 -62.18 22.34 29.72
CA GLN B 2493 -62.66 23.37 28.79
C GLN B 2493 -63.39 22.77 27.57
N ARG B 2494 -62.88 21.65 27.08
CA ARG B 2494 -63.46 20.93 25.94
C ARG B 2494 -64.85 20.36 26.25
N THR B 2495 -65.04 19.92 27.50
CA THR B 2495 -66.32 19.34 27.92
C THR B 2495 -67.28 20.37 28.55
N ASP B 2496 -68.57 20.25 28.23
CA ASP B 2496 -69.62 21.09 28.87
C ASP B 2496 -69.66 20.89 30.39
N ARG B 2497 -70.06 21.93 31.12
CA ARG B 2497 -70.03 21.89 32.57
C ARG B 2497 -71.33 22.29 33.25
N PHE B 2498 -71.67 21.58 34.33
CA PHE B 2498 -72.89 21.85 35.11
C PHE B 2498 -72.67 21.62 36.57
N VAL B 2499 -73.42 22.31 37.40
CA VAL B 2499 -73.31 22.09 38.84
C VAL B 2499 -74.64 21.60 39.36
N TYR B 2500 -74.65 20.36 39.86
CA TYR B 2500 -75.85 19.79 40.46
C TYR B 2500 -76.05 20.46 41.82
N GLU B 2501 -76.92 21.46 41.85
CA GLU B 2501 -77.23 22.23 43.06
C GLU B 2501 -78.58 21.79 43.64
N ASP B 2502 -78.84 20.50 43.56
CA ASP B 2502 -80.18 20.00 43.83
C ASP B 2502 -80.14 19.26 45.16
N ILE B 2503 -80.48 19.98 46.24
CA ILE B 2503 -80.24 19.54 47.62
C ILE B 2503 -81.58 19.25 48.28
N PRO B 2504 -81.74 18.04 48.87
CA PRO B 2504 -83.06 17.66 49.36
C PRO B 2504 -83.42 18.23 50.71
N GLY B 2505 -84.73 18.41 50.90
CA GLY B 2505 -85.30 18.86 52.16
C GLY B 2505 -85.17 17.76 53.19
N ILE B 2506 -85.45 18.08 54.44
CA ILE B 2506 -85.26 17.11 55.50
C ILE B 2506 -86.19 15.91 55.29
N LEU B 2507 -87.48 16.19 55.13
CA LEU B 2507 -88.49 15.13 54.96
C LEU B 2507 -88.23 14.28 53.72
N ASP B 2508 -87.83 14.93 52.63
CA ASP B 2508 -87.49 14.22 51.40
C ASP B 2508 -86.33 13.27 51.64
N THR B 2509 -85.30 13.71 52.37
CA THR B 2509 -84.18 12.82 52.72
C THR B 2509 -84.60 11.69 53.64
N VAL B 2510 -85.52 11.97 54.56
CA VAL B 2510 -85.97 10.89 55.44
C VAL B 2510 -86.73 9.82 54.65
N LYS B 2511 -87.64 10.28 53.80
CA LYS B 2511 -88.36 9.37 52.90
C LYS B 2511 -87.44 8.63 51.92
N ASP B 2512 -86.32 9.26 51.54
CA ASP B 2512 -85.30 8.62 50.68
C ASP B 2512 -84.40 7.64 51.43
N LEU B 2513 -84.11 7.92 52.69
CA LEU B 2513 -83.34 7.01 53.56
C LEU B 2513 -84.13 5.78 53.93
N TRP B 2514 -85.36 5.99 54.36
CA TRP B 2514 -86.27 4.89 54.72
C TRP B 2514 -86.72 4.04 53.51
N GLY B 2515 -86.82 4.67 52.34
CA GLY B 2515 -87.40 4.05 51.15
C GLY B 2515 -86.63 2.84 50.64
N SER B 2516 -85.32 2.98 50.60
CA SER B 2516 -84.45 1.92 50.13
C SER B 2516 -84.42 0.74 51.12
N GLN B 2517 -84.40 1.05 52.42
CA GLN B 2517 -84.24 0.06 53.51
C GLN B 2517 -85.00 -1.27 53.38
N PHE B 2518 -86.10 -1.28 52.63
CA PHE B 2518 -86.83 -2.53 52.37
C PHE B 2518 -86.15 -3.45 51.33
N PHE B 2519 -85.29 -2.85 50.49
CA PHE B 2519 -84.45 -3.55 49.49
C PHE B 2519 -83.42 -4.52 50.13
N THR B 2520 -83.02 -4.27 51.37
CA THR B 2520 -82.02 -5.12 52.05
C THR B 2520 -82.57 -6.48 52.49
N GLY B 2521 -83.86 -6.55 52.76
CA GLY B 2521 -84.48 -7.78 53.27
C GLY B 2521 -84.72 -7.78 54.76
N LYS B 2522 -84.56 -8.95 55.38
CA LYS B 2522 -84.83 -9.12 56.82
C LYS B 2522 -83.73 -10.01 57.46
N ILE B 2523 -83.11 -9.52 58.53
CA ILE B 2523 -82.10 -10.29 59.31
C ILE B 2523 -82.48 -10.27 60.79
N SER B 2524 -83.16 -9.20 61.18
CA SER B 2524 -83.38 -8.79 62.56
C SER B 2524 -84.86 -8.92 62.96
N GLY B 2525 -85.16 -8.67 64.23
CA GLY B 2525 -86.56 -8.58 64.72
C GLY B 2525 -87.28 -7.31 64.25
N VAL B 2526 -88.61 -7.30 64.37
CA VAL B 2526 -89.43 -6.17 63.91
C VAL B 2526 -89.05 -4.86 64.59
N TRP B 2527 -88.70 -4.97 65.87
CA TRP B 2527 -88.38 -3.81 66.69
C TRP B 2527 -87.20 -2.99 66.16
N SER B 2528 -86.16 -3.66 65.67
CA SER B 2528 -84.98 -2.98 65.12
C SER B 2528 -85.33 -2.01 64.00
N VAL B 2529 -86.21 -2.43 63.08
CA VAL B 2529 -86.68 -1.53 62.01
C VAL B 2529 -87.22 -0.18 62.54
N TYR B 2530 -87.65 -0.17 63.82
CA TYR B 2530 -87.99 1.09 64.51
C TYR B 2530 -86.74 1.94 64.77
N CYS B 2531 -85.65 1.29 65.17
CA CYS B 2531 -84.40 2.00 65.37
C CYS B 2531 -83.69 2.36 64.06
N THR B 2532 -83.91 1.57 63.02
CA THR B 2532 -83.46 1.92 61.66
C THR B 2532 -84.24 3.15 61.16
N PHE B 2533 -85.52 3.26 61.54
CA PHE B 2533 -86.33 4.46 61.28
C PHE B 2533 -85.83 5.67 62.06
N LEU B 2534 -85.46 5.45 63.30
CA LEU B 2534 -84.85 6.49 64.12
C LEU B 2534 -83.58 7.06 63.48
N LEU B 2535 -82.71 6.16 63.03
CA LEU B 2535 -81.49 6.48 62.33
C LEU B 2535 -81.72 7.25 61.04
N SER B 2536 -82.74 6.84 60.29
CA SER B 2536 -83.14 7.54 59.05
C SER B 2536 -83.42 9.02 59.30
N TRP B 2537 -84.15 9.30 60.37
CA TRP B 2537 -84.38 10.67 60.80
C TRP B 2537 -83.09 11.35 61.28
N PHE B 2538 -82.36 10.65 62.15
CA PHE B 2538 -81.12 11.17 62.70
C PHE B 2538 -80.14 11.61 61.64
N HIS B 2539 -79.80 10.71 60.73
CA HIS B 2539 -78.86 10.97 59.63
C HIS B 2539 -79.30 12.17 58.80
N ALA B 2540 -80.57 12.20 58.45
CA ALA B 2540 -81.12 13.28 57.65
C ALA B 2540 -81.11 14.61 58.41
N LEU B 2541 -80.96 14.54 59.73
CA LEU B 2541 -80.91 15.76 60.58
C LEU B 2541 -79.52 16.37 60.73
N ILE B 2542 -78.50 15.55 60.94
CA ILE B 2542 -77.13 16.04 60.99
C ILE B 2542 -76.66 16.50 59.61
N THR B 2543 -77.12 15.83 58.55
CA THR B 2543 -76.68 16.23 57.20
C THR B 2543 -77.31 17.57 56.83
N ALA B 2544 -78.55 17.76 57.24
CA ALA B 2544 -79.23 19.04 57.10
C ALA B 2544 -78.51 20.15 57.86
N ARG B 2545 -77.90 19.78 59.00
CA ARG B 2545 -77.16 20.71 59.84
C ARG B 2545 -75.77 21.03 59.27
N THR B 2546 -75.20 20.06 58.56
CA THR B 2546 -73.89 20.16 57.95
C THR B 2546 -73.68 21.42 57.06
N ARG B 2547 -74.65 21.73 56.19
CA ARG B 2547 -74.58 22.90 55.31
C ARG B 2547 -74.61 24.23 56.07
N LEU B 2548 -75.45 24.31 57.13
CA LEU B 2548 -75.66 25.54 57.92
C LEU B 2548 -74.53 25.74 58.93
N VAL B 2549 -73.45 26.34 58.44
CA VAL B 2549 -72.32 26.71 59.29
C VAL B 2549 -71.87 28.04 58.77
N PRO B 2550 -71.21 28.83 59.60
CA PRO B 2550 -70.77 28.45 60.94
C PRO B 2550 -71.93 28.14 61.87
N HIS B 2551 -72.97 28.96 61.83
CA HIS B 2551 -74.05 28.73 62.73
C HIS B 2551 -74.47 27.34 62.39
N GLY B 2552 -74.43 26.46 63.38
CA GLY B 2552 -74.98 25.11 63.24
C GLY B 2552 -73.95 24.10 63.63
N PHE B 2553 -73.13 23.67 62.67
CA PHE B 2553 -71.86 23.02 62.99
C PHE B 2553 -70.71 24.01 62.82
N SER B 2554 -69.70 23.94 63.68
CA SER B 2554 -68.59 24.90 63.60
C SER B 2554 -67.83 24.89 62.29
N LYS B 2555 -67.57 23.70 61.75
CA LYS B 2555 -66.93 23.57 60.44
C LYS B 2555 -67.74 22.61 59.57
N LYS B 2556 -67.50 22.65 58.26
CA LYS B 2556 -68.19 21.73 57.38
C LYS B 2556 -67.64 20.29 57.54
N TYR B 2557 -68.50 19.42 58.04
CA TYR B 2557 -68.21 17.99 58.14
C TYR B 2557 -69.01 17.25 57.06
N TYR B 2558 -68.46 16.15 56.55
CA TYR B 2558 -69.23 15.31 55.63
C TYR B 2558 -69.66 14.00 56.28
N PHE B 2559 -70.95 13.68 56.20
CA PHE B 2559 -71.49 12.38 56.65
C PHE B 2559 -72.02 11.56 55.46
N ASN B 2560 -71.72 10.26 55.47
CA ASN B 2560 -71.95 9.44 54.28
C ASN B 2560 -73.01 8.37 54.50
N ASP B 2561 -73.35 7.70 53.42
CA ASP B 2561 -74.07 6.44 53.48
C ASP B 2561 -73.27 5.41 54.32
N CYS B 2562 -71.96 5.64 54.41
CA CYS B 2562 -71.03 4.84 55.21
C CYS B 2562 -71.28 5.03 56.71
N ASP B 2563 -71.63 6.26 57.11
CA ASP B 2563 -71.78 6.62 58.51
C ASP B 2563 -73.09 6.08 59.09
N PHE B 2564 -74.09 5.99 58.20
CA PHE B 2564 -75.39 5.38 58.49
C PHE B 2564 -75.22 3.87 58.64
N GLN B 2565 -74.45 3.29 57.70
CA GLN B 2565 -74.22 1.87 57.64
C GLN B 2565 -73.44 1.37 58.88
N PHE B 2566 -72.40 2.09 59.28
CA PHE B 2566 -71.65 1.76 60.49
C PHE B 2566 -72.48 1.93 61.75
N ALA B 2567 -73.48 2.83 61.71
CA ALA B 2567 -74.42 3.03 62.81
C ALA B 2567 -75.42 1.87 62.90
N SER B 2568 -75.99 1.53 61.75
CA SER B 2568 -76.94 0.42 61.60
C SER B 2568 -76.33 -0.94 61.93
N VAL B 2569 -75.09 -1.16 61.51
CA VAL B 2569 -74.31 -2.37 61.82
C VAL B 2569 -74.22 -2.58 63.34
N TYR B 2570 -73.91 -1.51 64.08
CA TYR B 2570 -73.85 -1.52 65.54
C TYR B 2570 -75.23 -1.75 66.16
N LEU B 2571 -76.27 -1.21 65.53
CA LEU B 2571 -77.63 -1.40 66.03
C LEU B 2571 -78.07 -2.87 65.95
N GLU B 2572 -77.84 -3.49 64.80
CA GLU B 2572 -78.14 -4.91 64.60
C GLU B 2572 -77.41 -5.77 65.60
N ASN B 2573 -76.14 -5.43 65.83
CA ASN B 2573 -75.26 -6.12 66.77
C ASN B 2573 -75.75 -6.01 68.22
N VAL B 2574 -76.17 -4.83 68.63
CA VAL B 2574 -76.63 -4.62 70.03
C VAL B 2574 -77.96 -5.30 70.32
N LEU B 2575 -78.82 -5.37 69.30
CA LEU B 2575 -80.07 -6.09 69.43
C LEU B 2575 -79.83 -7.62 69.39
N ALA B 2576 -78.85 -8.05 68.61
CA ALA B 2576 -78.45 -9.46 68.58
C ALA B 2576 -77.81 -9.97 69.88
N THR B 2577 -77.12 -9.08 70.60
CA THR B 2577 -76.41 -9.46 71.84
C THR B 2577 -77.19 -9.17 73.14
N ASN B 2578 -78.14 -8.24 73.06
CA ASN B 2578 -78.99 -7.93 74.21
C ASN B 2578 -80.44 -8.43 74.04
N SER B 2579 -81.27 -8.27 75.07
CA SER B 2579 -82.70 -8.60 74.93
C SER B 2579 -83.38 -7.43 74.19
N THR B 2580 -84.53 -7.64 73.54
CA THR B 2580 -85.17 -6.51 72.84
C THR B 2580 -85.94 -5.59 73.80
N ASN B 2581 -85.90 -5.89 75.10
CA ASN B 2581 -86.34 -4.92 76.11
C ASN B 2581 -85.69 -3.55 75.83
N ASN B 2582 -86.50 -2.50 75.88
CA ASN B 2582 -86.07 -1.17 75.44
C ASN B 2582 -84.83 -0.61 76.13
N ILE B 2583 -84.67 -0.88 77.42
CA ILE B 2583 -83.66 -0.17 78.22
C ILE B 2583 -82.13 -0.15 77.79
N PRO B 2584 -81.73 -0.95 76.77
CA PRO B 2584 -80.32 -0.83 76.29
C PRO B 2584 -79.84 0.58 75.83
N TRP B 2585 -80.74 1.56 75.80
CA TRP B 2585 -80.55 2.93 75.19
C TRP B 2585 -79.32 3.81 75.56
N ALA B 2586 -78.74 3.56 76.73
CA ALA B 2586 -77.62 4.37 77.24
C ALA B 2586 -76.34 4.27 76.40
N GLN B 2587 -75.89 3.04 76.11
CA GLN B 2587 -74.68 2.80 75.30
C GLN B 2587 -74.91 2.90 73.79
N VAL B 2588 -76.18 2.99 73.38
CA VAL B 2588 -76.53 3.23 71.99
C VAL B 2588 -76.14 4.66 71.61
N ARG B 2589 -76.46 5.59 72.52
CA ARG B 2589 -76.13 7.00 72.34
C ARG B 2589 -74.63 7.26 72.33
N ASP B 2590 -73.93 6.75 73.36
CA ASP B 2590 -72.48 6.90 73.43
C ASP B 2590 -71.73 6.49 72.18
N HIS B 2591 -72.00 5.29 71.66
CA HIS B 2591 -71.22 4.77 70.54
C HIS B 2591 -71.61 5.47 69.23
N ILE B 2592 -72.87 5.89 69.11
CA ILE B 2592 -73.29 6.70 67.96
C ILE B 2592 -72.69 8.11 67.99
N ALA B 2593 -72.76 8.76 69.17
CA ALA B 2593 -72.32 10.16 69.36
C ALA B 2593 -70.81 10.39 69.55
N THR B 2594 -70.05 9.32 69.78
CA THR B 2594 -68.60 9.43 69.99
C THR B 2594 -67.70 8.64 69.01
N ILE B 2595 -68.19 7.51 68.49
CA ILE B 2595 -67.40 6.69 67.56
C ILE B 2595 -67.89 6.69 66.10
N VAL B 2596 -69.19 6.51 65.91
CA VAL B 2596 -69.79 6.41 64.58
C VAL B 2596 -69.87 7.77 63.90
N TYR B 2597 -70.39 8.75 64.64
CA TYR B 2597 -70.56 10.11 64.14
C TYR B 2597 -69.55 11.10 64.72
N GLY B 2598 -69.30 11.00 66.03
CA GLY B 2598 -68.30 11.84 66.72
C GLY B 2598 -66.85 11.51 66.37
N GLY B 2599 -66.68 10.56 65.44
CA GLY B 2599 -65.38 10.07 65.01
C GLY B 2599 -64.60 11.14 64.29
N LYS B 2600 -65.22 11.72 63.27
CA LYS B 2600 -64.64 12.84 62.53
C LYS B 2600 -64.57 14.12 63.36
N ILE B 2601 -65.53 14.33 64.26
CA ILE B 2601 -65.58 15.56 65.04
C ILE B 2601 -64.32 15.70 65.87
N ASP B 2602 -63.72 16.87 65.82
CA ASP B 2602 -62.54 17.21 66.64
C ASP B 2602 -62.82 18.32 67.67
N GLU B 2603 -63.65 19.30 67.29
CA GLU B 2603 -63.95 20.48 68.09
C GLU B 2603 -64.95 20.17 69.16
N GLU B 2604 -64.73 20.74 70.34
CA GLU B 2604 -65.56 20.41 71.50
C GLU B 2604 -66.99 20.90 71.34
N LYS B 2605 -67.13 22.08 70.73
CA LYS B 2605 -68.42 22.72 70.48
C LYS B 2605 -69.34 21.77 69.73
N ASP B 2606 -68.84 21.19 68.64
CA ASP B 2606 -69.62 20.33 67.74
C ASP B 2606 -69.86 18.94 68.31
N LEU B 2607 -68.98 18.50 69.21
CA LEU B 2607 -69.14 17.20 69.86
C LEU B 2607 -70.33 17.17 70.80
N GLU B 2608 -70.65 18.32 71.38
CA GLU B 2608 -71.81 18.51 72.24
C GLU B 2608 -73.10 18.44 71.42
N VAL B 2609 -73.06 19.00 70.21
CA VAL B 2609 -74.19 19.00 69.29
C VAL B 2609 -74.60 17.59 68.81
N VAL B 2610 -73.61 16.75 68.50
CA VAL B 2610 -73.90 15.36 68.11
C VAL B 2610 -74.49 14.61 69.30
N ALA B 2611 -73.91 14.82 70.48
CA ALA B 2611 -74.41 14.24 71.73
C ALA B 2611 -75.82 14.74 72.07
N LYS B 2612 -76.01 16.06 72.05
CA LYS B 2612 -77.32 16.65 72.36
C LYS B 2612 -78.39 16.19 71.37
N LEU B 2613 -77.99 15.84 70.15
CA LEU B 2613 -78.92 15.30 69.16
C LEU B 2613 -79.24 13.85 69.51
N CYS B 2614 -78.25 13.10 70.01
CA CYS B 2614 -78.48 11.72 70.46
C CYS B 2614 -79.37 11.64 71.71
N ALA B 2615 -79.22 12.64 72.59
CA ALA B 2615 -80.09 12.84 73.76
C ALA B 2615 -81.56 12.88 73.39
N HIS B 2616 -81.84 13.67 72.35
CA HIS B 2616 -83.19 13.86 71.77
C HIS B 2616 -83.68 12.75 70.84
N VAL B 2617 -82.85 12.33 69.88
CA VAL B 2617 -83.26 11.29 68.92
C VAL B 2617 -83.41 9.91 69.56
N PHE B 2618 -82.49 9.52 70.43
CA PHE B 2618 -82.53 8.13 70.92
C PHE B 2618 -83.28 7.84 72.23
N CYS B 2619 -82.88 8.47 73.33
CA CYS B 2619 -83.64 8.30 74.56
C CYS B 2619 -85.03 8.89 74.43
N GLY B 2620 -86.01 8.06 74.79
CA GLY B 2620 -87.42 8.42 74.68
C GLY B 2620 -88.36 7.28 75.02
N SER B 2621 -89.15 7.49 76.06
CA SER B 2621 -90.12 6.48 76.46
C SER B 2621 -91.52 6.76 75.90
N ASP B 2622 -92.05 5.83 75.11
CA ASP B 2622 -93.42 5.87 74.57
C ASP B 2622 -93.64 6.91 73.48
N ASN B 2623 -93.24 8.15 73.77
CA ASN B 2623 -93.31 9.23 72.81
C ASN B 2623 -91.98 9.94 72.68
N LEU B 2624 -91.58 10.17 71.43
CA LEU B 2624 -90.31 10.85 71.14
C LEU B 2624 -90.49 12.29 70.63
N GLN B 2625 -91.39 12.50 69.69
CA GLN B 2625 -91.58 13.83 69.07
C GLN B 2625 -90.34 14.35 68.32
N ILE B 2626 -89.76 13.53 67.43
CA ILE B 2626 -88.51 13.89 66.71
C ILE B 2626 -88.54 15.36 66.36
N VAL B 2627 -89.59 15.76 65.66
CA VAL B 2627 -89.77 17.13 65.21
C VAL B 2627 -90.97 17.69 65.98
N PRO B 2628 -91.15 19.04 65.94
CA PRO B 2628 -92.36 19.61 66.53
C PRO B 2628 -93.61 18.99 65.92
N GLY B 2629 -93.62 18.84 64.59
CA GLY B 2629 -94.74 18.26 63.87
C GLY B 2629 -95.12 16.82 64.19
N VAL B 2630 -94.13 15.95 64.39
CA VAL B 2630 -94.39 14.50 64.41
C VAL B 2630 -94.00 13.84 65.74
N ARG B 2631 -94.86 12.94 66.24
CA ARG B 2631 -94.50 12.00 67.31
C ARG B 2631 -94.44 10.55 66.79
N ILE B 2632 -93.40 9.83 67.21
CA ILE B 2632 -93.24 8.42 66.85
C ILE B 2632 -93.37 7.53 68.11
N PRO B 2633 -94.40 6.65 68.13
CA PRO B 2633 -94.57 5.73 69.25
C PRO B 2633 -93.76 4.43 69.10
N GLN B 2634 -93.37 3.84 70.23
CA GLN B 2634 -92.63 2.58 70.28
C GLN B 2634 -93.46 1.39 69.74
N PRO B 2635 -92.79 0.34 69.23
CA PRO B 2635 -93.50 -0.77 68.56
C PRO B 2635 -94.67 -1.40 69.35
N LEU B 2636 -95.78 -1.66 68.64
CA LEU B 2636 -97.01 -2.23 69.24
C LEU B 2636 -96.97 -3.72 69.57
N LEU B 2637 -97.91 -4.16 70.40
CA LEU B 2637 -98.02 -5.57 70.85
C LEU B 2637 -98.28 -6.52 69.69
N GLN B 2638 -98.91 -6.02 68.63
CA GLN B 2638 -99.21 -6.86 67.50
C GLN B 2638 -97.94 -7.47 66.93
N GLN B 2639 -96.87 -6.68 66.93
CA GLN B 2639 -95.52 -7.19 66.64
C GLN B 2639 -95.37 -7.69 65.19
N SER B 2640 -96.09 -7.04 64.29
CA SER B 2640 -96.04 -7.40 62.89
C SER B 2640 -94.91 -6.62 62.21
N GLU B 2641 -94.01 -7.33 61.51
CA GLU B 2641 -92.89 -6.69 60.81
C GLU B 2641 -93.33 -6.02 59.50
N GLU B 2642 -94.33 -6.64 58.88
CA GLU B 2642 -94.96 -6.18 57.64
C GLU B 2642 -95.72 -4.85 57.88
N GLU B 2643 -96.50 -4.85 58.96
CA GLU B 2643 -97.39 -3.76 59.38
C GLU B 2643 -96.63 -2.53 59.88
N GLU B 2644 -95.56 -2.77 60.63
CA GLU B 2644 -94.77 -1.70 61.24
C GLU B 2644 -94.02 -0.90 60.19
N ARG B 2645 -93.52 -1.57 59.14
CA ARG B 2645 -92.90 -0.87 57.98
C ARG B 2645 -93.92 0.07 57.35
N ALA B 2646 -95.10 -0.46 57.07
CA ALA B 2646 -96.23 0.30 56.53
C ALA B 2646 -96.70 1.42 57.47
N ARG B 2647 -96.61 1.18 58.78
CA ARG B 2647 -96.97 2.16 59.81
C ARG B 2647 -95.98 3.33 59.80
N LEU B 2648 -94.70 2.99 59.78
CA LEU B 2648 -93.63 3.96 59.82
C LEU B 2648 -93.50 4.71 58.49
N THR B 2649 -93.93 4.07 57.39
CA THR B 2649 -93.95 4.79 56.12
C THR B 2649 -95.10 5.78 56.16
N ALA B 2650 -96.20 5.36 56.78
CA ALA B 2650 -97.42 6.16 56.87
C ALA B 2650 -97.25 7.42 57.73
N ILE B 2651 -96.42 7.34 58.77
CA ILE B 2651 -96.16 8.53 59.61
C ILE B 2651 -95.40 9.61 58.81
N LEU B 2652 -94.60 9.18 57.84
CA LEU B 2652 -93.94 10.11 56.92
C LEU B 2652 -94.94 10.74 55.95
N SER B 2653 -95.83 9.92 55.38
CA SER B 2653 -96.84 10.37 54.42
C SER B 2653 -97.81 11.38 55.03
N ASN B 2654 -98.04 11.28 56.33
CA ASN B 2654 -98.92 12.18 57.08
C ASN B 2654 -98.34 13.58 57.28
N THR B 2655 -97.03 13.65 57.49
CA THR B 2655 -96.36 14.91 57.84
C THR B 2655 -95.91 15.78 56.65
N ILE B 2656 -95.84 17.09 56.90
CA ILE B 2656 -95.51 18.11 55.90
C ILE B 2656 -94.39 19.00 56.45
N GLU B 2657 -93.34 19.20 55.65
CA GLU B 2657 -92.16 19.99 56.04
C GLU B 2657 -92.52 21.47 56.11
N PRO B 2658 -92.27 22.12 57.26
CA PRO B 2658 -92.68 23.53 57.43
C PRO B 2658 -91.80 24.49 56.64
N ALA B 2659 -92.17 25.76 56.60
CA ALA B 2659 -91.33 26.75 55.94
C ALA B 2659 -90.14 27.12 56.83
N ASP B 2660 -90.33 27.04 58.15
CA ASP B 2660 -89.25 27.30 59.12
C ASP B 2660 -88.43 26.05 59.50
N SER B 2661 -88.50 25.01 58.66
CA SER B 2661 -87.96 23.70 58.98
C SER B 2661 -86.56 23.76 59.60
N LEU B 2662 -85.71 24.59 59.05
CA LEU B 2662 -84.32 24.62 59.48
C LEU B 2662 -84.13 25.08 60.93
N SER B 2663 -85.10 25.84 61.45
CA SER B 2663 -85.05 26.26 62.84
C SER B 2663 -86.00 25.47 63.72
N SER B 2664 -87.10 25.00 63.15
CA SER B 2664 -88.09 24.23 63.90
C SER B 2664 -87.63 22.80 64.07
N TRP B 2665 -87.28 22.16 62.95
CA TRP B 2665 -86.89 20.74 62.95
C TRP B 2665 -85.49 20.52 63.52
N LEU B 2666 -84.51 21.24 62.97
CA LEU B 2666 -83.16 21.25 63.51
C LEU B 2666 -83.21 22.14 64.74
N GLN B 2667 -82.85 21.57 65.88
CA GLN B 2667 -83.03 22.20 67.21
C GLN B 2667 -82.53 23.63 67.41
N LEU B 2668 -81.76 24.15 66.46
CA LEU B 2668 -81.15 25.49 66.54
C LEU B 2668 -82.16 26.66 66.37
N PRO B 2669 -81.90 27.83 67.00
CA PRO B 2669 -82.88 28.91 66.95
C PRO B 2669 -82.98 29.65 65.61
N ARG B 2670 -84.08 30.40 65.48
CA ARG B 2670 -84.50 31.08 64.25
C ARG B 2670 -83.59 32.25 63.93
N GLU B 2671 -83.10 32.87 65.00
CA GLU B 2671 -82.24 34.03 64.90
C GLU B 2671 -80.89 33.68 64.32
N SER B 2672 -80.46 32.43 64.53
CA SER B 2672 -79.25 31.85 63.93
C SER B 2672 -79.40 31.65 62.41
N ILE B 2673 -80.57 31.17 62.00
CA ILE B 2673 -80.86 30.97 60.58
C ILE B 2673 -80.73 32.28 59.81
N LEU B 2674 -81.30 33.35 60.37
CA LEU B 2674 -81.23 34.67 59.76
C LEU B 2674 -79.79 35.17 59.66
N ASN B 2675 -78.99 34.90 60.69
CA ASN B 2675 -77.58 35.26 60.72
C ASN B 2675 -76.87 34.64 59.53
N TYR B 2676 -77.20 33.37 59.24
CA TYR B 2676 -76.58 32.68 58.11
C TYR B 2676 -77.08 33.20 56.75
N GLU B 2677 -78.37 33.45 56.65
CA GLU B 2677 -78.98 34.07 55.46
C GLU B 2677 -78.26 35.38 55.11
N ARG B 2678 -77.97 36.17 56.15
CA ARG B 2678 -77.26 37.44 56.03
C ARG B 2678 -75.86 37.26 55.45
N LEU B 2679 -75.15 36.23 55.93
CA LEU B 2679 -73.75 36.05 55.60
C LEU B 2679 -73.55 35.66 54.16
N GLN B 2680 -74.40 34.74 53.68
CA GLN B 2680 -74.34 34.35 52.27
C GLN B 2680 -74.75 35.49 51.32
N ALA B 2681 -75.56 36.41 51.82
CA ALA B 2681 -75.94 37.60 51.09
C ALA B 2681 -74.71 38.51 50.98
N LYS B 2682 -74.07 38.76 52.12
CA LYS B 2682 -72.85 39.56 52.22
C LYS B 2682 -71.76 39.09 51.26
N GLU B 2683 -71.61 37.77 51.14
CA GLU B 2683 -70.58 37.19 50.28
C GLU B 2683 -70.87 37.41 48.80
N VAL B 2684 -72.16 37.41 48.44
CA VAL B 2684 -72.60 37.69 47.06
C VAL B 2684 -72.42 39.18 46.73
N ALA B 2685 -72.96 40.03 47.60
CA ALA B 2685 -72.85 41.50 47.49
C ALA B 2685 -71.40 42.02 47.47
N SER B 2686 -70.52 41.39 48.25
CA SER B 2686 -69.11 41.77 48.30
C SER B 2686 -68.42 41.51 46.98
N SER B 2687 -68.48 40.25 46.56
CA SER B 2687 -67.82 39.77 45.36
C SER B 2687 -68.22 40.53 44.10
N THR B 2688 -69.46 41.06 44.11
CA THR B 2688 -70.01 41.82 42.98
C THR B 2688 -69.39 43.21 42.89
N GLU B 2689 -69.40 43.96 44.01
CA GLU B 2689 -68.77 45.28 44.10
C GLU B 2689 -67.31 45.22 43.66
N GLN B 2690 -66.67 44.18 44.16
CA GLN B 2690 -65.27 43.94 43.88
C GLN B 2690 -65.05 43.75 42.38
N LEU B 2691 -65.95 42.99 41.76
CA LEU B 2691 -65.91 42.70 40.31
C LEU B 2691 -66.08 43.91 39.41
N LEU B 2692 -67.06 44.76 39.74
CA LEU B 2692 -67.34 45.98 38.98
C LEU B 2692 -66.14 46.96 38.97
N GLN B 2693 -65.57 47.20 40.16
CA GLN B 2693 -64.40 48.09 40.30
C GLN B 2693 -63.14 47.55 39.67
N GLU B 2694 -63.02 46.22 39.60
CA GLU B 2694 -61.87 45.56 38.97
C GLU B 2694 -61.78 45.82 37.46
N MET B 2695 -62.88 46.24 36.84
CA MET B 2695 -62.94 46.49 35.40
C MET B 2695 -63.29 47.94 35.07
#